data_1RXS
#
_entry.id   1RXS
#
_cell.length_a   160.958
_cell.length_b   98.212
_cell.length_c   242.729
_cell.angle_alpha   90.00
_cell.angle_beta   109.09
_cell.angle_gamma   90.00
#
_symmetry.space_group_name_H-M   'P 1 21 1'
#
loop_
_entity.id
_entity.type
_entity.pdbx_description
1 polymer 'Uridine phosphorylase'
2 non-polymer 'POTASSIUM ION'
3 non-polymer 'META VANADATE'
4 non-polymer 'PHOSPHATE ION'
5 non-polymer "2'-DEOXYURIDINE"
6 water water
#
_entity_poly.entity_id   1
_entity_poly.type   'polypeptide(L)'
_entity_poly.pdbx_seq_one_letter_code
;MSKSDVFHLGLTKNDLQGATLAIVPGDPDRVEKIAALMDKPVKLASHREFTTWRAELDGKPVIVCSTGIGGPSTSIAVEE
LAQLGIRTFLRIGTTGAIQPHINVGDVLVTTASVRLDGASLHFAPLEFPAVADFECTTALVEAAKSIGATTHVGVTASSD
TFYPGQERYDTYSGRVVRHFKGSMEEWQAMGVMNYEMESATLLTMCASQGLRAGMVAGVIVNRTQQEIPNAETMKQTESH
AVKIVVEAARRLL
;
_entity_poly.pdbx_strand_id   A,a,B,b,C,c,D,d,E,e,F,R,G,P,H,h,I,i,J,j,K,k,L,l,M,m,N,Q,O,o
#
# COMPACT_ATOMS: atom_id res chain seq x y z
N SER A 4 57.94 78.43 62.45
CA SER A 4 57.46 77.44 63.46
C SER A 4 58.43 76.28 63.79
N ASP A 5 58.61 75.93 65.07
CA ASP A 5 59.56 74.85 65.43
C ASP A 5 58.92 73.47 65.46
N VAL A 6 57.61 73.39 65.36
CA VAL A 6 56.90 72.12 65.58
C VAL A 6 55.83 71.92 64.51
N PHE A 7 55.58 70.69 64.11
CA PHE A 7 54.74 70.45 62.94
C PHE A 7 53.29 70.87 63.11
N HIS A 8 52.68 70.62 64.26
CA HIS A 8 51.26 70.91 64.35
C HIS A 8 50.88 72.22 65.03
N LEU A 9 51.52 72.57 66.14
CA LEU A 9 51.09 73.74 66.92
C LEU A 9 51.43 75.14 66.35
N GLY A 10 52.33 75.21 65.37
CA GLY A 10 52.76 76.48 64.84
C GLY A 10 53.35 77.43 65.87
N LEU A 11 54.22 76.91 66.74
CA LEU A 11 54.88 77.69 67.76
C LEU A 11 56.39 77.59 67.62
N THR A 12 57.10 78.63 68.10
CA THR A 12 58.57 78.58 68.25
C THR A 12 58.94 78.59 69.74
N LYS A 13 60.12 78.07 70.05
CA LYS A 13 60.62 78.09 71.43
C LYS A 13 60.54 79.49 71.98
N ASN A 14 60.84 80.46 71.13
CA ASN A 14 60.80 81.86 71.51
C ASN A 14 59.43 82.35 71.96
N ASP A 15 58.38 81.85 71.33
CA ASP A 15 57.02 82.27 71.64
C ASP A 15 56.70 82.00 73.11
N LEU A 16 57.36 80.98 73.67
CA LEU A 16 57.07 80.50 75.03
C LEU A 16 57.77 81.33 76.11
N GLN A 17 58.78 82.09 75.71
CA GLN A 17 59.50 82.99 76.62
C GLN A 17 59.95 82.28 77.89
N GLY A 18 60.36 81.03 77.74
CA GLY A 18 60.92 80.29 78.84
C GLY A 18 59.90 79.57 79.68
N ALA A 19 58.62 79.63 79.30
CA ALA A 19 57.57 78.85 79.97
C ALA A 19 57.91 77.36 80.09
N THR A 20 57.59 76.75 81.23
CA THR A 20 57.80 75.31 81.42
C THR A 20 56.56 74.62 81.96
N LEU A 21 55.49 75.38 82.18
CA LEU A 21 54.23 74.80 82.58
C LEU A 21 53.12 75.14 81.56
N ALA A 22 52.24 74.17 81.29
CA ALA A 22 51.06 74.41 80.43
C ALA A 22 49.72 73.93 81.06
N ILE A 23 48.72 74.79 81.01
CA ILE A 23 47.36 74.34 81.30
C ILE A 23 46.76 73.85 79.98
N VAL A 24 46.23 72.64 79.99
CA VAL A 24 45.78 72.04 78.72
C VAL A 24 44.30 71.60 78.80
N PRO A 25 43.40 72.48 78.38
CA PRO A 25 41.98 72.16 78.25
C PRO A 25 41.69 71.36 76.95
N GLY A 26 40.44 70.96 76.76
CA GLY A 26 40.12 70.16 75.61
C GLY A 26 39.76 71.05 74.44
N ASP A 27 39.03 72.12 74.73
CA ASP A 27 38.38 72.88 73.71
C ASP A 27 39.15 74.14 73.34
N PRO A 28 39.51 74.28 72.06
CA PRO A 28 40.19 75.50 71.58
C PRO A 28 39.50 76.79 71.99
N ASP A 29 38.20 76.77 72.16
CA ASP A 29 37.49 77.98 72.49
C ASP A 29 37.57 78.39 73.96
N ARG A 30 38.00 77.49 74.83
CA ARG A 30 38.12 77.83 76.25
C ARG A 30 39.51 78.35 76.61
N VAL A 31 40.43 78.30 75.65
CA VAL A 31 41.85 78.65 75.91
C VAL A 31 41.97 80.13 76.31
N GLU A 32 41.41 81.00 75.49
CA GLU A 32 41.45 82.42 75.77
C GLU A 32 40.84 82.77 77.13
N LYS A 33 39.66 82.21 77.42
CA LYS A 33 38.99 82.39 78.71
C LYS A 33 39.91 82.03 79.92
N ILE A 34 40.61 80.89 79.86
CA ILE A 34 41.52 80.47 80.92
C ILE A 34 42.67 81.46 81.02
N ALA A 35 43.25 81.82 79.88
CA ALA A 35 44.43 82.66 79.85
C ALA A 35 44.13 84.02 80.40
N ALA A 36 42.88 84.45 80.22
CA ALA A 36 42.44 85.78 80.64
C ALA A 36 42.29 85.89 82.16
N LEU A 37 42.42 84.78 82.87
CA LEU A 37 42.41 84.85 84.30
C LEU A 37 43.77 85.32 84.82
N MET A 38 44.80 85.19 83.98
CA MET A 38 46.17 85.48 84.35
C MET A 38 46.57 86.80 83.75
N ASP A 39 47.84 87.15 83.88
CA ASP A 39 48.30 88.46 83.44
C ASP A 39 48.87 88.41 82.05
N LYS A 40 48.79 89.54 81.33
CA LYS A 40 49.43 89.73 80.04
C LYS A 40 49.11 88.57 79.05
N PRO A 41 47.84 88.25 78.88
CA PRO A 41 47.44 87.18 77.97
C PRO A 41 47.66 87.58 76.52
N VAL A 42 48.20 86.65 75.73
CA VAL A 42 48.55 86.93 74.33
C VAL A 42 48.29 85.68 73.54
N LYS A 43 47.62 85.82 72.38
CA LYS A 43 47.44 84.71 71.47
C LYS A 43 48.76 84.39 70.77
N LEU A 44 49.15 83.12 70.78
CA LEU A 44 50.34 82.69 70.06
C LEU A 44 49.97 82.09 68.70
N ALA A 45 49.10 81.09 68.73
CA ALA A 45 48.76 80.39 67.49
C ALA A 45 47.48 79.61 67.56
N SER A 46 47.01 79.23 66.39
CA SER A 46 45.78 78.51 66.27
C SER A 46 45.82 77.68 64.98
N HIS A 47 45.97 76.36 65.13
CA HIS A 47 45.98 75.44 64.00
C HIS A 47 45.19 74.22 64.38
N ARG A 48 44.33 73.76 63.48
CA ARG A 48 43.44 72.63 63.78
C ARG A 48 42.76 72.81 65.15
N GLU A 49 42.76 71.78 65.99
CA GLU A 49 42.20 71.92 67.34
C GLU A 49 43.17 72.48 68.35
N PHE A 50 44.33 72.95 67.89
CA PHE A 50 45.33 73.45 68.82
C PHE A 50 45.37 74.97 68.87
N THR A 51 44.76 75.56 69.90
CA THR A 51 44.84 77.02 70.09
C THR A 51 45.75 77.29 71.27
N THR A 52 46.69 78.21 71.10
CA THR A 52 47.67 78.46 72.13
C THR A 52 47.74 79.92 72.53
N TRP A 53 47.54 80.17 73.81
CA TRP A 53 47.79 81.50 74.37
C TRP A 53 48.86 81.40 75.40
N ARG A 54 49.58 82.50 75.60
CA ARG A 54 50.59 82.62 76.68
C ARG A 54 50.12 83.67 77.65
N ALA A 55 50.39 83.46 78.93
CA ALA A 55 50.05 84.46 79.94
C ALA A 55 51.17 84.53 80.96
N GLU A 56 50.94 85.27 82.05
CA GLU A 56 51.93 85.37 83.09
C GLU A 56 51.27 85.11 84.42
N LEU A 57 51.92 84.32 85.27
CA LEU A 57 51.40 84.03 86.59
C LEU A 57 52.46 84.31 87.67
N ASP A 58 52.20 85.27 88.56
CA ASP A 58 53.22 85.76 89.51
C ASP A 58 54.54 86.05 88.81
N GLY A 59 54.50 86.72 87.66
CA GLY A 59 55.71 87.09 87.00
C GLY A 59 56.31 86.06 86.08
N LYS A 60 55.80 84.82 86.14
CA LYS A 60 56.33 83.75 85.27
C LYS A 60 55.42 83.48 84.08
N PRO A 61 56.03 83.24 82.92
CA PRO A 61 55.30 82.85 81.70
C PRO A 61 54.67 81.46 81.78
N VAL A 62 53.44 81.37 81.30
CA VAL A 62 52.68 80.14 81.41
C VAL A 62 51.96 79.93 80.08
N ILE A 63 51.88 78.70 79.59
CA ILE A 63 51.18 78.42 78.35
C ILE A 63 49.77 77.89 78.61
N VAL A 64 48.80 78.26 77.78
CA VAL A 64 47.48 77.58 77.73
C VAL A 64 47.26 77.03 76.31
N CYS A 65 46.98 75.74 76.21
CA CYS A 65 46.97 75.07 74.90
C CYS A 65 45.93 73.94 74.82
N SER A 66 45.01 74.04 73.87
CA SER A 66 43.95 73.03 73.72
C SER A 66 44.44 71.74 73.03
N THR A 67 43.87 70.63 73.45
CA THR A 67 44.30 69.31 72.97
C THR A 67 43.34 68.73 71.94
N GLY A 68 42.11 69.27 71.90
CA GLY A 68 41.04 68.65 71.15
C GLY A 68 40.61 67.46 71.96
N ILE A 69 39.74 66.60 71.39
CA ILE A 69 39.17 65.44 72.10
C ILE A 69 40.00 64.19 71.82
N GLY A 70 40.44 63.49 72.85
CA GLY A 70 41.02 62.17 72.66
C GLY A 70 42.54 62.07 72.80
N GLY A 71 42.99 60.87 73.10
CA GLY A 71 44.42 60.61 73.18
C GLY A 71 45.25 61.17 72.05
N PRO A 72 44.95 60.79 70.79
CA PRO A 72 45.79 61.12 69.66
C PRO A 72 46.15 62.60 69.55
N SER A 73 45.17 63.50 69.60
CA SER A 73 45.57 64.90 69.47
C SER A 73 46.32 65.38 70.73
N THR A 74 45.86 64.93 71.90
CA THR A 74 46.53 65.24 73.15
C THR A 74 48.01 64.89 72.99
N SER A 75 48.24 63.69 72.44
CA SER A 75 49.60 63.18 72.29
C SER A 75 50.42 64.14 71.41
N ILE A 76 49.82 64.70 70.37
CA ILE A 76 50.55 65.64 69.53
C ILE A 76 50.89 66.93 70.30
N ALA A 77 49.91 67.46 71.03
CA ALA A 77 50.10 68.73 71.74
C ALA A 77 51.15 68.56 72.83
N VAL A 78 51.04 67.48 73.62
CA VAL A 78 51.97 67.31 74.72
C VAL A 78 53.38 67.13 74.17
N GLU A 79 53.53 66.33 73.13
CA GLU A 79 54.86 66.08 72.55
C GLU A 79 55.45 67.39 72.08
N GLU A 80 54.67 68.16 71.31
CA GLU A 80 55.23 69.36 70.70
C GLU A 80 55.50 70.43 71.74
N LEU A 81 54.60 70.55 72.71
CA LEU A 81 54.86 71.40 73.87
C LEU A 81 56.14 70.97 74.61
N ALA A 82 56.33 69.66 74.73
CA ALA A 82 57.49 69.18 75.46
C ALA A 82 58.77 69.57 74.71
N GLN A 83 58.74 69.52 73.38
CA GLN A 83 59.90 69.88 72.56
C GLN A 83 60.23 71.37 72.72
N LEU A 84 59.19 72.17 72.97
CA LEU A 84 59.41 73.59 73.14
C LEU A 84 59.76 73.95 74.57
N GLY A 85 59.83 72.97 75.48
CA GLY A 85 60.32 73.21 76.82
C GLY A 85 59.32 73.07 77.95
N ILE A 86 58.06 72.75 77.64
CA ILE A 86 57.09 72.45 78.72
C ILE A 86 57.44 71.12 79.42
N ARG A 87 57.31 71.12 80.75
CA ARG A 87 57.70 70.00 81.63
C ARG A 87 56.58 69.70 82.61
N THR A 88 55.61 70.61 82.71
CA THR A 88 54.46 70.35 83.58
C THR A 88 53.17 70.56 82.82
N PHE A 89 52.28 69.55 82.88
CA PHE A 89 51.00 69.64 82.17
C PHE A 89 49.85 69.51 83.14
N LEU A 90 49.04 70.56 83.23
CA LEU A 90 47.82 70.44 84.03
C LEU A 90 46.56 70.36 83.18
N ARG A 91 45.92 69.21 83.22
CA ARG A 91 44.68 69.02 82.47
C ARG A 91 43.49 69.61 83.19
N ILE A 92 42.75 70.50 82.54
CA ILE A 92 41.51 71.03 83.09
C ILE A 92 40.32 70.62 82.23
N GLY A 93 39.31 70.03 82.84
CA GLY A 93 38.10 69.69 82.10
C GLY A 93 36.79 69.77 82.85
N THR A 94 35.73 69.41 82.13
CA THR A 94 34.40 69.09 82.69
C THR A 94 34.17 67.62 82.41
N THR A 95 33.36 66.96 83.22
CA THR A 95 33.24 65.52 83.15
C THR A 95 31.89 65.10 83.75
N GLY A 96 31.54 63.82 83.54
CA GLY A 96 30.38 63.21 84.10
C GLY A 96 30.75 62.05 85.02
N ALA A 97 30.32 62.20 86.28
CA ALA A 97 30.52 61.24 87.35
C ALA A 97 29.68 60.00 87.13
N ILE A 98 30.20 58.87 87.62
CA ILE A 98 29.47 57.61 87.57
C ILE A 98 29.18 57.02 88.98
N GLN A 99 29.45 57.80 90.02
CA GLN A 99 29.24 57.38 91.38
C GLN A 99 28.10 58.21 91.91
N PRO A 100 27.16 57.57 92.62
CA PRO A 100 25.98 58.28 93.10
C PRO A 100 26.28 59.38 94.12
N HIS A 101 27.35 59.30 94.90
CA HIS A 101 27.67 60.32 95.91
C HIS A 101 28.32 61.60 95.35
N ILE A 102 28.79 61.55 94.10
CA ILE A 102 29.42 62.71 93.49
C ILE A 102 28.35 63.58 92.85
N ASN A 103 28.34 64.86 93.20
CA ASN A 103 27.30 65.75 92.70
C ASN A 103 27.74 66.73 91.60
N VAL A 104 26.76 67.16 90.79
CA VAL A 104 26.98 68.23 89.84
C VAL A 104 27.55 69.39 90.64
N GLY A 105 28.66 69.95 90.20
CA GLY A 105 29.30 71.03 90.94
C GLY A 105 30.56 70.58 91.67
N ASP A 106 30.74 69.28 91.87
CA ASP A 106 31.86 68.76 92.65
C ASP A 106 33.07 68.83 91.76
N VAL A 107 34.23 68.59 92.34
CA VAL A 107 35.47 68.75 91.65
C VAL A 107 36.24 67.43 91.77
N LEU A 108 36.84 66.98 90.67
CA LEU A 108 37.52 65.70 90.70
C LEU A 108 38.99 65.88 90.39
N VAL A 109 39.85 65.38 91.28
CA VAL A 109 41.28 65.30 91.06
C VAL A 109 41.62 63.83 90.80
N THR A 110 42.24 63.54 89.66
CA THR A 110 42.50 62.16 89.26
C THR A 110 43.91 61.69 89.66
N THR A 111 43.97 60.59 90.40
CA THR A 111 45.27 60.10 90.85
C THR A 111 45.86 59.23 89.77
N ALA A 112 44.99 58.57 89.02
CA ALA A 112 45.40 57.68 87.94
C ALA A 112 44.20 57.31 87.11
N SER A 113 44.42 56.82 85.89
CA SER A 113 43.32 56.44 85.01
C SER A 113 43.31 54.98 84.57
N VAL A 114 42.08 54.44 84.48
CA VAL A 114 41.86 53.20 83.71
C VAL A 114 42.12 53.48 82.21
N ARG A 115 42.97 52.67 81.60
CA ARG A 115 43.48 53.00 80.27
C ARG A 115 42.58 52.36 79.26
N LEU A 116 41.51 53.05 78.87
CA LEU A 116 40.61 52.50 77.87
C LEU A 116 40.87 53.19 76.52
N ASP A 117 42.15 53.52 76.27
CA ASP A 117 42.51 54.28 75.12
C ASP A 117 43.51 53.49 74.31
N GLY A 118 43.89 53.99 73.14
CA GLY A 118 44.94 53.36 72.35
C GLY A 118 46.30 54.04 72.47
N ALA A 119 46.28 55.35 72.60
CA ALA A 119 47.49 56.12 72.47
C ALA A 119 48.46 55.82 73.63
N SER A 120 47.95 55.51 74.82
CA SER A 120 48.86 55.29 75.94
C SER A 120 49.79 54.11 75.68
N LEU A 121 49.27 53.14 74.96
CA LEU A 121 50.07 51.96 74.58
C LEU A 121 51.20 52.34 73.64
N HIS A 122 51.13 53.50 73.04
CA HIS A 122 52.21 53.90 72.14
C HIS A 122 53.41 54.47 72.94
N PHE A 123 53.24 54.54 74.26
CA PHE A 123 54.24 55.09 75.16
C PHE A 123 54.72 54.07 76.17
N ALA A 124 53.80 53.23 76.65
CA ALA A 124 54.15 52.21 77.61
C ALA A 124 53.14 51.07 77.52
N PRO A 125 53.57 49.84 77.79
CA PRO A 125 52.65 48.69 77.70
C PRO A 125 51.55 48.79 78.76
N LEU A 126 50.51 47.97 78.64
CA LEU A 126 49.28 48.24 79.38
C LEU A 126 49.50 48.18 80.90
N GLU A 127 50.46 47.37 81.31
CA GLU A 127 50.69 47.11 82.73
C GLU A 127 51.22 48.34 83.49
N PHE A 128 51.72 49.34 82.75
CA PHE A 128 52.29 50.56 83.32
C PHE A 128 51.14 51.44 83.72
N PRO A 129 51.14 51.97 84.95
CA PRO A 129 50.00 52.74 85.48
C PRO A 129 49.89 54.13 84.85
N ALA A 130 48.69 54.52 84.41
CA ALA A 130 48.45 55.87 83.93
C ALA A 130 48.29 56.80 85.15
N VAL A 131 49.41 57.04 85.83
CA VAL A 131 49.38 57.72 87.12
C VAL A 131 49.80 59.18 87.00
N ALA A 132 49.14 60.04 87.76
CA ALA A 132 49.49 61.45 87.83
C ALA A 132 50.77 61.67 88.65
N ASP A 133 51.43 62.80 88.41
CA ASP A 133 52.59 63.19 89.21
C ASP A 133 52.10 63.65 90.60
N PHE A 134 52.84 63.27 91.63
CA PHE A 134 52.44 63.52 93.02
C PHE A 134 52.44 65.00 93.41
N GLU A 135 53.42 65.76 92.93
CA GLU A 135 53.41 67.20 93.15
C GLU A 135 52.20 67.89 92.48
N CYS A 136 51.85 67.49 91.26
CA CYS A 136 50.71 68.06 90.60
C CYS A 136 49.42 67.73 91.36
N THR A 137 49.25 66.46 91.70
CA THR A 137 48.05 66.04 92.41
C THR A 137 47.91 66.80 93.75
N THR A 138 49.03 66.94 94.45
CA THR A 138 49.04 67.69 95.70
C THR A 138 48.63 69.15 95.45
N ALA A 139 49.22 69.78 94.44
CA ALA A 139 48.92 71.17 94.19
C ALA A 139 47.46 71.28 93.88
N LEU A 140 46.92 70.31 93.13
CA LEU A 140 45.52 70.40 92.72
C LEU A 140 44.56 70.24 93.93
N VAL A 141 44.83 69.25 94.76
CA VAL A 141 44.02 68.98 95.92
C VAL A 141 44.06 70.18 96.86
N GLU A 142 45.23 70.81 96.96
CA GLU A 142 45.40 71.91 97.88
C GLU A 142 44.78 73.22 97.38
N ALA A 143 44.83 73.42 96.08
CA ALA A 143 44.12 74.51 95.41
C ALA A 143 42.64 74.39 95.69
N ALA A 144 42.13 73.17 95.45
CA ALA A 144 40.72 72.86 95.66
C ALA A 144 40.31 73.17 97.10
N LYS A 145 41.13 72.77 98.06
CA LYS A 145 40.86 73.03 99.46
C LYS A 145 40.86 74.52 99.80
N SER A 146 41.63 75.29 99.05
CA SER A 146 41.81 76.69 99.37
C SER A 146 40.70 77.59 98.79
N ILE A 147 40.09 77.22 97.66
CA ILE A 147 38.98 78.00 97.14
C ILE A 147 37.63 77.49 97.64
N GLY A 148 37.60 76.26 98.13
CA GLY A 148 36.46 75.74 98.86
C GLY A 148 35.63 74.66 98.22
N ALA A 149 36.02 74.16 97.05
CA ALA A 149 35.24 73.12 96.36
C ALA A 149 35.03 71.88 97.20
N THR A 150 33.92 71.17 97.01
CA THR A 150 33.83 69.79 97.54
C THR A 150 34.49 68.86 96.53
N THR A 151 35.57 68.24 96.98
CA THR A 151 36.51 67.52 96.11
C THR A 151 36.51 66.02 96.31
N HIS A 152 36.66 65.27 95.22
CA HIS A 152 36.83 63.82 95.27
C HIS A 152 38.11 63.48 94.60
N VAL A 153 38.90 62.63 95.25
CA VAL A 153 40.22 62.26 94.76
C VAL A 153 40.26 60.78 94.50
N GLY A 154 40.62 60.40 93.28
CA GLY A 154 40.55 59.00 92.89
C GLY A 154 40.84 58.67 91.44
N VAL A 155 40.34 57.51 91.04
CA VAL A 155 40.55 56.96 89.71
C VAL A 155 39.48 57.41 88.67
N THR A 156 39.94 57.67 87.46
CA THR A 156 39.08 58.07 86.33
C THR A 156 39.21 57.07 85.19
N ALA A 157 38.09 56.76 84.51
CA ALA A 157 38.14 55.82 83.38
C ALA A 157 38.28 56.64 82.11
N SER A 158 39.36 56.39 81.39
CA SER A 158 39.71 57.21 80.21
C SER A 158 39.47 56.44 78.91
N SER A 159 38.46 56.88 78.16
CA SER A 159 37.98 56.10 77.04
C SER A 159 38.22 56.77 75.68
N ASP A 160 38.56 55.95 74.67
CA ASP A 160 38.79 56.46 73.31
C ASP A 160 37.48 56.86 72.57
N THR A 161 36.35 56.42 73.11
CA THR A 161 35.08 56.85 72.52
C THR A 161 34.23 57.52 73.59
N PHE A 162 33.32 58.37 73.12
CA PHE A 162 32.36 59.04 73.97
C PHE A 162 31.15 58.16 74.18
N TYR A 163 30.86 57.30 73.20
CA TYR A 163 29.67 56.46 73.25
C TYR A 163 29.88 55.03 73.81
N PRO A 164 30.25 54.03 72.98
CA PRO A 164 30.27 52.64 73.45
C PRO A 164 31.29 52.37 74.58
N GLY A 165 32.42 53.06 74.58
CA GLY A 165 33.43 52.87 75.60
C GLY A 165 33.01 53.45 76.93
N GLN A 166 31.98 54.27 76.88
CA GLN A 166 31.44 54.84 78.11
C GLN A 166 30.10 54.15 78.34
N GLU A 167 29.88 53.07 77.64
CA GLU A 167 28.60 52.35 77.70
C GLU A 167 27.31 53.15 77.46
N ARG A 168 27.28 53.97 76.44
CA ARG A 168 26.07 54.64 76.04
C ARG A 168 25.27 53.83 75.02
N TYR A 169 24.00 53.63 75.25
CA TYR A 169 23.21 52.87 74.29
C TYR A 169 22.30 53.74 73.40
N ASP A 170 22.30 55.05 73.61
CA ASP A 170 21.44 56.00 72.89
C ASP A 170 22.14 56.43 71.55
N THR A 171 22.23 55.50 70.59
CA THR A 171 23.15 55.71 69.47
C THR A 171 22.51 55.21 68.19
N TYR A 172 23.17 55.45 67.06
CA TYR A 172 22.66 54.99 65.77
C TYR A 172 22.35 53.49 65.78
N SER A 173 23.24 52.69 66.34
CA SER A 173 23.13 51.23 66.37
C SER A 173 22.46 50.70 67.62
N GLY A 174 22.62 51.43 68.72
CA GLY A 174 21.99 51.06 69.97
C GLY A 174 22.59 49.83 70.62
N ARG A 175 23.84 49.56 70.30
CA ARG A 175 24.50 48.38 70.83
C ARG A 175 25.90 48.71 71.25
N VAL A 176 26.46 47.85 72.08
CA VAL A 176 27.80 48.05 72.64
C VAL A 176 28.58 46.74 72.51
N VAL A 177 29.80 46.85 72.00
CA VAL A 177 30.61 45.68 71.73
C VAL A 177 30.81 44.81 72.99
N ARG A 178 30.83 43.50 72.83
CA ARG A 178 30.97 42.55 73.93
C ARG A 178 31.94 43.00 75.01
N HIS A 179 33.09 43.51 74.60
CA HIS A 179 34.13 43.91 75.53
C HIS A 179 33.65 44.95 76.57
N PHE A 180 32.82 45.90 76.12
CA PHE A 180 32.37 47.01 76.95
C PHE A 180 30.96 46.83 77.55
N LYS A 181 30.27 45.74 77.18
CA LYS A 181 28.96 45.42 77.72
C LYS A 181 29.07 45.14 79.20
N GLY A 182 28.40 45.92 80.04
CA GLY A 182 28.46 45.75 81.49
C GLY A 182 29.70 46.35 82.17
N SER A 183 30.53 47.07 81.40
CA SER A 183 31.75 47.61 81.90
C SER A 183 31.54 48.79 82.84
N MET A 184 30.49 49.59 82.62
CA MET A 184 30.28 50.73 83.51
C MET A 184 29.99 50.26 84.94
N GLU A 185 29.18 49.22 85.08
CA GLU A 185 28.86 48.67 86.37
C GLU A 185 30.10 48.17 87.08
N GLU A 186 31.04 47.60 86.32
CA GLU A 186 32.30 47.12 86.88
C GLU A 186 33.17 48.27 87.36
N TRP A 187 33.38 49.30 86.55
CA TRP A 187 34.14 50.46 87.03
C TRP A 187 33.55 51.08 88.30
N GLN A 188 32.23 51.24 88.32
CA GLN A 188 31.49 51.73 89.50
C GLN A 188 31.84 50.91 90.73
N ALA A 189 31.71 49.60 90.63
CA ALA A 189 32.00 48.73 91.77
C ALA A 189 33.42 48.91 92.26
N MET A 190 34.33 49.24 91.33
CA MET A 190 35.75 49.45 91.64
C MET A 190 36.07 50.88 92.07
N GLY A 191 35.05 51.67 92.39
CA GLY A 191 35.25 53.02 92.87
C GLY A 191 35.67 54.08 91.86
N VAL A 192 35.74 53.75 90.56
CA VAL A 192 36.07 54.75 89.52
C VAL A 192 35.13 55.95 89.57
N MET A 193 35.67 57.16 89.49
CA MET A 193 34.80 58.34 89.72
C MET A 193 33.96 58.74 88.54
N ASN A 194 34.54 58.64 87.33
CA ASN A 194 33.98 59.27 86.16
C ASN A 194 34.64 58.75 84.91
N TYR A 195 34.07 59.09 83.76
CA TYR A 195 34.67 58.85 82.46
C TYR A 195 35.14 60.19 81.92
N GLU A 196 36.27 60.19 81.21
CA GLU A 196 36.62 61.26 80.29
C GLU A 196 37.52 60.63 79.19
N MET A 197 38.22 61.43 78.38
CA MET A 197 38.73 60.89 77.13
C MET A 197 40.18 61.22 76.81
N GLU A 198 40.90 61.83 77.75
CA GLU A 198 42.27 62.19 77.42
C GLU A 198 43.28 61.81 78.48
N SER A 199 42.84 61.56 79.72
CA SER A 199 43.81 61.45 80.79
C SER A 199 44.74 60.27 80.64
N ALA A 200 44.21 59.11 80.24
CA ALA A 200 45.05 57.93 80.13
C ALA A 200 46.26 58.20 79.24
N THR A 201 46.06 58.88 78.11
CA THR A 201 47.16 59.18 77.22
C THR A 201 48.05 60.17 77.92
N LEU A 202 47.47 61.23 78.46
CA LEU A 202 48.29 62.29 79.00
C LEU A 202 49.13 61.78 80.13
N LEU A 203 48.51 61.09 81.07
CA LEU A 203 49.21 60.69 82.29
C LEU A 203 50.28 59.67 81.97
N THR A 204 49.99 58.73 81.05
CA THR A 204 50.94 57.66 80.68
C THR A 204 52.14 58.23 79.91
N MET A 205 51.85 59.08 78.92
CA MET A 205 52.93 59.66 78.16
C MET A 205 53.79 60.55 79.06
N CYS A 206 53.23 61.19 80.09
CA CYS A 206 54.07 62.03 80.92
C CYS A 206 54.87 61.24 81.95
N ALA A 207 54.18 60.38 82.69
CA ALA A 207 54.79 59.55 83.71
C ALA A 207 55.93 58.68 83.22
N SER A 208 55.97 58.39 81.92
CA SER A 208 57.02 57.56 81.35
C SER A 208 58.07 58.35 80.55
N GLN A 209 58.05 59.68 80.67
CA GLN A 209 59.00 60.56 79.99
C GLN A 209 59.51 61.72 80.87
N GLY A 210 59.39 61.58 82.18
CA GLY A 210 59.90 62.54 83.13
C GLY A 210 59.20 63.87 83.02
N LEU A 211 57.96 63.85 82.57
CA LEU A 211 57.16 65.08 82.51
C LEU A 211 56.17 65.03 83.67
N ARG A 212 55.89 66.16 84.33
CA ARG A 212 54.85 66.13 85.38
C ARG A 212 53.42 66.45 84.84
N ALA A 213 52.43 65.63 85.21
CA ALA A 213 51.07 65.87 84.75
C ALA A 213 50.10 65.72 85.88
N GLY A 214 48.98 66.44 85.80
CA GLY A 214 47.93 66.28 86.78
C GLY A 214 46.62 66.62 86.11
N MET A 215 45.52 66.20 86.74
CA MET A 215 44.23 66.53 86.17
C MET A 215 43.15 66.86 87.17
N VAL A 216 42.39 67.89 86.82
CA VAL A 216 41.24 68.30 87.59
C VAL A 216 40.07 68.59 86.64
N ALA A 217 38.86 68.36 87.13
CA ALA A 217 37.68 68.52 86.33
C ALA A 217 36.50 68.86 87.24
N GLY A 218 35.57 69.65 86.72
CA GLY A 218 34.32 69.90 87.41
C GLY A 218 33.26 68.94 86.92
N VAL A 219 32.37 68.49 87.81
CA VAL A 219 31.30 67.57 87.43
C VAL A 219 30.15 68.37 86.87
N ILE A 220 29.77 68.12 85.63
CA ILE A 220 28.62 68.83 85.02
C ILE A 220 27.40 67.94 84.83
N VAL A 221 27.55 66.62 84.98
CA VAL A 221 26.45 65.66 84.83
C VAL A 221 26.72 64.41 85.68
N ASN A 222 25.67 63.68 86.05
CA ASN A 222 25.79 62.41 86.72
C ASN A 222 24.94 61.31 86.08
N ARG A 223 25.63 60.31 85.52
CA ARG A 223 25.02 59.20 84.80
C ARG A 223 24.11 58.36 85.66
N THR A 224 24.35 58.32 86.98
CA THR A 224 23.54 57.46 87.87
C THR A 224 22.17 58.05 88.22
N GLN A 225 22.09 59.36 88.25
CA GLN A 225 20.80 60.02 88.37
C GLN A 225 20.30 60.28 86.96
N GLN A 226 19.05 60.74 86.86
CA GLN A 226 18.51 61.27 85.61
C GLN A 226 19.09 62.69 85.41
N GLU A 227 18.21 63.67 85.31
CA GLU A 227 18.46 65.07 85.72
C GLU A 227 19.65 65.74 85.06
N ILE A 228 19.46 66.14 83.80
CA ILE A 228 20.40 67.05 83.13
C ILE A 228 20.21 68.42 83.82
N PRO A 229 21.26 68.87 84.51
CA PRO A 229 21.18 70.12 85.30
C PRO A 229 20.83 71.34 84.45
N ASN A 230 21.81 72.09 83.99
CA ASN A 230 21.52 73.40 83.43
C ASN A 230 22.70 73.99 82.68
N ALA A 231 22.41 74.84 81.70
CA ALA A 231 23.41 75.57 80.93
C ALA A 231 24.22 76.47 81.86
N GLU A 232 23.52 77.04 82.84
CA GLU A 232 24.13 78.02 83.75
C GLU A 232 24.90 77.40 84.91
N THR A 233 24.42 76.28 85.46
CA THR A 233 25.15 75.59 86.52
C THR A 233 26.43 74.96 85.97
N MET A 234 26.37 74.53 84.72
CA MET A 234 27.53 74.01 83.96
C MET A 234 28.60 75.08 83.69
N LYS A 235 28.17 76.31 83.42
CA LYS A 235 29.07 77.43 83.18
C LYS A 235 29.82 77.79 84.48
N GLN A 236 29.14 77.64 85.60
CA GLN A 236 29.69 78.07 86.89
C GLN A 236 30.62 77.04 87.52
N THR A 237 30.28 75.77 87.34
CA THR A 237 31.10 74.66 87.80
C THR A 237 32.42 74.65 87.04
N GLU A 238 32.34 74.98 85.76
CA GLU A 238 33.48 75.04 84.89
C GLU A 238 34.47 76.13 85.35
N SER A 239 33.95 77.31 85.71
CA SER A 239 34.76 78.42 86.22
C SER A 239 35.48 78.08 87.51
N HIS A 240 34.78 77.32 88.35
CA HIS A 240 35.26 76.81 89.62
C HIS A 240 36.52 75.98 89.45
N ALA A 241 36.41 74.95 88.64
CA ALA A 241 37.53 74.12 88.29
C ALA A 241 38.70 74.87 87.61
N VAL A 242 38.42 75.90 86.80
CA VAL A 242 39.44 76.63 86.10
C VAL A 242 40.22 77.37 87.16
N LYS A 243 39.50 78.03 88.05
CA LYS A 243 40.06 78.74 89.20
C LYS A 243 41.01 77.83 89.98
N ILE A 244 40.63 76.57 90.15
CA ILE A 244 41.47 75.59 90.82
C ILE A 244 42.77 75.27 90.04
N VAL A 245 42.66 74.94 88.75
CA VAL A 245 43.85 74.63 87.97
C VAL A 245 44.82 75.82 87.94
N VAL A 246 44.31 77.04 87.87
CA VAL A 246 45.19 78.19 87.79
C VAL A 246 45.91 78.32 89.11
N GLU A 247 45.17 78.24 90.21
CA GLU A 247 45.74 78.30 91.53
C GLU A 247 46.76 77.20 91.78
N ALA A 248 46.47 76.01 91.27
CA ALA A 248 47.40 74.91 91.32
C ALA A 248 48.67 75.28 90.53
N ALA A 249 48.49 75.87 89.34
CA ALA A 249 49.61 76.25 88.50
C ALA A 249 50.57 77.15 89.29
N ARG A 250 49.99 78.08 90.05
CA ARG A 250 50.73 78.96 90.95
C ARG A 250 51.68 78.24 91.89
N ARG A 251 51.19 77.15 92.48
CA ARG A 251 51.97 76.37 93.44
C ARG A 251 53.05 75.53 92.77
N LEU A 252 52.95 75.34 91.45
CA LEU A 252 53.89 74.49 90.76
C LEU A 252 54.96 75.28 90.02
N LEU A 253 54.96 76.59 90.14
CA LEU A 253 55.82 77.43 89.30
C LEU A 253 57.29 77.46 89.75
N SER B 4 19.59 71.92 68.88
CA SER B 4 20.55 70.96 68.24
C SER B 4 20.25 69.49 68.60
N ASP B 5 20.28 68.60 67.61
CA ASP B 5 19.86 67.20 67.80
C ASP B 5 20.96 66.25 68.30
N VAL B 6 22.22 66.68 68.22
CA VAL B 6 23.33 65.83 68.58
C VAL B 6 24.15 66.56 69.64
N PHE B 7 24.88 65.78 70.44
CA PHE B 7 25.58 66.34 71.57
C PHE B 7 26.83 67.20 71.27
N HIS B 8 27.52 66.93 70.17
CA HIS B 8 28.77 67.64 69.86
C HIS B 8 28.76 68.53 68.62
N LEU B 9 28.16 68.08 67.52
CA LEU B 9 28.27 68.77 66.23
C LEU B 9 27.41 70.02 66.06
N GLY B 10 26.44 70.19 66.95
CA GLY B 10 25.51 71.30 66.90
C GLY B 10 24.71 71.39 65.60
N LEU B 11 24.18 70.24 65.15
CA LEU B 11 23.40 70.12 63.92
C LEU B 11 22.04 69.52 64.21
N THR B 12 21.06 69.79 63.36
CA THR B 12 19.77 69.11 63.39
C THR B 12 19.58 68.30 62.10
N LYS B 13 18.73 67.28 62.16
CA LYS B 13 18.34 66.51 60.96
C LYS B 13 18.06 67.47 59.83
N ASN B 14 17.36 68.54 60.16
CA ASN B 14 16.92 69.50 59.21
C ASN B 14 18.03 70.28 58.51
N ASP B 15 19.11 70.57 59.24
CA ASP B 15 20.27 71.25 58.65
C ASP B 15 20.81 70.49 57.46
N LEU B 16 20.67 69.16 57.51
CA LEU B 16 21.26 68.26 56.52
C LEU B 16 20.46 68.23 55.24
N GLN B 17 19.18 68.58 55.35
CA GLN B 17 18.28 68.64 54.23
C GLN B 17 18.24 67.35 53.41
N GLY B 18 18.19 66.21 54.08
CA GLY B 18 18.14 64.93 53.39
C GLY B 18 19.47 64.37 52.92
N ALA B 19 20.57 65.09 53.15
CA ALA B 19 21.89 64.57 52.86
C ALA B 19 22.10 63.20 53.50
N THR B 20 22.76 62.30 52.77
CA THR B 20 23.09 60.96 53.27
C THR B 20 24.56 60.62 53.02
N LEU B 21 25.30 61.54 52.39
CA LEU B 21 26.74 61.38 52.20
C LEU B 21 27.56 62.53 52.84
N ALA B 22 28.65 62.19 53.55
CA ALA B 22 29.56 63.16 54.13
C ALA B 22 31.03 62.93 53.67
N ILE B 23 31.65 63.97 53.15
CA ILE B 23 33.10 63.95 53.04
C ILE B 23 33.60 64.39 54.40
N VAL B 24 34.49 63.63 55.00
CA VAL B 24 35.00 63.94 56.34
C VAL B 24 36.53 64.15 56.39
N PRO B 25 36.96 65.38 56.17
CA PRO B 25 38.39 65.73 56.29
C PRO B 25 38.78 65.76 57.76
N GLY B 26 40.05 65.89 58.09
CA GLY B 26 40.46 65.88 59.47
C GLY B 26 40.54 67.29 60.03
N ASP B 27 40.98 68.22 59.20
CA ASP B 27 41.24 69.60 59.62
C ASP B 27 40.02 70.54 59.40
N PRO B 28 39.52 71.17 60.47
CA PRO B 28 38.36 72.06 60.35
C PRO B 28 38.59 73.12 59.28
N ASP B 29 39.81 73.67 59.18
CA ASP B 29 40.08 74.74 58.21
C ASP B 29 39.98 74.29 56.76
N ARG B 30 39.97 72.98 56.52
CA ARG B 30 39.93 72.52 55.14
C ARG B 30 38.51 72.16 54.69
N VAL B 31 37.56 72.24 55.63
CA VAL B 31 36.13 71.98 55.35
C VAL B 31 35.55 72.95 54.30
N GLU B 32 35.70 74.25 54.54
CA GLU B 32 35.17 75.26 53.63
C GLU B 32 35.79 75.11 52.24
N LYS B 33 37.07 74.76 52.21
CA LYS B 33 37.82 74.62 50.96
C LYS B 33 37.20 73.52 50.12
N ILE B 34 36.88 72.40 50.76
CA ILE B 34 36.28 71.27 50.08
C ILE B 34 34.86 71.63 49.61
N ALA B 35 34.05 72.14 50.54
CA ALA B 35 32.70 72.60 50.23
C ALA B 35 32.67 73.48 49.01
N ALA B 36 33.68 74.35 48.88
CA ALA B 36 33.74 75.36 47.83
C ALA B 36 33.92 74.77 46.45
N LEU B 37 34.30 73.50 46.38
CA LEU B 37 34.37 72.82 45.09
C LEU B 37 33.03 72.29 44.62
N MET B 38 32.00 72.41 45.46
CA MET B 38 30.64 72.03 45.09
C MET B 38 29.69 73.25 44.92
N ASP B 39 28.40 73.02 44.75
CA ASP B 39 27.50 74.13 44.56
C ASP B 39 26.83 74.57 45.87
N LYS B 40 26.43 75.84 45.93
CA LYS B 40 25.73 76.41 47.07
C LYS B 40 26.32 76.01 48.43
N PRO B 41 27.63 76.19 48.61
CA PRO B 41 28.27 75.91 49.90
C PRO B 41 27.73 76.82 51.01
N VAL B 42 27.46 76.22 52.16
CA VAL B 42 26.89 76.94 53.29
C VAL B 42 27.49 76.40 54.60
N LYS B 43 27.95 77.29 55.47
CA LYS B 43 28.45 76.86 56.79
C LYS B 43 27.26 76.59 57.70
N LEU B 44 27.30 75.45 58.39
CA LEU B 44 26.18 75.03 59.23
C LEU B 44 26.51 75.19 60.69
N ALA B 45 27.72 74.77 61.05
CA ALA B 45 28.12 74.80 62.45
C ALA B 45 29.61 74.69 62.65
N SER B 46 30.05 75.10 63.83
CA SER B 46 31.46 75.03 64.19
C SER B 46 31.58 74.89 65.72
N HIS B 47 32.00 73.72 66.21
CA HIS B 47 32.15 73.46 67.64
C HIS B 47 33.32 72.54 67.85
N ARG B 48 34.18 72.89 68.82
CA ARG B 48 35.42 72.17 69.03
C ARG B 48 36.12 71.92 67.68
N GLU B 49 36.56 70.71 67.41
CA GLU B 49 37.22 70.44 66.13
C GLU B 49 36.23 70.12 64.99
N PHE B 50 34.92 70.27 65.25
CA PHE B 50 33.93 69.85 64.29
C PHE B 50 33.30 71.02 63.55
N THR B 51 33.73 71.22 62.31
CA THR B 51 33.18 72.24 61.45
C THR B 51 32.38 71.57 60.33
N THR B 52 31.15 72.04 60.12
CA THR B 52 30.26 71.41 59.16
C THR B 52 29.74 72.38 58.14
N TRP B 53 29.97 72.08 56.87
CA TRP B 53 29.37 72.82 55.77
C TRP B 53 28.44 71.86 55.02
N ARG B 54 27.47 72.43 54.32
CA ARG B 54 26.61 71.69 53.42
C ARG B 54 26.82 72.30 52.04
N ALA B 55 26.85 71.45 51.02
CA ALA B 55 26.86 71.92 49.65
C ALA B 55 25.94 71.01 48.84
N GLU B 56 25.93 71.23 47.54
CA GLU B 56 25.09 70.49 46.64
C GLU B 56 25.95 69.95 45.53
N LEU B 57 25.72 68.68 45.18
CA LEU B 57 26.49 68.02 44.15
C LEU B 57 25.52 67.32 43.22
N ASP B 58 25.52 67.72 41.94
CA ASP B 58 24.50 67.27 40.97
C ASP B 58 23.08 67.39 41.54
N GLY B 59 22.79 68.53 42.14
CA GLY B 59 21.52 68.76 42.77
C GLY B 59 21.17 67.98 44.04
N LYS B 60 22.12 67.26 44.62
CA LYS B 60 21.89 66.57 45.89
C LYS B 60 22.70 67.18 47.02
N PRO B 61 22.09 67.33 48.19
CA PRO B 61 22.79 67.87 49.37
C PRO B 61 23.86 66.89 49.87
N VAL B 62 24.98 67.46 50.27
CA VAL B 62 26.15 66.70 50.67
C VAL B 62 26.75 67.43 51.88
N ILE B 63 27.21 66.69 52.87
CA ILE B 63 27.85 67.28 54.03
C ILE B 63 29.38 67.22 53.93
N VAL B 64 30.05 68.29 54.36
CA VAL B 64 31.48 68.23 54.65
C VAL B 64 31.67 68.51 56.13
N CYS B 65 32.34 67.60 56.84
CA CYS B 65 32.44 67.70 58.28
C CYS B 65 33.78 67.20 58.76
N SER B 66 34.49 68.02 59.55
CA SER B 66 35.83 67.63 60.03
C SER B 66 35.82 66.76 61.27
N THR B 67 36.78 65.86 61.33
CA THR B 67 36.80 64.90 62.43
C THR B 67 37.75 65.31 63.55
N GLY B 68 38.63 66.26 63.28
CA GLY B 68 39.77 66.50 64.16
C GLY B 68 40.77 65.37 63.90
N ILE B 69 41.83 65.31 64.69
CA ILE B 69 42.84 64.28 64.61
C ILE B 69 42.47 63.14 65.52
N GLY B 70 42.50 61.89 64.99
CA GLY B 70 42.39 60.67 65.81
C GLY B 70 41.02 60.01 65.89
N GLY B 71 41.06 58.70 66.18
CA GLY B 71 39.87 57.89 66.29
C GLY B 71 38.77 58.49 67.16
N PRO B 72 39.12 58.94 68.37
CA PRO B 72 38.11 59.39 69.32
C PRO B 72 37.20 60.48 68.74
N SER B 73 37.76 61.59 68.30
CA SER B 73 36.89 62.63 67.75
C SER B 73 36.18 62.16 66.46
N THR B 74 36.88 61.33 65.67
CA THR B 74 36.29 60.75 64.48
C THR B 74 35.05 59.97 64.86
N SER B 75 35.15 59.20 65.92
CA SER B 75 34.06 58.34 66.33
C SER B 75 32.83 59.17 66.74
N ILE B 76 33.08 60.33 67.34
CA ILE B 76 32.00 61.28 67.64
C ILE B 76 31.37 61.84 66.37
N ALA B 77 32.19 62.40 65.48
CA ALA B 77 31.67 62.96 64.22
C ALA B 77 30.77 61.92 63.51
N VAL B 78 31.31 60.71 63.30
CA VAL B 78 30.65 59.68 62.50
C VAL B 78 29.36 59.23 63.18
N GLU B 79 29.40 59.04 64.50
CA GLU B 79 28.23 58.54 65.21
C GLU B 79 27.10 59.55 65.08
N GLU B 80 27.45 60.83 65.29
CA GLU B 80 26.43 61.88 65.32
C GLU B 80 25.90 62.22 63.91
N LEU B 81 26.80 62.17 62.92
CA LEU B 81 26.38 62.26 61.53
C LEU B 81 25.44 61.09 61.14
N ALA B 82 25.78 59.89 61.61
CA ALA B 82 24.93 58.76 61.34
C ALA B 82 23.54 58.97 61.95
N GLN B 83 23.48 59.48 63.17
CA GLN B 83 22.19 59.75 63.83
C GLN B 83 21.39 60.74 63.02
N LEU B 84 22.08 61.68 62.38
CA LEU B 84 21.45 62.68 61.53
C LEU B 84 21.03 62.17 60.14
N GLY B 85 21.49 60.98 59.76
CA GLY B 85 21.05 60.31 58.54
C GLY B 85 22.14 60.04 57.51
N ILE B 86 23.38 60.39 57.83
CA ILE B 86 24.47 60.08 56.91
C ILE B 86 24.65 58.58 56.90
N ARG B 87 24.83 58.02 55.70
CA ARG B 87 25.03 56.58 55.54
C ARG B 87 26.33 56.31 54.81
N THR B 88 26.93 57.36 54.24
CA THR B 88 28.16 57.17 53.44
C THR B 88 29.19 58.18 53.86
N PHE B 89 30.37 57.67 54.25
CA PHE B 89 31.43 58.52 54.73
C PHE B 89 32.66 58.38 53.85
N LEU B 90 33.12 59.50 53.28
CA LEU B 90 34.38 59.49 52.52
C LEU B 90 35.44 60.28 53.24
N ARG B 91 36.47 59.61 53.74
CA ARG B 91 37.54 60.35 54.40
C ARG B 91 38.60 60.87 53.45
N ILE B 92 38.99 62.11 53.63
CA ILE B 92 40.10 62.67 52.86
C ILE B 92 41.20 63.20 53.80
N GLY B 93 42.37 62.58 53.71
CA GLY B 93 43.44 62.93 54.61
C GLY B 93 44.78 63.26 53.96
N THR B 94 45.74 63.60 54.82
CA THR B 94 47.15 63.68 54.46
C THR B 94 47.82 62.49 55.08
N THR B 95 48.95 62.07 54.51
CA THR B 95 49.56 60.84 54.97
C THR B 95 51.08 60.79 54.68
N GLY B 96 51.76 59.92 55.40
CA GLY B 96 53.17 59.70 55.19
C GLY B 96 53.29 58.36 54.52
N ALA B 97 53.97 58.31 53.38
CA ALA B 97 54.17 57.06 52.67
C ALA B 97 55.34 56.35 53.33
N ILE B 98 55.29 55.02 53.38
CA ILE B 98 56.43 54.28 53.92
C ILE B 98 57.05 53.35 52.91
N GLN B 99 56.59 53.41 51.66
CA GLN B 99 57.22 52.63 50.60
C GLN B 99 58.10 53.56 49.78
N PRO B 100 59.29 53.14 49.41
CA PRO B 100 60.20 54.04 48.71
C PRO B 100 59.67 54.48 47.35
N HIS B 101 58.72 53.78 46.73
CA HIS B 101 58.27 54.15 45.36
C HIS B 101 57.09 55.12 45.33
N ILE B 102 56.54 55.42 46.49
CA ILE B 102 55.37 56.29 46.59
C ILE B 102 55.86 57.71 46.83
N ASN B 103 55.50 58.64 45.96
CA ASN B 103 56.04 59.99 46.02
C ASN B 103 55.12 61.03 46.69
N VAL B 104 55.73 62.09 47.17
CA VAL B 104 54.98 63.19 47.68
C VAL B 104 54.08 63.69 46.56
N GLY B 105 52.78 63.82 46.87
CA GLY B 105 51.79 64.24 45.90
C GLY B 105 50.91 63.11 45.37
N ASP B 106 51.36 61.87 45.56
CA ASP B 106 50.64 60.70 45.11
C ASP B 106 49.34 60.61 45.93
N VAL B 107 48.37 59.91 45.38
CA VAL B 107 47.09 59.69 46.05
C VAL B 107 46.99 58.20 46.48
N LEU B 108 46.62 57.97 47.74
CA LEU B 108 46.54 56.60 48.24
C LEU B 108 45.14 56.23 48.63
N VAL B 109 44.62 55.14 48.06
CA VAL B 109 43.27 54.69 48.38
C VAL B 109 43.39 53.44 49.28
N THR B 110 42.79 53.49 50.47
CA THR B 110 42.95 52.44 51.46
C THR B 110 41.89 51.39 51.26
N THR B 111 42.31 50.15 51.01
CA THR B 111 41.35 49.07 50.97
C THR B 111 40.92 48.63 52.40
N ALA B 112 41.88 48.62 53.32
CA ALA B 112 41.64 48.25 54.70
C ALA B 112 42.85 48.74 55.52
N SER B 113 42.67 48.89 56.84
CA SER B 113 43.75 49.41 57.67
C SER B 113 44.27 48.48 58.75
N VAL B 114 45.56 48.60 59.04
CA VAL B 114 46.16 47.96 60.20
C VAL B 114 45.67 48.76 61.38
N ARG B 115 45.00 48.10 62.32
CA ARG B 115 44.34 48.80 63.43
C ARG B 115 45.32 49.12 64.55
N LEU B 116 46.01 50.24 64.48
CA LEU B 116 46.92 50.61 65.58
C LEU B 116 46.28 51.71 66.46
N ASP B 117 44.95 51.67 66.55
CA ASP B 117 44.16 52.66 67.29
C ASP B 117 43.41 51.99 68.42
N GLY B 118 42.80 52.79 69.25
CA GLY B 118 42.03 52.32 70.39
C GLY B 118 40.56 52.30 70.10
N ALA B 119 40.10 53.27 69.33
CA ALA B 119 38.65 53.44 69.17
C ALA B 119 38.02 52.27 68.43
N SER B 120 38.69 51.73 67.43
CA SER B 120 38.06 50.66 66.67
C SER B 120 37.64 49.50 67.55
N LEU B 121 38.43 49.19 68.60
CA LEU B 121 38.10 48.10 69.52
C LEU B 121 36.81 48.37 70.29
N HIS B 122 36.32 49.61 70.22
CA HIS B 122 35.07 49.96 70.91
C HIS B 122 33.84 49.62 70.06
N PHE B 123 34.10 49.24 68.80
CA PHE B 123 33.05 48.82 67.87
C PHE B 123 33.10 47.35 67.53
N ALA B 124 34.31 46.83 67.36
CA ALA B 124 34.51 45.43 66.99
C ALA B 124 35.83 44.97 67.57
N PRO B 125 35.94 43.68 67.92
CA PRO B 125 37.21 43.15 68.44
C PRO B 125 38.30 43.16 67.33
N LEU B 126 39.55 43.01 67.76
CA LEU B 126 40.69 43.24 66.86
C LEU B 126 40.68 42.35 65.61
N GLU B 127 40.13 41.14 65.73
CA GLU B 127 40.10 40.20 64.61
C GLU B 127 39.17 40.66 63.49
N PHE B 128 38.38 41.70 63.72
CA PHE B 128 37.45 42.14 62.67
C PHE B 128 38.21 43.12 61.77
N PRO B 129 38.06 42.99 60.45
CA PRO B 129 38.88 43.77 59.51
C PRO B 129 38.42 45.21 59.40
N ALA B 130 39.35 46.15 59.49
CA ALA B 130 39.07 47.55 59.23
C ALA B 130 39.00 47.75 57.72
N VAL B 131 37.99 47.13 57.11
CA VAL B 131 37.88 47.14 55.66
C VAL B 131 37.00 48.25 55.11
N ALA B 132 37.41 48.87 54.00
CA ALA B 132 36.59 49.90 53.40
C ALA B 132 35.44 49.28 52.59
N ASP B 133 34.38 50.07 52.38
CA ASP B 133 33.25 49.63 51.58
C ASP B 133 33.67 49.49 50.13
N PHE B 134 33.21 48.42 49.47
CA PHE B 134 33.64 48.11 48.11
C PHE B 134 33.22 49.18 47.09
N GLU B 135 32.00 49.68 47.23
CA GLU B 135 31.52 50.69 46.28
C GLU B 135 32.33 51.97 46.45
N CYS B 136 32.55 52.38 47.71
CA CYS B 136 33.32 53.58 48.00
C CYS B 136 34.76 53.47 47.44
N THR B 137 35.44 52.36 47.71
CA THR B 137 36.77 52.09 47.19
C THR B 137 36.79 52.15 45.66
N THR B 138 35.78 51.53 45.04
CA THR B 138 35.66 51.56 43.60
C THR B 138 35.50 53.01 43.11
N ALA B 139 34.62 53.75 43.75
CA ALA B 139 34.40 55.15 43.40
C ALA B 139 35.71 55.92 43.50
N LEU B 140 36.43 55.76 44.59
CA LEU B 140 37.70 56.46 44.77
C LEU B 140 38.74 56.07 43.71
N VAL B 141 38.87 54.78 43.45
CA VAL B 141 39.85 54.32 42.48
C VAL B 141 39.49 54.85 41.09
N GLU B 142 38.23 54.69 40.70
CA GLU B 142 37.77 55.12 39.41
C GLU B 142 37.91 56.65 39.28
N ALA B 143 37.61 57.39 40.35
CA ALA B 143 37.71 58.85 40.33
C ALA B 143 39.14 59.25 40.01
N ALA B 144 40.06 58.57 40.68
CA ALA B 144 41.48 58.89 40.56
C ALA B 144 41.98 58.58 39.13
N LYS B 145 41.40 57.57 38.50
CA LYS B 145 41.77 57.17 37.16
C LYS B 145 41.37 58.25 36.17
N SER B 146 40.22 58.87 36.43
CA SER B 146 39.62 59.79 35.49
C SER B 146 40.30 61.16 35.57
N ILE B 147 40.86 61.51 36.72
CA ILE B 147 41.54 62.80 36.78
C ILE B 147 43.04 62.60 36.55
N GLY B 148 43.41 61.33 36.34
CA GLY B 148 44.76 60.91 36.00
C GLY B 148 45.84 61.13 37.04
N ALA B 149 45.48 61.27 38.31
CA ALA B 149 46.45 61.35 39.41
C ALA B 149 47.17 60.03 39.58
N THR B 150 48.44 60.05 39.99
CA THR B 150 49.11 58.75 40.16
C THR B 150 48.71 58.20 41.49
N THR B 151 48.22 56.95 41.48
CA THR B 151 47.46 56.39 42.60
C THR B 151 47.97 55.03 43.03
N HIS B 152 48.07 54.80 44.34
CA HIS B 152 48.31 53.45 44.86
C HIS B 152 47.15 52.98 45.69
N VAL B 153 46.84 51.70 45.57
CA VAL B 153 45.68 51.15 46.24
C VAL B 153 46.19 50.04 47.13
N GLY B 154 45.81 50.04 48.41
CA GLY B 154 46.25 48.97 49.29
C GLY B 154 45.99 49.24 50.75
N VAL B 155 46.80 48.60 51.60
CA VAL B 155 46.68 48.66 53.06
C VAL B 155 47.40 49.88 53.70
N THR B 156 46.78 50.46 54.72
CA THR B 156 47.27 51.63 55.44
C THR B 156 47.41 51.29 56.92
N ALA B 157 48.48 51.77 57.53
CA ALA B 157 48.65 51.57 58.97
C ALA B 157 48.05 52.82 59.62
N SER B 158 47.08 52.61 60.51
CA SER B 158 46.34 53.68 61.10
C SER B 158 46.67 53.76 62.60
N SER B 159 47.36 54.82 63.00
CA SER B 159 47.99 54.88 64.33
C SER B 159 47.36 55.94 65.26
N ASP B 160 47.11 55.58 66.52
CA ASP B 160 46.62 56.54 67.53
C ASP B 160 47.62 57.63 67.89
N THR B 161 48.83 57.58 67.36
CA THR B 161 49.78 58.66 67.60
C THR B 161 50.50 59.06 66.33
N PHE B 162 50.99 60.27 66.28
CA PHE B 162 51.75 60.75 65.15
C PHE B 162 53.23 60.40 65.33
N TYR B 163 53.69 60.34 66.58
CA TYR B 163 55.08 60.12 66.85
C TYR B 163 55.46 58.66 67.07
N PRO B 164 55.37 58.07 68.27
CA PRO B 164 55.87 56.71 68.47
C PRO B 164 55.17 55.64 67.65
N GLY B 165 53.85 55.76 67.46
CA GLY B 165 53.10 54.73 66.74
C GLY B 165 53.45 54.66 65.25
N GLN B 166 54.06 55.74 64.75
CA GLN B 166 54.61 55.80 63.40
C GLN B 166 56.14 55.72 63.43
N GLU B 167 56.69 55.24 64.53
CA GLU B 167 58.12 55.09 64.75
C GLU B 167 58.97 56.32 64.39
N ARG B 168 58.56 57.49 64.86
CA ARG B 168 59.36 58.69 64.72
C ARG B 168 60.27 58.81 65.92
N TYR B 169 61.53 59.20 65.68
CA TYR B 169 62.55 59.28 66.70
C TYR B 169 62.97 60.70 67.09
N ASP B 170 62.67 61.70 66.24
CA ASP B 170 62.99 63.08 66.55
C ASP B 170 62.00 63.65 67.50
N THR B 171 62.04 63.22 68.75
CA THR B 171 60.96 63.56 69.65
C THR B 171 61.61 64.05 70.92
N TYR B 172 60.82 64.53 71.88
CA TYR B 172 61.35 64.98 73.15
C TYR B 172 62.24 63.89 73.74
N SER B 173 61.80 62.65 73.68
CA SER B 173 62.45 61.57 74.43
C SER B 173 63.39 60.82 73.54
N GLY B 174 63.13 60.85 72.24
CA GLY B 174 63.93 60.08 71.31
C GLY B 174 63.78 58.55 71.40
N ARG B 175 62.88 58.05 72.26
CA ARG B 175 62.68 56.59 72.33
C ARG B 175 61.32 56.18 71.71
N VAL B 176 61.18 54.90 71.40
CA VAL B 176 59.95 54.35 70.93
C VAL B 176 59.73 53.10 71.74
N VAL B 177 58.51 52.95 72.27
CA VAL B 177 58.17 51.82 73.14
C VAL B 177 58.50 50.46 72.47
N ARG B 178 58.96 49.49 73.25
CA ARG B 178 59.32 48.18 72.72
C ARG B 178 58.39 47.70 71.58
N HIS B 179 57.10 47.70 71.85
CA HIS B 179 56.11 47.21 70.93
C HIS B 179 56.23 47.81 69.53
N PHE B 180 56.63 49.06 69.38
CA PHE B 180 56.67 49.66 68.06
C PHE B 180 58.10 49.81 67.48
N LYS B 181 59.11 49.43 68.27
CA LYS B 181 60.49 49.47 67.82
C LYS B 181 60.57 48.53 66.62
N GLY B 182 61.01 49.06 65.50
CA GLY B 182 61.16 48.20 64.35
C GLY B 182 59.90 47.97 63.60
N SER B 183 58.82 48.68 63.95
CA SER B 183 57.50 48.39 63.40
C SER B 183 57.32 48.88 62.02
N MET B 184 57.87 50.03 61.69
CA MET B 184 57.70 50.58 60.34
C MET B 184 58.26 49.62 59.28
N GLU B 185 59.41 49.05 59.56
CA GLU B 185 60.01 48.09 58.66
C GLU B 185 59.16 46.82 58.47
N GLU B 186 58.47 46.37 59.52
CA GLU B 186 57.63 45.21 59.42
C GLU B 186 56.48 45.57 58.48
N TRP B 187 55.86 46.74 58.69
CA TRP B 187 54.74 47.12 57.86
C TRP B 187 55.20 47.27 56.43
N GLN B 188 56.39 47.86 56.17
CA GLN B 188 56.81 47.94 54.76
C GLN B 188 56.95 46.60 54.16
N ALA B 189 57.55 45.66 54.91
CA ALA B 189 57.79 44.32 54.37
C ALA B 189 56.44 43.71 53.96
N MET B 190 55.38 44.13 54.64
CA MET B 190 54.06 43.53 54.46
C MET B 190 53.27 44.24 53.37
N GLY B 191 53.87 45.24 52.74
CA GLY B 191 53.20 45.89 51.63
C GLY B 191 52.37 47.08 52.04
N VAL B 192 52.26 47.37 53.35
CA VAL B 192 51.57 48.59 53.80
C VAL B 192 52.13 49.85 53.12
N MET B 193 51.26 50.73 52.66
CA MET B 193 51.69 51.90 51.91
C MET B 193 52.08 53.09 52.76
N ASN B 194 51.41 53.24 53.92
CA ASN B 194 51.41 54.53 54.61
C ASN B 194 50.88 54.54 56.02
N TYR B 195 51.16 55.66 56.70
CA TYR B 195 50.63 55.90 58.02
C TYR B 195 49.64 57.04 57.96
N GLU B 196 48.54 56.91 58.69
CA GLU B 196 47.70 58.05 59.04
C GLU B 196 46.99 57.73 60.36
N MET B 197 45.97 58.49 60.74
CA MET B 197 45.52 58.31 62.13
C MET B 197 44.04 58.02 62.35
N GLU B 198 43.23 58.00 61.29
CA GLU B 198 41.78 57.89 61.51
C GLU B 198 41.08 56.70 60.83
N SER B 199 41.70 56.17 59.77
CA SER B 199 41.03 55.19 58.94
C SER B 199 40.64 53.94 59.71
N ALA B 200 41.48 53.48 60.63
CA ALA B 200 41.15 52.29 61.41
C ALA B 200 39.84 52.47 62.14
N THR B 201 39.69 53.61 62.80
CA THR B 201 38.45 53.87 63.52
C THR B 201 37.31 53.96 62.52
N LEU B 202 37.49 54.76 61.48
CA LEU B 202 36.38 55.06 60.59
C LEU B 202 35.90 53.77 59.95
N LEU B 203 36.84 53.04 59.36
CA LEU B 203 36.47 51.88 58.60
C LEU B 203 35.83 50.83 59.50
N THR B 204 36.34 50.66 60.71
CA THR B 204 35.81 49.62 61.59
C THR B 204 34.40 49.96 62.09
N MET B 205 34.24 51.19 62.57
CA MET B 205 32.96 51.60 63.05
C MET B 205 31.92 51.62 61.95
N CYS B 206 32.30 51.93 60.72
CA CYS B 206 31.34 51.83 59.63
C CYS B 206 31.04 50.41 59.18
N ALA B 207 32.10 49.63 58.93
CA ALA B 207 31.95 48.26 58.42
C ALA B 207 31.10 47.42 59.38
N SER B 208 31.21 47.70 60.67
CA SER B 208 30.47 46.93 61.65
C SER B 208 29.10 47.52 62.03
N GLN B 209 28.65 48.56 61.34
CA GLN B 209 27.29 49.12 61.59
C GLN B 209 26.45 49.37 60.33
N GLY B 210 26.81 48.79 59.19
CA GLY B 210 26.04 48.97 57.98
C GLY B 210 26.24 50.33 57.34
N LEU B 211 27.29 51.05 57.71
CA LEU B 211 27.57 52.32 57.04
C LEU B 211 28.66 52.15 56.01
N ARG B 212 28.57 52.84 54.89
CA ARG B 212 29.57 52.72 53.83
C ARG B 212 30.68 53.72 54.06
N ALA B 213 31.93 53.29 54.01
CA ALA B 213 33.07 54.20 54.20
C ALA B 213 34.18 53.95 53.21
N GLY B 214 34.83 55.03 52.80
CA GLY B 214 35.97 54.96 51.90
C GLY B 214 37.04 55.90 52.38
N MET B 215 38.26 55.71 51.90
CA MET B 215 39.40 56.39 52.50
C MET B 215 40.45 56.73 51.44
N VAL B 216 40.79 58.02 51.36
CA VAL B 216 41.79 58.46 50.40
C VAL B 216 42.67 59.52 51.07
N ALA B 217 43.93 59.59 50.65
CA ALA B 217 44.82 60.57 51.23
C ALA B 217 45.92 60.99 50.25
N GLY B 218 46.36 62.25 50.37
CA GLY B 218 47.46 62.77 49.57
C GLY B 218 48.72 62.63 50.37
N VAL B 219 49.79 62.19 49.69
CA VAL B 219 51.04 61.95 50.39
C VAL B 219 51.86 63.26 50.60
N ILE B 220 52.09 63.61 51.87
CA ILE B 220 52.86 64.81 52.17
C ILE B 220 54.29 64.56 52.65
N VAL B 221 54.66 63.30 52.84
CA VAL B 221 56.03 62.98 53.18
C VAL B 221 56.29 61.50 52.91
N ASN B 222 57.52 61.20 52.51
CA ASN B 222 57.98 59.84 52.37
C ASN B 222 58.91 59.48 53.53
N ARG B 223 58.46 58.52 54.33
CA ARG B 223 59.15 58.23 55.56
C ARG B 223 60.48 57.48 55.39
N THR B 224 60.78 57.01 54.17
CA THR B 224 62.08 56.42 53.88
C THR B 224 63.13 57.51 53.70
N GLN B 225 62.70 58.77 53.71
CA GLN B 225 63.64 59.91 53.53
C GLN B 225 63.73 60.83 54.76
N GLN B 226 62.64 60.91 55.53
CA GLN B 226 62.36 62.06 56.37
C GLN B 226 61.24 61.71 57.36
N GLU B 227 61.27 62.37 58.53
CA GLU B 227 60.22 62.20 59.51
C GLU B 227 59.20 63.31 59.40
N ILE B 228 59.68 64.52 59.17
CA ILE B 228 58.81 65.69 59.15
C ILE B 228 58.58 66.25 57.74
N PRO B 229 57.32 66.42 57.36
CA PRO B 229 56.99 67.00 56.05
C PRO B 229 57.57 68.40 55.81
N ASN B 230 57.97 68.69 54.55
CA ASN B 230 58.69 69.92 54.16
C ASN B 230 58.02 71.30 54.34
N SER B 239 45.31 68.08 47.50
CA SER B 239 44.66 68.91 46.49
C SER B 239 44.28 68.09 45.26
N HIS B 240 45.16 67.16 44.85
CA HIS B 240 44.75 66.13 43.90
C HIS B 240 43.71 65.20 44.56
N ALA B 241 43.96 64.90 45.83
CA ALA B 241 43.09 64.04 46.62
C ALA B 241 41.73 64.65 46.85
N VAL B 242 41.68 65.95 47.12
CA VAL B 242 40.40 66.66 47.33
C VAL B 242 39.53 66.57 46.07
N LYS B 243 40.15 66.78 44.91
CA LYS B 243 39.44 66.67 43.64
C LYS B 243 38.86 65.27 43.51
N ILE B 244 39.64 64.27 43.92
CA ILE B 244 39.25 62.88 43.81
C ILE B 244 38.12 62.50 44.76
N VAL B 245 38.20 62.92 46.03
CA VAL B 245 37.14 62.63 46.95
C VAL B 245 35.82 63.26 46.49
N VAL B 246 35.88 64.47 45.95
CA VAL B 246 34.67 65.13 45.50
C VAL B 246 34.07 64.35 44.34
N GLU B 247 34.93 63.91 43.43
CA GLU B 247 34.49 63.23 42.24
C GLU B 247 33.93 61.87 42.61
N ALA B 248 34.52 61.24 43.62
CA ALA B 248 34.03 59.96 44.11
C ALA B 248 32.65 60.12 44.75
N ALA B 249 32.46 61.17 45.56
CA ALA B 249 31.16 61.47 46.15
C ALA B 249 30.07 61.51 45.07
N ARG B 250 30.42 62.16 43.96
CA ARG B 250 29.55 62.32 42.80
C ARG B 250 29.06 60.95 42.31
N ARG B 251 29.97 59.99 42.26
CA ARG B 251 29.62 58.64 41.81
C ARG B 251 28.85 57.82 42.83
N LEU B 252 28.84 58.28 44.07
CA LEU B 252 28.20 57.52 45.12
C LEU B 252 26.83 58.09 45.48
N LEU B 253 26.39 59.11 44.77
CA LEU B 253 25.18 59.80 45.16
C LEU B 253 23.94 59.05 44.76
N SER C 4 59.98 16.25 42.07
CA SER C 4 59.05 17.30 42.64
C SER C 4 59.75 18.49 43.32
N ASP C 5 59.29 19.72 43.03
CA ASP C 5 59.93 20.96 43.56
C ASP C 5 59.41 21.44 44.94
N VAL C 6 58.27 20.94 45.39
CA VAL C 6 57.66 21.39 46.64
C VAL C 6 57.35 20.16 47.48
N PHE C 7 57.41 20.32 48.80
CA PHE C 7 57.36 19.18 49.70
C PHE C 7 56.01 18.47 49.81
N HIS C 8 54.90 19.21 49.74
CA HIS C 8 53.58 18.58 49.90
C HIS C 8 52.80 18.29 48.63
N LEU C 9 52.72 19.29 47.75
CA LEU C 9 51.88 19.19 46.54
C LEU C 9 52.31 18.14 45.51
N GLY C 10 53.56 17.73 45.55
CA GLY C 10 54.16 16.86 44.54
C GLY C 10 54.06 17.41 43.13
N LEU C 11 54.47 18.65 42.93
CA LEU C 11 54.48 19.32 41.61
C LEU C 11 55.87 19.88 41.27
N THR C 12 56.10 20.15 39.98
CA THR C 12 57.31 20.83 39.52
C THR C 12 56.91 22.12 38.82
N LYS C 13 57.84 23.08 38.77
CA LYS C 13 57.59 24.36 38.13
C LYS C 13 57.09 24.10 36.71
N ASN C 14 57.68 23.08 36.10
CA ASN C 14 57.30 22.64 34.78
C ASN C 14 55.85 22.22 34.56
N ASP C 15 55.31 21.46 35.49
CA ASP C 15 53.91 21.03 35.43
C ASP C 15 52.93 22.18 35.19
N LEU C 16 53.29 23.37 35.68
CA LEU C 16 52.40 24.52 35.67
C LEU C 16 52.41 25.23 34.31
N GLN C 17 53.46 25.00 33.52
CA GLN C 17 53.59 25.61 32.19
C GLN C 17 53.33 27.11 32.21
N GLY C 18 53.91 27.79 33.20
CA GLY C 18 53.89 29.24 33.27
C GLY C 18 52.59 29.82 33.80
N ALA C 19 51.71 28.96 34.36
CA ALA C 19 50.47 29.40 35.00
C ALA C 19 50.85 30.34 36.13
N THR C 20 50.04 31.37 36.34
CA THR C 20 50.25 32.28 37.46
C THR C 20 48.96 32.51 38.28
N LEU C 21 47.89 31.83 37.89
CA LEU C 21 46.63 31.97 38.60
C LEU C 21 46.14 30.60 39.02
N ALA C 22 45.65 30.48 40.24
CA ALA C 22 45.12 29.21 40.71
C ALA C 22 43.75 29.39 41.31
N ILE C 23 42.86 28.46 40.97
CA ILE C 23 41.55 28.38 41.59
C ILE C 23 41.67 27.37 42.74
N VAL C 24 41.39 27.78 43.97
CA VAL C 24 41.63 26.91 45.11
C VAL C 24 40.34 26.51 45.90
N PRO C 25 39.71 25.42 45.49
CA PRO C 25 38.55 24.91 46.23
C PRO C 25 39.07 24.19 47.47
N GLY C 26 38.17 23.81 48.35
CA GLY C 26 38.59 23.13 49.56
C GLY C 26 38.66 21.65 49.40
N ASP C 27 37.76 21.10 48.59
CA ASP C 27 37.58 19.65 48.49
C ASP C 27 38.31 19.05 47.28
N PRO C 28 39.27 18.14 47.52
CA PRO C 28 39.98 17.49 46.40
C PRO C 28 39.04 16.96 45.30
N ASP C 29 37.88 16.43 45.71
CA ASP C 29 36.91 15.81 44.78
C ASP C 29 36.20 16.81 43.88
N ARG C 30 36.24 18.08 44.26
CA ARG C 30 35.65 19.14 43.47
C ARG C 30 36.64 19.70 42.42
N VAL C 31 37.93 19.35 42.53
CA VAL C 31 38.99 19.95 41.68
C VAL C 31 38.79 19.60 40.21
N GLU C 32 38.63 18.32 39.95
CA GLU C 32 38.39 17.84 38.58
C GLU C 32 37.14 18.44 37.95
N LYS C 33 36.06 18.55 38.73
CA LYS C 33 34.81 19.15 38.24
C LYS C 33 35.08 20.57 37.73
N ILE C 34 35.84 21.35 38.50
CA ILE C 34 36.11 22.73 38.16
C ILE C 34 37.00 22.79 36.92
N ALA C 35 38.04 21.96 36.89
CA ALA C 35 38.98 21.97 35.78
C ALA C 35 38.25 21.67 34.49
N ALA C 36 37.26 20.79 34.59
CA ALA C 36 36.52 20.29 33.46
C ALA C 36 35.69 21.36 32.75
N LEU C 37 35.46 22.49 33.43
CA LEU C 37 34.75 23.60 32.81
C LEU C 37 35.67 24.43 31.91
N MET C 38 36.95 24.10 31.91
CA MET C 38 37.94 24.81 31.10
C MET C 38 38.52 23.88 30.01
N ASP C 39 39.47 24.36 29.21
CA ASP C 39 40.02 23.55 28.11
C ASP C 39 41.21 22.70 28.55
N LYS C 40 41.36 21.53 27.92
CA LYS C 40 42.53 20.68 28.09
C LYS C 40 42.88 20.39 29.57
N PRO C 41 41.90 19.92 30.33
CA PRO C 41 42.12 19.57 31.73
C PRO C 41 42.99 18.34 31.89
N VAL C 42 44.00 18.45 32.74
CA VAL C 42 44.93 17.37 32.96
C VAL C 42 45.18 17.22 34.45
N LYS C 43 45.09 16.01 34.98
CA LYS C 43 45.47 15.78 36.38
C LYS C 43 46.99 15.91 36.50
N LEU C 44 47.44 16.74 37.44
CA LEU C 44 48.87 16.89 37.70
C LEU C 44 49.34 16.00 38.83
N ALA C 45 48.68 16.11 39.98
CA ALA C 45 49.10 15.36 41.17
C ALA C 45 47.99 15.23 42.18
N SER C 46 48.19 14.31 43.12
CA SER C 46 47.23 14.07 44.18
C SER C 46 47.95 13.49 45.39
N HIS C 47 48.10 14.31 46.44
CA HIS C 47 48.77 13.89 47.66
C HIS C 47 48.03 14.49 48.84
N ARG C 48 47.75 13.67 49.84
CA ARG C 48 46.97 14.10 51.00
C ARG C 48 45.71 14.81 50.51
N GLU C 49 45.36 15.95 51.09
CA GLU C 49 44.20 16.70 50.63
C GLU C 49 44.45 17.58 49.41
N PHE C 50 45.66 17.52 48.85
CA PHE C 50 46.07 18.37 47.73
C PHE C 50 45.96 17.67 46.38
N THR C 51 44.88 17.94 45.66
CA THR C 51 44.71 17.46 44.29
C THR C 51 44.88 18.63 43.33
N THR C 52 45.72 18.48 42.32
CA THR C 52 46.02 19.57 41.40
C THR C 52 45.72 19.17 39.97
N TRP C 53 44.93 20.00 39.29
CA TRP C 53 44.75 19.86 37.85
C TRP C 53 45.28 21.11 37.19
N ARG C 54 45.67 20.98 35.93
CA ARG C 54 46.00 22.12 35.10
C ARG C 54 44.96 22.13 34.01
N ALA C 55 44.58 23.32 33.56
CA ALA C 55 43.69 23.47 32.41
C ALA C 55 44.07 24.75 31.71
N GLU C 56 43.21 25.18 30.79
CA GLU C 56 43.50 26.31 29.92
C GLU C 56 42.26 27.20 29.76
N LEU C 57 42.50 28.50 29.81
CA LEU C 57 41.45 29.50 29.78
C LEU C 57 41.90 30.61 28.85
N ASP C 58 41.12 30.79 27.77
CA ASP C 58 41.53 31.67 26.67
C ASP C 58 43.00 31.42 26.31
N GLY C 59 43.35 30.15 26.14
CA GLY C 59 44.71 29.77 25.74
C GLY C 59 45.81 29.98 26.76
N LYS C 60 45.43 30.32 28.00
CA LYS C 60 46.41 30.49 29.08
C LYS C 60 46.28 29.36 30.12
N PRO C 61 47.42 28.82 30.57
CA PRO C 61 47.39 27.75 31.56
C PRO C 61 46.91 28.27 32.92
N VAL C 62 46.09 27.45 33.59
CA VAL C 62 45.49 27.83 34.86
C VAL C 62 45.54 26.62 35.77
N ILE C 63 45.85 26.83 37.05
CA ILE C 63 45.89 25.73 38.01
C ILE C 63 44.56 25.67 38.82
N VAL C 64 44.11 24.44 39.11
CA VAL C 64 43.06 24.20 40.09
C VAL C 64 43.64 23.24 41.13
N CYS C 65 43.61 23.63 42.41
CA CYS C 65 44.30 22.92 43.46
C CYS C 65 43.53 23.00 44.78
N SER C 66 43.32 21.85 45.41
CA SER C 66 42.51 21.83 46.64
C SER C 66 43.31 22.19 47.90
N THR C 67 42.67 22.88 48.82
CA THR C 67 43.38 23.27 50.03
C THR C 67 43.19 22.33 51.19
N GLY C 68 42.14 21.50 51.13
CA GLY C 68 41.64 20.82 52.29
C GLY C 68 40.89 21.80 53.16
N ILE C 69 40.39 21.34 54.30
CA ILE C 69 39.70 22.19 55.25
C ILE C 69 40.70 22.89 56.19
N GLY C 70 40.57 24.21 56.32
CA GLY C 70 41.27 24.96 57.36
C GLY C 70 42.49 25.73 56.91
N GLY C 71 42.83 26.74 57.70
CA GLY C 71 44.00 27.57 57.43
C GLY C 71 45.29 26.80 57.25
N PRO C 72 45.62 25.88 58.16
CA PRO C 72 46.93 25.21 58.09
C PRO C 72 47.17 24.57 56.76
N SER C 73 46.25 23.75 56.26
CA SER C 73 46.55 23.08 55.00
C SER C 73 46.44 24.04 53.83
N THR C 74 45.52 25.01 53.95
CA THR C 74 45.49 26.13 53.02
C THR C 74 46.86 26.80 52.89
N SER C 75 47.49 27.09 54.02
CA SER C 75 48.75 27.79 53.99
C SER C 75 49.84 26.96 53.31
N ILE C 76 49.74 25.63 53.41
CA ILE C 76 50.71 24.82 52.71
C ILE C 76 50.50 24.96 51.17
N ALA C 77 49.25 24.81 50.75
CA ALA C 77 48.92 24.83 49.33
C ALA C 77 49.34 26.16 48.73
N VAL C 78 48.98 27.26 49.39
CA VAL C 78 49.24 28.59 48.85
C VAL C 78 50.75 28.88 48.77
N GLU C 79 51.48 28.60 49.85
CA GLU C 79 52.91 28.81 49.90
C GLU C 79 53.56 28.03 48.77
N GLU C 80 53.16 26.78 48.59
CA GLU C 80 53.90 25.94 47.66
C GLU C 80 53.56 26.32 46.21
N LEU C 81 52.31 26.73 46.01
CA LEU C 81 51.91 27.21 44.69
C LEU C 81 52.66 28.50 44.39
N ALA C 82 52.82 29.34 45.41
CA ALA C 82 53.53 30.60 45.24
C ALA C 82 54.98 30.32 44.80
N GLN C 83 55.59 29.31 45.44
CA GLN C 83 56.93 28.88 45.08
C GLN C 83 56.99 28.41 43.64
N LEU C 84 55.91 27.86 43.12
CA LEU C 84 55.94 27.40 41.73
C LEU C 84 55.54 28.45 40.70
N GLY C 85 55.24 29.67 41.15
CA GLY C 85 54.94 30.73 40.22
C GLY C 85 53.53 31.31 40.26
N ILE C 86 52.59 30.75 41.04
CA ILE C 86 51.26 31.33 41.14
C ILE C 86 51.30 32.67 41.89
N ARG C 87 50.66 33.69 41.32
CA ARG C 87 50.55 35.02 41.93
C ARG C 87 49.12 35.49 42.24
N THR C 88 48.12 34.76 41.76
CA THR C 88 46.71 35.09 41.99
C THR C 88 45.97 33.86 42.47
N PHE C 89 45.25 34.01 43.58
CA PHE C 89 44.51 32.89 44.16
C PHE C 89 43.01 33.22 44.23
N LEU C 90 42.20 32.38 43.59
CA LEU C 90 40.75 32.59 43.71
C LEU C 90 40.18 31.42 44.47
N ARG C 91 39.60 31.71 45.62
CA ARG C 91 38.97 30.66 46.38
C ARG C 91 37.48 30.52 46.05
N ILE C 92 37.07 29.28 45.85
CA ILE C 92 35.69 28.94 45.57
C ILE C 92 35.23 28.01 46.70
N GLY C 93 34.17 28.40 47.40
CA GLY C 93 33.70 27.58 48.51
C GLY C 93 32.21 27.32 48.59
N THR C 94 31.84 26.58 49.62
CA THR C 94 30.46 26.51 50.15
C THR C 94 30.44 27.15 51.53
N THR C 95 29.29 27.73 51.87
CA THR C 95 29.20 28.48 53.11
C THR C 95 27.81 28.41 53.70
N GLY C 96 27.72 28.74 54.98
CA GLY C 96 26.45 28.95 55.63
C GLY C 96 26.26 30.41 56.01
N ALA C 97 25.19 31.02 55.49
CA ALA C 97 24.88 32.40 55.84
C ALA C 97 24.34 32.53 57.26
N ILE C 98 24.58 33.71 57.85
CA ILE C 98 24.06 34.04 59.20
C ILE C 98 23.17 35.27 59.17
N GLN C 99 22.93 35.82 57.98
CA GLN C 99 21.95 36.90 57.82
C GLN C 99 20.65 36.35 57.26
N PRO C 100 19.51 36.73 57.82
CA PRO C 100 18.22 36.19 57.38
C PRO C 100 17.85 36.59 55.96
N HIS C 101 18.44 37.65 55.41
CA HIS C 101 18.08 38.11 54.06
C HIS C 101 18.86 37.37 52.98
N ILE C 102 19.88 36.59 53.37
CA ILE C 102 20.71 35.87 52.42
C ILE C 102 20.15 34.47 52.25
N ASN C 103 19.86 34.07 51.03
CA ASN C 103 19.21 32.78 50.77
C ASN C 103 20.11 31.72 50.23
N VAL C 104 19.73 30.46 50.46
CA VAL C 104 20.39 29.30 49.84
C VAL C 104 20.30 29.52 48.34
N GLY C 105 21.45 29.54 47.67
CA GLY C 105 21.48 29.84 46.25
C GLY C 105 22.18 31.14 45.93
N ASP C 106 22.25 32.03 46.92
CA ASP C 106 22.88 33.33 46.76
C ASP C 106 24.38 33.13 46.69
N VAL C 107 25.09 34.13 46.19
CA VAL C 107 26.52 34.04 46.05
C VAL C 107 27.16 35.11 46.92
N LEU C 108 28.20 34.74 47.66
CA LEU C 108 28.86 35.68 48.54
C LEU C 108 30.30 35.97 48.12
N VAL C 109 30.58 37.26 47.91
CA VAL C 109 31.93 37.71 47.63
C VAL C 109 32.46 38.42 48.88
N THR C 110 33.55 37.89 49.44
CA THR C 110 34.13 38.41 50.66
C THR C 110 35.11 39.55 50.37
N THR C 111 34.86 40.73 50.93
CA THR C 111 35.83 41.83 50.85
C THR C 111 36.97 41.66 51.87
N ALA C 112 36.66 41.10 53.06
CA ALA C 112 37.64 40.84 54.09
C ALA C 112 37.04 39.95 55.15
N SER C 113 37.88 39.32 55.96
CA SER C 113 37.42 38.33 56.92
C SER C 113 37.71 38.67 58.37
N VAL C 114 36.76 38.31 59.24
CA VAL C 114 37.03 38.27 60.67
C VAL C 114 38.00 37.10 60.90
N ARG C 115 39.12 37.38 61.55
CA ARG C 115 40.17 36.39 61.68
C ARG C 115 39.95 35.52 62.91
N LEU C 116 39.12 34.49 62.79
CA LEU C 116 38.93 33.54 63.88
C LEU C 116 39.83 32.28 63.72
N ASP C 117 41.01 32.45 63.08
CA ASP C 117 41.88 31.33 62.75
C ASP C 117 43.21 31.48 63.49
N GLY C 118 44.04 30.45 63.49
CA GLY C 118 45.40 30.55 63.99
C GLY C 118 46.43 30.93 62.92
N ALA C 119 46.27 30.45 61.70
CA ALA C 119 47.36 30.52 60.73
C ALA C 119 47.66 31.96 60.33
N SER C 120 46.63 32.79 60.20
CA SER C 120 46.87 34.16 59.72
C SER C 120 47.87 34.88 60.63
N LEU C 121 47.75 34.64 61.95
CA LEU C 121 48.72 35.18 62.90
C LEU C 121 50.17 34.77 62.58
N HIS C 122 50.36 33.73 61.78
CA HIS C 122 51.70 33.32 61.40
C HIS C 122 52.26 34.18 60.25
N PHE C 123 51.43 35.08 59.70
CA PHE C 123 51.85 35.89 58.60
C PHE C 123 51.82 37.38 58.93
N ALA C 124 50.89 37.75 59.78
CA ALA C 124 50.72 39.16 60.17
C ALA C 124 49.97 39.20 61.52
N PRO C 125 50.30 40.16 62.38
CA PRO C 125 49.67 40.22 63.70
C PRO C 125 48.19 40.55 63.52
N LEU C 126 47.40 40.39 64.58
CA LEU C 126 45.94 40.40 64.44
C LEU C 126 45.37 41.71 63.88
N GLU C 127 46.04 42.82 64.16
CA GLU C 127 45.57 44.13 63.71
C GLU C 127 45.59 44.30 62.17
N PHE C 128 46.30 43.40 61.47
CA PHE C 128 46.42 43.46 60.01
C PHE C 128 45.14 42.92 59.40
N PRO C 129 44.57 43.63 58.44
CA PRO C 129 43.26 43.20 57.89
C PRO C 129 43.38 42.00 56.96
N ALA C 130 42.53 40.99 57.16
CA ALA C 130 42.44 39.87 56.22
C ALA C 130 41.63 40.37 55.04
N VAL C 131 42.21 41.24 54.23
CA VAL C 131 41.49 41.91 53.15
C VAL C 131 41.77 41.29 51.78
N ALA C 132 40.70 41.09 50.98
CA ALA C 132 40.84 40.51 49.64
C ALA C 132 41.42 41.55 48.71
N ASP C 133 42.08 41.08 47.63
CA ASP C 133 42.63 41.96 46.60
C ASP C 133 41.53 42.68 45.85
N PHE C 134 41.71 44.00 45.64
CA PHE C 134 40.66 44.79 44.99
C PHE C 134 40.30 44.31 43.58
N GLU C 135 41.32 43.95 42.78
CA GLU C 135 41.04 43.48 41.41
C GLU C 135 40.33 42.14 41.38
N CYS C 136 40.74 41.20 42.24
CA CYS C 136 40.08 39.92 42.34
C CYS C 136 38.62 40.10 42.81
N THR C 137 38.40 40.96 43.81
CA THR C 137 37.05 41.21 44.27
C THR C 137 36.20 41.82 43.16
N THR C 138 36.75 42.77 42.43
CA THR C 138 36.05 43.36 41.30
C THR C 138 35.70 42.29 40.23
N ALA C 139 36.68 41.47 39.83
CA ALA C 139 36.46 40.39 38.90
C ALA C 139 35.36 39.44 39.38
N LEU C 140 35.35 39.13 40.67
CA LEU C 140 34.34 38.23 41.24
C LEU C 140 32.95 38.87 41.20
N VAL C 141 32.87 40.13 41.60
CA VAL C 141 31.59 40.82 41.60
C VAL C 141 31.04 40.97 40.16
N GLU C 142 31.95 41.28 39.22
CA GLU C 142 31.60 41.48 37.81
C GLU C 142 31.16 40.18 37.14
N ALA C 143 31.83 39.09 37.49
CA ALA C 143 31.49 37.76 36.98
C ALA C 143 30.12 37.35 37.48
N ALA C 144 29.87 37.58 38.77
CA ALA C 144 28.55 37.35 39.36
C ALA C 144 27.44 38.11 38.63
N LYS C 145 27.66 39.41 38.40
CA LYS C 145 26.71 40.28 37.69
C LYS C 145 26.42 39.72 36.31
N SER C 146 27.47 39.21 35.67
CA SER C 146 27.43 38.81 34.27
C SER C 146 26.63 37.53 34.01
N ILE C 147 26.52 36.70 35.04
CA ILE C 147 25.69 35.50 34.93
C ILE C 147 24.37 35.65 35.70
N GLY C 148 24.17 36.84 36.27
CA GLY C 148 22.94 37.24 36.92
C GLY C 148 22.58 36.65 38.29
N ALA C 149 23.56 36.14 39.04
CA ALA C 149 23.28 35.56 40.35
C ALA C 149 22.99 36.67 41.35
N THR C 150 22.08 36.41 42.30
CA THR C 150 21.88 37.38 43.40
C THR C 150 23.08 37.28 44.39
N THR C 151 23.72 38.43 44.59
CA THR C 151 25.04 38.46 45.17
C THR C 151 25.10 39.37 46.39
N HIS C 152 25.83 38.93 47.41
CA HIS C 152 26.14 39.80 48.54
C HIS C 152 27.68 39.99 48.68
N VAL C 153 28.08 41.22 48.93
CA VAL C 153 29.47 41.60 49.04
C VAL C 153 29.71 42.17 50.44
N GLY C 154 30.66 41.60 51.17
CA GLY C 154 30.86 42.00 52.53
C GLY C 154 31.83 41.12 53.29
N VAL C 155 31.68 41.12 54.61
CA VAL C 155 32.63 40.56 55.53
C VAL C 155 32.22 39.17 55.92
N THR C 156 33.22 38.29 56.02
CA THR C 156 33.00 36.88 56.34
C THR C 156 33.74 36.52 57.61
N ALA C 157 33.10 35.76 58.48
CA ALA C 157 33.80 35.24 59.67
C ALA C 157 34.49 33.89 59.33
N SER C 158 35.79 33.84 59.51
CA SER C 158 36.59 32.70 59.09
C SER C 158 37.12 31.96 60.34
N SER C 159 36.55 30.78 60.62
CA SER C 159 36.79 30.11 61.88
C SER C 159 37.65 28.84 61.75
N ASP C 160 38.56 28.64 62.69
CA ASP C 160 39.34 27.41 62.76
C ASP C 160 38.52 26.18 63.10
N THR C 161 37.25 26.34 63.48
CA THR C 161 36.43 25.14 63.73
C THR C 161 35.12 25.25 63.03
N PHE C 162 34.53 24.11 62.74
CA PHE C 162 33.22 24.07 62.12
C PHE C 162 32.14 24.17 63.23
N TYR C 163 32.48 23.69 64.43
CA TYR C 163 31.51 23.55 65.50
C TYR C 163 31.49 24.71 66.54
N PRO C 164 32.36 24.71 67.54
CA PRO C 164 32.26 25.76 68.57
C PRO C 164 32.52 27.16 67.97
N GLY C 165 33.46 27.29 67.04
CA GLY C 165 33.84 28.60 66.54
C GLY C 165 32.73 29.22 65.69
N GLN C 166 31.79 28.37 65.30
CA GLN C 166 30.63 28.86 64.58
C GLN C 166 29.42 28.74 65.52
N GLU C 167 29.67 28.72 66.82
CA GLU C 167 28.62 28.56 67.82
C GLU C 167 27.53 27.50 67.56
N ARG C 168 27.96 26.31 67.19
CA ARG C 168 27.08 25.17 67.08
C ARG C 168 27.05 24.47 68.43
N TYR C 169 25.85 24.24 68.94
CA TYR C 169 25.63 23.54 70.20
C TYR C 169 25.24 22.09 70.02
N ASP C 170 24.94 21.66 68.80
CA ASP C 170 24.43 20.31 68.64
C ASP C 170 25.59 19.35 68.41
N THR C 171 26.32 19.04 69.48
CA THR C 171 27.66 18.43 69.40
C THR C 171 27.79 17.43 70.51
N TYR C 172 28.98 16.85 70.63
CA TYR C 172 29.24 15.82 71.63
C TYR C 172 29.11 16.36 73.05
N SER C 173 29.68 17.54 73.27
CA SER C 173 29.68 18.16 74.57
C SER C 173 28.45 19.03 74.77
N GLY C 174 27.91 19.58 73.69
CA GLY C 174 26.76 20.46 73.72
C GLY C 174 27.05 21.83 74.30
N ARG C 175 28.32 22.19 74.32
CA ARG C 175 28.71 23.44 74.91
C ARG C 175 29.74 24.17 74.05
N VAL C 176 29.83 25.49 74.27
CA VAL C 176 30.74 26.34 73.55
C VAL C 176 31.63 27.10 74.55
N VAL C 177 32.92 27.15 74.27
CA VAL C 177 33.85 27.86 75.14
C VAL C 177 33.40 29.33 75.38
N ARG C 178 33.60 29.82 76.60
CA ARG C 178 33.20 31.18 76.98
C ARG C 178 33.47 32.23 75.89
N HIS C 179 34.66 32.20 75.33
CA HIS C 179 35.00 33.16 74.31
C HIS C 179 34.01 33.23 73.13
N PHE C 180 33.43 32.10 72.71
CA PHE C 180 32.57 32.09 71.53
C PHE C 180 31.05 32.11 71.82
N LYS C 181 30.72 32.00 73.11
CA LYS C 181 29.33 32.04 73.56
C LYS C 181 28.76 33.38 73.20
N GLY C 182 27.66 33.37 72.46
CA GLY C 182 27.05 34.61 72.00
C GLY C 182 27.78 35.30 70.86
N SER C 183 28.76 34.63 70.26
CA SER C 183 29.55 35.27 69.24
C SER C 183 28.79 35.41 67.93
N MET C 184 27.93 34.45 67.61
CA MET C 184 27.24 34.53 66.32
C MET C 184 26.31 35.74 66.27
N GLU C 185 25.57 35.96 67.34
CA GLU C 185 24.73 37.12 67.41
C GLU C 185 25.57 38.41 67.25
N GLU C 186 26.80 38.46 67.78
CA GLU C 186 27.67 39.64 67.61
C GLU C 186 28.05 39.85 66.15
N TRP C 187 28.52 38.80 65.50
CA TRP C 187 28.89 38.94 64.09
C TRP C 187 27.68 39.36 63.25
N GLN C 188 26.52 38.79 63.59
CA GLN C 188 25.25 39.08 62.93
C GLN C 188 24.97 40.59 63.01
N ALA C 189 25.11 41.15 64.20
CA ALA C 189 24.81 42.56 64.44
C ALA C 189 25.76 43.43 63.64
N MET C 190 26.96 42.92 63.39
CA MET C 190 28.02 43.67 62.80
C MET C 190 28.00 43.57 61.29
N GLY C 191 27.02 42.85 60.76
CA GLY C 191 26.85 42.81 59.33
C GLY C 191 27.55 41.68 58.64
N VAL C 192 28.18 40.79 59.41
CA VAL C 192 28.94 39.67 58.86
C VAL C 192 27.99 38.75 58.11
N MET C 193 28.39 38.30 56.92
CA MET C 193 27.50 37.52 56.05
C MET C 193 27.43 36.06 56.41
N ASN C 194 28.58 35.49 56.76
CA ASN C 194 28.65 34.02 56.78
C ASN C 194 29.86 33.52 57.53
N TYR C 195 29.88 32.21 57.78
CA TYR C 195 31.05 31.51 58.35
C TYR C 195 31.61 30.58 57.31
N GLU C 196 32.92 30.56 57.20
CA GLU C 196 33.66 29.53 56.50
C GLU C 196 35.03 29.38 57.18
N MET C 197 35.91 28.58 56.62
CA MET C 197 37.04 28.15 57.43
C MET C 197 38.43 28.40 56.86
N GLU C 198 38.56 29.14 55.78
CA GLU C 198 39.86 29.26 55.14
C GLU C 198 40.28 30.67 54.77
N SER C 199 39.32 31.59 54.66
CA SER C 199 39.58 32.86 54.03
C SER C 199 40.52 33.76 54.86
N ALA C 200 40.39 33.69 56.18
CA ALA C 200 41.20 34.54 57.01
C ALA C 200 42.68 34.21 56.72
N THR C 201 43.02 32.93 56.71
CA THR C 201 44.36 32.51 56.37
C THR C 201 44.74 32.93 54.95
N LEU C 202 43.89 32.57 53.98
CA LEU C 202 44.17 32.87 52.59
C LEU C 202 44.41 34.36 52.37
N LEU C 203 43.47 35.18 52.81
CA LEU C 203 43.53 36.61 52.51
C LEU C 203 44.72 37.27 53.23
N THR C 204 44.96 36.88 54.49
CA THR C 204 46.04 37.50 55.24
C THR C 204 47.38 37.13 54.64
N MET C 205 47.57 35.83 54.33
CA MET C 205 48.87 35.41 53.84
C MET C 205 49.18 36.02 52.45
N CYS C 206 48.15 36.17 51.61
CA CYS C 206 48.34 36.80 50.30
C CYS C 206 48.53 38.31 50.41
N ALA C 207 47.69 38.96 51.22
CA ALA C 207 47.73 40.41 51.39
C ALA C 207 49.08 40.90 51.96
N SER C 208 49.74 40.04 52.70
CA SER C 208 50.96 40.45 53.37
C SER C 208 52.20 39.98 52.61
N GLN C 209 52.01 39.41 51.42
CA GLN C 209 53.13 38.84 50.66
C GLN C 209 53.12 39.22 49.17
N GLY C 210 52.31 40.23 48.85
CA GLY C 210 52.18 40.71 47.49
C GLY C 210 51.44 39.77 46.58
N LEU C 211 50.68 38.81 47.11
CA LEU C 211 49.89 37.91 46.28
C LEU C 211 48.47 38.40 46.21
N ARG C 212 47.82 38.21 45.07
CA ARG C 212 46.42 38.62 44.90
C ARG C 212 45.51 37.48 45.29
N ALA C 213 44.54 37.73 46.15
CA ALA C 213 43.52 36.73 46.50
C ALA C 213 42.09 37.27 46.52
N GLY C 214 41.14 36.41 46.15
CA GLY C 214 39.73 36.75 46.18
C GLY C 214 38.98 35.56 46.70
N MET C 215 37.76 35.76 47.16
CA MET C 215 36.94 34.71 47.73
C MET C 215 35.50 34.80 47.28
N VAL C 216 34.96 33.66 46.86
CA VAL C 216 33.54 33.56 46.49
C VAL C 216 32.99 32.22 46.98
N ALA C 217 31.78 32.26 47.51
CA ALA C 217 31.15 31.02 47.95
C ALA C 217 29.65 31.02 47.65
N GLY C 218 29.10 29.82 47.48
CA GLY C 218 27.67 29.64 47.32
C GLY C 218 27.10 29.26 48.67
N VAL C 219 25.94 29.82 48.97
CA VAL C 219 25.23 29.54 50.22
C VAL C 219 24.46 28.22 50.16
N ILE C 220 24.87 27.28 51.00
CA ILE C 220 24.21 25.97 51.06
C ILE C 220 23.25 25.80 52.26
N VAL C 221 23.42 26.61 53.30
CA VAL C 221 22.52 26.59 54.44
C VAL C 221 22.43 27.97 55.09
N ASN C 222 21.31 28.21 55.78
CA ASN C 222 21.12 29.40 56.58
C ASN C 222 20.98 29.11 58.07
N ARG C 223 21.92 29.67 58.83
CA ARG C 223 22.00 29.43 60.26
C ARG C 223 20.84 30.00 61.07
N THR C 224 20.06 30.90 60.46
CA THR C 224 18.95 31.48 61.19
C THR C 224 17.77 30.52 61.20
N GLN C 225 17.98 29.30 60.68
CA GLN C 225 16.98 28.22 60.79
C GLN C 225 17.53 26.85 61.25
N GLN C 226 18.84 26.64 61.05
CA GLN C 226 19.47 25.32 61.14
C GLN C 226 20.97 25.42 61.44
N GLU C 227 21.50 24.41 62.15
CA GLU C 227 22.94 24.24 62.30
C GLU C 227 23.54 23.38 61.17
N ILE C 228 23.10 22.13 61.08
CA ILE C 228 23.53 21.19 60.04
C ILE C 228 22.69 21.35 58.74
N PRO C 229 23.34 21.56 57.59
CA PRO C 229 22.67 21.46 56.27
C PRO C 229 22.01 20.10 56.04
N MET C 234 20.35 23.25 44.92
CA MET C 234 21.49 23.11 45.81
C MET C 234 22.79 22.75 45.05
N LYS C 235 22.72 21.71 44.21
CA LYS C 235 23.85 21.36 43.32
C LYS C 235 24.03 22.44 42.24
N GLN C 236 22.95 23.17 41.98
CA GLN C 236 22.92 24.24 40.99
C GLN C 236 23.45 25.55 41.56
N THR C 237 23.55 25.61 42.89
CA THR C 237 24.07 26.78 43.60
C THR C 237 25.58 26.85 43.50
N GLU C 238 26.24 25.71 43.73
CA GLU C 238 27.69 25.63 43.60
C GLU C 238 28.13 25.65 42.14
N SER C 239 27.23 25.19 41.25
CA SER C 239 27.38 25.37 39.80
C SER C 239 27.43 26.85 39.41
N HIS C 240 26.71 27.70 40.15
CA HIS C 240 26.69 29.13 39.93
C HIS C 240 28.03 29.70 40.38
N ALA C 241 28.40 29.38 41.62
CA ALA C 241 29.63 29.87 42.19
C ALA C 241 30.86 29.42 41.40
N VAL C 242 30.88 28.18 40.95
CA VAL C 242 32.00 27.68 40.16
C VAL C 242 32.08 28.42 38.82
N LYS C 243 30.93 28.61 38.17
CA LYS C 243 30.84 29.37 36.93
C LYS C 243 31.38 30.76 37.20
N ILE C 244 31.02 31.35 38.33
CA ILE C 244 31.45 32.69 38.66
C ILE C 244 32.97 32.76 38.84
N VAL C 245 33.56 31.79 39.54
CA VAL C 245 34.99 31.82 39.82
C VAL C 245 35.82 31.63 38.57
N VAL C 246 35.34 30.79 37.67
CA VAL C 246 36.05 30.57 36.41
C VAL C 246 35.99 31.83 35.56
N GLU C 247 34.83 32.47 35.51
CA GLU C 247 34.64 33.69 34.71
C GLU C 247 35.50 34.83 35.26
N ALA C 248 35.68 34.87 36.58
CA ALA C 248 36.51 35.87 37.22
C ALA C 248 37.94 35.61 36.84
N ALA C 249 38.32 34.34 36.85
CA ALA C 249 39.66 33.94 36.46
C ALA C 249 39.95 34.47 35.08
N ARG C 250 39.02 34.24 34.16
CA ARG C 250 39.10 34.77 32.82
C ARG C 250 39.50 36.26 32.77
N ARG C 251 38.86 37.07 33.64
CA ARG C 251 39.10 38.52 33.68
C ARG C 251 40.40 38.92 34.38
N LEU C 252 41.05 37.99 35.07
CA LEU C 252 42.26 38.31 35.83
C LEU C 252 43.50 37.83 35.15
N LEU C 253 43.33 37.26 33.95
CA LEU C 253 44.41 36.59 33.22
C LEU C 253 45.33 37.53 32.47
N SER D 4 24.03 8.74 56.34
CA SER D 4 25.17 9.11 57.23
C SER D 4 24.78 9.96 58.45
N ASP D 5 25.40 9.70 59.60
CA ASP D 5 25.00 10.32 60.88
C ASP D 5 25.79 11.59 61.19
N VAL D 6 26.90 11.79 60.49
CA VAL D 6 27.75 12.94 60.77
C VAL D 6 27.93 13.75 59.50
N PHE D 7 28.19 15.05 59.65
CA PHE D 7 28.15 15.91 58.48
C PHE D 7 29.33 15.75 57.49
N HIS D 8 30.51 15.38 57.97
CA HIS D 8 31.70 15.34 57.12
C HIS D 8 32.25 13.95 56.79
N LEU D 9 32.29 13.05 57.79
CA LEU D 9 32.95 11.76 57.65
C LEU D 9 32.20 10.70 56.85
N GLY D 10 30.91 10.89 56.66
CA GLY D 10 30.08 9.91 55.98
C GLY D 10 30.04 8.56 56.65
N LEU D 11 29.90 8.54 57.98
CA LEU D 11 29.84 7.31 58.79
C LEU D 11 28.57 7.27 59.61
N THR D 12 28.15 6.06 60.00
CA THR D 12 27.02 5.92 60.92
C THR D 12 27.54 5.21 62.16
N LYS D 13 26.85 5.38 63.28
CA LYS D 13 27.17 4.67 64.53
C LYS D 13 27.43 3.21 64.23
N ASN D 14 26.59 2.68 63.34
CA ASN D 14 26.61 1.29 62.98
C ASN D 14 27.88 0.84 62.25
N ASP D 15 28.46 1.74 61.44
CA ASP D 15 29.69 1.45 60.70
C ASP D 15 30.82 1.13 61.66
N LEU D 16 30.78 1.74 62.83
CA LEU D 16 31.83 1.60 63.83
C LEU D 16 31.75 0.28 64.61
N GLN D 17 30.54 -0.30 64.67
CA GLN D 17 30.31 -1.59 65.29
C GLN D 17 30.85 -1.69 66.71
N GLY D 18 30.59 -0.64 67.47
CA GLY D 18 30.91 -0.60 68.89
C GLY D 18 32.31 -0.14 69.20
N ALA D 19 33.11 0.16 68.17
CA ALA D 19 34.46 0.71 68.33
C ALA D 19 34.43 1.94 69.20
N THR D 20 35.41 2.05 70.09
CA THR D 20 35.52 3.21 70.96
C THR D 20 36.92 3.80 70.95
N LEU D 21 37.81 3.20 70.15
CA LEU D 21 39.16 3.71 69.95
C LEU D 21 39.45 4.03 68.47
N ALA D 22 40.11 5.16 68.23
CA ALA D 22 40.53 5.50 66.87
C ALA D 22 42.03 5.86 66.82
N ILE D 23 42.71 5.29 65.84
CA ILE D 23 44.04 5.75 65.50
C ILE D 23 43.81 6.81 64.43
N VAL D 24 44.34 8.01 64.64
CA VAL D 24 44.09 9.13 63.72
C VAL D 24 45.38 9.66 63.09
N PRO D 25 45.79 9.10 61.95
CA PRO D 25 46.92 9.63 61.19
C PRO D 25 46.47 10.91 60.48
N GLY D 26 47.42 11.66 59.93
CA GLY D 26 47.07 12.89 59.25
C GLY D 26 46.73 12.67 57.80
N ASP D 27 47.45 11.76 57.15
CA ASP D 27 47.38 11.53 55.70
C ASP D 27 46.38 10.44 55.33
N PRO D 28 45.39 10.77 54.52
CA PRO D 28 44.40 9.77 54.08
C PRO D 28 45.04 8.51 53.49
N ASP D 29 46.08 8.65 52.68
CA ASP D 29 46.71 7.52 52.03
C ASP D 29 47.44 6.61 52.99
N ARG D 30 47.64 7.04 54.24
CA ARG D 30 48.33 6.17 55.18
C ARG D 30 47.33 5.42 56.07
N VAL D 31 46.04 5.72 55.93
CA VAL D 31 44.96 5.01 56.68
C VAL D 31 44.92 3.50 56.41
N GLU D 32 44.77 3.13 55.13
CA GLU D 32 44.76 1.73 54.71
C GLU D 32 45.98 0.95 55.19
N LYS D 33 47.16 1.60 55.11
CA LYS D 33 48.42 1.02 55.54
C LYS D 33 48.41 0.63 57.01
N ILE D 34 47.88 1.50 57.86
CA ILE D 34 47.80 1.26 59.31
C ILE D 34 46.79 0.18 59.55
N ALA D 35 45.58 0.35 59.01
CA ALA D 35 44.55 -0.69 59.12
C ALA D 35 45.08 -2.10 58.80
N ALA D 36 45.87 -2.20 57.74
CA ALA D 36 46.33 -3.48 57.24
C ALA D 36 47.21 -4.22 58.26
N LEU D 37 47.66 -3.52 59.31
CA LEU D 37 48.49 -4.17 60.31
C LEU D 37 47.61 -4.85 61.32
N MET D 38 46.30 -4.67 61.21
CA MET D 38 45.33 -5.29 62.13
C MET D 38 44.51 -6.35 61.38
N ASP D 39 43.48 -6.90 62.03
CA ASP D 39 42.70 -7.99 61.42
C ASP D 39 41.47 -7.47 60.73
N LYS D 40 41.07 -8.16 59.67
CA LYS D 40 39.84 -7.86 58.92
C LYS D 40 39.64 -6.38 58.59
N PRO D 41 40.65 -5.78 57.95
CA PRO D 41 40.59 -4.37 57.58
C PRO D 41 39.53 -4.14 56.53
N VAL D 42 38.77 -3.07 56.68
CA VAL D 42 37.67 -2.76 55.80
C VAL D 42 37.59 -1.24 55.61
N LYS D 43 37.52 -0.79 54.36
CA LYS D 43 37.29 0.63 54.09
C LYS D 43 35.84 1.00 54.41
N LEU D 44 35.62 2.09 55.13
CA LEU D 44 34.25 2.48 55.47
C LEU D 44 33.77 3.67 54.64
N ALA D 45 34.64 4.64 54.42
CA ALA D 45 34.29 5.88 53.78
C ALA D 45 35.50 6.73 53.41
N SER D 46 35.28 7.62 52.46
CA SER D 46 36.30 8.54 52.01
C SER D 46 35.62 9.82 51.49
N HIS D 47 35.78 10.90 52.23
CA HIS D 47 35.26 12.19 51.85
C HIS D 47 36.28 13.27 52.24
N ARG D 48 36.53 14.20 51.31
CA ARG D 48 37.53 15.24 51.53
C ARG D 48 38.80 14.59 52.08
N GLU D 49 39.41 15.13 53.13
CA GLU D 49 40.64 14.54 53.64
C GLU D 49 40.36 13.42 54.63
N PHE D 50 39.12 12.98 54.76
CA PHE D 50 38.78 12.06 55.83
C PHE D 50 38.54 10.68 55.28
N THR D 51 39.52 9.81 55.48
CA THR D 51 39.39 8.44 55.04
C THR D 51 39.32 7.51 56.25
N THR D 52 38.30 6.66 56.26
CA THR D 52 38.06 5.82 57.44
C THR D 52 38.07 4.34 57.11
N TRP D 53 38.92 3.61 57.82
CA TRP D 53 38.88 2.16 57.78
C TRP D 53 38.51 1.63 59.16
N ARG D 54 37.94 0.43 59.17
CA ARG D 54 37.70 -0.29 60.42
C ARG D 54 38.54 -1.56 60.36
N ALA D 55 39.18 -1.91 61.47
CA ALA D 55 39.80 -3.22 61.62
C ALA D 55 39.50 -3.82 63.01
N GLU D 56 40.09 -4.96 63.27
CA GLU D 56 39.88 -5.68 64.52
C GLU D 56 41.23 -5.91 65.19
N LEU D 57 41.27 -5.70 66.50
CA LEU D 57 42.49 -5.80 67.26
C LEU D 57 42.17 -6.58 68.52
N ASP D 58 42.81 -7.74 68.66
CA ASP D 58 42.46 -8.70 69.71
C ASP D 58 40.97 -8.86 69.79
N GLY D 59 40.33 -9.05 68.63
CA GLY D 59 38.89 -9.29 68.58
C GLY D 59 37.98 -8.10 68.86
N LYS D 60 38.55 -6.90 68.99
CA LYS D 60 37.74 -5.70 69.17
C LYS D 60 37.85 -4.76 67.97
N PRO D 61 36.73 -4.17 67.54
CA PRO D 61 36.72 -3.19 66.46
C PRO D 61 37.45 -1.87 66.82
N VAL D 62 38.27 -1.42 65.87
CA VAL D 62 39.10 -0.25 66.04
C VAL D 62 38.98 0.56 64.76
N ILE D 63 38.97 1.89 64.89
CA ILE D 63 38.84 2.78 63.73
C ILE D 63 40.20 3.37 63.39
N VAL D 64 40.43 3.53 62.08
CA VAL D 64 41.53 4.35 61.58
C VAL D 64 40.95 5.44 60.69
N CYS D 65 41.16 6.68 61.10
CA CYS D 65 40.53 7.82 60.42
C CYS D 65 41.53 8.99 60.26
N SER D 66 41.66 9.53 59.05
CA SER D 66 42.67 10.56 58.80
C SER D 66 42.12 11.93 59.13
N THR D 67 42.99 12.82 59.59
CA THR D 67 42.53 14.13 60.04
C THR D 67 42.74 15.18 59.00
N GLY D 68 43.59 14.90 58.03
CA GLY D 68 44.09 15.93 57.12
C GLY D 68 45.18 16.64 57.91
N ILE D 69 45.77 17.68 57.31
CA ILE D 69 46.73 18.57 58.01
C ILE D 69 46.02 19.69 58.81
N GLY D 70 46.34 19.82 60.08
CA GLY D 70 45.92 20.99 60.83
C GLY D 70 44.77 20.86 61.82
N GLY D 71 44.77 21.73 62.83
CA GLY D 71 43.73 21.79 63.85
C GLY D 71 42.30 21.75 63.30
N PRO D 72 41.95 22.61 62.35
CA PRO D 72 40.57 22.67 61.85
C PRO D 72 40.03 21.35 61.38
N SER D 73 40.68 20.69 60.42
CA SER D 73 40.13 19.42 59.97
C SER D 73 40.22 18.38 61.08
N THR D 74 41.26 18.44 61.89
CA THR D 74 41.37 17.52 63.05
C THR D 74 40.16 17.69 63.96
N SER D 75 39.81 18.93 64.25
CA SER D 75 38.69 19.20 65.13
C SER D 75 37.39 18.61 64.56
N ILE D 76 37.23 18.65 63.24
CA ILE D 76 36.06 18.00 62.64
C ILE D 76 36.07 16.46 62.81
N ALA D 77 37.18 15.82 62.45
CA ALA D 77 37.31 14.37 62.58
C ALA D 77 37.02 13.91 64.00
N VAL D 78 37.62 14.60 64.96
CA VAL D 78 37.54 14.20 66.36
C VAL D 78 36.13 14.39 66.90
N GLU D 79 35.52 15.52 66.57
CA GLU D 79 34.15 15.80 67.01
C GLU D 79 33.19 14.73 66.50
N GLU D 80 33.31 14.42 65.22
CA GLU D 80 32.32 13.58 64.61
C GLU D 80 32.54 12.11 64.99
N LEU D 81 33.80 11.74 65.17
CA LEU D 81 34.10 10.41 65.69
C LEU D 81 33.56 10.30 67.13
N ALA D 82 33.70 11.37 67.93
CA ALA D 82 33.20 11.34 69.29
C ALA D 82 31.66 11.11 69.30
N GLN D 83 30.99 11.82 68.39
CA GLN D 83 29.55 11.67 68.23
C GLN D 83 29.20 10.22 67.93
N LEU D 84 30.05 9.54 67.17
CA LEU D 84 29.82 8.15 66.79
C LEU D 84 30.19 7.17 67.89
N GLY D 85 30.87 7.63 68.93
CA GLY D 85 31.14 6.82 70.10
C GLY D 85 32.62 6.61 70.41
N ILE D 86 33.52 7.18 69.63
CA ILE D 86 34.95 7.07 69.93
C ILE D 86 35.23 7.82 71.22
N ARG D 87 36.02 7.22 72.12
CA ARG D 87 36.40 7.88 73.37
C ARG D 87 37.92 7.99 73.55
N THR D 88 38.68 7.37 72.64
CA THR D 88 40.13 7.30 72.76
C THR D 88 40.75 7.55 71.39
N PHE D 89 41.61 8.57 71.32
CA PHE D 89 42.23 8.97 70.08
C PHE D 89 43.74 8.86 70.19
N LEU D 90 44.32 8.07 69.31
CA LEU D 90 45.76 7.99 69.22
C LEU D 90 46.24 8.60 67.90
N ARG D 91 46.96 9.71 68.01
CA ARG D 91 47.46 10.35 66.82
C ARG D 91 48.84 9.86 66.45
N ILE D 92 49.02 9.60 65.16
CA ILE D 92 50.29 9.14 64.67
C ILE D 92 50.69 10.02 63.50
N GLY D 93 51.83 10.70 63.66
CA GLY D 93 52.28 11.71 62.72
C GLY D 93 53.73 11.66 62.30
N THR D 94 54.08 12.54 61.38
CA THR D 94 55.47 12.80 61.09
C THR D 94 55.83 14.12 61.74
N THR D 95 57.11 14.34 61.99
CA THR D 95 57.54 15.52 62.74
C THR D 95 58.97 15.89 62.45
N GLY D 96 59.28 17.16 62.70
CA GLY D 96 60.64 17.68 62.59
C GLY D 96 61.18 17.90 63.98
N ALA D 97 62.32 17.30 64.28
CA ALA D 97 62.92 17.42 65.59
C ALA D 97 63.69 18.74 65.60
N ILE D 98 63.81 19.37 66.76
CA ILE D 98 64.52 20.63 66.83
C ILE D 98 65.65 20.56 67.83
N GLN D 99 65.84 19.39 68.43
CA GLN D 99 66.95 19.18 69.35
C GLN D 99 68.05 18.40 68.64
N PRO D 100 69.31 18.78 68.85
CA PRO D 100 70.42 18.19 68.08
C PRO D 100 70.65 16.73 68.41
N HIS D 101 70.11 16.21 69.50
CA HIS D 101 70.34 14.80 69.83
C HIS D 101 69.22 13.83 69.38
N ILE D 102 68.15 14.35 68.80
CA ILE D 102 67.09 13.51 68.25
C ILE D 102 67.42 13.22 66.77
N ASN D 103 67.41 11.95 66.39
CA ASN D 103 67.70 11.54 65.02
C ASN D 103 66.48 11.25 64.12
N VAL D 104 66.70 11.43 62.81
CA VAL D 104 65.71 11.04 61.83
C VAL D 104 65.50 9.57 62.05
N GLY D 105 64.23 9.16 62.20
CA GLY D 105 63.84 7.79 62.48
C GLY D 105 63.47 7.57 63.93
N ASP D 106 63.77 8.53 64.81
CA ASP D 106 63.43 8.41 66.21
C ASP D 106 61.92 8.54 66.39
N VAL D 107 61.41 8.05 67.51
CA VAL D 107 59.98 8.11 67.81
C VAL D 107 59.76 9.14 68.94
N LEU D 108 58.81 10.04 68.77
CA LEU D 108 58.59 11.02 69.80
C LEU D 108 57.17 10.90 70.36
N VAL D 109 57.09 10.79 71.69
CA VAL D 109 55.82 10.75 72.38
C VAL D 109 55.63 12.08 73.06
N THR D 110 54.49 12.73 72.79
CA THR D 110 54.21 14.06 73.32
C THR D 110 53.46 13.98 74.65
N THR D 111 54.03 14.55 75.71
CA THR D 111 53.30 14.61 76.97
C THR D 111 52.28 15.75 76.93
N ALA D 112 52.66 16.87 76.29
CA ALA D 112 51.81 18.04 76.13
C ALA D 112 52.38 18.94 75.04
N SER D 113 51.56 19.85 74.49
CA SER D 113 51.98 20.68 73.36
C SER D 113 51.99 22.15 73.66
N VAL D 114 52.96 22.85 73.07
CA VAL D 114 52.91 24.31 73.01
C VAL D 114 51.83 24.66 72.00
N ARG D 115 50.88 25.50 72.41
CA ARG D 115 49.70 25.72 71.59
C ARG D 115 49.95 26.83 70.61
N LEU D 116 50.51 26.50 69.44
CA LEU D 116 50.74 27.51 68.39
C LEU D 116 49.65 27.45 67.31
N ASP D 117 48.42 27.07 67.71
CA ASP D 117 47.32 26.80 66.77
C ASP D 117 46.16 27.71 67.12
N GLY D 118 45.12 27.69 66.29
CA GLY D 118 43.95 28.49 66.55
C GLY D 118 42.82 27.67 67.11
N ALA D 119 42.75 26.41 66.68
CA ALA D 119 41.57 25.62 66.95
C ALA D 119 41.46 25.32 68.43
N SER D 120 42.59 25.14 69.11
CA SER D 120 42.52 24.76 70.51
C SER D 120 41.77 25.79 71.32
N LEU D 121 41.94 27.06 70.97
CA LEU D 121 41.26 28.17 71.66
C LEU D 121 39.74 28.08 71.53
N HIS D 122 39.26 27.28 70.60
CA HIS D 122 37.82 27.15 70.40
C HIS D 122 37.20 26.16 71.43
N PHE D 123 38.05 25.47 72.19
CA PHE D 123 37.63 24.49 73.19
C PHE D 123 37.98 24.89 74.59
N ALA D 124 39.14 25.52 74.74
CA ALA D 124 39.60 26.00 76.04
C ALA D 124 40.52 27.23 75.85
N PRO D 125 40.51 28.16 76.80
CA PRO D 125 41.37 29.34 76.70
C PRO D 125 42.85 28.94 76.78
N LEU D 126 43.74 29.86 76.40
CA LEU D 126 45.15 29.53 76.21
C LEU D 126 45.85 28.92 77.45
N GLU D 127 45.42 29.34 78.65
CA GLU D 127 46.05 28.89 79.89
C GLU D 127 45.79 27.40 80.17
N PHE D 128 44.87 26.80 79.45
CA PHE D 128 44.59 25.41 79.67
C PHE D 128 45.63 24.55 78.96
N PRO D 129 46.18 23.56 79.63
CA PRO D 129 47.30 22.80 79.07
C PRO D 129 46.84 21.87 77.94
N ALA D 130 47.54 21.88 76.82
CA ALA D 130 47.31 20.88 75.77
C ALA D 130 48.00 19.57 76.17
N VAL D 131 47.47 18.95 77.24
CA VAL D 131 48.10 17.78 77.85
C VAL D 131 47.54 16.45 77.34
N ALA D 132 48.40 15.47 77.11
CA ALA D 132 47.94 14.15 76.71
C ALA D 132 47.37 13.37 77.89
N ASP D 133 46.53 12.40 77.59
CA ASP D 133 45.99 11.49 78.60
C ASP D 133 47.11 10.61 79.14
N PHE D 134 47.14 10.42 80.45
CA PHE D 134 48.22 9.67 81.07
C PHE D 134 48.24 8.20 80.64
N GLU D 135 47.07 7.58 80.48
CA GLU D 135 47.04 6.16 80.13
C GLU D 135 47.50 5.99 78.68
N CYS D 136 47.11 6.92 77.82
CA CYS D 136 47.55 6.89 76.43
C CYS D 136 49.06 7.08 76.31
N THR D 137 49.59 8.10 77.00
CA THR D 137 51.01 8.35 77.02
C THR D 137 51.75 7.08 77.52
N THR D 138 51.28 6.54 78.64
CA THR D 138 51.91 5.37 79.20
C THR D 138 51.90 4.25 78.15
N ALA D 139 50.76 4.05 77.50
CA ALA D 139 50.65 2.97 76.53
C ALA D 139 51.66 3.17 75.43
N LEU D 140 51.76 4.41 74.93
CA LEU D 140 52.71 4.75 73.85
C LEU D 140 54.15 4.54 74.26
N VAL D 141 54.52 4.99 75.46
CA VAL D 141 55.89 4.85 75.97
C VAL D 141 56.22 3.38 76.14
N GLU D 142 55.32 2.65 76.76
CA GLU D 142 55.50 1.24 77.02
C GLU D 142 55.59 0.44 75.69
N ALA D 143 54.72 0.78 74.74
CA ALA D 143 54.74 0.13 73.43
C ALA D 143 56.10 0.32 72.75
N ALA D 144 56.58 1.56 72.76
CA ALA D 144 57.88 1.86 72.19
C ALA D 144 59.01 1.07 72.88
N LYS D 145 58.88 0.81 74.18
CA LYS D 145 59.93 0.15 74.94
C LYS D 145 60.03 -1.26 74.42
N SER D 146 58.86 -1.85 74.18
CA SER D 146 58.74 -3.26 73.86
C SER D 146 59.15 -3.58 72.43
N ILE D 147 59.06 -2.62 71.52
CA ILE D 147 59.57 -2.88 70.20
C ILE D 147 61.00 -2.33 70.04
N GLY D 148 61.51 -1.74 71.13
CA GLY D 148 62.90 -1.30 71.20
C GLY D 148 63.31 -0.11 70.31
N ALA D 149 62.33 0.69 69.86
CA ALA D 149 62.59 1.87 69.10
C ALA D 149 63.19 2.94 70.00
N THR D 150 64.12 3.75 69.48
CA THR D 150 64.70 4.78 70.32
C THR D 150 63.69 5.95 70.42
N THR D 151 63.35 6.32 71.65
CA THR D 151 62.20 7.15 71.91
C THR D 151 62.52 8.33 72.77
N HIS D 152 61.97 9.48 72.43
CA HIS D 152 62.02 10.61 73.35
C HIS D 152 60.62 11.02 73.79
N VAL D 153 60.50 11.38 75.07
CA VAL D 153 59.24 11.77 75.69
C VAL D 153 59.33 13.21 76.15
N GLY D 154 58.39 14.03 75.73
CA GLY D 154 58.37 15.41 76.21
C GLY D 154 57.39 16.30 75.49
N VAL D 155 57.72 17.59 75.49
CA VAL D 155 56.86 18.63 74.95
C VAL D 155 57.08 18.87 73.45
N THR D 156 55.97 19.13 72.73
CA THR D 156 55.97 19.34 71.29
C THR D 156 55.41 20.73 70.96
N ALA D 157 56.02 21.43 70.02
CA ALA D 157 55.43 22.69 69.56
C ALA D 157 54.49 22.41 68.40
N SER D 158 53.26 22.83 68.54
CA SER D 158 52.24 22.42 67.58
C SER D 158 51.75 23.68 66.84
N SER D 159 52.05 23.73 65.54
CA SER D 159 51.91 24.97 64.79
C SER D 159 50.84 24.91 63.71
N ASP D 160 50.04 25.98 63.61
CA ASP D 160 49.04 26.11 62.56
C ASP D 160 49.66 26.28 61.17
N THR D 161 50.98 26.48 61.09
CA THR D 161 51.61 26.51 59.77
C THR D 161 52.81 25.59 59.69
N PHE D 162 53.17 25.20 58.48
CA PHE D 162 54.35 24.38 58.25
C PHE D 162 55.57 25.30 58.06
N TYR D 163 55.34 26.50 57.53
CA TYR D 163 56.45 27.38 57.18
C TYR D 163 56.74 28.40 58.29
N PRO D 164 56.10 29.58 58.33
CA PRO D 164 56.51 30.61 59.31
C PRO D 164 56.40 30.19 60.80
N GLY D 165 55.35 29.46 61.17
CA GLY D 165 55.14 29.02 62.55
C GLY D 165 56.21 28.05 63.07
N GLN D 166 56.92 27.43 62.12
CA GLN D 166 58.04 26.57 62.45
C GLN D 166 59.34 27.27 62.05
N GLU D 167 59.27 28.58 61.89
CA GLU D 167 60.42 29.38 61.48
C GLU D 167 61.25 28.86 60.27
N ARG D 168 60.58 28.48 59.21
CA ARG D 168 61.28 28.13 57.99
C ARG D 168 61.50 29.41 57.20
N TYR D 169 62.69 29.58 56.62
CA TYR D 169 63.02 30.74 55.81
C TYR D 169 63.09 30.48 54.28
N ASP D 170 63.19 29.22 53.84
CA ASP D 170 63.15 28.93 52.39
C ASP D 170 61.75 28.99 51.87
N THR D 171 61.22 30.19 51.72
CA THR D 171 59.82 30.33 51.37
C THR D 171 59.73 31.36 50.28
N TYR D 172 58.54 31.53 49.71
CA TYR D 172 58.30 32.50 48.70
C TYR D 172 58.84 33.85 49.15
N SER D 173 58.59 34.24 50.39
CA SER D 173 58.88 35.60 50.85
C SER D 173 60.20 35.69 51.58
N GLY D 174 60.65 34.56 52.10
CA GLY D 174 61.85 34.53 52.92
C GLY D 174 61.77 35.26 54.25
N ARG D 175 60.59 35.77 54.65
CA ARG D 175 60.48 36.42 55.96
C ARG D 175 59.68 35.61 56.93
N VAL D 176 59.86 35.91 58.21
CA VAL D 176 59.02 35.37 59.28
C VAL D 176 58.44 36.51 60.12
N VAL D 177 57.15 36.49 60.36
CA VAL D 177 56.53 37.54 61.14
C VAL D 177 57.25 37.76 62.49
N ARG D 178 57.30 39.01 62.89
CA ARG D 178 57.96 39.38 64.14
C ARG D 178 57.76 38.36 65.26
N HIS D 179 56.49 38.04 65.54
CA HIS D 179 56.15 37.12 66.61
C HIS D 179 56.94 35.79 66.61
N PHE D 180 57.26 35.25 65.43
CA PHE D 180 57.93 33.96 65.36
C PHE D 180 59.42 34.06 65.07
N LYS D 181 59.93 35.27 64.81
CA LYS D 181 61.38 35.44 64.58
C LYS D 181 62.14 35.05 65.82
N GLY D 182 63.02 34.09 65.71
CA GLY D 182 63.75 33.68 66.89
C GLY D 182 63.01 32.70 67.79
N SER D 183 61.81 32.27 67.38
CA SER D 183 60.99 31.34 68.13
C SER D 183 61.55 29.92 68.23
N MET D 184 62.07 29.37 67.12
CA MET D 184 62.62 28.00 67.20
C MET D 184 63.68 27.89 68.34
N GLU D 185 64.61 28.83 68.36
CA GLU D 185 65.64 28.82 69.36
C GLU D 185 65.05 28.93 70.80
N GLU D 186 63.96 29.67 70.98
CA GLU D 186 63.35 29.77 72.32
C GLU D 186 62.81 28.40 72.71
N TRP D 187 62.11 27.74 71.79
CA TRP D 187 61.55 26.43 72.08
C TRP D 187 62.66 25.42 72.35
N GLN D 188 63.78 25.47 71.63
CA GLN D 188 64.83 24.52 71.95
C GLN D 188 65.37 24.77 73.32
N ALA D 189 65.55 26.02 73.67
CA ALA D 189 66.10 26.33 74.98
C ALA D 189 65.20 25.78 76.07
N MET D 190 63.91 25.67 75.80
CA MET D 190 62.91 25.20 76.76
C MET D 190 62.73 23.69 76.73
N GLY D 191 63.60 23.00 75.99
CA GLY D 191 63.50 21.57 75.90
C GLY D 191 62.47 20.99 74.96
N VAL D 192 61.82 21.82 74.15
CA VAL D 192 60.79 21.33 73.23
C VAL D 192 61.45 20.42 72.24
N MET D 193 60.82 19.28 71.93
CA MET D 193 61.49 18.26 71.10
C MET D 193 61.33 18.51 69.63
N ASN D 194 60.17 19.01 69.22
CA ASN D 194 59.80 18.95 67.81
C ASN D 194 58.65 19.85 67.45
N TYR D 195 58.41 20.00 66.14
CA TYR D 195 57.27 20.74 65.58
C TYR D 195 56.37 19.74 64.90
N GLU D 196 55.06 19.90 65.05
CA GLU D 196 54.09 19.26 64.19
C GLU D 196 52.87 20.15 64.16
N MET D 197 51.76 19.70 63.58
CA MET D 197 50.67 20.64 63.32
C MET D 197 49.30 20.36 63.92
N GLU D 198 49.13 19.22 64.59
CA GLU D 198 47.77 18.81 65.04
C GLU D 198 47.59 18.57 66.54
N SER D 199 48.69 18.28 67.25
CA SER D 199 48.61 17.82 68.62
C SER D 199 47.95 18.85 69.57
N ALA D 200 48.24 20.13 69.36
CA ALA D 200 47.66 21.13 70.22
C ALA D 200 46.15 21.09 70.17
N THR D 201 45.61 21.03 68.95
CA THR D 201 44.18 20.93 68.83
C THR D 201 43.69 19.62 69.44
N LEU D 202 44.27 18.52 69.01
CA LEU D 202 43.80 17.21 69.44
C LEU D 202 43.79 17.08 70.95
N LEU D 203 44.92 17.42 71.55
CA LEU D 203 45.07 17.23 72.98
C LEU D 203 44.13 18.14 73.80
N THR D 204 44.01 19.39 73.36
CA THR D 204 43.19 20.35 74.05
C THR D 204 41.70 19.96 73.94
N MET D 205 41.27 19.59 72.73
CA MET D 205 39.86 19.31 72.57
C MET D 205 39.49 18.06 73.32
N CYS D 206 40.43 17.12 73.39
CA CYS D 206 40.15 15.91 74.14
C CYS D 206 40.24 16.12 75.63
N ALA D 207 41.34 16.69 76.10
CA ALA D 207 41.53 16.88 77.56
C ALA D 207 40.39 17.66 78.20
N SER D 208 39.79 18.58 77.44
CA SER D 208 38.74 19.45 77.97
C SER D 208 37.33 18.87 77.74
N GLN D 209 37.22 17.67 77.16
CA GLN D 209 35.91 17.05 76.96
C GLN D 209 35.81 15.63 77.46
N GLY D 210 36.72 15.20 78.33
CA GLY D 210 36.64 13.85 78.86
C GLY D 210 37.02 12.76 77.88
N LEU D 211 37.70 13.11 76.80
CA LEU D 211 38.16 12.11 75.85
C LEU D 211 39.66 11.85 76.05
N ARG D 212 40.08 10.61 75.92
CA ARG D 212 41.48 10.28 76.11
C ARG D 212 42.21 10.44 74.81
N ALA D 213 43.36 11.11 74.84
CA ALA D 213 44.16 11.29 73.64
C ALA D 213 45.62 11.04 73.93
N GLY D 214 46.32 10.45 72.96
CA GLY D 214 47.78 10.33 73.03
C GLY D 214 48.38 10.68 71.67
N MET D 215 49.70 10.89 71.65
CA MET D 215 50.36 11.50 70.51
C MET D 215 51.78 10.97 70.27
N VAL D 216 52.02 10.45 69.07
CA VAL D 216 53.30 9.88 68.73
C VAL D 216 53.67 10.18 67.28
N ALA D 217 54.94 10.42 67.03
CA ALA D 217 55.37 10.82 65.68
C ALA D 217 56.73 10.27 65.37
N GLY D 218 56.94 9.95 64.10
CA GLY D 218 58.26 9.54 63.64
C GLY D 218 59.02 10.76 63.12
N VAL D 219 60.29 10.90 63.48
CA VAL D 219 61.07 12.04 63.06
C VAL D 219 61.54 11.91 61.60
N ILE D 220 61.15 12.86 60.75
CA ILE D 220 61.53 12.80 59.34
C ILE D 220 62.57 13.87 58.95
N VAL D 221 62.83 14.80 59.86
CA VAL D 221 63.88 15.78 59.59
C VAL D 221 64.35 16.34 60.92
N ASN D 222 65.61 16.75 60.95
CA ASN D 222 66.12 17.47 62.12
C ASN D 222 66.42 18.90 61.75
N ARG D 223 65.72 19.78 62.41
CA ARG D 223 65.73 21.18 62.04
C ARG D 223 67.03 21.94 62.37
N THR D 224 67.94 21.33 63.12
CA THR D 224 69.24 21.93 63.35
C THR D 224 70.18 21.70 62.15
N GLN D 225 69.68 20.94 61.16
CA GLN D 225 70.43 20.60 59.97
C GLN D 225 69.83 21.17 58.66
N GLN D 226 68.52 21.23 58.58
CA GLN D 226 67.80 21.28 57.32
C GLN D 226 66.38 21.77 57.61
N GLU D 227 65.76 22.41 56.63
CA GLU D 227 64.36 22.80 56.70
C GLU D 227 63.46 21.73 56.04
N ILE D 228 63.89 21.18 54.92
CA ILE D 228 63.06 20.31 54.14
C ILE D 228 63.55 18.86 54.30
N PRO D 229 62.64 17.94 54.63
CA PRO D 229 62.95 16.50 54.70
C PRO D 229 63.44 15.89 53.40
N ASN D 230 64.31 14.87 53.52
CA ASN D 230 65.08 14.32 52.40
C ASN D 230 64.25 13.58 51.34
N SER D 239 56.93 4.52 60.47
CA SER D 239 56.92 3.05 60.31
C SER D 239 57.28 2.31 61.59
N HIS D 240 58.28 2.79 62.33
CA HIS D 240 58.50 2.36 63.69
C HIS D 240 57.34 2.91 64.52
N ALA D 241 56.98 4.17 64.28
CA ALA D 241 55.86 4.84 64.95
C ALA D 241 54.50 4.19 64.69
N VAL D 242 54.28 3.71 63.49
CA VAL D 242 53.04 3.03 63.15
C VAL D 242 52.92 1.75 63.96
N LYS D 243 54.02 0.98 64.02
CA LYS D 243 54.06 -0.23 64.82
C LYS D 243 53.70 0.12 66.27
N ILE D 244 54.27 1.23 66.76
CA ILE D 244 54.07 1.66 68.14
C ILE D 244 52.64 2.07 68.45
N VAL D 245 52.03 2.88 67.58
CA VAL D 245 50.67 3.32 67.81
C VAL D 245 49.68 2.17 67.82
N VAL D 246 49.91 1.16 66.97
CA VAL D 246 49.03 -0.01 66.92
C VAL D 246 49.17 -0.84 68.20
N GLU D 247 50.41 -1.00 68.65
CA GLU D 247 50.67 -1.76 69.85
C GLU D 247 50.13 -1.04 71.06
N ALA D 248 50.20 0.29 71.05
CA ALA D 248 49.61 1.08 72.12
C ALA D 248 48.10 0.94 72.15
N ALA D 249 47.45 1.00 70.99
CA ALA D 249 46.01 0.78 70.88
C ALA D 249 45.62 -0.53 71.54
N ARG D 250 46.41 -1.56 71.27
CA ARG D 250 46.24 -2.88 71.84
C ARG D 250 46.15 -2.83 73.38
N ARG D 251 47.03 -2.06 74.01
CA ARG D 251 47.03 -1.93 75.47
C ARG D 251 45.92 -1.05 76.02
N LEU D 252 45.30 -0.24 75.16
CA LEU D 252 44.24 0.67 75.61
C LEU D 252 42.83 0.15 75.37
N LEU D 253 42.71 -1.09 74.86
CA LEU D 253 41.43 -1.63 74.46
C LEU D 253 40.58 -2.06 75.62
N SER E 4 76.46 31.45 103.17
CA SER E 4 75.29 31.06 102.30
C SER E 4 75.45 31.34 100.77
N ASP E 5 75.15 30.36 99.94
CA ASP E 5 75.32 30.42 98.48
C ASP E 5 74.11 30.99 97.71
N VAL E 6 72.94 31.04 98.34
CA VAL E 6 71.74 31.56 97.68
C VAL E 6 71.11 32.67 98.51
N PHE E 7 70.46 33.62 97.84
CA PHE E 7 70.02 34.83 98.52
C PHE E 7 68.92 34.67 99.56
N HIS E 8 67.94 33.81 99.31
CA HIS E 8 66.79 33.69 100.20
C HIS E 8 66.79 32.49 101.17
N LEU E 9 67.18 31.33 100.66
CA LEU E 9 67.04 30.07 101.39
C LEU E 9 68.02 29.93 102.55
N GLY E 10 69.11 30.69 102.50
CA GLY E 10 70.19 30.60 103.48
C GLY E 10 70.77 29.19 103.57
N LEU E 11 71.17 28.64 102.43
CA LEU E 11 71.76 27.30 102.31
C LEU E 11 73.06 27.39 101.52
N THR E 12 73.92 26.40 101.71
CA THR E 12 75.14 26.22 100.88
C THR E 12 75.10 24.89 100.13
N LYS E 13 75.79 24.80 98.99
CA LYS E 13 75.84 23.55 98.20
C LYS E 13 76.16 22.35 99.13
N ASN E 14 77.10 22.59 100.03
CA ASN E 14 77.52 21.64 101.06
C ASN E 14 76.42 21.06 101.95
N ASP E 15 75.51 21.92 102.41
CA ASP E 15 74.38 21.52 103.25
C ASP E 15 73.57 20.39 102.64
N LEU E 16 73.53 20.34 101.31
CA LEU E 16 72.70 19.40 100.59
C LEU E 16 73.34 18.01 100.45
N GLN E 17 74.65 17.93 100.66
CA GLN E 17 75.43 16.68 100.57
C GLN E 17 75.16 15.88 99.31
N GLY E 18 75.06 16.57 98.18
CA GLY E 18 74.89 15.89 96.91
C GLY E 18 73.45 15.53 96.59
N ALA E 19 72.50 15.96 97.43
CA ALA E 19 71.06 15.77 97.14
C ALA E 19 70.74 16.39 95.80
N THR E 20 69.86 15.70 95.05
CA THR E 20 69.38 16.18 93.77
C THR E 20 67.87 16.13 93.69
N LEU E 21 67.21 15.68 94.75
CA LEU E 21 65.74 15.64 94.74
C LEU E 21 65.19 16.40 95.94
N ALA E 22 64.13 17.17 95.73
CA ALA E 22 63.51 17.91 96.82
C ALA E 22 62.03 17.64 96.85
N ILE E 23 61.49 17.41 98.05
CA ILE E 23 60.05 17.41 98.27
C ILE E 23 59.66 18.82 98.74
N VAL E 24 58.73 19.45 98.03
CA VAL E 24 58.41 20.85 98.28
C VAL E 24 56.96 21.09 98.70
N PRO E 25 56.69 21.05 100.01
CA PRO E 25 55.37 21.38 100.54
C PRO E 25 55.20 22.88 100.56
N GLY E 26 53.99 23.35 100.77
CA GLY E 26 53.78 24.79 100.83
C GLY E 26 54.11 25.40 102.17
N ASP E 27 53.82 24.67 103.23
CA ASP E 27 53.80 25.21 104.59
C ASP E 27 55.13 24.90 105.29
N PRO E 28 55.86 25.93 105.77
CA PRO E 28 57.10 25.68 106.54
C PRO E 28 56.92 24.73 107.72
N ASP E 29 55.76 24.77 108.37
CA ASP E 29 55.48 23.93 109.55
C ASP E 29 55.32 22.45 109.23
N ARG E 30 55.04 22.16 107.97
CA ARG E 30 54.80 20.80 107.53
C ARG E 30 56.12 20.17 107.11
N VAL E 31 57.18 20.96 107.01
CA VAL E 31 58.46 20.46 106.46
C VAL E 31 59.09 19.40 107.35
N GLU E 32 59.16 19.70 108.65
CA GLU E 32 59.75 18.79 109.61
C GLU E 32 58.98 17.47 109.70
N LYS E 33 57.65 17.56 109.66
CA LYS E 33 56.80 16.37 109.71
C LYS E 33 57.16 15.41 108.57
N ILE E 34 57.35 15.95 107.36
CA ILE E 34 57.69 15.15 106.18
C ILE E 34 59.09 14.54 106.30
N ALA E 35 60.06 15.37 106.67
CA ALA E 35 61.44 14.91 106.85
C ALA E 35 61.50 13.78 107.87
N ALA E 36 60.67 13.86 108.91
CA ALA E 36 60.65 12.87 109.99
C ALA E 36 60.22 11.48 109.52
N LEU E 37 59.61 11.38 108.36
CA LEU E 37 59.22 10.09 107.82
C LEU E 37 60.41 9.38 107.17
N MET E 38 61.54 10.07 107.07
CA MET E 38 62.73 9.55 106.43
C MET E 38 63.85 9.41 107.44
N ASP E 39 65.03 8.94 107.04
CA ASP E 39 66.13 8.73 107.98
C ASP E 39 66.98 9.96 108.20
N LYS E 40 67.58 10.05 109.40
CA LYS E 40 68.51 11.14 109.76
C LYS E 40 68.04 12.55 109.34
N PRO E 41 66.85 12.95 109.78
CA PRO E 41 66.34 14.30 109.49
C PRO E 41 67.09 15.39 110.26
N VAL E 42 67.49 16.43 109.57
CA VAL E 42 68.28 17.49 110.18
C VAL E 42 67.75 18.82 109.62
N LYS E 43 67.40 19.75 110.51
CA LYS E 43 67.07 21.12 110.09
C LYS E 43 68.33 21.80 109.47
N LEU E 44 68.19 22.38 108.27
CA LEU E 44 69.29 23.10 107.63
C LEU E 44 69.15 24.59 107.84
N ALA E 45 67.97 25.13 107.55
CA ALA E 45 67.75 26.57 107.63
C ALA E 45 66.27 26.96 107.67
N SER E 46 66.02 28.19 108.10
CA SER E 46 64.67 28.71 108.17
C SER E 46 64.72 30.21 108.00
N HIS E 47 64.24 30.70 106.87
CA HIS E 47 64.20 32.12 106.57
C HIS E 47 62.91 32.43 105.83
N ARG E 48 62.22 33.50 106.25
CA ARG E 48 60.90 33.83 105.70
C ARG E 48 60.02 32.57 105.65
N GLU E 49 59.40 32.27 104.52
CA GLU E 49 58.56 31.09 104.40
C GLU E 49 59.34 29.86 103.96
N PHE E 50 60.67 29.98 103.92
CA PHE E 50 61.51 28.88 103.43
C PHE E 50 62.19 28.14 104.55
N THR E 51 61.61 27.00 104.92
CA THR E 51 62.22 26.09 105.89
C THR E 51 62.77 24.87 105.14
N THR E 52 64.02 24.54 105.41
CA THR E 52 64.68 23.43 104.72
C THR E 52 65.22 22.37 105.71
N TRP E 53 64.80 21.13 105.52
CA TRP E 53 65.41 20.00 106.18
C TRP E 53 66.07 19.09 105.15
N ARG E 54 67.11 18.39 105.60
CA ARG E 54 67.73 17.34 104.82
C ARG E 54 67.42 16.05 105.51
N ALA E 55 67.18 15.01 104.75
CA ALA E 55 67.02 13.68 105.31
C ALA E 55 67.65 12.65 104.38
N GLU E 56 67.37 11.38 104.62
CA GLU E 56 67.96 10.31 103.86
C GLU E 56 66.92 9.26 103.50
N LEU E 57 67.00 8.78 102.27
CA LEU E 57 66.06 7.85 101.72
C LEU E 57 66.83 6.77 100.95
N ASP E 58 66.71 5.52 101.41
CA ASP E 58 67.56 4.40 100.94
C ASP E 58 69.02 4.87 100.82
N GLY E 59 69.52 5.48 101.89
CA GLY E 59 70.90 5.95 101.97
C GLY E 59 71.29 7.13 101.08
N LYS E 60 70.31 7.79 100.46
CA LYS E 60 70.59 8.94 99.61
C LYS E 60 70.03 10.22 100.22
N PRO E 61 70.78 11.31 100.17
CA PRO E 61 70.34 12.55 100.79
C PRO E 61 69.21 13.18 99.99
N VAL E 62 68.21 13.71 100.70
CA VAL E 62 67.02 14.25 100.09
C VAL E 62 66.69 15.55 100.82
N ILE E 63 66.24 16.57 100.11
CA ILE E 63 65.85 17.84 100.72
C ILE E 63 64.33 17.93 100.91
N VAL E 64 63.90 18.54 101.99
CA VAL E 64 62.50 18.97 102.12
C VAL E 64 62.52 20.47 102.35
N CYS E 65 61.80 21.20 101.49
CA CYS E 65 61.85 22.67 101.50
C CYS E 65 60.51 23.29 101.20
N SER E 66 60.09 24.22 102.05
CA SER E 66 58.79 24.86 101.86
C SER E 66 58.84 25.99 100.86
N THR E 67 57.75 26.18 100.11
CA THR E 67 57.67 27.20 99.07
C THR E 67 56.97 28.45 99.54
N GLY E 68 56.21 28.33 100.62
CA GLY E 68 55.23 29.37 100.93
C GLY E 68 54.05 29.25 99.95
N ILE E 69 53.08 30.15 100.08
CA ILE E 69 51.90 30.16 99.20
C ILE E 69 52.21 30.93 97.92
N GLY E 70 51.91 30.35 96.78
CA GLY E 70 51.94 31.11 95.53
C GLY E 70 53.18 30.97 94.65
N GLY E 71 52.95 31.25 93.36
CA GLY E 71 54.01 31.15 92.36
C GLY E 71 55.29 31.92 92.71
N PRO E 72 55.18 33.20 93.11
CA PRO E 72 56.39 34.00 93.31
C PRO E 72 57.33 33.37 94.33
N SER E 73 56.84 32.98 95.50
CA SER E 73 57.77 32.43 96.47
C SER E 73 58.23 31.04 96.03
N THR E 74 57.32 30.27 95.42
CA THR E 74 57.70 28.99 94.87
C THR E 74 58.86 29.16 93.91
N SER E 75 58.78 30.19 93.06
CA SER E 75 59.81 30.38 92.05
C SER E 75 61.17 30.69 92.69
N ILE E 76 61.15 31.28 93.89
CA ILE E 76 62.42 31.61 94.55
C ILE E 76 63.05 30.30 95.07
N ALA E 77 62.24 29.49 95.74
CA ALA E 77 62.73 28.25 96.30
C ALA E 77 63.23 27.30 95.21
N VAL E 78 62.49 27.19 94.12
CA VAL E 78 62.89 26.25 93.07
C VAL E 78 64.20 26.71 92.43
N GLU E 79 64.24 27.98 92.02
CA GLU E 79 65.45 28.56 91.40
C GLU E 79 66.66 28.33 92.27
N GLU E 80 66.54 28.65 93.55
CA GLU E 80 67.71 28.59 94.43
C GLU E 80 68.08 27.15 94.77
N LEU E 81 67.08 26.28 94.93
CA LEU E 81 67.38 24.85 95.06
C LEU E 81 68.12 24.34 93.83
N ALA E 82 67.68 24.78 92.65
CA ALA E 82 68.28 24.33 91.38
C ALA E 82 69.72 24.77 91.33
N GLN E 83 69.98 25.97 91.85
CA GLN E 83 71.34 26.48 91.90
C GLN E 83 72.20 25.58 92.77
N LEU E 84 71.60 24.97 93.78
CA LEU E 84 72.38 24.17 94.72
C LEU E 84 72.48 22.73 94.30
N GLY E 85 71.87 22.38 93.17
CA GLY E 85 71.97 21.04 92.62
C GLY E 85 70.71 20.19 92.53
N ILE E 86 69.59 20.66 93.05
CA ILE E 86 68.35 19.90 92.92
C ILE E 86 67.92 19.82 91.46
N ARG E 87 67.50 18.65 91.01
CA ARG E 87 67.07 18.47 89.64
C ARG E 87 65.67 17.85 89.53
N THR E 88 65.10 17.45 90.66
CA THR E 88 63.77 16.83 90.71
C THR E 88 62.99 17.46 91.87
N PHE E 89 61.76 17.89 91.58
CA PHE E 89 60.97 18.57 92.59
C PHE E 89 59.64 17.88 92.70
N LEU E 90 59.31 17.43 93.90
CA LEU E 90 58.02 16.79 94.09
C LEU E 90 57.19 17.63 95.01
N ARG E 91 56.10 18.14 94.47
CA ARG E 91 55.22 18.94 95.26
C ARG E 91 54.15 18.13 95.98
N ILE E 92 53.99 18.42 97.27
CA ILE E 92 52.99 17.79 98.12
C ILE E 92 52.11 18.88 98.70
N GLY E 93 50.80 18.77 98.44
CA GLY E 93 49.87 19.78 98.87
C GLY E 93 48.54 19.32 99.47
N THR E 94 47.74 20.31 99.89
CA THR E 94 46.32 20.15 100.14
C THR E 94 45.56 20.90 99.07
N THR E 95 44.34 20.46 98.83
CA THR E 95 43.60 21.05 97.75
C THR E 95 42.12 20.88 97.99
N GLY E 96 41.35 21.66 97.23
CA GLY E 96 39.91 21.50 97.20
C GLY E 96 39.46 21.09 95.82
N ALA E 97 38.80 19.93 95.76
CA ALA E 97 38.24 19.40 94.51
C ALA E 97 37.01 20.20 94.06
N ILE E 98 36.80 20.22 92.73
CA ILE E 98 35.64 20.88 92.11
C ILE E 98 34.79 19.88 91.29
N GLN E 99 35.14 18.60 91.37
CA GLN E 99 34.33 17.57 90.76
C GLN E 99 33.57 16.83 91.85
N PRO E 100 32.27 16.65 91.67
CA PRO E 100 31.44 15.99 92.69
C PRO E 100 31.80 14.52 92.93
N HIS E 101 32.54 13.86 92.03
CA HIS E 101 32.91 12.45 92.23
C HIS E 101 34.21 12.31 93.06
N ILE E 102 34.93 13.41 93.25
CA ILE E 102 36.16 13.37 94.04
C ILE E 102 35.84 13.65 95.49
N ASN E 103 36.25 12.76 96.38
CA ASN E 103 35.95 12.92 97.81
C ASN E 103 37.13 13.39 98.68
N VAL E 104 36.78 14.00 99.81
CA VAL E 104 37.75 14.34 100.86
C VAL E 104 38.43 13.03 101.23
N GLY E 105 39.74 12.99 101.12
CA GLY E 105 40.45 11.76 101.40
C GLY E 105 41.07 11.17 100.16
N ASP E 106 40.59 11.60 98.99
CA ASP E 106 41.12 11.12 97.74
C ASP E 106 42.46 11.78 97.46
N VAL E 107 43.23 11.23 96.54
CA VAL E 107 44.53 11.77 96.23
C VAL E 107 44.54 12.21 94.79
N LEU E 108 45.04 13.42 94.51
CA LEU E 108 45.10 13.91 93.15
C LEU E 108 46.51 14.03 92.64
N VAL E 109 46.78 13.40 91.50
CA VAL E 109 48.05 13.56 90.79
C VAL E 109 47.84 14.45 89.56
N THR E 110 48.57 15.56 89.49
CA THR E 110 48.35 16.51 88.42
C THR E 110 49.23 16.18 87.24
N THR E 111 48.62 16.03 86.06
CA THR E 111 49.40 15.86 84.82
C THR E 111 49.89 17.20 84.24
N ALA E 112 49.06 18.22 84.35
CA ALA E 112 49.36 19.56 83.89
C ALA E 112 48.38 20.54 84.54
N SER E 113 48.71 21.83 84.51
CA SER E 113 47.87 22.82 85.16
C SER E 113 47.34 23.89 84.25
N VAL E 114 46.10 24.32 84.49
CA VAL E 114 45.59 25.56 83.93
C VAL E 114 46.35 26.72 84.57
N ARG E 115 47.02 27.51 83.74
CA ARG E 115 47.91 28.55 84.23
C ARG E 115 47.14 29.79 84.65
N LEU E 116 46.62 29.85 85.86
CA LEU E 116 45.93 31.06 86.31
C LEU E 116 46.82 31.94 87.19
N ASP E 117 48.13 31.88 86.93
CA ASP E 117 49.14 32.52 87.76
C ASP E 117 49.95 33.55 86.94
N GLY E 118 50.81 34.30 87.60
CA GLY E 118 51.59 35.28 86.90
C GLY E 118 53.02 34.83 86.68
N ALA E 119 53.56 34.04 87.61
CA ALA E 119 54.96 33.68 87.58
C ALA E 119 55.31 32.80 86.38
N SER E 120 54.43 31.89 85.99
CA SER E 120 54.77 30.99 84.90
C SER E 120 55.11 31.78 83.62
N LEU E 121 54.45 32.92 83.44
CA LEU E 121 54.67 33.74 82.25
C LEU E 121 56.08 34.31 82.27
N HIS E 122 56.72 34.25 83.43
CA HIS E 122 58.09 34.72 83.59
C HIS E 122 59.10 33.65 83.10
N PHE E 123 58.59 32.46 82.73
CA PHE E 123 59.47 31.39 82.26
C PHE E 123 59.16 30.93 80.85
N ALA E 124 57.89 30.93 80.52
CA ALA E 124 57.44 30.54 79.19
C ALA E 124 56.14 31.26 78.89
N PRO E 125 55.92 31.62 77.63
CA PRO E 125 54.66 32.33 77.27
C PRO E 125 53.47 31.39 77.52
N LEU E 126 52.27 31.95 77.49
CA LEU E 126 51.07 31.24 77.98
C LEU E 126 50.79 29.92 77.23
N GLU E 127 51.13 29.90 75.93
CA GLU E 127 50.86 28.75 75.08
C GLU E 127 51.67 27.50 75.51
N PHE E 128 52.71 27.69 76.31
CA PHE E 128 53.56 26.59 76.74
C PHE E 128 52.82 25.84 77.82
N PRO E 129 52.77 24.51 77.75
CA PRO E 129 51.98 23.73 78.72
C PRO E 129 52.61 23.64 80.10
N ALA E 130 51.84 23.91 81.13
CA ALA E 130 52.32 23.71 82.48
C ALA E 130 52.25 22.21 82.77
N VAL E 131 53.12 21.43 82.11
CA VAL E 131 53.04 19.98 82.19
C VAL E 131 54.03 19.35 83.18
N ALA E 132 53.56 18.39 83.95
CA ALA E 132 54.43 17.69 84.85
C ALA E 132 55.34 16.68 84.11
N ASP E 133 56.50 16.40 84.70
CA ASP E 133 57.40 15.39 84.19
C ASP E 133 56.74 13.97 84.16
N PHE E 134 56.95 13.25 83.06
CA PHE E 134 56.33 11.94 82.91
C PHE E 134 56.77 10.92 83.97
N GLU E 135 58.09 10.89 84.26
CA GLU E 135 58.62 9.96 85.26
C GLU E 135 58.11 10.28 86.66
N CYS E 136 58.11 11.56 87.04
CA CYS E 136 57.57 11.99 88.33
C CYS E 136 56.09 11.62 88.45
N THR E 137 55.32 11.87 87.38
CA THR E 137 53.91 11.55 87.42
C THR E 137 53.71 10.04 87.61
N THR E 138 54.49 9.28 86.83
CA THR E 138 54.48 7.82 86.91
C THR E 138 54.77 7.36 88.34
N ALA E 139 55.89 7.85 88.91
CA ALA E 139 56.26 7.47 90.27
C ALA E 139 55.15 7.82 91.26
N LEU E 140 54.53 8.97 91.09
CA LEU E 140 53.46 9.40 91.96
C LEU E 140 52.23 8.47 91.83
N VAL E 141 51.86 8.13 90.60
CA VAL E 141 50.69 7.30 90.38
C VAL E 141 50.92 5.90 90.90
N GLU E 142 52.15 5.44 90.74
CA GLU E 142 52.54 4.10 91.17
C GLU E 142 52.66 4.01 92.68
N ALA E 143 53.16 5.08 93.30
CA ALA E 143 53.22 5.16 94.74
C ALA E 143 51.81 5.10 95.35
N ALA E 144 50.90 5.83 94.72
CA ALA E 144 49.53 5.88 95.17
C ALA E 144 48.86 4.51 95.08
N LYS E 145 49.08 3.81 93.97
CA LYS E 145 48.58 2.45 93.77
C LYS E 145 49.10 1.49 94.84
N SER E 146 50.37 1.66 95.20
CA SER E 146 51.05 0.77 96.12
C SER E 146 50.57 0.89 97.57
N ILE E 147 50.07 2.05 97.97
CA ILE E 147 49.54 2.20 99.31
C ILE E 147 48.00 2.18 99.28
N GLY E 148 47.44 2.05 98.08
CA GLY E 148 46.02 1.77 97.89
C GLY E 148 45.04 2.93 98.10
N ALA E 149 45.52 4.17 97.92
CA ALA E 149 44.62 5.34 98.01
C ALA E 149 43.76 5.44 96.77
N THR E 150 42.53 5.95 96.91
CA THR E 150 41.72 6.17 95.71
C THR E 150 42.21 7.45 95.04
N THR E 151 42.58 7.33 93.77
CA THR E 151 43.41 8.36 93.13
C THR E 151 42.79 8.93 91.88
N HIS E 152 42.91 10.23 91.66
CA HIS E 152 42.53 10.82 90.39
C HIS E 152 43.72 11.47 89.71
N VAL E 153 43.82 11.28 88.39
CA VAL E 153 44.95 11.75 87.58
C VAL E 153 44.36 12.70 86.52
N GLY E 154 44.84 13.93 86.45
CA GLY E 154 44.30 14.87 85.51
C GLY E 154 44.77 16.30 85.71
N VAL E 155 43.92 17.24 85.27
CA VAL E 155 44.32 18.63 85.17
C VAL E 155 43.94 19.42 86.42
N THR E 156 44.83 20.30 86.86
CA THR E 156 44.55 21.17 88.00
C THR E 156 44.50 22.65 87.58
N ALA E 157 43.62 23.42 88.19
CA ALA E 157 43.61 24.86 87.95
C ALA E 157 44.44 25.50 89.03
N SER E 158 45.47 26.22 88.60
CA SER E 158 46.47 26.78 89.52
C SER E 158 46.35 28.30 89.52
N SER E 159 45.84 28.88 90.61
CA SER E 159 45.42 30.26 90.66
C SER E 159 46.32 31.13 91.53
N ASP E 160 46.54 32.38 91.14
CA ASP E 160 47.30 33.30 91.98
C ASP E 160 46.52 33.81 93.20
N THR E 161 45.23 33.47 93.30
CA THR E 161 44.50 33.87 94.48
C THR E 161 43.71 32.72 95.03
N PHE E 162 43.44 32.80 96.33
CA PHE E 162 42.64 31.81 96.98
C PHE E 162 41.17 32.13 96.81
N TYR E 163 40.87 33.43 96.65
CA TYR E 163 39.47 33.88 96.69
C TYR E 163 38.86 34.09 95.30
N PRO E 164 39.06 35.26 94.69
CA PRO E 164 38.39 35.54 93.42
C PRO E 164 38.81 34.56 92.31
N GLY E 165 40.09 34.14 92.27
CA GLY E 165 40.56 33.32 91.16
C GLY E 165 40.00 31.93 91.25
N GLN E 166 39.53 31.56 92.43
CA GLN E 166 38.86 30.29 92.64
C GLN E 166 37.34 30.58 92.78
N GLU E 167 36.93 31.75 92.32
CA GLU E 167 35.54 32.16 92.31
C GLU E 167 34.82 31.97 93.66
N ARG E 168 35.46 32.43 94.73
CA ARG E 168 34.82 32.47 96.04
C ARG E 168 34.14 33.82 96.15
N TYR E 169 32.87 33.80 96.57
CA TYR E 169 32.09 35.02 96.77
C TYR E 169 31.95 35.43 98.22
N ASP E 170 32.32 34.54 99.14
CA ASP E 170 32.10 34.85 100.55
C ASP E 170 33.32 35.60 101.10
N THR E 171 33.43 36.85 100.67
CA THR E 171 34.61 37.68 100.89
C THR E 171 34.20 39.07 101.33
N TYR E 172 35.19 39.93 101.54
CA TYR E 172 34.95 41.30 101.95
C TYR E 172 34.05 42.05 100.94
N SER E 173 34.35 41.93 99.67
CA SER E 173 33.65 42.64 98.63
C SER E 173 32.42 41.86 98.11
N GLY E 174 32.41 40.54 98.28
CA GLY E 174 31.32 39.72 97.82
C GLY E 174 31.25 39.63 96.30
N ARG E 175 32.32 39.99 95.62
CA ARG E 175 32.25 40.04 94.17
C ARG E 175 33.49 39.49 93.48
N VAL E 176 33.33 39.12 92.21
CA VAL E 176 34.42 38.50 91.46
C VAL E 176 34.60 39.25 90.17
N VAL E 177 35.84 39.60 89.85
CA VAL E 177 36.16 40.33 88.61
C VAL E 177 35.58 39.63 87.39
N ARG E 178 35.11 40.43 86.44
CA ARG E 178 34.45 39.90 85.23
C ARG E 178 35.13 38.66 84.61
N HIS E 179 36.43 38.73 84.44
CA HIS E 179 37.20 37.60 83.91
C HIS E 179 36.95 36.26 84.61
N PHE E 180 36.75 36.27 85.92
CA PHE E 180 36.63 35.00 86.68
C PHE E 180 35.22 34.58 87.03
N LYS E 181 34.26 35.42 86.68
CA LYS E 181 32.84 35.18 86.89
C LYS E 181 32.41 34.01 86.01
N GLY E 182 31.83 32.98 86.64
CA GLY E 182 31.45 31.77 85.93
C GLY E 182 32.64 30.90 85.54
N SER E 183 33.84 31.21 86.04
CA SER E 183 35.02 30.43 85.66
C SER E 183 35.07 29.02 86.24
N MET E 184 34.62 28.83 87.47
CA MET E 184 34.67 27.49 88.08
C MET E 184 33.82 26.48 87.29
N GLU E 185 32.64 26.92 86.85
CA GLU E 185 31.75 26.06 86.11
C GLU E 185 32.39 25.66 84.79
N GLU E 186 33.13 26.58 84.16
CA GLU E 186 33.89 26.26 82.95
C GLU E 186 34.97 25.20 83.21
N TRP E 187 35.78 25.38 84.26
CA TRP E 187 36.82 24.41 84.55
C TRP E 187 36.24 23.04 84.88
N GLN E 188 35.11 23.07 85.58
CA GLN E 188 34.31 21.89 85.95
C GLN E 188 33.94 21.09 84.68
N ALA E 189 33.33 21.76 83.70
CA ALA E 189 32.92 21.13 82.45
C ALA E 189 34.12 20.58 81.68
N MET E 190 35.27 21.21 81.86
CA MET E 190 36.45 20.80 81.14
C MET E 190 37.20 19.69 81.86
N GLY E 191 36.64 19.20 82.95
CA GLY E 191 37.17 18.03 83.63
C GLY E 191 38.24 18.33 84.65
N VAL E 192 38.54 19.61 84.88
CA VAL E 192 39.59 20.04 85.84
C VAL E 192 39.22 19.51 87.21
N MET E 193 40.19 18.98 87.93
CA MET E 193 39.92 18.29 89.20
C MET E 193 39.78 19.23 90.40
N ASN E 194 40.59 20.28 90.43
CA ASN E 194 40.78 21.01 91.66
C ASN E 194 41.42 22.37 91.43
N TYR E 195 41.42 23.20 92.46
CA TYR E 195 42.20 24.41 92.51
C TYR E 195 43.32 24.25 93.50
N GLU E 196 44.46 24.78 93.16
CA GLU E 196 45.53 25.07 94.12
C GLU E 196 46.32 26.26 93.61
N MET E 197 47.41 26.61 94.28
CA MET E 197 48.02 27.90 93.99
C MET E 197 49.51 27.91 93.56
N GLU E 198 50.11 26.76 93.28
CA GLU E 198 51.56 26.77 93.02
C GLU E 198 51.99 25.98 91.78
N SER E 199 51.21 25.00 91.38
CA SER E 199 51.64 24.05 90.36
C SER E 199 51.93 24.69 89.01
N ALA E 200 51.19 25.73 88.64
CA ALA E 200 51.38 26.31 87.31
C ALA E 200 52.79 26.87 87.22
N THR E 201 53.20 27.54 88.31
CA THR E 201 54.54 28.10 88.38
C THR E 201 55.55 26.98 88.42
N LEU E 202 55.38 26.06 89.33
CA LEU E 202 56.34 24.97 89.48
C LEU E 202 56.48 24.18 88.17
N LEU E 203 55.37 23.75 87.59
CA LEU E 203 55.47 22.86 86.44
C LEU E 203 56.04 23.56 85.23
N THR E 204 55.64 24.82 85.05
CA THR E 204 56.13 25.60 83.90
C THR E 204 57.63 25.91 84.03
N MET E 205 58.05 26.31 85.22
CA MET E 205 59.44 26.69 85.40
C MET E 205 60.35 25.47 85.30
N CYS E 206 59.87 24.30 85.74
CA CYS E 206 60.67 23.09 85.63
C CYS E 206 60.69 22.54 84.21
N ALA E 207 59.51 22.42 83.59
CA ALA E 207 59.41 21.87 82.25
C ALA E 207 60.18 22.68 81.24
N SER E 208 60.41 23.97 81.51
CA SER E 208 61.05 24.84 80.52
C SER E 208 62.54 25.03 80.80
N GLN E 209 63.04 24.34 81.84
CA GLN E 209 64.44 24.48 82.25
C GLN E 209 65.13 23.15 82.49
N GLY E 210 64.53 22.07 82.01
CA GLY E 210 65.13 20.76 82.08
C GLY E 210 65.09 20.19 83.46
N LEU E 211 64.16 20.65 84.30
CA LEU E 211 64.02 20.13 85.64
C LEU E 211 62.79 19.25 85.69
N ARG E 212 62.86 18.16 86.46
CA ARG E 212 61.74 17.26 86.60
C ARG E 212 60.87 17.66 87.76
N ALA E 213 59.56 17.77 87.53
CA ALA E 213 58.62 18.10 88.60
C ALA E 213 57.36 17.23 88.56
N GLY E 214 56.76 17.00 89.73
CA GLY E 214 55.54 16.24 89.83
C GLY E 214 54.71 16.84 90.92
N MET E 215 53.41 16.53 90.96
CA MET E 215 52.47 17.17 91.90
C MET E 215 51.49 16.16 92.45
N VAL E 216 51.31 16.20 93.77
CA VAL E 216 50.33 15.32 94.40
C VAL E 216 49.73 16.07 95.55
N ALA E 217 48.42 15.91 95.72
CA ALA E 217 47.74 16.60 96.80
C ALA E 217 46.60 15.75 97.36
N GLY E 218 46.32 15.94 98.64
CA GLY E 218 45.18 15.33 99.28
C GLY E 218 44.02 16.31 99.34
N VAL E 219 42.83 15.77 99.10
CA VAL E 219 41.61 16.58 99.05
C VAL E 219 41.09 16.81 100.43
N ILE E 220 41.06 18.08 100.85
CA ILE E 220 40.57 18.47 102.19
C ILE E 220 39.13 19.03 102.19
N VAL E 221 38.69 19.55 101.03
CA VAL E 221 37.33 20.06 100.88
C VAL E 221 36.79 19.87 99.44
N ASN E 222 35.46 19.78 99.33
CA ASN E 222 34.82 19.79 98.05
C ASN E 222 33.94 21.02 97.81
N ARG E 223 34.32 21.80 96.81
CA ARG E 223 33.63 23.05 96.43
C ARG E 223 32.17 22.88 95.99
N THR E 224 31.79 21.66 95.59
CA THR E 224 30.41 21.44 95.16
C THR E 224 29.47 21.40 96.37
N GLN E 225 30.02 21.67 97.56
CA GLN E 225 29.19 21.84 98.77
C GLN E 225 29.55 23.08 99.64
N GLN E 226 30.80 23.56 99.51
CA GLN E 226 31.39 24.55 100.42
C GLN E 226 32.51 25.38 99.76
N GLU E 227 32.66 26.64 100.21
CA GLU E 227 33.83 27.45 99.85
C GLU E 227 35.00 27.22 100.84
N ILE E 228 34.77 27.59 102.12
CA ILE E 228 35.72 27.39 103.23
C ILE E 228 35.65 25.96 103.81
N PRO E 229 36.78 25.25 103.86
CA PRO E 229 36.92 24.01 104.67
C PRO E 229 36.59 24.24 106.16
N MET E 234 40.70 13.42 108.04
CA MET E 234 41.22 14.65 107.46
C MET E 234 42.73 14.80 107.68
N LYS E 235 43.19 14.61 108.91
CA LYS E 235 44.63 14.57 109.21
C LYS E 235 45.28 13.31 108.60
N GLN E 236 44.44 12.29 108.39
CA GLN E 236 44.85 11.01 107.81
C GLN E 236 44.94 11.07 106.29
N THR E 237 44.28 12.07 105.70
CA THR E 237 44.28 12.30 104.26
C THR E 237 45.63 12.84 103.76
N GLU E 238 46.19 13.81 104.50
CA GLU E 238 47.48 14.39 104.17
C GLU E 238 48.60 13.45 104.59
N SER E 239 48.33 12.58 105.56
CA SER E 239 49.20 11.45 105.90
C SER E 239 49.33 10.47 104.73
N HIS E 240 48.25 10.29 103.96
CA HIS E 240 48.25 9.44 102.77
C HIS E 240 49.12 10.09 101.71
N ALA E 241 48.83 11.35 101.42
CA ALA E 241 49.53 12.09 100.39
C ALA E 241 51.01 12.20 100.71
N VAL E 242 51.35 12.46 101.97
CA VAL E 242 52.75 12.58 102.37
C VAL E 242 53.45 11.23 102.19
N LYS E 243 52.79 10.17 102.63
CA LYS E 243 53.28 8.82 102.42
C LYS E 243 53.54 8.58 100.95
N ILE E 244 52.62 9.00 100.08
CA ILE E 244 52.72 8.79 98.64
C ILE E 244 53.90 9.55 98.06
N VAL E 245 54.08 10.82 98.43
CA VAL E 245 55.16 11.62 97.89
C VAL E 245 56.54 11.07 98.28
N VAL E 246 56.64 10.61 99.50
CA VAL E 246 57.89 10.06 100.01
C VAL E 246 58.22 8.79 99.24
N GLU E 247 57.23 7.92 99.07
CA GLU E 247 57.37 6.68 98.28
C GLU E 247 57.72 6.92 96.79
N ALA E 248 57.19 8.00 96.22
CA ALA E 248 57.49 8.39 94.86
C ALA E 248 58.96 8.87 94.79
N ALA E 249 59.36 9.70 95.76
CA ALA E 249 60.75 10.13 95.85
C ALA E 249 61.65 8.89 95.81
N ARG E 250 61.30 7.87 96.60
CA ARG E 250 62.05 6.63 96.64
C ARG E 250 62.32 6.10 95.24
N ARG E 251 61.28 6.09 94.40
CA ARG E 251 61.36 5.53 93.04
C ARG E 251 62.09 6.43 92.05
N LEU E 252 62.30 7.69 92.41
CA LEU E 252 62.94 8.64 91.52
C LEU E 252 64.41 8.88 91.87
N LEU E 253 64.91 8.15 92.85
CA LEU E 253 66.27 8.38 93.32
C LEU E 253 67.34 7.80 92.39
N SER F 4 38.93 30.67 115.33
CA SER F 4 39.45 31.67 114.37
C SER F 4 38.40 32.06 113.28
N ASP F 5 38.33 33.34 112.90
CA ASP F 5 37.29 33.86 112.00
C ASP F 5 37.69 33.81 110.55
N VAL F 6 38.99 33.67 110.27
CA VAL F 6 39.49 33.70 108.90
C VAL F 6 40.27 32.42 108.63
N PHE F 7 40.32 32.02 107.37
CA PHE F 7 40.84 30.70 107.04
C PHE F 7 42.35 30.54 107.19
N HIS F 8 43.13 31.61 106.98
CA HIS F 8 44.60 31.50 106.99
C HIS F 8 45.37 32.16 108.15
N LEU F 9 44.97 33.35 108.55
CA LEU F 9 45.71 34.13 109.53
C LEU F 9 45.56 33.66 110.98
N GLY F 10 44.55 32.83 111.25
CA GLY F 10 44.22 32.47 112.63
C GLY F 10 43.97 33.64 113.57
N LEU F 11 43.11 34.58 113.15
CA LEU F 11 42.75 35.76 113.94
C LEU F 11 41.25 35.89 114.00
N THR F 12 40.78 36.58 115.06
CA THR F 12 39.35 36.90 115.18
C THR F 12 39.18 38.40 115.22
N LYS F 13 37.97 38.85 114.88
CA LYS F 13 37.63 40.27 114.90
C LYS F 13 38.09 40.85 116.24
N ASN F 14 37.88 40.05 117.27
CA ASN F 14 38.21 40.41 118.63
C ASN F 14 39.68 40.63 118.96
N ASP F 15 40.56 39.83 118.35
CA ASP F 15 41.99 39.98 118.47
C ASP F 15 42.47 41.35 118.07
N LEU F 16 41.77 41.93 117.07
CA LEU F 16 42.13 43.24 116.49
C LEU F 16 41.80 44.42 117.41
N GLN F 17 40.77 44.24 118.24
CA GLN F 17 40.39 45.22 119.23
C GLN F 17 40.04 46.57 118.66
N GLY F 18 39.32 46.56 117.53
CA GLY F 18 38.91 47.77 116.86
C GLY F 18 39.90 48.35 115.87
N ALA F 19 41.10 47.74 115.74
CA ALA F 19 42.11 48.17 114.77
C ALA F 19 41.52 48.25 113.38
N THR F 20 41.86 49.32 112.67
CA THR F 20 41.48 49.46 111.28
C THR F 20 42.67 49.71 110.35
N LEU F 21 43.87 49.75 110.91
CA LEU F 21 45.08 49.98 110.12
C LEU F 21 46.09 48.88 110.35
N ALA F 22 46.70 48.38 109.26
CA ALA F 22 47.76 47.37 109.33
C ALA F 22 49.00 47.82 108.58
N ILE F 23 50.14 47.70 109.24
CA ILE F 23 51.41 47.75 108.55
C ILE F 23 51.68 46.31 108.12
N VAL F 24 51.89 46.13 106.81
CA VAL F 24 52.11 44.81 106.25
C VAL F 24 53.52 44.63 105.65
N PRO F 25 54.47 44.16 106.45
CA PRO F 25 55.80 43.80 105.93
C PRO F 25 55.72 42.50 105.15
N GLY F 26 56.78 42.11 104.44
CA GLY F 26 56.75 40.86 103.70
C GLY F 26 57.24 39.70 104.54
N ASP F 27 58.28 39.95 105.34
CA ASP F 27 58.98 38.92 106.12
C ASP F 27 58.36 38.72 107.52
N PRO F 28 57.93 37.49 107.84
CA PRO F 28 57.37 37.22 109.18
C PRO F 28 58.32 37.65 110.29
N ASP F 29 59.63 37.51 110.09
CA ASP F 29 60.62 37.77 111.15
C ASP F 29 60.81 39.26 111.45
N ARG F 30 60.26 40.11 110.60
CA ARG F 30 60.40 41.52 110.81
C ARG F 30 59.14 42.14 111.41
N VAL F 31 58.10 41.34 111.60
CA VAL F 31 56.84 41.78 112.23
C VAL F 31 57.08 42.25 113.66
N GLU F 32 57.64 41.39 114.50
CA GLU F 32 57.92 41.72 115.90
C GLU F 32 58.78 42.98 116.01
N LYS F 33 59.75 43.13 115.11
CA LYS F 33 60.65 44.25 115.11
C LYS F 33 59.88 45.57 114.92
N ILE F 34 58.90 45.55 114.01
CA ILE F 34 58.13 46.73 113.71
C ILE F 34 57.18 47.03 114.87
N ALA F 35 56.48 45.99 115.33
CA ALA F 35 55.59 46.11 116.48
C ALA F 35 56.29 46.73 117.69
N ALA F 36 57.53 46.34 117.92
CA ALA F 36 58.32 46.82 119.05
C ALA F 36 58.59 48.32 119.03
N LEU F 37 58.44 48.97 117.89
CA LEU F 37 58.59 50.44 117.84
C LEU F 37 57.35 51.16 118.38
N MET F 38 56.28 50.43 118.63
CA MET F 38 55.02 51.00 119.11
C MET F 38 54.77 50.59 120.57
N ASP F 39 53.63 50.94 121.12
CA ASP F 39 53.35 50.60 122.51
C ASP F 39 52.61 49.28 122.67
N LYS F 40 52.81 48.64 123.82
CA LYS F 40 52.14 47.38 124.21
C LYS F 40 52.09 46.32 123.10
N PRO F 41 53.24 46.00 122.49
CA PRO F 41 53.29 45.00 121.43
C PRO F 41 52.93 43.62 121.94
N VAL F 42 52.14 42.89 121.18
CA VAL F 42 51.62 41.60 121.60
C VAL F 42 51.54 40.70 120.37
N LYS F 43 52.13 39.52 120.44
CA LYS F 43 51.97 38.53 119.38
C LYS F 43 50.54 37.97 119.39
N LEU F 44 49.91 37.94 118.21
CA LEU F 44 48.55 37.43 118.11
C LEU F 44 48.52 36.01 117.55
N ALA F 45 49.24 35.80 116.45
CA ALA F 45 49.20 34.54 115.73
C ALA F 45 50.37 34.39 114.79
N SER F 46 50.61 33.15 114.42
CA SER F 46 51.66 32.77 113.47
C SER F 46 51.30 31.49 112.73
N HIS F 47 51.00 31.63 111.44
CA HIS F 47 50.59 30.50 110.60
C HIS F 47 51.17 30.71 109.22
N ARG F 48 51.80 29.66 108.69
CA ARG F 48 52.47 29.72 107.40
C ARG F 48 53.31 30.99 107.38
N GLU F 49 53.22 31.79 106.33
CA GLU F 49 54.04 32.99 106.29
C GLU F 49 53.39 34.21 106.96
N PHE F 50 52.27 33.98 107.65
CA PHE F 50 51.50 35.09 108.22
C PHE F 50 51.70 35.21 109.73
N THR F 51 52.50 36.18 110.15
CA THR F 51 52.74 36.44 111.55
C THR F 51 52.12 37.78 111.88
N THR F 52 51.28 37.80 112.94
CA THR F 52 50.54 39.01 113.30
C THR F 52 50.85 39.44 114.70
N TRP F 53 51.21 40.70 114.84
CA TRP F 53 51.29 41.35 116.15
C TRP F 53 50.30 42.50 116.21
N ARG F 54 49.85 42.80 117.41
CA ARG F 54 49.07 44.00 117.64
C ARG F 54 49.87 44.93 118.52
N ALA F 55 49.77 46.23 118.27
CA ALA F 55 50.37 47.22 119.16
C ALA F 55 49.46 48.42 119.23
N GLU F 56 49.96 49.45 119.90
CA GLU F 56 49.19 50.66 120.13
C GLU F 56 49.99 51.85 119.69
N LEU F 57 49.33 52.76 118.99
CA LEU F 57 49.96 53.95 118.47
C LEU F 57 49.11 55.15 118.80
N ASP F 58 49.64 56.04 119.62
CA ASP F 58 48.89 57.18 120.16
C ASP F 58 47.59 56.68 120.75
N GLY F 59 47.64 55.60 121.51
CA GLY F 59 46.45 55.05 122.15
C GLY F 59 45.50 54.28 121.26
N LYS F 60 45.83 54.07 119.98
CA LYS F 60 44.97 53.32 119.10
C LYS F 60 45.59 51.95 118.72
N PRO F 61 44.78 50.90 118.65
CA PRO F 61 45.28 49.58 118.26
C PRO F 61 45.65 49.55 116.78
N VAL F 62 46.79 48.94 116.49
CA VAL F 62 47.35 48.87 115.13
C VAL F 62 47.82 47.43 114.90
N ILE F 63 47.65 46.91 113.68
CA ILE F 63 48.08 45.55 113.39
C ILE F 63 49.37 45.57 112.58
N VAL F 64 50.26 44.63 112.87
CA VAL F 64 51.42 44.37 112.02
C VAL F 64 51.35 42.92 111.58
N CYS F 65 51.23 42.69 110.26
CA CYS F 65 50.96 41.37 109.72
C CYS F 65 51.80 41.12 108.46
N SER F 66 52.50 40.00 108.42
CA SER F 66 53.37 39.71 107.28
C SER F 66 52.58 39.12 106.12
N THR F 67 53.04 39.43 104.90
CA THR F 67 52.37 38.94 103.68
C THR F 67 53.02 37.73 103.06
N GLY F 68 54.26 37.43 103.44
CA GLY F 68 55.05 36.49 102.68
C GLY F 68 55.50 37.20 101.42
N ILE F 69 56.22 36.51 100.55
CA ILE F 69 56.69 37.07 99.29
C ILE F 69 55.61 36.82 98.25
N GLY F 70 55.19 37.87 97.56
CA GLY F 70 54.41 37.71 96.34
C GLY F 70 52.94 38.05 96.46
N GLY F 71 52.36 38.46 95.32
CA GLY F 71 50.93 38.76 95.24
C GLY F 71 49.99 37.75 95.92
N PRO F 72 50.13 36.44 95.59
CA PRO F 72 49.19 35.45 96.09
C PRO F 72 49.08 35.43 97.61
N SER F 73 50.17 35.36 98.36
CA SER F 73 50.01 35.36 99.82
C SER F 73 49.56 36.74 100.33
N THR F 74 50.03 37.79 99.67
CA THR F 74 49.60 39.14 99.98
C THR F 74 48.07 39.23 99.84
N SER F 75 47.54 38.70 98.75
CA SER F 75 46.12 38.80 98.51
C SER F 75 45.34 38.11 99.63
N ILE F 76 45.88 37.02 100.18
CA ILE F 76 45.26 36.33 101.31
C ILE F 76 45.29 37.19 102.57
N ALA F 77 46.46 37.68 102.95
CA ALA F 77 46.61 38.52 104.13
C ALA F 77 45.67 39.71 104.05
N VAL F 78 45.69 40.42 102.94
CA VAL F 78 44.87 41.62 102.80
C VAL F 78 43.35 41.31 102.82
N GLU F 79 42.92 40.32 102.04
CA GLU F 79 41.52 39.90 102.09
C GLU F 79 41.03 39.59 103.51
N GLU F 80 41.81 38.81 104.24
CA GLU F 80 41.38 38.31 105.52
C GLU F 80 41.50 39.41 106.56
N LEU F 81 42.50 40.30 106.44
CA LEU F 81 42.55 41.45 107.35
C LEU F 81 41.39 42.39 107.05
N ALA F 82 41.01 42.55 105.78
CA ALA F 82 39.83 43.35 105.46
C ALA F 82 38.60 42.77 106.12
N GLN F 83 38.47 41.46 106.05
CA GLN F 83 37.31 40.79 106.64
C GLN F 83 37.24 41.11 108.14
N LEU F 84 38.41 41.30 108.76
CA LEU F 84 38.52 41.52 110.20
C LEU F 84 38.29 42.98 110.58
N GLY F 85 38.24 43.85 109.57
CA GLY F 85 37.97 45.26 109.76
C GLY F 85 39.10 46.23 109.43
N ILE F 86 40.25 45.76 108.92
CA ILE F 86 41.32 46.64 108.47
C ILE F 86 40.85 47.37 107.21
N ARG F 87 41.09 48.68 107.17
CA ARG F 87 40.68 49.51 106.05
C ARG F 87 41.86 50.26 105.42
N THR F 88 43.02 50.19 106.07
CA THR F 88 44.18 50.91 105.62
C THR F 88 45.38 50.00 105.72
N PHE F 89 46.08 49.83 104.61
CA PHE F 89 47.27 48.97 104.53
C PHE F 89 48.52 49.76 104.14
N LEU F 90 49.54 49.68 104.99
CA LEU F 90 50.82 50.28 104.63
C LEU F 90 51.84 49.20 104.49
N ARG F 91 52.33 49.04 103.27
CA ARG F 91 53.36 48.07 103.01
C ARG F 91 54.74 48.65 103.20
N ILE F 92 55.59 47.87 103.84
CA ILE F 92 56.98 48.23 104.02
C ILE F 92 57.82 47.06 103.54
N GLY F 93 58.64 47.34 102.53
CA GLY F 93 59.46 46.33 101.90
C GLY F 93 60.94 46.67 101.73
N THR F 94 61.64 45.71 101.13
CA THR F 94 63.00 45.91 100.62
C THR F 94 62.89 45.88 99.12
N THR F 95 63.83 46.55 98.44
CA THR F 95 63.71 46.74 97.00
C THR F 95 65.06 46.92 96.33
N GLY F 96 65.09 46.64 95.04
CA GLY F 96 66.25 46.92 94.22
C GLY F 96 65.96 48.11 93.36
N ALA F 97 66.80 49.16 93.48
CA ALA F 97 66.68 50.35 92.64
C ALA F 97 67.24 50.03 91.25
N ILE F 98 66.65 50.63 90.22
CA ILE F 98 67.15 50.44 88.86
C ILE F 98 67.58 51.76 88.20
N GLN F 99 67.57 52.84 88.97
CA GLN F 99 68.04 54.14 88.48
C GLN F 99 69.40 54.38 89.08
N PRO F 100 70.35 54.87 88.29
CA PRO F 100 71.72 55.01 88.78
C PRO F 100 71.84 56.03 89.92
N HIS F 101 70.88 56.93 90.13
CA HIS F 101 71.04 57.99 91.15
C HIS F 101 70.39 57.60 92.49
N ILE F 102 69.71 56.46 92.55
CA ILE F 102 69.11 56.03 93.81
C ILE F 102 70.12 55.12 94.53
N ASN F 103 70.44 55.45 95.78
CA ASN F 103 71.45 54.73 96.52
C ASN F 103 70.93 53.69 97.45
N VAL F 104 71.75 52.71 97.77
CA VAL F 104 71.44 51.76 98.82
C VAL F 104 71.21 52.56 100.10
N GLY F 105 70.06 52.32 100.74
CA GLY F 105 69.69 53.00 101.96
C GLY F 105 68.59 54.02 101.77
N ASP F 106 68.41 54.46 100.51
CA ASP F 106 67.36 55.40 100.13
C ASP F 106 65.97 54.79 100.37
N VAL F 107 64.99 55.65 100.54
CA VAL F 107 63.64 55.23 100.82
C VAL F 107 62.79 55.57 99.61
N LEU F 108 62.02 54.59 99.13
CA LEU F 108 61.23 54.78 97.92
C LEU F 108 59.74 54.70 98.23
N VAL F 109 58.99 55.74 97.86
CA VAL F 109 57.55 55.73 98.06
C VAL F 109 56.87 55.56 96.69
N THR F 110 56.07 54.50 96.56
CA THR F 110 55.44 54.16 95.30
C THR F 110 54.16 54.92 95.06
N THR F 111 54.04 55.65 93.96
CA THR F 111 52.74 56.28 93.70
C THR F 111 51.81 55.28 93.01
N ALA F 112 52.39 54.44 92.15
CA ALA F 112 51.65 53.37 91.44
C ALA F 112 52.65 52.38 90.88
N SER F 113 52.19 51.17 90.56
CA SER F 113 53.08 50.10 90.12
C SER F 113 52.87 49.57 88.71
N VAL F 114 53.96 49.21 88.05
CA VAL F 114 53.85 48.45 86.80
C VAL F 114 53.42 47.06 87.19
N ARG F 115 52.32 46.60 86.62
CA ARG F 115 51.73 45.36 87.06
C ARG F 115 52.36 44.18 86.35
N LEU F 116 53.45 43.66 86.90
CA LEU F 116 54.08 42.46 86.34
C LEU F 116 53.73 41.19 87.18
N ASP F 117 52.50 41.17 87.72
CA ASP F 117 52.08 40.11 88.63
C ASP F 117 50.85 39.46 88.04
N GLY F 118 50.43 38.35 88.64
CA GLY F 118 49.21 37.73 88.22
C GLY F 118 48.01 38.07 89.10
N ALA F 119 48.23 38.20 90.40
CA ALA F 119 47.13 38.35 91.33
C ALA F 119 46.31 39.62 91.07
N SER F 120 46.94 40.70 90.60
CA SER F 120 46.17 41.93 90.46
C SER F 120 45.05 41.73 89.46
N LEU F 121 45.33 40.90 88.44
CA LEU F 121 44.33 40.62 87.42
C LEU F 121 43.11 39.89 87.99
N HIS F 122 43.21 39.36 89.20
CA HIS F 122 42.07 38.68 89.79
C HIS F 122 41.14 39.70 90.45
N PHE F 123 41.60 40.96 90.54
CA PHE F 123 40.78 42.01 91.15
C PHE F 123 40.27 43.07 90.16
N ALA F 124 41.10 43.35 89.16
CA ALA F 124 40.76 44.35 88.14
C ALA F 124 41.59 44.02 86.90
N PRO F 125 41.03 44.25 85.71
CA PRO F 125 41.74 43.96 84.45
C PRO F 125 42.97 44.86 84.36
N LEU F 126 43.82 44.59 83.36
CA LEU F 126 45.17 45.17 83.34
C LEU F 126 45.16 46.67 83.24
N GLU F 127 44.16 47.21 82.54
CA GLU F 127 44.06 48.63 82.25
C GLU F 127 43.81 49.47 83.49
N PHE F 128 43.39 48.82 84.57
CA PHE F 128 43.15 49.52 85.81
C PHE F 128 44.50 49.84 86.49
N PRO F 129 44.72 51.08 86.95
CA PRO F 129 46.02 51.47 87.49
C PRO F 129 46.25 50.88 88.88
N ALA F 130 47.44 50.31 89.08
CA ALA F 130 47.86 49.91 90.44
C ALA F 130 48.31 51.12 91.18
N VAL F 131 47.37 51.96 91.54
CA VAL F 131 47.65 53.27 92.14
C VAL F 131 47.49 53.24 93.66
N ALA F 132 48.41 53.89 94.36
CA ALA F 132 48.33 54.01 95.83
C ALA F 132 47.30 55.06 96.22
N ASP F 133 46.76 54.92 97.43
CA ASP F 133 45.86 55.92 98.00
C ASP F 133 46.60 57.23 98.25
N PHE F 134 45.92 58.34 97.97
CA PHE F 134 46.58 59.64 98.06
C PHE F 134 46.92 60.06 99.50
N GLU F 135 46.04 59.74 100.43
CA GLU F 135 46.31 60.08 101.82
C GLU F 135 47.49 59.28 102.37
N CYS F 136 47.52 57.98 102.04
CA CYS F 136 48.62 57.12 102.42
C CYS F 136 49.96 57.57 101.81
N THR F 137 49.97 57.85 100.51
CA THR F 137 51.17 58.35 99.85
C THR F 137 51.64 59.66 100.49
N THR F 138 50.71 60.58 100.72
CA THR F 138 51.04 61.82 101.41
C THR F 138 51.67 61.54 102.78
N ALA F 139 51.02 60.73 103.60
CA ALA F 139 51.55 60.37 104.90
C ALA F 139 52.97 59.86 104.80
N LEU F 140 53.22 58.96 103.87
CA LEU F 140 54.54 58.37 103.75
C LEU F 140 55.57 59.46 103.33
N VAL F 141 55.24 60.29 102.33
CA VAL F 141 56.13 61.33 101.86
C VAL F 141 56.45 62.29 103.00
N GLU F 142 55.40 62.71 103.69
CA GLU F 142 55.52 63.67 104.78
C GLU F 142 56.29 63.08 105.96
N ALA F 143 56.06 61.82 106.27
CA ALA F 143 56.82 61.11 107.31
C ALA F 143 58.29 61.03 106.98
N ALA F 144 58.61 60.68 105.74
CA ALA F 144 59.99 60.65 105.30
C ALA F 144 60.67 62.03 105.40
N LYS F 145 59.90 63.11 105.14
CA LYS F 145 60.42 64.47 105.16
C LYS F 145 60.82 64.82 106.58
N SER F 146 59.99 64.39 107.53
CA SER F 146 60.18 64.78 108.91
C SER F 146 61.30 64.01 109.64
N ILE F 147 61.64 62.81 109.16
CA ILE F 147 62.79 62.11 109.73
C ILE F 147 64.04 62.32 108.86
N GLY F 148 63.87 63.09 107.78
CA GLY F 148 64.95 63.55 106.93
C GLY F 148 65.71 62.50 106.14
N ALA F 149 65.07 61.36 105.90
CA ALA F 149 65.63 60.32 105.03
C ALA F 149 65.66 60.82 103.58
N THR F 150 66.68 60.45 102.81
CA THR F 150 66.64 60.78 101.40
C THR F 150 65.65 59.87 100.61
N THR F 151 64.68 60.50 99.95
CA THR F 151 63.48 59.84 99.48
C THR F 151 63.23 60.08 97.99
N HIS F 152 62.81 59.02 97.30
CA HIS F 152 62.33 59.19 95.94
C HIS F 152 60.88 58.73 95.83
N VAL F 153 60.12 59.46 95.02
CA VAL F 153 58.68 59.23 94.91
C VAL F 153 58.35 58.98 93.46
N GLY F 154 57.69 57.87 93.14
CA GLY F 154 57.37 57.56 91.76
C GLY F 154 56.97 56.14 91.54
N VAL F 155 57.19 55.64 90.33
CA VAL F 155 56.61 54.36 89.86
C VAL F 155 57.53 53.16 90.17
N THR F 156 56.92 52.04 90.53
CA THR F 156 57.64 50.81 90.91
C THR F 156 57.23 49.67 89.99
N ALA F 157 58.20 48.89 89.49
CA ALA F 157 57.84 47.67 88.75
C ALA F 157 57.67 46.53 89.75
N SER F 158 56.47 45.95 89.79
CA SER F 158 56.16 44.91 90.77
C SER F 158 56.03 43.56 90.06
N SER F 159 56.94 42.65 90.39
CA SER F 159 57.16 41.42 89.63
C SER F 159 56.77 40.15 90.39
N ASP F 160 56.10 39.22 89.72
CA ASP F 160 55.80 37.93 90.31
C ASP F 160 57.04 37.05 90.51
N THR F 161 58.20 37.42 89.98
CA THR F 161 59.41 36.68 90.27
C THR F 161 60.54 37.60 90.71
N PHE F 162 61.51 37.03 91.43
CA PHE F 162 62.69 37.72 91.85
C PHE F 162 63.75 37.66 90.77
N TYR F 163 63.78 36.55 90.02
CA TYR F 163 64.80 36.34 89.00
C TYR F 163 64.45 36.84 87.60
N PRO F 164 63.80 36.05 86.70
CA PRO F 164 63.57 36.52 85.33
C PRO F 164 62.76 37.85 85.20
N GLY F 165 61.73 38.03 86.02
CA GLY F 165 60.85 39.18 85.87
C GLY F 165 61.56 40.49 86.23
N GLN F 166 62.71 40.34 86.90
CA GLN F 166 63.52 41.50 87.26
C GLN F 166 64.82 41.44 86.44
N GLU F 167 64.75 40.70 85.33
CA GLU F 167 65.87 40.45 84.41
C GLU F 167 67.20 40.13 85.06
N ARG F 168 67.19 39.20 86.02
CA ARG F 168 68.42 38.68 86.57
C ARG F 168 68.93 37.55 85.66
N TYR F 169 70.23 37.56 85.38
CA TYR F 169 70.88 36.51 84.60
C TYR F 169 71.74 35.50 85.41
N ASP F 170 72.15 35.80 86.65
CA ASP F 170 72.91 34.83 87.44
C ASP F 170 71.98 33.82 88.01
N THR F 171 71.56 32.89 87.18
CA THR F 171 70.53 31.97 87.57
C THR F 171 70.93 30.59 87.07
N TYR F 172 70.19 29.58 87.49
CA TYR F 172 70.45 28.19 87.12
C TYR F 172 70.58 28.11 85.60
N SER F 173 69.66 28.76 84.89
CA SER F 173 69.58 28.64 83.43
C SER F 173 70.32 29.73 82.66
N GLY F 174 70.46 30.88 83.30
CA GLY F 174 71.09 32.03 82.70
C GLY F 174 70.30 32.64 81.57
N ARG F 175 69.07 32.21 81.33
CA ARG F 175 68.25 32.86 80.30
C ARG F 175 67.07 33.60 80.92
N VAL F 176 66.52 34.52 80.14
CA VAL F 176 65.33 35.26 80.48
C VAL F 176 64.37 35.12 79.28
N VAL F 177 63.12 34.84 79.58
CA VAL F 177 62.12 34.64 78.57
C VAL F 177 61.99 35.88 77.67
N ARG F 178 61.71 35.62 76.39
CA ARG F 178 61.64 36.67 75.39
C ARG F 178 60.98 37.94 75.93
N HIS F 179 59.82 37.75 76.55
CA HIS F 179 59.02 38.86 77.01
C HIS F 179 59.75 39.82 77.94
N PHE F 180 60.70 39.31 78.72
CA PHE F 180 61.38 40.15 79.70
C PHE F 180 62.81 40.51 79.30
N LYS F 181 63.26 39.99 78.17
CA LYS F 181 64.59 40.30 77.67
C LYS F 181 64.60 41.76 77.36
N GLY F 182 65.55 42.50 77.93
CA GLY F 182 65.63 43.95 77.71
C GLY F 182 64.57 44.76 78.43
N SER F 183 63.84 44.14 79.35
CA SER F 183 62.78 44.83 80.07
C SER F 183 63.28 45.81 81.13
N MET F 184 64.36 45.50 81.85
CA MET F 184 64.89 46.44 82.85
C MET F 184 65.20 47.82 82.25
N GLU F 185 65.85 47.78 81.09
CA GLU F 185 66.24 49.01 80.40
C GLU F 185 65.01 49.81 79.95
N GLU F 186 63.93 49.13 79.55
CA GLU F 186 62.70 49.83 79.18
C GLU F 186 62.16 50.52 80.41
N TRP F 187 62.07 49.78 81.52
CA TRP F 187 61.55 50.41 82.72
C TRP F 187 62.40 51.60 83.13
N GLN F 188 63.72 51.49 83.08
CA GLN F 188 64.53 52.65 83.45
C GLN F 188 64.27 53.88 82.60
N ALA F 189 64.13 53.66 81.30
CA ALA F 189 63.93 54.75 80.38
C ALA F 189 62.62 55.43 80.76
N MET F 190 61.69 54.66 81.30
CA MET F 190 60.35 55.17 81.64
C MET F 190 60.27 55.80 83.02
N GLY F 191 61.41 55.85 83.69
CA GLY F 191 61.55 56.57 84.94
C GLY F 191 61.22 55.69 86.12
N VAL F 192 60.95 54.40 85.89
CA VAL F 192 60.60 53.47 86.98
C VAL F 192 61.76 53.42 87.97
N MET F 193 61.47 53.47 89.26
CA MET F 193 62.51 53.57 90.27
C MET F 193 63.13 52.25 90.66
N ASN F 194 62.30 51.21 90.71
CA ASN F 194 62.70 49.99 91.41
C ASN F 194 61.85 48.75 91.11
N TYR F 195 62.39 47.60 91.51
CA TYR F 195 61.64 46.36 91.43
C TYR F 195 61.31 45.89 92.83
N GLU F 196 60.08 45.38 93.02
CA GLU F 196 59.75 44.60 94.20
C GLU F 196 58.63 43.65 93.81
N MET F 197 58.06 42.92 94.75
CA MET F 197 57.19 41.84 94.33
C MET F 197 55.72 41.87 94.84
N GLU F 198 55.33 42.89 95.59
CA GLU F 198 53.99 42.83 96.18
C GLU F 198 53.06 44.01 95.84
N SER F 199 53.62 45.16 95.48
CA SER F 199 52.82 46.37 95.44
C SER F 199 51.71 46.27 94.40
N ALA F 200 52.01 45.70 93.24
CA ALA F 200 51.01 45.63 92.19
C ALA F 200 49.76 44.94 92.69
N THR F 201 49.94 43.82 93.39
CA THR F 201 48.79 43.13 93.97
C THR F 201 48.11 43.99 95.03
N LEU F 202 48.88 44.43 96.02
CA LEU F 202 48.35 45.23 97.13
C LEU F 202 47.58 46.42 96.62
N LEU F 203 48.20 47.20 95.75
CA LEU F 203 47.62 48.47 95.35
C LEU F 203 46.37 48.26 94.51
N THR F 204 46.39 47.23 93.67
CA THR F 204 45.25 47.02 92.79
C THR F 204 44.07 46.51 93.60
N MET F 205 44.33 45.50 94.45
CA MET F 205 43.24 44.92 95.24
C MET F 205 42.61 45.96 96.17
N CYS F 206 43.42 46.86 96.72
CA CYS F 206 42.86 47.92 97.57
C CYS F 206 42.18 49.04 96.78
N ALA F 207 42.84 49.60 95.76
CA ALA F 207 42.24 50.67 94.97
C ALA F 207 40.87 50.26 94.39
N SER F 208 40.73 49.01 94.02
CA SER F 208 39.48 48.53 93.44
C SER F 208 38.43 48.02 94.44
N GLN F 209 38.67 48.17 95.75
CA GLN F 209 37.72 47.70 96.77
C GLN F 209 37.47 48.71 97.87
N GLY F 210 37.84 49.97 97.65
CA GLY F 210 37.62 51.01 98.65
C GLY F 210 38.54 50.90 99.86
N LEU F 211 39.67 50.19 99.76
CA LEU F 211 40.60 50.13 100.87
C LEU F 211 41.71 51.09 100.57
N ARG F 212 42.26 51.73 101.60
CA ARG F 212 43.39 52.60 101.41
C ARG F 212 44.71 51.83 101.51
N ALA F 213 45.60 51.98 100.54
CA ALA F 213 46.92 51.36 100.62
C ALA F 213 48.05 52.31 100.28
N GLY F 214 49.18 52.17 100.95
CA GLY F 214 50.37 52.94 100.64
C GLY F 214 51.58 52.02 100.65
N MET F 215 52.67 52.44 99.99
CA MET F 215 53.77 51.52 99.77
C MET F 215 55.11 52.26 99.89
N VAL F 216 55.98 51.72 100.76
CA VAL F 216 57.32 52.28 100.97
C VAL F 216 58.37 51.19 101.11
N ALA F 217 59.57 51.41 100.58
CA ALA F 217 60.62 50.39 100.67
C ALA F 217 61.97 51.00 100.85
N GLY F 218 62.85 50.28 101.56
CA GLY F 218 64.25 50.65 101.67
C GLY F 218 65.03 49.96 100.56
N VAL F 219 65.92 50.69 99.91
CA VAL F 219 66.72 50.13 98.81
C VAL F 219 67.88 49.32 99.35
N ILE F 220 67.93 48.04 99.01
CA ILE F 220 69.01 47.17 99.50
C ILE F 220 70.06 46.78 98.42
N VAL F 221 69.80 47.12 97.16
CA VAL F 221 70.73 46.91 96.06
C VAL F 221 70.42 47.86 94.91
N ASN F 222 71.46 48.26 94.19
CA ASN F 222 71.28 48.99 92.97
C ASN F 222 71.61 48.14 91.78
N ARG F 223 70.59 47.85 90.98
CA ARG F 223 70.73 46.95 89.85
C ARG F 223 71.58 47.44 88.68
N THR F 224 72.00 48.71 88.69
CA THR F 224 72.89 49.19 87.65
C THR F 224 74.30 48.78 88.03
N GLN F 225 74.45 48.16 89.20
CA GLN F 225 75.77 47.74 89.69
C GLN F 225 75.92 46.23 89.86
N GLN F 226 74.81 45.56 90.20
CA GLN F 226 74.85 44.27 90.85
C GLN F 226 73.50 43.61 90.68
N GLU F 227 73.47 42.27 90.74
CA GLU F 227 72.20 41.55 90.81
C GLU F 227 71.81 41.20 92.24
N ILE F 228 72.78 40.79 93.04
CA ILE F 228 72.54 40.25 94.37
C ILE F 228 72.99 41.25 95.45
N PRO F 229 72.10 41.59 96.38
CA PRO F 229 72.44 42.48 97.51
C PRO F 229 73.62 41.98 98.36
N ASN F 230 74.37 42.92 98.94
CA ASN F 230 75.63 42.62 99.66
C ASN F 230 75.53 41.81 100.96
N SER F 239 65.16 49.98 107.66
CA SER F 239 65.29 50.53 109.01
C SER F 239 64.97 52.03 109.07
N HIS F 240 65.43 52.79 108.06
CA HIS F 240 64.93 54.15 107.90
C HIS F 240 63.47 54.03 107.51
N ALA F 241 63.20 53.07 106.61
CA ALA F 241 61.88 52.82 106.06
C ALA F 241 60.89 52.36 107.13
N VAL F 242 61.39 51.56 108.06
CA VAL F 242 60.54 51.08 109.16
C VAL F 242 60.08 52.27 110.03
N LYS F 243 61.01 53.14 110.39
CA LYS F 243 60.70 54.35 111.11
C LYS F 243 59.64 55.16 110.36
N ILE F 244 59.78 55.24 109.04
CA ILE F 244 58.89 56.04 108.21
C ILE F 244 57.47 55.47 108.18
N VAL F 245 57.36 54.15 107.98
CA VAL F 245 56.06 53.54 107.87
C VAL F 245 55.28 53.71 109.16
N VAL F 246 55.96 53.61 110.29
CA VAL F 246 55.32 53.71 111.59
C VAL F 246 54.80 55.13 111.76
N GLU F 247 55.67 56.08 111.43
CA GLU F 247 55.32 57.50 111.52
C GLU F 247 54.16 57.86 110.58
N ALA F 248 54.11 57.23 109.41
CA ALA F 248 53.04 57.46 108.48
C ALA F 248 51.74 56.94 109.08
N ALA F 249 51.80 55.75 109.69
CA ALA F 249 50.64 55.12 110.31
C ALA F 249 50.02 56.09 111.31
N ARG F 250 50.92 56.73 112.05
CA ARG F 250 50.57 57.69 113.08
C ARG F 250 49.72 58.83 112.52
N ARG F 251 50.08 59.33 111.34
CA ARG F 251 49.33 60.39 110.66
C ARG F 251 48.04 59.90 110.01
N LEU F 252 47.90 58.58 109.85
CA LEU F 252 46.72 58.04 109.18
C LEU F 252 45.66 57.54 110.15
N LEU F 253 45.91 57.68 111.45
CA LEU F 253 45.03 57.06 112.44
C LEU F 253 43.74 57.80 112.64
N SER G 4 50.01 -32.45 36.80
CA SER G 4 48.64 -32.91 36.36
C SER G 4 48.31 -32.68 34.86
N ASP G 5 47.74 -33.71 34.21
CA ASP G 5 47.49 -33.70 32.76
C ASP G 5 46.11 -33.14 32.37
N VAL G 6 45.18 -33.07 33.32
CA VAL G 6 43.84 -32.57 33.03
C VAL G 6 43.50 -31.42 33.95
N PHE G 7 42.61 -30.53 33.50
CA PHE G 7 42.39 -29.27 34.22
C PHE G 7 41.64 -29.39 35.56
N HIS G 8 40.66 -30.28 35.63
CA HIS G 8 39.86 -30.37 36.86
C HIS G 8 40.18 -31.55 37.78
N LEU G 9 40.40 -32.74 37.22
CA LEU G 9 40.51 -33.95 38.02
C LEU G 9 41.79 -34.05 38.82
N GLY G 10 42.80 -33.29 38.42
CA GLY G 10 44.12 -33.36 39.04
C GLY G 10 44.74 -34.75 38.97
N LEU G 11 44.77 -35.35 37.79
CA LEU G 11 45.34 -36.67 37.57
C LEU G 11 46.32 -36.64 36.41
N THR G 12 47.19 -37.65 36.31
CA THR G 12 48.10 -37.80 35.17
C THR G 12 47.84 -39.16 34.53
N LYS G 13 48.19 -39.31 33.25
CA LYS G 13 47.98 -40.57 32.53
C LYS G 13 48.61 -41.71 33.31
N ASN G 14 49.73 -41.40 33.95
CA ASN G 14 50.45 -42.35 34.77
C ASN G 14 49.69 -42.92 35.95
N ASP G 15 48.94 -42.07 36.65
CA ASP G 15 48.18 -42.46 37.83
C ASP G 15 47.23 -43.61 37.54
N LEU G 16 46.79 -43.69 36.29
CA LEU G 16 45.77 -44.64 35.86
C LEU G 16 46.33 -46.03 35.58
N GLN G 17 47.64 -46.10 35.36
CA GLN G 17 48.36 -47.35 35.09
C GLN G 17 47.75 -48.19 33.99
N GLY G 18 47.27 -47.53 32.93
CA GLY G 18 46.72 -48.20 31.78
C GLY G 18 45.26 -48.64 31.94
N ALA G 19 44.59 -48.19 33.00
CA ALA G 19 43.16 -48.40 33.18
C ALA G 19 42.44 -47.82 31.98
N THR G 20 41.37 -48.51 31.57
CA THR G 20 40.53 -48.04 30.46
C THR G 20 39.04 -48.10 30.82
N LEU G 21 38.74 -48.53 32.04
CA LEU G 21 37.36 -48.58 32.53
C LEU G 21 37.20 -47.77 33.81
N ALA G 22 36.14 -46.99 33.90
CA ALA G 22 35.87 -46.23 35.10
C ALA G 22 34.44 -46.44 35.60
N ILE G 23 34.30 -46.70 36.90
CA ILE G 23 33.00 -46.68 37.55
C ILE G 23 32.76 -45.25 38.07
N VAL G 24 31.65 -44.63 37.67
CA VAL G 24 31.42 -43.22 37.97
C VAL G 24 30.16 -42.96 38.83
N PRO G 25 30.32 -42.98 40.14
CA PRO G 25 29.22 -42.63 41.04
C PRO G 25 29.09 -41.12 41.12
N GLY G 26 28.02 -40.63 41.70
CA GLY G 26 27.79 -39.21 41.71
C GLY G 26 28.48 -38.55 42.89
N ASP G 27 28.50 -39.24 44.01
CA ASP G 27 28.91 -38.66 45.28
C ASP G 27 30.39 -38.98 45.56
N PRO G 28 31.22 -37.96 45.74
CA PRO G 28 32.64 -38.17 46.08
C PRO G 28 32.83 -39.09 47.28
N ASP G 29 31.93 -39.03 48.26
CA ASP G 29 32.05 -39.82 49.51
C ASP G 29 31.77 -41.31 49.31
N ARG G 30 31.17 -41.64 48.18
CA ARG G 30 30.82 -43.01 47.85
C ARG G 30 31.95 -43.69 47.06
N VAL G 31 32.89 -42.88 46.55
CA VAL G 31 33.99 -43.38 45.71
C VAL G 31 34.87 -44.42 46.41
N GLU G 32 35.38 -44.05 47.59
CA GLU G 32 36.20 -44.93 48.41
C GLU G 32 35.48 -46.24 48.75
N LYS G 33 34.18 -46.16 49.08
CA LYS G 33 33.37 -47.35 49.43
C LYS G 33 33.35 -48.35 48.29
N ILE G 34 33.20 -47.85 47.05
CA ILE G 34 33.18 -48.69 45.87
C ILE G 34 34.54 -49.30 45.60
N ALA G 35 35.57 -48.46 45.59
CA ALA G 35 36.95 -48.91 45.37
C ALA G 35 37.34 -50.04 46.33
N ALA G 36 36.86 -49.92 47.58
CA ALA G 36 37.17 -50.84 48.65
C ALA G 36 36.67 -52.28 48.39
N LEU G 37 35.71 -52.42 47.48
CA LEU G 37 35.20 -53.73 47.10
C LEU G 37 36.13 -54.43 46.10
N MET G 38 37.17 -53.72 45.66
CA MET G 38 38.13 -54.29 44.72
C MET G 38 39.49 -54.42 45.39
N ASP G 39 40.50 -54.88 44.65
CA ASP G 39 41.85 -55.06 45.20
C ASP G 39 42.73 -53.81 45.10
N LYS G 40 43.64 -53.67 46.06
CA LYS G 40 44.64 -52.60 46.08
C LYS G 40 44.07 -51.18 45.84
N PRO G 41 43.05 -50.78 46.60
CA PRO G 41 42.48 -49.44 46.46
C PRO G 41 43.43 -48.34 46.92
N VAL G 42 43.61 -47.31 46.09
CA VAL G 42 44.53 -46.22 46.38
C VAL G 42 43.85 -44.91 46.01
N LYS G 43 43.85 -43.94 46.92
CA LYS G 43 43.34 -42.61 46.59
C LYS G 43 44.32 -41.95 45.62
N LEU G 44 43.79 -41.42 44.51
CA LEU G 44 44.59 -40.74 43.52
C LEU G 44 44.50 -39.23 43.70
N ALA G 45 43.29 -38.70 43.74
CA ALA G 45 43.09 -37.26 43.85
C ALA G 45 41.68 -36.89 44.33
N SER G 46 41.54 -35.63 44.72
CA SER G 46 40.31 -35.09 45.23
C SER G 46 40.30 -33.58 45.03
N HIS G 47 39.49 -33.14 44.08
CA HIS G 47 39.34 -31.73 43.78
C HIS G 47 37.86 -31.46 43.47
N ARG G 48 37.33 -30.40 44.07
CA ARG G 48 35.93 -30.05 43.94
C ARG G 48 35.11 -31.33 44.17
N GLU G 49 34.13 -31.61 43.32
CA GLU G 49 33.31 -32.80 43.49
C GLU G 49 33.96 -34.05 42.89
N PHE G 50 35.21 -33.95 42.45
CA PHE G 50 35.89 -35.03 41.74
C PHE G 50 36.90 -35.77 42.60
N THR G 51 36.48 -36.91 43.12
CA THR G 51 37.35 -37.79 43.90
C THR G 51 37.65 -39.03 43.08
N THR G 52 38.94 -39.36 42.96
CA THR G 52 39.35 -40.46 42.12
C THR G 52 40.18 -41.46 42.91
N TRP G 53 39.74 -42.72 42.89
CA TRP G 53 40.52 -43.84 43.39
C TRP G 53 40.85 -44.79 42.25
N ARG G 54 41.95 -45.50 42.39
CA ARG G 54 42.32 -46.55 41.46
C ARG G 54 42.27 -47.82 42.28
N ALA G 55 41.88 -48.90 41.62
CA ALA G 55 41.91 -50.20 42.26
C ALA G 55 42.20 -51.25 41.19
N GLU G 56 41.98 -52.50 41.55
CA GLU G 56 42.33 -53.59 40.67
C GLU G 56 41.23 -54.64 40.68
N LEU G 57 40.92 -55.14 39.49
CA LEU G 57 39.87 -56.13 39.30
C LEU G 57 40.39 -57.24 38.37
N ASP G 58 40.42 -58.48 38.87
CA ASP G 58 41.10 -59.60 38.22
C ASP G 58 42.45 -59.17 37.66
N GLY G 59 43.26 -58.52 38.51
CA GLY G 59 44.59 -58.04 38.13
C GLY G 59 44.65 -56.90 37.11
N LYS G 60 43.53 -56.27 36.81
CA LYS G 60 43.51 -55.13 35.88
C LYS G 60 43.15 -53.84 36.61
N PRO G 61 43.85 -52.75 36.31
CA PRO G 61 43.59 -51.48 36.97
C PRO G 61 42.27 -50.90 36.52
N VAL G 62 41.55 -50.30 37.47
CA VAL G 62 40.22 -49.80 37.23
C VAL G 62 40.14 -48.46 37.97
N ILE G 63 39.42 -47.49 37.39
CA ILE G 63 39.23 -46.19 38.05
C ILE G 63 37.86 -46.11 38.70
N VAL G 64 37.79 -45.49 39.87
CA VAL G 64 36.49 -45.05 40.42
C VAL G 64 36.57 -43.53 40.58
N CYS G 65 35.62 -42.81 39.96
CA CYS G 65 35.68 -41.36 39.92
C CYS G 65 34.32 -40.71 40.03
N SER G 66 34.15 -39.77 40.96
CA SER G 66 32.84 -39.13 41.16
C SER G 66 32.57 -38.01 40.16
N THR G 67 31.30 -37.86 39.79
CA THR G 67 30.92 -36.88 38.77
C THR G 67 30.38 -35.61 39.41
N GLY G 68 29.96 -35.70 40.67
CA GLY G 68 29.13 -34.68 41.26
C GLY G 68 27.72 -34.83 40.70
N ILE G 69 26.81 -33.93 41.10
CA ILE G 69 25.43 -33.89 40.59
C ILE G 69 25.34 -33.16 39.24
N GLY G 70 24.77 -33.80 38.24
CA GLY G 70 24.35 -33.11 37.03
C GLY G 70 25.29 -33.20 35.83
N GLY G 71 24.68 -33.00 34.67
CA GLY G 71 25.39 -33.13 33.41
C GLY G 71 26.69 -32.36 33.38
N PRO G 72 26.66 -31.08 33.72
CA PRO G 72 27.85 -30.25 33.50
C PRO G 72 29.08 -30.86 34.14
N SER G 73 29.00 -31.22 35.42
CA SER G 73 30.19 -31.74 36.11
C SER G 73 30.50 -33.15 35.66
N THR G 74 29.46 -33.94 35.40
CA THR G 74 29.63 -35.22 34.74
C THR G 74 30.41 -35.09 33.46
N SER G 75 30.10 -34.08 32.65
CA SER G 75 30.74 -33.92 31.35
C SER G 75 32.21 -33.57 31.51
N ILE G 76 32.57 -32.93 32.63
CA ILE G 76 33.98 -32.62 32.87
C ILE G 76 34.77 -33.88 33.23
N ALA G 77 34.23 -34.66 34.15
CA ALA G 77 34.86 -35.91 34.58
C ALA G 77 35.03 -36.90 33.43
N VAL G 78 33.98 -37.11 32.63
CA VAL G 78 34.05 -38.03 31.51
C VAL G 78 35.09 -37.55 30.49
N GLU G 79 35.03 -36.27 30.11
CA GLU G 79 35.93 -35.76 29.08
C GLU G 79 37.35 -35.98 29.52
N GLU G 80 37.64 -35.64 30.77
CA GLU G 80 39.03 -35.64 31.23
C GLU G 80 39.53 -37.06 31.48
N LEU G 81 38.65 -37.95 31.93
CA LEU G 81 38.98 -39.36 32.03
C LEU G 81 39.22 -39.95 30.65
N ALA G 82 38.44 -39.53 29.66
CA ALA G 82 38.64 -39.98 28.28
C ALA G 82 40.03 -39.56 27.77
N GLN G 83 40.42 -38.32 28.08
CA GLN G 83 41.75 -37.83 27.76
C GLN G 83 42.81 -38.72 28.34
N LEU G 84 42.62 -39.19 29.57
CA LEU G 84 43.59 -40.04 30.25
C LEU G 84 43.56 -41.54 29.88
N GLY G 85 42.66 -41.91 28.97
CA GLY G 85 42.65 -43.24 28.42
C GLY G 85 41.43 -44.09 28.72
N ILE G 86 40.49 -43.58 29.53
CA ILE G 86 39.26 -44.33 29.84
C ILE G 86 38.40 -44.45 28.58
N ARG G 87 37.91 -45.66 28.30
CA ARG G 87 37.06 -45.92 27.14
C ARG G 87 35.69 -46.53 27.50
N THR G 88 35.53 -46.92 28.77
CA THR G 88 34.27 -47.52 29.25
C THR G 88 33.86 -46.88 30.57
N PHE G 89 32.61 -46.42 30.63
CA PHE G 89 32.14 -45.74 31.80
C PHE G 89 30.89 -46.42 32.33
N LEU G 90 30.93 -46.83 33.59
CA LEU G 90 29.78 -47.46 34.21
C LEU G 90 29.28 -46.56 35.31
N ARG G 91 28.09 -46.06 35.13
CA ARG G 91 27.52 -45.22 36.15
C ARG G 91 26.71 -46.02 37.18
N ILE G 92 26.98 -45.70 38.44
CA ILE G 92 26.25 -46.28 39.57
C ILE G 92 25.55 -45.17 40.33
N GLY G 93 24.23 -45.29 40.48
CA GLY G 93 23.48 -44.22 41.14
C GLY G 93 22.42 -44.68 42.11
N THR G 94 21.79 -43.67 42.73
CA THR G 94 20.50 -43.84 43.43
C THR G 94 19.43 -43.12 42.61
N THR G 95 18.20 -43.61 42.73
CA THR G 95 17.13 -43.06 41.92
C THR G 95 15.77 -43.18 42.59
N GLY G 96 14.83 -42.37 42.11
CA GLY G 96 13.45 -42.49 42.50
C GLY G 96 12.63 -43.02 41.34
N ALA G 97 11.94 -44.16 41.57
CA ALA G 97 11.06 -44.76 40.57
C ALA G 97 9.76 -44.00 40.47
N ILE G 98 9.20 -44.00 39.26
CA ILE G 98 7.89 -43.39 39.01
C ILE G 98 6.84 -44.38 38.55
N GLN G 99 7.18 -45.67 38.55
CA GLN G 99 6.20 -46.71 38.23
C GLN G 99 5.83 -47.43 39.52
N PRO G 100 4.54 -47.64 39.75
CA PRO G 100 4.06 -48.29 40.98
C PRO G 100 4.52 -49.74 41.19
N HIS G 101 4.93 -50.42 40.14
CA HIS G 101 5.38 -51.82 40.25
C HIS G 101 6.87 -51.93 40.64
N ILE G 102 7.61 -50.82 40.53
CA ILE G 102 9.02 -50.84 40.92
C ILE G 102 9.15 -50.49 42.40
N ASN G 103 9.84 -51.36 43.14
CA ASN G 103 9.99 -51.18 44.58
C ASN G 103 11.36 -50.67 45.05
N VAL G 104 11.35 -50.04 46.22
CA VAL G 104 12.57 -49.65 46.89
C VAL G 104 13.36 -50.95 47.11
N GLY G 105 14.61 -50.98 46.61
CA GLY G 105 15.41 -52.18 46.67
C GLY G 105 15.63 -52.81 45.30
N ASP G 106 14.75 -52.48 44.37
CA ASP G 106 14.89 -52.96 43.01
C ASP G 106 16.09 -52.28 42.35
N VAL G 107 16.60 -52.91 41.30
CA VAL G 107 17.73 -52.35 40.57
C VAL G 107 17.25 -51.95 39.17
N LEU G 108 17.67 -50.77 38.72
CA LEU G 108 17.29 -50.32 37.39
C LEU G 108 18.48 -50.20 36.45
N VAL G 109 18.41 -50.89 35.32
CA VAL G 109 19.37 -50.72 34.21
C VAL G 109 18.73 -49.93 33.08
N THR G 110 19.36 -48.80 32.76
CA THR G 110 18.84 -47.86 31.77
C THR G 110 19.35 -48.17 30.37
N THR G 111 18.42 -48.39 29.44
CA THR G 111 18.78 -48.65 28.05
C THR G 111 19.04 -47.35 27.35
N ALA G 112 18.28 -46.33 27.70
CA ALA G 112 18.39 -45.00 27.10
C ALA G 112 17.64 -44.00 27.94
N SER G 113 17.96 -42.73 27.78
CA SER G 113 17.36 -41.71 28.62
C SER G 113 16.55 -40.67 27.88
N VAL G 114 15.46 -40.21 28.52
CA VAL G 114 14.81 -39.00 28.08
C VAL G 114 15.75 -37.84 28.42
N ARG G 115 16.14 -37.05 27.41
CA ARG G 115 17.10 -35.97 27.59
C ARG G 115 16.54 -34.66 28.13
N LEU G 116 16.33 -34.58 29.44
CA LEU G 116 15.79 -33.35 30.05
C LEU G 116 16.92 -32.49 30.64
N ASP G 117 18.09 -32.59 30.00
CA ASP G 117 19.30 -31.91 30.43
C ASP G 117 19.79 -30.92 29.36
N GLY G 118 20.81 -30.14 29.70
CA GLY G 118 21.36 -29.17 28.78
C GLY G 118 22.65 -29.64 28.12
N ALA G 119 23.46 -30.38 28.87
CA ALA G 119 24.78 -30.75 28.43
C ALA G 119 24.77 -31.69 27.22
N SER G 120 23.86 -32.65 27.19
CA SER G 120 23.83 -33.59 26.07
C SER G 120 23.78 -32.84 24.73
N LEU G 121 23.05 -31.72 24.69
CA LEU G 121 22.91 -30.91 23.49
C LEU G 121 24.25 -30.32 23.08
N HIS G 122 25.21 -30.30 23.98
CA HIS G 122 26.55 -29.81 23.63
C HIS G 122 27.38 -30.89 22.88
N PHE G 123 26.83 -32.11 22.78
CA PHE G 123 27.52 -33.19 22.11
C PHE G 123 26.79 -33.70 20.87
N ALA G 124 25.47 -33.73 20.94
CA ALA G 124 24.63 -34.13 19.82
C ALA G 124 23.27 -33.39 19.88
N PRO G 125 22.64 -33.11 18.74
CA PRO G 125 21.34 -32.43 18.75
C PRO G 125 20.28 -33.33 19.37
N LEU G 126 19.13 -32.77 19.70
CA LEU G 126 18.16 -33.47 20.54
C LEU G 126 17.72 -34.81 19.97
N GLU G 127 17.65 -34.89 18.64
CA GLU G 127 17.16 -36.08 17.93
C GLU G 127 18.06 -37.32 18.13
N PHE G 128 19.30 -37.08 18.53
CA PHE G 128 20.21 -38.17 18.78
C PHE G 128 19.87 -38.89 20.09
N PRO G 129 19.79 -40.21 20.04
CA PRO G 129 19.35 -41.00 21.22
C PRO G 129 20.37 -41.06 22.33
N ALA G 130 19.98 -40.67 23.54
CA ALA G 130 20.84 -40.88 24.70
C ALA G 130 20.86 -42.35 25.06
N VAL G 131 21.48 -43.18 24.20
CA VAL G 131 21.42 -44.63 24.32
C VAL G 131 22.66 -45.24 24.98
N ALA G 132 22.44 -46.20 25.85
CA ALA G 132 23.54 -46.90 26.49
C ALA G 132 24.18 -47.89 25.52
N ASP G 133 25.45 -48.17 25.76
CA ASP G 133 26.20 -49.17 25.02
C ASP G 133 25.63 -50.57 25.24
N PHE G 134 25.49 -51.33 24.16
CA PHE G 134 24.88 -52.65 24.24
C PHE G 134 25.65 -53.62 25.15
N GLU G 135 26.97 -53.65 25.00
CA GLU G 135 27.78 -54.54 25.85
C GLU G 135 27.67 -54.19 27.34
N CYS G 136 27.77 -52.90 27.66
CA CYS G 136 27.64 -52.42 29.02
C CYS G 136 26.30 -52.79 29.61
N THR G 137 25.22 -52.52 28.88
CA THR G 137 23.88 -52.86 29.34
C THR G 137 23.78 -54.36 29.59
N THR G 138 24.27 -55.16 28.63
CA THR G 138 24.28 -56.61 28.79
C THR G 138 25.00 -57.03 30.06
N ALA G 139 26.25 -56.57 30.22
CA ALA G 139 27.04 -56.83 31.40
C ALA G 139 26.29 -56.47 32.68
N LEU G 140 25.60 -55.33 32.67
CA LEU G 140 24.86 -54.88 33.84
C LEU G 140 23.65 -55.79 34.12
N VAL G 141 22.88 -56.11 33.07
CA VAL G 141 21.73 -56.99 33.21
C VAL G 141 22.17 -58.38 33.70
N GLU G 142 23.25 -58.89 33.12
CA GLU G 142 23.74 -60.19 33.51
C GLU G 142 24.29 -60.22 34.93
N ALA G 143 24.97 -59.15 35.34
CA ALA G 143 25.52 -59.07 36.70
C ALA G 143 24.38 -59.09 37.70
N ALA G 144 23.32 -58.36 37.38
CA ALA G 144 22.14 -58.28 38.22
C ALA G 144 21.49 -59.65 38.37
N LYS G 145 21.46 -60.41 37.27
CA LYS G 145 20.90 -61.75 37.25
C LYS G 145 21.70 -62.67 38.14
N SER G 146 23.02 -62.49 38.10
CA SER G 146 23.96 -63.37 38.78
C SER G 146 23.94 -63.23 40.29
N ILE G 147 23.54 -62.07 40.81
CA ILE G 147 23.43 -61.88 42.24
C ILE G 147 21.97 -61.90 42.69
N GLY G 148 21.06 -62.09 41.74
CA GLY G 148 19.66 -62.35 42.02
C GLY G 148 18.78 -61.17 42.43
N ALA G 149 19.18 -59.94 42.09
CA ALA G 149 18.37 -58.77 42.41
C ALA G 149 17.17 -58.68 41.47
N THR G 150 16.04 -58.19 41.97
CA THR G 150 14.91 -57.94 41.08
C THR G 150 15.17 -56.68 40.24
N THR G 151 15.15 -56.85 38.92
CA THR G 151 15.71 -55.86 38.02
C THR G 151 14.72 -55.35 37.00
N HIS G 152 14.77 -54.05 36.73
CA HIS G 152 13.99 -53.49 35.62
C HIS G 152 14.90 -52.86 34.57
N VAL G 153 14.62 -53.16 33.30
CA VAL G 153 15.41 -52.69 32.17
C VAL G 153 14.54 -51.79 31.31
N GLY G 154 14.97 -50.55 31.08
CA GLY G 154 14.17 -49.61 30.33
C GLY G 154 14.65 -48.18 30.37
N VAL G 155 13.71 -47.27 30.10
CA VAL G 155 14.01 -45.87 29.88
C VAL G 155 14.00 -45.02 31.16
N THR G 156 14.97 -44.12 31.27
CA THR G 156 15.08 -43.23 32.42
C THR G 156 14.92 -41.76 31.99
N ALA G 157 14.19 -40.97 32.77
CA ALA G 157 14.12 -39.55 32.47
C ALA G 157 15.26 -38.86 33.23
N SER G 158 16.13 -38.17 32.51
CA SER G 158 17.33 -37.59 33.09
C SER G 158 17.24 -36.04 33.10
N SER G 159 17.09 -35.46 34.30
CA SER G 159 16.65 -34.08 34.43
C SER G 159 17.73 -33.19 34.98
N ASP G 160 17.84 -31.98 34.48
CA ASP G 160 18.84 -31.05 34.98
C ASP G 160 18.46 -30.51 36.36
N THR G 161 17.24 -30.76 36.83
CA THR G 161 16.87 -30.36 38.19
C THR G 161 16.30 -31.51 39.01
N PHE G 162 16.46 -31.37 40.33
CA PHE G 162 15.92 -32.35 41.25
C PHE G 162 14.46 -32.02 41.53
N TYR G 163 14.14 -30.73 41.47
CA TYR G 163 12.81 -30.27 41.85
C TYR G 163 11.81 -30.08 40.69
N PRO G 164 11.78 -28.93 40.00
CA PRO G 164 10.74 -28.70 38.99
C PRO G 164 10.80 -29.70 37.87
N GLY G 165 11.99 -30.09 37.41
CA GLY G 165 12.14 -30.97 36.27
C GLY G 165 11.70 -32.40 36.54
N GLN G 166 11.56 -32.74 37.83
CA GLN G 166 11.00 -34.00 38.24
C GLN G 166 9.61 -33.76 38.81
N GLU G 167 9.03 -32.64 38.42
CA GLU G 167 7.71 -32.19 38.91
C GLU G 167 7.50 -32.35 40.41
N ARG G 168 8.42 -31.81 41.20
CA ARG G 168 8.20 -31.70 42.61
C ARG G 168 7.54 -30.36 42.94
N TYR G 169 6.48 -30.38 43.76
CA TYR G 169 5.76 -29.16 44.14
C TYR G 169 6.09 -28.72 45.54
N ASP G 170 6.76 -29.56 46.32
CA ASP G 170 6.96 -29.19 47.71
C ASP G 170 8.27 -28.41 47.84
N THR G 171 8.21 -27.17 47.39
CA THR G 171 9.40 -26.34 47.17
C THR G 171 9.13 -24.92 47.67
N TYR G 172 10.11 -24.06 47.51
CA TYR G 172 9.99 -22.68 47.96
C TYR G 172 8.83 -21.97 47.29
N SER G 173 8.70 -22.16 45.99
CA SER G 173 7.70 -21.46 45.19
C SER G 173 6.42 -22.27 45.10
N GLY G 174 6.52 -23.59 45.23
CA GLY G 174 5.36 -24.45 45.19
C GLY G 174 4.78 -24.58 43.80
N ARG G 175 5.55 -24.21 42.79
CA ARG G 175 5.04 -24.23 41.42
C ARG G 175 6.04 -24.81 40.41
N VAL G 176 5.51 -25.30 39.30
CA VAL G 176 6.33 -25.87 38.25
C VAL G 176 6.10 -25.13 36.94
N VAL G 177 7.19 -24.79 36.25
CA VAL G 177 7.13 -24.16 34.93
C VAL G 177 6.21 -24.89 33.97
N ARG G 178 5.46 -24.11 33.18
CA ARG G 178 4.45 -24.65 32.28
C ARG G 178 4.91 -25.89 31.55
N HIS G 179 6.11 -25.83 30.97
CA HIS G 179 6.68 -26.96 30.25
C HIS G 179 6.69 -28.27 31.02
N PHE G 180 6.91 -28.23 32.33
CA PHE G 180 7.02 -29.48 33.10
C PHE G 180 5.76 -29.90 33.87
N LYS G 181 4.73 -29.04 33.82
CA LYS G 181 3.49 -29.29 34.50
C LYS G 181 2.83 -30.49 33.82
N GLY G 182 2.51 -31.52 34.60
CA GLY G 182 1.95 -32.74 34.06
C GLY G 182 2.94 -33.63 33.34
N SER G 183 4.22 -33.31 33.46
CA SER G 183 5.22 -34.10 32.77
C SER G 183 5.43 -35.48 33.38
N MET G 184 5.41 -35.62 34.70
CA MET G 184 5.64 -36.93 35.32
C MET G 184 4.58 -37.95 34.84
N GLU G 185 3.33 -37.52 34.80
CA GLU G 185 2.26 -38.40 34.35
C GLU G 185 2.52 -38.87 32.90
N GLU G 186 3.09 -37.98 32.08
CA GLU G 186 3.40 -38.31 30.68
C GLU G 186 4.50 -39.36 30.60
N TRP G 187 5.61 -39.13 31.31
CA TRP G 187 6.66 -40.12 31.35
C TRP G 187 6.17 -41.48 31.89
N GLN G 188 5.32 -41.42 32.91
CA GLN G 188 4.71 -42.59 33.51
C GLN G 188 4.00 -43.43 32.45
N ALA G 189 3.14 -42.77 31.67
CA ALA G 189 2.34 -43.45 30.65
C ALA G 189 3.23 -44.03 29.54
N MET G 190 4.36 -43.38 29.33
CA MET G 190 5.30 -43.80 28.32
C MET G 190 6.24 -44.95 28.75
N GLY G 191 6.04 -45.44 29.97
CA GLY G 191 6.81 -46.57 30.45
C GLY G 191 8.11 -46.20 31.13
N VAL G 192 8.40 -44.90 31.28
CA VAL G 192 9.65 -44.45 31.89
C VAL G 192 9.72 -44.95 33.33
N MET G 193 10.89 -45.46 33.71
CA MET G 193 11.04 -46.09 35.02
C MET G 193 11.25 -45.09 36.18
N ASN G 194 12.06 -44.06 35.93
CA ASN G 194 12.60 -43.30 37.03
C ASN G 194 13.14 -41.96 36.57
N TYR G 195 13.48 -41.12 37.55
CA TYR G 195 14.20 -39.89 37.31
C TYR G 195 15.59 -39.99 37.97
N GLU G 196 16.61 -39.54 37.26
CA GLU G 196 17.89 -39.19 37.88
C GLU G 196 18.44 -38.00 37.11
N MET G 197 19.69 -37.62 37.38
CA MET G 197 20.15 -36.35 36.84
C MET G 197 21.39 -36.35 35.97
N GLU G 198 21.89 -37.52 35.57
CA GLU G 198 23.20 -37.52 34.88
C GLU G 198 23.28 -38.33 33.59
N SER G 199 22.35 -39.27 33.44
CA SER G 199 22.50 -40.26 32.40
C SER G 199 22.33 -39.70 31.00
N ALA G 200 21.50 -38.69 30.84
CA ALA G 200 21.31 -38.10 29.52
C ALA G 200 22.60 -37.59 29.03
N THR G 201 23.32 -36.86 29.87
CA THR G 201 24.63 -36.32 29.52
C THR G 201 25.63 -37.43 29.29
N LEU G 202 25.76 -38.34 30.25
CA LEU G 202 26.69 -39.43 30.14
C LEU G 202 26.47 -40.24 28.88
N LEU G 203 25.24 -40.71 28.67
CA LEU G 203 24.99 -41.61 27.56
C LEU G 203 25.15 -40.92 26.21
N THR G 204 24.72 -39.66 26.13
CA THR G 204 24.85 -38.94 24.87
C THR G 204 26.32 -38.70 24.49
N MET G 205 27.07 -38.21 25.47
CA MET G 205 28.44 -37.81 25.20
C MET G 205 29.29 -39.05 24.89
N CYS G 206 28.98 -40.19 25.52
CA CYS G 206 29.71 -41.40 25.18
C CYS G 206 29.31 -42.01 23.84
N ALA G 207 28.01 -42.17 23.62
CA ALA G 207 27.48 -42.72 22.39
C ALA G 207 27.86 -41.95 21.12
N SER G 208 28.12 -40.66 21.25
CA SER G 208 28.47 -39.84 20.09
C SER G 208 29.98 -39.66 19.92
N GLN G 209 30.76 -40.29 20.80
CA GLN G 209 32.22 -40.17 20.80
C GLN G 209 32.97 -41.50 20.80
N GLY G 210 32.27 -42.60 20.53
CA GLY G 210 32.89 -43.92 20.50
C GLY G 210 33.30 -44.46 21.87
N LEU G 211 32.71 -43.92 22.92
CA LEU G 211 32.95 -44.39 24.27
C LEU G 211 31.79 -45.25 24.71
N ARG G 212 32.09 -46.31 25.47
CA ARG G 212 31.06 -47.23 25.93
C ARG G 212 30.55 -46.77 27.28
N ALA G 213 29.24 -46.70 27.45
CA ALA G 213 28.69 -46.33 28.75
C ALA G 213 27.47 -47.17 29.13
N GLY G 214 27.33 -47.41 30.43
CA GLY G 214 26.17 -48.10 30.96
C GLY G 214 25.69 -47.40 32.22
N MET G 215 24.47 -47.70 32.64
CA MET G 215 23.88 -47.08 33.83
C MET G 215 23.12 -48.09 34.66
N VAL G 216 23.39 -48.07 35.94
CA VAL G 216 22.62 -48.88 36.89
C VAL G 216 22.38 -48.07 38.16
N ALA G 217 21.20 -48.23 38.73
CA ALA G 217 20.85 -47.51 39.93
C ALA G 217 19.94 -48.34 40.83
N GLY G 218 20.08 -48.14 42.14
CA GLY G 218 19.20 -48.71 43.14
C GLY G 218 18.10 -47.73 43.49
N VAL G 219 16.88 -48.26 43.62
CA VAL G 219 15.73 -47.45 43.94
C VAL G 219 15.68 -47.17 45.45
N ILE G 220 15.69 -45.88 45.79
CA ILE G 220 15.65 -45.46 47.19
C ILE G 220 14.28 -44.88 47.60
N VAL G 221 13.51 -44.42 46.63
CA VAL G 221 12.15 -43.92 46.88
C VAL G 221 11.21 -44.15 45.69
N ASN G 222 9.92 -44.27 45.99
CA ASN G 222 8.89 -44.30 44.98
C ASN G 222 7.98 -43.07 44.96
N ARG G 223 8.04 -42.32 43.86
CA ARG G 223 7.25 -41.10 43.65
C ARG G 223 5.73 -41.27 43.67
N THR G 224 5.24 -42.51 43.53
CA THR G 224 3.80 -42.73 43.52
C THR G 224 3.26 -42.73 44.94
N GLN G 225 4.15 -42.45 45.90
CA GLN G 225 3.75 -42.23 47.32
C GLN G 225 4.35 -40.97 47.99
N GLN G 226 5.50 -40.50 47.48
CA GLN G 226 6.30 -39.48 48.15
C GLN G 226 7.15 -38.65 47.17
N GLU G 227 7.43 -37.40 47.54
CA GLU G 227 8.41 -36.57 46.80
C GLU G 227 9.83 -36.76 47.37
N ILE G 228 9.99 -36.42 48.66
CA ILE G 228 11.24 -36.55 49.39
C ILE G 228 11.38 -37.97 50.01
N PRO G 229 12.50 -38.66 49.74
CA PRO G 229 12.86 -39.89 50.49
C PRO G 229 12.99 -39.65 52.00
N MET G 234 17.57 -50.36 52.86
CA MET G 234 17.90 -49.13 52.14
C MET G 234 19.41 -48.97 51.87
N LYS G 235 20.23 -49.13 52.91
CA LYS G 235 21.70 -49.17 52.76
C LYS G 235 22.15 -50.44 52.01
N GLN G 236 21.32 -51.49 52.12
CA GLN G 236 21.53 -52.77 51.46
C GLN G 236 21.14 -52.75 49.98
N THR G 237 20.34 -51.76 49.59
CA THR G 237 19.86 -51.57 48.21
C THR G 237 20.98 -51.06 47.30
N GLU G 238 21.69 -50.05 47.79
CA GLU G 238 22.86 -49.49 47.08
C GLU G 238 24.08 -50.43 47.19
N SER G 239 24.11 -51.26 48.24
CA SER G 239 25.05 -52.38 48.33
C SER G 239 24.84 -53.40 47.21
N HIS G 240 23.57 -53.60 46.80
CA HIS G 240 23.20 -54.47 45.68
C HIS G 240 23.69 -53.88 44.36
N ALA G 241 23.31 -52.64 44.12
CA ALA G 241 23.67 -51.94 42.90
C ALA G 241 25.19 -51.79 42.77
N VAL G 242 25.88 -51.45 43.85
CA VAL G 242 27.33 -51.34 43.80
C VAL G 242 27.93 -52.70 43.46
N LYS G 243 27.46 -53.75 44.13
CA LYS G 243 27.91 -55.12 43.83
C LYS G 243 27.70 -55.41 42.36
N ILE G 244 26.55 -55.00 41.84
CA ILE G 244 26.24 -55.24 40.42
C ILE G 244 27.17 -54.47 39.47
N VAL G 245 27.45 -53.20 39.75
CA VAL G 245 28.30 -52.42 38.87
C VAL G 245 29.73 -52.97 38.84
N VAL G 246 30.21 -53.42 40.00
CA VAL G 246 31.55 -53.98 40.10
C VAL G 246 31.63 -55.27 39.31
N GLU G 247 30.60 -56.10 39.44
CA GLU G 247 30.55 -57.37 38.72
C GLU G 247 30.42 -57.19 37.21
N ALA G 248 29.70 -56.15 36.79
CA ALA G 248 29.58 -55.80 35.40
C ALA G 248 30.94 -55.35 34.86
N ALA G 249 31.62 -54.48 35.62
CA ALA G 249 32.98 -54.07 35.30
C ALA G 249 33.86 -55.27 35.04
N ARG G 250 33.77 -56.28 35.91
CA ARG G 250 34.53 -57.50 35.75
C ARG G 250 34.34 -58.09 34.36
N ARG G 251 33.10 -58.08 33.87
CA ARG G 251 32.77 -58.70 32.58
C ARG G 251 33.17 -57.88 31.37
N LEU G 252 33.44 -56.59 31.57
CA LEU G 252 33.77 -55.69 30.47
C LEU G 252 35.29 -55.45 30.32
N LEU G 253 36.08 -56.14 31.15
CA LEU G 253 37.51 -55.88 31.22
C LEU G 253 38.29 -56.49 30.07
N SER H 4 17.64 -32.44 60.00
CA SER H 4 17.80 -31.56 58.81
C SER H 4 16.48 -31.19 58.13
N ASP H 5 16.35 -29.92 57.74
CA ASP H 5 15.13 -29.39 57.10
C ASP H 5 15.13 -29.48 55.56
N VAL H 6 16.23 -29.89 54.94
CA VAL H 6 16.33 -29.93 53.47
C VAL H 6 17.03 -31.21 53.02
N PHE H 7 16.63 -31.73 51.86
CA PHE H 7 17.13 -33.03 51.44
C PHE H 7 18.62 -33.08 51.20
N HIS H 8 19.21 -32.10 50.53
CA HIS H 8 20.63 -32.20 50.19
C HIS H 8 21.64 -31.49 51.12
N LEU H 9 21.31 -30.30 51.60
CA LEU H 9 22.29 -29.47 52.32
C LEU H 9 22.55 -29.83 53.77
N GLY H 10 21.64 -30.60 54.35
CA GLY H 10 21.81 -31.00 55.74
C GLY H 10 21.79 -29.82 56.70
N LEU H 11 20.90 -28.87 56.46
CA LEU H 11 20.78 -27.70 57.31
C LEU H 11 19.36 -27.59 57.87
N THR H 12 19.24 -26.91 59.01
CA THR H 12 17.92 -26.58 59.60
C THR H 12 17.76 -25.06 59.59
N LYS H 13 16.52 -24.58 59.51
CA LYS H 13 16.21 -23.15 59.57
C LYS H 13 16.94 -22.47 60.75
N ASN H 14 17.01 -23.18 61.87
CA ASN H 14 17.72 -22.72 63.05
C ASN H 14 19.20 -22.48 62.87
N ASP H 15 19.85 -23.30 62.04
CA ASP H 15 21.28 -23.18 61.76
C ASP H 15 21.64 -21.83 61.19
N LEU H 16 20.67 -21.24 60.48
CA LEU H 16 20.88 -20.00 59.74
C LEU H 16 20.73 -18.76 60.60
N GLN H 17 20.14 -18.92 61.79
CA GLN H 17 19.96 -17.83 62.78
C GLN H 17 19.34 -16.55 62.20
N GLY H 18 18.37 -16.71 61.30
CA GLY H 18 17.70 -15.57 60.71
C GLY H 18 18.38 -15.01 59.48
N ALA H 19 19.51 -15.58 59.02
CA ALA H 19 20.19 -15.13 57.79
C ALA H 19 19.26 -15.10 56.58
N THR H 20 19.37 -14.05 55.78
CA THR H 20 18.58 -13.95 54.55
C THR H 20 19.42 -13.71 53.33
N LEU H 21 20.73 -13.60 53.51
CA LEU H 21 21.65 -13.48 52.38
C LEU H 21 22.69 -14.60 52.39
N ALA H 22 23.03 -15.10 51.20
CA ALA H 22 24.07 -16.12 51.04
C ALA H 22 25.07 -15.71 49.97
N ILE H 23 26.36 -15.87 50.25
CA ILE H 23 27.39 -15.83 49.20
C ILE H 23 27.55 -17.28 48.69
N VAL H 24 27.55 -17.46 47.38
CA VAL H 24 27.58 -18.82 46.84
C VAL H 24 28.68 -19.00 45.83
N PRO H 25 29.84 -19.46 46.29
CA PRO H 25 30.95 -19.84 45.40
C PRO H 25 30.71 -21.21 44.76
N GLY H 26 31.59 -21.61 43.84
CA GLY H 26 31.44 -22.88 43.18
C GLY H 26 32.00 -23.98 44.03
N ASP H 27 33.20 -23.75 44.55
CA ASP H 27 34.02 -24.81 45.13
C ASP H 27 33.86 -24.98 46.67
N PRO H 28 33.41 -26.15 47.14
CA PRO H 28 33.29 -26.39 48.58
C PRO H 28 34.51 -25.95 49.37
N ASP H 29 35.70 -26.03 48.78
CA ASP H 29 36.93 -25.75 49.52
C ASP H 29 37.18 -24.26 49.72
N ARG H 30 36.46 -23.41 48.99
CA ARG H 30 36.63 -21.97 49.11
C ARG H 30 35.62 -21.35 50.06
N VAL H 31 34.68 -22.14 50.56
CA VAL H 31 33.63 -21.64 51.44
C VAL H 31 34.26 -21.11 52.72
N GLU H 32 35.11 -21.92 53.35
CA GLU H 32 35.71 -21.57 54.63
C GLU H 32 36.57 -20.32 54.53
N LYS H 33 37.32 -20.20 53.44
CA LYS H 33 38.17 -19.04 53.14
C LYS H 33 37.39 -17.70 53.00
N ILE H 34 36.24 -17.74 52.32
CA ILE H 34 35.34 -16.58 52.24
C ILE H 34 34.72 -16.24 53.61
N ALA H 35 34.23 -17.25 54.32
CA ALA H 35 33.58 -17.01 55.61
C ALA H 35 34.55 -16.43 56.64
N ALA H 36 35.82 -16.79 56.52
CA ALA H 36 36.87 -16.37 57.44
C ALA H 36 37.19 -14.87 57.30
N LEU H 37 36.63 -14.24 56.27
CA LEU H 37 36.77 -12.80 56.11
C LEU H 37 35.77 -12.04 56.96
N MET H 38 34.73 -12.73 57.42
CA MET H 38 33.72 -12.12 58.24
C MET H 38 33.91 -12.51 59.69
N ASP H 39 32.94 -12.17 60.53
CA ASP H 39 33.05 -12.43 61.96
C ASP H 39 32.35 -13.69 62.37
N LYS H 40 32.84 -14.32 63.44
CA LYS H 40 32.26 -15.53 64.04
C LYS H 40 31.93 -16.65 63.01
N PRO H 41 32.90 -17.03 62.19
CA PRO H 41 32.69 -18.08 61.19
C PRO H 41 32.56 -19.44 61.84
N VAL H 42 31.55 -20.19 61.40
CA VAL H 42 31.21 -21.50 61.94
C VAL H 42 30.85 -22.39 60.77
N LYS H 43 31.37 -23.63 60.75
CA LYS H 43 30.93 -24.61 59.75
C LYS H 43 29.58 -25.14 60.17
N LEU H 44 28.66 -25.21 59.21
CA LEU H 44 27.35 -25.77 59.51
C LEU H 44 27.20 -27.22 59.04
N ALA H 45 27.58 -27.49 57.78
CA ALA H 45 27.41 -28.79 57.18
C ALA H 45 28.26 -28.97 55.96
N SER H 46 28.41 -30.23 55.56
CA SER H 46 29.15 -30.58 54.38
C SER H 46 28.61 -31.88 53.83
N HIS H 47 27.89 -31.80 52.71
CA HIS H 47 27.33 -32.98 52.06
C HIS H 47 27.52 -32.82 50.58
N ARG H 48 28.01 -33.88 49.92
CA ARG H 48 28.32 -33.84 48.50
C ARG H 48 29.13 -32.57 48.20
N GLU H 49 28.77 -31.81 47.17
CA GLU H 49 29.51 -30.59 46.84
C GLU H 49 29.00 -29.36 47.61
N PHE H 50 28.15 -29.58 48.61
CA PHE H 50 27.54 -28.47 49.35
C PHE H 50 28.16 -28.30 50.73
N THR H 51 29.11 -27.38 50.82
CA THR H 51 29.68 -27.04 52.10
C THR H 51 29.05 -25.72 52.56
N THR H 52 28.61 -25.68 53.82
CA THR H 52 27.92 -24.49 54.33
C THR H 52 28.56 -23.97 55.58
N TRP H 53 29.01 -22.71 55.53
CA TRP H 53 29.44 -22.00 56.73
C TRP H 53 28.51 -20.81 56.98
N ARG H 54 28.43 -20.40 58.24
CA ARG H 54 27.69 -19.20 58.65
C ARG H 54 28.72 -18.26 59.25
N ALA H 55 28.55 -16.96 59.01
CA ALA H 55 29.39 -15.96 59.64
C ALA H 55 28.53 -14.79 60.03
N GLU H 56 29.17 -13.70 60.42
CA GLU H 56 28.45 -12.50 60.81
C GLU H 56 29.09 -11.32 60.10
N LEU H 57 28.26 -10.44 59.53
CA LEU H 57 28.70 -9.23 58.84
C LEU H 57 27.98 -8.04 59.42
N ASP H 58 28.71 -7.09 59.99
CA ASP H 58 28.10 -5.98 60.72
C ASP H 58 26.99 -6.42 61.69
N GLY H 59 27.24 -7.47 62.49
CA GLY H 59 26.28 -7.95 63.45
C GLY H 59 25.16 -8.79 62.87
N LYS H 60 25.07 -8.91 61.55
CA LYS H 60 24.04 -9.76 60.95
C LYS H 60 24.58 -11.09 60.46
N PRO H 61 23.81 -12.17 60.64
CA PRO H 61 24.19 -13.50 60.18
C PRO H 61 24.13 -13.61 58.66
N VAL H 62 25.10 -14.32 58.10
CA VAL H 62 25.27 -14.44 56.68
C VAL H 62 25.66 -15.90 56.41
N ILE H 63 25.19 -16.46 55.29
CA ILE H 63 25.53 -17.82 54.91
C ILE H 63 26.55 -17.82 53.77
N VAL H 64 27.51 -18.74 53.84
CA VAL H 64 28.35 -19.06 52.67
C VAL H 64 28.15 -20.53 52.30
N CYS H 65 27.84 -20.80 51.04
CA CYS H 65 27.43 -22.14 50.62
C CYS H 65 27.87 -22.43 49.19
N SER H 66 28.60 -23.53 49.00
CA SER H 66 29.10 -23.90 47.68
C SER H 66 28.03 -24.59 46.86
N THR H 67 28.08 -24.39 45.55
CA THR H 67 27.06 -24.90 44.63
C THR H 67 27.53 -26.12 43.85
N GLY H 68 28.85 -26.33 43.80
CA GLY H 68 29.45 -27.26 42.86
C GLY H 68 29.44 -26.64 41.47
N ILE H 69 29.81 -27.41 40.45
CA ILE H 69 29.82 -26.93 39.08
C ILE H 69 28.48 -27.16 38.38
N GLY H 70 27.94 -26.15 37.73
CA GLY H 70 26.83 -26.32 36.82
C GLY H 70 25.48 -25.96 37.42
N GLY H 71 24.51 -25.71 36.56
CA GLY H 71 23.14 -25.39 36.93
C GLY H 71 22.50 -26.37 37.89
N PRO H 72 22.50 -27.67 37.56
CA PRO H 72 21.82 -28.67 38.37
C PRO H 72 22.12 -28.58 39.87
N SER H 73 23.39 -28.63 40.26
CA SER H 73 23.64 -28.55 41.68
C SER H 73 23.37 -27.13 42.26
N THR H 74 23.66 -26.11 41.47
CA THR H 74 23.30 -24.74 41.81
C THR H 74 21.82 -24.66 42.11
N SER H 75 21.02 -25.26 41.23
CA SER H 75 19.56 -25.27 41.40
C SER H 75 19.14 -25.92 42.71
N ILE H 76 19.80 -27.00 43.13
CA ILE H 76 19.53 -27.64 44.40
C ILE H 76 19.86 -26.73 45.59
N ALA H 77 21.07 -26.14 45.58
CA ALA H 77 21.49 -25.28 46.69
C ALA H 77 20.61 -24.06 46.80
N VAL H 78 20.33 -23.39 45.69
CA VAL H 78 19.54 -22.18 45.77
C VAL H 78 18.14 -22.48 46.28
N GLU H 79 17.55 -23.57 45.79
CA GLU H 79 16.20 -23.94 46.19
C GLU H 79 16.15 -24.16 47.69
N GLU H 80 17.06 -25.01 48.20
CA GLU H 80 17.05 -25.41 49.60
C GLU H 80 17.42 -24.22 50.51
N LEU H 81 18.37 -23.40 50.08
CA LEU H 81 18.67 -22.18 50.81
C LEU H 81 17.43 -21.27 50.88
N ALA H 82 16.66 -21.23 49.79
CA ALA H 82 15.49 -20.38 49.77
C ALA H 82 14.44 -20.92 50.76
N GLN H 83 14.35 -22.23 50.85
CA GLN H 83 13.41 -22.85 51.75
C GLN H 83 13.73 -22.49 53.18
N LEU H 84 15.01 -22.31 53.48
CA LEU H 84 15.47 -21.99 54.82
C LEU H 84 15.48 -20.50 55.11
N GLY H 85 14.99 -19.69 54.16
CA GLY H 85 14.84 -18.25 54.32
C GLY H 85 15.80 -17.30 53.62
N ILE H 86 16.81 -17.81 52.88
CA ILE H 86 17.66 -16.96 52.06
C ILE H 86 16.85 -16.33 50.92
N ARG H 87 17.08 -15.02 50.71
CA ARG H 87 16.36 -14.20 49.72
C ARG H 87 17.31 -13.46 48.80
N THR H 88 18.59 -13.45 49.15
CA THR H 88 19.59 -12.77 48.34
C THR H 88 20.73 -13.72 48.12
N PHE H 89 21.10 -13.90 46.87
CA PHE H 89 22.22 -14.77 46.51
C PHE H 89 23.29 -13.99 45.77
N LEU H 90 24.49 -13.99 46.32
CA LEU H 90 25.64 -13.41 45.60
C LEU H 90 26.60 -14.53 45.14
N ARG H 91 26.72 -14.67 43.81
CA ARG H 91 27.63 -15.63 43.21
C ARG H 91 29.01 -14.99 43.10
N ILE H 92 30.00 -15.67 43.68
CA ILE H 92 31.40 -15.27 43.51
C ILE H 92 32.15 -16.36 42.73
N GLY H 93 32.82 -15.96 41.65
CA GLY H 93 33.61 -16.89 40.88
C GLY H 93 34.96 -16.41 40.37
N THR H 94 35.63 -17.34 39.71
CA THR H 94 36.75 -17.03 38.79
C THR H 94 36.26 -17.39 37.38
N THR H 95 36.81 -16.75 36.36
CA THR H 95 36.27 -16.96 35.03
C THR H 95 37.35 -16.69 33.98
N GLY H 96 37.04 -17.01 32.73
CA GLY H 96 37.92 -16.70 31.63
C GLY H 96 37.26 -15.79 30.61
N ALA H 97 37.81 -14.60 30.42
CA ALA H 97 37.26 -13.61 29.50
C ALA H 97 37.48 -14.02 28.03
N ILE H 98 36.59 -13.55 27.16
CA ILE H 98 36.69 -13.83 25.73
C ILE H 98 36.84 -12.53 24.92
N GLN H 99 36.94 -11.39 25.61
CA GLN H 99 37.21 -10.11 24.95
C GLN H 99 38.66 -9.73 25.13
N PRO H 100 39.28 -9.20 24.08
CA PRO H 100 40.72 -8.87 24.14
C PRO H 100 41.07 -7.71 25.10
N HIS H 101 40.14 -6.80 25.37
CA HIS H 101 40.41 -5.67 26.27
C HIS H 101 40.34 -6.04 27.77
N ILE H 102 39.78 -7.21 28.08
CA ILE H 102 39.66 -7.64 29.47
C ILE H 102 40.91 -8.39 29.90
N ASN H 103 41.57 -7.90 30.95
CA ASN H 103 42.81 -8.52 31.40
C ASN H 103 42.68 -9.48 32.59
N VAL H 104 43.65 -10.36 32.71
CA VAL H 104 43.81 -11.20 33.87
C VAL H 104 43.92 -10.23 35.05
N GLY H 105 43.05 -10.42 36.04
CA GLY H 105 43.06 -9.59 37.23
C GLY H 105 41.85 -8.70 37.27
N ASP H 106 41.19 -8.55 36.12
CA ASP H 106 40.06 -7.66 36.03
C ASP H 106 38.88 -8.33 36.73
N VAL H 107 37.83 -7.57 37.01
CA VAL H 107 36.70 -8.11 37.74
C VAL H 107 35.50 -7.93 36.85
N LEU H 108 34.65 -8.94 36.78
CA LEU H 108 33.46 -8.83 35.97
C LEU H 108 32.15 -8.93 36.77
N VAL H 109 31.26 -7.95 36.54
CA VAL H 109 29.95 -7.94 37.13
C VAL H 109 29.00 -8.26 36.01
N THR H 110 28.12 -9.22 36.21
CA THR H 110 27.23 -9.70 35.17
C THR H 110 25.85 -9.10 35.31
N THR H 111 25.40 -8.38 34.28
CA THR H 111 24.05 -7.85 34.29
C THR H 111 23.04 -8.91 33.91
N ALA H 112 23.46 -9.84 33.06
CA ALA H 112 22.58 -10.91 32.62
C ALA H 112 23.38 -11.93 31.81
N SER H 113 22.82 -13.13 31.63
CA SER H 113 23.56 -14.23 31.01
C SER H 113 22.85 -14.82 29.82
N VAL H 114 23.65 -15.16 28.79
CA VAL H 114 23.24 -15.98 27.65
C VAL H 114 23.03 -17.36 28.21
N ARG H 115 21.83 -17.90 27.98
CA ARG H 115 21.39 -19.12 28.65
C ARG H 115 21.77 -20.35 27.86
N LEU H 116 22.98 -20.84 28.08
CA LEU H 116 23.48 -21.98 27.34
C LEU H 116 23.41 -23.21 28.23
N ASP H 117 22.45 -23.18 29.15
CA ASP H 117 22.30 -24.24 30.14
C ASP H 117 20.98 -24.94 29.94
N GLY H 118 20.72 -25.95 30.76
CA GLY H 118 19.45 -26.63 30.71
C GLY H 118 18.56 -26.32 31.88
N ALA H 119 19.16 -26.07 33.04
CA ALA H 119 18.39 -25.95 34.29
C ALA H 119 17.48 -24.72 34.29
N SER H 120 17.94 -23.64 33.67
CA SER H 120 17.15 -22.41 33.64
C SER H 120 15.76 -22.65 33.00
N LEU H 121 15.72 -23.51 31.99
CA LEU H 121 14.48 -23.86 31.30
C LEU H 121 13.48 -24.57 32.22
N HIS H 122 13.95 -25.08 33.34
CA HIS H 122 13.08 -25.73 34.30
C HIS H 122 12.40 -24.69 35.22
N PHE H 123 12.74 -23.41 35.02
CA PHE H 123 12.20 -22.31 35.82
C PHE H 123 11.42 -21.29 35.01
N ALA H 124 11.88 -21.01 33.78
CA ALA H 124 11.28 -20.04 32.88
C ALA H 124 11.62 -20.44 31.46
N PRO H 125 10.72 -20.23 30.52
CA PRO H 125 11.07 -20.51 29.13
C PRO H 125 12.23 -19.65 28.64
N LEU H 126 12.86 -20.08 27.52
CA LEU H 126 14.07 -19.46 27.01
C LEU H 126 13.97 -17.93 26.82
N GLU H 127 12.82 -17.46 26.37
CA GLU H 127 12.62 -16.05 26.14
C GLU H 127 12.74 -15.16 27.40
N PHE H 128 12.71 -15.76 28.59
CA PHE H 128 12.79 -14.98 29.81
C PHE H 128 14.24 -14.65 30.10
N PRO H 129 14.55 -13.40 30.43
CA PRO H 129 15.97 -13.00 30.53
C PRO H 129 16.63 -13.51 31.79
N ALA H 130 17.83 -14.07 31.65
CA ALA H 130 18.63 -14.47 32.83
C ALA H 130 19.30 -13.22 33.36
N VAL H 131 18.49 -12.34 33.96
CA VAL H 131 18.93 -11.03 34.40
C VAL H 131 19.18 -10.98 35.90
N ALA H 132 20.22 -10.25 36.29
CA ALA H 132 20.60 -10.05 37.69
C ALA H 132 19.67 -9.04 38.34
N ASP H 133 19.58 -9.09 39.67
CA ASP H 133 18.78 -8.10 40.41
C ASP H 133 19.52 -6.76 40.43
N PHE H 134 18.78 -5.66 40.24
CA PHE H 134 19.43 -4.36 40.09
C PHE H 134 20.14 -3.88 41.36
N GLU H 135 19.57 -4.15 42.52
CA GLU H 135 20.23 -3.80 43.77
C GLU H 135 21.53 -4.55 43.98
N CYS H 136 21.56 -5.84 43.61
CA CYS H 136 22.76 -6.66 43.76
C CYS H 136 23.86 -6.19 42.82
N THR H 137 23.49 -5.96 41.56
CA THR H 137 24.44 -5.47 40.59
C THR H 137 25.02 -4.14 41.02
N THR H 138 24.15 -3.24 41.51
CA THR H 138 24.61 -1.93 42.02
C THR H 138 25.61 -2.12 43.15
N ALA H 139 25.23 -2.93 44.14
CA ALA H 139 26.09 -3.18 45.29
C ALA H 139 27.43 -3.73 44.83
N LEU H 140 27.43 -4.67 43.90
CA LEU H 140 28.66 -5.24 43.36
C LEU H 140 29.55 -4.21 42.61
N VAL H 141 28.96 -3.44 41.70
CA VAL H 141 29.68 -2.39 40.98
C VAL H 141 30.26 -1.38 41.95
N GLU H 142 29.50 -1.05 42.97
CA GLU H 142 29.92 -0.05 43.93
C GLU H 142 30.98 -0.56 44.89
N ALA H 143 30.88 -1.84 45.28
CA ALA H 143 31.92 -2.50 46.06
C ALA H 143 33.25 -2.49 45.29
N ALA H 144 33.17 -2.94 44.04
CA ALA H 144 34.30 -2.92 43.11
C ALA H 144 34.98 -1.54 43.02
N LYS H 145 34.19 -0.51 42.78
CA LYS H 145 34.70 0.85 42.71
C LYS H 145 35.39 1.26 43.99
N SER H 146 34.92 0.75 45.13
CA SER H 146 35.42 1.21 46.43
C SER H 146 36.73 0.56 46.86
N ILE H 147 36.97 -0.68 46.42
CA ILE H 147 38.25 -1.33 46.70
C ILE H 147 39.29 -1.07 45.61
N GLY H 148 38.83 -0.69 44.41
CA GLY H 148 39.71 -0.18 43.38
C GLY H 148 39.96 -1.03 42.14
N ALA H 149 39.31 -2.20 42.04
CA ALA H 149 39.46 -3.09 40.89
C ALA H 149 39.07 -2.42 39.59
N THR H 150 39.77 -2.77 38.50
CA THR H 150 39.28 -2.40 37.15
C THR H 150 38.17 -3.39 36.73
N THR H 151 36.97 -2.85 36.53
CA THR H 151 35.75 -3.65 36.45
C THR H 151 35.10 -3.49 35.10
N HIS H 152 34.50 -4.59 34.63
CA HIS H 152 33.72 -4.62 33.41
C HIS H 152 32.37 -5.11 33.78
N VAL H 153 31.35 -4.43 33.28
CA VAL H 153 29.96 -4.74 33.57
C VAL H 153 29.28 -5.10 32.26
N GLY H 154 28.64 -6.26 32.22
CA GLY H 154 27.96 -6.69 31.00
C GLY H 154 27.48 -8.12 31.04
N VAL H 155 27.39 -8.71 29.84
CA VAL H 155 26.78 -10.03 29.62
C VAL H 155 27.79 -11.17 29.68
N THR H 156 27.37 -12.24 30.35
CA THR H 156 28.15 -13.47 30.48
C THR H 156 27.46 -14.63 29.75
N ALA H 157 28.21 -15.45 29.02
CA ALA H 157 27.67 -16.68 28.43
C ALA H 157 27.80 -17.83 29.44
N SER H 158 26.65 -18.39 29.83
CA SER H 158 26.64 -19.42 30.85
C SER H 158 26.38 -20.78 30.24
N SER H 159 27.35 -21.68 30.29
CA SER H 159 27.28 -22.95 29.53
C SER H 159 27.26 -24.21 30.40
N ASP H 160 26.46 -25.19 30.00
CA ASP H 160 26.35 -26.45 30.75
C ASP H 160 27.59 -27.32 30.62
N THR H 161 28.43 -27.05 29.64
CA THR H 161 29.72 -27.73 29.52
C THR H 161 30.88 -26.76 29.59
N PHE H 162 32.02 -27.28 30.05
CA PHE H 162 33.23 -26.52 30.15
C PHE H 162 33.97 -26.60 28.82
N TYR H 163 33.76 -27.67 28.08
CA TYR H 163 34.47 -27.89 26.84
C TYR H 163 33.68 -27.45 25.58
N PRO H 164 32.83 -28.30 24.98
CA PRO H 164 32.23 -27.96 23.67
C PRO H 164 31.35 -26.70 23.73
N GLY H 165 30.63 -26.49 24.82
CA GLY H 165 29.76 -25.34 24.91
C GLY H 165 30.52 -24.04 25.10
N GLN H 166 31.82 -24.17 25.40
CA GLN H 166 32.69 -22.99 25.45
C GLN H 166 33.62 -23.04 24.21
N GLU H 167 33.30 -23.92 23.28
CA GLU H 167 34.06 -24.12 22.05
C GLU H 167 35.54 -24.48 22.23
N ARG H 168 35.82 -25.42 23.11
CA ARG H 168 37.18 -25.91 23.26
C ARG H 168 37.40 -27.08 22.33
N TYR H 169 38.51 -27.06 21.59
CA TYR H 169 38.81 -28.17 20.67
C TYR H 169 39.88 -29.12 21.17
N ASP H 170 40.45 -28.83 22.33
CA ASP H 170 41.53 -29.62 22.92
C ASP H 170 40.99 -30.80 23.75
N THR H 171 40.36 -31.77 23.10
CA THR H 171 39.51 -32.73 23.81
C THR H 171 39.71 -34.13 23.30
N TYR H 172 39.10 -35.12 23.94
CA TYR H 172 39.23 -36.52 23.51
C TYR H 172 38.86 -36.67 22.03
N SER H 173 37.79 -35.99 21.62
CA SER H 173 37.24 -36.13 20.28
C SER H 173 37.76 -35.08 19.34
N GLY H 174 38.05 -33.90 19.89
CA GLY H 174 38.59 -32.81 19.11
C GLY H 174 37.58 -32.13 18.21
N ARG H 175 36.30 -32.31 18.50
CA ARG H 175 35.25 -31.75 17.66
C ARG H 175 34.21 -31.07 18.51
N VAL H 176 33.44 -30.20 17.86
CA VAL H 176 32.38 -29.45 18.54
C VAL H 176 31.10 -29.55 17.72
N VAL H 177 30.01 -29.90 18.40
CA VAL H 177 28.70 -30.10 17.78
C VAL H 177 28.28 -28.90 16.94
N ARG H 178 27.70 -29.20 15.78
CA ARG H 178 27.24 -28.16 14.83
C ARG H 178 26.71 -26.90 15.50
N HIS H 179 25.82 -27.06 16.48
CA HIS H 179 25.19 -25.92 17.14
C HIS H 179 26.21 -24.91 17.73
N PHE H 180 27.33 -25.42 18.20
CA PHE H 180 28.26 -24.60 18.95
C PHE H 180 29.49 -24.24 18.13
N LYS H 181 29.63 -24.85 16.95
CA LYS H 181 30.69 -24.53 16.02
C LYS H 181 30.62 -23.05 15.62
N GLY H 182 31.68 -22.30 15.90
CA GLY H 182 31.74 -20.90 15.55
C GLY H 182 30.98 -19.99 16.49
N SER H 183 30.53 -20.52 17.63
CA SER H 183 29.69 -19.77 18.55
C SER H 183 30.46 -18.75 19.40
N MET H 184 31.73 -19.04 19.70
CA MET H 184 32.51 -18.13 20.54
C MET H 184 32.69 -16.80 19.82
N GLU H 185 32.99 -16.89 18.54
CA GLU H 185 33.14 -15.71 17.72
C GLU H 185 31.84 -14.90 17.70
N GLU H 186 30.69 -15.56 17.64
CA GLU H 186 29.41 -14.85 17.69
C GLU H 186 29.22 -14.12 19.02
N TRP H 187 29.45 -14.78 20.14
CA TRP H 187 29.33 -14.12 21.43
C TRP H 187 30.28 -12.91 21.57
N GLN H 188 31.52 -13.08 21.09
CA GLN H 188 32.52 -12.02 21.13
C GLN H 188 32.00 -10.81 20.40
N ALA H 189 31.54 -11.02 19.17
CA ALA H 189 31.02 -9.95 18.32
C ALA H 189 29.85 -9.22 18.96
N MET H 190 29.03 -9.94 19.74
CA MET H 190 27.93 -9.39 20.52
C MET H 190 28.34 -8.77 21.87
N GLY H 191 29.64 -8.62 22.11
CA GLY H 191 30.13 -8.02 23.35
C GLY H 191 30.05 -8.87 24.62
N VAL H 192 29.76 -10.17 24.52
CA VAL H 192 29.78 -11.04 25.72
C VAL H 192 31.18 -11.06 26.33
N MET H 193 31.25 -11.00 27.65
CA MET H 193 32.50 -10.80 28.35
C MET H 193 33.30 -12.07 28.56
N ASN H 194 32.61 -13.15 28.87
CA ASN H 194 33.25 -14.35 29.36
C ASN H 194 32.26 -15.53 29.33
N TYR H 195 32.83 -16.73 29.56
CA TYR H 195 32.06 -17.94 29.76
C TYR H 195 32.16 -18.29 31.23
N GLU H 196 31.08 -18.78 31.79
CA GLU H 196 31.15 -19.57 33.02
C GLU H 196 29.96 -20.56 32.98
N MET H 197 29.59 -21.17 34.12
CA MET H 197 28.76 -22.35 34.08
C MET H 197 27.56 -22.36 35.00
N GLU H 198 27.34 -21.31 35.79
CA GLU H 198 26.26 -21.40 36.77
C GLU H 198 25.29 -20.22 36.75
N SER H 199 25.72 -19.10 36.17
CA SER H 199 24.91 -17.89 36.28
C SER H 199 23.52 -17.98 35.66
N ALA H 200 23.40 -18.56 34.46
CA ALA H 200 22.13 -18.62 33.78
C ALA H 200 21.12 -19.31 34.65
N THR H 201 21.50 -20.42 35.30
CA THR H 201 20.57 -21.11 36.18
C THR H 201 20.24 -20.20 37.35
N LEU H 202 21.28 -19.71 38.02
CA LEU H 202 21.09 -18.93 39.21
C LEU H 202 20.23 -17.73 38.93
N LEU H 203 20.58 -16.96 37.90
CA LEU H 203 19.88 -15.70 37.64
C LEU H 203 18.43 -15.93 37.24
N THR H 204 18.21 -16.96 36.43
CA THR H 204 16.87 -17.24 35.93
C THR H 204 15.99 -17.73 37.09
N MET H 205 16.51 -18.67 37.87
CA MET H 205 15.71 -19.23 38.93
C MET H 205 15.41 -18.16 40.00
N CYS H 206 16.33 -17.21 40.21
CA CYS H 206 16.05 -16.11 41.16
C CYS H 206 15.12 -15.01 40.61
N ALA H 207 15.38 -14.56 39.39
CA ALA H 207 14.62 -13.47 38.80
C ALA H 207 13.15 -13.83 38.61
N SER H 208 12.85 -15.12 38.65
CA SER H 208 11.48 -15.59 38.36
C SER H 208 10.76 -16.11 39.59
N GLN H 209 11.34 -15.87 40.77
CA GLN H 209 10.83 -16.37 42.06
C GLN H 209 10.97 -15.35 43.18
N GLY H 210 11.17 -14.08 42.83
CA GLY H 210 11.26 -13.02 43.82
C GLY H 210 12.46 -13.16 44.73
N LEU H 211 13.54 -13.77 44.23
CA LEU H 211 14.79 -13.81 44.95
C LEU H 211 15.76 -12.89 44.26
N ARG H 212 16.56 -12.15 45.02
CA ARG H 212 17.58 -11.28 44.44
C ARG H 212 18.92 -12.02 44.22
N ALA H 213 19.51 -11.83 43.06
CA ALA H 213 20.79 -12.44 42.78
C ALA H 213 21.68 -11.48 42.04
N GLY H 214 22.99 -11.64 42.24
CA GLY H 214 23.99 -10.96 41.47
C GLY H 214 25.20 -11.85 41.28
N MET H 215 26.08 -11.44 40.36
CA MET H 215 27.32 -12.17 40.19
C MET H 215 28.55 -11.32 39.82
N VAL H 216 29.64 -11.65 40.51
CA VAL H 216 30.91 -11.05 40.31
C VAL H 216 31.95 -12.17 40.17
N ALA H 217 32.96 -11.97 39.34
CA ALA H 217 34.01 -12.95 39.12
C ALA H 217 35.32 -12.25 38.82
N GLY H 218 36.42 -12.88 39.23
CA GLY H 218 37.76 -12.42 38.85
C GLY H 218 38.23 -13.12 37.59
N VAL H 219 38.81 -12.38 36.65
CA VAL H 219 39.38 -12.98 35.44
C VAL H 219 40.72 -13.63 35.76
N ILE H 220 40.81 -14.93 35.52
CA ILE H 220 42.05 -15.67 35.77
C ILE H 220 42.73 -16.13 34.47
N VAL H 221 41.99 -16.06 33.35
CA VAL H 221 42.55 -16.39 32.04
C VAL H 221 41.85 -15.66 30.88
N ASN H 222 42.55 -15.46 29.78
CA ASN H 222 41.95 -14.87 28.60
C ASN H 222 42.13 -15.72 27.33
N ARG H 223 41.01 -16.21 26.83
CA ARG H 223 40.96 -17.11 25.69
C ARG H 223 41.54 -16.49 24.42
N THR H 224 41.45 -15.16 24.28
CA THR H 224 41.91 -14.49 23.05
C THR H 224 43.42 -14.37 22.98
N GLN H 225 44.06 -14.20 24.13
CA GLN H 225 45.52 -14.25 24.17
C GLN H 225 45.96 -15.69 24.35
N GLN H 226 47.27 -15.89 24.30
CA GLN H 226 47.88 -17.16 24.69
C GLN H 226 47.96 -17.16 26.22
N GLU H 227 49.18 -17.32 26.73
CA GLU H 227 49.61 -16.79 28.03
C GLU H 227 48.77 -17.19 29.24
N ILE H 228 48.97 -18.44 29.68
CA ILE H 228 48.46 -18.89 30.97
C ILE H 228 49.28 -18.15 32.03
N PRO H 229 48.63 -17.25 32.78
CA PRO H 229 49.35 -16.40 33.74
C PRO H 229 50.15 -17.20 34.77
N ASN H 230 49.56 -17.45 35.94
CA ASN H 230 50.31 -17.96 37.07
C ASN H 230 49.41 -18.47 38.20
N ALA H 231 49.96 -19.40 38.99
CA ALA H 231 49.30 -19.93 40.19
C ALA H 231 49.09 -18.82 41.23
N GLU H 232 50.06 -17.90 41.30
CA GLU H 232 50.05 -16.84 42.31
C GLU H 232 49.23 -15.61 41.95
N THR H 233 49.22 -15.25 40.67
CA THR H 233 48.39 -14.14 40.20
C THR H 233 46.90 -14.54 40.24
N MET H 234 46.64 -15.83 40.03
CA MET H 234 45.30 -16.42 40.12
C MET H 234 44.76 -16.44 41.56
N LYS H 235 45.66 -16.64 42.53
CA LYS H 235 45.31 -16.65 43.95
C LYS H 235 44.97 -15.25 44.44
N GLN H 236 45.64 -14.25 43.89
CA GLN H 236 45.49 -12.87 44.33
C GLN H 236 44.28 -12.16 43.70
N THR H 237 44.02 -12.46 42.43
CA THR H 237 42.83 -11.98 41.72
C THR H 237 41.55 -12.52 42.37
N GLU H 238 41.62 -13.78 42.80
CA GLU H 238 40.54 -14.49 43.47
C GLU H 238 40.17 -13.81 44.81
N SER H 239 41.19 -13.46 45.61
CA SER H 239 41.03 -12.71 46.86
C SER H 239 40.40 -11.34 46.64
N HIS H 240 40.76 -10.72 45.52
CA HIS H 240 40.25 -9.42 45.10
C HIS H 240 38.73 -9.47 44.96
N ALA H 241 38.27 -10.46 44.19
CA ALA H 241 36.85 -10.61 43.91
C ALA H 241 36.06 -11.01 45.16
N VAL H 242 36.68 -11.82 46.01
CA VAL H 242 36.04 -12.22 47.27
C VAL H 242 35.83 -10.97 48.11
N LYS H 243 36.85 -10.14 48.23
CA LYS H 243 36.77 -8.90 48.96
C LYS H 243 35.57 -8.09 48.46
N ILE H 244 35.35 -8.11 47.14
CA ILE H 244 34.26 -7.36 46.53
C ILE H 244 32.90 -7.97 46.92
N VAL H 245 32.73 -9.26 46.73
CA VAL H 245 31.45 -9.87 47.04
C VAL H 245 31.06 -9.69 48.53
N VAL H 246 32.06 -9.72 49.42
CA VAL H 246 31.77 -9.55 50.84
C VAL H 246 31.33 -8.12 51.10
N GLU H 247 32.06 -7.18 50.48
CA GLU H 247 31.75 -5.77 50.64
C GLU H 247 30.35 -5.49 50.08
N ALA H 248 30.05 -6.14 48.96
CA ALA H 248 28.75 -6.01 48.35
C ALA H 248 27.67 -6.53 49.26
N ALA H 249 27.96 -7.63 49.96
CA ALA H 249 27.02 -8.23 50.89
C ALA H 249 26.71 -7.27 52.04
N ARG H 250 27.73 -6.52 52.48
CA ARG H 250 27.54 -5.46 53.47
C ARG H 250 26.45 -4.46 53.08
N ARG H 251 26.50 -4.02 51.83
CA ARG H 251 25.59 -3.00 51.33
C ARG H 251 24.19 -3.54 51.14
N LEU H 252 24.02 -4.86 51.11
CA LEU H 252 22.73 -5.49 50.81
C LEU H 252 22.03 -5.94 52.09
N LEU H 253 22.65 -5.70 53.23
CA LEU H 253 22.17 -6.29 54.48
C LEU H 253 20.91 -5.64 55.05
N SER I 4 19.26 13.23 2.22
CA SER I 4 19.08 12.28 3.38
C SER I 4 20.03 11.05 3.39
N ASP I 5 20.64 10.78 4.55
CA ASP I 5 21.66 9.73 4.71
C ASP I 5 21.09 8.36 5.05
N VAL I 6 19.84 8.29 5.52
CA VAL I 6 19.22 7.02 5.92
C VAL I 6 17.90 6.80 5.19
N PHE I 7 17.52 5.55 5.01
CA PHE I 7 16.44 5.29 4.08
C PHE I 7 15.06 5.70 4.58
N HIS I 8 14.80 5.54 5.87
CA HIS I 8 13.45 5.76 6.41
C HIS I 8 13.26 7.05 7.16
N LEU I 9 14.19 7.41 8.02
CA LEU I 9 14.00 8.56 8.91
C LEU I 9 14.04 9.92 8.21
N GLY I 10 14.66 9.97 7.02
CA GLY I 10 14.83 11.20 6.27
C GLY I 10 15.67 12.24 7.00
N LEU I 11 16.83 11.82 7.50
CA LEU I 11 17.74 12.67 8.27
C LEU I 11 19.14 12.60 7.69
N THR I 12 19.96 13.62 7.97
CA THR I 12 21.38 13.60 7.62
C THR I 12 22.24 13.68 8.90
N LYS I 13 23.47 13.17 8.85
CA LYS I 13 24.38 13.21 10.00
C LYS I 13 24.42 14.62 10.54
N ASN I 14 24.42 15.57 9.62
CA ASN I 14 24.40 16.98 9.94
C ASN I 14 23.25 17.47 10.83
N ASP I 15 22.04 16.99 10.54
CA ASP I 15 20.85 17.41 11.28
C ASP I 15 21.04 17.22 12.78
N LEU I 16 21.87 16.24 13.13
CA LEU I 16 22.00 15.78 14.51
C LEU I 16 22.96 16.62 15.31
N GLN I 17 23.81 17.37 14.60
CA GLN I 17 24.80 18.27 15.19
C GLN I 17 25.62 17.61 16.27
N GLY I 18 25.98 16.36 16.03
CA GLY I 18 26.86 15.63 16.95
C GLY I 18 26.19 15.01 18.14
N ALA I 19 24.85 15.03 18.16
CA ALA I 19 24.06 14.31 19.13
C ALA I 19 24.49 12.85 19.13
N THR I 20 24.53 12.25 20.33
CA THR I 20 24.81 10.81 20.46
C THR I 20 23.80 10.09 21.35
N LEU I 21 22.83 10.84 21.87
CA LEU I 21 21.80 10.25 22.72
C LEU I 21 20.42 10.58 22.13
N ALA I 22 19.54 9.58 22.13
CA ALA I 22 18.18 9.77 21.64
C ALA I 22 17.15 9.25 22.64
N ILE I 23 16.11 10.04 22.86
CA ILE I 23 14.96 9.60 23.62
C ILE I 23 13.96 9.09 22.59
N VAL I 24 13.52 7.84 22.73
CA VAL I 24 12.68 7.20 21.72
C VAL I 24 11.30 6.78 22.25
N PRO I 25 10.34 7.68 22.15
CA PRO I 25 8.95 7.33 22.47
C PRO I 25 8.34 6.55 21.31
N GLY I 26 7.15 5.96 21.54
CA GLY I 26 6.49 5.17 20.51
C GLY I 26 5.70 6.01 19.54
N ASP I 27 5.05 7.04 20.07
CA ASP I 27 4.04 7.78 19.33
C ASP I 27 4.62 9.06 18.71
N PRO I 28 4.58 9.19 17.38
CA PRO I 28 5.08 10.40 16.72
C PRO I 28 4.53 11.71 17.33
N ASP I 29 3.27 11.69 17.80
CA ASP I 29 2.60 12.88 18.35
C ASP I 29 3.13 13.30 19.71
N ARG I 30 3.82 12.39 20.37
CA ARG I 30 4.37 12.65 21.68
C ARG I 30 5.81 13.20 21.57
N VAL I 31 6.40 13.14 20.37
CA VAL I 31 7.81 13.56 20.17
C VAL I 31 8.02 15.04 20.48
N GLU I 32 7.17 15.88 19.89
CA GLU I 32 7.24 17.33 20.10
C GLU I 32 7.03 17.72 21.56
N LYS I 33 6.08 17.07 22.24
CA LYS I 33 5.83 17.33 23.66
C LYS I 33 7.12 17.12 24.48
N ILE I 34 7.82 16.01 24.21
CA ILE I 34 9.05 15.68 24.92
C ILE I 34 10.15 16.70 24.60
N ALA I 35 10.37 16.95 23.31
CA ALA I 35 11.40 17.91 22.89
C ALA I 35 11.20 19.28 23.55
N ALA I 36 9.93 19.68 23.70
CA ALA I 36 9.56 20.99 24.27
C ALA I 36 9.97 21.16 25.72
N LEU I 37 10.32 20.07 26.40
CA LEU I 37 10.78 20.12 27.78
C LEU I 37 12.25 20.49 27.85
N MET I 38 12.89 20.59 26.68
CA MET I 38 14.31 20.87 26.59
C MET I 38 14.53 22.20 25.88
N ASP I 39 15.77 22.62 25.66
CA ASP I 39 16.03 23.92 25.04
C ASP I 39 16.13 23.81 23.54
N LYS I 40 15.79 24.90 22.85
CA LYS I 40 15.92 25.01 21.39
C LYS I 40 15.37 23.84 20.58
N PRO I 41 14.13 23.46 20.81
CA PRO I 41 13.51 22.33 20.08
C PRO I 41 13.20 22.70 18.62
N VAL I 42 13.61 21.82 17.71
CA VAL I 42 13.46 22.04 16.28
C VAL I 42 12.99 20.75 15.65
N LYS I 43 11.93 20.81 14.84
CA LYS I 43 11.51 19.63 14.09
C LYS I 43 12.55 19.35 13.02
N LEU I 44 13.00 18.11 12.92
CA LEU I 44 13.95 17.72 11.88
C LEU I 44 13.28 17.06 10.69
N ALA I 45 12.42 16.08 10.97
CA ALA I 45 11.77 15.33 9.91
C ALA I 45 10.56 14.54 10.41
N SER I 46 9.75 14.10 9.46
CA SER I 46 8.55 13.34 9.75
C SER I 46 8.21 12.50 8.53
N HIS I 47 8.45 11.19 8.65
CA HIS I 47 8.12 10.23 7.61
C HIS I 47 7.56 9.00 8.24
N ARG I 48 6.46 8.48 7.70
CA ARG I 48 5.75 7.33 8.29
C ARG I 48 5.57 7.56 9.80
N GLU I 49 5.87 6.56 10.63
CA GLU I 49 5.71 6.72 12.06
C GLU I 49 6.94 7.35 12.72
N PHE I 50 7.89 7.81 11.90
CA PHE I 50 9.15 8.34 12.43
C PHE I 50 9.22 9.86 12.41
N THR I 51 8.97 10.48 13.56
CA THR I 51 9.05 11.92 13.71
C THR I 51 10.27 12.21 14.55
N THR I 52 11.11 13.11 14.07
CA THR I 52 12.35 13.44 14.74
C THR I 52 12.47 14.90 15.06
N TRP I 53 12.69 15.21 16.34
CA TRP I 53 13.08 16.55 16.74
C TRP I 53 14.49 16.50 17.31
N ARG I 54 15.16 17.64 17.22
CA ARG I 54 16.43 17.87 17.92
C ARG I 54 16.18 18.93 18.98
N ALA I 55 16.83 18.77 20.12
CA ALA I 55 16.79 19.77 21.17
C ALA I 55 18.15 19.84 21.86
N GLU I 56 18.20 20.53 23.00
CA GLU I 56 19.45 20.76 23.70
C GLU I 56 19.27 20.60 25.19
N LEU I 57 20.24 19.92 25.80
CA LEU I 57 20.19 19.59 27.22
C LEU I 57 21.56 19.85 27.81
N ASP I 58 21.60 20.76 28.80
CA ASP I 58 22.84 21.35 29.30
C ASP I 58 23.79 21.67 28.15
N GLY I 59 23.28 22.41 27.16
CA GLY I 59 24.05 22.82 26.00
C GLY I 59 24.54 21.73 25.06
N LYS I 60 24.04 20.50 25.21
CA LYS I 60 24.40 19.39 24.34
C LYS I 60 23.20 18.98 23.49
N PRO I 61 23.43 18.69 22.20
CA PRO I 61 22.33 18.30 21.29
C PRO I 61 21.82 16.92 21.62
N VAL I 62 20.50 16.78 21.54
CA VAL I 62 19.82 15.55 21.91
C VAL I 62 18.72 15.28 20.87
N ILE I 63 18.52 14.01 20.51
CA ILE I 63 17.48 13.66 19.55
C ILE I 63 16.27 13.09 20.25
N VAL I 64 15.08 13.43 19.76
CA VAL I 64 13.85 12.74 20.17
C VAL I 64 13.21 12.19 18.91
N CYS I 65 13.01 10.87 18.90
CA CYS I 65 12.60 10.17 17.70
C CYS I 65 11.60 9.04 17.97
N SER I 66 10.45 9.05 17.28
CA SER I 66 9.42 8.04 17.54
C SER I 66 9.72 6.72 16.81
N THR I 67 9.33 5.61 17.42
CA THR I 67 9.64 4.31 16.87
C THR I 67 8.46 3.71 16.14
N GLY I 68 7.26 4.21 16.44
CA GLY I 68 6.03 3.54 16.05
C GLY I 68 5.79 2.39 17.01
N ILE I 69 4.73 1.62 16.79
CA ILE I 69 4.44 0.45 17.59
C ILE I 69 5.21 -0.78 17.11
N GLY I 70 5.96 -1.41 18.01
CA GLY I 70 6.50 -2.73 17.74
C GLY I 70 7.94 -2.80 17.32
N GLY I 71 8.51 -3.99 17.51
CA GLY I 71 9.91 -4.24 17.21
C GLY I 71 10.35 -3.86 15.81
N PRO I 72 9.63 -4.26 14.76
CA PRO I 72 10.10 -4.00 13.39
C PRO I 72 10.38 -2.50 13.17
N SER I 73 9.42 -1.64 13.47
CA SER I 73 9.67 -0.25 13.18
C SER I 73 10.68 0.33 14.15
N THR I 74 10.68 -0.16 15.37
CA THR I 74 11.72 0.21 16.33
C THR I 74 13.09 -0.10 15.77
N SER I 75 13.25 -1.29 15.24
CA SER I 75 14.54 -1.72 14.72
C SER I 75 15.02 -0.84 13.55
N ILE I 76 14.09 -0.32 12.75
CA ILE I 76 14.44 0.66 11.72
C ILE I 76 14.98 1.97 12.36
N ALA I 77 14.21 2.55 13.28
CA ALA I 77 14.59 3.81 13.91
C ALA I 77 15.95 3.70 14.58
N VAL I 78 16.13 2.62 15.37
CA VAL I 78 17.36 2.44 16.12
C VAL I 78 18.56 2.29 15.18
N GLU I 79 18.45 1.41 14.18
CA GLU I 79 19.54 1.16 13.26
C GLU I 79 19.98 2.43 12.56
N GLU I 80 19.02 3.20 12.07
CA GLU I 80 19.33 4.37 11.25
C GLU I 80 19.82 5.50 12.15
N LEU I 81 19.26 5.61 13.36
CA LEU I 81 19.82 6.55 14.31
C LEU I 81 21.27 6.19 14.60
N ALA I 82 21.55 4.91 14.79
CA ALA I 82 22.90 4.44 15.08
C ALA I 82 23.86 4.83 13.95
N GLN I 83 23.40 4.67 12.70
CA GLN I 83 24.16 5.06 11.52
C GLN I 83 24.49 6.54 11.57
N LEU I 84 23.59 7.37 12.10
CA LEU I 84 23.84 8.81 12.18
C LEU I 84 24.60 9.27 13.43
N GLY I 85 24.97 8.32 14.27
CA GLY I 85 25.87 8.62 15.37
C GLY I 85 25.32 8.45 16.76
N ILE I 86 24.03 8.08 16.90
CA ILE I 86 23.43 7.82 18.22
C ILE I 86 24.03 6.57 18.85
N ARG I 87 24.39 6.68 20.13
CA ARG I 87 25.01 5.58 20.86
C ARG I 87 24.23 5.23 22.13
N THR I 88 23.29 6.06 22.52
CA THR I 88 22.52 5.80 23.71
C THR I 88 21.07 6.00 23.36
N PHE I 89 20.24 5.03 23.74
CA PHE I 89 18.81 5.09 23.47
C PHE I 89 18.01 4.99 24.77
N LEU I 90 17.20 6.02 25.05
CA LEU I 90 16.29 5.94 26.18
C LEU I 90 14.88 5.84 25.71
N ARG I 91 14.25 4.73 26.02
CA ARG I 91 12.85 4.55 25.68
C ARG I 91 11.92 5.04 26.78
N ILE I 92 10.94 5.84 26.37
CA ILE I 92 9.87 6.32 27.24
C ILE I 92 8.54 5.81 26.71
N GLY I 93 7.80 5.10 27.56
CA GLY I 93 6.53 4.55 27.14
C GLY I 93 5.36 4.64 28.11
N THR I 94 4.22 4.08 27.67
CA THR I 94 3.06 3.80 28.52
C THR I 94 2.97 2.30 28.59
N THR I 95 2.44 1.80 29.70
CA THR I 95 2.35 0.36 29.88
C THR I 95 1.17 -0.03 30.77
N GLY I 96 0.83 -1.31 30.71
CA GLY I 96 -0.14 -1.88 31.60
C GLY I 96 0.53 -2.88 32.54
N ALA I 97 0.37 -2.64 33.85
CA ALA I 97 0.95 -3.50 34.86
C ALA I 97 0.14 -4.76 34.98
N ILE I 98 0.82 -5.85 35.37
CA ILE I 98 0.14 -7.13 35.62
C ILE I 98 0.34 -7.61 37.05
N GLN I 99 0.99 -6.78 37.87
CA GLN I 99 1.09 -7.06 39.31
C GLN I 99 0.07 -6.21 40.07
N PRO I 100 -0.68 -6.84 40.98
CA PRO I 100 -1.68 -6.10 41.77
C PRO I 100 -1.10 -4.99 42.66
N HIS I 101 0.19 -5.07 43.00
CA HIS I 101 0.79 -4.05 43.86
C HIS I 101 1.26 -2.81 43.08
N ILE I 102 1.34 -2.90 41.76
CA ILE I 102 1.73 -1.75 40.94
C ILE I 102 0.52 -0.92 40.53
N ASN I 103 0.54 0.37 40.81
CA ASN I 103 -0.62 1.24 40.57
C ASN I 103 -0.48 2.14 39.35
N VAL I 104 -1.63 2.57 38.81
CA VAL I 104 -1.69 3.59 37.78
C VAL I 104 -1.01 4.81 38.36
N GLY I 105 0.01 5.31 37.68
CA GLY I 105 0.78 6.43 38.18
C GLY I 105 2.19 6.06 38.57
N ASP I 106 2.39 4.77 38.82
CA ASP I 106 3.71 4.27 39.17
C ASP I 106 4.59 4.31 37.93
N VAL I 107 5.90 4.27 38.15
CA VAL I 107 6.87 4.31 37.06
C VAL I 107 7.63 3.00 37.05
N LEU I 108 7.77 2.44 35.87
CA LEU I 108 8.49 1.17 35.78
C LEU I 108 9.79 1.31 35.01
N VAL I 109 10.88 0.89 35.63
CA VAL I 109 12.18 0.80 34.96
C VAL I 109 12.49 -0.66 34.67
N THR I 110 12.71 -0.96 33.39
CA THR I 110 12.95 -2.35 32.95
C THR I 110 14.44 -2.72 32.99
N THR I 111 14.78 -3.74 33.79
CA THR I 111 16.15 -4.23 33.78
C THR I 111 16.40 -5.14 32.60
N ALA I 112 15.39 -5.93 32.21
CA ALA I 112 15.47 -6.84 31.08
C ALA I 112 14.07 -7.30 30.68
N SER I 113 13.93 -7.77 29.44
CA SER I 113 12.60 -8.15 28.93
C SER I 113 12.45 -9.60 28.53
N VAL I 114 11.27 -10.16 28.81
CA VAL I 114 10.86 -11.42 28.23
C VAL I 114 10.66 -11.20 26.73
N ARG I 115 11.36 -11.99 25.92
CA ARG I 115 11.40 -11.73 24.49
C ARG I 115 10.22 -12.40 23.79
N LEU I 116 9.06 -11.75 23.79
CA LEU I 116 7.90 -12.32 23.09
C LEU I 116 7.72 -11.65 21.72
N ASP I 117 8.83 -11.31 21.09
CA ASP I 117 8.83 -10.55 19.83
C ASP I 117 9.55 -11.37 18.75
N GLY I 118 9.54 -10.86 17.53
CA GLY I 118 10.23 -11.50 16.42
C GLY I 118 11.57 -10.86 16.10
N ALA I 119 11.64 -9.53 16.26
CA ALA I 119 12.79 -8.77 15.77
C ALA I 119 14.06 -9.04 16.55
N SER I 120 13.97 -9.20 17.87
CA SER I 120 15.19 -9.47 18.63
C SER I 120 15.94 -10.70 18.09
N LEU I 121 15.21 -11.71 17.63
CA LEU I 121 15.83 -12.91 17.06
C LEU I 121 16.66 -12.61 15.84
N HIS I 122 16.44 -11.44 15.22
CA HIS I 122 17.19 -11.02 14.04
C HIS I 122 18.51 -10.36 14.45
N PHE I 123 18.73 -10.24 15.78
CA PHE I 123 19.98 -9.68 16.29
C PHE I 123 20.80 -10.61 17.16
N ALA I 124 20.13 -11.38 18.00
CA ALA I 124 20.74 -12.43 18.82
C ALA I 124 19.75 -13.58 19.00
N PRO I 125 20.25 -14.83 19.12
CA PRO I 125 19.37 -16.00 19.33
C PRO I 125 18.63 -15.87 20.66
N LEU I 126 17.57 -16.63 20.83
CA LEU I 126 16.67 -16.43 21.98
C LEU I 126 17.34 -16.45 23.38
N GLU I 127 18.39 -17.27 23.52
CA GLU I 127 19.09 -17.44 24.77
C GLU I 127 19.80 -16.16 25.26
N PHE I 128 20.02 -15.19 24.34
CA PHE I 128 20.70 -13.96 24.67
C PHE I 128 19.71 -13.08 25.42
N PRO I 129 20.13 -12.52 26.56
CA PRO I 129 19.23 -11.73 27.40
C PRO I 129 18.89 -10.37 26.79
N ALA I 130 17.61 -10.05 26.74
CA ALA I 130 17.17 -8.71 26.38
C ALA I 130 17.40 -7.75 27.56
N VAL I 131 18.68 -7.49 27.87
CA VAL I 131 19.08 -6.74 29.05
C VAL I 131 19.40 -5.28 28.80
N ALA I 132 18.91 -4.42 29.68
CA ALA I 132 19.16 -2.97 29.60
C ALA I 132 20.57 -2.65 30.06
N ASP I 133 21.14 -1.59 29.48
CA ASP I 133 22.44 -1.09 29.89
C ASP I 133 22.41 -0.70 31.37
N PHE I 134 23.44 -1.10 32.12
CA PHE I 134 23.53 -0.76 33.53
C PHE I 134 23.54 0.76 33.85
N GLU I 135 24.29 1.54 33.08
CA GLU I 135 24.34 2.96 33.30
C GLU I 135 22.98 3.64 33.03
N CYS I 136 22.34 3.24 31.94
CA CYS I 136 21.06 3.80 31.59
C CYS I 136 20.04 3.49 32.67
N THR I 137 20.01 2.24 33.12
CA THR I 137 19.07 1.83 34.14
C THR I 137 19.31 2.63 35.41
N THR I 138 20.58 2.80 35.77
CA THR I 138 20.97 3.56 36.94
C THR I 138 20.48 5.02 36.81
N ALA I 139 20.76 5.65 35.70
CA ALA I 139 20.29 7.00 35.45
C ALA I 139 18.77 7.10 35.57
N LEU I 140 18.06 6.12 35.05
CA LEU I 140 16.60 6.10 35.12
C LEU I 140 16.10 5.91 36.55
N VAL I 141 16.70 4.98 37.28
CA VAL I 141 16.31 4.74 38.65
C VAL I 141 16.59 5.97 39.49
N GLU I 142 17.75 6.58 39.30
CA GLU I 142 18.15 7.74 40.06
C GLU I 142 17.31 8.98 39.73
N ALA I 143 16.94 9.13 38.46
CA ALA I 143 16.12 10.26 38.04
C ALA I 143 14.74 10.16 38.71
N ALA I 144 14.21 8.94 38.75
CA ALA I 144 12.93 8.66 39.34
C ALA I 144 12.95 8.99 40.83
N LYS I 145 14.02 8.60 41.52
CA LYS I 145 14.21 8.88 42.93
C LYS I 145 14.22 10.38 43.18
N SER I 146 14.88 11.10 42.27
CA SER I 146 15.10 12.55 42.39
C SER I 146 13.83 13.39 42.24
N ILE I 147 12.84 12.88 41.51
CA ILE I 147 11.57 13.58 41.39
C ILE I 147 10.49 12.93 42.27
N GLY I 148 10.87 11.86 42.98
CA GLY I 148 10.05 11.25 44.00
C GLY I 148 8.88 10.36 43.56
N ALA I 149 8.93 9.84 42.34
CA ALA I 149 7.88 8.93 41.87
C ALA I 149 8.02 7.56 42.53
N THR I 150 6.89 6.89 42.77
CA THR I 150 6.95 5.51 43.27
C THR I 150 7.30 4.59 42.09
N THR I 151 8.37 3.84 42.27
CA THR I 151 9.05 3.18 41.16
C THR I 151 9.18 1.68 41.38
N HIS I 152 9.03 0.93 40.30
CA HIS I 152 9.33 -0.51 40.34
C HIS I 152 10.40 -0.87 39.30
N VAL I 153 11.35 -1.68 39.71
CA VAL I 153 12.49 -2.00 38.87
C VAL I 153 12.47 -3.52 38.68
N GLY I 154 12.44 -3.97 37.42
CA GLY I 154 12.33 -5.39 37.16
C GLY I 154 12.09 -5.75 35.72
N VAL I 155 11.49 -6.93 35.54
CA VAL I 155 11.36 -7.55 34.23
C VAL I 155 10.03 -7.19 33.56
N THR I 156 10.11 -6.94 32.26
CA THR I 156 8.96 -6.60 31.44
C THR I 156 8.75 -7.69 30.39
N ALA I 157 7.50 -8.03 30.12
CA ALA I 157 7.19 -8.93 29.01
C ALA I 157 6.94 -8.06 27.76
N SER I 158 7.69 -8.33 26.70
CA SER I 158 7.64 -7.50 25.51
C SER I 158 7.04 -8.28 24.33
N SER I 159 5.81 -7.95 23.96
CA SER I 159 5.03 -8.80 23.07
C SER I 159 4.85 -8.19 21.68
N ASP I 160 4.90 -9.01 20.65
CA ASP I 160 4.66 -8.54 19.29
C ASP I 160 3.19 -8.21 19.03
N THR I 161 2.30 -8.55 19.95
CA THR I 161 0.93 -8.16 19.78
C THR I 161 0.40 -7.46 21.01
N PHE I 162 -0.61 -6.64 20.81
CA PHE I 162 -1.29 -5.96 21.90
C PHE I 162 -2.35 -6.90 22.47
N TYR I 163 -2.90 -7.77 21.63
CA TYR I 163 -4.05 -8.59 22.04
C TYR I 163 -3.69 -10.02 22.52
N PRO I 164 -3.53 -11.02 21.62
CA PRO I 164 -3.33 -12.40 22.07
C PRO I 164 -2.04 -12.54 22.87
N GLY I 165 -0.98 -11.84 22.48
CA GLY I 165 0.30 -12.05 23.15
C GLY I 165 0.30 -11.49 24.56
N GLN I 166 -0.66 -10.63 24.86
CA GLN I 166 -0.87 -10.11 26.21
C GLN I 166 -2.11 -10.78 26.79
N GLU I 167 -2.47 -11.92 26.21
CA GLU I 167 -3.63 -12.72 26.63
C GLU I 167 -4.86 -11.89 26.90
N ARG I 168 -5.22 -11.06 25.94
CA ARG I 168 -6.53 -10.39 25.91
C ARG I 168 -7.53 -11.27 25.17
N TYR I 169 -8.68 -11.48 25.80
CA TYR I 169 -9.77 -12.26 25.22
C TYR I 169 -10.87 -11.42 24.64
N ASP I 170 -10.87 -10.13 24.91
CA ASP I 170 -11.98 -9.30 24.45
C ASP I 170 -11.68 -8.80 23.06
N THR I 171 -11.81 -9.70 22.08
CA THR I 171 -11.34 -9.46 20.73
C THR I 171 -12.35 -10.01 19.73
N TYR I 172 -12.08 -9.83 18.44
CA TYR I 172 -12.94 -10.31 17.38
C TYR I 172 -13.21 -11.81 17.51
N SER I 173 -12.16 -12.59 17.76
CA SER I 173 -12.23 -14.04 17.81
C SER I 173 -12.58 -14.55 19.20
N GLY I 174 -12.27 -13.77 20.23
CA GLY I 174 -12.46 -14.17 21.61
C GLY I 174 -11.57 -15.32 22.05
N ARG I 175 -10.46 -15.56 21.36
CA ARG I 175 -9.65 -16.70 21.70
C ARG I 175 -8.15 -16.41 21.60
N VAL I 176 -7.35 -17.20 22.29
CA VAL I 176 -5.91 -17.00 22.32
C VAL I 176 -5.20 -18.30 21.90
N VAL I 177 -4.23 -18.17 21.00
CA VAL I 177 -3.45 -19.32 20.54
C VAL I 177 -2.89 -20.14 21.70
N ARG I 178 -2.90 -21.46 21.53
CA ARG I 178 -2.52 -22.41 22.58
C ARG I 178 -1.27 -21.94 23.34
N HIS I 179 -0.22 -21.59 22.59
CA HIS I 179 1.01 -21.10 23.18
C HIS I 179 0.84 -19.98 24.22
N PHE I 180 -0.16 -19.09 24.06
CA PHE I 180 -0.26 -17.96 24.97
C PHE I 180 -1.34 -18.09 26.04
N LYS I 181 -2.11 -19.17 25.92
CA LYS I 181 -3.15 -19.49 26.88
C LYS I 181 -2.53 -19.70 28.27
N GLY I 182 -3.00 -18.94 29.25
CA GLY I 182 -2.48 -19.04 30.60
C GLY I 182 -1.10 -18.42 30.78
N SER I 183 -0.60 -17.70 29.76
CA SER I 183 0.72 -17.10 29.82
C SER I 183 0.80 -15.91 30.78
N MET I 184 -0.26 -15.10 30.90
CA MET I 184 -0.21 -13.94 31.77
C MET I 184 -0.02 -14.36 33.23
N GLU I 185 -0.75 -15.38 33.64
CA GLU I 185 -0.58 -15.95 34.96
C GLU I 185 0.85 -16.43 35.21
N GLU I 186 1.49 -17.03 34.20
CA GLU I 186 2.85 -17.49 34.36
C GLU I 186 3.81 -16.32 34.56
N TRP I 187 3.72 -15.29 33.72
CA TRP I 187 4.57 -14.13 33.86
C TRP I 187 4.37 -13.47 35.22
N GLN I 188 3.11 -13.39 35.65
CA GLN I 188 2.69 -12.85 36.95
C GLN I 188 3.44 -13.56 38.06
N ALA I 189 3.43 -14.89 38.03
CA ALA I 189 4.05 -15.67 39.08
C ALA I 189 5.55 -15.48 39.05
N MET I 190 6.07 -15.18 37.87
CA MET I 190 7.51 -15.04 37.69
C MET I 190 8.02 -13.63 38.01
N GLY I 191 7.11 -12.77 38.48
CA GLY I 191 7.49 -11.47 38.96
C GLY I 191 7.51 -10.40 37.90
N VAL I 192 7.13 -10.74 36.67
CA VAL I 192 7.09 -9.81 35.56
C VAL I 192 6.16 -8.64 35.88
N MET I 193 6.59 -7.41 35.57
CA MET I 193 5.83 -6.22 36.00
C MET I 193 4.69 -5.86 35.06
N ASN I 194 4.94 -5.99 33.77
CA ASN I 194 4.07 -5.38 32.80
C ASN I 194 4.29 -5.90 31.41
N TYR I 195 3.38 -5.52 30.52
CA TYR I 195 3.49 -5.84 29.11
C TYR I 195 3.70 -4.55 28.37
N GLU I 196 4.59 -4.56 27.40
CA GLU I 196 4.63 -3.54 26.37
C GLU I 196 5.16 -4.20 25.08
N MET I 197 5.47 -3.41 24.07
CA MET I 197 5.66 -4.00 22.76
C MET I 197 6.94 -3.68 22.04
N GLU I 198 7.92 -3.06 22.71
CA GLU I 198 9.12 -2.65 21.96
C GLU I 198 10.44 -3.01 22.62
N SER I 199 10.43 -3.14 23.95
CA SER I 199 11.66 -3.28 24.71
C SER I 199 12.51 -4.48 24.32
N ALA I 200 11.88 -5.63 24.08
CA ALA I 200 12.66 -6.82 23.72
C ALA I 200 13.53 -6.51 22.51
N THR I 201 12.96 -5.91 21.48
CA THR I 201 13.73 -5.58 20.30
C THR I 201 14.83 -4.56 20.62
N LEU I 202 14.42 -3.44 21.24
CA LEU I 202 15.33 -2.35 21.56
C LEU I 202 16.51 -2.86 22.38
N LEU I 203 16.22 -3.53 23.49
CA LEU I 203 17.27 -3.94 24.42
C LEU I 203 18.21 -4.95 23.78
N THR I 204 17.63 -5.89 23.02
CA THR I 204 18.44 -6.95 22.40
C THR I 204 19.35 -6.39 21.34
N MET I 205 18.80 -5.53 20.49
CA MET I 205 19.57 -5.01 19.38
C MET I 205 20.66 -4.09 19.90
N CYS I 206 20.40 -3.39 21.00
CA CYS I 206 21.43 -2.51 21.54
C CYS I 206 22.51 -3.29 22.29
N ALA I 207 22.08 -4.19 23.18
CA ALA I 207 23.00 -4.97 23.99
C ALA I 207 23.98 -5.81 23.15
N SER I 208 23.58 -6.17 21.93
CA SER I 208 24.36 -7.05 21.10
C SER I 208 25.19 -6.28 20.06
N GLN I 209 25.12 -4.94 20.12
CA GLN I 209 25.82 -4.09 19.15
C GLN I 209 26.59 -2.96 19.79
N GLY I 210 26.83 -3.07 21.09
CA GLY I 210 27.59 -2.05 21.80
C GLY I 210 26.87 -0.71 21.99
N LEU I 211 25.54 -0.70 21.88
CA LEU I 211 24.77 0.51 22.09
C LEU I 211 24.09 0.43 23.44
N ARG I 212 23.97 1.58 24.10
CA ARG I 212 23.40 1.63 25.45
C ARG I 212 21.95 1.93 25.34
N ALA I 213 21.12 1.15 26.02
CA ALA I 213 19.67 1.38 26.01
C ALA I 213 19.06 1.23 27.40
N GLY I 214 18.07 2.07 27.68
CA GLY I 214 17.30 1.97 28.90
C GLY I 214 15.82 2.08 28.61
N MET I 215 14.97 1.68 29.56
CA MET I 215 13.51 1.69 29.39
C MET I 215 12.80 2.16 30.62
N VAL I 216 11.88 3.09 30.41
CA VAL I 216 11.04 3.59 31.50
C VAL I 216 9.64 3.84 30.95
N ALA I 217 8.64 3.48 31.75
CA ALA I 217 7.27 3.67 31.32
C ALA I 217 6.41 4.03 32.49
N GLY I 218 5.34 4.77 32.22
CA GLY I 218 4.33 5.07 33.20
C GLY I 218 3.16 4.11 33.04
N VAL I 219 2.60 3.72 34.18
CA VAL I 219 1.50 2.75 34.23
C VAL I 219 0.17 3.47 33.99
N ILE I 220 -0.50 3.10 32.92
CA ILE I 220 -1.79 3.70 32.56
C ILE I 220 -3.00 2.79 32.89
N VAL I 221 -2.77 1.49 32.98
CA VAL I 221 -3.83 0.56 33.36
C VAL I 221 -3.28 -0.65 34.13
N ASN I 222 -4.13 -1.24 34.98
CA ASN I 222 -3.80 -2.50 35.62
C ASN I 222 -4.66 -3.68 35.18
N ARG I 223 -3.99 -4.69 34.62
CA ARG I 223 -4.65 -5.87 34.04
C ARG I 223 -5.35 -6.74 35.06
N THR I 224 -5.04 -6.59 36.34
CA THR I 224 -5.68 -7.38 37.36
C THR I 224 -7.07 -6.83 37.65
N GLN I 225 -7.50 -5.84 36.88
CA GLN I 225 -8.91 -5.36 36.91
C GLN I 225 -9.59 -5.18 35.53
N GLN I 226 -8.77 -4.99 34.49
CA GLN I 226 -9.23 -4.56 33.17
C GLN I 226 -8.30 -5.01 32.04
N GLU I 227 -8.86 -5.20 30.84
CA GLU I 227 -8.06 -5.40 29.63
C GLU I 227 -7.78 -4.05 28.92
N ILE I 228 -8.83 -3.37 28.49
CA ILE I 228 -8.77 -2.05 27.84
C ILE I 228 -8.73 -0.91 28.89
N PRO I 229 -7.71 -0.04 28.81
CA PRO I 229 -7.72 1.23 29.56
C PRO I 229 -8.93 2.14 29.24
N MET I 234 -3.73 10.72 35.26
CA MET I 234 -3.41 9.89 34.11
C MET I 234 -2.51 10.61 33.11
N LYS I 235 -2.87 11.84 32.73
CA LYS I 235 -2.01 12.70 31.91
C LYS I 235 -0.77 13.15 32.71
N GLN I 236 -0.92 13.16 34.03
CA GLN I 236 0.15 13.53 34.97
C GLN I 236 1.13 12.38 35.23
N THR I 237 0.71 11.15 34.89
CA THR I 237 1.53 9.95 35.02
C THR I 237 2.63 9.88 33.95
N GLU I 238 2.26 10.15 32.70
CA GLU I 238 3.23 10.20 31.60
C GLU I 238 4.08 11.47 31.66
N SER I 239 3.54 12.52 32.29
CA SER I 239 4.30 13.72 32.64
C SER I 239 5.43 13.40 33.62
N HIS I 240 5.19 12.45 34.52
CA HIS I 240 6.19 11.96 35.48
C HIS I 240 7.27 11.23 34.72
N ALA I 241 6.85 10.23 33.93
CA ALA I 241 7.75 9.38 33.18
C ALA I 241 8.60 10.20 32.22
N VAL I 242 7.98 11.14 31.52
CA VAL I 242 8.70 11.99 30.57
C VAL I 242 9.74 12.84 31.29
N LYS I 243 9.34 13.42 32.42
CA LYS I 243 10.24 14.18 33.27
C LYS I 243 11.41 13.28 33.67
N ILE I 244 11.10 12.04 34.05
CA ILE I 244 12.13 11.10 34.44
C ILE I 244 13.10 10.78 33.31
N VAL I 245 12.59 10.54 32.10
CA VAL I 245 13.49 10.16 31.00
C VAL I 245 14.42 11.30 30.60
N VAL I 246 13.91 12.52 30.64
CA VAL I 246 14.68 13.70 30.30
C VAL I 246 15.78 13.90 31.34
N GLU I 247 15.43 13.74 32.61
CA GLU I 247 16.39 13.89 33.68
C GLU I 247 17.47 12.81 33.65
N ALA I 248 17.10 11.62 33.20
CA ALA I 248 18.07 10.52 33.03
C ALA I 248 19.02 10.85 31.87
N ALA I 249 18.46 11.32 30.76
CA ALA I 249 19.26 11.75 29.63
C ALA I 249 20.31 12.73 30.11
N ARG I 250 19.89 13.67 30.96
CA ARG I 250 20.81 14.66 31.55
C ARG I 250 22.04 14.00 32.17
N ARG I 251 21.81 12.92 32.92
CA ARG I 251 22.87 12.20 33.61
C ARG I 251 23.73 11.36 32.70
N LEU I 252 23.27 11.08 31.50
CA LEU I 252 24.00 10.19 30.61
C LEU I 252 24.79 10.93 29.53
N LEU I 253 24.76 12.26 29.61
CA LEU I 253 25.33 13.09 28.56
C LEU I 253 26.84 13.18 28.62
N SER J 4 -15.11 6.76 20.71
CA SER J 4 -14.45 5.72 19.83
C SER J 4 -14.65 4.23 20.30
N ASP J 5 -14.87 3.30 19.40
CA ASP J 5 -15.18 1.95 19.81
C ASP J 5 -13.94 1.05 19.96
N VAL J 6 -12.79 1.47 19.37
CA VAL J 6 -11.59 0.62 19.39
C VAL J 6 -10.45 1.39 20.02
N PHE J 7 -9.52 0.68 20.64
CA PHE J 7 -8.55 1.33 21.51
C PHE J 7 -7.50 2.17 20.78
N HIS J 8 -7.15 1.81 19.54
CA HIS J 8 -6.06 2.49 18.85
C HIS J 8 -6.47 3.32 17.64
N LEU J 9 -7.40 2.83 16.82
CA LEU J 9 -7.69 3.47 15.53
C LEU J 9 -8.58 4.68 15.64
N GLY J 10 -9.30 4.82 16.76
CA GLY J 10 -10.19 5.95 16.99
C GLY J 10 -11.34 6.00 16.01
N LEU J 11 -11.91 4.82 15.75
CA LEU J 11 -13.06 4.66 14.86
C LEU J 11 -14.24 4.02 15.59
N THR J 12 -15.45 4.26 15.09
CA THR J 12 -16.65 3.59 15.58
C THR J 12 -17.22 2.75 14.44
N LYS J 13 -18.01 1.71 14.77
CA LYS J 13 -18.75 0.91 13.79
C LYS J 13 -19.43 1.85 12.80
N ASN J 14 -19.95 2.95 13.32
CA ASN J 14 -20.68 3.87 12.51
C ASN J 14 -19.86 4.63 11.49
N ASP J 15 -18.62 4.93 11.83
CA ASP J 15 -17.71 5.60 10.89
C ASP J 15 -17.53 4.82 9.59
N LEU J 16 -17.62 3.50 9.69
CA LEU J 16 -17.39 2.59 8.58
C LEU J 16 -18.56 2.50 7.63
N GLN J 17 -19.75 2.81 8.16
CA GLN J 17 -20.97 2.87 7.39
C GLN J 17 -21.27 1.59 6.61
N GLY J 18 -21.03 0.46 7.28
CA GLY J 18 -21.37 -0.85 6.77
C GLY J 18 -20.28 -1.47 5.94
N ALA J 19 -19.16 -0.76 5.80
CA ALA J 19 -17.98 -1.25 5.07
C ALA J 19 -17.52 -2.60 5.61
N THR J 20 -17.17 -3.52 4.71
CA THR J 20 -16.67 -4.82 5.13
C THR J 20 -15.35 -5.17 4.49
N LEU J 21 -14.83 -4.26 3.66
CA LEU J 21 -13.53 -4.44 3.03
C LEU J 21 -12.61 -3.25 3.31
N ALA J 22 -11.34 -3.54 3.59
CA ALA J 22 -10.31 -2.51 3.80
C ALA J 22 -9.07 -2.74 2.93
N ILE J 23 -8.59 -1.67 2.30
CA ILE J 23 -7.28 -1.69 1.66
C ILE J 23 -6.32 -1.19 2.73
N VAL J 24 -5.29 -1.98 3.05
CA VAL J 24 -4.41 -1.61 4.14
C VAL J 24 -2.96 -1.38 3.70
N PRO J 25 -2.63 -0.16 3.33
CA PRO J 25 -1.26 0.19 3.01
C PRO J 25 -0.44 0.26 4.29
N GLY J 26 0.88 0.38 4.16
CA GLY J 26 1.74 0.43 5.32
C GLY J 26 1.97 1.84 5.78
N ASP J 27 2.08 2.78 4.83
CA ASP J 27 2.43 4.18 5.11
C ASP J 27 1.18 5.06 5.30
N PRO J 28 1.04 5.73 6.45
CA PRO J 28 -0.09 6.64 6.66
C PRO J 28 -0.24 7.67 5.53
N ASP J 29 0.86 8.18 5.01
CA ASP J 29 0.79 9.27 4.03
C ASP J 29 0.29 8.82 2.66
N ARG J 30 0.21 7.50 2.45
CA ARG J 30 -0.29 6.99 1.20
C ARG J 30 -1.77 6.57 1.26
N VAL J 31 -2.38 6.65 2.45
CA VAL J 31 -3.82 6.37 2.65
C VAL J 31 -4.72 7.30 1.82
N GLU J 32 -4.54 8.62 1.97
CA GLU J 32 -5.35 9.58 1.27
C GLU J 32 -5.20 9.37 -0.23
N LYS J 33 -3.98 9.11 -0.68
CA LYS J 33 -3.68 8.92 -2.11
C LYS J 33 -4.50 7.78 -2.69
N ILE J 34 -4.60 6.68 -1.96
CA ILE J 34 -5.39 5.52 -2.39
C ILE J 34 -6.90 5.81 -2.36
N ALA J 35 -7.37 6.37 -1.25
CA ALA J 35 -8.76 6.80 -1.12
C ALA J 35 -9.19 7.69 -2.29
N ALA J 36 -8.30 8.60 -2.71
CA ALA J 36 -8.62 9.58 -3.74
C ALA J 36 -8.88 8.95 -5.11
N LEU J 37 -8.52 7.69 -5.27
CA LEU J 37 -8.81 6.99 -6.53
C LEU J 37 -10.23 6.46 -6.57
N MET J 38 -10.95 6.59 -5.46
CA MET J 38 -12.31 6.09 -5.36
C MET J 38 -13.26 7.29 -5.24
N ASP J 39 -14.53 7.05 -4.95
CA ASP J 39 -15.51 8.13 -4.86
C ASP J 39 -15.72 8.60 -3.44
N LYS J 40 -16.06 9.87 -3.29
CA LYS J 40 -16.40 10.48 -1.99
C LYS J 40 -15.41 10.13 -0.87
N PRO J 41 -14.12 10.39 -1.10
CA PRO J 41 -13.10 10.15 -0.08
C PRO J 41 -13.28 11.06 1.14
N VAL J 42 -13.18 10.49 2.33
CA VAL J 42 -13.39 11.22 3.56
C VAL J 42 -12.41 10.73 4.64
N LYS J 43 -11.67 11.64 5.26
CA LYS J 43 -10.74 11.27 6.31
C LYS J 43 -11.57 10.97 7.53
N LEU J 44 -11.28 9.84 8.20
CA LEU J 44 -12.03 9.44 9.39
C LEU J 44 -11.25 9.74 10.66
N ALA J 45 -9.97 9.37 10.66
CA ALA J 45 -9.16 9.45 11.86
C ALA J 45 -7.69 9.31 11.57
N SER J 46 -6.88 9.83 12.47
CA SER J 46 -5.44 9.69 12.41
C SER J 46 -4.85 9.61 13.82
N HIS J 47 -4.27 8.46 14.16
CA HIS J 47 -3.69 8.27 15.49
C HIS J 47 -2.50 7.38 15.33
N ARG J 48 -1.37 7.78 15.94
CA ARG J 48 -0.10 7.05 15.82
C ARG J 48 0.12 6.74 14.33
N GLU J 49 0.43 5.49 13.98
CA GLU J 49 0.65 5.17 12.57
C GLU J 49 -0.61 4.79 11.82
N PHE J 50 -1.77 4.93 12.47
CA PHE J 50 -3.03 4.50 11.88
C PHE J 50 -3.88 5.66 11.35
N THR J 51 -3.86 5.80 10.02
CA THR J 51 -4.64 6.82 9.35
C THR J 51 -5.74 6.10 8.55
N THR J 52 -6.98 6.56 8.73
CA THR J 52 -8.12 5.90 8.12
C THR J 52 -8.92 6.86 7.28
N TRP J 53 -9.15 6.45 6.04
CA TRP J 53 -10.12 7.14 5.19
C TRP J 53 -11.21 6.15 4.78
N ARG J 54 -12.38 6.69 4.48
CA ARG J 54 -13.48 5.94 3.90
C ARG J 54 -13.74 6.52 2.52
N ALA J 55 -14.05 5.64 1.58
CA ALA J 55 -14.47 6.05 0.26
C ALA J 55 -15.58 5.14 -0.20
N GLU J 56 -15.98 5.32 -1.45
CA GLU J 56 -17.03 4.54 -2.03
C GLU J 56 -16.55 3.94 -3.36
N LEU J 57 -16.91 2.70 -3.60
CA LEU J 57 -16.48 1.99 -4.78
C LEU J 57 -17.67 1.24 -5.34
N ASP J 58 -18.09 1.61 -6.55
CA ASP J 58 -19.35 1.14 -7.16
C ASP J 58 -20.50 1.27 -6.18
N GLY J 59 -20.57 2.39 -5.49
CA GLY J 59 -21.62 2.64 -4.53
C GLY J 59 -21.52 1.94 -3.18
N LYS J 60 -20.41 1.27 -2.89
CA LYS J 60 -20.23 0.57 -1.59
C LYS J 60 -19.11 1.18 -0.78
N PRO J 61 -19.33 1.34 0.53
CA PRO J 61 -18.31 1.93 1.42
C PRO J 61 -17.12 1.01 1.57
N VAL J 62 -15.94 1.60 1.51
CA VAL J 62 -14.66 0.88 1.52
C VAL J 62 -13.73 1.67 2.44
N ILE J 63 -12.95 0.95 3.25
CA ILE J 63 -12.01 1.59 4.19
C ILE J 63 -10.60 1.54 3.64
N VAL J 64 -9.85 2.61 3.84
CA VAL J 64 -8.40 2.57 3.63
C VAL J 64 -7.74 2.92 4.95
N CYS J 65 -6.88 2.05 5.44
CA CYS J 65 -6.33 2.20 6.77
C CYS J 65 -4.88 1.74 6.77
N SER J 66 -3.97 2.59 7.25
CA SER J 66 -2.54 2.23 7.29
C SER J 66 -2.16 1.35 8.50
N THR J 67 -1.20 0.46 8.29
CA THR J 67 -0.82 -0.49 9.35
C THR J 67 0.43 -0.03 10.08
N GLY J 68 1.17 0.90 9.49
CA GLY J 68 2.50 1.17 9.96
C GLY J 68 3.41 0.07 9.44
N ILE J 69 4.67 0.09 9.86
CA ILE J 69 5.62 -0.95 9.48
C ILE J 69 5.59 -2.09 10.49
N GLY J 70 5.40 -3.31 10.00
CA GLY J 70 5.64 -4.48 10.82
C GLY J 70 4.41 -5.19 11.37
N GLY J 71 4.58 -6.47 11.72
CA GLY J 71 3.49 -7.28 12.20
C GLY J 71 2.73 -6.68 13.39
N PRO J 72 3.44 -6.21 14.40
CA PRO J 72 2.79 -5.72 15.59
C PRO J 72 1.72 -4.69 15.27
N SER J 73 2.07 -3.60 14.62
CA SER J 73 1.05 -2.58 14.38
C SER J 73 0.01 -3.05 13.38
N THR J 74 0.41 -3.91 12.44
CA THR J 74 -0.53 -4.53 11.51
C THR J 74 -1.54 -5.34 12.30
N SER J 75 -1.06 -6.11 13.27
CA SER J 75 -1.95 -6.95 14.07
C SER J 75 -3.02 -6.10 14.79
N ILE J 76 -2.62 -4.90 15.24
CA ILE J 76 -3.54 -3.98 15.89
C ILE J 76 -4.59 -3.48 14.88
N ALA J 77 -4.13 -3.01 13.72
CA ALA J 77 -5.04 -2.44 12.75
C ALA J 77 -6.08 -3.49 12.35
N VAL J 78 -5.59 -4.71 12.06
CA VAL J 78 -6.47 -5.77 11.54
C VAL J 78 -7.48 -6.22 12.58
N GLU J 79 -7.01 -6.39 13.80
CA GLU J 79 -7.88 -6.79 14.90
C GLU J 79 -9.01 -5.80 15.08
N GLU J 80 -8.65 -4.52 15.10
CA GLU J 80 -9.62 -3.51 15.46
C GLU J 80 -10.58 -3.26 14.28
N LEU J 81 -10.07 -3.37 13.05
CA LEU J 81 -10.93 -3.25 11.88
C LEU J 81 -11.92 -4.43 11.85
N ALA J 82 -11.43 -5.59 12.22
CA ALA J 82 -12.29 -6.77 12.28
C ALA J 82 -13.42 -6.56 13.30
N GLN J 83 -13.09 -5.94 14.44
CA GLN J 83 -14.07 -5.64 15.46
C GLN J 83 -15.15 -4.74 14.90
N LEU J 84 -14.74 -3.84 14.02
CA LEU J 84 -15.65 -2.85 13.45
C LEU J 84 -16.43 -3.44 12.27
N GLY J 85 -16.10 -4.67 11.88
CA GLY J 85 -16.86 -5.37 10.85
C GLY J 85 -16.16 -5.64 9.51
N ILE J 86 -14.90 -5.23 9.37
CA ILE J 86 -14.14 -5.56 8.17
C ILE J 86 -13.89 -7.08 8.13
N ARG J 87 -14.10 -7.68 6.96
CA ARG J 87 -13.94 -9.13 6.79
C ARG J 87 -12.95 -9.44 5.65
N THR J 88 -12.53 -8.42 4.90
CA THR J 88 -11.66 -8.62 3.77
C THR J 88 -10.57 -7.56 3.81
N PHE J 89 -9.31 -8.00 3.74
CA PHE J 89 -8.18 -7.09 3.87
C PHE J 89 -7.28 -7.23 2.67
N LEU J 90 -7.02 -6.13 1.99
CA LEU J 90 -6.08 -6.15 0.86
C LEU J 90 -4.89 -5.27 1.18
N ARG J 91 -3.75 -5.92 1.34
CA ARG J 91 -2.55 -5.18 1.65
C ARG J 91 -1.88 -4.72 0.39
N ILE J 92 -1.49 -3.45 0.39
CA ILE J 92 -0.71 -2.94 -0.71
C ILE J 92 0.60 -2.35 -0.17
N GLY J 93 1.72 -2.91 -0.64
CA GLY J 93 3.02 -2.50 -0.14
C GLY J 93 4.09 -2.20 -1.15
N THR J 94 5.27 -1.86 -0.65
CA THR J 94 6.47 -1.78 -1.45
C THR J 94 7.36 -2.96 -1.06
N THR J 95 8.22 -3.39 -1.97
CA THR J 95 8.98 -4.60 -1.72
C THR J 95 10.32 -4.61 -2.46
N GLY J 96 11.25 -5.43 -1.94
CA GLY J 96 12.50 -5.67 -2.63
C GLY J 96 12.48 -7.06 -3.23
N ALA J 97 12.64 -7.14 -4.54
CA ALA J 97 12.67 -8.42 -5.23
C ALA J 97 14.01 -9.07 -4.98
N ILE J 98 14.05 -10.40 -4.93
CA ILE J 98 15.32 -11.10 -4.74
C ILE J 98 15.60 -12.04 -5.88
N GLN J 99 14.75 -12.01 -6.89
CA GLN J 99 15.01 -12.83 -8.05
C GLN J 99 15.58 -11.92 -9.15
N PRO J 100 16.58 -12.37 -9.91
CA PRO J 100 17.23 -11.48 -10.88
C PRO J 100 16.32 -11.03 -12.01
N HIS J 101 15.22 -11.74 -12.30
CA HIS J 101 14.38 -11.40 -13.46
C HIS J 101 13.19 -10.50 -13.08
N ILE J 102 13.00 -10.25 -11.79
CA ILE J 102 11.92 -9.35 -11.38
C ILE J 102 12.46 -7.92 -11.36
N ASN J 103 11.80 -7.03 -12.12
CA ASN J 103 12.26 -5.65 -12.29
C ASN J 103 11.60 -4.61 -11.43
N VAL J 104 12.34 -3.54 -11.16
CA VAL J 104 11.80 -2.43 -10.41
C VAL J 104 10.57 -1.95 -11.20
N GLY J 105 9.45 -1.80 -10.51
CA GLY J 105 8.21 -1.43 -11.16
C GLY J 105 7.23 -2.59 -11.34
N ASP J 106 7.74 -3.83 -11.26
CA ASP J 106 6.91 -5.03 -11.37
C ASP J 106 5.94 -5.13 -10.19
N VAL J 107 4.85 -5.87 -10.38
CA VAL J 107 3.84 -6.06 -9.35
C VAL J 107 3.90 -7.50 -8.86
N LEU J 108 3.92 -7.69 -7.54
CA LEU J 108 4.07 -9.02 -6.99
C LEU J 108 2.86 -9.36 -6.15
N VAL J 109 2.21 -10.48 -6.50
CA VAL J 109 1.08 -11.01 -5.75
C VAL J 109 1.56 -12.23 -4.95
N THR J 110 1.43 -12.13 -3.63
CA THR J 110 1.83 -13.17 -2.68
C THR J 110 0.75 -14.21 -2.52
N THR J 111 1.11 -15.46 -2.80
CA THR J 111 0.20 -16.55 -2.55
C THR J 111 0.27 -16.95 -1.09
N ALA J 112 1.49 -16.94 -0.54
CA ALA J 112 1.75 -17.27 0.86
C ALA J 112 3.13 -16.73 1.25
N SER J 113 3.37 -16.63 2.56
CA SER J 113 4.60 -16.00 3.03
C SER J 113 5.47 -16.88 3.91
N VAL J 114 6.79 -16.74 3.75
CA VAL J 114 7.72 -17.34 4.70
C VAL J 114 7.63 -16.50 5.96
N ARG J 115 7.32 -17.15 7.08
CA ARG J 115 7.03 -16.44 8.31
C ARG J 115 8.30 -16.07 9.06
N LEU J 116 8.89 -14.92 8.76
CA LEU J 116 10.10 -14.49 9.46
C LEU J 116 9.73 -13.40 10.47
N ASP J 117 8.52 -13.51 10.99
CA ASP J 117 7.98 -12.49 11.86
C ASP J 117 7.69 -13.14 13.22
N GLY J 118 7.31 -12.31 14.20
CA GLY J 118 6.97 -12.79 15.51
C GLY J 118 5.49 -12.79 15.74
N ALA J 119 4.77 -11.85 15.11
CA ALA J 119 3.35 -11.64 15.41
C ALA J 119 2.47 -12.79 14.92
N SER J 120 2.80 -13.36 13.77
CA SER J 120 2.04 -14.51 13.28
C SER J 120 1.91 -15.63 14.30
N LEU J 121 2.99 -15.89 15.04
CA LEU J 121 3.02 -16.96 16.08
C LEU J 121 1.97 -16.72 17.18
N HIS J 122 1.47 -15.49 17.25
CA HIS J 122 0.55 -15.15 18.32
C HIS J 122 -0.87 -15.53 17.92
N PHE J 123 -1.03 -16.00 16.67
CA PHE J 123 -2.34 -16.44 16.15
C PHE J 123 -2.37 -17.94 15.81
N ALA J 124 -1.25 -18.45 15.31
CA ALA J 124 -1.12 -19.84 14.95
C ALA J 124 0.33 -20.25 15.02
N PRO J 125 0.58 -21.53 15.36
CA PRO J 125 1.96 -22.02 15.47
C PRO J 125 2.64 -22.02 14.08
N LEU J 126 3.96 -22.15 14.09
CA LEU J 126 4.75 -21.91 12.89
C LEU J 126 4.35 -22.80 11.72
N GLU J 127 3.92 -24.02 12.02
CA GLU J 127 3.54 -25.02 10.99
C GLU J 127 2.31 -24.61 10.18
N PHE J 128 1.55 -23.63 10.69
CA PHE J 128 0.37 -23.15 9.96
C PHE J 128 0.77 -22.19 8.83
N PRO J 129 0.21 -22.38 7.62
CA PRO J 129 0.70 -21.63 6.45
C PRO J 129 0.22 -20.18 6.46
N ALA J 130 1.11 -19.24 6.20
CA ALA J 130 0.73 -17.85 6.04
C ALA J 130 0.21 -17.69 4.61
N VAL J 131 -0.96 -18.28 4.36
CA VAL J 131 -1.53 -18.38 3.02
C VAL J 131 -2.59 -17.31 2.79
N ALA J 132 -2.53 -16.68 1.62
CA ALA J 132 -3.55 -15.74 1.21
C ALA J 132 -4.88 -16.44 0.86
N ASP J 133 -5.98 -15.69 1.02
CA ASP J 133 -7.30 -16.15 0.59
C ASP J 133 -7.38 -16.27 -0.94
N PHE J 134 -8.03 -17.33 -1.39
CA PHE J 134 -8.02 -17.65 -2.81
C PHE J 134 -8.76 -16.62 -3.66
N GLU J 135 -9.92 -16.18 -3.18
CA GLU J 135 -10.69 -15.17 -3.92
C GLU J 135 -9.93 -13.85 -4.01
N CYS J 136 -9.26 -13.47 -2.93
CA CYS J 136 -8.46 -12.26 -2.93
C CYS J 136 -7.30 -12.40 -3.89
N THR J 137 -6.56 -13.50 -3.80
CA THR J 137 -5.44 -13.73 -4.73
C THR J 137 -5.88 -13.69 -6.20
N THR J 138 -7.02 -14.33 -6.48
CA THR J 138 -7.60 -14.33 -7.81
C THR J 138 -7.93 -12.90 -8.25
N ALA J 139 -8.63 -12.17 -7.39
CA ALA J 139 -8.97 -10.80 -7.68
C ALA J 139 -7.72 -9.97 -8.03
N LEU J 140 -6.67 -10.11 -7.24
CA LEU J 140 -5.45 -9.36 -7.48
C LEU J 140 -4.83 -9.76 -8.83
N VAL J 141 -4.72 -11.06 -9.08
CA VAL J 141 -4.07 -11.53 -10.29
C VAL J 141 -4.86 -11.02 -11.47
N GLU J 142 -6.17 -11.21 -11.40
CA GLU J 142 -7.05 -10.85 -12.50
C GLU J 142 -7.04 -9.33 -12.74
N ALA J 143 -7.00 -8.56 -11.65
CA ALA J 143 -6.92 -7.11 -11.75
C ALA J 143 -5.67 -6.70 -12.51
N ALA J 144 -4.53 -7.29 -12.11
CA ALA J 144 -3.25 -6.99 -12.72
C ALA J 144 -3.25 -7.33 -14.22
N LYS J 145 -3.93 -8.42 -14.57
CA LYS J 145 -4.04 -8.87 -15.95
C LYS J 145 -4.73 -7.80 -16.77
N SER J 146 -5.83 -7.25 -16.22
CA SER J 146 -6.66 -6.32 -16.94
C SER J 146 -6.06 -4.92 -17.11
N ILE J 147 -5.16 -4.51 -16.22
CA ILE J 147 -4.45 -3.24 -16.45
C ILE J 147 -3.09 -3.47 -17.13
N GLY J 148 -2.77 -4.73 -17.40
CA GLY J 148 -1.58 -5.10 -18.16
C GLY J 148 -0.23 -4.87 -17.52
N ALA J 149 -0.20 -4.76 -16.20
CA ALA J 149 1.08 -4.64 -15.46
C ALA J 149 1.81 -5.96 -15.53
N THR J 150 3.14 -5.92 -15.60
CA THR J 150 3.89 -7.17 -15.58
C THR J 150 3.94 -7.69 -14.11
N THR J 151 3.47 -8.93 -13.94
CA THR J 151 3.13 -9.46 -12.64
C THR J 151 3.76 -10.80 -12.36
N HIS J 152 4.27 -10.96 -11.14
CA HIS J 152 4.73 -12.26 -10.69
C HIS J 152 3.91 -12.74 -9.49
N VAL J 153 3.62 -14.04 -9.48
CA VAL J 153 2.76 -14.63 -8.48
C VAL J 153 3.56 -15.71 -7.77
N GLY J 154 3.59 -15.67 -6.44
CA GLY J 154 4.32 -16.67 -5.69
C GLY J 154 4.56 -16.31 -4.25
N VAL J 155 5.63 -16.89 -3.70
CA VAL J 155 5.92 -16.81 -2.26
C VAL J 155 6.79 -15.59 -1.90
N THR J 156 6.54 -15.04 -0.73
CA THR J 156 7.23 -13.84 -0.26
C THR J 156 7.83 -14.15 1.09
N ALA J 157 9.03 -13.63 1.33
CA ALA J 157 9.65 -13.74 2.64
C ALA J 157 9.30 -12.48 3.45
N SER J 158 8.64 -12.70 4.59
CA SER J 158 8.10 -11.61 5.38
C SER J 158 8.88 -11.48 6.69
N SER J 159 9.59 -10.37 6.85
CA SER J 159 10.60 -10.24 7.89
C SER J 159 10.30 -9.16 8.92
N ASP J 160 10.50 -9.48 10.19
CA ASP J 160 10.31 -8.51 11.26
C ASP J 160 11.36 -7.41 11.22
N THR J 161 12.39 -7.55 10.40
CA THR J 161 13.36 -6.45 10.26
C THR J 161 13.59 -6.07 8.80
N PHE J 162 14.00 -4.83 8.57
CA PHE J 162 14.34 -4.36 7.25
C PHE J 162 15.83 -4.65 6.96
N TYR J 163 16.64 -4.65 8.02
CA TYR J 163 18.09 -4.86 7.88
C TYR J 163 18.55 -6.35 7.98
N PRO J 164 18.88 -6.88 9.16
CA PRO J 164 19.43 -8.25 9.22
C PRO J 164 18.49 -9.37 8.68
N GLY J 165 17.18 -9.29 8.94
CA GLY J 165 16.25 -10.32 8.48
C GLY J 165 16.11 -10.39 6.96
N GLN J 166 16.55 -9.33 6.29
CA GLN J 166 16.59 -9.28 4.83
C GLN J 166 18.05 -9.33 4.35
N GLU J 167 18.92 -9.75 5.27
CA GLU J 167 20.36 -9.90 5.01
C GLU J 167 20.98 -8.69 4.36
N ARG J 168 20.71 -7.52 4.93
CA ARG J 168 21.42 -6.33 4.52
C ARG J 168 22.69 -6.20 5.34
N TYR J 169 23.78 -5.83 4.68
CA TYR J 169 25.06 -5.64 5.36
C TYR J 169 25.53 -4.17 5.51
N ASP J 170 24.97 -3.23 4.75
CA ASP J 170 25.32 -1.81 4.94
C ASP J 170 24.60 -1.28 6.15
N THR J 171 25.10 -1.65 7.32
CA THR J 171 24.43 -1.28 8.54
C THR J 171 25.46 -0.76 9.51
N TYR J 172 25.00 -0.21 10.63
CA TYR J 172 25.88 0.25 11.69
C TYR J 172 26.96 -0.80 12.04
N SER J 173 26.54 -2.06 12.20
CA SER J 173 27.41 -3.12 12.68
C SER J 173 28.03 -3.92 11.55
N GLY J 174 27.39 -3.92 10.38
CA GLY J 174 27.88 -4.68 9.25
C GLY J 174 27.82 -6.20 9.43
N ARG J 175 27.25 -6.69 10.55
CA ARG J 175 27.07 -8.14 10.70
C ARG J 175 25.61 -8.56 10.61
N VAL J 176 25.40 -9.84 10.34
CA VAL J 176 24.10 -10.46 10.34
C VAL J 176 24.20 -11.71 11.23
N VAL J 177 23.25 -11.83 12.16
CA VAL J 177 23.21 -12.94 13.08
C VAL J 177 23.30 -14.29 12.35
N ARG J 178 23.97 -15.25 12.99
CA ARG J 178 24.16 -16.59 12.42
C ARG J 178 22.94 -17.09 11.65
N HIS J 179 21.80 -17.07 12.32
CA HIS J 179 20.58 -17.60 11.75
C HIS J 179 20.22 -17.07 10.36
N PHE J 180 20.59 -15.82 10.06
CA PHE J 180 20.19 -15.19 8.80
C PHE J 180 21.33 -15.06 7.80
N LYS J 181 22.54 -15.43 8.22
CA LYS J 181 23.71 -15.43 7.33
C LYS J 181 23.44 -16.43 6.21
N GLY J 182 23.51 -15.99 4.96
CA GLY J 182 23.26 -16.87 3.83
C GLY J 182 21.79 -17.17 3.54
N SER J 183 20.88 -16.49 4.26
CA SER J 183 19.46 -16.75 4.13
C SER J 183 18.86 -16.24 2.83
N MET J 184 19.29 -15.08 2.34
CA MET J 184 18.71 -14.57 1.10
C MET J 184 18.91 -15.55 -0.04
N GLU J 185 20.12 -16.06 -0.17
CA GLU J 185 20.43 -17.09 -1.16
C GLU J 185 19.58 -18.37 -1.03
N GLU J 186 19.26 -18.77 0.21
CA GLU J 186 18.41 -19.93 0.42
C GLU J 186 17.02 -19.63 -0.11
N TRP J 187 16.45 -18.50 0.28
CA TRP J 187 15.13 -18.18 -0.20
C TRP J 187 15.11 -18.05 -1.73
N GLN J 188 16.15 -17.44 -2.36
CA GLN J 188 16.14 -17.37 -3.82
C GLN J 188 16.12 -18.72 -4.45
N ALA J 189 16.93 -19.63 -3.94
CA ALA J 189 16.97 -20.99 -4.46
C ALA J 189 15.58 -21.66 -4.39
N MET J 190 14.78 -21.23 -3.41
CA MET J 190 13.47 -21.82 -3.12
C MET J 190 12.39 -21.12 -3.89
N GLY J 191 12.77 -20.13 -4.70
CA GLY J 191 11.82 -19.49 -5.60
C GLY J 191 11.06 -18.35 -4.97
N VAL J 192 11.44 -17.98 -3.76
CA VAL J 192 10.83 -16.82 -3.10
C VAL J 192 11.12 -15.57 -3.94
N MET J 193 10.09 -14.75 -4.14
CA MET J 193 10.20 -13.58 -5.04
C MET J 193 10.84 -12.35 -4.37
N ASN J 194 10.54 -12.14 -3.07
CA ASN J 194 10.75 -10.82 -2.49
C ASN J 194 10.69 -10.81 -0.97
N TYR J 195 11.13 -9.68 -0.39
CA TYR J 195 11.10 -9.46 1.04
C TYR J 195 10.15 -8.32 1.27
N GLU J 196 9.31 -8.43 2.28
CA GLU J 196 8.62 -7.26 2.82
C GLU J 196 8.39 -7.54 4.33
N MET J 197 7.52 -6.78 4.98
CA MET J 197 7.51 -6.90 6.42
C MET J 197 6.18 -7.21 7.11
N GLU J 198 5.09 -7.32 6.36
CA GLU J 198 3.78 -7.40 7.03
C GLU J 198 2.93 -8.59 6.66
N SER J 199 3.19 -9.16 5.49
CA SER J 199 2.31 -10.20 4.93
C SER J 199 2.22 -11.46 5.81
N ALA J 200 3.31 -11.86 6.44
CA ALA J 200 3.26 -13.06 7.24
C ALA J 200 2.26 -12.86 8.38
N THR J 201 2.31 -11.72 9.06
CA THR J 201 1.34 -11.43 10.11
C THR J 201 -0.08 -11.34 9.57
N LEU J 202 -0.26 -10.54 8.53
CA LEU J 202 -1.57 -10.29 7.99
C LEU J 202 -2.20 -11.58 7.58
N LEU J 203 -1.49 -12.35 6.74
CA LEU J 203 -2.06 -13.57 6.14
C LEU J 203 -2.37 -14.62 7.20
N THR J 204 -1.49 -14.75 8.18
CA THR J 204 -1.69 -15.75 9.22
C THR J 204 -2.87 -15.38 10.07
N MET J 205 -2.89 -14.13 10.52
CA MET J 205 -3.97 -13.73 11.44
C MET J 205 -5.34 -13.85 10.76
N CYS J 206 -5.37 -13.50 9.48
CA CYS J 206 -6.60 -13.64 8.71
C CYS J 206 -6.98 -15.09 8.43
N ALA J 207 -6.08 -15.86 7.81
CA ALA J 207 -6.34 -17.27 7.47
C ALA J 207 -6.82 -18.10 8.68
N SER J 208 -6.36 -17.73 9.88
CA SER J 208 -6.68 -18.49 11.08
C SER J 208 -7.89 -17.95 11.85
N GLN J 209 -8.54 -16.93 11.30
CA GLN J 209 -9.70 -16.30 11.93
C GLN J 209 -10.94 -16.12 11.01
N GLY J 210 -10.92 -16.75 9.84
CA GLY J 210 -12.01 -16.66 8.91
C GLY J 210 -12.10 -15.31 8.22
N LEU J 211 -11.01 -14.57 8.19
CA LEU J 211 -11.00 -13.30 7.45
C LEU J 211 -10.27 -13.53 6.15
N ARG J 212 -10.74 -12.89 5.08
CA ARG J 212 -10.12 -12.99 3.77
C ARG J 212 -9.03 -11.94 3.64
N ALA J 213 -7.85 -12.35 3.18
CA ALA J 213 -6.76 -11.42 3.01
C ALA J 213 -6.03 -11.66 1.70
N GLY J 214 -5.57 -10.59 1.09
CA GLY J 214 -4.75 -10.69 -0.11
C GLY J 214 -3.58 -9.72 -0.01
N MET J 215 -2.55 -9.97 -0.81
CA MET J 215 -1.30 -9.24 -0.69
C MET J 215 -0.66 -8.93 -2.05
N VAL J 216 -0.40 -7.64 -2.27
CA VAL J 216 0.21 -7.15 -3.51
C VAL J 216 1.21 -6.04 -3.18
N ALA J 217 2.32 -6.02 -3.92
CA ALA J 217 3.34 -4.99 -3.70
C ALA J 217 4.00 -4.62 -4.99
N GLY J 218 4.43 -3.36 -5.10
CA GLY J 218 5.26 -2.89 -6.18
C GLY J 218 6.72 -2.99 -5.79
N VAL J 219 7.55 -3.43 -6.75
CA VAL J 219 8.96 -3.65 -6.51
C VAL J 219 9.70 -2.33 -6.61
N ILE J 220 10.39 -1.95 -5.55
CA ILE J 220 11.14 -0.67 -5.52
C ILE J 220 12.67 -0.85 -5.52
N VAL J 221 13.12 -2.08 -5.37
CA VAL J 221 14.53 -2.40 -5.46
C VAL J 221 14.73 -3.87 -5.82
N ASN J 222 15.78 -4.16 -6.58
CA ASN J 222 16.18 -5.54 -6.80
C ASN J 222 17.45 -5.83 -6.00
N ARG J 223 17.32 -6.77 -5.07
CA ARG J 223 18.38 -7.08 -4.11
C ARG J 223 19.60 -7.81 -4.71
N THR J 224 19.48 -8.32 -5.94
CA THR J 224 20.64 -8.90 -6.61
C THR J 224 21.56 -7.79 -7.12
N GLN J 225 21.11 -6.55 -7.03
CA GLN J 225 21.86 -5.39 -7.52
C GLN J 225 22.36 -4.45 -6.42
N GLN J 226 21.57 -4.34 -5.36
CA GLN J 226 21.57 -3.17 -4.49
C GLN J 226 20.88 -3.54 -3.19
N GLU J 227 21.25 -2.87 -2.09
CA GLU J 227 20.53 -3.00 -0.84
C GLU J 227 19.50 -1.88 -0.67
N ILE J 228 19.87 -0.67 -1.07
CA ILE J 228 19.03 0.47 -0.82
C ILE J 228 18.38 0.97 -2.12
N PRO J 229 17.04 1.14 -2.09
CA PRO J 229 16.29 1.68 -3.23
C PRO J 229 16.74 3.08 -3.67
N ASN J 230 16.61 3.36 -4.96
CA ASN J 230 17.16 4.59 -5.57
C ASN J 230 16.55 5.96 -5.18
N SER J 239 2.42 2.43 -7.55
CA SER J 239 1.49 3.19 -8.36
C SER J 239 0.74 2.31 -9.39
N HIS J 240 1.46 1.35 -9.99
CA HIS J 240 0.81 0.31 -10.77
C HIS J 240 0.03 -0.59 -9.81
N ALA J 241 0.66 -0.86 -8.67
CA ALA J 241 0.12 -1.70 -7.60
C ALA J 241 -1.12 -1.08 -6.94
N VAL J 242 -1.08 0.22 -6.71
CA VAL J 242 -2.21 0.92 -6.16
C VAL J 242 -3.43 0.77 -7.08
N LYS J 243 -3.24 0.99 -8.38
CA LYS J 243 -4.32 0.81 -9.35
C LYS J 243 -4.87 -0.61 -9.26
N ILE J 244 -3.98 -1.59 -9.10
CA ILE J 244 -4.38 -2.98 -9.05
C ILE J 244 -5.19 -3.31 -7.80
N VAL J 245 -4.72 -2.87 -6.63
CA VAL J 245 -5.41 -3.17 -5.39
C VAL J 245 -6.84 -2.57 -5.38
N VAL J 246 -6.98 -1.37 -5.92
CA VAL J 246 -8.29 -0.76 -5.98
C VAL J 246 -9.22 -1.54 -6.91
N GLU J 247 -8.69 -1.94 -8.06
CA GLU J 247 -9.45 -2.72 -9.02
C GLU J 247 -9.81 -4.10 -8.44
N ALA J 248 -8.89 -4.69 -7.65
CA ALA J 248 -9.17 -5.96 -6.99
C ALA J 248 -10.28 -5.83 -5.95
N ALA J 249 -10.25 -4.74 -5.18
CA ALA J 249 -11.28 -4.46 -4.19
C ALA J 249 -12.66 -4.43 -4.87
N ARG J 250 -12.70 -3.80 -6.02
CA ARG J 250 -13.89 -3.69 -6.85
C ARG J 250 -14.51 -5.07 -7.13
N ARG J 251 -13.67 -6.03 -7.49
CA ARG J 251 -14.13 -7.39 -7.79
C ARG J 251 -14.51 -8.19 -6.55
N LEU J 252 -14.08 -7.72 -5.39
CA LEU J 252 -14.32 -8.44 -4.13
C LEU J 252 -15.52 -7.93 -3.34
N LEU J 253 -16.20 -6.92 -3.89
CA LEU J 253 -17.24 -6.22 -3.14
C LEU J 253 -18.54 -6.95 -3.08
N SER K 4 16.36 -48.86 -16.16
CA SER K 4 15.67 -47.83 -15.31
C SER K 4 16.52 -46.62 -14.87
N ASP K 5 15.98 -45.42 -15.02
CA ASP K 5 16.69 -44.15 -14.76
C ASP K 5 16.59 -43.68 -13.31
N VAL K 6 15.61 -44.18 -12.55
CA VAL K 6 15.43 -43.72 -11.17
C VAL K 6 15.46 -44.89 -10.23
N PHE K 7 15.80 -44.65 -8.96
CA PHE K 7 16.07 -45.77 -8.07
C PHE K 7 14.84 -46.56 -7.60
N HIS K 8 13.71 -45.89 -7.36
CA HIS K 8 12.52 -46.57 -6.83
C HIS K 8 11.39 -46.86 -7.82
N LEU K 9 11.08 -45.90 -8.68
CA LEU K 9 9.91 -46.01 -9.56
C LEU K 9 10.04 -47.06 -10.71
N GLY K 10 11.27 -47.46 -11.02
CA GLY K 10 11.52 -48.34 -12.13
C GLY K 10 11.00 -47.80 -13.44
N LEU K 11 11.27 -46.53 -13.73
CA LEU K 11 10.89 -45.90 -15.01
C LEU K 11 12.10 -45.34 -15.73
N THR K 12 11.95 -45.07 -17.03
CA THR K 12 12.97 -44.35 -17.83
C THR K 12 12.37 -43.06 -18.41
N LYS K 13 13.22 -42.07 -18.71
CA LYS K 13 12.74 -40.81 -19.30
C LYS K 13 11.86 -41.10 -20.49
N ASN K 14 12.26 -42.12 -21.25
CA ASN K 14 11.54 -42.59 -22.42
C ASN K 14 10.10 -43.03 -22.19
N ASP K 15 9.87 -43.80 -21.12
CA ASP K 15 8.55 -44.29 -20.75
C ASP K 15 7.50 -43.19 -20.67
N LEU K 16 7.95 -41.98 -20.36
CA LEU K 16 7.07 -40.84 -20.12
C LEU K 16 6.65 -40.13 -21.41
N GLN K 17 7.41 -40.37 -22.47
CA GLN K 17 7.15 -39.79 -23.79
C GLN K 17 6.91 -38.29 -23.76
N GLY K 18 7.69 -37.60 -22.93
CA GLY K 18 7.63 -36.16 -22.90
C GLY K 18 6.57 -35.62 -21.98
N ALA K 19 5.92 -36.49 -21.20
CA ALA K 19 4.95 -36.02 -20.20
C ALA K 19 5.65 -35.05 -19.25
N THR K 20 4.91 -34.04 -18.80
CA THR K 20 5.42 -33.11 -17.82
C THR K 20 4.41 -32.89 -16.70
N LEU K 21 3.27 -33.58 -16.75
CA LEU K 21 2.26 -33.47 -15.68
C LEU K 21 1.91 -34.85 -15.13
N ALA K 22 1.78 -34.95 -13.82
CA ALA K 22 1.44 -36.21 -13.17
C ALA K 22 0.33 -36.03 -12.18
N ILE K 23 -0.66 -36.90 -12.27
CA ILE K 23 -1.69 -37.02 -11.25
C ILE K 23 -1.18 -38.07 -10.22
N VAL K 24 -1.11 -37.67 -8.96
CA VAL K 24 -0.52 -38.52 -7.95
C VAL K 24 -1.51 -38.93 -6.82
N PRO K 25 -2.22 -40.05 -7.00
CA PRO K 25 -3.07 -40.59 -5.94
C PRO K 25 -2.22 -41.35 -4.93
N GLY K 26 -2.82 -41.73 -3.80
CA GLY K 26 -2.04 -42.32 -2.73
C GLY K 26 -1.98 -43.82 -2.92
N ASP K 27 -3.08 -44.38 -3.39
CA ASP K 27 -3.25 -45.83 -3.46
C ASP K 27 -2.85 -46.42 -4.84
N PRO K 28 -1.87 -47.31 -4.86
CA PRO K 28 -1.50 -47.97 -6.12
C PRO K 28 -2.69 -48.54 -6.88
N ASP K 29 -3.66 -49.07 -6.17
CA ASP K 29 -4.82 -49.73 -6.80
C ASP K 29 -5.77 -48.76 -7.48
N ARG K 30 -5.62 -47.47 -7.17
CA ARG K 30 -6.49 -46.43 -7.71
C ARG K 30 -5.89 -45.84 -9.00
N VAL K 31 -4.62 -46.13 -9.26
CA VAL K 31 -3.88 -45.55 -10.40
C VAL K 31 -4.51 -45.94 -11.74
N GLU K 32 -4.72 -47.24 -11.94
CA GLU K 32 -5.32 -47.73 -13.17
C GLU K 32 -6.72 -47.15 -13.40
N LYS K 33 -7.54 -47.08 -12.36
CA LYS K 33 -8.88 -46.49 -12.44
C LYS K 33 -8.80 -45.06 -13.00
N ILE K 34 -7.86 -44.26 -12.52
CA ILE K 34 -7.70 -42.88 -12.95
C ILE K 34 -7.24 -42.82 -14.40
N ALA K 35 -6.18 -43.55 -14.72
CA ALA K 35 -5.65 -43.59 -16.08
C ALA K 35 -6.73 -43.96 -17.10
N ALA K 36 -7.60 -44.91 -16.72
CA ALA K 36 -8.67 -45.42 -17.59
C ALA K 36 -9.69 -44.36 -18.01
N LEU K 37 -9.72 -43.23 -17.28
CA LEU K 37 -10.59 -42.13 -17.65
C LEU K 37 -9.98 -41.30 -18.77
N MET K 38 -8.77 -41.64 -19.20
CA MET K 38 -8.07 -40.89 -20.24
C MET K 38 -7.80 -41.81 -21.43
N ASP K 39 -7.15 -41.32 -22.48
CA ASP K 39 -6.96 -42.14 -23.66
C ASP K 39 -5.66 -42.94 -23.60
N LYS K 40 -5.67 -44.10 -24.27
CA LYS K 40 -4.49 -44.93 -24.42
C LYS K 40 -3.73 -45.21 -23.12
N PRO K 41 -4.43 -45.69 -22.09
CA PRO K 41 -3.78 -46.02 -20.83
C PRO K 41 -2.86 -47.25 -20.93
N VAL K 42 -1.65 -47.12 -20.40
CA VAL K 42 -0.66 -48.17 -20.49
C VAL K 42 0.04 -48.31 -19.16
N LYS K 43 0.14 -49.51 -18.60
CA LYS K 43 0.90 -49.69 -17.36
C LYS K 43 2.37 -49.51 -17.69
N LEU K 44 3.06 -48.69 -16.90
CA LEU K 44 4.49 -48.51 -17.09
C LEU K 44 5.31 -49.37 -16.14
N ALA K 45 5.01 -49.27 -14.85
CA ALA K 45 5.76 -50.01 -13.84
C ALA K 45 5.01 -50.16 -12.52
N SER K 46 5.49 -51.07 -11.69
CA SER K 46 4.92 -51.29 -10.40
C SER K 46 6.00 -51.81 -9.47
N HIS K 47 6.41 -50.97 -8.52
CA HIS K 47 7.38 -51.35 -7.50
C HIS K 47 6.99 -50.74 -6.17
N ARG K 48 7.07 -51.56 -5.12
CA ARG K 48 6.62 -51.19 -3.79
C ARG K 48 5.26 -50.51 -3.93
N GLU K 49 5.07 -49.34 -3.31
CA GLU K 49 3.79 -48.66 -3.36
C GLU K 49 3.68 -47.78 -4.59
N PHE K 50 4.66 -47.87 -5.49
CA PHE K 50 4.69 -46.98 -6.65
C PHE K 50 4.22 -47.65 -7.92
N THR K 51 3.00 -47.34 -8.34
CA THR K 51 2.45 -47.87 -9.58
C THR K 51 2.30 -46.72 -10.54
N THR K 52 2.79 -46.90 -11.76
CA THR K 52 2.79 -45.82 -12.74
C THR K 52 2.12 -46.24 -14.01
N TRP K 53 1.13 -45.46 -14.42
CA TRP K 53 0.54 -45.63 -15.74
C TRP K 53 0.81 -44.36 -16.55
N ARG K 54 0.83 -44.50 -17.87
CA ARG K 54 0.87 -43.36 -18.76
C ARG K 54 -0.42 -43.38 -19.53
N ALA K 55 -0.96 -42.19 -19.79
CA ALA K 55 -2.16 -42.06 -20.64
C ALA K 55 -2.05 -40.80 -21.48
N GLU K 56 -3.16 -40.41 -22.08
CA GLU K 56 -3.16 -39.29 -23.00
C GLU K 56 -4.40 -38.44 -22.80
N LEU K 57 -4.18 -37.13 -22.84
CA LEU K 57 -5.22 -36.15 -22.54
C LEU K 57 -5.11 -35.04 -23.57
N ASP K 58 -6.18 -34.83 -24.33
CA ASP K 58 -6.13 -34.00 -25.53
C ASP K 58 -4.83 -34.22 -26.30
N GLY K 59 -4.52 -35.48 -26.59
CA GLY K 59 -3.34 -35.81 -27.37
C GLY K 59 -1.99 -35.54 -26.73
N LYS K 60 -1.95 -35.26 -25.43
CA LYS K 60 -0.70 -35.07 -24.71
C LYS K 60 -0.50 -36.18 -23.69
N PRO K 61 0.72 -36.69 -23.58
CA PRO K 61 1.01 -37.74 -22.60
C PRO K 61 0.94 -37.21 -21.16
N VAL K 62 0.35 -38.03 -20.29
CA VAL K 62 0.14 -37.66 -18.89
C VAL K 62 0.53 -38.87 -18.05
N ILE K 63 1.12 -38.63 -16.87
CA ILE K 63 1.48 -39.72 -15.95
C ILE K 63 0.49 -39.83 -14.80
N VAL K 64 0.16 -41.06 -14.42
CA VAL K 64 -0.55 -41.28 -13.16
C VAL K 64 0.35 -42.18 -12.35
N CYS K 65 0.68 -41.73 -11.12
CA CYS K 65 1.64 -42.41 -10.26
C CYS K 65 1.24 -42.36 -8.78
N SER K 66 1.26 -43.50 -8.10
CA SER K 66 0.88 -43.56 -6.70
C SER K 66 2.03 -43.16 -5.78
N THR K 67 1.71 -42.51 -4.67
CA THR K 67 2.73 -42.05 -3.71
C THR K 67 2.88 -43.01 -2.53
N GLY K 68 1.87 -43.86 -2.31
CA GLY K 68 1.75 -44.57 -1.06
C GLY K 68 1.28 -43.60 0.01
N ILE K 69 1.22 -44.06 1.27
CA ILE K 69 0.78 -43.21 2.37
C ILE K 69 1.94 -42.41 2.95
N GLY K 70 1.82 -41.09 3.02
CA GLY K 70 2.73 -40.28 3.80
C GLY K 70 3.86 -39.61 3.06
N GLY K 71 4.39 -38.57 3.74
CA GLY K 71 5.42 -37.73 3.17
C GLY K 71 6.58 -38.50 2.57
N PRO K 72 7.21 -39.37 3.36
CA PRO K 72 8.46 -40.00 2.93
C PRO K 72 8.31 -40.65 1.56
N SER K 73 7.33 -41.52 1.38
CA SER K 73 7.19 -42.17 0.08
C SER K 73 6.71 -41.18 -0.99
N THR K 74 5.86 -40.23 -0.61
CA THR K 74 5.52 -39.14 -1.52
C THR K 74 6.79 -38.44 -2.02
N SER K 75 7.73 -38.20 -1.11
CA SER K 75 8.89 -37.44 -1.52
C SER K 75 9.72 -38.23 -2.51
N ILE K 76 9.69 -39.54 -2.40
CA ILE K 76 10.42 -40.36 -3.34
C ILE K 76 9.79 -40.29 -4.75
N ALA K 77 8.47 -40.46 -4.81
CA ALA K 77 7.75 -40.43 -6.09
C ALA K 77 7.93 -39.07 -6.79
N VAL K 78 7.73 -37.98 -6.06
CA VAL K 78 7.83 -36.65 -6.62
C VAL K 78 9.26 -36.39 -7.13
N GLU K 79 10.24 -36.66 -6.28
CA GLU K 79 11.62 -36.40 -6.66
C GLU K 79 11.95 -37.10 -7.96
N GLU K 80 11.59 -38.39 -8.03
CA GLU K 80 12.00 -39.24 -9.17
C GLU K 80 11.23 -38.89 -10.45
N LEU K 81 9.95 -38.58 -10.27
CA LEU K 81 9.18 -38.06 -11.38
C LEU K 81 9.77 -36.74 -11.91
N ALA K 82 10.20 -35.87 -11.00
CA ALA K 82 10.79 -34.60 -11.41
C ALA K 82 12.06 -34.86 -12.19
N GLN K 83 12.84 -35.87 -11.76
CA GLN K 83 14.05 -36.22 -12.46
C GLN K 83 13.71 -36.64 -13.87
N LEU K 84 12.55 -37.28 -14.06
CA LEU K 84 12.16 -37.79 -15.38
C LEU K 84 11.46 -36.75 -16.25
N GLY K 85 11.25 -35.55 -15.71
CA GLY K 85 10.71 -34.45 -16.46
C GLY K 85 9.37 -33.90 -16.02
N ILE K 86 8.75 -34.49 -14.99
CA ILE K 86 7.47 -33.98 -14.52
C ILE K 86 7.67 -32.63 -13.83
N ARG K 87 6.82 -31.65 -14.18
CA ARG K 87 6.89 -30.30 -13.61
C ARG K 87 5.59 -29.87 -12.89
N THR K 88 4.51 -30.61 -13.06
CA THR K 88 3.24 -30.26 -12.46
C THR K 88 2.71 -31.49 -11.79
N PHE K 89 2.30 -31.38 -10.53
CA PHE K 89 1.81 -32.51 -9.78
C PHE K 89 0.42 -32.26 -9.24
N LEU K 90 -0.52 -33.10 -9.61
CA LEU K 90 -1.87 -32.92 -9.08
C LEU K 90 -2.20 -34.08 -8.17
N ARG K 91 -2.40 -33.78 -6.90
CA ARG K 91 -2.77 -34.82 -5.98
C ARG K 91 -4.29 -35.00 -5.89
N ILE K 92 -4.71 -36.25 -5.92
CA ILE K 92 -6.10 -36.64 -5.75
C ILE K 92 -6.16 -37.58 -4.56
N GLY K 93 -6.99 -37.24 -3.58
CA GLY K 93 -7.09 -38.05 -2.37
C GLY K 93 -8.48 -38.25 -1.79
N THR K 94 -8.51 -39.00 -0.68
CA THR K 94 -9.67 -39.10 0.18
C THR K 94 -9.30 -38.42 1.50
N THR K 95 -10.32 -37.89 2.17
CA THR K 95 -10.06 -37.11 3.37
C THR K 95 -11.24 -37.18 4.33
N GLY K 96 -10.94 -36.86 5.59
CA GLY K 96 -11.98 -36.64 6.57
C GLY K 96 -12.03 -35.17 6.96
N ALA K 97 -13.22 -34.58 6.81
CA ALA K 97 -13.44 -33.20 7.20
C ALA K 97 -13.54 -33.09 8.73
N ILE K 98 -13.17 -31.93 9.23
CA ILE K 98 -13.30 -31.62 10.65
C ILE K 98 -14.17 -30.39 10.87
N GLN K 99 -14.79 -29.89 9.80
CA GLN K 99 -15.78 -28.81 9.96
C GLN K 99 -17.19 -29.38 9.83
N PRO K 100 -18.10 -28.99 10.72
CA PRO K 100 -19.47 -29.51 10.65
C PRO K 100 -20.25 -29.14 9.38
N HIS K 101 -19.89 -28.06 8.71
CA HIS K 101 -20.62 -27.66 7.50
C HIS K 101 -20.15 -28.42 6.23
N ILE K 102 -19.03 -29.16 6.31
CA ILE K 102 -18.52 -29.92 5.16
C ILE K 102 -19.09 -31.32 5.19
N ASN K 103 -19.73 -31.73 4.10
CA ASN K 103 -20.40 -33.04 4.05
C ASN K 103 -19.67 -34.11 3.26
N VAL K 104 -19.93 -35.36 3.63
CA VAL K 104 -19.46 -36.49 2.84
C VAL K 104 -19.99 -36.30 1.42
N GLY K 105 -19.08 -36.29 0.44
CA GLY K 105 -19.47 -36.00 -0.94
C GLY K 105 -18.98 -34.67 -1.47
N ASP K 106 -18.66 -33.77 -0.55
CA ASP K 106 -18.09 -32.47 -0.87
C ASP K 106 -16.66 -32.65 -1.36
N VAL K 107 -16.18 -31.67 -2.10
CA VAL K 107 -14.83 -31.70 -2.67
C VAL K 107 -14.00 -30.60 -2.01
N LEU K 108 -12.78 -30.95 -1.58
CA LEU K 108 -11.93 -29.96 -0.96
C LEU K 108 -10.72 -29.69 -1.80
N VAL K 109 -10.52 -28.42 -2.12
CA VAL K 109 -9.30 -27.93 -2.77
C VAL K 109 -8.44 -27.20 -1.73
N THR K 110 -7.20 -27.65 -1.56
CA THR K 110 -6.31 -27.13 -0.54
C THR K 110 -5.48 -26.00 -1.11
N THR K 111 -5.53 -24.83 -0.46
CA THR K 111 -4.66 -23.71 -0.83
C THR K 111 -3.28 -23.83 -0.21
N ALA K 112 -3.23 -24.29 1.04
CA ALA K 112 -1.99 -24.55 1.75
C ALA K 112 -2.22 -25.52 2.92
N SER K 113 -1.15 -26.13 3.42
CA SER K 113 -1.29 -27.09 4.49
C SER K 113 -0.60 -26.71 5.79
N VAL K 114 -1.25 -27.02 6.93
CA VAL K 114 -0.57 -27.03 8.22
C VAL K 114 0.41 -28.21 8.19
N ARG K 115 1.68 -27.93 8.46
CA ARG K 115 2.76 -28.88 8.24
C ARG K 115 2.97 -29.74 9.46
N LEU K 116 2.21 -30.81 9.60
CA LEU K 116 2.36 -31.70 10.76
C LEU K 116 3.17 -32.93 10.38
N ASP K 117 4.10 -32.76 9.44
CA ASP K 117 4.85 -33.89 8.88
C ASP K 117 6.30 -33.69 9.17
N GLY K 118 7.11 -34.67 8.79
CA GLY K 118 8.55 -34.54 8.95
C GLY K 118 9.25 -34.19 7.65
N ALA K 119 8.74 -34.69 6.54
CA ALA K 119 9.47 -34.61 5.28
C ALA K 119 9.60 -33.17 4.76
N SER K 120 8.58 -32.35 4.94
CA SER K 120 8.64 -31.02 4.39
C SER K 120 9.87 -30.29 4.94
N LEU K 121 10.19 -30.54 6.22
CA LEU K 121 11.35 -29.90 6.85
C LEU K 121 12.64 -30.24 6.12
N HIS K 122 12.60 -31.31 5.32
CA HIS K 122 13.79 -31.74 4.60
C HIS K 122 13.97 -30.92 3.32
N PHE K 123 12.99 -30.06 3.02
CA PHE K 123 13.06 -29.20 1.84
C PHE K 123 13.06 -27.72 2.15
N ALA K 124 12.39 -27.32 3.22
CA ALA K 124 12.34 -25.93 3.64
C ALA K 124 12.02 -25.89 5.14
N PRO K 125 12.53 -24.90 5.86
CA PRO K 125 12.31 -24.81 7.30
C PRO K 125 10.82 -24.54 7.58
N LEU K 126 10.40 -24.71 8.84
CA LEU K 126 8.97 -24.71 9.18
C LEU K 126 8.22 -23.42 8.77
N GLU K 127 8.94 -22.30 8.79
CA GLU K 127 8.35 -21.01 8.49
C GLU K 127 7.92 -20.88 7.02
N PHE K 128 8.40 -21.78 6.16
CA PHE K 128 8.09 -21.71 4.75
C PHE K 128 6.74 -22.30 4.52
N PRO K 129 5.86 -21.60 3.80
CA PRO K 129 4.47 -22.04 3.66
C PRO K 129 4.32 -23.23 2.73
N ALA K 130 3.64 -24.27 3.21
CA ALA K 130 3.25 -25.41 2.39
C ALA K 130 2.11 -25.00 1.45
N VAL K 131 2.40 -24.09 0.53
CA VAL K 131 1.38 -23.47 -0.34
C VAL K 131 1.23 -24.15 -1.70
N ALA K 132 0.00 -24.31 -2.17
CA ALA K 132 -0.24 -24.86 -3.49
C ALA K 132 0.02 -23.81 -4.56
N ASP K 133 0.33 -24.27 -5.78
CA ASP K 133 0.56 -23.39 -6.90
C ASP K 133 -0.79 -22.72 -7.27
N PHE K 134 -0.72 -21.45 -7.63
CA PHE K 134 -1.92 -20.70 -7.92
C PHE K 134 -2.65 -21.24 -9.17
N GLU K 135 -1.89 -21.53 -10.22
CA GLU K 135 -2.53 -22.04 -11.43
C GLU K 135 -3.22 -23.39 -11.21
N CYS K 136 -2.54 -24.31 -10.52
CA CYS K 136 -3.11 -25.61 -10.17
C CYS K 136 -4.37 -25.47 -9.35
N THR K 137 -4.32 -24.65 -8.30
CA THR K 137 -5.50 -24.41 -7.46
C THR K 137 -6.65 -23.88 -8.32
N THR K 138 -6.35 -22.89 -9.18
CA THR K 138 -7.35 -22.29 -10.07
C THR K 138 -7.98 -23.35 -10.96
N ALA K 139 -7.14 -24.13 -11.64
CA ALA K 139 -7.61 -25.23 -12.47
C ALA K 139 -8.48 -26.20 -11.68
N LEU K 140 -8.08 -26.49 -10.45
CA LEU K 140 -8.87 -27.39 -9.62
C LEU K 140 -10.24 -26.78 -9.26
N VAL K 141 -10.23 -25.53 -8.82
CA VAL K 141 -11.45 -24.88 -8.42
C VAL K 141 -12.37 -24.79 -9.61
N GLU K 142 -11.80 -24.44 -10.77
CA GLU K 142 -12.60 -24.22 -11.96
C GLU K 142 -13.16 -25.53 -12.50
N ALA K 143 -12.40 -26.62 -12.40
CA ALA K 143 -12.85 -27.93 -12.84
C ALA K 143 -14.01 -28.37 -11.97
N ALA K 144 -13.89 -28.16 -10.65
CA ALA K 144 -14.97 -28.44 -9.70
C ALA K 144 -16.25 -27.70 -10.04
N LYS K 145 -16.14 -26.41 -10.35
CA LYS K 145 -17.27 -25.57 -10.73
C LYS K 145 -17.94 -26.12 -11.98
N SER K 146 -17.13 -26.59 -12.91
CA SER K 146 -17.60 -27.04 -14.22
C SER K 146 -18.40 -28.34 -14.19
N ILE K 147 -18.18 -29.17 -13.18
CA ILE K 147 -18.95 -30.40 -13.03
C ILE K 147 -19.95 -30.28 -11.88
N GLY K 148 -19.95 -29.12 -11.23
CA GLY K 148 -21.02 -28.76 -10.31
C GLY K 148 -20.97 -29.34 -8.91
N ALA K 149 -19.81 -29.82 -8.47
CA ALA K 149 -19.66 -30.36 -7.11
C ALA K 149 -19.66 -29.25 -6.06
N THR K 150 -20.15 -29.54 -4.87
CA THR K 150 -20.08 -28.53 -3.82
C THR K 150 -18.67 -28.56 -3.24
N THR K 151 -18.02 -27.41 -3.25
CA THR K 151 -16.59 -27.36 -3.06
C THR K 151 -16.21 -26.43 -1.94
N HIS K 152 -15.19 -26.81 -1.18
CA HIS K 152 -14.59 -25.92 -0.18
C HIS K 152 -13.12 -25.72 -0.51
N VAL K 153 -12.69 -24.47 -0.39
CA VAL K 153 -11.33 -24.07 -0.73
C VAL K 153 -10.68 -23.53 0.54
N GLY K 154 -9.55 -24.08 0.93
CA GLY K 154 -8.93 -23.62 2.16
C GLY K 154 -7.78 -24.46 2.68
N VAL K 155 -7.56 -24.36 3.99
CA VAL K 155 -6.38 -24.93 4.62
C VAL K 155 -6.63 -26.37 5.08
N THR K 156 -5.63 -27.23 4.87
CA THR K 156 -5.68 -28.62 5.27
C THR K 156 -4.56 -28.90 6.27
N ALA K 157 -4.85 -29.71 7.28
CA ALA K 157 -3.85 -30.15 8.22
C ALA K 157 -3.31 -31.47 7.73
N SER K 158 -1.99 -31.53 7.54
CA SER K 158 -1.34 -32.65 6.88
C SER K 158 -0.44 -33.39 7.88
N SER K 159 -0.85 -34.57 8.33
CA SER K 159 -0.24 -35.21 9.51
C SER K 159 0.55 -36.44 9.15
N ASP K 160 1.71 -36.62 9.79
CA ASP K 160 2.51 -37.83 9.59
C ASP K 160 1.87 -39.08 10.18
N THR K 161 0.81 -38.93 10.98
CA THR K 161 0.10 -40.11 11.44
C THR K 161 -1.39 -40.05 11.12
N PHE K 162 -2.03 -41.20 11.08
CA PHE K 162 -3.46 -41.28 10.86
C PHE K 162 -4.14 -41.17 12.20
N TYR K 163 -3.46 -41.63 13.26
CA TYR K 163 -4.10 -41.80 14.57
C TYR K 163 -3.86 -40.64 15.57
N PRO K 164 -2.73 -40.59 16.30
CA PRO K 164 -2.50 -39.53 17.29
C PRO K 164 -2.41 -38.13 16.70
N GLY K 165 -1.77 -37.97 15.53
CA GLY K 165 -1.62 -36.67 14.90
C GLY K 165 -2.94 -36.10 14.37
N GLN K 166 -3.96 -36.95 14.25
CA GLN K 166 -5.29 -36.50 13.89
C GLN K 166 -6.15 -36.66 15.12
N GLU K 167 -5.52 -36.68 16.29
CA GLU K 167 -6.21 -36.83 17.57
C GLU K 167 -7.28 -37.88 17.61
N ARG K 168 -6.95 -39.09 17.17
CA ARG K 168 -7.82 -40.23 17.37
C ARG K 168 -7.50 -40.91 18.71
N TYR K 169 -8.52 -41.15 19.51
CA TYR K 169 -8.33 -41.85 20.79
C TYR K 169 -8.69 -43.34 20.76
N ASP K 170 -9.40 -43.78 19.74
CA ASP K 170 -9.84 -45.15 19.70
C ASP K 170 -8.76 -46.06 19.12
N THR K 171 -7.75 -46.31 19.94
CA THR K 171 -6.47 -46.88 19.50
C THR K 171 -5.96 -47.83 20.54
N TYR K 172 -4.84 -48.49 20.26
CA TYR K 172 -4.30 -49.51 21.16
C TYR K 172 -4.04 -48.92 22.56
N SER K 173 -3.44 -47.73 22.57
CA SER K 173 -3.06 -47.08 23.81
C SER K 173 -4.18 -46.22 24.40
N GLY K 174 -5.04 -45.69 23.53
CA GLY K 174 -6.15 -44.87 23.96
C GLY K 174 -5.71 -43.49 24.38
N ARG K 175 -4.51 -43.10 23.96
CA ARG K 175 -3.97 -41.83 24.41
C ARG K 175 -3.20 -41.07 23.34
N VAL K 176 -3.15 -39.75 23.51
CA VAL K 176 -2.51 -38.87 22.54
C VAL K 176 -1.38 -38.08 23.21
N VAL K 177 -0.22 -38.07 22.57
CA VAL K 177 0.91 -37.30 23.07
C VAL K 177 0.51 -35.84 23.43
N ARG K 178 1.10 -35.33 24.50
CA ARG K 178 0.77 -34.00 24.98
C ARG K 178 0.66 -32.96 23.89
N HIS K 179 1.65 -32.90 23.00
CA HIS K 179 1.64 -31.95 21.91
C HIS K 179 0.37 -31.95 21.03
N PHE K 180 -0.28 -33.11 20.84
CA PHE K 180 -1.45 -33.20 19.97
C PHE K 180 -2.78 -33.19 20.70
N LYS K 181 -2.71 -33.21 22.03
CA LYS K 181 -3.90 -33.19 22.87
C LYS K 181 -4.65 -31.88 22.66
N GLY K 182 -5.93 -31.95 22.31
CA GLY K 182 -6.67 -30.74 22.03
C GLY K 182 -6.32 -30.05 20.71
N SER K 183 -5.52 -30.70 19.86
CA SER K 183 -5.11 -30.06 18.61
C SER K 183 -6.21 -29.97 17.54
N MET K 184 -7.13 -30.94 17.50
CA MET K 184 -8.19 -30.92 16.49
C MET K 184 -9.10 -29.72 16.73
N GLU K 185 -9.45 -29.49 17.97
CA GLU K 185 -10.25 -28.34 18.32
C GLU K 185 -9.59 -27.04 17.89
N GLU K 186 -8.27 -26.92 18.07
CA GLU K 186 -7.54 -25.74 17.63
C GLU K 186 -7.59 -25.54 16.09
N TRP K 187 -7.28 -26.59 15.32
CA TRP K 187 -7.34 -26.49 13.88
C TRP K 187 -8.75 -26.17 13.43
N GLN K 188 -9.74 -26.75 14.13
CA GLN K 188 -11.14 -26.47 13.86
C GLN K 188 -11.43 -24.97 13.96
N ALA K 189 -10.98 -24.35 15.05
CA ALA K 189 -11.27 -22.95 15.34
C ALA K 189 -10.56 -22.06 14.35
N MET K 190 -9.47 -22.56 13.79
CA MET K 190 -8.69 -21.79 12.86
C MET K 190 -9.19 -21.96 11.43
N GLY K 191 -10.28 -22.69 11.25
CA GLY K 191 -10.94 -22.83 9.95
C GLY K 191 -10.32 -23.90 9.05
N VAL K 192 -9.43 -24.76 9.59
CA VAL K 192 -8.85 -25.86 8.82
C VAL K 192 -9.99 -26.81 8.44
N MET K 193 -9.97 -27.27 7.19
CA MET K 193 -11.06 -28.08 6.67
C MET K 193 -11.00 -29.54 7.05
N ASN K 194 -9.81 -30.10 7.07
CA ASN K 194 -9.67 -31.56 7.04
C ASN K 194 -8.25 -32.00 7.37
N TYR K 195 -8.09 -33.29 7.57
CA TYR K 195 -6.83 -33.90 7.81
C TYR K 195 -6.57 -34.81 6.64
N GLU K 196 -5.31 -34.85 6.21
CA GLU K 196 -4.80 -35.92 5.34
C GLU K 196 -3.34 -36.08 5.64
N MET K 197 -2.61 -36.85 4.83
CA MET K 197 -1.28 -37.22 5.24
C MET K 197 -0.11 -36.92 4.26
N GLU K 198 -0.37 -36.20 3.18
CA GLU K 198 0.69 -36.06 2.16
C GLU K 198 0.92 -34.64 1.68
N SER K 199 -0.08 -33.79 1.83
CA SER K 199 -0.01 -32.52 1.16
C SER K 199 1.11 -31.61 1.68
N ALA K 200 1.32 -31.58 2.99
CA ALA K 200 2.38 -30.79 3.52
C ALA K 200 3.69 -31.11 2.79
N THR K 201 3.98 -32.41 2.58
CA THR K 201 5.24 -32.78 1.96
C THR K 201 5.23 -32.37 0.50
N LEU K 202 4.12 -32.69 -0.17
CA LEU K 202 4.02 -32.41 -1.59
C LEU K 202 4.13 -30.93 -1.89
N LEU K 203 3.33 -30.14 -1.20
CA LEU K 203 3.24 -28.72 -1.48
C LEU K 203 4.55 -28.02 -1.13
N THR K 204 5.19 -28.43 -0.03
CA THR K 204 6.44 -27.79 0.38
C THR K 204 7.55 -28.12 -0.60
N MET K 205 7.63 -29.38 -1.00
CA MET K 205 8.75 -29.79 -1.83
C MET K 205 8.60 -29.20 -3.23
N CYS K 206 7.38 -29.08 -3.70
CA CYS K 206 7.18 -28.47 -5.00
C CYS K 206 7.36 -26.94 -4.97
N ALA K 207 6.70 -26.27 -4.01
CA ALA K 207 6.81 -24.81 -3.86
C ALA K 207 8.24 -24.30 -3.71
N SER K 208 9.10 -25.12 -3.11
CA SER K 208 10.46 -24.72 -2.85
C SER K 208 11.45 -25.19 -3.95
N GLN K 209 10.93 -25.85 -4.99
CA GLN K 209 11.77 -26.34 -6.08
C GLN K 209 11.32 -25.96 -7.50
N GLY K 210 10.42 -24.99 -7.60
CA GLY K 210 9.95 -24.50 -8.89
C GLY K 210 9.03 -25.49 -9.56
N LEU K 211 8.42 -26.40 -8.80
CA LEU K 211 7.45 -27.35 -9.35
C LEU K 211 6.03 -26.93 -8.99
N ARG K 212 5.08 -27.18 -9.86
CA ARG K 212 3.70 -26.77 -9.63
C ARG K 212 2.93 -27.88 -8.99
N ALA K 213 2.23 -27.60 -7.91
CA ALA K 213 1.43 -28.64 -7.25
C ALA K 213 0.06 -28.16 -6.81
N GLY K 214 -0.92 -29.05 -6.88
CA GLY K 214 -2.27 -28.77 -6.43
C GLY K 214 -2.81 -29.97 -5.70
N MET K 215 -3.84 -29.77 -4.89
CA MET K 215 -4.43 -30.83 -4.10
C MET K 215 -5.94 -30.75 -4.11
N VAL K 216 -6.55 -31.89 -4.33
CA VAL K 216 -8.01 -32.01 -4.28
C VAL K 216 -8.34 -33.36 -3.64
N ALA K 217 -9.38 -33.37 -2.81
CA ALA K 217 -9.81 -34.63 -2.20
C ALA K 217 -11.33 -34.66 -2.04
N GLY K 218 -11.87 -35.87 -2.08
CA GLY K 218 -13.26 -36.07 -1.73
C GLY K 218 -13.40 -36.45 -0.27
N VAL K 219 -14.46 -35.95 0.36
CA VAL K 219 -14.73 -36.18 1.77
C VAL K 219 -15.45 -37.53 1.95
N ILE K 220 -14.81 -38.45 2.66
CA ILE K 220 -15.41 -39.77 2.92
C ILE K 220 -15.97 -39.93 4.34
N VAL K 221 -15.50 -39.12 5.28
CA VAL K 221 -16.01 -39.13 6.65
C VAL K 221 -15.96 -37.73 7.30
N ASN K 222 -16.86 -37.49 8.24
CA ASN K 222 -16.79 -36.29 9.05
C ASN K 222 -16.46 -36.58 10.51
N ARG K 223 -15.32 -36.06 10.95
CA ARG K 223 -14.85 -36.23 12.33
C ARG K 223 -15.79 -35.68 13.45
N THR K 224 -16.72 -34.80 13.09
CA THR K 224 -17.57 -34.19 14.10
C THR K 224 -18.67 -35.18 14.48
N GLN K 225 -18.60 -36.39 13.93
CA GLN K 225 -19.50 -37.50 14.34
C GLN K 225 -18.78 -38.85 14.61
N GLN K 226 -17.61 -39.05 14.00
CA GLN K 226 -16.93 -40.36 13.93
C GLN K 226 -15.39 -40.23 13.79
N GLU K 227 -14.67 -41.24 14.29
CA GLU K 227 -13.23 -41.37 14.04
C GLU K 227 -12.94 -42.22 12.77
N ILE K 228 -13.38 -43.46 12.82
CA ILE K 228 -13.27 -44.42 11.72
C ILE K 228 -14.46 -44.28 10.73
N PRO K 229 -14.18 -44.09 9.44
CA PRO K 229 -15.19 -44.24 8.38
C PRO K 229 -15.86 -45.62 8.38
N MET K 234 -20.79 -42.62 -1.81
CA MET K 234 -19.44 -42.74 -1.29
C MET K 234 -18.43 -43.10 -2.39
N LYS K 235 -18.72 -44.14 -3.18
CA LYS K 235 -17.89 -44.47 -4.35
C LYS K 235 -18.05 -43.39 -5.42
N GLN K 236 -19.20 -42.70 -5.38
CA GLN K 236 -19.53 -41.63 -6.32
C GLN K 236 -18.85 -40.30 -5.97
N THR K 237 -18.39 -40.21 -4.72
CA THR K 237 -17.71 -39.02 -4.20
C THR K 237 -16.29 -38.91 -4.76
N GLU K 238 -15.56 -40.04 -4.72
CA GLU K 238 -14.21 -40.10 -5.27
C GLU K 238 -14.22 -40.13 -6.81
N SER K 239 -15.34 -40.57 -7.38
CA SER K 239 -15.64 -40.43 -8.80
C SER K 239 -15.76 -38.96 -9.20
N HIS K 240 -16.32 -38.14 -8.31
CA HIS K 240 -16.39 -36.68 -8.52
C HIS K 240 -14.98 -36.10 -8.50
N ALA K 241 -14.26 -36.39 -7.42
CA ALA K 241 -12.91 -35.88 -7.22
C ALA K 241 -11.96 -36.30 -8.34
N VAL K 242 -12.02 -37.56 -8.75
CA VAL K 242 -11.18 -38.03 -9.85
C VAL K 242 -11.52 -37.31 -11.16
N LYS K 243 -12.81 -37.21 -11.48
CA LYS K 243 -13.28 -36.42 -12.60
C LYS K 243 -12.72 -35.01 -12.51
N ILE K 244 -12.78 -34.38 -11.34
CA ILE K 244 -12.27 -33.03 -11.18
C ILE K 244 -10.75 -32.92 -11.44
N VAL K 245 -9.98 -33.88 -10.92
CA VAL K 245 -8.53 -33.80 -11.05
C VAL K 245 -8.12 -33.97 -12.50
N VAL K 246 -8.80 -34.87 -13.20
CA VAL K 246 -8.54 -35.12 -14.60
C VAL K 246 -8.88 -33.87 -15.43
N GLU K 247 -10.01 -33.24 -15.10
CA GLU K 247 -10.43 -32.06 -15.83
C GLU K 247 -9.46 -30.90 -15.57
N ALA K 248 -8.95 -30.82 -14.34
CA ALA K 248 -7.97 -29.79 -14.01
C ALA K 248 -6.70 -30.02 -14.80
N ALA K 249 -6.25 -31.27 -14.87
CA ALA K 249 -5.07 -31.65 -15.64
C ALA K 249 -5.21 -31.12 -17.06
N ARG K 250 -6.40 -31.31 -17.65
CA ARG K 250 -6.73 -30.84 -18.98
C ARG K 250 -6.41 -29.37 -19.15
N ARG K 251 -6.80 -28.57 -18.17
CA ARG K 251 -6.56 -27.12 -18.21
C ARG K 251 -5.12 -26.70 -17.93
N LEU K 252 -4.28 -27.60 -17.40
CA LEU K 252 -2.91 -27.24 -17.05
C LEU K 252 -1.90 -27.71 -18.09
N LEU K 253 -2.40 -28.33 -19.16
CA LEU K 253 -1.56 -28.96 -20.17
C LEU K 253 -0.92 -27.97 -21.12
N SER L 4 -13.84 -56.83 8.65
CA SER L 4 -12.50 -56.32 9.08
C SER L 4 -12.51 -55.41 10.34
N ASP L 5 -11.58 -55.67 11.27
CA ASP L 5 -11.55 -54.95 12.55
C ASP L 5 -10.70 -53.65 12.55
N VAL L 6 -9.84 -53.48 11.56
CA VAL L 6 -8.96 -52.32 11.54
C VAL L 6 -9.13 -51.62 10.21
N PHE L 7 -8.92 -50.31 10.19
CA PHE L 7 -9.29 -49.51 9.01
C PHE L 7 -8.44 -49.72 7.75
N HIS L 8 -7.14 -49.91 7.89
CA HIS L 8 -6.28 -50.01 6.72
C HIS L 8 -5.82 -51.45 6.35
N LEU L 9 -5.46 -52.25 7.35
CA LEU L 9 -4.86 -53.57 7.08
C LEU L 9 -5.84 -54.60 6.51
N GLY L 10 -7.15 -54.37 6.72
CA GLY L 10 -8.20 -55.31 6.35
C GLY L 10 -8.03 -56.69 6.98
N LEU L 11 -7.83 -56.73 8.29
CA LEU L 11 -7.63 -57.96 9.06
C LEU L 11 -8.65 -58.05 10.19
N THR L 12 -8.90 -59.24 10.70
CA THR L 12 -9.74 -59.40 11.91
C THR L 12 -8.94 -60.04 13.02
N LYS L 13 -9.30 -59.81 14.29
CA LYS L 13 -8.53 -60.38 15.40
C LYS L 13 -8.32 -61.88 15.15
N ASN L 14 -9.38 -62.50 14.64
CA ASN L 14 -9.37 -63.93 14.33
C ASN L 14 -8.30 -64.41 13.37
N ASP L 15 -8.05 -63.64 12.31
CA ASP L 15 -7.10 -64.04 11.28
C ASP L 15 -5.75 -64.37 11.88
N LEU L 16 -5.46 -63.75 13.02
CA LEU L 16 -4.13 -63.76 13.60
C LEU L 16 -3.93 -64.96 14.47
N GLN L 17 -5.03 -65.61 14.86
CA GLN L 17 -5.03 -66.85 15.64
C GLN L 17 -4.17 -66.75 16.90
N GLY L 18 -4.19 -65.58 17.54
CA GLY L 18 -3.58 -65.42 18.83
C GLY L 18 -2.14 -65.02 18.66
N ALA L 19 -1.71 -64.76 17.45
CA ALA L 19 -0.36 -64.28 17.24
C ALA L 19 -0.16 -63.01 18.06
N THR L 20 1.05 -62.84 18.60
CA THR L 20 1.45 -61.65 19.36
C THR L 20 2.79 -61.09 18.91
N LEU L 21 3.41 -61.72 17.92
CA LEU L 21 4.68 -61.23 17.38
C LEU L 21 4.52 -60.99 15.89
N ALA L 22 5.11 -59.92 15.38
CA ALA L 22 5.02 -59.66 13.93
C ALA L 22 6.40 -59.27 13.40
N ILE L 23 6.73 -59.83 12.24
CA ILE L 23 7.93 -59.41 11.52
C ILE L 23 7.48 -58.41 10.48
N VAL L 24 8.05 -57.21 10.52
CA VAL L 24 7.57 -56.11 9.69
C VAL L 24 8.63 -55.59 8.69
N PRO L 25 8.67 -56.20 7.50
CA PRO L 25 9.50 -55.68 6.41
C PRO L 25 8.87 -54.44 5.82
N GLY L 26 9.59 -53.75 4.95
CA GLY L 26 9.03 -52.54 4.37
C GLY L 26 8.25 -52.81 3.10
N ASP L 27 8.72 -53.79 2.33
CA ASP L 27 8.23 -54.02 1.01
C ASP L 27 7.16 -55.12 1.01
N PRO L 28 5.96 -54.82 0.55
CA PRO L 28 4.91 -55.84 0.43
C PRO L 28 5.34 -57.11 -0.31
N ASP L 29 6.19 -56.96 -1.33
CA ASP L 29 6.63 -58.11 -2.16
C ASP L 29 7.58 -59.04 -1.43
N ARG L 30 8.14 -58.56 -0.32
CA ARG L 30 9.10 -59.33 0.45
C ARG L 30 8.38 -60.15 1.53
N VAL L 31 7.09 -59.84 1.77
CA VAL L 31 6.34 -60.43 2.90
C VAL L 31 6.21 -61.94 2.74
N GLU L 32 5.76 -62.36 1.56
CA GLU L 32 5.61 -63.78 1.23
C GLU L 32 6.91 -64.56 1.32
N LYS L 33 8.00 -63.94 0.85
CA LYS L 33 9.32 -64.58 0.90
C LYS L 33 9.69 -64.92 2.35
N ILE L 34 9.47 -63.97 3.24
CA ILE L 34 9.72 -64.17 4.67
C ILE L 34 8.81 -65.26 5.27
N ALA L 35 7.52 -65.14 5.02
CA ALA L 35 6.57 -66.10 5.56
C ALA L 35 6.94 -67.51 5.14
N ALA L 36 7.44 -67.65 3.92
CA ALA L 36 7.71 -68.96 3.34
C ALA L 36 8.84 -69.71 4.04
N LEU L 37 9.66 -68.98 4.80
CA LEU L 37 10.71 -69.59 5.60
C LEU L 37 10.16 -70.29 6.85
N MET L 38 8.87 -70.11 7.14
CA MET L 38 8.22 -70.65 8.34
C MET L 38 7.13 -71.64 7.94
N ASP L 39 6.46 -72.25 8.90
CA ASP L 39 5.45 -73.28 8.58
C ASP L 39 4.07 -72.73 8.30
N LYS L 40 3.35 -73.46 7.43
CA LYS L 40 1.96 -73.17 7.08
C LYS L 40 1.67 -71.71 6.72
N PRO L 41 2.47 -71.12 5.81
CA PRO L 41 2.28 -69.74 5.39
C PRO L 41 0.96 -69.53 4.62
N VAL L 42 0.22 -68.51 5.00
CA VAL L 42 -1.07 -68.24 4.42
C VAL L 42 -1.20 -66.73 4.22
N LYS L 43 -1.56 -66.30 3.02
CA LYS L 43 -1.87 -64.89 2.81
C LYS L 43 -3.17 -64.55 3.53
N LEU L 44 -3.14 -63.48 4.34
CA LEU L 44 -4.31 -62.97 5.04
C LEU L 44 -4.99 -61.83 4.28
N ALA L 45 -4.20 -60.86 3.81
CA ALA L 45 -4.74 -59.66 3.20
C ALA L 45 -3.70 -58.84 2.48
N SER L 46 -4.17 -57.94 1.63
CA SER L 46 -3.32 -57.06 0.83
C SER L 46 -4.13 -55.82 0.49
N HIS L 47 -3.75 -54.70 1.09
CA HIS L 47 -4.39 -53.43 0.84
C HIS L 47 -3.33 -52.35 0.89
N ARG L 48 -3.34 -51.48 -0.12
CA ARG L 48 -2.30 -50.45 -0.29
C ARG L 48 -0.92 -51.13 -0.08
N GLU L 49 -0.04 -50.52 0.70
CA GLU L 49 1.30 -51.09 0.89
C GLU L 49 1.32 -52.17 1.97
N PHE L 50 0.14 -52.54 2.47
CA PHE L 50 0.08 -53.45 3.62
C PHE L 50 -0.32 -54.86 3.21
N THR L 51 0.68 -55.74 3.08
CA THR L 51 0.46 -57.14 2.80
C THR L 51 0.74 -57.96 4.04
N THR L 52 -0.18 -58.85 4.39
CA THR L 52 -0.11 -59.59 5.65
C THR L 52 -0.22 -61.07 5.43
N TRP L 53 0.78 -61.81 5.90
CA TRP L 53 0.76 -63.25 5.90
C TRP L 53 0.83 -63.71 7.34
N ARG L 54 0.26 -64.89 7.58
CA ARG L 54 0.38 -65.56 8.85
C ARG L 54 1.15 -66.83 8.58
N ALA L 55 1.98 -67.23 9.53
CA ALA L 55 2.75 -68.47 9.45
C ALA L 55 2.93 -68.99 10.85
N GLU L 56 3.75 -70.02 10.98
CA GLU L 56 3.91 -70.72 12.24
C GLU L 56 5.38 -70.97 12.54
N LEU L 57 5.74 -70.76 13.79
CA LEU L 57 7.11 -70.87 14.24
C LEU L 57 7.10 -71.60 15.57
N ASP L 58 7.80 -72.73 15.63
CA ASP L 58 7.68 -73.66 16.76
C ASP L 58 6.23 -73.77 17.19
N GLY L 59 5.35 -74.09 16.25
CA GLY L 59 3.96 -74.31 16.55
C GLY L 59 3.18 -73.11 17.09
N LYS L 60 3.77 -71.92 17.03
CA LYS L 60 3.06 -70.70 17.40
C LYS L 60 2.80 -69.82 16.20
N PRO L 61 1.61 -69.20 16.11
CA PRO L 61 1.29 -68.30 15.01
C PRO L 61 2.11 -67.02 15.06
N VAL L 62 2.56 -66.59 13.90
CA VAL L 62 3.39 -65.41 13.74
C VAL L 62 2.86 -64.58 12.55
N ILE L 63 2.92 -63.25 12.64
CA ILE L 63 2.45 -62.40 11.55
C ILE L 63 3.61 -61.82 10.79
N VAL L 64 3.50 -61.75 9.46
CA VAL L 64 4.45 -61.00 8.65
C VAL L 64 3.68 -59.93 7.91
N CYS L 65 4.06 -58.65 8.07
CA CYS L 65 3.25 -57.54 7.60
C CYS L 65 4.12 -56.39 7.13
N SER L 66 3.86 -55.90 5.92
CA SER L 66 4.69 -54.84 5.34
C SER L 66 4.25 -53.47 5.84
N THR L 67 5.19 -52.54 5.93
CA THR L 67 4.90 -51.22 6.47
C THR L 67 4.78 -50.20 5.37
N GLY L 68 5.31 -50.51 4.19
CA GLY L 68 5.56 -49.50 3.16
C GLY L 68 6.77 -48.69 3.58
N ILE L 69 7.06 -47.64 2.81
CA ILE L 69 8.22 -46.81 3.14
C ILE L 69 7.82 -45.68 4.10
N GLY L 70 8.56 -45.55 5.20
CA GLY L 70 8.43 -44.37 6.03
C GLY L 70 7.54 -44.48 7.26
N GLY L 71 7.78 -43.55 8.19
CA GLY L 71 7.09 -43.49 9.47
C GLY L 71 5.57 -43.52 9.33
N PRO L 72 4.99 -42.66 8.51
CA PRO L 72 3.54 -42.55 8.49
C PRO L 72 2.88 -43.89 8.24
N SER L 73 3.27 -44.60 7.19
CA SER L 73 2.59 -45.87 6.94
C SER L 73 3.03 -46.95 7.95
N THR L 74 4.27 -46.89 8.40
CA THR L 74 4.69 -47.75 9.49
C THR L 74 3.77 -47.58 10.66
N SER L 75 3.56 -46.33 11.09
CA SER L 75 2.70 -46.06 12.23
C SER L 75 1.27 -46.62 12.06
N ILE L 76 0.79 -46.72 10.84
CA ILE L 76 -0.56 -47.29 10.63
C ILE L 76 -0.54 -48.79 10.86
N ALA L 77 0.45 -49.43 10.24
CA ALA L 77 0.63 -50.89 10.41
C ALA L 77 0.83 -51.31 11.88
N VAL L 78 1.73 -50.65 12.58
CA VAL L 78 1.99 -50.97 13.96
C VAL L 78 0.73 -50.77 14.81
N GLU L 79 0.10 -49.61 14.67
CA GLU L 79 -1.06 -49.31 15.50
C GLU L 79 -2.10 -50.37 15.32
N GLU L 80 -2.37 -50.73 14.07
CA GLU L 80 -3.51 -51.60 13.81
C GLU L 80 -3.18 -53.02 14.21
N LEU L 81 -1.95 -53.45 13.98
CA LEU L 81 -1.50 -54.75 14.46
C LEU L 81 -1.59 -54.77 15.96
N ALA L 82 -1.15 -53.71 16.63
CA ALA L 82 -1.31 -53.61 18.10
C ALA L 82 -2.76 -53.83 18.55
N GLN L 83 -3.70 -53.17 17.88
CA GLN L 83 -5.13 -53.37 18.15
C GLN L 83 -5.53 -54.82 18.02
N LEU L 84 -4.87 -55.55 17.14
CA LEU L 84 -5.27 -56.94 16.90
C LEU L 84 -4.49 -57.91 17.79
N GLY L 85 -3.59 -57.38 18.60
CA GLY L 85 -3.01 -58.20 19.64
C GLY L 85 -1.50 -58.39 19.54
N ILE L 86 -0.86 -57.80 18.52
CA ILE L 86 0.60 -57.91 18.40
C ILE L 86 1.28 -57.05 19.45
N ARG L 87 2.29 -57.60 20.10
CA ARG L 87 2.97 -56.92 21.20
C ARG L 87 4.47 -56.88 20.99
N THR L 88 4.98 -57.59 19.99
CA THR L 88 6.41 -57.59 19.65
C THR L 88 6.56 -57.38 18.17
N PHE L 89 7.36 -56.37 17.80
CA PHE L 89 7.57 -56.05 16.40
C PHE L 89 9.04 -56.18 16.01
N LEU L 90 9.33 -57.05 15.04
CA LEU L 90 10.69 -57.15 14.56
C LEU L 90 10.81 -56.62 13.15
N ARG L 91 11.59 -55.55 13.02
CA ARG L 91 11.82 -54.95 11.72
C ARG L 91 13.00 -55.58 10.98
N ILE L 92 12.76 -55.89 9.72
CA ILE L 92 13.79 -56.42 8.83
C ILE L 92 13.90 -55.49 7.63
N GLY L 93 15.10 -54.98 7.39
CA GLY L 93 15.27 -54.03 6.32
C GLY L 93 16.54 -54.18 5.47
N THR L 94 16.63 -53.29 4.49
CA THR L 94 17.85 -53.03 3.74
C THR L 94 18.30 -51.62 4.08
N THR L 95 19.62 -51.42 4.04
CA THR L 95 20.15 -50.16 4.49
C THR L 95 21.44 -49.83 3.78
N GLY L 96 21.82 -48.56 3.86
CA GLY L 96 23.09 -48.12 3.36
C GLY L 96 23.94 -47.63 4.51
N ALA L 97 25.13 -48.23 4.66
CA ALA L 97 26.06 -47.87 5.73
C ALA L 97 26.74 -46.57 5.41
N ILE L 98 27.12 -45.84 6.47
CA ILE L 98 27.89 -44.60 6.32
C ILE L 98 29.24 -44.66 7.01
N GLN L 99 29.59 -45.81 7.57
CA GLN L 99 30.90 -45.99 8.14
C GLN L 99 31.72 -46.84 7.17
N PRO L 100 32.97 -46.44 6.94
CA PRO L 100 33.84 -47.15 5.97
C PRO L 100 34.24 -48.58 6.38
N HIS L 101 34.15 -48.93 7.66
CA HIS L 101 34.48 -50.28 8.11
C HIS L 101 33.32 -51.28 7.93
N ILE L 102 32.11 -50.79 7.67
CA ILE L 102 30.94 -51.65 7.47
C ILE L 102 30.83 -52.04 6.00
N ASN L 103 30.79 -53.33 5.73
CA ASN L 103 30.71 -53.78 4.34
C ASN L 103 29.34 -54.26 3.87
N VAL L 104 29.16 -54.25 2.54
CA VAL L 104 28.00 -54.83 1.90
C VAL L 104 28.01 -56.30 2.28
N GLY L 105 26.92 -56.79 2.84
CA GLY L 105 26.89 -58.13 3.40
C GLY L 105 26.83 -58.21 4.93
N ASP L 106 27.30 -57.16 5.60
CA ASP L 106 27.26 -57.09 7.04
C ASP L 106 25.83 -56.91 7.49
N VAL L 107 25.58 -57.19 8.77
CA VAL L 107 24.23 -57.11 9.35
C VAL L 107 24.26 -56.07 10.44
N LEU L 108 23.25 -55.19 10.44
CA LEU L 108 23.19 -54.13 11.45
C LEU L 108 22.00 -54.33 12.38
N VAL L 109 22.31 -54.37 13.68
CA VAL L 109 21.28 -54.35 14.72
C VAL L 109 21.26 -52.99 15.38
N THR L 110 20.11 -52.33 15.34
CA THR L 110 19.98 -50.96 15.84
C THR L 110 19.58 -50.96 17.31
N THR L 111 20.37 -50.30 18.15
CA THR L 111 20.04 -50.14 19.55
C THR L 111 19.05 -48.99 19.73
N ALA L 112 19.23 -47.91 18.96
CA ALA L 112 18.40 -46.70 19.01
C ALA L 112 18.63 -45.86 17.77
N SER L 113 17.68 -44.99 17.46
CA SER L 113 17.77 -44.22 16.23
C SER L 113 17.82 -42.70 16.45
N VAL L 114 18.60 -42.03 15.60
CA VAL L 114 18.50 -40.58 15.45
C VAL L 114 17.13 -40.27 14.80
N ARG L 115 16.32 -39.46 15.47
CA ARG L 115 14.94 -39.19 15.05
C ARG L 115 14.87 -38.12 13.97
N LEU L 116 15.07 -38.51 12.72
CA LEU L 116 15.02 -37.54 11.63
C LEU L 116 13.70 -37.64 10.90
N ASP L 117 12.66 -38.07 11.63
CA ASP L 117 11.34 -38.30 11.08
C ASP L 117 10.31 -37.36 11.69
N GLY L 118 9.09 -37.41 11.17
CA GLY L 118 8.01 -36.62 11.73
C GLY L 118 7.10 -37.38 12.65
N ALA L 119 6.87 -38.66 12.36
CA ALA L 119 5.88 -39.48 13.08
C ALA L 119 6.23 -39.75 14.54
N SER L 120 7.48 -39.96 14.86
CA SER L 120 7.81 -40.26 16.25
C SER L 120 7.30 -39.16 17.18
N LEU L 121 7.38 -37.90 16.73
CA LEU L 121 6.96 -36.75 17.51
C LEU L 121 5.47 -36.84 17.85
N HIS L 122 4.75 -37.64 17.09
CA HIS L 122 3.32 -37.82 17.33
C HIS L 122 3.08 -38.83 18.46
N PHE L 123 4.17 -39.41 18.99
CA PHE L 123 4.07 -40.38 20.10
C PHE L 123 4.81 -39.98 21.38
N ALA L 124 5.96 -39.32 21.20
CA ALA L 124 6.78 -38.81 22.30
C ALA L 124 7.60 -37.62 21.81
N PRO L 125 7.81 -36.61 22.66
CA PRO L 125 8.57 -35.41 22.24
C PRO L 125 10.00 -35.80 21.85
N LEU L 126 10.72 -34.92 21.19
CA LEU L 126 12.04 -35.26 20.63
C LEU L 126 13.05 -35.82 21.64
N GLU L 127 12.98 -35.35 22.87
CA GLU L 127 13.92 -35.75 23.92
C GLU L 127 13.82 -37.22 24.31
N PHE L 128 12.72 -37.88 23.94
CA PHE L 128 12.49 -39.28 24.27
C PHE L 128 13.30 -40.13 23.33
N PRO L 129 14.04 -41.10 23.84
CA PRO L 129 14.95 -41.87 23.00
C PRO L 129 14.19 -42.83 22.13
N ALA L 130 14.53 -42.89 20.83
CA ALA L 130 13.98 -43.91 19.93
C ALA L 130 14.77 -45.17 20.12
N VAL L 131 14.59 -45.78 21.30
CA VAL L 131 15.38 -46.93 21.74
C VAL L 131 14.68 -48.26 21.50
N ALA L 132 15.44 -49.27 21.07
CA ALA L 132 14.90 -50.60 20.84
C ALA L 132 14.74 -51.36 22.15
N ASP L 133 13.85 -52.33 22.15
CA ASP L 133 13.64 -53.19 23.31
C ASP L 133 14.87 -54.03 23.56
N PHE L 134 15.28 -54.13 24.81
CA PHE L 134 16.50 -54.89 25.15
C PHE L 134 16.41 -56.36 24.75
N GLU L 135 15.26 -56.99 24.99
CA GLU L 135 15.09 -58.41 24.69
C GLU L 135 15.14 -58.65 23.21
N CYS L 136 14.49 -57.77 22.46
CA CYS L 136 14.49 -57.87 21.03
C CYS L 136 15.90 -57.73 20.48
N THR L 137 16.59 -56.69 20.91
CA THR L 137 17.95 -56.47 20.47
C THR L 137 18.83 -57.67 20.83
N THR L 138 18.67 -58.20 22.03
CA THR L 138 19.45 -59.37 22.46
C THR L 138 19.18 -60.55 21.51
N ALA L 139 17.90 -60.86 21.32
CA ALA L 139 17.52 -61.93 20.42
C ALA L 139 18.12 -61.72 19.03
N LEU L 140 18.15 -60.47 18.57
CA LEU L 140 18.67 -60.16 17.23
C LEU L 140 20.17 -60.38 17.17
N VAL L 141 20.86 -59.88 18.17
CA VAL L 141 22.31 -60.01 18.25
C VAL L 141 22.70 -61.49 18.37
N GLU L 142 21.97 -62.22 19.20
CA GLU L 142 22.23 -63.65 19.40
C GLU L 142 21.92 -64.52 18.20
N ALA L 143 20.87 -64.17 17.46
CA ALA L 143 20.53 -64.86 16.22
C ALA L 143 21.63 -64.68 15.18
N ALA L 144 22.11 -63.43 15.06
CA ALA L 144 23.20 -63.09 14.17
C ALA L 144 24.44 -63.87 14.49
N LYS L 145 24.76 -64.00 15.79
CA LYS L 145 25.94 -64.76 16.27
C LYS L 145 25.82 -66.22 15.88
N SER L 146 24.60 -66.74 15.99
CA SER L 146 24.32 -68.16 15.78
C SER L 146 24.44 -68.61 14.30
N ILE L 147 24.23 -67.70 13.36
CA ILE L 147 24.37 -68.02 11.95
C ILE L 147 25.70 -67.46 11.38
N GLY L 148 26.43 -66.76 12.24
CA GLY L 148 27.80 -66.36 11.97
C GLY L 148 27.98 -65.20 11.02
N ALA L 149 26.99 -64.32 10.92
CA ALA L 149 27.13 -63.08 10.12
C ALA L 149 28.04 -62.07 10.82
N THR L 150 28.81 -61.30 10.07
CA THR L 150 29.55 -60.21 10.68
C THR L 150 28.57 -59.06 10.99
N THR L 151 28.52 -58.68 12.26
CA THR L 151 27.44 -57.85 12.77
C THR L 151 27.94 -56.56 13.39
N HIS L 152 27.17 -55.49 13.22
CA HIS L 152 27.44 -54.23 13.93
C HIS L 152 26.20 -53.81 14.71
N VAL L 153 26.43 -53.39 15.94
CA VAL L 153 25.36 -53.06 16.86
C VAL L 153 25.58 -51.61 17.23
N GLY L 154 24.56 -50.77 17.00
CA GLY L 154 24.71 -49.36 17.30
C GLY L 154 23.56 -48.51 16.84
N VAL L 155 23.87 -47.24 16.63
CA VAL L 155 22.89 -46.18 16.35
C VAL L 155 22.66 -46.04 14.84
N THR L 156 21.38 -45.84 14.46
CA THR L 156 20.96 -45.66 13.08
C THR L 156 20.31 -44.31 12.92
N ALA L 157 20.54 -43.64 11.79
CA ALA L 157 19.87 -42.38 11.52
C ALA L 157 18.66 -42.65 10.68
N SER L 158 17.50 -42.25 11.16
CA SER L 158 16.24 -42.65 10.56
C SER L 158 15.54 -41.42 9.96
N SER L 159 15.53 -41.35 8.62
CA SER L 159 15.16 -40.12 7.91
C SER L 159 13.83 -40.19 7.21
N ASP L 160 13.03 -39.13 7.30
CA ASP L 160 11.80 -39.06 6.54
C ASP L 160 11.97 -38.97 5.02
N THR L 161 13.19 -38.82 4.53
CA THR L 161 13.43 -38.78 3.09
C THR L 161 14.62 -39.66 2.74
N PHE L 162 14.61 -40.14 1.52
CA PHE L 162 15.67 -40.96 1.00
C PHE L 162 16.78 -40.03 0.46
N TYR L 163 16.38 -38.86 -0.04
CA TYR L 163 17.30 -37.97 -0.71
C TYR L 163 17.93 -36.89 0.21
N PRO L 164 17.27 -35.74 0.43
CA PRO L 164 17.92 -34.64 1.15
C PRO L 164 18.24 -35.00 2.60
N GLY L 165 17.36 -35.75 3.28
CA GLY L 165 17.59 -36.13 4.67
C GLY L 165 18.77 -37.08 4.88
N GLN L 166 19.19 -37.75 3.81
CA GLN L 166 20.36 -38.60 3.82
C GLN L 166 21.46 -37.92 3.04
N GLU L 167 21.35 -36.60 2.93
CA GLU L 167 22.28 -35.74 2.18
C GLU L 167 22.70 -36.26 0.83
N ARG L 168 21.73 -36.65 0.01
CA ARG L 168 22.02 -37.00 -1.37
C ARG L 168 21.95 -35.75 -2.25
N TYR L 169 22.97 -35.49 -3.05
CA TYR L 169 23.02 -34.35 -3.98
C TYR L 169 22.69 -34.70 -5.42
N ASP L 170 22.69 -35.99 -5.75
CA ASP L 170 22.44 -36.35 -7.13
C ASP L 170 20.94 -36.46 -7.36
N THR L 171 20.30 -35.30 -7.43
CA THR L 171 18.83 -35.19 -7.44
C THR L 171 18.40 -34.14 -8.45
N TYR L 172 17.08 -33.94 -8.54
CA TYR L 172 16.51 -32.98 -9.47
C TYR L 172 17.07 -31.58 -9.22
N SER L 173 17.09 -31.17 -7.96
CA SER L 173 17.53 -29.82 -7.60
C SER L 173 19.02 -29.75 -7.35
N GLY L 174 19.62 -30.87 -7.00
CA GLY L 174 21.05 -30.95 -6.74
C GLY L 174 21.44 -30.20 -5.49
N ARG L 175 20.47 -29.95 -4.63
CA ARG L 175 20.74 -29.20 -3.43
C ARG L 175 20.05 -29.76 -2.17
N VAL L 176 20.64 -29.43 -1.02
CA VAL L 176 20.15 -29.92 0.26
C VAL L 176 19.83 -28.74 1.17
N VAL L 177 18.66 -28.79 1.79
CA VAL L 177 18.23 -27.75 2.74
C VAL L 177 19.28 -27.48 3.84
N ARG L 178 19.42 -26.20 4.19
CA ARG L 178 20.47 -25.76 5.12
C ARG L 178 20.65 -26.69 6.31
N HIS L 179 19.53 -27.06 6.93
CA HIS L 179 19.54 -27.95 8.09
C HIS L 179 20.28 -29.30 7.90
N PHE L 180 20.31 -29.83 6.68
CA PHE L 180 20.91 -31.15 6.44
C PHE L 180 22.29 -31.09 5.77
N LYS L 181 22.68 -29.88 5.40
CA LYS L 181 23.95 -29.68 4.74
C LYS L 181 25.02 -30.03 5.77
N GLY L 182 25.91 -30.95 5.41
CA GLY L 182 26.95 -31.40 6.31
C GLY L 182 26.46 -32.35 7.40
N SER L 183 25.22 -32.83 7.30
CA SER L 183 24.72 -33.70 8.33
C SER L 183 25.30 -35.12 8.30
N MET L 184 25.60 -35.65 7.13
CA MET L 184 26.11 -37.01 7.05
C MET L 184 27.46 -37.10 7.74
N GLU L 185 28.31 -36.12 7.49
CA GLU L 185 29.61 -36.06 8.15
C GLU L 185 29.46 -36.02 9.68
N GLU L 186 28.49 -35.27 10.19
CA GLU L 186 28.23 -35.21 11.64
C GLU L 186 27.82 -36.58 12.21
N TRP L 187 26.84 -37.23 11.58
CA TRP L 187 26.41 -38.56 12.03
C TRP L 187 27.56 -39.57 11.97
N GLN L 188 28.33 -39.49 10.88
CA GLN L 188 29.54 -40.28 10.71
C GLN L 188 30.47 -40.14 11.94
N ALA L 189 30.79 -38.90 12.33
CA ALA L 189 31.70 -38.62 13.43
C ALA L 189 31.11 -39.12 14.75
N MET L 190 29.78 -39.18 14.81
CA MET L 190 29.10 -39.59 16.03
C MET L 190 28.88 -41.09 16.11
N GLY L 191 29.42 -41.81 15.13
CA GLY L 191 29.46 -43.24 15.18
C GLY L 191 28.24 -43.90 14.60
N VAL L 192 27.36 -43.10 13.99
CA VAL L 192 26.09 -43.60 13.42
C VAL L 192 26.42 -44.59 12.31
N MET L 193 25.72 -45.72 12.26
CA MET L 193 26.11 -46.79 11.32
C MET L 193 25.56 -46.56 9.89
N ASN L 194 24.34 -46.07 9.81
CA ASN L 194 23.59 -46.17 8.55
C ASN L 194 22.38 -45.27 8.57
N TYR L 195 21.78 -45.11 7.40
CA TYR L 195 20.49 -44.44 7.26
C TYR L 195 19.47 -45.47 6.85
N GLU L 196 18.27 -45.33 7.38
CA GLU L 196 17.08 -45.96 6.82
C GLU L 196 15.90 -45.04 7.13
N MET L 197 14.67 -45.51 6.90
CA MET L 197 13.56 -44.57 6.95
C MET L 197 12.42 -44.91 7.87
N GLU L 198 12.56 -45.89 8.76
CA GLU L 198 11.38 -46.30 9.51
C GLU L 198 11.58 -46.49 10.99
N SER L 199 12.84 -46.68 11.38
CA SER L 199 13.13 -47.11 12.74
C SER L 199 12.80 -46.08 13.82
N ALA L 200 13.02 -44.80 13.55
CA ALA L 200 12.70 -43.77 14.51
C ALA L 200 11.22 -43.85 14.90
N THR L 201 10.34 -43.98 13.90
CA THR L 201 8.92 -44.08 14.17
C THR L 201 8.64 -45.40 14.90
N LEU L 202 9.16 -46.51 14.39
CA LEU L 202 8.83 -47.79 14.97
C LEU L 202 9.28 -47.82 16.43
N LEU L 203 10.53 -47.48 16.66
CA LEU L 203 11.09 -47.65 17.97
C LEU L 203 10.45 -46.71 18.97
N THR L 204 10.16 -45.48 18.53
CA THR L 204 9.58 -44.49 19.46
C THR L 204 8.18 -44.87 19.84
N MET L 205 7.38 -45.26 18.84
CA MET L 205 5.98 -45.57 19.11
C MET L 205 5.84 -46.83 19.94
N CYS L 206 6.76 -47.78 19.77
CA CYS L 206 6.71 -48.98 20.59
C CYS L 206 7.17 -48.70 22.00
N ALA L 207 8.37 -48.11 22.14
CA ALA L 207 8.96 -47.84 23.46
C ALA L 207 8.07 -46.98 24.34
N SER L 208 7.19 -46.19 23.73
CA SER L 208 6.40 -45.27 24.53
C SER L 208 5.01 -45.83 24.78
N GLN L 209 4.73 -47.07 24.32
CA GLN L 209 3.41 -47.71 24.45
C GLN L 209 3.50 -49.14 24.93
N GLY L 210 4.63 -49.48 25.53
CA GLY L 210 4.76 -50.79 26.15
C GLY L 210 4.87 -51.90 25.12
N LEU L 211 5.24 -51.57 23.89
CA LEU L 211 5.36 -52.60 22.87
C LEU L 211 6.84 -52.85 22.67
N ARG L 212 7.19 -54.11 22.38
CA ARG L 212 8.57 -54.50 22.19
C ARG L 212 8.95 -54.36 20.73
N ALA L 213 10.07 -53.72 20.42
CA ALA L 213 10.50 -53.60 19.03
C ALA L 213 12.01 -53.78 18.88
N GLY L 214 12.41 -54.36 17.76
CA GLY L 214 13.80 -54.55 17.42
C GLY L 214 14.00 -54.21 15.97
N MET L 215 15.24 -53.99 15.57
CA MET L 215 15.57 -53.66 14.19
C MET L 215 16.80 -54.39 13.73
N VAL L 216 16.70 -54.98 12.54
CA VAL L 216 17.87 -55.59 11.91
C VAL L 216 17.80 -55.31 10.40
N ALA L 217 18.97 -55.03 9.81
CA ALA L 217 19.04 -54.74 8.39
C ALA L 217 20.35 -55.25 7.79
N GLY L 218 20.26 -55.65 6.51
CA GLY L 218 21.40 -56.03 5.72
C GLY L 218 21.89 -54.85 4.90
N VAL L 219 23.22 -54.71 4.84
CA VAL L 219 23.85 -53.62 4.14
C VAL L 219 23.92 -53.91 2.66
N ILE L 220 23.24 -53.09 1.87
CA ILE L 220 23.24 -53.22 0.41
C ILE L 220 24.15 -52.22 -0.33
N VAL L 221 24.47 -51.10 0.31
CA VAL L 221 25.39 -50.13 -0.29
C VAL L 221 26.16 -49.37 0.79
N ASN L 222 27.35 -48.90 0.41
CA ASN L 222 28.11 -48.03 1.28
C ASN L 222 28.27 -46.63 0.72
N ARG L 223 27.72 -45.65 1.45
CA ARG L 223 27.78 -44.24 1.09
C ARG L 223 29.18 -43.61 0.97
N THR L 224 30.19 -44.23 1.58
CA THR L 224 31.53 -43.67 1.52
C THR L 224 32.15 -43.96 0.14
N GLN L 225 31.35 -44.53 -0.77
CA GLN L 225 31.74 -44.69 -2.19
C GLN L 225 30.68 -44.27 -3.24
N GLN L 226 29.41 -44.28 -2.84
CA GLN L 226 28.27 -44.16 -3.75
C GLN L 226 27.01 -43.58 -3.05
N GLU L 227 26.16 -42.90 -3.83
CA GLU L 227 24.83 -42.51 -3.36
C GLU L 227 23.77 -43.60 -3.67
N ILE L 228 23.58 -43.86 -4.97
CA ILE L 228 22.67 -44.88 -5.49
C ILE L 228 23.33 -46.29 -5.51
N PRO L 229 22.71 -47.30 -4.87
CA PRO L 229 23.10 -48.71 -5.06
C PRO L 229 23.04 -49.13 -6.55
N MET L 234 24.70 -60.12 -2.75
CA MET L 234 23.72 -59.06 -2.52
C MET L 234 22.32 -59.62 -2.19
N LYS L 235 21.83 -60.56 -3.00
CA LYS L 235 20.58 -61.27 -2.68
C LYS L 235 20.78 -62.20 -1.48
N GLN L 236 22.03 -62.59 -1.27
CA GLN L 236 22.44 -63.47 -0.17
C GLN L 236 22.61 -62.72 1.14
N THR L 237 22.72 -61.39 1.05
CA THR L 237 22.86 -60.50 2.21
C THR L 237 21.55 -60.33 2.96
N GLU L 238 20.48 -60.10 2.20
CA GLU L 238 19.13 -59.98 2.77
C GLU L 238 18.59 -61.36 3.17
N SER L 239 19.10 -62.41 2.53
CA SER L 239 18.86 -63.79 2.95
C SER L 239 19.43 -64.06 4.36
N HIS L 240 20.56 -63.42 4.68
CA HIS L 240 21.20 -63.50 6.00
C HIS L 240 20.32 -62.82 7.02
N ALA L 241 19.99 -61.56 6.72
CA ALA L 241 19.19 -60.74 7.59
C ALA L 241 17.82 -61.36 7.86
N VAL L 242 17.18 -61.89 6.81
CA VAL L 242 15.87 -62.52 6.95
C VAL L 242 15.99 -63.74 7.86
N LYS L 243 16.98 -64.60 7.57
CA LYS L 243 17.28 -65.72 8.43
C LYS L 243 17.44 -65.27 9.89
N ILE L 244 18.21 -64.21 10.12
CA ILE L 244 18.43 -63.67 11.46
C ILE L 244 17.13 -63.20 12.13
N VAL L 245 16.27 -62.51 11.39
CA VAL L 245 15.06 -61.97 12.00
C VAL L 245 14.10 -63.09 12.41
N VAL L 246 14.06 -64.13 11.59
CA VAL L 246 13.18 -65.25 11.83
C VAL L 246 13.68 -66.01 13.03
N GLU L 247 14.99 -66.20 13.10
CA GLU L 247 15.60 -66.90 14.23
C GLU L 247 15.43 -66.11 15.52
N ALA L 248 15.47 -64.78 15.42
CA ALA L 248 15.24 -63.93 16.58
C ALA L 248 13.79 -64.09 17.05
N ALA L 249 12.87 -64.05 16.10
CA ALA L 249 11.47 -64.29 16.38
C ALA L 249 11.30 -65.58 17.17
N ARG L 250 11.98 -66.64 16.74
CA ARG L 250 11.97 -67.92 17.46
C ARG L 250 12.27 -67.78 18.94
N ARG L 251 13.29 -67.00 19.28
CA ARG L 251 13.72 -66.79 20.67
C ARG L 251 12.80 -65.85 21.46
N LEU L 252 11.97 -65.07 20.79
CA LEU L 252 11.11 -64.13 21.49
C LEU L 252 9.69 -64.65 21.70
N LEU L 253 9.44 -65.91 21.35
CA LEU L 253 8.09 -66.45 21.32
C LEU L 253 7.63 -66.86 22.70
N SER M 4 -22.97 40.31 -75.49
CA SER M 4 -23.33 39.59 -74.22
C SER M 4 -22.50 38.33 -73.96
N ASP M 5 -22.04 38.13 -72.72
CA ASP M 5 -21.15 37.02 -72.38
C ASP M 5 -21.85 35.72 -71.99
N VAL M 6 -23.13 35.81 -71.66
CA VAL M 6 -23.86 34.64 -71.19
C VAL M 6 -25.09 34.43 -72.07
N PHE M 7 -25.56 33.19 -72.16
CA PHE M 7 -26.56 32.90 -73.17
C PHE M 7 -27.96 33.48 -72.86
N HIS M 8 -28.33 33.57 -71.57
CA HIS M 8 -29.69 33.96 -71.23
C HIS M 8 -29.87 35.35 -70.62
N LEU M 9 -28.93 35.78 -69.80
CA LEU M 9 -29.14 36.98 -69.01
C LEU M 9 -28.83 38.26 -69.77
N GLY M 10 -28.15 38.13 -70.90
CA GLY M 10 -27.75 39.31 -71.65
C GLY M 10 -26.89 40.30 -70.91
N LEU M 11 -25.87 39.80 -70.23
CA LEU M 11 -24.96 40.60 -69.41
C LEU M 11 -23.51 40.31 -69.83
N THR M 12 -22.62 41.25 -69.55
CA THR M 12 -21.19 41.02 -69.69
C THR M 12 -20.50 41.14 -68.33
N LYS M 13 -19.31 40.55 -68.22
CA LYS M 13 -18.48 40.66 -67.02
C LYS M 13 -18.42 42.11 -66.61
N ASN M 14 -18.32 42.97 -67.63
CA ASN M 14 -18.15 44.39 -67.45
C ASN M 14 -19.34 45.13 -66.87
N ASP M 15 -20.55 44.72 -67.23
CA ASP M 15 -21.80 45.26 -66.65
C ASP M 15 -21.83 45.12 -65.14
N LEU M 16 -21.18 44.10 -64.60
CA LEU M 16 -21.21 43.81 -63.17
C LEU M 16 -20.29 44.71 -62.39
N GLN M 17 -19.23 45.18 -63.06
CA GLN M 17 -18.30 46.14 -62.48
C GLN M 17 -17.63 45.64 -61.20
N GLY M 18 -17.28 44.35 -61.20
CA GLY M 18 -16.52 43.77 -60.10
C GLY M 18 -17.42 43.20 -59.03
N ALA M 19 -18.74 43.32 -59.22
CA ALA M 19 -19.74 42.75 -58.29
C ALA M 19 -19.49 41.27 -58.07
N THR M 20 -19.53 40.85 -56.81
CA THR M 20 -19.41 39.41 -56.49
C THR M 20 -20.60 38.86 -55.68
N LEU M 21 -21.55 39.74 -55.35
CA LEU M 21 -22.75 39.37 -54.60
C LEU M 21 -24.03 39.73 -55.38
N ALA M 22 -24.97 38.79 -55.41
CA ALA M 22 -26.29 39.00 -56.03
C ALA M 22 -27.44 38.72 -55.07
N ILE M 23 -28.37 39.66 -54.97
CA ILE M 23 -29.65 39.36 -54.35
C ILE M 23 -30.54 38.85 -55.47
N VAL M 24 -31.11 37.66 -55.31
CA VAL M 24 -31.88 37.03 -56.35
C VAL M 24 -33.33 36.79 -55.96
N PRO M 25 -34.20 37.76 -56.22
CA PRO M 25 -35.65 37.61 -56.01
C PRO M 25 -36.23 36.73 -57.12
N GLY M 26 -37.49 36.33 -57.01
CA GLY M 26 -38.05 35.42 -57.99
C GLY M 26 -38.69 36.23 -59.10
N ASP M 27 -39.33 37.32 -58.70
CA ASP M 27 -40.22 38.05 -59.61
C ASP M 27 -39.48 39.19 -60.26
N PRO M 28 -39.45 39.23 -61.60
CA PRO M 28 -38.77 40.30 -62.33
C PRO M 28 -39.18 41.74 -61.90
N ASP M 29 -40.47 41.94 -61.65
CA ASP M 29 -41.00 43.24 -61.27
C ASP M 29 -40.58 43.71 -59.87
N ARG M 30 -40.00 42.82 -59.08
CA ARG M 30 -39.60 43.25 -57.76
C ARG M 30 -38.10 43.60 -57.74
N VAL M 31 -37.41 43.37 -58.86
CA VAL M 31 -35.97 43.63 -58.96
C VAL M 31 -35.63 45.11 -58.77
N GLU M 32 -36.27 45.97 -59.56
CA GLU M 32 -36.12 47.41 -59.44
C GLU M 32 -36.39 47.91 -58.02
N LYS M 33 -37.50 47.43 -57.43
CA LYS M 33 -37.87 47.80 -56.07
C LYS M 33 -36.73 47.55 -55.07
N ILE M 34 -36.09 46.37 -55.17
CA ILE M 34 -35.01 46.00 -54.27
C ILE M 34 -33.80 46.90 -54.54
N ALA M 35 -33.45 47.02 -55.81
CA ALA M 35 -32.33 47.85 -56.23
C ALA M 35 -32.45 49.27 -55.68
N ALA M 36 -33.66 49.81 -55.73
CA ALA M 36 -33.96 51.17 -55.30
C ALA M 36 -33.70 51.42 -53.82
N LEU M 37 -33.54 50.34 -53.02
CA LEU M 37 -33.18 50.50 -51.62
C LEU M 37 -31.67 50.75 -51.42
N MET M 38 -30.91 50.60 -52.51
CA MET M 38 -29.47 50.81 -52.45
C MET M 38 -29.09 52.08 -53.22
N ASP M 39 -27.80 52.33 -53.37
CA ASP M 39 -27.34 53.52 -54.08
C ASP M 39 -27.11 53.30 -55.56
N LYS M 40 -27.29 54.37 -56.34
CA LYS M 40 -27.05 54.38 -57.81
C LYS M 40 -27.62 53.16 -58.56
N PRO M 41 -28.92 52.88 -58.37
CA PRO M 41 -29.56 51.76 -59.06
C PRO M 41 -29.62 51.99 -60.57
N VAL M 42 -29.24 50.97 -61.32
CA VAL M 42 -29.18 51.09 -62.76
C VAL M 42 -29.65 49.77 -63.39
N LYS M 43 -30.61 49.86 -64.31
CA LYS M 43 -31.11 48.67 -65.02
C LYS M 43 -30.06 48.21 -66.01
N LEU M 44 -29.76 46.92 -66.03
CA LEU M 44 -28.72 46.36 -66.90
C LEU M 44 -29.32 45.62 -68.06
N ALA M 45 -30.29 44.76 -67.78
CA ALA M 45 -30.87 43.93 -68.84
C ALA M 45 -32.21 43.38 -68.43
N SER M 46 -32.99 42.97 -69.42
CA SER M 46 -34.24 42.27 -69.20
C SER M 46 -34.51 41.29 -70.34
N HIS M 47 -34.45 40.00 -70.04
CA HIS M 47 -34.72 38.95 -71.02
C HIS M 47 -35.44 37.81 -70.35
N ARG M 48 -36.50 37.31 -71.01
CA ARG M 48 -37.35 36.28 -70.43
C ARG M 48 -37.69 36.67 -69.00
N GLU M 49 -37.57 35.74 -68.05
CA GLU M 49 -37.87 36.09 -66.66
C GLU M 49 -36.68 36.72 -65.91
N PHE M 50 -35.61 37.04 -66.63
CA PHE M 50 -34.37 37.50 -65.98
C PHE M 50 -34.18 39.00 -66.13
N THR M 51 -34.48 39.73 -65.07
CA THR M 51 -34.25 41.17 -65.05
C THR M 51 -33.11 41.44 -64.09
N THR M 52 -32.14 42.22 -64.57
CA THR M 52 -30.94 42.53 -63.79
C THR M 52 -30.75 44.03 -63.56
N TRP M 53 -30.67 44.43 -62.30
CA TRP M 53 -30.19 45.74 -61.95
C TRP M 53 -28.88 45.65 -61.19
N ARG M 54 -28.11 46.73 -61.25
CA ARG M 54 -26.91 46.89 -60.47
C ARG M 54 -27.13 48.09 -59.56
N ALA M 55 -26.63 48.00 -58.35
CA ALA M 55 -26.63 49.14 -57.46
C ALA M 55 -25.34 49.09 -56.66
N GLU M 56 -25.25 50.01 -55.69
CA GLU M 56 -24.07 50.15 -54.86
C GLU M 56 -24.48 50.07 -53.40
N LEU M 57 -23.69 49.33 -52.62
CA LEU M 57 -23.96 49.15 -51.20
C LEU M 57 -22.68 49.37 -50.42
N ASP M 58 -22.66 50.43 -49.60
CA ASP M 58 -21.46 50.88 -48.92
C ASP M 58 -20.33 51.00 -49.91
N GLY M 59 -20.62 51.61 -51.06
CA GLY M 59 -19.61 51.84 -52.07
C GLY M 59 -19.20 50.64 -52.90
N LYS M 60 -19.84 49.49 -52.72
CA LYS M 60 -19.52 48.30 -53.51
C LYS M 60 -20.65 47.93 -54.47
N PRO M 61 -20.30 47.54 -55.69
CA PRO M 61 -21.32 47.11 -56.66
C PRO M 61 -21.99 45.76 -56.28
N VAL M 62 -23.30 45.73 -56.42
CA VAL M 62 -24.12 44.59 -56.00
C VAL M 62 -25.12 44.36 -57.12
N ILE M 63 -25.42 43.11 -57.43
CA ILE M 63 -26.38 42.77 -58.49
C ILE M 63 -27.73 42.39 -57.88
N VAL M 64 -28.82 42.81 -58.51
CA VAL M 64 -30.13 42.25 -58.19
C VAL M 64 -30.66 41.60 -59.45
N CYS M 65 -30.94 40.30 -59.39
CA CYS M 65 -31.30 39.52 -60.59
C CYS M 65 -32.43 38.55 -60.31
N SER M 66 -33.49 38.56 -61.10
CA SER M 66 -34.63 37.65 -60.86
C SER M 66 -34.44 36.26 -61.44
N THR M 67 -35.00 35.27 -60.76
CA THR M 67 -34.76 33.89 -61.15
C THR M 67 -35.94 33.33 -61.93
N GLY M 68 -37.08 34.02 -61.84
CA GLY M 68 -38.33 33.43 -62.29
C GLY M 68 -38.76 32.43 -61.23
N ILE M 69 -39.84 31.70 -61.47
CA ILE M 69 -40.30 30.65 -60.56
C ILE M 69 -39.64 29.31 -60.88
N GLY M 70 -39.07 28.66 -59.87
CA GLY M 70 -38.65 27.27 -60.01
C GLY M 70 -37.15 27.02 -60.21
N GLY M 71 -36.71 25.85 -59.81
CA GLY M 71 -35.33 25.44 -59.93
C GLY M 71 -34.70 25.69 -61.31
N PRO M 72 -35.36 25.22 -62.39
CA PRO M 72 -34.78 25.35 -63.74
C PRO M 72 -34.37 26.79 -64.11
N SER M 73 -35.24 27.77 -64.01
CA SER M 73 -34.77 29.09 -64.38
C SER M 73 -33.76 29.63 -63.37
N THR M 74 -33.93 29.23 -62.11
CA THR M 74 -32.97 29.59 -61.07
C THR M 74 -31.58 29.10 -61.45
N SER M 75 -31.52 27.86 -61.89
CA SER M 75 -30.26 27.24 -62.19
C SER M 75 -29.55 27.99 -63.31
N ILE M 76 -30.33 28.49 -64.25
CA ILE M 76 -29.78 29.31 -65.32
C ILE M 76 -29.22 30.63 -64.76
N ALA M 77 -30.03 31.36 -64.00
CA ALA M 77 -29.60 32.65 -63.46
C ALA M 77 -28.31 32.50 -62.65
N VAL M 78 -28.29 31.52 -61.74
CA VAL M 78 -27.14 31.31 -60.86
C VAL M 78 -25.89 30.92 -61.63
N GLU M 79 -26.01 29.95 -62.52
CA GLU M 79 -24.89 29.51 -63.35
C GLU M 79 -24.27 30.69 -64.11
N GLU M 80 -25.10 31.49 -64.76
CA GLU M 80 -24.58 32.55 -65.64
C GLU M 80 -24.02 33.73 -64.82
N LEU M 81 -24.64 34.01 -63.67
CA LEU M 81 -24.11 35.00 -62.74
C LEU M 81 -22.76 34.54 -62.21
N ALA M 82 -22.66 33.25 -61.90
CA ALA M 82 -21.39 32.70 -61.41
C ALA M 82 -20.30 32.88 -62.46
N GLN M 83 -20.65 32.62 -63.72
CA GLN M 83 -19.73 32.81 -64.84
C GLN M 83 -19.26 34.24 -64.91
N LEU M 84 -20.14 35.18 -64.61
CA LEU M 84 -19.81 36.60 -64.62
C LEU M 84 -19.03 37.04 -63.38
N GLY M 85 -18.92 36.15 -62.38
CA GLY M 85 -18.12 36.43 -61.19
C GLY M 85 -18.85 36.55 -59.84
N ILE M 86 -20.18 36.31 -59.84
CA ILE M 86 -20.92 36.30 -58.58
C ILE M 86 -20.53 35.07 -57.78
N ARG M 87 -20.32 35.24 -56.48
CA ARG M 87 -19.85 34.17 -55.59
C ARG M 87 -20.76 34.02 -54.38
N THR M 88 -21.67 34.97 -54.20
CA THR M 88 -22.59 34.99 -53.05
C THR M 88 -23.99 35.30 -53.56
N PHE M 89 -24.94 34.42 -53.24
CA PHE M 89 -26.31 34.54 -53.71
C PHE M 89 -27.23 34.61 -52.52
N LEU M 90 -27.95 35.72 -52.39
CA LEU M 90 -29.00 35.80 -51.36
C LEU M 90 -30.38 35.74 -51.99
N ARG M 91 -31.12 34.68 -51.73
CA ARG M 91 -32.46 34.63 -52.27
C ARG M 91 -33.46 35.29 -51.34
N ILE M 92 -34.37 36.06 -51.94
CA ILE M 92 -35.47 36.67 -51.19
C ILE M 92 -36.81 36.31 -51.86
N GLY M 93 -37.66 35.63 -51.10
CA GLY M 93 -38.89 35.07 -51.62
C GLY M 93 -40.14 35.34 -50.79
N THR M 94 -41.26 34.87 -51.33
CA THR M 94 -42.52 34.75 -50.60
C THR M 94 -42.77 33.28 -50.36
N THR M 95 -43.50 32.98 -49.29
CA THR M 95 -43.66 31.61 -48.85
C THR M 95 -44.99 31.37 -48.12
N GLY M 96 -45.40 30.12 -48.09
CA GLY M 96 -46.52 29.72 -47.25
C GLY M 96 -46.02 28.97 -46.06
N ALA M 97 -46.36 29.44 -44.87
CA ALA M 97 -45.94 28.75 -43.64
C ALA M 97 -46.86 27.56 -43.41
N ILE M 98 -46.32 26.46 -42.90
CA ILE M 98 -47.14 25.28 -42.60
C ILE M 98 -47.23 24.94 -41.12
N GLN M 99 -46.63 25.76 -40.28
CA GLN M 99 -46.71 25.60 -38.84
C GLN M 99 -47.73 26.58 -38.34
N PRO M 100 -48.56 26.18 -37.37
CA PRO M 100 -49.64 27.05 -36.89
C PRO M 100 -49.11 28.31 -36.19
N HIS M 101 -47.89 28.29 -35.68
CA HIS M 101 -47.41 29.46 -34.90
C HIS M 101 -46.72 30.54 -35.76
N ILE M 102 -46.49 30.25 -37.04
CA ILE M 102 -45.83 31.21 -37.90
C ILE M 102 -46.90 32.07 -38.57
N ASN M 103 -46.79 33.40 -38.45
CA ASN M 103 -47.84 34.32 -38.92
C ASN M 103 -47.54 34.99 -40.23
N VAL M 104 -48.59 35.36 -40.93
CA VAL M 104 -48.44 36.16 -42.14
C VAL M 104 -47.65 37.40 -41.73
N GLY M 105 -46.57 37.70 -42.47
CA GLY M 105 -45.72 38.84 -42.20
C GLY M 105 -44.38 38.49 -41.55
N ASP M 106 -44.32 37.27 -40.99
CA ASP M 106 -43.09 36.77 -40.36
C ASP M 106 -42.02 36.57 -41.43
N VAL M 107 -40.77 36.55 -40.98
CA VAL M 107 -39.63 36.33 -41.82
C VAL M 107 -39.04 34.94 -41.53
N LEU M 108 -38.80 34.16 -42.58
CA LEU M 108 -38.23 32.80 -42.41
C LEU M 108 -36.87 32.69 -43.06
N VAL M 109 -35.90 32.24 -42.25
CA VAL M 109 -34.54 32.04 -42.73
C VAL M 109 -34.32 30.53 -42.81
N THR M 110 -33.96 30.05 -43.99
CA THR M 110 -33.81 28.63 -44.25
C THR M 110 -32.40 28.17 -43.94
N THR M 111 -32.26 27.19 -43.06
CA THR M 111 -30.93 26.66 -42.84
C THR M 111 -30.60 25.63 -43.92
N ALA M 112 -31.61 24.85 -44.35
CA ALA M 112 -31.47 23.83 -45.39
C ALA M 112 -32.86 23.44 -45.87
N SER M 113 -32.97 22.84 -47.05
CA SER M 113 -34.26 22.53 -47.65
C SER M 113 -34.56 21.06 -47.91
N VAL M 114 -35.82 20.68 -47.74
CA VAL M 114 -36.25 19.38 -48.22
C VAL M 114 -36.29 19.46 -49.77
N ARG M 115 -35.53 18.59 -50.42
CA ARG M 115 -35.40 18.67 -51.87
C ARG M 115 -36.56 18.04 -52.64
N LEU M 116 -37.66 18.79 -52.82
CA LEU M 116 -38.77 18.29 -53.61
C LEU M 116 -38.76 18.84 -55.04
N ASP M 117 -37.55 19.03 -55.56
CA ASP M 117 -37.36 19.64 -56.86
C ASP M 117 -36.61 18.65 -57.76
N GLY M 118 -36.45 18.98 -59.03
CA GLY M 118 -35.69 18.16 -59.92
C GLY M 118 -34.30 18.69 -60.19
N ALA M 119 -34.14 20.01 -60.14
CA ALA M 119 -32.90 20.59 -60.64
C ALA M 119 -31.76 20.25 -59.69
N SER M 120 -32.05 20.14 -58.41
CA SER M 120 -30.95 19.94 -57.48
C SER M 120 -30.20 18.65 -57.81
N LEU M 121 -30.93 17.61 -58.22
CA LEU M 121 -30.35 16.33 -58.64
C LEU M 121 -29.31 16.47 -59.77
N HIS M 122 -29.38 17.56 -60.52
CA HIS M 122 -28.50 17.76 -61.65
C HIS M 122 -27.14 18.29 -61.18
N PHE M 123 -27.04 18.57 -59.88
CA PHE M 123 -25.80 19.08 -59.31
C PHE M 123 -25.19 18.11 -58.28
N ALA M 124 -26.07 17.49 -57.51
CA ALA M 124 -25.65 16.51 -56.50
C ALA M 124 -26.78 15.49 -56.29
N PRO M 125 -26.42 14.26 -55.97
CA PRO M 125 -27.44 13.24 -55.72
C PRO M 125 -28.27 13.60 -54.48
N LEU M 126 -29.40 12.93 -54.32
CA LEU M 126 -30.39 13.32 -53.31
C LEU M 126 -29.86 13.32 -51.88
N GLU M 127 -28.94 12.42 -51.57
CA GLU M 127 -28.35 12.32 -50.23
C GLU M 127 -27.54 13.55 -49.80
N PHE M 128 -27.22 14.43 -50.74
CA PHE M 128 -26.44 15.62 -50.44
C PHE M 128 -27.40 16.69 -49.87
N PRO M 129 -27.04 17.31 -48.76
CA PRO M 129 -27.92 18.27 -48.10
C PRO M 129 -28.07 19.58 -48.88
N ALA M 130 -29.30 20.02 -49.07
CA ALA M 130 -29.57 21.35 -49.63
C ALA M 130 -29.37 22.38 -48.53
N VAL M 131 -28.13 22.58 -48.13
CA VAL M 131 -27.79 23.39 -46.96
C VAL M 131 -27.30 24.79 -47.34
N ALA M 132 -27.79 25.78 -46.61
CA ALA M 132 -27.35 27.15 -46.79
C ALA M 132 -25.94 27.39 -46.23
N ASP M 133 -25.24 28.38 -46.78
CA ASP M 133 -23.93 28.81 -46.29
C ASP M 133 -24.08 29.39 -44.90
N PHE M 134 -23.17 29.02 -44.01
CA PHE M 134 -23.22 29.47 -42.62
C PHE M 134 -23.05 30.98 -42.45
N GLU M 135 -22.10 31.59 -43.15
CA GLU M 135 -21.96 33.04 -43.11
C GLU M 135 -23.23 33.75 -43.61
N CYS M 136 -23.81 33.29 -44.72
CA CYS M 136 -25.05 33.86 -45.24
C CYS M 136 -26.24 33.72 -44.25
N THR M 137 -26.42 32.52 -43.73
CA THR M 137 -27.46 32.33 -42.73
C THR M 137 -27.22 33.22 -41.51
N THR M 138 -25.97 33.34 -41.09
CA THR M 138 -25.67 34.22 -39.97
C THR M 138 -26.09 35.65 -40.29
N ALA M 139 -25.59 36.17 -41.40
CA ALA M 139 -25.90 37.50 -41.83
C ALA M 139 -27.43 37.71 -41.81
N LEU M 140 -28.19 36.79 -42.40
CA LEU M 140 -29.65 36.94 -42.48
C LEU M 140 -30.29 36.97 -41.07
N VAL M 141 -29.89 36.03 -40.21
CA VAL M 141 -30.40 35.97 -38.85
C VAL M 141 -30.07 37.25 -38.10
N GLU M 142 -28.82 37.63 -38.16
CA GLU M 142 -28.35 38.84 -37.49
C GLU M 142 -29.05 40.09 -38.05
N ALA M 143 -29.23 40.16 -39.37
CA ALA M 143 -29.93 41.27 -39.99
C ALA M 143 -31.35 41.40 -39.46
N ALA M 144 -32.05 40.27 -39.44
CA ALA M 144 -33.42 40.21 -38.93
C ALA M 144 -33.52 40.67 -37.50
N LYS M 145 -32.53 40.29 -36.68
CA LYS M 145 -32.47 40.68 -35.26
C LYS M 145 -32.40 42.20 -35.11
N SER M 146 -31.57 42.83 -35.92
CA SER M 146 -31.32 44.26 -35.85
C SER M 146 -32.47 45.13 -36.34
N ILE M 147 -33.30 44.66 -37.28
CA ILE M 147 -34.49 45.43 -37.65
C ILE M 147 -35.73 45.01 -36.84
N GLY M 148 -35.53 44.03 -35.95
CA GLY M 148 -36.56 43.58 -35.03
C GLY M 148 -37.77 42.87 -35.63
N ALA M 149 -37.65 42.33 -36.84
CA ALA M 149 -38.72 41.52 -37.44
C ALA M 149 -38.83 40.21 -36.67
N THR M 150 -40.06 39.69 -36.51
CA THR M 150 -40.20 38.38 -35.89
C THR M 150 -39.81 37.28 -36.91
N THR M 151 -38.88 36.42 -36.49
CA THR M 151 -38.12 35.54 -37.36
C THR M 151 -38.09 34.09 -36.88
N HIS M 152 -38.29 33.18 -37.83
CA HIS M 152 -38.09 31.77 -37.56
C HIS M 152 -37.00 31.24 -38.44
N VAL M 153 -36.16 30.39 -37.84
CA VAL M 153 -35.00 29.83 -38.50
C VAL M 153 -35.17 28.30 -38.54
N GLY M 154 -35.04 27.69 -39.71
CA GLY M 154 -35.17 26.25 -39.78
C GLY M 154 -35.23 25.73 -41.20
N VAL M 155 -35.82 24.54 -41.33
CA VAL M 155 -35.92 23.80 -42.59
C VAL M 155 -37.15 24.24 -43.44
N THR M 156 -36.95 24.28 -44.77
CA THR M 156 -37.98 24.65 -45.72
C THR M 156 -38.22 23.51 -46.75
N ALA M 157 -39.48 23.23 -47.06
CA ALA M 157 -39.76 22.23 -48.12
C ALA M 157 -39.83 22.99 -49.42
N SER M 158 -39.00 22.58 -50.38
CA SER M 158 -38.82 23.32 -51.63
C SER M 158 -39.34 22.47 -52.80
N SER M 159 -40.45 22.92 -53.36
CA SER M 159 -41.23 22.11 -54.27
C SER M 159 -41.22 22.56 -55.73
N ASP M 160 -41.04 21.63 -56.67
CA ASP M 160 -41.10 21.99 -58.08
C ASP M 160 -42.49 22.42 -58.55
N THR M 161 -43.54 22.27 -57.71
CA THR M 161 -44.87 22.75 -58.07
C THR M 161 -45.50 23.57 -56.95
N PHE M 162 -46.44 24.42 -57.34
CA PHE M 162 -47.10 25.29 -56.38
C PHE M 162 -48.32 24.53 -55.87
N TYR M 163 -48.89 23.72 -56.75
CA TYR M 163 -50.11 22.98 -56.42
C TYR M 163 -49.90 21.59 -55.74
N PRO M 164 -49.77 20.49 -56.48
CA PRO M 164 -49.72 19.19 -55.82
C PRO M 164 -48.53 19.01 -54.87
N GLY M 165 -47.35 19.51 -55.22
CA GLY M 165 -46.18 19.29 -54.38
C GLY M 165 -46.28 20.01 -53.05
N GLN M 166 -47.22 20.95 -52.96
CA GLN M 166 -47.46 21.64 -51.70
C GLN M 166 -48.80 21.18 -51.17
N GLU M 167 -49.28 20.03 -51.66
CA GLU M 167 -50.56 19.46 -51.29
C GLU M 167 -51.74 20.42 -51.28
N ARG M 168 -51.85 21.20 -52.34
CA ARG M 168 -53.05 21.97 -52.57
C ARG M 168 -54.13 21.09 -53.24
N TYR M 169 -55.38 21.23 -52.80
CA TYR M 169 -56.49 20.51 -53.39
C TYR M 169 -57.44 21.37 -54.22
N ASP M 170 -57.48 22.70 -54.04
CA ASP M 170 -58.34 23.56 -54.88
C ASP M 170 -57.72 23.69 -56.26
N THR M 171 -57.87 22.67 -57.08
CA THR M 171 -57.20 22.72 -58.34
C THR M 171 -58.17 22.21 -59.36
N TYR M 172 -57.76 22.20 -60.61
CA TYR M 172 -58.62 21.78 -61.69
C TYR M 172 -59.10 20.37 -61.41
N SER M 173 -58.19 19.52 -60.98
CA SER M 173 -58.45 18.08 -60.81
C SER M 173 -58.90 17.73 -59.40
N GLY M 174 -58.42 18.51 -58.42
CA GLY M 174 -58.73 18.28 -57.04
C GLY M 174 -58.05 17.06 -56.45
N ARG M 175 -57.17 16.37 -57.18
CA ARG M 175 -56.46 15.26 -56.59
C ARG M 175 -54.98 15.63 -56.36
N VAL M 176 -54.31 14.83 -55.54
CA VAL M 176 -52.87 14.92 -55.38
C VAL M 176 -52.32 13.51 -55.55
N VAL M 177 -51.29 13.39 -56.36
CA VAL M 177 -50.62 12.10 -56.61
C VAL M 177 -50.26 11.37 -55.31
N ARG M 178 -50.36 10.05 -55.36
CA ARG M 178 -50.11 9.22 -54.17
C ARG M 178 -48.93 9.73 -53.33
N HIS M 179 -47.79 9.93 -53.99
CA HIS M 179 -46.55 10.32 -53.34
C HIS M 179 -46.68 11.52 -52.39
N PHE M 180 -47.51 12.50 -52.76
CA PHE M 180 -47.66 13.71 -51.97
C PHE M 180 -48.94 13.76 -51.10
N LYS M 181 -49.78 12.73 -51.20
CA LYS M 181 -50.96 12.66 -50.35
C LYS M 181 -50.51 12.52 -48.93
N GLY M 182 -50.91 13.47 -48.08
CA GLY M 182 -50.56 13.46 -46.68
C GLY M 182 -49.18 13.99 -46.38
N SER M 183 -48.50 14.54 -47.39
CA SER M 183 -47.13 14.99 -47.25
C SER M 183 -47.00 16.24 -46.40
N MET M 184 -47.97 17.16 -46.47
CA MET M 184 -47.82 18.40 -45.74
C MET M 184 -47.78 18.11 -44.26
N GLU M 185 -48.62 17.18 -43.82
CA GLU M 185 -48.67 16.81 -42.44
C GLU M 185 -47.37 16.14 -41.97
N GLU M 186 -46.73 15.36 -42.85
CA GLU M 186 -45.44 14.73 -42.51
C GLU M 186 -44.37 15.81 -42.28
N TRP M 187 -44.28 16.76 -43.22
CA TRP M 187 -43.36 17.87 -43.04
C TRP M 187 -43.64 18.69 -41.76
N GLN M 188 -44.89 18.96 -41.43
CA GLN M 188 -45.12 19.71 -40.20
C GLN M 188 -44.65 18.96 -38.98
N ALA M 189 -44.95 17.66 -38.92
CA ALA M 189 -44.51 16.85 -37.81
C ALA M 189 -42.98 16.88 -37.68
N MET M 190 -42.30 17.04 -38.82
CA MET M 190 -40.84 17.09 -38.85
C MET M 190 -40.27 18.48 -38.58
N GLY M 191 -41.12 19.43 -38.27
CA GLY M 191 -40.71 20.78 -37.94
C GLY M 191 -40.44 21.69 -39.12
N VAL M 192 -40.69 21.23 -40.34
CA VAL M 192 -40.48 22.05 -41.54
C VAL M 192 -41.37 23.27 -41.42
N MET M 193 -40.80 24.46 -41.65
CA MET M 193 -41.54 25.73 -41.48
C MET M 193 -42.51 26.08 -42.59
N ASN M 194 -42.13 25.79 -43.85
CA ASN M 194 -42.78 26.40 -44.98
C ASN M 194 -42.51 25.74 -46.31
N TYR M 195 -43.28 26.12 -47.32
CA TYR M 195 -43.07 25.68 -48.70
C TYR M 195 -42.63 26.90 -49.49
N GLU M 196 -41.69 26.69 -50.39
CA GLU M 196 -41.44 27.61 -51.50
C GLU M 196 -40.88 26.81 -52.68
N MET M 197 -40.36 27.47 -53.72
CA MET M 197 -40.08 26.70 -54.92
C MET M 197 -38.67 26.73 -55.49
N GLU M 198 -37.74 27.47 -54.87
CA GLU M 198 -36.42 27.64 -55.47
C GLU M 198 -35.21 27.26 -54.59
N SER M 199 -35.40 27.25 -53.25
CA SER M 199 -34.27 27.09 -52.33
C SER M 199 -33.51 25.75 -52.49
N ALA M 200 -34.21 24.65 -52.73
CA ALA M 200 -33.57 23.35 -52.96
C ALA M 200 -32.57 23.42 -54.08
N THR M 201 -32.97 24.01 -55.20
CA THR M 201 -32.05 24.12 -56.32
C THR M 201 -30.90 25.08 -55.96
N LEU M 202 -31.25 26.26 -55.49
CA LEU M 202 -30.26 27.28 -55.21
C LEU M 202 -29.26 26.74 -54.22
N LEU M 203 -29.74 26.25 -53.09
CA LEU M 203 -28.79 25.81 -52.04
C LEU M 203 -27.91 24.64 -52.48
N THR M 204 -28.51 23.67 -53.17
CA THR M 204 -27.73 22.53 -53.63
C THR M 204 -26.69 22.95 -54.67
N MET M 205 -27.11 23.72 -55.68
CA MET M 205 -26.15 24.06 -56.71
C MET M 205 -24.99 24.89 -56.16
N CYS M 206 -25.28 25.76 -55.19
CA CYS M 206 -24.24 26.55 -54.55
C CYS M 206 -23.36 25.75 -53.61
N ALA M 207 -23.97 25.03 -52.66
CA ALA M 207 -23.21 24.25 -51.69
C ALA M 207 -22.25 23.26 -52.37
N SER M 208 -22.63 22.75 -53.53
CA SER M 208 -21.81 21.77 -54.22
C SER M 208 -20.81 22.34 -55.21
N GLN M 209 -20.76 23.66 -55.35
CA GLN M 209 -19.79 24.31 -56.26
C GLN M 209 -18.96 25.44 -55.59
N GLY M 210 -18.90 25.47 -54.28
CA GLY M 210 -18.14 26.51 -53.60
C GLY M 210 -18.70 27.91 -53.69
N LEU M 211 -19.99 28.03 -53.97
CA LEU M 211 -20.64 29.33 -53.95
C LEU M 211 -21.43 29.43 -52.65
N ARG M 212 -21.45 30.64 -52.09
CA ARG M 212 -22.18 30.90 -50.86
C ARG M 212 -23.60 31.28 -51.19
N ALA M 213 -24.56 30.64 -50.53
CA ALA M 213 -25.98 30.99 -50.72
C ALA M 213 -26.74 31.11 -49.39
N GLY M 214 -27.71 32.02 -49.33
CA GLY M 214 -28.55 32.17 -48.17
C GLY M 214 -29.95 32.40 -48.64
N MET M 215 -30.92 32.21 -47.76
CA MET M 215 -32.33 32.12 -48.17
C MET M 215 -33.24 32.70 -47.09
N VAL M 216 -34.03 33.70 -47.48
CA VAL M 216 -34.96 34.36 -46.58
C VAL M 216 -36.27 34.62 -47.35
N ALA M 217 -37.41 34.50 -46.67
CA ALA M 217 -38.71 34.69 -47.33
C ALA M 217 -39.72 35.28 -46.36
N GLY M 218 -40.62 36.14 -46.87
CA GLY M 218 -41.70 36.69 -46.08
C GLY M 218 -42.90 35.77 -46.20
N VAL M 219 -43.61 35.55 -45.10
CA VAL M 219 -44.77 34.66 -45.11
C VAL M 219 -46.01 35.37 -45.63
N ILE M 220 -46.59 34.87 -46.73
CA ILE M 220 -47.78 35.50 -47.28
C ILE M 220 -49.07 34.73 -47.06
N VAL M 221 -48.94 33.50 -46.57
CA VAL M 221 -50.09 32.67 -46.24
C VAL M 221 -49.73 31.62 -45.19
N ASN M 222 -50.68 31.28 -44.33
CA ASN M 222 -50.51 30.16 -43.46
C ASN M 222 -51.40 28.98 -43.88
N ARG M 223 -50.74 27.90 -44.24
CA ARG M 223 -51.40 26.77 -44.84
C ARG M 223 -52.29 26.00 -43.88
N THR M 224 -52.15 26.23 -42.58
CA THR M 224 -53.07 25.57 -41.64
C THR M 224 -54.44 26.27 -41.66
N GLN M 225 -54.57 27.37 -42.41
CA GLN M 225 -55.81 28.15 -42.49
C GLN M 225 -56.44 28.18 -43.88
N GLN M 226 -55.60 28.12 -44.92
CA GLN M 226 -55.96 28.55 -46.26
C GLN M 226 -55.00 27.94 -47.24
N GLU M 227 -55.44 27.77 -48.49
CA GLU M 227 -54.52 27.41 -49.55
C GLU M 227 -54.00 28.65 -50.31
N ILE M 228 -54.87 29.62 -50.56
CA ILE M 228 -54.55 30.74 -51.45
C ILE M 228 -54.35 32.01 -50.62
N PRO M 229 -53.23 32.69 -50.83
CA PRO M 229 -52.95 33.98 -50.16
C PRO M 229 -53.97 35.09 -50.44
N ASN M 230 -54.20 35.97 -49.45
CA ASN M 230 -55.32 36.92 -49.46
C ASN M 230 -55.25 38.01 -50.55
N SER M 239 -41.50 42.59 -47.54
CA SER M 239 -41.11 43.99 -47.37
C SER M 239 -40.30 44.17 -46.10
N HIS M 240 -40.63 43.42 -45.06
CA HIS M 240 -39.72 43.25 -43.93
C HIS M 240 -38.53 42.41 -44.38
N ALA M 241 -38.82 41.36 -45.15
CA ALA M 241 -37.81 40.46 -45.68
C ALA M 241 -36.87 41.16 -46.67
N VAL M 242 -37.39 42.08 -47.49
CA VAL M 242 -36.57 42.82 -48.43
C VAL M 242 -35.55 43.64 -47.66
N LYS M 243 -36.02 44.34 -46.62
CA LYS M 243 -35.15 45.13 -45.77
C LYS M 243 -34.03 44.26 -45.19
N ILE M 244 -34.40 43.04 -44.78
CA ILE M 244 -33.45 42.09 -44.18
C ILE M 244 -32.41 41.58 -45.17
N VAL M 245 -32.82 41.25 -46.40
CA VAL M 245 -31.89 40.71 -47.35
C VAL M 245 -30.85 41.75 -47.71
N VAL M 246 -31.28 43.00 -47.83
CA VAL M 246 -30.38 44.07 -48.21
C VAL M 246 -29.38 44.26 -47.09
N GLU M 247 -29.87 44.25 -45.86
CA GLU M 247 -29.02 44.46 -44.70
C GLU M 247 -28.03 43.31 -44.55
N ALA M 248 -28.46 42.10 -44.90
CA ALA M 248 -27.58 40.94 -44.86
C ALA M 248 -26.49 41.04 -45.93
N ALA M 249 -26.85 41.49 -47.13
CA ALA M 249 -25.89 41.70 -48.19
C ALA M 249 -24.78 42.63 -47.70
N ARG M 250 -25.19 43.66 -46.97
CA ARG M 250 -24.29 44.66 -46.38
C ARG M 250 -23.22 44.00 -45.49
N ARG M 251 -23.64 43.06 -44.68
CA ARG M 251 -22.71 42.35 -43.81
C ARG M 251 -21.81 41.35 -44.57
N LEU M 252 -22.22 40.96 -45.78
CA LEU M 252 -21.50 39.92 -46.51
C LEU M 252 -20.52 40.48 -47.52
N LEU M 253 -20.45 41.79 -47.61
CA LEU M 253 -19.65 42.44 -48.65
C LEU M 253 -18.14 42.38 -48.42
N SER N 4 -59.22 39.18 -60.34
CA SER N 4 -58.60 37.98 -61.00
C SER N 4 -59.03 36.65 -60.39
N ASP N 5 -59.25 35.64 -61.24
CA ASP N 5 -59.71 34.32 -60.78
C ASP N 5 -58.61 33.32 -60.40
N VAL N 6 -57.38 33.57 -60.84
CA VAL N 6 -56.27 32.63 -60.62
C VAL N 6 -55.13 33.38 -59.93
N PHE N 7 -54.33 32.67 -59.14
CA PHE N 7 -53.39 33.34 -58.25
C PHE N 7 -52.19 33.98 -58.94
N HIS N 8 -51.74 33.44 -60.07
CA HIS N 8 -50.52 33.93 -60.72
C HIS N 8 -50.72 34.67 -62.03
N LEU N 9 -51.62 34.18 -62.90
CA LEU N 9 -51.73 34.71 -64.25
C LEU N 9 -52.48 36.04 -64.38
N GLY N 10 -53.24 36.41 -63.36
CA GLY N 10 -54.07 37.62 -63.39
C GLY N 10 -55.07 37.66 -64.52
N LEU N 11 -55.80 36.57 -64.67
CA LEU N 11 -56.84 36.43 -65.68
C LEU N 11 -58.16 36.03 -65.00
N THR N 12 -59.28 36.28 -65.69
CA THR N 12 -60.58 35.75 -65.27
C THR N 12 -61.16 34.83 -66.35
N LYS N 13 -62.08 33.95 -65.96
CA LYS N 13 -62.78 33.10 -66.93
C LYS N 13 -63.24 33.95 -68.12
N ASN N 14 -63.70 35.15 -67.78
CA ASN N 14 -64.27 36.04 -68.75
C ASN N 14 -63.29 36.60 -69.77
N ASP N 15 -62.06 36.85 -69.35
CA ASP N 15 -61.02 37.31 -70.25
C ASP N 15 -60.83 36.33 -71.43
N LEU N 16 -61.04 35.04 -71.17
CA LEU N 16 -60.76 33.97 -72.14
C LEU N 16 -61.84 33.91 -73.21
N GLN N 17 -63.01 34.43 -72.88
CA GLN N 17 -64.14 34.48 -73.81
C GLN N 17 -64.52 33.15 -74.46
N GLY N 18 -64.49 32.09 -73.64
CA GLY N 18 -64.85 30.75 -74.07
C GLY N 18 -63.71 29.97 -74.69
N ALA N 19 -62.52 30.57 -74.82
CA ALA N 19 -61.34 29.87 -75.28
C ALA N 19 -61.11 28.56 -74.52
N THR N 20 -60.79 27.52 -75.26
CA THR N 20 -60.46 26.24 -74.67
C THR N 20 -59.13 25.70 -75.17
N LEU N 21 -58.42 26.45 -76.02
CA LEU N 21 -57.08 26.06 -76.50
C LEU N 21 -56.05 27.16 -76.24
N ALA N 22 -54.86 26.77 -75.78
CA ALA N 22 -53.77 27.74 -75.58
C ALA N 22 -52.49 27.30 -76.26
N ILE N 23 -51.87 28.22 -76.98
CA ILE N 23 -50.51 28.02 -77.45
C ILE N 23 -49.62 28.52 -76.33
N VAL N 24 -48.71 27.69 -75.85
CA VAL N 24 -47.91 28.07 -74.68
C VAL N 24 -46.42 28.11 -75.01
N PRO N 25 -45.91 29.26 -75.46
CA PRO N 25 -44.47 29.43 -75.67
C PRO N 25 -43.79 29.60 -74.32
N GLY N 26 -42.47 29.56 -74.29
CA GLY N 26 -41.76 29.70 -73.03
C GLY N 26 -41.41 31.13 -72.69
N ASP N 27 -41.06 31.91 -73.69
CA ASP N 27 -40.57 33.29 -73.51
C ASP N 27 -41.70 34.29 -73.59
N PRO N 28 -41.91 35.09 -72.54
CA PRO N 28 -42.94 36.13 -72.53
C PRO N 28 -42.89 37.05 -73.76
N ASP N 29 -41.70 37.44 -74.20
CA ASP N 29 -41.56 38.36 -75.32
C ASP N 29 -41.99 37.78 -76.67
N ARG N 30 -42.19 36.47 -76.73
CA ARG N 30 -42.60 35.88 -77.99
C ARG N 30 -44.11 35.69 -78.04
N VAL N 31 -44.81 35.98 -76.94
CA VAL N 31 -46.28 35.83 -76.89
C VAL N 31 -47.00 36.73 -77.93
N GLU N 32 -46.73 38.03 -77.86
CA GLU N 32 -47.31 38.99 -78.80
C GLU N 32 -47.05 38.61 -80.24
N LYS N 33 -45.82 38.19 -80.53
CA LYS N 33 -45.43 37.79 -81.89
C LYS N 33 -46.33 36.67 -82.43
N ILE N 34 -46.60 35.69 -81.57
CA ILE N 34 -47.43 34.55 -81.95
C ILE N 34 -48.85 35.02 -82.15
N ALA N 35 -49.37 35.75 -81.17
CA ALA N 35 -50.72 36.29 -81.23
C ALA N 35 -50.96 37.08 -82.52
N ALA N 36 -49.94 37.82 -82.95
CA ALA N 36 -50.06 38.68 -84.11
C ALA N 36 -50.25 37.92 -85.42
N LEU N 37 -49.97 36.62 -85.43
CA LEU N 37 -50.23 35.80 -86.61
C LEU N 37 -51.71 35.42 -86.74
N MET N 38 -52.51 35.75 -85.74
CA MET N 38 -53.94 35.41 -85.75
C MET N 38 -54.76 36.69 -85.82
N ASP N 39 -56.09 36.59 -85.67
CA ASP N 39 -56.95 37.77 -85.79
C ASP N 39 -57.24 38.40 -84.45
N LYS N 40 -57.46 39.72 -84.47
CA LYS N 40 -57.83 40.54 -83.31
C LYS N 40 -57.00 40.26 -82.05
N PRO N 41 -55.67 40.31 -82.17
CA PRO N 41 -54.80 40.05 -81.02
C PRO N 41 -54.95 41.14 -79.98
N VAL N 42 -54.95 40.73 -78.72
CA VAL N 42 -55.25 41.60 -77.60
C VAL N 42 -54.46 41.12 -76.36
N LYS N 43 -53.71 42.03 -75.74
CA LYS N 43 -52.97 41.69 -74.52
C LYS N 43 -53.94 41.60 -73.37
N LEU N 44 -53.89 40.52 -72.63
CA LEU N 44 -54.76 40.37 -71.48
C LEU N 44 -54.04 40.74 -70.16
N ALA N 45 -52.82 40.27 -69.99
CA ALA N 45 -52.14 40.39 -68.70
C ALA N 45 -50.67 40.06 -68.84
N SER N 46 -49.92 40.58 -67.87
CA SER N 46 -48.50 40.28 -67.76
C SER N 46 -48.07 40.32 -66.30
N HIS N 47 -47.72 39.15 -65.76
CA HIS N 47 -47.25 39.02 -64.37
C HIS N 47 -46.16 37.99 -64.30
N ARG N 48 -45.08 38.35 -63.60
CA ARG N 48 -43.88 37.50 -63.57
C ARG N 48 -43.55 37.05 -64.99
N GLU N 49 -43.30 35.77 -65.19
CA GLU N 49 -42.99 35.27 -66.54
C GLU N 49 -44.21 34.96 -67.37
N PHE N 50 -45.40 35.26 -66.84
CA PHE N 50 -46.65 34.87 -67.50
C PHE N 50 -47.30 36.04 -68.23
N THR N 51 -47.11 36.05 -69.56
CA THR N 51 -47.74 37.03 -70.41
C THR N 51 -48.82 36.34 -71.24
N THR N 52 -50.01 36.93 -71.25
CA THR N 52 -51.16 36.33 -71.93
C THR N 52 -51.80 37.27 -72.97
N TRP N 53 -51.92 36.78 -74.19
CA TRP N 53 -52.69 37.46 -75.21
C TRP N 53 -53.82 36.53 -75.63
N ARG N 54 -54.91 37.13 -76.08
CA ARG N 54 -56.01 36.42 -76.70
C ARG N 54 -56.04 36.85 -78.16
N ALA N 55 -56.35 35.91 -79.04
CA ALA N 55 -56.58 36.23 -80.44
C ALA N 55 -57.70 35.34 -80.95
N GLU N 56 -58.02 35.50 -82.22
CA GLU N 56 -59.08 34.75 -82.83
C GLU N 56 -58.53 33.96 -84.01
N LEU N 57 -58.96 32.70 -84.12
CA LEU N 57 -58.52 31.80 -85.19
C LEU N 57 -59.74 31.12 -85.79
N ASP N 58 -59.95 31.36 -87.10
CA ASP N 58 -61.21 30.97 -87.78
C ASP N 58 -62.41 31.33 -86.95
N GLY N 59 -62.43 32.54 -86.42
CA GLY N 59 -63.55 33.00 -85.62
C GLY N 59 -63.66 32.48 -84.18
N LYS N 60 -62.68 31.70 -83.72
CA LYS N 60 -62.74 31.16 -82.37
C LYS N 60 -61.65 31.79 -81.50
N PRO N 61 -61.96 32.12 -80.23
CA PRO N 61 -60.98 32.68 -79.31
C PRO N 61 -59.91 31.64 -78.99
N VAL N 62 -58.66 32.11 -78.96
CA VAL N 62 -57.49 31.27 -78.67
C VAL N 62 -56.58 32.08 -77.70
N ILE N 63 -55.92 31.39 -76.77
CA ILE N 63 -55.04 32.03 -75.81
C ILE N 63 -53.58 31.75 -76.18
N VAL N 64 -52.73 32.77 -76.10
CA VAL N 64 -51.31 32.56 -76.12
C VAL N 64 -50.77 33.00 -74.75
N CYS N 65 -50.13 32.09 -74.04
CA CYS N 65 -49.66 32.32 -72.67
C CYS N 65 -48.27 31.74 -72.46
N SER N 66 -47.34 32.54 -71.90
CA SER N 66 -45.96 32.05 -71.72
C SER N 66 -45.80 31.29 -70.42
N THR N 67 -44.91 30.30 -70.44
CA THR N 67 -44.72 29.44 -69.29
C THR N 67 -43.53 29.84 -68.44
N GLY N 68 -42.63 30.59 -69.03
CA GLY N 68 -41.33 30.80 -68.40
C GLY N 68 -40.49 29.56 -68.76
N ILE N 69 -39.27 29.49 -68.21
CA ILE N 69 -38.41 28.35 -68.37
C ILE N 69 -38.70 27.37 -67.25
N GLY N 70 -38.94 26.11 -67.58
CA GLY N 70 -38.94 25.04 -66.60
C GLY N 70 -40.28 24.46 -66.20
N GLY N 71 -40.26 23.18 -65.82
CA GLY N 71 -41.44 22.52 -65.28
C GLY N 71 -42.26 23.33 -64.31
N PRO N 72 -41.66 23.86 -63.24
CA PRO N 72 -42.40 24.58 -62.18
C PRO N 72 -43.27 25.73 -62.67
N SER N 73 -42.72 26.69 -63.42
CA SER N 73 -43.59 27.75 -63.92
C SER N 73 -44.60 27.24 -64.94
N THR N 74 -44.21 26.22 -65.71
CA THR N 74 -45.10 25.63 -66.69
C THR N 74 -46.25 25.06 -65.94
N SER N 75 -45.97 24.39 -64.83
CA SER N 75 -47.04 23.72 -64.07
C SER N 75 -48.04 24.73 -63.55
N ILE N 76 -47.57 25.91 -63.19
CA ILE N 76 -48.48 26.99 -62.76
C ILE N 76 -49.37 27.52 -63.92
N ALA N 77 -48.74 27.83 -65.05
CA ALA N 77 -49.49 28.31 -66.19
C ALA N 77 -50.57 27.29 -66.60
N VAL N 78 -50.20 26.02 -66.69
CA VAL N 78 -51.12 25.04 -67.22
C VAL N 78 -52.27 24.81 -66.24
N GLU N 79 -51.96 24.75 -64.94
CA GLU N 79 -52.98 24.51 -63.92
C GLU N 79 -53.99 25.64 -63.94
N GLU N 80 -53.50 26.88 -63.97
CA GLU N 80 -54.38 28.03 -63.87
C GLU N 80 -55.15 28.27 -65.18
N LEU N 81 -54.53 28.01 -66.31
CA LEU N 81 -55.28 28.03 -67.57
C LEU N 81 -56.37 26.95 -67.58
N ALA N 82 -56.05 25.76 -67.04
CA ALA N 82 -57.06 24.70 -66.99
C ALA N 82 -58.26 25.13 -66.12
N GLN N 83 -57.99 25.77 -64.99
CA GLN N 83 -59.04 26.29 -64.13
C GLN N 83 -59.92 27.29 -64.89
N LEU N 84 -59.32 28.02 -65.83
CA LEU N 84 -60.03 29.03 -66.59
C LEU N 84 -60.75 28.43 -67.79
N GLY N 85 -60.54 27.15 -68.10
CA GLY N 85 -61.30 26.48 -69.14
C GLY N 85 -60.50 25.93 -70.30
N ILE N 86 -59.17 26.16 -70.34
CA ILE N 86 -58.34 25.59 -71.39
C ILE N 86 -58.28 24.04 -71.25
N ARG N 87 -58.39 23.37 -72.37
CA ARG N 87 -58.42 21.92 -72.39
C ARG N 87 -57.40 21.35 -73.39
N THR N 88 -56.78 22.22 -74.19
CA THR N 88 -55.78 21.80 -75.16
C THR N 88 -54.60 22.76 -75.10
N PHE N 89 -53.41 22.20 -74.92
CA PHE N 89 -52.20 22.98 -74.79
C PHE N 89 -51.19 22.61 -75.85
N LEU N 90 -50.74 23.60 -76.63
CA LEU N 90 -49.73 23.36 -77.66
C LEU N 90 -48.52 24.14 -77.31
N ARG N 91 -47.47 23.45 -76.92
CA ARG N 91 -46.25 24.13 -76.58
C ARG N 91 -45.39 24.37 -77.81
N ILE N 92 -44.86 25.58 -77.89
CA ILE N 92 -43.90 25.88 -78.93
C ILE N 92 -42.60 26.37 -78.30
N GLY N 93 -41.50 25.67 -78.61
CA GLY N 93 -40.23 25.96 -77.98
C GLY N 93 -39.04 26.03 -78.91
N THR N 94 -37.89 26.34 -78.33
CA THR N 94 -36.57 26.22 -78.99
C THR N 94 -35.85 25.03 -78.37
N THR N 95 -34.97 24.41 -79.14
CA THR N 95 -34.40 23.14 -78.73
C THR N 95 -32.99 22.91 -79.31
N GLY N 96 -32.21 22.09 -78.62
CA GLY N 96 -30.91 21.69 -79.13
C GLY N 96 -31.06 20.25 -79.59
N ALA N 97 -30.71 19.99 -80.85
CA ALA N 97 -30.77 18.62 -81.40
C ALA N 97 -29.56 17.88 -80.88
N ILE N 98 -29.65 16.57 -80.72
CA ILE N 98 -28.48 15.80 -80.32
C ILE N 98 -28.19 14.68 -81.28
N GLN N 99 -28.97 14.62 -82.36
CA GLN N 99 -28.68 13.70 -83.45
C GLN N 99 -27.90 14.42 -84.53
N PRO N 100 -26.90 13.79 -85.15
CA PRO N 100 -26.08 14.49 -86.15
C PRO N 100 -26.88 14.85 -87.40
N HIS N 101 -27.99 14.18 -87.66
CA HIS N 101 -28.71 14.43 -88.91
C HIS N 101 -29.79 15.54 -88.84
N ILE N 102 -30.05 16.04 -87.62
CA ILE N 102 -31.03 17.07 -87.42
C ILE N 102 -30.36 18.45 -87.51
N ASN N 103 -30.88 19.32 -88.36
CA ASN N 103 -30.23 20.58 -88.62
C ASN N 103 -30.84 21.74 -87.89
N VAL N 104 -30.03 22.75 -87.58
CA VAL N 104 -30.54 24.05 -87.14
C VAL N 104 -31.61 24.50 -88.14
N GLY N 105 -32.78 24.86 -87.62
CA GLY N 105 -33.90 25.31 -88.43
C GLY N 105 -34.97 24.22 -88.60
N ASP N 106 -34.61 22.96 -88.34
CA ASP N 106 -35.54 21.85 -88.43
C ASP N 106 -36.61 21.95 -87.35
N VAL N 107 -37.75 21.31 -87.60
CA VAL N 107 -38.86 21.36 -86.67
C VAL N 107 -38.99 19.98 -86.04
N LEU N 108 -39.14 19.94 -84.71
CA LEU N 108 -39.20 18.68 -84.00
C LEU N 108 -40.51 18.52 -83.26
N VAL N 109 -41.27 17.46 -83.58
CA VAL N 109 -42.51 17.14 -82.89
C VAL N 109 -42.24 15.98 -81.93
N THR N 110 -42.60 16.21 -80.67
CA THR N 110 -42.34 15.28 -79.56
C THR N 110 -43.51 14.35 -79.38
N THR N 111 -43.26 13.04 -79.45
CA THR N 111 -44.34 12.08 -79.24
C THR N 111 -44.43 11.83 -77.74
N ALA N 112 -43.27 11.80 -77.08
CA ALA N 112 -43.18 11.59 -75.63
C ALA N 112 -41.80 12.04 -75.14
N SER N 113 -41.65 12.29 -73.85
CA SER N 113 -40.39 12.83 -73.35
C SER N 113 -39.71 11.96 -72.29
N VAL N 114 -38.40 11.97 -72.30
CA VAL N 114 -37.63 11.38 -71.22
C VAL N 114 -37.75 12.35 -70.06
N ARG N 115 -38.22 11.88 -68.91
CA ARG N 115 -38.60 12.77 -67.81
C ARG N 115 -37.35 13.04 -66.95
N LEU N 116 -36.54 14.02 -67.34
CA LEU N 116 -35.44 14.45 -66.51
C LEU N 116 -35.79 15.67 -65.65
N ASP N 117 -37.05 15.79 -65.23
CA ASP N 117 -37.57 16.96 -64.56
C ASP N 117 -38.10 16.57 -63.17
N GLY N 118 -38.46 17.56 -62.37
CA GLY N 118 -38.98 17.26 -61.06
C GLY N 118 -40.48 17.38 -61.00
N ALA N 119 -41.04 18.32 -61.74
CA ALA N 119 -42.45 18.64 -61.61
C ALA N 119 -43.34 17.50 -62.08
N SER N 120 -42.90 16.73 -63.09
CA SER N 120 -43.79 15.66 -63.59
C SER N 120 -44.10 14.63 -62.54
N LEU N 121 -43.12 14.36 -61.67
CA LEU N 121 -43.34 13.48 -60.50
C LEU N 121 -44.45 13.95 -59.54
N HIS N 122 -44.83 15.23 -59.62
CA HIS N 122 -45.85 15.78 -58.76
C HIS N 122 -47.24 15.47 -59.31
N PHE N 123 -47.28 14.90 -60.52
CA PHE N 123 -48.56 14.59 -61.15
C PHE N 123 -48.81 13.10 -61.33
N ALA N 124 -47.72 12.39 -61.63
CA ALA N 124 -47.71 10.95 -61.81
C ALA N 124 -46.30 10.41 -61.53
N PRO N 125 -46.21 9.16 -61.06
CA PRO N 125 -44.93 8.55 -60.69
C PRO N 125 -44.10 8.34 -61.94
N LEU N 126 -42.81 8.06 -61.81
CA LEU N 126 -41.91 8.09 -62.94
C LEU N 126 -42.30 7.13 -64.07
N GLU N 127 -42.87 5.98 -63.71
CA GLU N 127 -43.20 4.92 -64.67
C GLU N 127 -44.31 5.32 -65.65
N PHE N 128 -44.95 6.46 -65.41
CA PHE N 128 -46.03 6.94 -66.24
C PHE N 128 -45.38 7.66 -67.40
N PRO N 129 -45.82 7.39 -68.63
CA PRO N 129 -45.20 8.00 -69.81
C PRO N 129 -45.56 9.50 -70.02
N ALA N 130 -44.54 10.31 -70.27
CA ALA N 130 -44.75 11.71 -70.60
C ALA N 130 -45.10 11.78 -72.09
N VAL N 131 -46.30 11.26 -72.41
CA VAL N 131 -46.73 11.07 -73.79
C VAL N 131 -47.64 12.20 -74.20
N ALA N 132 -47.49 12.66 -75.44
CA ALA N 132 -48.31 13.71 -75.99
C ALA N 132 -49.64 13.14 -76.45
N ASP N 133 -50.64 14.01 -76.58
CA ASP N 133 -51.96 13.62 -77.04
C ASP N 133 -51.89 13.30 -78.53
N PHE N 134 -52.64 12.27 -78.94
CA PHE N 134 -52.53 11.76 -80.31
C PHE N 134 -53.09 12.72 -81.35
N GLU N 135 -54.18 13.38 -81.01
CA GLU N 135 -54.74 14.34 -81.94
C GLU N 135 -53.79 15.53 -82.09
N CYS N 136 -53.21 16.00 -80.99
CA CYS N 136 -52.32 17.15 -81.02
C CYS N 136 -51.09 16.81 -81.84
N THR N 137 -50.49 15.65 -81.55
CA THR N 137 -49.33 15.22 -82.32
C THR N 137 -49.67 15.12 -83.81
N THR N 138 -50.81 14.54 -84.13
CA THR N 138 -51.23 14.41 -85.53
C THR N 138 -51.35 15.79 -86.18
N ALA N 139 -52.00 16.73 -85.49
CA ALA N 139 -52.18 18.08 -85.98
C ALA N 139 -50.82 18.71 -86.25
N LEU N 140 -49.90 18.57 -85.31
CA LEU N 140 -48.59 19.16 -85.50
C LEU N 140 -47.85 18.52 -86.69
N VAL N 141 -47.88 17.20 -86.79
CA VAL N 141 -47.21 16.51 -87.90
C VAL N 141 -47.82 16.92 -89.25
N GLU N 142 -49.14 16.86 -89.32
CA GLU N 142 -49.84 17.27 -90.50
C GLU N 142 -49.61 18.76 -90.88
N ALA N 143 -49.61 19.66 -89.89
CA ALA N 143 -49.32 21.08 -90.11
C ALA N 143 -47.95 21.25 -90.75
N ALA N 144 -46.95 20.57 -90.20
CA ALA N 144 -45.58 20.66 -90.68
C ALA N 144 -45.50 20.14 -92.10
N LYS N 145 -46.25 19.08 -92.40
CA LYS N 145 -46.30 18.54 -93.77
C LYS N 145 -46.80 19.57 -94.76
N SER N 146 -47.84 20.30 -94.37
CA SER N 146 -48.51 21.21 -95.28
C SER N 146 -47.74 22.50 -95.52
N ILE N 147 -46.92 22.95 -94.57
CA ILE N 147 -46.06 24.11 -94.85
C ILE N 147 -44.66 23.69 -95.39
N GLY N 148 -44.45 22.37 -95.49
CA GLY N 148 -43.26 21.77 -96.09
C GLY N 148 -41.96 21.92 -95.31
N ALA N 149 -42.05 22.20 -94.01
CA ALA N 149 -40.86 22.31 -93.17
C ALA N 149 -40.26 20.94 -93.00
N THR N 150 -38.94 20.84 -92.99
CA THR N 150 -38.33 19.54 -92.72
C THR N 150 -38.45 19.19 -91.23
N THR N 151 -39.07 18.05 -90.95
CA THR N 151 -39.61 17.68 -89.63
C THR N 151 -39.14 16.31 -89.12
N HIS N 152 -38.78 16.25 -87.85
CA HIS N 152 -38.48 14.94 -87.24
C HIS N 152 -39.45 14.68 -86.11
N VAL N 153 -39.88 13.43 -86.01
CA VAL N 153 -40.92 13.06 -85.06
C VAL N 153 -40.36 11.97 -84.13
N GLY N 154 -40.38 12.20 -82.82
CA GLY N 154 -39.92 11.20 -81.89
C GLY N 154 -39.79 11.68 -80.47
N VAL N 155 -38.83 11.10 -79.75
CA VAL N 155 -38.67 11.29 -78.30
C VAL N 155 -37.72 12.44 -77.96
N THR N 156 -38.05 13.19 -76.92
CA THR N 156 -37.29 14.37 -76.51
C THR N 156 -36.83 14.19 -75.06
N ALA N 157 -35.58 14.54 -74.76
CA ALA N 157 -35.13 14.56 -73.37
C ALA N 157 -35.46 15.91 -72.75
N SER N 158 -36.19 15.89 -71.66
CA SER N 158 -36.72 17.10 -71.07
C SER N 158 -36.09 17.31 -69.69
N SER N 159 -35.22 18.32 -69.61
CA SER N 159 -34.34 18.48 -68.45
C SER N 159 -34.66 19.68 -67.58
N ASP N 160 -34.66 19.49 -66.26
CA ASP N 160 -34.78 20.61 -65.31
C ASP N 160 -33.64 21.64 -65.34
N THR N 161 -32.51 21.32 -65.99
CA THR N 161 -31.45 22.32 -66.17
C THR N 161 -31.03 22.46 -67.62
N PHE N 162 -30.44 23.61 -67.94
CA PHE N 162 -29.98 23.90 -69.27
C PHE N 162 -28.54 23.41 -69.34
N TYR N 163 -27.85 23.45 -68.21
CA TYR N 163 -26.42 23.09 -68.19
C TYR N 163 -26.14 21.62 -67.88
N PRO N 164 -25.96 21.19 -66.62
CA PRO N 164 -25.55 19.81 -66.37
C PRO N 164 -26.52 18.72 -66.89
N GLY N 165 -27.81 18.96 -66.82
CA GLY N 165 -28.77 17.93 -67.24
C GLY N 165 -28.74 17.70 -68.75
N GLN N 166 -28.19 18.64 -69.49
CA GLN N 166 -28.03 18.48 -70.91
C GLN N 166 -26.53 18.28 -71.21
N GLU N 167 -25.78 17.82 -70.21
CA GLU N 167 -24.35 17.58 -70.30
C GLU N 167 -23.54 18.67 -70.98
N ARG N 168 -23.79 19.92 -70.61
CA ARG N 168 -22.90 21.00 -71.03
C ARG N 168 -21.72 21.12 -70.05
N TYR N 169 -20.51 21.29 -70.63
CA TYR N 169 -19.27 21.38 -69.85
C TYR N 169 -18.71 22.82 -69.73
N ASP N 170 -19.07 23.72 -70.65
CA ASP N 170 -18.61 25.13 -70.58
C ASP N 170 -19.35 25.89 -69.51
N THR N 171 -19.04 25.59 -68.27
CA THR N 171 -19.81 26.13 -67.18
C THR N 171 -18.83 26.67 -66.15
N TYR N 172 -19.35 27.31 -65.12
CA TYR N 172 -18.50 27.84 -64.08
C TYR N 172 -17.61 26.75 -63.51
N SER N 173 -18.17 25.56 -63.29
CA SER N 173 -17.45 24.51 -62.62
C SER N 173 -16.79 23.52 -63.57
N GLY N 174 -17.32 23.42 -64.79
CA GLY N 174 -16.83 22.47 -65.77
C GLY N 174 -17.02 21.00 -65.43
N ARG N 175 -17.81 20.70 -64.38
CA ARG N 175 -18.15 19.31 -64.06
C ARG N 175 -19.63 19.01 -64.27
N VAL N 176 -19.92 17.72 -64.41
CA VAL N 176 -21.28 17.27 -64.52
C VAL N 176 -21.38 16.14 -63.50
N VAL N 177 -22.43 16.18 -62.68
CA VAL N 177 -22.69 15.20 -61.65
C VAL N 177 -22.68 13.77 -62.20
N ARG N 178 -22.13 12.83 -61.44
CA ARG N 178 -22.03 11.45 -61.87
C ARG N 178 -23.20 11.02 -62.70
N HIS N 179 -24.41 11.16 -62.15
CA HIS N 179 -25.63 10.68 -62.82
C HIS N 179 -25.79 11.10 -64.30
N PHE N 180 -25.36 12.30 -64.65
CA PHE N 180 -25.51 12.77 -66.03
C PHE N 180 -24.24 12.68 -66.88
N LYS N 181 -23.13 12.27 -66.28
CA LYS N 181 -21.90 12.03 -67.03
C LYS N 181 -22.15 10.95 -68.06
N GLY N 182 -21.96 11.27 -69.32
CA GLY N 182 -22.14 10.29 -70.37
C GLY N 182 -23.57 10.15 -70.78
N SER N 183 -24.45 10.99 -70.23
CA SER N 183 -25.88 10.85 -70.49
C SER N 183 -26.27 11.22 -71.93
N MET N 184 -25.68 12.28 -72.48
CA MET N 184 -26.09 12.70 -73.81
C MET N 184 -25.89 11.58 -74.83
N GLU N 185 -24.79 10.87 -74.71
CA GLU N 185 -24.45 9.77 -75.59
C GLU N 185 -25.43 8.58 -75.43
N GLU N 186 -25.92 8.32 -74.22
CA GLU N 186 -26.93 7.29 -74.02
C GLU N 186 -28.23 7.69 -74.75
N TRP N 187 -28.68 8.93 -74.55
CA TRP N 187 -29.88 9.38 -75.18
C TRP N 187 -29.74 9.30 -76.69
N GLN N 188 -28.60 9.68 -77.24
CA GLN N 188 -28.48 9.56 -78.70
C GLN N 188 -28.59 8.15 -79.18
N ALA N 189 -27.92 7.23 -78.49
CA ALA N 189 -27.96 5.83 -78.85
C ALA N 189 -29.42 5.35 -78.88
N MET N 190 -30.24 5.88 -77.97
CA MET N 190 -31.62 5.48 -77.85
C MET N 190 -32.57 6.21 -78.85
N GLY N 191 -32.02 7.07 -79.71
CA GLY N 191 -32.82 7.71 -80.73
C GLY N 191 -33.46 8.99 -80.31
N VAL N 192 -33.19 9.45 -79.10
CA VAL N 192 -33.73 10.72 -78.61
C VAL N 192 -33.23 11.86 -79.50
N MET N 193 -34.12 12.75 -79.91
CA MET N 193 -33.81 13.76 -80.91
C MET N 193 -33.13 14.99 -80.30
N ASN N 194 -33.54 15.38 -79.08
CA ASN N 194 -33.23 16.73 -78.61
C ASN N 194 -33.40 16.92 -77.11
N TYR N 195 -32.92 18.07 -76.64
CA TYR N 195 -33.09 18.48 -75.28
C TYR N 195 -33.98 19.71 -75.30
N GLU N 196 -34.90 19.78 -74.33
CA GLU N 196 -35.53 21.04 -73.96
C GLU N 196 -35.89 20.97 -72.50
N MET N 197 -36.70 21.90 -72.01
CA MET N 197 -36.89 21.95 -70.55
C MET N 197 -38.31 21.88 -69.98
N GLU N 198 -39.34 21.76 -70.83
CA GLU N 198 -40.71 21.88 -70.34
C GLU N 198 -41.63 20.72 -70.69
N SER N 199 -41.29 19.99 -71.76
CA SER N 199 -42.24 19.00 -72.28
C SER N 199 -42.59 17.91 -71.29
N ALA N 200 -41.62 17.49 -70.47
CA ALA N 200 -41.87 16.42 -69.55
C ALA N 200 -42.98 16.81 -68.60
N THR N 201 -42.87 18.03 -68.08
CA THR N 201 -43.86 18.49 -67.13
C THR N 201 -45.18 18.62 -67.86
N LEU N 202 -45.15 19.29 -69.00
CA LEU N 202 -46.39 19.60 -69.69
C LEU N 202 -47.12 18.34 -70.06
N LEU N 203 -46.40 17.39 -70.62
CA LEU N 203 -47.06 16.24 -71.19
C LEU N 203 -47.57 15.35 -70.09
N THR N 204 -46.79 15.23 -69.01
CA THR N 204 -47.23 14.37 -67.91
C THR N 204 -48.45 14.98 -67.21
N MET N 205 -48.39 16.27 -66.87
CA MET N 205 -49.49 16.87 -66.16
C MET N 205 -50.78 16.85 -67.00
N CYS N 206 -50.61 16.98 -68.32
CA CYS N 206 -51.80 16.88 -69.17
C CYS N 206 -52.31 15.47 -69.39
N ALA N 207 -51.44 14.55 -69.77
CA ALA N 207 -51.84 13.16 -70.01
C ALA N 207 -52.52 12.57 -68.79
N SER N 208 -52.15 13.01 -67.59
CA SER N 208 -52.68 12.41 -66.38
C SER N 208 -53.88 13.15 -65.81
N GLN N 209 -54.39 14.13 -66.52
CA GLN N 209 -55.54 14.91 -66.05
C GLN N 209 -56.60 15.09 -67.14
N GLY N 210 -56.49 14.33 -68.22
CA GLY N 210 -57.43 14.46 -69.32
C GLY N 210 -57.35 15.74 -70.11
N LEU N 211 -56.22 16.42 -70.07
CA LEU N 211 -56.02 17.57 -70.93
C LEU N 211 -55.20 17.13 -72.13
N ARG N 212 -55.51 17.67 -73.29
CA ARG N 212 -54.73 17.37 -74.50
C ARG N 212 -53.54 18.30 -74.62
N ALA N 213 -52.36 17.72 -74.87
CA ALA N 213 -51.12 18.49 -75.07
C ALA N 213 -50.33 18.00 -76.26
N GLY N 214 -49.72 18.92 -76.96
CA GLY N 214 -48.80 18.61 -78.04
C GLY N 214 -47.55 19.45 -77.87
N MET N 215 -46.47 19.07 -78.55
CA MET N 215 -45.21 19.72 -78.34
C MET N 215 -44.42 19.82 -79.65
N VAL N 216 -44.00 21.03 -80.00
CA VAL N 216 -43.20 21.27 -81.20
C VAL N 216 -42.09 22.32 -80.90
N ALA N 217 -40.93 22.17 -81.53
CA ALA N 217 -39.84 23.09 -81.27
C ALA N 217 -38.94 23.26 -82.49
N GLY N 218 -38.40 24.48 -82.65
CA GLY N 218 -37.45 24.79 -83.68
C GLY N 218 -36.06 24.56 -83.15
N VAL N 219 -35.22 23.88 -83.93
CA VAL N 219 -33.84 23.57 -83.54
C VAL N 219 -32.94 24.78 -83.70
N ILE N 220 -32.37 25.23 -82.59
CA ILE N 220 -31.46 26.40 -82.62
C ILE N 220 -29.99 26.09 -82.44
N VAL N 221 -29.66 24.83 -82.14
CA VAL N 221 -28.29 24.37 -82.04
C VAL N 221 -28.22 22.86 -82.19
N ASN N 222 -27.15 22.38 -82.83
CA ASN N 222 -26.89 20.95 -82.82
C ASN N 222 -25.73 20.61 -81.88
N ARG N 223 -26.04 19.79 -80.88
CA ARG N 223 -25.12 19.52 -79.80
C ARG N 223 -23.98 18.59 -80.15
N THR N 224 -24.03 17.96 -81.32
CA THR N 224 -22.88 17.25 -81.84
C THR N 224 -21.84 18.19 -82.39
N GLN N 225 -22.12 19.49 -82.37
CA GLN N 225 -21.22 20.50 -82.94
C GLN N 225 -20.74 21.53 -81.91
N GLN N 226 -21.56 21.82 -80.92
CA GLN N 226 -21.50 23.04 -80.16
C GLN N 226 -22.38 22.92 -78.92
N GLU N 227 -22.04 23.67 -77.88
CA GLU N 227 -22.89 23.74 -76.69
C GLU N 227 -23.81 24.96 -76.76
N ILE N 228 -23.30 26.07 -77.25
CA ILE N 228 -24.04 27.31 -77.20
C ILE N 228 -24.50 27.72 -78.62
N PRO N 229 -25.79 28.02 -78.77
CA PRO N 229 -26.36 28.49 -80.04
C PRO N 229 -25.71 29.77 -80.55
N ASN N 230 -25.72 29.95 -81.86
CA ASN N 230 -24.95 31.00 -82.55
C ASN N 230 -25.45 32.46 -82.39
N SER N 239 -39.68 30.06 -85.84
CA SER N 239 -40.36 30.82 -86.91
C SER N 239 -41.05 29.90 -87.94
N HIS N 240 -40.36 28.84 -88.38
CA HIS N 240 -41.06 27.74 -89.07
C HIS N 240 -42.02 27.03 -88.11
N ALA N 241 -41.53 26.84 -86.88
CA ALA N 241 -42.25 26.18 -85.81
C ALA N 241 -43.47 26.99 -85.35
N VAL N 242 -43.32 28.32 -85.30
CA VAL N 242 -44.42 29.19 -84.90
C VAL N 242 -45.55 29.05 -85.90
N LYS N 243 -45.23 29.13 -87.19
CA LYS N 243 -46.22 28.94 -88.27
C LYS N 243 -46.94 27.58 -88.09
N ILE N 244 -46.16 26.56 -87.71
CA ILE N 244 -46.70 25.23 -87.56
C ILE N 244 -47.62 25.11 -86.37
N VAL N 245 -47.21 25.63 -85.22
CA VAL N 245 -48.07 25.57 -84.05
C VAL N 245 -49.42 26.28 -84.26
N VAL N 246 -49.39 27.41 -84.92
CA VAL N 246 -50.61 28.14 -85.20
C VAL N 246 -51.53 27.34 -86.11
N GLU N 247 -50.95 26.78 -87.18
CA GLU N 247 -51.67 25.94 -88.13
C GLU N 247 -52.23 24.66 -87.47
N ALA N 248 -51.49 24.11 -86.51
CA ALA N 248 -51.97 22.95 -85.76
C ALA N 248 -53.15 23.32 -84.86
N ALA N 249 -53.06 24.49 -84.21
CA ALA N 249 -54.14 25.00 -83.37
C ALA N 249 -55.46 25.08 -84.18
N ARG N 250 -55.35 25.62 -85.39
CA ARG N 250 -56.44 25.70 -86.35
C ARG N 250 -57.14 24.34 -86.55
N ARG N 251 -56.36 23.26 -86.71
CA ARG N 251 -56.91 21.91 -86.90
C ARG N 251 -57.51 21.32 -85.65
N LEU N 252 -57.16 21.89 -84.50
CA LEU N 252 -57.62 21.37 -83.22
C LEU N 252 -58.78 22.14 -82.64
N LEU N 253 -59.29 23.12 -83.35
CA LEU N 253 -60.35 23.97 -82.83
C LEU N 253 -61.70 23.31 -82.81
N SER O 4 -30.38 -23.02 -87.81
CA SER O 4 -31.04 -21.86 -87.14
C SER O 4 -30.10 -20.70 -86.74
N ASP O 5 -30.52 -19.47 -87.08
CA ASP O 5 -29.70 -18.26 -86.87
C ASP O 5 -29.87 -17.59 -85.51
N VAL O 6 -30.95 -17.93 -84.79
CA VAL O 6 -31.24 -17.32 -83.50
C VAL O 6 -31.43 -18.40 -82.44
N PHE O 7 -31.13 -18.06 -81.19
CA PHE O 7 -31.10 -19.09 -80.17
C PHE O 7 -32.46 -19.70 -79.76
N HIS O 8 -33.51 -18.89 -79.73
CA HIS O 8 -34.80 -19.38 -79.21
C HIS O 8 -35.86 -19.69 -80.25
N LEU O 9 -35.96 -18.84 -81.27
CA LEU O 9 -37.08 -18.90 -82.21
C LEU O 9 -36.95 -20.04 -83.21
N GLY O 10 -35.73 -20.58 -83.36
CA GLY O 10 -35.46 -21.61 -84.34
C GLY O 10 -35.83 -21.19 -85.77
N LEU O 11 -35.36 -20.01 -86.18
CA LEU O 11 -35.57 -19.51 -87.53
C LEU O 11 -34.24 -19.14 -88.17
N THR O 12 -34.26 -19.01 -89.50
CA THR O 12 -33.13 -18.47 -90.28
C THR O 12 -33.55 -17.21 -91.06
N LYS O 13 -32.58 -16.36 -91.38
CA LYS O 13 -32.88 -15.12 -92.12
C LYS O 13 -33.66 -15.48 -93.36
N ASN O 14 -33.26 -16.59 -93.98
CA ASN O 14 -33.91 -17.12 -95.15
C ASN O 14 -35.41 -17.39 -95.01
N ASP O 15 -35.82 -17.95 -93.87
CA ASP O 15 -37.21 -18.33 -93.66
C ASP O 15 -38.12 -17.14 -93.84
N LEU O 16 -37.60 -15.95 -93.54
CA LEU O 16 -38.38 -14.72 -93.51
C LEU O 16 -38.64 -14.14 -94.90
N GLN O 17 -37.82 -14.55 -95.86
CA GLN O 17 -37.90 -14.08 -97.26
C GLN O 17 -38.00 -12.57 -97.37
N GLY O 18 -37.23 -11.87 -96.55
CA GLY O 18 -37.12 -10.44 -96.70
C GLY O 18 -38.19 -9.68 -95.97
N ALA O 19 -39.01 -10.39 -95.21
CA ALA O 19 -40.00 -9.77 -94.33
C ALA O 19 -39.36 -8.78 -93.39
N THR O 20 -40.00 -7.64 -93.16
CA THR O 20 -39.47 -6.66 -92.23
C THR O 20 -40.52 -6.20 -91.24
N LEU O 21 -41.72 -6.78 -91.34
CA LEU O 21 -42.83 -6.46 -90.40
C LEU O 21 -43.35 -7.72 -89.74
N ALA O 22 -43.58 -7.67 -88.44
CA ALA O 22 -44.09 -8.83 -87.73
C ALA O 22 -45.27 -8.45 -86.89
N ILE O 23 -46.32 -9.25 -86.97
CA ILE O 23 -47.46 -9.13 -86.06
C ILE O 23 -47.18 -10.06 -84.87
N VAL O 24 -47.21 -9.53 -83.66
CA VAL O 24 -46.81 -10.30 -82.50
C VAL O 24 -47.92 -10.49 -81.44
N PRO O 25 -48.68 -11.57 -81.57
CA PRO O 25 -49.70 -11.88 -80.58
C PRO O 25 -49.01 -12.54 -79.39
N GLY O 26 -49.72 -12.73 -78.30
CA GLY O 26 -49.12 -13.35 -77.14
C GLY O 26 -49.19 -14.86 -77.17
N ASP O 27 -50.32 -15.39 -77.64
CA ASP O 27 -50.62 -16.80 -77.57
C ASP O 27 -50.17 -17.54 -78.81
N PRO O 28 -49.27 -18.51 -78.66
CA PRO O 28 -48.85 -19.31 -79.82
C PRO O 28 -50.03 -19.88 -80.62
N ASP O 29 -51.14 -20.24 -79.95
CA ASP O 29 -52.31 -20.87 -80.60
C ASP O 29 -53.09 -19.91 -81.48
N ARG O 30 -52.83 -18.61 -81.28
CA ARG O 30 -53.52 -17.55 -82.00
C ARG O 30 -52.76 -17.19 -83.28
N VAL O 31 -51.49 -17.62 -83.38
CA VAL O 31 -50.60 -17.26 -84.50
C VAL O 31 -51.14 -17.74 -85.87
N GLU O 32 -51.48 -19.02 -85.94
CA GLU O 32 -52.01 -19.58 -87.17
C GLU O 32 -53.31 -18.91 -87.59
N LYS O 33 -54.19 -18.59 -86.63
CA LYS O 33 -55.48 -17.94 -86.93
C LYS O 33 -55.25 -16.60 -87.62
N ILE O 34 -54.27 -15.83 -87.12
CA ILE O 34 -53.89 -14.55 -87.70
C ILE O 34 -53.29 -14.70 -89.12
N ALA O 35 -52.30 -15.58 -89.24
CA ALA O 35 -51.64 -15.78 -90.50
C ALA O 35 -52.66 -16.15 -91.58
N ALA O 36 -53.66 -16.95 -91.20
CA ALA O 36 -54.66 -17.49 -92.11
C ALA O 36 -55.52 -16.39 -92.76
N LEU O 37 -55.50 -15.19 -92.17
CA LEU O 37 -56.24 -14.06 -92.73
C LEU O 37 -55.46 -13.41 -93.86
N MET O 38 -54.25 -13.87 -94.11
CA MET O 38 -53.40 -13.34 -95.17
C MET O 38 -53.16 -14.44 -96.22
N ASP O 39 -52.36 -14.15 -97.24
CA ASP O 39 -52.11 -15.11 -98.32
C ASP O 39 -50.92 -16.02 -98.05
N LYS O 40 -51.00 -17.24 -98.57
CA LYS O 40 -49.91 -18.21 -98.51
C LYS O 40 -49.29 -18.40 -97.12
N PRO O 41 -50.13 -18.70 -96.12
CA PRO O 41 -49.64 -18.93 -94.75
C PRO O 41 -48.86 -20.24 -94.62
N VAL O 42 -47.69 -20.17 -94.00
CA VAL O 42 -46.82 -21.33 -93.87
C VAL O 42 -46.26 -21.32 -92.46
N LYS O 43 -46.39 -22.44 -91.74
CA LYS O 43 -45.74 -22.56 -90.45
C LYS O 43 -44.20 -22.58 -90.67
N LEU O 44 -43.48 -21.76 -89.92
CA LEU O 44 -42.01 -21.76 -89.98
C LEU O 44 -41.38 -22.56 -88.86
N ALA O 45 -41.82 -22.32 -87.63
CA ALA O 45 -41.24 -22.98 -86.48
C ALA O 45 -42.12 -22.90 -85.25
N SER O 46 -41.77 -23.70 -84.25
CA SER O 46 -42.51 -23.71 -82.99
C SER O 46 -41.59 -24.22 -81.93
N HIS O 47 -41.18 -23.34 -81.03
CA HIS O 47 -40.34 -23.70 -79.91
C HIS O 47 -40.76 -22.92 -78.68
N ARG O 48 -40.91 -23.63 -77.56
CA ARG O 48 -41.39 -23.02 -76.32
C ARG O 48 -42.66 -22.24 -76.65
N GLU O 49 -42.76 -20.98 -76.21
CA GLU O 49 -43.97 -20.19 -76.46
C GLU O 49 -43.89 -19.46 -77.80
N PHE O 50 -42.84 -19.74 -78.56
CA PHE O 50 -42.60 -18.99 -79.79
C PHE O 50 -42.99 -19.78 -81.04
N THR O 51 -44.18 -19.46 -81.57
CA THR O 51 -44.68 -20.06 -82.81
C THR O 51 -44.64 -18.99 -83.90
N THR O 52 -44.05 -19.35 -85.04
CA THR O 52 -43.84 -18.43 -86.13
C THR O 52 -44.46 -18.96 -87.42
N TRP O 53 -45.29 -18.12 -88.03
CA TRP O 53 -45.78 -18.35 -89.37
C TRP O 53 -45.31 -17.20 -90.26
N ARG O 54 -45.16 -17.50 -91.55
CA ARG O 54 -44.93 -16.49 -92.56
C ARG O 54 -46.15 -16.51 -93.45
N ALA O 55 -46.55 -15.33 -93.91
CA ALA O 55 -47.62 -15.18 -94.88
C ALA O 55 -47.28 -14.03 -95.80
N GLU O 56 -48.27 -13.60 -96.56
CA GLU O 56 -48.09 -12.57 -97.57
C GLU O 56 -49.23 -11.59 -97.57
N LEU O 57 -48.88 -10.32 -97.69
CA LEU O 57 -49.82 -9.22 -97.65
C LEU O 57 -49.50 -8.25 -98.77
N ASP O 58 -50.45 -8.06 -99.69
CA ASP O 58 -50.22 -7.35 -100.95
C ASP O 58 -48.90 -7.77 -101.58
N GLY O 59 -48.71 -9.08 -101.66
CA GLY O 59 -47.52 -9.64 -102.27
C GLY O 59 -46.22 -9.46 -101.50
N LYS O 60 -46.28 -9.00 -100.26
CA LYS O 60 -45.08 -8.82 -99.45
C LYS O 60 -45.09 -9.80 -98.29
N PRO O 61 -43.93 -10.40 -97.99
CA PRO O 61 -43.84 -11.36 -96.88
C PRO O 61 -43.96 -10.70 -95.51
N VAL O 62 -44.70 -11.36 -94.64
CA VAL O 62 -45.01 -10.82 -93.34
C VAL O 62 -44.84 -11.95 -92.33
N ILE O 63 -44.33 -11.64 -91.14
CA ILE O 63 -44.17 -12.64 -90.09
C ILE O 63 -45.27 -12.50 -89.06
N VAL O 64 -45.78 -13.63 -88.57
CA VAL O 64 -46.62 -13.64 -87.36
C VAL O 64 -45.91 -14.53 -86.32
N CYS O 65 -45.66 -13.98 -85.14
CA CYS O 65 -44.81 -14.64 -84.15
C CYS O 65 -45.29 -14.40 -82.72
N SER O 66 -45.49 -15.47 -81.95
CA SER O 66 -46.01 -15.30 -80.59
C SER O 66 -44.92 -14.94 -79.59
N THR O 67 -45.26 -14.14 -78.59
CA THR O 67 -44.29 -13.63 -77.61
C THR O 67 -44.34 -14.42 -76.30
N GLY O 68 -45.43 -15.17 -76.11
CA GLY O 68 -45.75 -15.71 -74.80
C GLY O 68 -46.21 -14.57 -73.89
N ILE O 69 -46.48 -14.87 -72.62
CA ILE O 69 -46.90 -13.85 -71.67
C ILE O 69 -45.71 -13.12 -71.04
N GLY O 70 -45.74 -11.80 -71.08
CA GLY O 70 -44.77 -11.03 -70.32
C GLY O 70 -43.60 -10.46 -71.06
N GLY O 71 -43.00 -9.45 -70.45
CA GLY O 71 -41.84 -8.77 -71.02
C GLY O 71 -40.68 -9.68 -71.36
N PRO O 72 -40.23 -10.51 -70.42
CA PRO O 72 -39.03 -11.32 -70.67
C PRO O 72 -39.12 -12.13 -71.99
N SER O 73 -40.19 -12.89 -72.19
CA SER O 73 -40.25 -13.70 -73.42
C SER O 73 -40.54 -12.83 -74.62
N THR O 74 -41.28 -11.74 -74.43
CA THR O 74 -41.46 -10.76 -75.47
C THR O 74 -40.12 -10.23 -75.94
N SER O 75 -39.26 -9.85 -74.98
CA SER O 75 -37.93 -9.31 -75.30
C SER O 75 -37.05 -10.31 -76.13
N ILE O 76 -37.20 -11.60 -75.87
CA ILE O 76 -36.50 -12.61 -76.66
C ILE O 76 -37.02 -12.65 -78.11
N ALA O 77 -38.34 -12.75 -78.26
CA ALA O 77 -38.92 -12.74 -79.59
C ALA O 77 -38.55 -11.50 -80.40
N VAL O 78 -38.71 -10.33 -79.81
CA VAL O 78 -38.40 -9.08 -80.52
C VAL O 78 -36.93 -8.99 -80.91
N GLU O 79 -36.03 -9.25 -79.95
CA GLU O 79 -34.61 -9.21 -80.22
C GLU O 79 -34.22 -10.13 -81.38
N GLU O 80 -34.74 -11.35 -81.32
CA GLU O 80 -34.33 -12.34 -82.29
C GLU O 80 -34.95 -12.09 -83.67
N LEU O 81 -36.20 -11.59 -83.67
CA LEU O 81 -36.83 -11.17 -84.90
C LEU O 81 -36.03 -10.00 -85.52
N ALA O 82 -35.57 -9.07 -84.68
CA ALA O 82 -34.82 -7.91 -85.16
C ALA O 82 -33.53 -8.37 -85.79
N GLN O 83 -32.89 -9.37 -85.16
CA GLN O 83 -31.69 -9.96 -85.75
C GLN O 83 -31.95 -10.50 -87.16
N LEU O 84 -33.15 -11.02 -87.39
CA LEU O 84 -33.48 -11.62 -88.68
C LEU O 84 -34.05 -10.61 -89.70
N GLY O 85 -34.15 -9.36 -89.29
CA GLY O 85 -34.48 -8.30 -90.24
C GLY O 85 -35.80 -7.58 -90.01
N ILE O 86 -36.56 -7.96 -88.98
CA ILE O 86 -37.81 -7.29 -88.72
C ILE O 86 -37.50 -5.92 -88.14
N ARG O 87 -38.22 -4.92 -88.63
CA ARG O 87 -38.04 -3.55 -88.19
C ARG O 87 -39.32 -2.90 -87.69
N THR O 88 -40.46 -3.56 -87.89
CA THR O 88 -41.77 -3.04 -87.44
C THR O 88 -42.52 -4.13 -86.67
N PHE O 89 -43.00 -3.82 -85.49
CA PHE O 89 -43.66 -4.82 -84.67
C PHE O 89 -45.06 -4.34 -84.30
N LEU O 90 -46.07 -5.14 -84.64
CA LEU O 90 -47.42 -4.77 -84.34
C LEU O 90 -47.98 -5.77 -83.38
N ARG O 91 -48.24 -5.31 -82.17
CA ARG O 91 -48.80 -6.19 -81.17
C ARG O 91 -50.32 -6.20 -81.15
N ILE O 92 -50.87 -7.41 -81.13
CA ILE O 92 -52.31 -7.63 -81.07
C ILE O 92 -52.59 -8.45 -79.82
N GLY O 93 -53.45 -7.93 -78.96
CA GLY O 93 -53.73 -8.59 -77.70
C GLY O 93 -55.17 -8.58 -77.23
N THR O 94 -55.39 -9.19 -76.07
CA THR O 94 -56.65 -9.07 -75.34
C THR O 94 -56.34 -8.32 -74.07
N THR O 95 -57.33 -7.62 -73.55
CA THR O 95 -57.08 -6.74 -72.42
C THR O 95 -58.31 -6.52 -71.56
N GLY O 96 -58.08 -6.05 -70.34
CA GLY O 96 -59.17 -5.68 -69.46
C GLY O 96 -59.17 -4.16 -69.22
N ALA O 97 -60.28 -3.51 -69.56
CA ALA O 97 -60.41 -2.08 -69.38
C ALA O 97 -60.66 -1.75 -67.92
N ILE O 98 -60.19 -0.58 -67.52
CA ILE O 98 -60.41 -0.08 -66.16
C ILE O 98 -61.17 1.25 -66.15
N GLN O 99 -61.64 1.69 -67.30
CA GLN O 99 -62.49 2.87 -67.37
C GLN O 99 -63.92 2.40 -67.61
N PRO O 100 -64.88 2.99 -66.93
CA PRO O 100 -66.27 2.54 -67.01
C PRO O 100 -66.94 2.81 -68.36
N HIS O 101 -66.37 3.74 -69.13
CA HIS O 101 -66.95 4.07 -70.45
C HIS O 101 -66.46 3.12 -71.57
N ILE O 102 -65.46 2.29 -71.29
CA ILE O 102 -64.92 1.39 -72.28
C ILE O 102 -65.61 0.03 -72.18
N ASN O 103 -66.23 -0.41 -73.27
CA ASN O 103 -66.97 -1.65 -73.23
C ASN O 103 -66.26 -2.87 -73.80
N VAL O 104 -66.69 -4.05 -73.36
CA VAL O 104 -66.29 -5.31 -73.99
C VAL O 104 -66.69 -5.23 -75.47
N GLY O 105 -65.73 -5.45 -76.36
CA GLY O 105 -65.97 -5.24 -77.78
C GLY O 105 -65.19 -4.08 -78.37
N ASP O 106 -64.89 -3.10 -77.50
CA ASP O 106 -64.20 -1.90 -77.92
C ASP O 106 -62.74 -2.27 -78.24
N VAL O 107 -62.08 -1.41 -79.02
CA VAL O 107 -60.71 -1.64 -79.42
C VAL O 107 -59.81 -0.54 -78.81
N LEU O 108 -58.67 -0.94 -78.25
CA LEU O 108 -57.77 0.03 -77.64
C LEU O 108 -56.46 0.09 -78.39
N VAL O 109 -56.10 1.28 -78.83
CA VAL O 109 -54.80 1.57 -79.38
C VAL O 109 -54.01 2.36 -78.32
N THR O 110 -52.82 1.83 -78.00
CA THR O 110 -51.99 2.36 -76.94
C THR O 110 -50.99 3.36 -77.49
N THR O 111 -51.01 4.60 -77.02
CA THR O 111 -50.00 5.60 -77.42
C THR O 111 -48.69 5.46 -76.64
N ALA O 112 -48.79 5.06 -75.38
CA ALA O 112 -47.64 4.79 -74.53
C ALA O 112 -48.13 4.04 -73.30
N SER O 113 -47.20 3.35 -72.63
CA SER O 113 -47.55 2.53 -71.45
C SER O 113 -46.93 2.99 -70.13
N VAL O 114 -47.68 2.84 -69.06
CA VAL O 114 -47.10 2.89 -67.72
C VAL O 114 -46.20 1.63 -67.55
N ARG O 115 -44.94 1.85 -67.21
CA ARG O 115 -43.99 0.77 -67.16
C ARG O 115 -44.00 0.07 -65.82
N LEU O 116 -44.93 -0.86 -65.63
CA LEU O 116 -44.95 -1.67 -64.41
C LEU O 116 -44.24 -3.02 -64.63
N ASP O 117 -43.23 -3.02 -65.50
CA ASP O 117 -42.56 -4.26 -65.85
C ASP O 117 -41.10 -4.19 -65.43
N GLY O 118 -40.35 -5.27 -65.68
CA GLY O 118 -38.95 -5.30 -65.32
C GLY O 118 -38.08 -5.18 -66.55
N ALA O 119 -38.55 -5.75 -67.66
CA ALA O 119 -37.71 -5.89 -68.83
C ALA O 119 -37.36 -4.54 -69.47
N SER O 120 -38.30 -3.60 -69.48
CA SER O 120 -38.05 -2.30 -70.13
C SER O 120 -36.82 -1.64 -69.52
N LEU O 121 -36.63 -1.85 -68.21
CA LEU O 121 -35.48 -1.25 -67.50
C LEU O 121 -34.13 -1.76 -68.06
N HIS O 122 -34.19 -2.90 -68.76
CA HIS O 122 -33.00 -3.52 -69.32
C HIS O 122 -32.69 -2.88 -70.65
N PHE O 123 -33.59 -2.00 -71.14
CA PHE O 123 -33.33 -1.24 -72.39
C PHE O 123 -33.17 0.27 -72.23
N ALA O 124 -33.92 0.85 -71.32
CA ALA O 124 -33.81 2.27 -71.03
C ALA O 124 -34.21 2.51 -69.56
N PRO O 125 -33.64 3.51 -68.90
CA PRO O 125 -34.00 3.78 -67.50
C PRO O 125 -35.46 4.19 -67.44
N LEU O 126 -36.03 4.23 -66.24
CA LEU O 126 -37.47 4.38 -66.06
C LEU O 126 -38.05 5.69 -66.64
N GLU O 127 -37.22 6.74 -66.68
CA GLU O 127 -37.66 8.06 -67.15
C GLU O 127 -37.97 8.09 -68.64
N PHE O 128 -37.44 7.12 -69.38
CA PHE O 128 -37.67 7.01 -70.82
C PHE O 128 -39.09 6.51 -71.09
N PRO O 129 -39.83 7.17 -71.97
CA PRO O 129 -41.23 6.84 -72.20
C PRO O 129 -41.38 5.55 -73.00
N ALA O 130 -42.21 4.65 -72.49
CA ALA O 130 -42.63 3.47 -73.25
C ALA O 130 -43.63 3.92 -74.31
N VAL O 131 -43.13 4.62 -75.33
CA VAL O 131 -44.01 5.24 -76.33
C VAL O 131 -44.10 4.44 -77.64
N ALA O 132 -45.30 4.35 -78.20
CA ALA O 132 -45.48 3.68 -79.48
C ALA O 132 -44.99 4.54 -80.64
N ASP O 133 -44.65 3.90 -81.75
CA ASP O 133 -44.26 4.63 -82.95
C ASP O 133 -45.43 5.38 -83.55
N PHE O 134 -45.21 6.62 -83.93
CA PHE O 134 -46.30 7.47 -84.43
C PHE O 134 -46.97 6.91 -85.70
N GLU O 135 -46.15 6.35 -86.61
CA GLU O 135 -46.70 5.77 -87.84
C GLU O 135 -47.56 4.54 -87.55
N CYS O 136 -47.06 3.64 -86.69
CA CYS O 136 -47.81 2.45 -86.32
C CYS O 136 -49.14 2.82 -85.65
N THR O 137 -49.07 3.72 -84.66
CA THR O 137 -50.27 4.15 -83.98
C THR O 137 -51.28 4.73 -84.99
N THR O 138 -50.79 5.53 -85.94
CA THR O 138 -51.63 6.12 -86.96
C THR O 138 -52.27 5.01 -87.78
N ALA O 139 -51.48 4.03 -88.16
CA ALA O 139 -51.97 2.96 -89.02
C ALA O 139 -53.03 2.19 -88.28
N LEU O 140 -52.79 1.98 -86.99
CA LEU O 140 -53.74 1.27 -86.15
C LEU O 140 -55.04 2.04 -85.97
N VAL O 141 -54.93 3.35 -85.75
CA VAL O 141 -56.11 4.17 -85.51
C VAL O 141 -56.92 4.25 -86.80
N GLU O 142 -56.23 4.42 -87.91
CA GLU O 142 -56.90 4.49 -89.20
C GLU O 142 -57.56 3.18 -89.60
N ALA O 143 -56.90 2.07 -89.29
CA ALA O 143 -57.41 0.75 -89.64
C ALA O 143 -58.70 0.51 -88.87
N ALA O 144 -58.68 0.88 -87.58
CA ALA O 144 -59.85 0.81 -86.74
C ALA O 144 -61.04 1.65 -87.27
N LYS O 145 -60.77 2.86 -87.72
CA LYS O 145 -61.79 3.75 -88.30
C LYS O 145 -62.39 3.08 -89.54
N SER O 146 -61.53 2.41 -90.33
CA SER O 146 -61.90 1.90 -91.64
C SER O 146 -62.82 0.68 -91.58
N ILE O 147 -62.74 -0.06 -90.47
CA ILE O 147 -63.67 -1.17 -90.25
C ILE O 147 -64.77 -0.79 -89.23
N GLY O 148 -64.73 0.44 -88.71
CA GLY O 148 -65.83 1.00 -87.95
C GLY O 148 -65.97 0.52 -86.52
N ALA O 149 -64.91 0.01 -85.91
CA ALA O 149 -64.93 -0.37 -84.49
C ALA O 149 -64.94 0.86 -83.60
N THR O 150 -65.56 0.74 -82.43
CA THR O 150 -65.49 1.84 -81.47
C THR O 150 -64.15 1.75 -80.76
N THR O 151 -63.39 2.84 -80.83
CA THR O 151 -61.98 2.80 -80.50
C THR O 151 -61.61 3.79 -79.39
N HIS O 152 -60.70 3.37 -78.50
CA HIS O 152 -60.11 4.34 -77.58
C HIS O 152 -58.61 4.39 -77.75
N VAL O 153 -58.05 5.60 -77.74
CA VAL O 153 -56.64 5.84 -77.97
C VAL O 153 -56.08 6.49 -76.72
N GLY O 154 -55.03 5.89 -76.15
CA GLY O 154 -54.49 6.40 -74.90
C GLY O 154 -53.49 5.53 -74.21
N VAL O 155 -53.39 5.71 -72.89
CA VAL O 155 -52.34 5.12 -72.09
C VAL O 155 -52.76 3.79 -71.49
N THR O 156 -51.83 2.83 -71.47
CA THR O 156 -52.08 1.48 -70.96
C THR O 156 -51.10 1.22 -69.83
N ALA O 157 -51.56 0.53 -68.79
CA ALA O 157 -50.68 0.11 -67.69
C ALA O 157 -50.23 -1.31 -67.97
N SER O 158 -48.91 -1.50 -68.08
CA SER O 158 -48.34 -2.76 -68.51
C SER O 158 -47.61 -3.42 -67.32
N SER O 159 -48.16 -4.51 -66.84
CA SER O 159 -47.74 -5.05 -65.56
C SER O 159 -47.02 -6.37 -65.76
N ASP O 160 -45.96 -6.60 -64.99
CA ASP O 160 -45.30 -7.89 -64.96
C ASP O 160 -46.14 -9.03 -64.31
N THR O 161 -47.26 -8.71 -63.63
CA THR O 161 -48.12 -9.77 -63.13
C THR O 161 -49.55 -9.58 -63.58
N PHE O 162 -50.31 -10.67 -63.58
CA PHE O 162 -51.70 -10.63 -63.94
C PHE O 162 -52.49 -10.34 -62.67
N TYR O 163 -51.97 -10.76 -61.52
CA TYR O 163 -52.71 -10.63 -60.29
C TYR O 163 -52.40 -9.41 -59.45
N PRO O 164 -51.34 -9.39 -58.63
CA PRO O 164 -51.13 -8.27 -57.71
C PRO O 164 -50.88 -6.96 -58.44
N GLY O 165 -50.09 -6.98 -59.50
CA GLY O 165 -49.78 -5.79 -60.28
C GLY O 165 -50.97 -5.12 -60.96
N GLN O 166 -52.02 -5.91 -61.18
CA GLN O 166 -53.30 -5.36 -61.63
C GLN O 166 -54.29 -5.32 -60.47
N GLU O 167 -53.77 -5.30 -59.23
CA GLU O 167 -54.57 -5.20 -58.02
C GLU O 167 -55.75 -6.16 -57.94
N ARG O 168 -55.51 -7.42 -58.24
CA ARG O 168 -56.52 -8.45 -58.06
C ARG O 168 -56.35 -9.04 -56.66
N TYR O 169 -57.45 -9.08 -55.89
CA TYR O 169 -57.48 -9.63 -54.52
C TYR O 169 -58.00 -11.05 -54.43
N ASP O 170 -58.62 -11.55 -55.50
CA ASP O 170 -59.22 -12.88 -55.44
C ASP O 170 -58.18 -13.93 -55.83
N THR O 171 -57.28 -14.20 -54.90
CA THR O 171 -56.04 -14.96 -55.14
C THR O 171 -55.78 -15.88 -53.98
N TYR O 172 -54.68 -16.64 -54.08
CA TYR O 172 -54.31 -17.54 -53.00
C TYR O 172 -54.12 -16.81 -51.66
N SER O 173 -53.39 -15.68 -51.69
CA SER O 173 -53.08 -14.92 -50.47
C SER O 173 -54.16 -13.90 -50.14
N GLY O 174 -54.86 -13.41 -51.16
CA GLY O 174 -55.91 -12.42 -50.96
C GLY O 174 -55.38 -11.04 -50.62
N ARG O 175 -54.13 -10.79 -50.93
CA ARG O 175 -53.51 -9.56 -50.51
C ARG O 175 -52.60 -9.01 -51.60
N VAL O 176 -52.36 -7.71 -51.55
CA VAL O 176 -51.59 -7.03 -52.56
C VAL O 176 -50.45 -6.29 -51.89
N VAL O 177 -49.25 -6.41 -52.42
CA VAL O 177 -48.09 -5.71 -51.85
C VAL O 177 -48.37 -4.21 -51.66
N ARG O 178 -47.86 -3.64 -50.56
CA ARG O 178 -48.06 -2.21 -50.24
C ARG O 178 -47.99 -1.30 -51.46
N HIS O 179 -46.92 -1.45 -52.25
CA HIS O 179 -46.70 -0.65 -53.44
C HIS O 179 -47.92 -0.57 -54.41
N PHE O 180 -48.67 -1.66 -54.53
CA PHE O 180 -49.74 -1.74 -55.54
C PHE O 180 -51.16 -1.51 -54.96
N LYS O 181 -51.21 -1.42 -53.63
CA LYS O 181 -52.44 -1.21 -52.93
C LYS O 181 -52.99 0.13 -53.31
N GLY O 182 -54.21 0.16 -53.85
CA GLY O 182 -54.82 1.40 -54.31
C GLY O 182 -54.32 1.89 -55.66
N SER O 183 -53.52 1.07 -56.35
CA SER O 183 -52.92 1.52 -57.57
C SER O 183 -53.92 1.63 -58.71
N MET O 184 -54.89 0.72 -58.76
CA MET O 184 -55.86 0.73 -59.87
C MET O 184 -56.68 2.01 -59.88
N GLU O 185 -57.14 2.41 -58.71
CA GLU O 185 -57.80 3.68 -58.54
C GLU O 185 -56.94 4.88 -59.01
N GLU O 186 -55.63 4.88 -58.73
CA GLU O 186 -54.75 5.94 -59.23
C GLU O 186 -54.68 5.93 -60.75
N TRP O 187 -54.45 4.76 -61.36
CA TRP O 187 -54.34 4.71 -62.81
C TRP O 187 -55.65 5.15 -63.45
N GLN O 188 -56.75 4.80 -62.80
CA GLN O 188 -58.11 5.12 -63.25
C GLN O 188 -58.26 6.64 -63.34
N ALA O 189 -57.83 7.31 -62.29
CA ALA O 189 -57.97 8.77 -62.18
C ALA O 189 -57.09 9.45 -63.20
N MET O 190 -56.01 8.76 -63.59
CA MET O 190 -54.99 9.33 -64.47
C MET O 190 -55.36 9.10 -65.91
N GLY O 191 -56.51 8.45 -66.14
CA GLY O 191 -57.01 8.24 -67.49
C GLY O 191 -56.49 7.00 -68.19
N VAL O 192 -55.75 6.16 -67.47
CA VAL O 192 -55.25 4.89 -68.02
C VAL O 192 -56.40 3.98 -68.47
N MET O 193 -56.30 3.43 -69.67
CA MET O 193 -57.44 2.70 -70.26
C MET O 193 -57.61 1.25 -69.73
N ASN O 194 -56.47 0.56 -69.57
CA ASN O 194 -56.47 -0.86 -69.37
C ASN O 194 -55.18 -1.37 -68.79
N TYR O 195 -55.18 -2.66 -68.47
CA TYR O 195 -53.98 -3.37 -68.05
C TYR O 195 -53.70 -4.41 -69.12
N GLU O 196 -52.43 -4.59 -69.46
CA GLU O 196 -52.00 -5.80 -70.12
C GLU O 196 -50.56 -6.04 -69.66
N MET O 197 -49.83 -6.97 -70.29
CA MET O 197 -48.59 -7.40 -69.69
C MET O 197 -47.34 -7.35 -70.55
N GLU O 198 -47.40 -6.76 -71.73
CA GLU O 198 -46.26 -6.85 -72.64
C GLU O 198 -45.81 -5.52 -73.23
N SER O 199 -46.74 -4.57 -73.34
CA SER O 199 -46.49 -3.37 -74.09
C SER O 199 -45.36 -2.52 -73.55
N ALA O 200 -45.21 -2.44 -72.23
CA ALA O 200 -44.14 -1.62 -71.68
C ALA O 200 -42.79 -2.13 -72.21
N THR O 201 -42.58 -3.44 -72.22
CA THR O 201 -41.33 -3.98 -72.71
C THR O 201 -41.22 -3.74 -74.19
N LEU O 202 -42.27 -4.11 -74.93
CA LEU O 202 -42.24 -3.96 -76.38
C LEU O 202 -41.97 -2.51 -76.78
N LEU O 203 -42.72 -1.58 -76.22
CA LEU O 203 -42.62 -0.22 -76.70
C LEU O 203 -41.28 0.37 -76.33
N THR O 204 -40.80 0.11 -75.13
CA THR O 204 -39.52 0.65 -74.69
C THR O 204 -38.36 0.07 -75.49
N MET O 205 -38.39 -1.23 -75.72
CA MET O 205 -37.25 -1.83 -76.39
C MET O 205 -37.19 -1.38 -77.83
N CYS O 206 -38.35 -1.21 -78.46
CA CYS O 206 -38.36 -0.72 -79.83
C CYS O 206 -38.02 0.76 -79.94
N ALA O 207 -38.61 1.59 -79.09
CA ALA O 207 -38.40 3.04 -79.17
C ALA O 207 -36.95 3.43 -78.88
N SER O 208 -36.24 2.58 -78.17
CA SER O 208 -34.88 2.94 -77.80
C SER O 208 -33.88 2.24 -78.69
N GLN O 209 -34.34 1.59 -79.76
CA GLN O 209 -33.44 0.84 -80.67
C GLN O 209 -33.75 1.06 -82.15
N GLY O 210 -34.55 2.09 -82.43
CA GLY O 210 -34.86 2.45 -83.80
C GLY O 210 -35.83 1.50 -84.47
N LEU O 211 -36.59 0.73 -83.69
CA LEU O 211 -37.59 -0.17 -84.24
C LEU O 211 -38.95 0.46 -84.02
N ARG O 212 -39.83 0.26 -85.00
CA ARG O 212 -41.20 0.79 -84.93
C ARG O 212 -42.10 -0.25 -84.25
N ALA O 213 -42.90 0.20 -83.29
CA ALA O 213 -43.86 -0.69 -82.64
C ALA O 213 -45.20 0.00 -82.45
N GLY O 214 -46.28 -0.79 -82.49
CA GLY O 214 -47.62 -0.32 -82.22
C GLY O 214 -48.36 -1.36 -81.41
N MET O 215 -49.46 -0.97 -80.77
CA MET O 215 -50.19 -1.87 -79.89
C MET O 215 -51.68 -1.72 -80.03
N VAL O 216 -52.38 -2.83 -80.28
CA VAL O 216 -53.82 -2.82 -80.34
C VAL O 216 -54.35 -4.03 -79.59
N ALA O 217 -55.41 -3.82 -78.81
CA ALA O 217 -56.02 -4.94 -78.10
C ALA O 217 -57.54 -4.80 -78.11
N GLY O 218 -58.23 -5.94 -78.03
CA GLY O 218 -59.67 -5.98 -77.87
C GLY O 218 -59.99 -6.15 -76.41
N VAL O 219 -61.02 -5.47 -75.96
CA VAL O 219 -61.45 -5.53 -74.57
C VAL O 219 -62.30 -6.76 -74.35
N ILE O 220 -61.82 -7.66 -73.49
CA ILE O 220 -62.57 -8.88 -73.12
C ILE O 220 -63.29 -8.83 -71.77
N VAL O 221 -62.83 -7.96 -70.87
CA VAL O 221 -63.48 -7.77 -69.59
C VAL O 221 -63.34 -6.34 -69.09
N ASN O 222 -64.28 -5.90 -68.24
CA ASN O 222 -64.21 -4.61 -67.57
C ASN O 222 -64.06 -4.71 -66.07
N ARG O 223 -62.95 -4.20 -65.54
CA ARG O 223 -62.60 -4.32 -64.13
C ARG O 223 -63.50 -3.56 -63.18
N THR O 224 -64.33 -2.66 -63.71
CA THR O 224 -65.22 -1.90 -62.86
C THR O 224 -66.43 -2.76 -62.51
N GLN O 225 -66.42 -4.03 -62.94
CA GLN O 225 -67.46 -4.99 -62.54
C GLN O 225 -66.94 -6.37 -62.06
N GLN O 226 -65.73 -6.73 -62.49
CA GLN O 226 -65.21 -8.09 -62.34
C GLN O 226 -63.68 -8.14 -62.34
N GLU O 227 -63.10 -9.12 -61.63
CA GLU O 227 -61.66 -9.43 -61.75
C GLU O 227 -61.36 -10.45 -62.86
N ILE O 228 -61.96 -11.64 -62.73
CA ILE O 228 -61.84 -12.71 -63.72
C ILE O 228 -62.90 -12.59 -64.85
N PRO O 229 -62.47 -12.55 -66.12
CA PRO O 229 -63.39 -12.72 -67.26
C PRO O 229 -64.18 -14.04 -67.20
N MET O 234 -67.88 -11.80 -78.06
CA MET O 234 -66.58 -11.96 -77.40
C MET O 234 -65.50 -12.54 -78.35
N LYS O 235 -65.83 -13.63 -79.05
CA LYS O 235 -64.93 -14.17 -80.08
C LYS O 235 -64.87 -13.20 -81.28
N GLN O 236 -65.92 -12.40 -81.42
CA GLN O 236 -66.08 -11.43 -82.50
C GLN O 236 -65.31 -10.14 -82.22
N THR O 237 -64.94 -9.94 -80.95
CA THR O 237 -64.18 -8.77 -80.48
C THR O 237 -62.72 -8.84 -80.89
N GLU O 238 -62.10 -10.01 -80.65
CA GLU O 238 -60.73 -10.26 -81.07
C GLU O 238 -60.64 -10.44 -82.58
N SER O 239 -61.72 -10.90 -83.20
CA SER O 239 -61.87 -10.89 -84.66
C SER O 239 -61.80 -9.47 -85.22
N HIS O 240 -62.30 -8.49 -84.45
CA HIS O 240 -62.23 -7.07 -84.82
C HIS O 240 -60.80 -6.60 -84.72
N ALA O 241 -60.20 -6.83 -83.57
CA ALA O 241 -58.84 -6.43 -83.30
C ALA O 241 -57.84 -7.05 -84.26
N VAL O 242 -58.00 -8.34 -84.57
CA VAL O 242 -57.10 -9.04 -85.51
C VAL O 242 -57.26 -8.44 -86.88
N LYS O 243 -58.51 -8.26 -87.31
CA LYS O 243 -58.81 -7.58 -88.57
C LYS O 243 -58.07 -6.24 -88.60
N ILE O 244 -58.16 -5.47 -87.52
CA ILE O 244 -57.52 -4.17 -87.41
C ILE O 244 -55.99 -4.23 -87.52
N VAL O 245 -55.37 -5.20 -86.87
CA VAL O 245 -53.92 -5.25 -86.87
C VAL O 245 -53.41 -5.65 -88.26
N VAL O 246 -54.10 -6.57 -88.92
CA VAL O 246 -53.75 -6.99 -90.26
C VAL O 246 -53.88 -5.81 -91.24
N GLU O 247 -54.94 -5.04 -91.10
CA GLU O 247 -55.19 -3.92 -91.99
C GLU O 247 -54.15 -2.81 -91.74
N ALA O 248 -53.67 -2.68 -90.51
CA ALA O 248 -52.64 -1.69 -90.19
C ALA O 248 -51.33 -2.13 -90.80
N ALA O 249 -51.04 -3.43 -90.70
CA ALA O 249 -49.86 -4.01 -91.30
C ALA O 249 -49.83 -3.65 -92.79
N ARG O 250 -50.99 -3.81 -93.43
CA ARG O 250 -51.14 -3.42 -94.83
C ARG O 250 -50.61 -2.01 -95.10
N ARG O 251 -50.94 -1.07 -94.23
CA ARG O 251 -50.62 0.32 -94.43
C ARG O 251 -49.19 0.63 -94.04
N LEU O 252 -48.50 -0.29 -93.38
CA LEU O 252 -47.12 -0.03 -92.94
C LEU O 252 -46.08 -0.72 -93.82
N LEU O 253 -46.54 -1.33 -94.90
CA LEU O 253 -45.67 -2.18 -95.72
C LEU O 253 -44.79 -1.38 -96.66
N SER P 4 -63.15 -25.53 -65.95
CA SER P 4 -61.80 -25.09 -65.40
C SER P 4 -61.88 -24.10 -64.23
N ASP P 5 -61.07 -24.34 -63.20
CA ASP P 5 -61.11 -23.54 -61.97
C ASP P 5 -60.18 -22.32 -61.97
N VAL P 6 -59.21 -22.31 -62.88
CA VAL P 6 -58.24 -21.20 -62.94
C VAL P 6 -58.27 -20.55 -64.32
N PHE P 7 -57.89 -19.28 -64.40
CA PHE P 7 -58.14 -18.55 -65.62
C PHE P 7 -57.22 -18.94 -66.79
N HIS P 8 -55.99 -19.37 -66.50
CA HIS P 8 -55.00 -19.64 -67.56
C HIS P 8 -54.64 -21.11 -67.80
N LEU P 9 -54.46 -21.89 -66.73
CA LEU P 9 -53.91 -23.24 -66.85
C LEU P 9 -54.89 -24.28 -67.37
N GLY P 10 -56.18 -23.97 -67.30
CA GLY P 10 -57.23 -24.89 -67.70
C GLY P 10 -57.20 -26.17 -66.90
N LEU P 11 -57.12 -26.05 -65.57
CA LEU P 11 -57.14 -27.19 -64.64
C LEU P 11 -58.23 -27.02 -63.58
N THR P 12 -58.65 -28.12 -62.96
CA THR P 12 -59.55 -28.07 -61.80
C THR P 12 -58.85 -28.71 -60.62
N LYS P 13 -59.30 -28.35 -59.40
CA LYS P 13 -58.80 -28.93 -58.16
C LYS P 13 -58.75 -30.43 -58.32
N ASN P 14 -59.78 -30.94 -58.98
CA ASN P 14 -59.95 -32.36 -59.19
C ASN P 14 -58.88 -33.02 -60.07
N ASP P 15 -58.45 -32.32 -61.12
CA ASP P 15 -57.40 -32.83 -62.01
C ASP P 15 -56.13 -33.20 -61.23
N LEU P 16 -55.87 -32.45 -60.16
CA LEU P 16 -54.65 -32.58 -59.38
C LEU P 16 -54.69 -33.80 -58.46
N GLN P 17 -55.89 -34.22 -58.12
CA GLN P 17 -56.10 -35.42 -57.31
C GLN P 17 -55.34 -35.41 -55.96
N GLY P 18 -55.34 -34.25 -55.32
CA GLY P 18 -54.72 -34.09 -54.01
C GLY P 18 -53.25 -33.68 -54.05
N ALA P 19 -52.69 -33.59 -55.25
CA ALA P 19 -51.28 -33.21 -55.43
C ALA P 19 -51.00 -31.91 -54.67
N THR P 20 -49.86 -31.86 -53.98
CA THR P 20 -49.44 -30.62 -53.32
C THR P 20 -48.01 -30.17 -53.72
N LEU P 21 -47.38 -30.93 -54.62
CA LEU P 21 -46.05 -30.58 -55.10
C LEU P 21 -46.07 -30.52 -56.62
N ALA P 22 -45.41 -29.48 -57.16
CA ALA P 22 -45.25 -29.34 -58.60
C ALA P 22 -43.78 -29.16 -59.00
N ILE P 23 -43.33 -29.93 -59.99
CA ILE P 23 -42.09 -29.63 -60.66
C ILE P 23 -42.43 -28.66 -61.79
N VAL P 24 -41.76 -27.50 -61.82
CA VAL P 24 -42.08 -26.45 -62.79
C VAL P 24 -40.92 -26.11 -63.74
N PRO P 25 -40.83 -26.83 -64.86
CA PRO P 25 -39.83 -26.53 -65.87
C PRO P 25 -40.26 -25.28 -66.61
N GLY P 26 -39.39 -24.71 -67.44
CA GLY P 26 -39.75 -23.50 -68.17
C GLY P 26 -40.39 -23.82 -69.52
N ASP P 27 -39.88 -24.86 -70.19
CA ASP P 27 -40.26 -25.20 -71.55
C ASP P 27 -41.42 -26.21 -71.56
N PRO P 28 -42.55 -25.84 -72.18
CA PRO P 28 -43.69 -26.77 -72.28
C PRO P 28 -43.31 -28.14 -72.83
N ASP P 29 -42.42 -28.20 -73.82
CA ASP P 29 -42.05 -29.47 -74.47
C ASP P 29 -41.25 -30.39 -73.57
N ARG P 30 -40.74 -29.88 -72.45
CA ARG P 30 -39.95 -30.73 -71.58
C ARG P 30 -40.80 -31.33 -70.43
N VAL P 31 -42.08 -30.91 -70.37
CA VAL P 31 -43.02 -31.35 -69.33
C VAL P 31 -43.28 -32.84 -69.36
N GLU P 32 -43.69 -33.33 -70.53
CA GLU P 32 -43.91 -34.76 -70.76
C GLU P 32 -42.66 -35.59 -70.42
N LYS P 33 -41.50 -35.12 -70.88
CA LYS P 33 -40.22 -35.78 -70.62
C LYS P 33 -39.97 -36.02 -69.14
N ILE P 34 -40.22 -34.98 -68.31
CA ILE P 34 -40.05 -35.08 -66.87
C ILE P 34 -41.10 -36.03 -66.28
N ALA P 35 -42.37 -35.81 -66.62
CA ALA P 35 -43.45 -36.67 -66.17
C ALA P 35 -43.15 -38.16 -66.42
N ALA P 36 -42.56 -38.46 -67.58
CA ALA P 36 -42.29 -39.83 -67.99
C ALA P 36 -41.28 -40.55 -67.08
N LEU P 37 -40.54 -39.81 -66.27
CA LEU P 37 -39.60 -40.43 -65.33
C LEU P 37 -40.31 -40.92 -64.08
N MET P 38 -41.61 -40.63 -63.96
CA MET P 38 -42.39 -41.02 -62.80
C MET P 38 -43.45 -42.01 -63.24
N ASP P 39 -44.34 -42.41 -62.34
CA ASP P 39 -45.35 -43.42 -62.68
C ASP P 39 -46.67 -42.83 -63.16
N LYS P 40 -47.36 -43.56 -64.03
CA LYS P 40 -48.69 -43.20 -64.53
C LYS P 40 -48.81 -41.76 -65.01
N PRO P 41 -47.89 -41.33 -65.89
CA PRO P 41 -47.91 -39.97 -66.44
C PRO P 41 -49.14 -39.76 -67.31
N VAL P 42 -49.80 -38.63 -67.09
CA VAL P 42 -51.02 -38.31 -67.80
C VAL P 42 -51.03 -36.81 -68.14
N LYS P 43 -51.30 -36.49 -69.40
CA LYS P 43 -51.44 -35.10 -69.83
C LYS P 43 -52.75 -34.56 -69.31
N LEU P 44 -52.72 -33.38 -68.68
CA LEU P 44 -53.91 -32.77 -68.12
C LEU P 44 -54.45 -31.65 -68.98
N ALA P 45 -53.55 -30.79 -69.45
CA ALA P 45 -53.96 -29.59 -70.18
C ALA P 45 -52.79 -28.96 -70.89
N SER P 46 -53.10 -28.14 -71.88
CA SER P 46 -52.11 -27.37 -72.59
C SER P 46 -52.74 -26.07 -73.12
N HIS P 47 -52.32 -24.94 -72.56
CA HIS P 47 -52.82 -23.63 -72.96
C HIS P 47 -51.69 -22.62 -72.90
N ARG P 48 -51.55 -21.84 -73.96
CA ARG P 48 -50.43 -20.90 -74.10
C ARG P 48 -49.11 -21.62 -73.78
N GLU P 49 -48.26 -21.02 -72.96
CA GLU P 49 -47.02 -21.70 -72.56
C GLU P 49 -47.19 -22.66 -71.36
N PHE P 50 -48.43 -22.94 -70.96
CA PHE P 50 -48.64 -23.75 -69.76
C PHE P 50 -49.09 -25.14 -70.11
N THR P 51 -48.16 -26.09 -70.05
CA THR P 51 -48.50 -27.50 -70.28
C THR P 51 -48.41 -28.25 -68.95
N THR P 52 -49.49 -28.94 -68.57
CA THR P 52 -49.56 -29.66 -67.29
C THR P 52 -49.72 -31.17 -67.46
N TRP P 53 -48.81 -31.92 -66.84
CA TRP P 53 -48.98 -33.36 -66.68
C TRP P 53 -49.09 -33.67 -65.20
N ARG P 54 -49.78 -34.77 -64.92
CA ARG P 54 -49.80 -35.37 -63.58
C ARG P 54 -49.14 -36.73 -63.65
N ALA P 55 -48.37 -37.05 -62.62
CA ALA P 55 -47.80 -38.38 -62.48
C ALA P 55 -47.87 -38.81 -61.02
N GLU P 56 -47.24 -39.94 -60.73
CA GLU P 56 -47.26 -40.52 -59.40
C GLU P 56 -45.83 -40.80 -58.98
N LEU P 57 -45.51 -40.47 -57.74
CA LEU P 57 -44.18 -40.65 -57.22
C LEU P 57 -44.31 -41.27 -55.84
N ASP P 58 -43.79 -42.49 -55.68
CA ASP P 58 -43.98 -43.30 -54.48
C ASP P 58 -45.44 -43.30 -54.10
N GLY P 59 -46.31 -43.50 -55.09
CA GLY P 59 -47.74 -43.58 -54.86
C GLY P 59 -48.46 -42.28 -54.56
N LYS P 60 -47.77 -41.14 -54.64
CA LYS P 60 -48.41 -39.83 -54.45
C LYS P 60 -48.48 -39.02 -55.74
N PRO P 61 -49.61 -38.37 -55.98
CA PRO P 61 -49.77 -37.54 -57.17
C PRO P 61 -48.88 -36.29 -57.15
N VAL P 62 -48.27 -36.03 -58.30
CA VAL P 62 -47.31 -34.95 -58.44
C VAL P 62 -47.64 -34.24 -59.75
N ILE P 63 -47.52 -32.91 -59.77
CA ILE P 63 -47.79 -32.15 -60.98
C ILE P 63 -46.48 -31.75 -61.65
N VAL P 64 -46.46 -31.81 -62.98
CA VAL P 64 -45.42 -31.15 -63.76
C VAL P 64 -46.08 -30.09 -64.63
N CYS P 65 -45.68 -28.83 -64.43
CA CYS P 65 -46.31 -27.70 -65.13
C CYS P 65 -45.29 -26.66 -65.65
N SER P 66 -45.36 -26.29 -66.92
CA SER P 66 -44.39 -25.34 -67.47
C SER P 66 -44.74 -23.87 -67.16
N THR P 67 -43.72 -23.04 -67.00
CA THR P 67 -43.94 -21.65 -66.64
C THR P 67 -43.85 -20.76 -67.84
N GLY P 68 -43.24 -21.24 -68.91
CA GLY P 68 -42.84 -20.35 -69.97
C GLY P 68 -41.56 -19.65 -69.51
N ILE P 69 -41.10 -18.67 -70.29
CA ILE P 69 -39.91 -17.91 -69.97
C ILE P 69 -40.30 -16.65 -69.23
N GLY P 70 -39.70 -16.42 -68.06
CA GLY P 70 -39.81 -15.16 -67.36
C GLY P 70 -40.76 -15.09 -66.18
N GLY P 71 -40.48 -14.11 -65.31
CA GLY P 71 -41.29 -13.84 -64.14
C GLY P 71 -42.80 -13.82 -64.36
N PRO P 72 -43.26 -13.02 -65.31
CA PRO P 72 -44.70 -12.85 -65.52
C PRO P 72 -45.46 -14.15 -65.73
N SER P 73 -45.08 -14.96 -66.70
CA SER P 73 -45.84 -16.20 -66.89
C SER P 73 -45.63 -17.16 -65.72
N THR P 74 -44.43 -17.13 -65.12
CA THR P 74 -44.15 -17.93 -63.93
C THR P 74 -45.14 -17.55 -62.85
N SER P 75 -45.36 -16.25 -62.69
CA SER P 75 -46.20 -15.79 -61.60
C SER P 75 -47.62 -16.30 -61.78
N ILE P 76 -48.06 -16.37 -63.03
CA ILE P 76 -49.38 -16.92 -63.35
C ILE P 76 -49.44 -18.39 -62.96
N ALA P 77 -48.44 -19.18 -63.42
CA ALA P 77 -48.47 -20.61 -63.19
C ALA P 77 -48.49 -20.87 -61.71
N VAL P 78 -47.66 -20.14 -60.96
CA VAL P 78 -47.49 -20.43 -59.55
C VAL P 78 -48.75 -20.02 -58.79
N GLU P 79 -49.30 -18.86 -59.12
CA GLU P 79 -50.51 -18.40 -58.44
C GLU P 79 -51.65 -19.40 -58.61
N GLU P 80 -51.82 -19.89 -59.85
CA GLU P 80 -52.98 -20.69 -60.17
C GLU P 80 -52.81 -22.11 -59.65
N LEU P 81 -51.58 -22.60 -59.65
CA LEU P 81 -51.28 -23.89 -59.04
C LEU P 81 -51.51 -23.82 -57.53
N ALA P 82 -51.10 -22.73 -56.91
CA ALA P 82 -51.34 -22.53 -55.49
C ALA P 82 -52.83 -22.53 -55.17
N GLN P 83 -53.64 -21.90 -56.03
CA GLN P 83 -55.09 -21.91 -55.91
C GLN P 83 -55.62 -23.31 -55.95
N LEU P 84 -54.99 -24.16 -56.76
CA LEU P 84 -55.40 -25.53 -56.93
C LEU P 84 -54.96 -26.43 -55.78
N GLY P 85 -54.00 -25.96 -54.97
CA GLY P 85 -53.57 -26.64 -53.77
C GLY P 85 -52.10 -27.06 -53.72
N ILE P 86 -51.32 -26.65 -54.73
CA ILE P 86 -49.87 -26.84 -54.68
C ILE P 86 -49.21 -25.93 -53.63
N ARG P 87 -48.30 -26.50 -52.86
CA ARG P 87 -47.66 -25.81 -51.74
C ARG P 87 -46.16 -25.90 -51.86
N THR P 88 -45.68 -26.74 -52.77
CA THR P 88 -44.25 -26.92 -52.97
C THR P 88 -43.91 -26.88 -54.44
N PHE P 89 -42.99 -25.99 -54.80
CA PHE P 89 -42.62 -25.77 -56.19
C PHE P 89 -41.13 -26.01 -56.41
N LEU P 90 -40.80 -26.95 -57.28
CA LEU P 90 -39.40 -27.16 -57.61
C LEU P 90 -39.16 -26.76 -59.04
N ARG P 91 -38.35 -25.74 -59.23
CA ARG P 91 -38.04 -25.31 -60.57
C ARG P 91 -36.82 -26.01 -61.11
N ILE P 92 -36.95 -26.44 -62.36
CA ILE P 92 -35.81 -27.04 -63.06
C ILE P 92 -35.59 -26.29 -64.36
N GLY P 93 -34.38 -25.74 -64.49
CA GLY P 93 -34.06 -24.96 -65.67
C GLY P 93 -32.73 -25.25 -66.36
N THR P 94 -32.48 -24.46 -67.39
CA THR P 94 -31.16 -24.35 -68.01
C THR P 94 -30.55 -23.00 -67.64
N THR P 95 -29.23 -22.94 -67.64
CA THR P 95 -28.57 -21.75 -67.15
C THR P 95 -27.21 -21.52 -67.78
N GLY P 96 -26.76 -20.26 -67.72
CA GLY P 96 -25.43 -19.92 -68.16
C GLY P 96 -24.62 -19.62 -66.93
N ALA P 97 -23.50 -20.32 -66.80
CA ALA P 97 -22.60 -20.10 -65.67
C ALA P 97 -21.74 -18.89 -65.97
N ILE P 98 -21.40 -18.12 -64.95
CA ILE P 98 -20.53 -16.95 -65.11
C ILE P 98 -19.22 -17.04 -64.32
N GLN P 99 -19.01 -18.17 -63.64
CA GLN P 99 -17.77 -18.41 -62.95
C GLN P 99 -16.93 -19.34 -63.79
N PRO P 100 -15.64 -19.08 -63.89
CA PRO P 100 -14.78 -19.88 -64.78
C PRO P 100 -14.65 -21.35 -64.39
N HIS P 101 -14.92 -21.71 -63.15
CA HIS P 101 -14.74 -23.09 -62.69
C HIS P 101 -15.98 -23.97 -62.82
N ILE P 102 -17.11 -23.38 -63.19
CA ILE P 102 -18.34 -24.15 -63.38
C ILE P 102 -18.43 -24.61 -64.82
N ASN P 103 -18.58 -25.92 -65.05
CA ASN P 103 -18.56 -26.46 -66.40
C ASN P 103 -19.92 -26.77 -67.01
N VAL P 104 -19.97 -26.74 -68.34
CA VAL P 104 -21.16 -27.18 -69.03
C VAL P 104 -21.46 -28.59 -68.55
N GLY P 105 -22.69 -28.82 -68.10
CA GLY P 105 -23.12 -30.11 -67.62
C GLY P 105 -23.25 -30.15 -66.10
N ASP P 106 -22.64 -29.17 -65.44
CA ASP P 106 -22.74 -29.05 -63.97
C ASP P 106 -24.18 -28.72 -63.54
N VAL P 107 -24.46 -29.02 -62.28
CA VAL P 107 -25.77 -28.79 -61.69
C VAL P 107 -25.69 -27.64 -60.67
N LEU P 108 -26.55 -26.64 -60.81
CA LEU P 108 -26.55 -25.53 -59.88
C LEU P 108 -27.81 -25.51 -59.00
N VAL P 109 -27.62 -25.46 -57.70
CA VAL P 109 -28.72 -25.29 -56.76
C VAL P 109 -28.69 -23.85 -56.19
N THR P 110 -29.77 -23.11 -56.37
CA THR P 110 -29.81 -21.71 -55.96
C THR P 110 -30.29 -21.59 -54.53
N THR P 111 -29.51 -20.92 -53.70
CA THR P 111 -29.94 -20.68 -52.34
C THR P 111 -30.80 -19.44 -52.31
N ALA P 112 -30.47 -18.45 -53.14
CA ALA P 112 -31.23 -17.20 -53.24
C ALA P 112 -30.79 -16.50 -54.50
N SER P 113 -31.61 -15.56 -54.99
CA SER P 113 -31.35 -14.93 -56.28
C SER P 113 -31.18 -13.42 -56.25
N VAL P 114 -30.31 -12.90 -57.10
CA VAL P 114 -30.26 -11.48 -57.33
C VAL P 114 -31.51 -11.11 -58.12
N ARG P 115 -32.30 -10.16 -57.63
CA ARG P 115 -33.59 -9.86 -58.24
C ARG P 115 -33.45 -8.87 -59.37
N LEU P 116 -33.20 -9.36 -60.57
CA LEU P 116 -33.09 -8.46 -61.72
C LEU P 116 -34.37 -8.51 -62.56
N ASP P 117 -35.50 -8.70 -61.88
CA ASP P 117 -36.76 -8.95 -62.56
C ASP P 117 -37.73 -7.89 -62.09
N GLY P 118 -38.89 -7.84 -62.77
CA GLY P 118 -39.95 -6.97 -62.34
C GLY P 118 -41.00 -7.62 -61.47
N ALA P 119 -41.30 -8.89 -61.73
CA ALA P 119 -42.47 -9.53 -61.11
C ALA P 119 -42.28 -9.70 -59.61
N SER P 120 -41.07 -10.00 -59.16
CA SER P 120 -40.84 -10.19 -57.72
C SER P 120 -41.32 -8.97 -56.90
N LEU P 121 -41.08 -7.77 -57.44
CA LEU P 121 -41.51 -6.53 -56.79
C LEU P 121 -43.03 -6.43 -56.59
N HIS P 122 -43.80 -7.24 -57.32
CA HIS P 122 -45.25 -7.26 -57.20
C HIS P 122 -45.69 -8.08 -56.00
N PHE P 123 -44.72 -8.75 -55.35
CA PHE P 123 -45.04 -9.58 -54.16
C PHE P 123 -44.39 -9.07 -52.90
N ALA P 124 -43.18 -8.57 -53.06
CA ALA P 124 -42.41 -8.02 -51.94
C ALA P 124 -41.49 -6.91 -52.44
N PRO P 125 -41.23 -5.88 -51.63
CA PRO P 125 -40.29 -4.82 -52.05
C PRO P 125 -38.88 -5.39 -52.21
N LEU P 126 -38.01 -4.65 -52.87
CA LEU P 126 -36.69 -5.15 -53.28
C LEU P 126 -35.79 -5.68 -52.15
N GLU P 127 -35.94 -5.10 -50.95
CA GLU P 127 -35.13 -5.45 -49.79
C GLU P 127 -35.47 -6.83 -49.24
N PHE P 128 -36.54 -7.43 -49.74
CA PHE P 128 -36.92 -8.77 -49.32
C PHE P 128 -36.10 -9.82 -50.07
N PRO P 129 -35.50 -10.77 -49.39
CA PRO P 129 -34.62 -11.73 -50.07
C PRO P 129 -35.36 -12.71 -50.95
N ALA P 130 -34.92 -12.87 -52.21
CA ALA P 130 -35.41 -13.94 -53.07
C ALA P 130 -34.78 -15.26 -52.64
N VAL P 131 -35.17 -15.73 -51.45
CA VAL P 131 -34.57 -16.91 -50.84
C VAL P 131 -35.35 -18.22 -51.04
N ALA P 132 -34.63 -19.29 -51.34
CA ALA P 132 -35.25 -20.60 -51.50
C ALA P 132 -35.61 -21.17 -50.14
N ASP P 133 -36.61 -22.05 -50.14
CA ASP P 133 -36.98 -22.81 -48.95
C ASP P 133 -35.85 -23.77 -48.54
N PHE P 134 -35.61 -23.85 -47.23
CA PHE P 134 -34.49 -24.61 -46.73
C PHE P 134 -34.65 -26.11 -46.96
N GLU P 135 -35.85 -26.63 -46.75
CA GLU P 135 -36.09 -28.05 -46.97
C GLU P 135 -35.92 -28.39 -48.45
N CYS P 136 -36.43 -27.54 -49.33
CA CYS P 136 -36.29 -27.75 -50.76
C CYS P 136 -34.84 -27.72 -51.21
N THR P 137 -34.09 -26.73 -50.72
CA THR P 137 -32.67 -26.62 -51.06
C THR P 137 -31.92 -27.83 -50.52
N THR P 138 -32.19 -28.22 -49.28
CA THR P 138 -31.61 -29.46 -48.75
C THR P 138 -31.90 -30.66 -49.64
N ALA P 139 -33.17 -30.87 -49.96
CA ALA P 139 -33.59 -31.98 -50.80
C ALA P 139 -32.79 -31.98 -52.13
N LEU P 140 -32.70 -30.81 -52.76
CA LEU P 140 -31.98 -30.68 -54.02
C LEU P 140 -30.51 -31.02 -53.87
N VAL P 141 -29.88 -30.46 -52.84
CA VAL P 141 -28.46 -30.71 -52.59
C VAL P 141 -28.22 -32.20 -52.34
N GLU P 142 -29.05 -32.75 -51.48
CA GLU P 142 -28.92 -34.14 -51.09
C GLU P 142 -29.17 -35.04 -52.28
N ALA P 143 -30.17 -34.68 -53.09
CA ALA P 143 -30.48 -35.47 -54.28
C ALA P 143 -29.28 -35.51 -55.21
N ALA P 144 -28.67 -34.35 -55.41
CA ALA P 144 -27.52 -34.24 -56.29
C ALA P 144 -26.33 -35.07 -55.80
N LYS P 145 -26.18 -35.11 -54.47
CA LYS P 145 -25.10 -35.87 -53.83
C LYS P 145 -25.27 -37.35 -54.13
N SER P 146 -26.52 -37.80 -54.12
CA SER P 146 -26.83 -39.21 -54.25
C SER P 146 -26.77 -39.78 -55.66
N ILE P 147 -26.91 -38.93 -56.66
CA ILE P 147 -26.69 -39.37 -58.03
C ILE P 147 -25.29 -39.00 -58.54
N GLY P 148 -24.54 -38.31 -57.67
CA GLY P 148 -23.12 -38.02 -57.89
C GLY P 148 -22.81 -37.00 -58.96
N ALA P 149 -23.78 -36.16 -59.30
CA ALA P 149 -23.55 -35.08 -60.26
C ALA P 149 -22.66 -34.02 -59.59
N THR P 150 -21.76 -33.41 -60.35
CA THR P 150 -20.95 -32.33 -59.79
C THR P 150 -21.80 -31.06 -59.65
N THR P 151 -21.85 -30.56 -58.41
CA THR P 151 -22.85 -29.60 -58.00
C THR P 151 -22.29 -28.36 -57.34
N HIS P 152 -22.79 -27.19 -57.73
CA HIS P 152 -22.46 -25.95 -57.02
C HIS P 152 -23.69 -25.36 -56.39
N VAL P 153 -23.51 -24.82 -55.19
CA VAL P 153 -24.59 -24.29 -54.36
C VAL P 153 -24.30 -22.82 -54.07
N GLY P 154 -25.25 -21.93 -54.36
CA GLY P 154 -25.07 -20.51 -54.09
C GLY P 154 -26.08 -19.59 -54.78
N VAL P 155 -25.64 -18.36 -55.04
CA VAL P 155 -26.51 -17.30 -55.51
C VAL P 155 -26.60 -17.24 -57.05
N THR P 156 -27.80 -16.96 -57.58
CA THR P 156 -28.05 -16.91 -59.01
C THR P 156 -28.57 -15.52 -59.38
N ALA P 157 -28.11 -14.97 -60.49
CA ALA P 157 -28.65 -13.71 -60.96
C ALA P 157 -29.80 -14.03 -61.87
N SER P 158 -30.98 -13.49 -61.53
CA SER P 158 -32.21 -13.82 -62.21
C SER P 158 -32.73 -12.60 -62.95
N SER P 159 -32.70 -12.67 -64.28
CA SER P 159 -32.90 -11.49 -65.16
C SER P 159 -34.17 -11.53 -66.01
N ASP P 160 -34.87 -10.40 -66.06
CA ASP P 160 -36.03 -10.26 -66.96
C ASP P 160 -35.71 -10.31 -68.46
N THR P 161 -34.43 -10.28 -68.82
CA THR P 161 -34.07 -10.46 -70.22
C THR P 161 -32.95 -11.49 -70.40
N PHE P 162 -32.89 -12.07 -71.59
CA PHE P 162 -31.86 -13.02 -71.94
C PHE P 162 -30.65 -12.26 -72.49
N TYR P 163 -30.91 -11.08 -73.06
CA TYR P 163 -29.84 -10.36 -73.75
C TYR P 163 -29.16 -9.26 -72.86
N PRO P 164 -29.66 -8.02 -72.81
CA PRO P 164 -28.96 -6.97 -72.08
C PRO P 164 -28.82 -7.24 -70.58
N GLY P 165 -29.85 -7.80 -69.93
CA GLY P 165 -29.77 -8.05 -68.49
C GLY P 165 -28.71 -9.08 -68.12
N GLN P 166 -28.32 -9.89 -69.09
CA GLN P 166 -27.24 -10.83 -68.88
C GLN P 166 -25.96 -10.35 -69.59
N GLU P 167 -25.92 -9.05 -69.87
CA GLU P 167 -24.82 -8.40 -70.58
C GLU P 167 -24.31 -9.10 -71.83
N ARG P 168 -25.23 -9.53 -72.68
CA ARG P 168 -24.88 -10.06 -74.00
C ARG P 168 -24.73 -8.91 -74.99
N TYR P 169 -23.64 -8.93 -75.77
CA TYR P 169 -23.38 -7.90 -76.77
C TYR P 169 -23.65 -8.31 -78.22
N ASP P 170 -23.75 -9.61 -78.53
CA ASP P 170 -24.11 -10.06 -79.90
C ASP P 170 -25.58 -9.89 -80.16
N THR P 171 -26.00 -8.66 -80.38
CA THR P 171 -27.42 -8.39 -80.43
C THR P 171 -27.66 -7.45 -81.58
N TYR P 172 -28.93 -7.21 -81.89
CA TYR P 172 -29.28 -6.34 -82.99
C TYR P 172 -28.55 -5.03 -82.81
N SER P 173 -28.55 -4.50 -81.59
CA SER P 173 -28.04 -3.13 -81.35
C SER P 173 -26.60 -3.11 -80.87
N GLY P 174 -26.18 -4.20 -80.26
CA GLY P 174 -24.82 -4.27 -79.76
C GLY P 174 -24.56 -3.39 -78.55
N ARG P 175 -25.59 -2.73 -78.02
CA ARG P 175 -25.38 -1.99 -76.79
C ARG P 175 -26.05 -2.63 -75.58
N VAL P 176 -25.60 -2.21 -74.39
CA VAL P 176 -26.23 -2.56 -73.15
C VAL P 176 -26.46 -1.27 -72.40
N VAL P 177 -27.67 -1.11 -71.90
CA VAL P 177 -28.03 0.07 -71.15
C VAL P 177 -27.06 0.33 -70.01
N ARG P 178 -26.80 1.61 -69.73
CA ARG P 178 -25.86 2.00 -68.68
C ARG P 178 -25.90 1.10 -67.44
N HIS P 179 -27.11 0.91 -66.92
CA HIS P 179 -27.29 0.19 -65.67
C HIS P 179 -26.66 -1.21 -65.69
N PHE P 180 -26.60 -1.86 -66.83
CA PHE P 180 -26.10 -3.23 -66.87
C PHE P 180 -24.72 -3.32 -67.46
N LYS P 181 -24.18 -2.20 -67.93
CA LYS P 181 -22.81 -2.16 -68.44
C LYS P 181 -21.84 -2.54 -67.33
N GLY P 182 -21.10 -3.61 -67.52
CA GLY P 182 -20.14 -4.04 -66.51
C GLY P 182 -20.78 -4.84 -65.39
N SER P 183 -22.06 -5.19 -65.54
CA SER P 183 -22.77 -5.88 -64.49
C SER P 183 -22.36 -7.34 -64.30
N MET P 184 -22.04 -8.04 -65.39
CA MET P 184 -21.65 -9.45 -65.27
C MET P 184 -20.40 -9.60 -64.40
N GLU P 185 -19.42 -8.75 -64.65
CA GLU P 185 -18.20 -8.75 -63.86
C GLU P 185 -18.42 -8.44 -62.37
N GLU P 186 -19.37 -7.55 -62.05
CA GLU P 186 -19.72 -7.29 -60.66
C GLU P 186 -20.26 -8.57 -60.02
N TRP P 187 -21.23 -9.19 -60.69
CA TRP P 187 -21.83 -10.38 -60.13
C TRP P 187 -20.78 -11.47 -59.95
N GLN P 188 -19.84 -11.63 -60.89
CA GLN P 188 -18.84 -12.68 -60.67
C GLN P 188 -17.97 -12.41 -59.46
N ALA P 189 -17.52 -11.17 -59.31
CA ALA P 189 -16.77 -10.74 -58.15
C ALA P 189 -17.53 -11.04 -56.87
N MET P 190 -18.87 -11.00 -56.93
CA MET P 190 -19.67 -11.25 -55.75
C MET P 190 -19.99 -12.74 -55.53
N GLY P 191 -19.39 -13.60 -56.35
CA GLY P 191 -19.57 -15.04 -56.22
C GLY P 191 -20.84 -15.61 -56.83
N VAL P 192 -21.65 -14.78 -57.49
CA VAL P 192 -22.83 -15.26 -58.23
C VAL P 192 -22.41 -16.33 -59.25
N MET P 193 -23.17 -17.41 -59.30
CA MET P 193 -22.80 -18.56 -60.12
C MET P 193 -23.25 -18.44 -61.56
N ASN P 194 -24.44 -17.92 -61.77
CA ASN P 194 -25.09 -18.06 -63.06
C ASN P 194 -26.23 -17.07 -63.28
N TYR P 195 -26.69 -17.00 -64.54
CA TYR P 195 -27.85 -16.21 -64.94
C TYR P 195 -28.96 -17.15 -65.31
N GLU P 196 -30.18 -16.85 -64.88
CA GLU P 196 -31.36 -17.44 -65.48
C GLU P 196 -32.50 -16.45 -65.41
N MET P 197 -33.71 -16.88 -65.72
CA MET P 197 -34.73 -15.85 -65.86
C MET P 197 -35.99 -15.94 -64.99
N GLU P 198 -36.10 -16.93 -64.09
CA GLU P 198 -37.38 -17.13 -63.38
C GLU P 198 -37.27 -17.22 -61.85
N SER P 199 -36.08 -17.55 -61.34
CA SER P 199 -35.94 -17.87 -59.93
C SER P 199 -36.32 -16.71 -59.03
N ALA P 200 -35.95 -15.47 -59.43
CA ALA P 200 -36.21 -14.30 -58.62
C ALA P 200 -37.69 -14.21 -58.37
N THR P 201 -38.48 -14.39 -59.42
CA THR P 201 -39.95 -14.31 -59.26
C THR P 201 -40.48 -15.47 -58.42
N LEU P 202 -40.08 -16.68 -58.79
CA LEU P 202 -40.51 -17.87 -58.10
C LEU P 202 -40.17 -17.77 -56.63
N LEU P 203 -38.91 -17.57 -56.30
CA LEU P 203 -38.51 -17.61 -54.91
C LEU P 203 -39.17 -16.50 -54.09
N THR P 204 -39.27 -15.31 -54.67
CA THR P 204 -39.86 -14.20 -53.91
C THR P 204 -41.36 -14.41 -53.66
N MET P 205 -42.09 -14.82 -54.70
CA MET P 205 -43.53 -14.97 -54.54
C MET P 205 -43.86 -16.12 -53.58
N CYS P 206 -43.03 -17.17 -53.60
CA CYS P 206 -43.21 -18.27 -52.64
C CYS P 206 -42.77 -17.91 -51.22
N ALA P 207 -41.55 -17.42 -51.05
CA ALA P 207 -41.07 -17.11 -49.70
C ALA P 207 -41.97 -16.10 -48.98
N SER P 208 -42.67 -15.25 -49.73
CA SER P 208 -43.50 -14.22 -49.11
C SER P 208 -44.95 -14.64 -49.00
N GLN P 209 -45.29 -15.87 -49.38
CA GLN P 209 -46.67 -16.37 -49.25
C GLN P 209 -46.78 -17.73 -48.54
N GLY P 210 -45.70 -18.19 -47.90
CA GLY P 210 -45.76 -19.43 -47.16
C GLY P 210 -45.76 -20.64 -48.05
N LEU P 211 -45.29 -20.49 -49.28
CA LEU P 211 -45.13 -21.62 -50.16
C LEU P 211 -43.67 -22.00 -50.16
N ARG P 212 -43.39 -23.30 -50.25
CA ARG P 212 -42.01 -23.79 -50.34
C ARG P 212 -41.50 -23.83 -51.79
N ALA P 213 -40.34 -23.25 -52.03
CA ALA P 213 -39.77 -23.30 -53.37
C ALA P 213 -38.28 -23.68 -53.37
N GLY P 214 -37.86 -24.39 -54.42
CA GLY P 214 -36.48 -24.77 -54.60
C GLY P 214 -36.13 -24.58 -56.07
N MET P 215 -34.84 -24.48 -56.34
CA MET P 215 -34.40 -24.13 -57.67
C MET P 215 -33.09 -24.86 -58.08
N VAL P 216 -33.15 -25.53 -59.21
CA VAL P 216 -32.00 -26.27 -59.73
C VAL P 216 -31.91 -26.16 -61.24
N ALA P 217 -30.70 -26.05 -61.76
CA ALA P 217 -30.53 -25.88 -63.21
C ALA P 217 -29.27 -26.58 -63.71
N GLY P 218 -29.34 -27.04 -64.95
CA GLY P 218 -28.18 -27.60 -65.62
C GLY P 218 -27.51 -26.50 -66.42
N VAL P 219 -26.18 -26.47 -66.34
CA VAL P 219 -25.41 -25.46 -67.07
C VAL P 219 -25.26 -25.81 -68.56
N ILE P 220 -25.72 -24.91 -69.43
CA ILE P 220 -25.63 -25.18 -70.89
C ILE P 220 -24.61 -24.29 -71.61
N VAL P 221 -24.04 -23.32 -70.91
CA VAL P 221 -23.02 -22.48 -71.48
C VAL P 221 -22.25 -21.85 -70.34
N ASN P 222 -20.95 -21.64 -70.56
CA ASN P 222 -20.15 -20.81 -69.69
C ASN P 222 -19.82 -19.44 -70.30
N ARG P 223 -20.29 -18.39 -69.61
CA ARG P 223 -20.25 -17.04 -70.16
C ARG P 223 -18.86 -16.40 -70.19
N THR P 224 -17.89 -17.03 -69.53
CA THR P 224 -16.50 -16.55 -69.59
C THR P 224 -15.86 -16.98 -70.91
N GLN P 225 -16.60 -17.76 -71.70
CA GLN P 225 -16.11 -18.33 -72.96
C GLN P 225 -16.92 -17.87 -74.18
N GLN P 226 -18.22 -17.65 -73.97
CA GLN P 226 -19.18 -17.63 -75.06
C GLN P 226 -20.43 -16.91 -74.58
N GLU P 227 -21.18 -16.35 -75.52
CA GLU P 227 -22.53 -15.82 -75.22
C GLU P 227 -23.64 -16.83 -75.53
N ILE P 228 -23.50 -17.52 -76.66
CA ILE P 228 -24.53 -18.42 -77.16
C ILE P 228 -24.14 -19.90 -76.94
N PRO P 229 -25.03 -20.66 -76.28
CA PRO P 229 -24.83 -22.11 -76.08
C PRO P 229 -24.66 -22.92 -77.38
N ASN P 230 -23.88 -24.01 -77.32
CA ASN P 230 -23.44 -24.76 -78.53
C ASN P 230 -24.49 -25.50 -79.40
N SER P 239 -30.50 -32.76 -67.97
CA SER P 239 -30.75 -34.20 -67.93
C SER P 239 -30.21 -34.87 -66.65
N HIS P 240 -29.05 -34.40 -66.17
CA HIS P 240 -28.60 -34.71 -64.81
C HIS P 240 -29.54 -33.98 -63.85
N ALA P 241 -29.86 -32.75 -64.19
CA ALA P 241 -30.70 -31.89 -63.37
C ALA P 241 -32.12 -32.42 -63.26
N VAL P 242 -32.63 -32.97 -64.36
CA VAL P 242 -33.99 -33.52 -64.36
C VAL P 242 -34.07 -34.68 -63.38
N LYS P 243 -33.08 -35.56 -63.43
CA LYS P 243 -32.97 -36.69 -62.51
C LYS P 243 -32.95 -36.18 -61.07
N ILE P 244 -32.23 -35.08 -60.83
CA ILE P 244 -32.08 -34.55 -59.48
C ILE P 244 -33.37 -33.96 -58.96
N VAL P 245 -34.05 -33.16 -59.79
CA VAL P 245 -35.30 -32.52 -59.37
C VAL P 245 -36.36 -33.56 -59.01
N VAL P 246 -36.39 -34.66 -59.76
CA VAL P 246 -37.38 -35.71 -59.52
C VAL P 246 -37.06 -36.37 -58.19
N GLU P 247 -35.78 -36.67 -58.01
CA GLU P 247 -35.33 -37.32 -56.80
C GLU P 247 -35.55 -36.39 -55.60
N ALA P 248 -35.38 -35.08 -55.77
CA ALA P 248 -35.67 -34.13 -54.70
C ALA P 248 -37.15 -34.12 -54.33
N ALA P 249 -38.01 -34.14 -55.35
CA ALA P 249 -39.45 -34.19 -55.16
C ALA P 249 -39.81 -35.36 -54.26
N ARG P 250 -39.20 -36.50 -54.57
CA ARG P 250 -39.35 -37.73 -53.80
C ARG P 250 -39.13 -37.52 -52.31
N ARG P 251 -38.08 -36.78 -51.96
CA ARG P 251 -37.74 -36.52 -50.56
C ARG P 251 -38.63 -35.47 -49.93
N LEU P 252 -39.38 -34.72 -50.73
CA LEU P 252 -40.21 -33.65 -50.20
C LEU P 252 -41.67 -34.04 -50.05
N LEU P 253 -42.01 -35.27 -50.42
CA LEU P 253 -43.39 -35.71 -50.47
C LEU P 253 -44.00 -35.94 -49.09
N SER Q 4 -0.44 -3.83 -33.46
CA SER Q 4 -1.76 -4.27 -34.02
C SER Q 4 -1.87 -4.19 -35.56
N ASP Q 5 -2.46 -5.21 -36.18
CA ASP Q 5 -2.55 -5.33 -37.65
C ASP Q 5 -3.80 -4.69 -38.25
N VAL Q 6 -4.82 -4.46 -37.43
CA VAL Q 6 -6.08 -3.90 -37.95
C VAL Q 6 -6.40 -2.60 -37.21
N PHE Q 7 -7.14 -1.71 -37.88
CA PHE Q 7 -7.29 -0.37 -37.32
C PHE Q 7 -8.15 -0.25 -36.07
N HIS Q 8 -9.12 -1.15 -35.88
CA HIS Q 8 -10.10 -1.00 -34.81
C HIS Q 8 -10.02 -2.05 -33.73
N LEU Q 9 -9.87 -3.31 -34.10
CA LEU Q 9 -9.98 -4.43 -33.17
C LEU Q 9 -8.77 -4.63 -32.23
N GLY Q 10 -7.63 -4.03 -32.58
CA GLY Q 10 -6.40 -4.22 -31.84
C GLY Q 10 -5.94 -5.66 -31.74
N LEU Q 11 -5.93 -6.37 -32.86
CA LEU Q 11 -5.49 -7.77 -32.94
C LEU Q 11 -4.42 -7.91 -34.01
N THR Q 12 -3.65 -8.99 -33.91
CA THR Q 12 -2.68 -9.37 -34.96
C THR Q 12 -3.02 -10.75 -35.49
N LYS Q 13 -2.58 -11.03 -36.72
CA LYS Q 13 -2.74 -12.35 -37.33
C LYS Q 13 -2.37 -13.40 -36.31
N ASN Q 14 -1.31 -13.09 -35.57
CA ASN Q 14 -0.74 -13.99 -34.60
C ASN Q 14 -1.62 -14.29 -33.40
N ASP Q 15 -2.35 -13.30 -32.94
CA ASP Q 15 -3.26 -13.46 -31.83
C ASP Q 15 -4.26 -14.56 -32.09
N LEU Q 16 -4.66 -14.71 -33.35
CA LEU Q 16 -5.71 -15.64 -33.76
C LEU Q 16 -5.22 -17.08 -33.76
N GLN Q 17 -3.91 -17.25 -33.97
CA GLN Q 17 -3.27 -18.56 -33.94
C GLN Q 17 -3.84 -19.56 -34.95
N GLY Q 18 -4.13 -19.06 -36.15
CA GLY Q 18 -4.64 -19.87 -37.23
C GLY Q 18 -6.14 -20.06 -37.26
N ALA Q 19 -6.86 -19.48 -36.29
CA ALA Q 19 -8.32 -19.52 -36.27
C ALA Q 19 -8.87 -19.03 -37.61
N THR Q 20 -9.91 -19.70 -38.10
CA THR Q 20 -10.59 -19.25 -39.31
C THR Q 20 -12.10 -19.13 -39.10
N LEU Q 21 -12.57 -19.42 -37.88
CA LEU Q 21 -13.98 -19.25 -37.54
C LEU Q 21 -14.21 -18.29 -36.38
N ALA Q 22 -15.18 -17.38 -36.51
CA ALA Q 22 -15.55 -16.48 -35.40
C ALA Q 22 -17.04 -16.53 -35.05
N ILE Q 23 -17.31 -16.73 -33.77
CA ILE Q 23 -18.65 -16.48 -33.26
C ILE Q 23 -18.74 -14.99 -32.95
N VAL Q 24 -19.73 -14.31 -33.55
CA VAL Q 24 -19.84 -12.87 -33.40
C VAL Q 24 -21.15 -12.43 -32.73
N PRO Q 25 -21.13 -12.32 -31.39
CA PRO Q 25 -22.26 -11.78 -30.66
C PRO Q 25 -22.27 -10.25 -30.81
N GLY Q 26 -23.36 -9.62 -30.39
CA GLY Q 26 -23.47 -8.18 -30.53
C GLY Q 26 -22.88 -7.45 -29.32
N ASP Q 27 -23.06 -8.01 -28.13
CA ASP Q 27 -22.79 -7.32 -26.89
C ASP Q 27 -21.40 -7.72 -26.39
N PRO Q 28 -20.50 -6.74 -26.20
CA PRO Q 28 -19.15 -7.03 -25.68
C PRO Q 28 -19.16 -7.88 -24.38
N ASP Q 29 -20.09 -7.61 -23.48
CA ASP Q 29 -20.15 -8.30 -22.19
C ASP Q 29 -20.59 -9.75 -22.28
N ARG Q 30 -21.08 -10.18 -23.46
CA ARG Q 30 -21.46 -11.58 -23.62
C ARG Q 30 -20.34 -12.41 -24.31
N VAL Q 31 -19.26 -11.74 -24.69
CA VAL Q 31 -18.12 -12.41 -25.35
C VAL Q 31 -17.44 -13.45 -24.47
N GLU Q 32 -17.02 -13.01 -23.29
CA GLU Q 32 -16.39 -13.87 -22.29
C GLU Q 32 -17.25 -15.08 -21.95
N LYS Q 33 -18.55 -14.82 -21.79
CA LYS Q 33 -19.55 -15.85 -21.47
C LYS Q 33 -19.57 -16.98 -22.51
N ILE Q 34 -19.58 -16.60 -23.79
CA ILE Q 34 -19.56 -17.56 -24.89
C ILE Q 34 -18.23 -18.33 -24.93
N ALA Q 35 -17.11 -17.59 -24.90
CA ALA Q 35 -15.78 -18.18 -24.86
C ALA Q 35 -15.64 -19.23 -23.75
N ALA Q 36 -16.16 -18.92 -22.56
CA ALA Q 36 -16.11 -19.81 -21.40
C ALA Q 36 -16.77 -21.18 -21.62
N LEU Q 37 -17.63 -21.30 -22.64
CA LEU Q 37 -18.21 -22.61 -22.97
C LEU Q 37 -17.27 -23.50 -23.79
N MET Q 38 -16.11 -22.97 -24.16
CA MET Q 38 -15.12 -23.72 -24.93
C MET Q 38 -13.86 -23.88 -24.09
N ASP Q 39 -12.80 -24.44 -24.67
CA ASP Q 39 -11.57 -24.73 -23.88
C ASP Q 39 -10.55 -23.61 -23.96
N LYS Q 40 -9.76 -23.47 -22.89
CA LYS Q 40 -8.68 -22.48 -22.83
C LYS Q 40 -9.08 -21.08 -23.32
N PRO Q 41 -10.14 -20.51 -22.75
CA PRO Q 41 -10.58 -19.15 -23.10
C PRO Q 41 -9.58 -18.10 -22.65
N VAL Q 42 -9.28 -17.17 -23.55
CA VAL Q 42 -8.27 -16.16 -23.32
C VAL Q 42 -8.72 -14.83 -23.94
N LYS Q 43 -8.74 -13.77 -23.14
CA LYS Q 43 -9.05 -12.42 -23.62
C LYS Q 43 -7.88 -11.91 -24.46
N LEU Q 44 -8.20 -11.43 -25.66
CA LEU Q 44 -7.19 -10.92 -26.57
C LEU Q 44 -7.14 -9.39 -26.56
N ALA Q 45 -8.29 -8.77 -26.64
CA ALA Q 45 -8.40 -7.33 -26.80
C ALA Q 45 -9.80 -6.77 -26.48
N SER Q 46 -9.82 -5.48 -26.18
CA SER Q 46 -11.03 -4.75 -25.92
C SER Q 46 -10.84 -3.30 -26.34
N HIS Q 47 -11.54 -2.91 -27.41
CA HIS Q 47 -11.52 -1.53 -27.90
C HIS Q 47 -12.89 -1.14 -28.43
N ARG Q 48 -13.37 0.03 -27.99
CA ARG Q 48 -14.72 0.49 -28.31
C ARG Q 48 -15.69 -0.65 -28.01
N GLU Q 49 -16.56 -1.00 -28.95
CA GLU Q 49 -17.54 -2.08 -28.74
C GLU Q 49 -16.98 -3.45 -29.14
N PHE Q 50 -15.70 -3.50 -29.50
CA PHE Q 50 -15.12 -4.74 -29.99
C PHE Q 50 -14.29 -5.45 -28.93
N THR Q 51 -14.86 -6.51 -28.37
CA THR Q 51 -14.17 -7.33 -27.37
C THR Q 51 -13.91 -8.69 -28.00
N THR Q 52 -12.66 -9.14 -27.93
CA THR Q 52 -12.25 -10.38 -28.58
C THR Q 52 -11.65 -11.37 -27.59
N TRP Q 53 -12.22 -12.56 -27.56
CA TRP Q 53 -11.58 -13.69 -26.89
C TRP Q 53 -11.23 -14.75 -27.92
N ARG Q 54 -10.24 -15.57 -27.56
CA ARG Q 54 -9.91 -16.76 -28.31
C ARG Q 54 -10.14 -17.96 -27.38
N ALA Q 55 -10.64 -19.04 -27.95
CA ALA Q 55 -10.78 -20.28 -27.21
C ALA Q 55 -10.44 -21.40 -28.16
N GLU Q 56 -10.62 -22.62 -27.68
CA GLU Q 56 -10.31 -23.80 -28.45
C GLU Q 56 -11.57 -24.67 -28.48
N LEU Q 57 -11.83 -25.26 -29.64
CA LEU Q 57 -12.96 -26.13 -29.80
C LEU Q 57 -12.51 -27.39 -30.55
N ASP Q 58 -12.64 -28.56 -29.89
CA ASP Q 58 -12.09 -29.82 -30.38
C ASP Q 58 -10.66 -29.63 -30.82
N GLY Q 59 -9.88 -28.92 -30.02
CA GLY Q 59 -8.48 -28.67 -30.31
C GLY Q 59 -8.17 -27.66 -31.40
N LYS Q 60 -9.18 -26.91 -31.88
CA LYS Q 60 -8.97 -25.86 -32.89
C LYS Q 60 -9.27 -24.46 -32.33
N PRO Q 61 -8.42 -23.49 -32.65
CA PRO Q 61 -8.61 -22.12 -32.17
C PRO Q 61 -9.83 -21.51 -32.84
N VAL Q 62 -10.60 -20.79 -32.03
CA VAL Q 62 -11.84 -20.17 -32.44
C VAL Q 62 -11.90 -18.77 -31.84
N ILE Q 63 -12.40 -17.81 -32.59
CA ILE Q 63 -12.52 -16.43 -32.10
C ILE Q 63 -13.94 -16.11 -31.63
N VAL Q 64 -14.07 -15.37 -30.54
CA VAL Q 64 -15.35 -14.78 -30.19
C VAL Q 64 -15.13 -13.27 -30.16
N CYS Q 65 -15.90 -12.54 -30.98
CA CYS Q 65 -15.69 -11.10 -31.18
C CYS Q 65 -17.03 -10.37 -31.28
N SER Q 66 -17.22 -9.35 -30.46
CA SER Q 66 -18.46 -8.61 -30.49
C SER Q 66 -18.52 -7.56 -31.62
N THR Q 67 -19.72 -7.34 -32.14
CA THR Q 67 -19.91 -6.42 -33.25
C THR Q 67 -20.41 -5.07 -32.81
N GLY Q 68 -20.93 -4.99 -31.60
CA GLY Q 68 -21.71 -3.84 -31.15
C GLY Q 68 -23.06 -3.95 -31.83
N ILE Q 69 -23.88 -2.91 -31.71
CA ILE Q 69 -25.20 -2.87 -32.33
C ILE Q 69 -25.10 -2.26 -33.71
N GLY Q 70 -25.61 -2.94 -34.74
CA GLY Q 70 -25.81 -2.30 -36.03
C GLY Q 70 -24.84 -2.65 -37.15
N GLY Q 71 -25.33 -2.53 -38.38
CA GLY Q 71 -24.54 -2.78 -39.55
C GLY Q 71 -23.14 -2.18 -39.54
N PRO Q 72 -23.03 -0.86 -39.29
CA PRO Q 72 -21.72 -0.18 -39.35
C PRO Q 72 -20.63 -0.83 -38.48
N SER Q 73 -20.85 -1.01 -37.19
CA SER Q 73 -19.77 -1.60 -36.41
C SER Q 73 -19.55 -3.08 -36.80
N THR Q 74 -20.64 -3.78 -37.12
CA THR Q 74 -20.54 -5.15 -37.62
C THR Q 74 -19.60 -5.20 -38.83
N SER Q 75 -19.78 -4.28 -39.77
CA SER Q 75 -19.00 -4.25 -41.00
C SER Q 75 -17.51 -4.05 -40.68
N ILE Q 76 -17.20 -3.22 -39.68
CA ILE Q 76 -15.83 -3.08 -39.21
C ILE Q 76 -15.26 -4.41 -38.65
N ALA Q 77 -15.99 -5.02 -37.72
CA ALA Q 77 -15.54 -6.28 -37.10
C ALA Q 77 -15.30 -7.36 -38.15
N VAL Q 78 -16.29 -7.56 -39.02
CA VAL Q 78 -16.18 -8.62 -40.02
C VAL Q 78 -15.01 -8.34 -40.96
N GLU Q 79 -14.89 -7.11 -41.44
CA GLU Q 79 -13.81 -6.78 -42.38
C GLU Q 79 -12.45 -7.08 -41.75
N GLU Q 80 -12.24 -6.62 -40.53
CA GLU Q 80 -10.92 -6.71 -39.94
C GLU Q 80 -10.61 -8.15 -39.50
N LEU Q 81 -11.64 -8.89 -39.09
CA LEU Q 81 -11.49 -10.31 -38.79
C LEU Q 81 -11.16 -11.08 -40.05
N ALA Q 82 -11.77 -10.70 -41.17
CA ALA Q 82 -11.48 -11.35 -42.44
C ALA Q 82 -10.02 -11.10 -42.82
N GLN Q 83 -9.55 -9.87 -42.60
CA GLN Q 83 -8.17 -9.52 -42.89
C GLN Q 83 -7.25 -10.42 -42.10
N LEU Q 84 -7.67 -10.76 -40.89
CA LEU Q 84 -6.85 -11.55 -39.98
C LEU Q 84 -6.91 -13.05 -40.31
N GLY Q 85 -7.86 -13.45 -41.13
CA GLY Q 85 -7.91 -14.82 -41.59
C GLY Q 85 -9.21 -15.55 -41.28
N ILE Q 86 -10.16 -14.88 -40.65
CA ILE Q 86 -11.49 -15.49 -40.45
C ILE Q 86 -12.23 -15.67 -41.79
N ARG Q 87 -12.85 -16.82 -41.95
CA ARG Q 87 -13.56 -17.13 -43.19
C ARG Q 87 -15.01 -17.55 -42.95
N THR Q 88 -15.33 -17.81 -41.67
CA THR Q 88 -16.65 -18.25 -41.28
C THR Q 88 -17.09 -17.43 -40.10
N PHE Q 89 -18.29 -16.89 -40.22
CA PHE Q 89 -18.85 -16.00 -39.19
C PHE Q 89 -20.19 -16.53 -38.72
N LEU Q 90 -20.30 -16.80 -37.43
CA LEU Q 90 -21.59 -17.23 -36.87
C LEU Q 90 -22.10 -16.16 -35.93
N ARG Q 91 -23.20 -15.55 -36.30
CA ARG Q 91 -23.79 -14.53 -35.46
C ARG Q 91 -24.76 -15.13 -34.48
N ILE Q 92 -24.63 -14.69 -33.24
CA ILE Q 92 -25.58 -15.05 -32.20
C ILE Q 92 -26.17 -13.79 -31.52
N GLY Q 93 -27.49 -13.67 -31.61
CA GLY Q 93 -28.17 -12.46 -31.18
C GLY Q 93 -29.41 -12.67 -30.34
N THR Q 94 -30.01 -11.56 -29.92
CA THR Q 94 -31.34 -11.52 -29.33
C THR Q 94 -32.25 -10.92 -30.36
N THR Q 95 -33.51 -11.29 -30.30
CA THR Q 95 -34.46 -10.85 -31.31
C THR Q 95 -35.89 -10.71 -30.79
N GLY Q 96 -36.68 -9.89 -31.51
CA GLY Q 96 -38.11 -9.77 -31.26
C GLY Q 96 -38.86 -10.54 -32.32
N ALA Q 97 -39.64 -11.54 -31.91
CA ALA Q 97 -40.47 -12.29 -32.86
C ALA Q 97 -41.67 -11.44 -33.25
N ILE Q 98 -42.12 -11.56 -34.49
CA ILE Q 98 -43.31 -10.84 -34.93
C ILE Q 98 -44.47 -11.75 -35.37
N GLN Q 99 -44.28 -13.06 -35.24
CA GLN Q 99 -45.31 -14.04 -35.53
C GLN Q 99 -45.89 -14.51 -34.22
N PRO Q 100 -47.22 -14.64 -34.15
CA PRO Q 100 -47.89 -14.98 -32.89
C PRO Q 100 -47.54 -16.36 -32.34
N HIS Q 101 -47.05 -17.28 -33.17
CA HIS Q 101 -46.75 -18.64 -32.70
C HIS Q 101 -45.29 -18.84 -32.21
N ILE Q 102 -44.45 -17.81 -32.34
CA ILE Q 102 -43.07 -17.91 -31.91
C ILE Q 102 -42.99 -17.37 -30.48
N ASN Q 103 -42.44 -18.17 -29.58
CA ASN Q 103 -42.45 -17.84 -28.16
C ASN Q 103 -41.13 -17.31 -27.63
N VAL Q 104 -41.22 -16.49 -26.58
CA VAL Q 104 -40.03 -16.06 -25.87
C VAL Q 104 -39.26 -17.32 -25.48
N GLY Q 105 -37.97 -17.36 -25.81
CA GLY Q 105 -37.16 -18.52 -25.48
C GLY Q 105 -36.88 -19.38 -26.69
N ASP Q 106 -37.69 -19.22 -27.75
CA ASP Q 106 -37.48 -19.96 -29.01
C ASP Q 106 -36.19 -19.54 -29.72
N VAL Q 107 -35.68 -20.44 -30.57
CA VAL Q 107 -34.45 -20.17 -31.32
C VAL Q 107 -34.78 -19.95 -32.80
N LEU Q 108 -34.29 -18.84 -33.36
CA LEU Q 108 -34.57 -18.52 -34.76
C LEU Q 108 -33.31 -18.58 -35.59
N VAL Q 109 -33.36 -19.39 -36.65
CA VAL Q 109 -32.26 -19.49 -37.61
C VAL Q 109 -32.68 -18.78 -38.88
N THR Q 110 -31.89 -17.77 -39.26
CA THR Q 110 -32.17 -16.94 -40.44
C THR Q 110 -31.63 -17.59 -41.71
N THR Q 111 -32.48 -17.77 -42.70
CA THR Q 111 -32.00 -18.25 -43.99
C THR Q 111 -31.53 -17.05 -44.79
N ALA Q 112 -32.24 -15.93 -44.66
CA ALA Q 112 -31.90 -14.69 -45.36
C ALA Q 112 -32.63 -13.53 -44.71
N SER Q 113 -32.20 -12.30 -44.97
CA SER Q 113 -32.77 -11.16 -44.29
C SER Q 113 -33.38 -10.12 -45.21
N VAL Q 114 -34.44 -9.49 -44.72
CA VAL Q 114 -34.97 -8.29 -45.37
C VAL Q 114 -33.98 -7.16 -45.07
N ARG Q 115 -33.50 -6.49 -46.12
CA ARG Q 115 -32.40 -5.54 -45.93
C ARG Q 115 -32.89 -4.16 -45.55
N LEU Q 116 -33.14 -3.93 -44.26
CA LEU Q 116 -33.63 -2.62 -43.84
C LEU Q 116 -32.51 -1.81 -43.23
N ASP Q 117 -31.31 -2.01 -43.77
CA ASP Q 117 -30.10 -1.42 -43.20
C ASP Q 117 -29.43 -0.58 -44.29
N GLY Q 118 -28.36 0.13 -43.91
CA GLY Q 118 -27.66 0.92 -44.89
C GLY Q 118 -26.39 0.25 -45.33
N ALA Q 119 -25.73 -0.43 -44.39
CA ALA Q 119 -24.39 -0.93 -44.62
C ALA Q 119 -24.37 -1.96 -45.73
N SER Q 120 -25.41 -2.78 -45.87
CA SER Q 120 -25.37 -3.83 -46.89
C SER Q 120 -25.26 -3.25 -48.30
N LEU Q 121 -25.85 -2.09 -48.52
CA LEU Q 121 -25.75 -1.43 -49.80
C LEU Q 121 -24.32 -1.05 -50.13
N HIS Q 122 -23.47 -1.03 -49.13
CA HIS Q 122 -22.07 -0.69 -49.36
C HIS Q 122 -21.24 -1.86 -49.89
N PHE Q 123 -21.88 -3.03 -49.94
CA PHE Q 123 -21.20 -4.24 -50.45
C PHE Q 123 -21.86 -4.82 -51.72
N ALA Q 124 -23.19 -4.73 -51.79
CA ALA Q 124 -23.95 -5.19 -52.95
C ALA Q 124 -25.22 -4.35 -53.06
N PRO Q 125 -25.69 -4.10 -54.29
CA PRO Q 125 -26.94 -3.34 -54.48
C PRO Q 125 -28.12 -4.12 -53.88
N LEU Q 126 -29.26 -3.46 -53.75
CA LEU Q 126 -30.37 -3.98 -52.93
C LEU Q 126 -30.91 -5.28 -53.46
N GLU Q 127 -30.81 -5.49 -54.76
CA GLU Q 127 -31.40 -6.66 -55.41
C GLU Q 127 -30.68 -7.96 -55.02
N PHE Q 128 -29.49 -7.83 -54.45
CA PHE Q 128 -28.67 -8.97 -54.05
C PHE Q 128 -29.20 -9.48 -52.72
N PRO Q 129 -29.39 -10.79 -52.63
CA PRO Q 129 -30.03 -11.38 -51.46
C PRO Q 129 -29.12 -11.41 -50.24
N ALA Q 130 -29.62 -10.95 -49.10
CA ALA Q 130 -28.92 -11.10 -47.83
C ALA Q 130 -29.09 -12.55 -47.33
N VAL Q 131 -28.48 -13.48 -48.07
CA VAL Q 131 -28.63 -14.91 -47.84
C VAL Q 131 -27.49 -15.54 -47.00
N ALA Q 132 -27.84 -16.36 -46.03
CA ALA Q 132 -26.87 -17.03 -45.22
C ALA Q 132 -26.24 -18.17 -45.99
N ASP Q 133 -25.04 -18.55 -45.57
CA ASP Q 133 -24.34 -19.70 -46.16
C ASP Q 133 -25.07 -21.02 -45.84
N PHE Q 134 -25.18 -21.88 -46.83
CA PHE Q 134 -25.95 -23.11 -46.66
C PHE Q 134 -25.36 -24.09 -45.62
N GLU Q 135 -24.04 -24.22 -45.59
CA GLU Q 135 -23.39 -25.08 -44.61
C GLU Q 135 -23.59 -24.54 -43.20
N CYS Q 136 -23.46 -23.23 -43.02
CA CYS Q 136 -23.70 -22.56 -41.74
C CYS Q 136 -25.14 -22.73 -41.29
N THR Q 137 -26.07 -22.44 -42.18
CA THR Q 137 -27.47 -22.64 -41.86
C THR Q 137 -27.75 -24.09 -41.45
N THR Q 138 -27.20 -25.03 -42.23
CA THR Q 138 -27.35 -26.45 -41.93
C THR Q 138 -26.79 -26.79 -40.54
N ALA Q 139 -25.58 -26.31 -40.26
CA ALA Q 139 -24.96 -26.53 -38.97
C ALA Q 139 -25.85 -25.99 -37.84
N LEU Q 140 -26.37 -24.80 -37.99
CA LEU Q 140 -27.23 -24.19 -36.97
C LEU Q 140 -28.54 -24.98 -36.76
N VAL Q 141 -29.21 -25.32 -37.86
CA VAL Q 141 -30.43 -26.11 -37.77
C VAL Q 141 -30.18 -27.44 -37.09
N GLU Q 142 -29.15 -28.15 -37.55
CA GLU Q 142 -28.80 -29.46 -37.03
C GLU Q 142 -28.35 -29.39 -35.57
N ALA Q 143 -27.60 -28.36 -35.21
CA ALA Q 143 -27.21 -28.14 -33.82
C ALA Q 143 -28.44 -27.98 -32.92
N ALA Q 144 -29.38 -27.15 -33.37
CA ALA Q 144 -30.63 -26.92 -32.64
C ALA Q 144 -31.46 -28.20 -32.46
N LYS Q 145 -31.46 -29.05 -33.49
CA LYS Q 145 -32.17 -30.32 -33.45
C LYS Q 145 -31.61 -31.23 -32.34
N SER Q 146 -30.28 -31.24 -32.23
CA SER Q 146 -29.57 -32.13 -31.31
C SER Q 146 -29.64 -31.71 -29.84
N ILE Q 147 -29.79 -30.42 -29.55
CA ILE Q 147 -30.03 -30.00 -28.17
C ILE Q 147 -31.53 -29.85 -27.88
N GLY Q 148 -32.36 -30.11 -28.89
CA GLY Q 148 -33.80 -30.19 -28.76
C GLY Q 148 -34.51 -28.90 -28.42
N ALA Q 149 -33.90 -27.76 -28.75
CA ALA Q 149 -34.54 -26.47 -28.55
C ALA Q 149 -35.63 -26.31 -29.61
N THR Q 150 -36.72 -25.64 -29.27
CA THR Q 150 -37.76 -25.41 -30.29
C THR Q 150 -37.35 -24.27 -31.24
N THR Q 151 -37.32 -24.59 -32.52
CA THR Q 151 -36.60 -23.79 -33.51
C THR Q 151 -37.46 -23.40 -34.68
N HIS Q 152 -37.36 -22.16 -35.12
CA HIS Q 152 -37.98 -21.77 -36.38
C HIS Q 152 -36.94 -21.32 -37.39
N VAL Q 153 -37.16 -21.68 -38.65
CA VAL Q 153 -36.20 -21.41 -39.71
C VAL Q 153 -36.87 -20.54 -40.77
N GLY Q 154 -36.27 -19.41 -41.12
CA GLY Q 154 -36.87 -18.57 -42.13
C GLY Q 154 -36.25 -17.20 -42.25
N VAL Q 155 -37.06 -16.26 -42.75
CA VAL Q 155 -36.64 -14.90 -43.05
C VAL Q 155 -36.72 -13.91 -41.85
N THR Q 156 -35.71 -13.05 -41.75
CA THR Q 156 -35.58 -12.08 -40.68
C THR Q 156 -35.56 -10.64 -41.22
N ALA Q 157 -36.32 -9.74 -40.61
CA ALA Q 157 -36.23 -8.33 -40.96
C ALA Q 157 -35.10 -7.70 -40.16
N SER Q 158 -34.12 -7.12 -40.85
CA SER Q 158 -32.91 -6.63 -40.20
C SER Q 158 -32.85 -5.11 -40.39
N SER Q 159 -33.06 -4.40 -39.29
CA SER Q 159 -33.30 -2.95 -39.26
C SER Q 159 -32.15 -2.11 -38.70
N ASP Q 160 -31.83 -1.01 -39.37
CA ASP Q 160 -30.83 -0.06 -38.86
C ASP Q 160 -31.29 0.67 -37.60
N THR Q 161 -32.53 0.48 -37.17
CA THR Q 161 -32.97 1.10 -35.92
C THR Q 161 -33.72 0.10 -35.07
N PHE Q 162 -33.71 0.32 -33.77
CA PHE Q 162 -34.46 -0.49 -32.84
C PHE Q 162 -35.90 0.03 -32.75
N TYR Q 163 -36.08 1.34 -32.87
CA TYR Q 163 -37.39 1.95 -32.70
C TYR Q 163 -38.25 2.06 -34.01
N PRO Q 164 -38.13 3.14 -34.82
CA PRO Q 164 -39.02 3.29 -35.99
C PRO Q 164 -38.92 2.17 -37.03
N GLY Q 165 -37.73 1.66 -37.30
CA GLY Q 165 -37.56 0.63 -38.31
C GLY Q 165 -38.26 -0.65 -37.93
N GLN Q 166 -38.52 -0.82 -36.63
CA GLN Q 166 -39.21 -2.00 -36.10
C GLN Q 166 -40.60 -1.59 -35.65
N GLU Q 167 -41.06 -0.46 -36.18
CA GLU Q 167 -42.39 0.08 -35.91
C GLU Q 167 -42.78 0.12 -34.43
N ARG Q 168 -41.87 0.59 -33.59
CA ARG Q 168 -42.19 0.86 -32.19
C ARG Q 168 -42.77 2.27 -32.06
N TYR Q 169 -43.85 2.40 -31.28
CA TYR Q 169 -44.51 3.69 -31.07
C TYR Q 169 -44.29 4.29 -29.68
N ASP Q 170 -43.84 3.51 -28.69
CA ASP Q 170 -43.51 4.06 -27.36
C ASP Q 170 -42.18 4.77 -27.39
N THR Q 171 -42.17 5.96 -27.99
CA THR Q 171 -40.92 6.62 -28.23
C THR Q 171 -41.12 8.04 -27.86
N TYR Q 172 -40.03 8.82 -27.86
CA TYR Q 172 -40.07 10.22 -27.54
C TYR Q 172 -41.13 10.95 -28.36
N SER Q 173 -41.21 10.63 -29.66
CA SER Q 173 -42.04 11.35 -30.61
C SER Q 173 -43.37 10.65 -30.85
N GLY Q 174 -43.39 9.33 -30.64
CA GLY Q 174 -44.58 8.54 -30.89
C GLY Q 174 -45.02 8.45 -32.34
N ARG Q 175 -44.23 8.96 -33.29
CA ARG Q 175 -44.53 8.72 -34.69
C ARG Q 175 -43.55 7.77 -35.36
N VAL Q 176 -43.97 7.21 -36.49
CA VAL Q 176 -43.12 6.43 -37.34
C VAL Q 176 -43.22 7.02 -38.74
N VAL Q 177 -42.06 7.27 -39.35
CA VAL Q 177 -41.98 7.79 -40.72
C VAL Q 177 -42.85 7.02 -41.72
N ARG Q 178 -43.46 7.75 -42.66
CA ARG Q 178 -44.39 7.17 -43.64
C ARG Q 178 -43.96 5.79 -44.17
N HIS Q 179 -42.70 5.69 -44.58
CA HIS Q 179 -42.16 4.47 -45.15
C HIS Q 179 -42.33 3.20 -44.29
N PHE Q 180 -42.27 3.36 -42.97
CA PHE Q 180 -42.37 2.21 -42.04
C PHE Q 180 -43.75 2.06 -41.36
N LYS Q 181 -44.63 3.04 -41.56
CA LYS Q 181 -45.99 2.96 -41.04
C LYS Q 181 -46.67 1.75 -41.63
N GLY Q 182 -47.12 0.81 -40.79
CA GLY Q 182 -47.76 -0.39 -41.27
C GLY Q 182 -46.80 -1.44 -41.80
N SER Q 183 -45.49 -1.27 -41.58
CA SER Q 183 -44.51 -2.20 -42.09
C SER Q 183 -44.44 -3.53 -41.34
N MET Q 184 -44.61 -3.50 -40.02
CA MET Q 184 -44.52 -4.76 -39.28
C MET Q 184 -45.56 -5.75 -39.78
N GLU Q 185 -46.79 -5.27 -39.98
CA GLU Q 185 -47.87 -6.08 -40.48
C GLU Q 185 -47.60 -6.65 -41.88
N GLU Q 186 -46.87 -5.90 -42.72
CA GLU Q 186 -46.55 -6.38 -44.06
C GLU Q 186 -45.57 -7.55 -43.93
N TRP Q 187 -44.51 -7.35 -43.15
CA TRP Q 187 -43.55 -8.41 -42.90
C TRP Q 187 -44.21 -9.64 -42.33
N GLN Q 188 -45.17 -9.48 -41.40
CA GLN Q 188 -45.82 -10.68 -40.85
C GLN Q 188 -46.56 -11.43 -41.91
N ALA Q 189 -47.30 -10.70 -42.72
CA ALA Q 189 -48.07 -11.33 -43.79
C ALA Q 189 -47.13 -12.17 -44.69
N MET Q 190 -45.89 -11.69 -44.83
CA MET Q 190 -44.91 -12.30 -45.71
C MET Q 190 -44.15 -13.43 -45.04
N GLY Q 191 -44.56 -13.79 -43.84
CA GLY Q 191 -43.93 -14.88 -43.12
C GLY Q 191 -42.61 -14.54 -42.44
N VAL Q 192 -42.25 -13.27 -42.37
CA VAL Q 192 -41.02 -12.85 -41.67
C VAL Q 192 -41.15 -13.18 -40.20
N MET Q 193 -40.10 -13.75 -39.61
CA MET Q 193 -40.21 -14.28 -38.24
C MET Q 193 -40.00 -13.23 -37.17
N ASN Q 194 -39.08 -12.30 -37.43
CA ASN Q 194 -38.50 -11.49 -36.36
C ASN Q 194 -37.76 -10.26 -36.87
N TYR Q 195 -37.49 -9.34 -35.95
CA TYR Q 195 -36.61 -8.18 -36.21
C TYR Q 195 -35.30 -8.36 -35.47
N GLU Q 196 -34.20 -8.00 -36.11
CA GLU Q 196 -32.95 -7.74 -35.37
C GLU Q 196 -32.21 -6.68 -36.13
N MET Q 197 -30.97 -6.42 -35.78
CA MET Q 197 -30.30 -5.26 -36.38
C MET Q 197 -28.96 -5.50 -37.14
N GLU Q 198 -28.49 -6.74 -37.24
CA GLU Q 198 -27.17 -6.94 -37.85
C GLU Q 198 -27.08 -7.91 -39.03
N SER Q 199 -28.06 -8.80 -39.15
CA SER Q 199 -27.95 -9.88 -40.09
C SER Q 199 -27.87 -9.42 -41.53
N ALA Q 200 -28.65 -8.40 -41.89
CA ALA Q 200 -28.64 -7.89 -43.26
C ALA Q 200 -27.22 -7.49 -43.68
N THR Q 201 -26.53 -6.76 -42.81
CA THR Q 201 -25.16 -6.35 -43.11
C THR Q 201 -24.24 -7.57 -43.20
N LEU Q 202 -24.24 -8.38 -42.14
CA LEU Q 202 -23.38 -9.55 -42.02
C LEU Q 202 -23.56 -10.48 -43.20
N LEU Q 203 -24.79 -10.91 -43.43
CA LEU Q 203 -25.07 -11.84 -44.52
C LEU Q 203 -24.68 -11.30 -45.91
N THR Q 204 -24.99 -10.02 -46.17
CA THR Q 204 -24.69 -9.45 -47.48
C THR Q 204 -23.18 -9.33 -47.67
N MET Q 205 -22.49 -8.79 -46.67
CA MET Q 205 -21.06 -8.56 -46.85
C MET Q 205 -20.32 -9.86 -46.99
N CYS Q 206 -20.78 -10.90 -46.29
CA CYS Q 206 -20.18 -12.21 -46.45
C CYS Q 206 -20.54 -12.91 -47.77
N ALA Q 207 -21.83 -13.04 -48.07
CA ALA Q 207 -22.27 -13.71 -49.31
C ALA Q 207 -21.62 -13.10 -50.55
N SER Q 208 -21.36 -11.80 -50.52
CA SER Q 208 -20.80 -11.12 -51.65
C SER Q 208 -19.26 -11.06 -51.66
N GLN Q 209 -18.62 -11.69 -50.67
CA GLN Q 209 -17.13 -11.72 -50.61
C GLN Q 209 -16.53 -13.11 -50.37
N GLY Q 210 -17.30 -14.17 -50.59
CA GLY Q 210 -16.81 -15.53 -50.45
C GLY Q 210 -16.59 -15.92 -49.00
N LEU Q 211 -17.24 -15.22 -48.07
CA LEU Q 211 -17.13 -15.58 -46.67
C LEU Q 211 -18.41 -16.32 -46.27
N ARG Q 212 -18.27 -17.34 -45.44
CA ARG Q 212 -19.43 -18.10 -44.97
C ARG Q 212 -20.00 -17.45 -43.71
N ALA Q 213 -21.31 -17.22 -43.70
CA ALA Q 213 -21.97 -16.63 -42.54
C ALA Q 213 -23.27 -17.33 -42.22
N GLY Q 214 -23.55 -17.47 -40.92
CA GLY Q 214 -24.79 -18.05 -40.43
C GLY Q 214 -25.33 -17.17 -39.32
N MET Q 215 -26.62 -17.29 -39.01
CA MET Q 215 -27.30 -16.34 -38.11
C MET Q 215 -28.33 -17.04 -37.24
N VAL Q 216 -28.21 -16.86 -35.94
CA VAL Q 216 -29.11 -17.50 -35.00
C VAL Q 216 -29.39 -16.55 -33.84
N ALA Q 217 -30.62 -16.56 -33.34
CA ALA Q 217 -30.98 -15.65 -32.25
C ALA Q 217 -32.01 -16.25 -31.34
N GLY Q 218 -31.94 -15.89 -30.06
CA GLY Q 218 -32.95 -16.28 -29.09
C GLY Q 218 -33.99 -15.17 -28.99
N VAL Q 219 -35.24 -15.58 -28.90
CA VAL Q 219 -36.36 -14.65 -28.83
C VAL Q 219 -36.54 -14.11 -27.42
N ILE Q 220 -36.42 -12.79 -27.26
CA ILE Q 220 -36.59 -12.15 -25.95
C ILE Q 220 -37.91 -11.37 -25.78
N VAL Q 221 -38.68 -11.25 -26.85
CA VAL Q 221 -39.96 -10.55 -26.82
C VAL Q 221 -40.78 -10.95 -28.03
N ASN Q 222 -42.08 -11.05 -27.83
CA ASN Q 222 -42.98 -11.19 -28.95
C ASN Q 222 -43.75 -9.91 -29.22
N ARG Q 223 -43.54 -9.37 -30.42
CA ARG Q 223 -44.06 -8.06 -30.76
C ARG Q 223 -45.55 -8.00 -30.98
N THR Q 224 -46.22 -9.17 -31.03
CA THR Q 224 -47.68 -9.18 -31.12
C THR Q 224 -48.29 -8.96 -29.75
N GLN Q 225 -47.44 -8.86 -28.73
CA GLN Q 225 -47.87 -8.67 -27.34
C GLN Q 225 -47.39 -7.36 -26.69
N GLN Q 226 -46.20 -6.91 -27.12
CA GLN Q 226 -45.39 -5.96 -26.36
C GLN Q 226 -44.35 -5.34 -27.28
N GLU Q 227 -43.93 -4.11 -26.95
CA GLU Q 227 -42.79 -3.49 -27.63
C GLU Q 227 -41.46 -3.73 -26.90
N ILE Q 228 -41.51 -3.66 -25.58
CA ILE Q 228 -40.31 -3.73 -24.76
C ILE Q 228 -40.22 -5.08 -24.02
N PRO Q 229 -39.07 -5.76 -24.19
CA PRO Q 229 -38.79 -7.02 -23.46
C PRO Q 229 -38.87 -6.92 -21.93
N ASN Q 230 -39.25 -8.03 -21.28
CA ASN Q 230 -39.58 -8.04 -19.84
C ASN Q 230 -38.42 -7.82 -18.85
N SER Q 239 -29.40 -18.06 -24.40
CA SER Q 239 -28.74 -19.12 -23.62
C SER Q 239 -28.93 -20.51 -24.23
N HIS Q 240 -30.12 -20.80 -24.74
CA HIS Q 240 -30.32 -21.96 -25.60
C HIS Q 240 -29.56 -21.69 -26.92
N ALA Q 241 -29.71 -20.47 -27.44
CA ALA Q 241 -29.05 -20.06 -28.66
C ALA Q 241 -27.51 -20.06 -28.56
N VAL Q 242 -26.98 -19.67 -27.41
CA VAL Q 242 -25.53 -19.69 -27.24
C VAL Q 242 -25.00 -21.13 -27.37
N LYS Q 243 -25.68 -22.05 -26.70
CA LYS Q 243 -25.34 -23.48 -26.77
C LYS Q 243 -25.35 -23.92 -28.23
N ILE Q 244 -26.35 -23.47 -28.98
CA ILE Q 244 -26.51 -23.89 -30.37
C ILE Q 244 -25.41 -23.33 -31.27
N VAL Q 245 -25.10 -22.03 -31.13
CA VAL Q 245 -24.04 -21.45 -31.94
C VAL Q 245 -22.70 -22.14 -31.70
N VAL Q 246 -22.40 -22.48 -30.45
CA VAL Q 246 -21.14 -23.13 -30.15
C VAL Q 246 -21.10 -24.50 -30.80
N GLU Q 247 -22.18 -25.25 -30.63
CA GLU Q 247 -22.31 -26.59 -31.21
C GLU Q 247 -22.28 -26.56 -32.75
N ALA Q 248 -22.85 -25.52 -33.36
CA ALA Q 248 -22.76 -25.34 -34.81
C ALA Q 248 -21.32 -25.08 -35.24
N ALA Q 249 -20.61 -24.22 -34.50
CA ALA Q 249 -19.20 -23.92 -34.79
C ALA Q 249 -18.39 -25.22 -34.84
N ARG Q 250 -18.68 -26.10 -33.90
CA ARG Q 250 -18.05 -27.43 -33.79
C ARG Q 250 -18.19 -28.22 -35.10
N ARG Q 251 -19.37 -28.17 -35.71
CA ARG Q 251 -19.63 -28.89 -36.95
C ARG Q 251 -19.03 -28.20 -38.16
N LEU Q 252 -18.64 -26.94 -38.03
CA LEU Q 252 -18.12 -26.17 -39.17
C LEU Q 252 -16.60 -26.08 -39.18
N LEU Q 253 -15.96 -26.69 -38.20
CA LEU Q 253 -14.52 -26.55 -38.03
C LEU Q 253 -13.74 -27.33 -39.07
N SER R 4 -34.42 0.96 -14.00
CA SER R 4 -34.06 1.70 -15.25
C SER R 4 -35.26 2.07 -16.14
N ASP R 5 -35.28 3.30 -16.66
CA ASP R 5 -36.40 3.83 -17.44
C ASP R 5 -36.32 3.55 -18.94
N VAL R 6 -35.12 3.24 -19.44
CA VAL R 6 -34.89 3.02 -20.88
C VAL R 6 -34.27 1.66 -21.10
N PHE R 7 -34.52 1.05 -22.25
CA PHE R 7 -34.16 -0.34 -22.46
C PHE R 7 -32.68 -0.62 -22.62
N HIS R 8 -31.92 0.29 -23.23
CA HIS R 8 -30.51 0.03 -23.49
C HIS R 8 -29.52 0.75 -22.59
N LEU R 9 -29.76 2.03 -22.31
CA LEU R 9 -28.78 2.84 -21.59
C LEU R 9 -28.64 2.49 -20.12
N GLY R 10 -29.64 1.82 -19.56
CA GLY R 10 -29.67 1.53 -18.13
C GLY R 10 -29.58 2.78 -17.27
N LEU R 11 -30.44 3.77 -17.57
CA LEU R 11 -30.55 5.03 -16.83
C LEU R 11 -31.99 5.33 -16.36
N THR R 12 -32.13 6.23 -15.39
CA THR R 12 -33.45 6.70 -14.94
C THR R 12 -33.52 8.20 -15.08
N LYS R 13 -34.73 8.74 -15.21
CA LYS R 13 -34.89 10.17 -15.40
C LYS R 13 -34.13 10.89 -14.30
N ASN R 14 -34.18 10.29 -13.12
CA ASN R 14 -33.55 10.79 -11.91
C ASN R 14 -32.04 10.95 -12.00
N ASP R 15 -31.37 9.99 -12.64
CA ASP R 15 -29.90 10.00 -12.79
C ASP R 15 -29.40 11.26 -13.45
N LEU R 16 -30.24 11.83 -14.30
CA LEU R 16 -29.89 12.99 -15.11
C LEU R 16 -30.00 14.30 -14.37
N GLN R 17 -30.72 14.31 -13.25
CA GLN R 17 -30.92 15.48 -12.40
C GLN R 17 -31.35 16.73 -13.17
N GLY R 18 -32.22 16.54 -14.17
CA GLY R 18 -32.73 17.66 -14.91
C GLY R 18 -31.83 18.18 -16.01
N ALA R 19 -30.74 17.45 -16.30
CA ALA R 19 -29.90 17.69 -17.49
C ALA R 19 -30.78 17.68 -18.74
N THR R 20 -30.45 18.58 -19.68
CA THR R 20 -31.15 18.65 -20.95
C THR R 20 -30.19 18.69 -22.12
N LEU R 21 -28.89 18.70 -21.85
CA LEU R 21 -27.87 18.69 -22.89
C LEU R 21 -26.96 17.48 -22.73
N ALA R 22 -26.60 16.85 -23.84
CA ALA R 22 -25.68 15.73 -23.79
C ALA R 22 -24.57 15.88 -24.79
N ILE R 23 -23.36 15.59 -24.34
CA ILE R 23 -22.24 15.48 -25.27
C ILE R 23 -22.13 13.99 -25.65
N VAL R 24 -22.15 13.70 -26.94
CA VAL R 24 -22.16 12.32 -27.41
C VAL R 24 -20.95 11.94 -28.27
N PRO R 25 -19.89 11.43 -27.63
CA PRO R 25 -18.73 10.91 -28.36
C PRO R 25 -19.05 9.51 -28.86
N GLY R 26 -18.20 8.96 -29.70
CA GLY R 26 -18.47 7.63 -30.23
C GLY R 26 -17.96 6.52 -29.33
N ASP R 27 -16.82 6.75 -28.70
CA ASP R 27 -16.11 5.71 -27.98
C ASP R 27 -16.46 5.75 -26.49
N PRO R 28 -16.95 4.64 -25.93
CA PRO R 28 -17.21 4.57 -24.49
C PRO R 28 -16.02 4.95 -23.60
N ASP R 29 -14.81 4.60 -24.03
CA ASP R 29 -13.60 4.91 -23.29
C ASP R 29 -13.22 6.40 -23.25
N ARG R 30 -13.81 7.18 -24.16
CA ARG R 30 -13.52 8.60 -24.24
C ARG R 30 -14.50 9.38 -23.35
N VAL R 31 -15.54 8.71 -22.87
CA VAL R 31 -16.62 9.41 -22.13
C VAL R 31 -16.10 10.03 -20.84
N GLU R 32 -15.42 9.21 -20.05
CA GLU R 32 -14.86 9.64 -18.79
C GLU R 32 -13.87 10.80 -18.96
N LYS R 33 -13.00 10.71 -19.98
CA LYS R 33 -12.04 11.79 -20.26
C LYS R 33 -12.73 13.14 -20.49
N ILE R 34 -13.84 13.13 -21.24
CA ILE R 34 -14.61 14.34 -21.48
C ILE R 34 -15.27 14.86 -20.21
N ALA R 35 -15.94 13.98 -19.46
CA ALA R 35 -16.64 14.36 -18.25
C ALA R 35 -15.70 15.02 -17.26
N ALA R 36 -14.47 14.51 -17.23
CA ALA R 36 -13.44 14.94 -16.29
C ALA R 36 -12.98 16.38 -16.51
N LEU R 37 -13.31 16.93 -17.68
CA LEU R 37 -13.04 18.34 -17.95
C LEU R 37 -14.06 19.26 -17.28
N MET R 38 -15.11 18.67 -16.72
CA MET R 38 -16.19 19.43 -16.09
C MET R 38 -16.22 19.15 -14.57
N ASP R 39 -17.14 19.79 -13.86
CA ASP R 39 -17.22 19.60 -12.41
C ASP R 39 -18.06 18.40 -11.99
N LYS R 40 -17.68 17.83 -10.84
CA LYS R 40 -18.40 16.72 -10.21
C LYS R 40 -18.78 15.57 -11.18
N PRO R 41 -17.79 15.01 -11.89
CA PRO R 41 -18.06 13.90 -12.81
C PRO R 41 -18.38 12.60 -12.07
N VAL R 42 -19.46 11.95 -12.50
CA VAL R 42 -19.95 10.75 -11.83
C VAL R 42 -20.34 9.74 -12.90
N LYS R 43 -19.82 8.51 -12.80
CA LYS R 43 -20.25 7.46 -13.71
C LYS R 43 -21.70 7.10 -13.38
N LEU R 44 -22.56 7.11 -14.40
CA LEU R 44 -23.96 6.74 -14.24
C LEU R 44 -24.19 5.27 -14.58
N ALA R 45 -23.78 4.87 -15.78
CA ALA R 45 -24.01 3.52 -16.22
C ALA R 45 -23.07 3.10 -17.35
N SER R 46 -23.02 1.78 -17.59
CA SER R 46 -22.20 1.24 -18.66
C SER R 46 -22.83 -0.05 -19.12
N HIS R 47 -23.40 -0.04 -20.33
CA HIS R 47 -24.00 -1.23 -20.95
C HIS R 47 -23.69 -1.23 -22.44
N ARG R 48 -23.24 -2.38 -22.95
CA ARG R 48 -22.84 -2.47 -24.36
C ARG R 48 -21.90 -1.28 -24.70
N GLU R 49 -22.14 -0.59 -25.81
CA GLU R 49 -21.28 0.51 -26.17
C GLU R 49 -21.74 1.82 -25.53
N PHE R 50 -22.76 1.78 -24.67
CA PHE R 50 -23.27 2.99 -24.07
C PHE R 50 -22.74 3.23 -22.64
N THR R 51 -21.80 4.15 -22.52
CA THR R 51 -21.28 4.55 -21.22
C THR R 51 -21.76 5.97 -20.94
N THR R 52 -22.29 6.19 -19.75
CA THR R 52 -22.89 7.48 -19.43
C THR R 52 -22.28 8.04 -18.19
N TRP R 53 -21.75 9.25 -18.30
CA TRP R 53 -21.36 10.02 -17.10
C TRP R 53 -22.23 11.27 -17.00
N ARG R 54 -22.43 11.75 -15.77
CA ARG R 54 -23.04 13.05 -15.53
C ARG R 54 -21.96 13.94 -14.96
N ALA R 55 -22.00 15.21 -15.33
CA ALA R 55 -21.10 16.20 -14.75
C ALA R 55 -21.83 17.54 -14.63
N GLU R 56 -21.08 18.59 -14.33
CA GLU R 56 -21.67 19.90 -14.09
C GLU R 56 -20.87 20.99 -14.78
N LEU R 57 -21.62 21.93 -15.36
CA LEU R 57 -21.05 22.99 -16.17
C LEU R 57 -21.78 24.29 -15.80
N ASP R 58 -21.01 25.24 -15.28
CA ASP R 58 -21.56 26.45 -14.67
C ASP R 58 -22.75 26.09 -13.80
N GLY R 59 -22.56 25.11 -12.91
CA GLY R 59 -23.58 24.67 -11.97
C GLY R 59 -24.79 24.01 -12.57
N LYS R 60 -24.75 23.64 -13.84
CA LYS R 60 -25.86 22.92 -14.45
C LYS R 60 -25.45 21.49 -14.81
N PRO R 61 -26.32 20.52 -14.57
CA PRO R 61 -26.02 19.13 -14.89
C PRO R 61 -25.99 18.89 -16.40
N VAL R 62 -25.01 18.09 -16.81
CA VAL R 62 -24.77 17.80 -18.21
C VAL R 62 -24.49 16.30 -18.32
N ILE R 63 -24.91 15.67 -19.41
CA ILE R 63 -24.63 14.27 -19.67
C ILE R 63 -23.52 14.08 -20.72
N VAL R 64 -22.67 13.09 -20.49
CA VAL R 64 -21.77 12.64 -21.54
C VAL R 64 -22.07 11.17 -21.77
N CYS R 65 -22.42 10.80 -23.00
CA CYS R 65 -22.90 9.45 -23.31
C CYS R 65 -22.40 8.96 -24.65
N SER R 66 -21.84 7.76 -24.70
CA SER R 66 -21.23 7.26 -25.94
C SER R 66 -22.29 6.64 -26.85
N THR R 67 -22.11 6.78 -28.16
CA THR R 67 -23.07 6.24 -29.13
C THR R 67 -22.64 4.92 -29.72
N GLY R 68 -21.37 4.55 -29.54
CA GLY R 68 -20.77 3.48 -30.34
C GLY R 68 -20.53 3.96 -31.79
N ILE R 69 -20.06 3.07 -32.66
CA ILE R 69 -19.89 3.38 -34.07
C ILE R 69 -21.21 3.18 -34.83
N GLY R 70 -21.62 4.21 -35.55
CA GLY R 70 -22.65 4.10 -36.56
C GLY R 70 -24.04 4.58 -36.18
N GLY R 71 -24.85 4.79 -37.21
CA GLY R 71 -26.19 5.28 -37.02
C GLY R 71 -27.05 4.46 -36.08
N PRO R 72 -27.12 3.15 -36.28
CA PRO R 72 -28.05 2.33 -35.49
C PRO R 72 -27.87 2.52 -33.97
N SER R 73 -26.63 2.39 -33.48
CA SER R 73 -26.46 2.51 -32.06
C SER R 73 -26.66 3.95 -31.65
N THR R 74 -26.20 4.88 -32.48
CA THR R 74 -26.43 6.30 -32.24
C THR R 74 -27.92 6.57 -32.04
N SER R 75 -28.75 6.02 -32.93
CA SER R 75 -30.17 6.23 -32.85
C SER R 75 -30.79 5.73 -31.52
N ILE R 76 -30.20 4.67 -30.94
CA ILE R 76 -30.69 4.12 -29.67
C ILE R 76 -30.33 5.08 -28.55
N ALA R 77 -29.07 5.49 -28.51
CA ALA R 77 -28.59 6.45 -27.52
C ALA R 77 -29.40 7.74 -27.54
N VAL R 78 -29.58 8.31 -28.73
CA VAL R 78 -30.30 9.58 -28.85
C VAL R 78 -31.79 9.47 -28.42
N GLU R 79 -32.44 8.43 -28.91
CA GLU R 79 -33.84 8.23 -28.63
C GLU R 79 -34.05 8.09 -27.14
N GLU R 80 -33.23 7.28 -26.49
CA GLU R 80 -33.40 7.00 -25.08
C GLU R 80 -33.02 8.20 -24.22
N LEU R 81 -31.95 8.89 -24.58
CA LEU R 81 -31.62 10.15 -23.92
C LEU R 81 -32.77 11.18 -24.04
N ALA R 82 -33.33 11.29 -25.25
CA ALA R 82 -34.45 12.16 -25.48
C ALA R 82 -35.60 11.78 -24.54
N GLN R 83 -35.88 10.50 -24.39
CA GLN R 83 -36.91 10.04 -23.45
C GLN R 83 -36.64 10.47 -22.04
N LEU R 84 -35.36 10.54 -21.67
CA LEU R 84 -34.98 10.97 -20.32
C LEU R 84 -34.85 12.48 -20.13
N GLY R 85 -35.10 13.24 -21.21
CA GLY R 85 -35.21 14.69 -21.12
C GLY R 85 -34.16 15.47 -21.88
N ILE R 86 -33.20 14.81 -22.51
CA ILE R 86 -32.20 15.53 -23.27
C ILE R 86 -32.82 16.18 -24.50
N ARG R 87 -32.50 17.45 -24.74
CA ARG R 87 -33.05 18.18 -25.88
C ARG R 87 -31.97 18.82 -26.77
N THR R 88 -30.71 18.71 -26.35
CA THR R 88 -29.59 19.24 -27.12
C THR R 88 -28.50 18.19 -27.17
N PHE R 89 -28.01 17.88 -28.38
CA PHE R 89 -27.00 16.85 -28.55
C PHE R 89 -25.78 17.40 -29.26
N LEU R 90 -24.63 17.31 -28.59
CA LEU R 90 -23.42 17.77 -29.23
C LEU R 90 -22.51 16.59 -29.48
N ARG R 91 -22.21 16.35 -30.75
CA ARG R 91 -21.34 15.26 -31.10
C ARG R 91 -19.89 15.71 -31.20
N ILE R 92 -19.02 14.90 -30.60
CA ILE R 92 -17.58 15.11 -30.66
C ILE R 92 -16.96 13.86 -31.25
N GLY R 93 -16.25 14.05 -32.34
CA GLY R 93 -15.64 12.92 -33.04
C GLY R 93 -14.21 13.09 -33.53
N THR R 94 -13.72 12.01 -34.15
CA THR R 94 -12.48 12.02 -34.92
C THR R 94 -12.91 11.78 -36.34
N THR R 95 -12.13 12.31 -37.27
CA THR R 95 -12.51 12.22 -38.67
C THR R 95 -11.27 12.21 -39.57
N GLY R 96 -11.48 11.77 -40.80
CA GLY R 96 -10.46 11.88 -41.82
C GLY R 96 -10.91 12.85 -42.89
N ALA R 97 -10.08 13.86 -43.14
CA ALA R 97 -10.37 14.86 -44.15
C ALA R 97 -10.12 14.33 -45.56
N ILE R 98 -10.88 14.88 -46.53
CA ILE R 98 -10.72 14.48 -47.92
C ILE R 98 -10.34 15.66 -48.79
N GLN R 99 -10.20 16.83 -48.16
CA GLN R 99 -9.72 18.04 -48.86
C GLN R 99 -8.25 18.25 -48.55
N PRO R 100 -7.46 18.53 -49.58
CA PRO R 100 -6.00 18.70 -49.39
C PRO R 100 -5.63 19.93 -48.55
N HIS R 101 -6.55 20.88 -48.38
CA HIS R 101 -6.22 22.10 -47.62
C HIS R 101 -6.51 21.93 -46.13
N ILE R 102 -7.23 20.87 -45.76
CA ILE R 102 -7.51 20.55 -44.36
C ILE R 102 -6.41 19.71 -43.72
N ASN R 103 -5.83 20.17 -42.63
CA ASN R 103 -4.72 19.46 -42.00
C ASN R 103 -5.10 18.70 -40.74
N VAL R 104 -4.34 17.64 -40.46
CA VAL R 104 -4.44 16.92 -39.19
C VAL R 104 -4.27 17.96 -38.09
N GLY R 105 -5.19 18.03 -37.16
CA GLY R 105 -5.10 19.07 -36.15
C GLY R 105 -6.17 20.13 -36.31
N ASP R 106 -6.69 20.25 -37.53
CA ASP R 106 -7.75 21.20 -37.81
C ASP R 106 -9.04 20.68 -37.19
N VAL R 107 -10.00 21.57 -36.98
CA VAL R 107 -11.29 21.21 -36.38
C VAL R 107 -12.39 21.44 -37.41
N LEU R 108 -13.28 20.48 -37.55
CA LEU R 108 -14.35 20.58 -38.53
C LEU R 108 -15.68 20.67 -37.83
N VAL R 109 -16.46 21.68 -38.19
CA VAL R 109 -17.84 21.84 -37.71
C VAL R 109 -18.76 21.59 -38.91
N THR R 110 -19.63 20.61 -38.77
CA THR R 110 -20.49 20.18 -39.85
C THR R 110 -21.77 20.98 -39.86
N THR R 111 -22.08 21.62 -40.98
CA THR R 111 -23.37 22.29 -41.11
C THR R 111 -24.47 21.32 -41.48
N ALA R 112 -24.14 20.27 -42.23
CA ALA R 112 -25.11 19.24 -42.67
C ALA R 112 -24.33 18.12 -43.29
N SER R 113 -24.95 16.94 -43.38
CA SER R 113 -24.25 15.77 -43.88
C SER R 113 -24.84 15.14 -45.13
N VAL R 114 -23.97 14.67 -46.02
CA VAL R 114 -24.39 13.72 -47.06
C VAL R 114 -24.85 12.44 -46.35
N ARG R 115 -26.10 12.03 -46.60
CA ARG R 115 -26.68 10.89 -45.91
C ARG R 115 -26.34 9.56 -46.56
N LEU R 116 -25.18 9.00 -46.24
CA LEU R 116 -24.77 7.70 -46.79
C LEU R 116 -25.07 6.57 -45.77
N ASP R 117 -26.12 6.76 -44.98
CA ASP R 117 -26.41 5.84 -43.90
C ASP R 117 -27.80 5.23 -44.10
N GLY R 118 -28.14 4.27 -43.28
CA GLY R 118 -29.44 3.64 -43.37
C GLY R 118 -30.41 4.23 -42.38
N ALA R 119 -29.92 4.64 -41.19
CA ALA R 119 -30.81 4.98 -40.08
C ALA R 119 -31.56 6.27 -40.32
N SER R 120 -30.95 7.24 -40.96
CA SER R 120 -31.63 8.50 -41.15
C SER R 120 -32.95 8.30 -41.89
N LEU R 121 -32.95 7.36 -42.83
CA LEU R 121 -34.18 7.05 -43.60
C LEU R 121 -35.33 6.54 -42.74
N HIS R 122 -34.99 6.10 -41.52
CA HIS R 122 -36.02 5.63 -40.58
C HIS R 122 -36.71 6.80 -39.85
N PHE R 123 -36.21 8.02 -40.07
CA PHE R 123 -36.76 9.20 -39.43
C PHE R 123 -37.33 10.18 -40.42
N ALA R 124 -36.69 10.32 -41.57
CA ALA R 124 -37.16 11.20 -42.63
C ALA R 124 -36.72 10.65 -44.00
N PRO R 125 -37.47 10.88 -45.07
CA PRO R 125 -37.07 10.39 -46.39
C PRO R 125 -35.79 11.10 -46.84
N LEU R 126 -35.13 10.56 -47.85
CA LEU R 126 -33.81 11.02 -48.25
C LEU R 126 -33.76 12.50 -48.58
N GLU R 127 -34.82 13.05 -49.15
CA GLU R 127 -34.84 14.44 -49.57
C GLU R 127 -34.72 15.43 -48.41
N PHE R 128 -34.92 14.96 -47.18
CA PHE R 128 -34.87 15.81 -46.01
C PHE R 128 -33.41 16.00 -45.66
N PRO R 129 -33.01 17.27 -45.43
CA PRO R 129 -31.60 17.59 -45.17
C PRO R 129 -31.13 17.14 -43.80
N ALA R 130 -30.00 16.43 -43.76
CA ALA R 130 -29.34 16.09 -42.49
C ALA R 130 -28.61 17.33 -41.99
N VAL R 131 -29.38 18.33 -41.56
CA VAL R 131 -28.85 19.63 -41.20
C VAL R 131 -28.67 19.82 -39.70
N ALA R 132 -27.54 20.38 -39.30
CA ALA R 132 -27.32 20.70 -37.88
C ALA R 132 -28.14 21.91 -37.46
N ASP R 133 -28.49 21.95 -36.17
CA ASP R 133 -29.15 23.09 -35.57
C ASP R 133 -28.26 24.34 -35.68
N PHE R 134 -28.90 25.46 -36.04
CA PHE R 134 -28.18 26.72 -36.20
C PHE R 134 -27.47 27.23 -34.92
N GLU R 135 -28.16 27.16 -33.78
CA GLU R 135 -27.57 27.60 -32.52
C GLU R 135 -26.36 26.74 -32.13
N CYS R 136 -26.50 25.43 -32.27
CA CYS R 136 -25.43 24.51 -31.93
C CYS R 136 -24.22 24.76 -32.81
N THR R 137 -24.45 24.85 -34.11
CA THR R 137 -23.38 25.17 -35.02
C THR R 137 -22.68 26.46 -34.61
N THR R 138 -23.47 27.47 -34.28
CA THR R 138 -22.96 28.80 -33.91
C THR R 138 -22.07 28.66 -32.68
N ALA R 139 -22.62 28.01 -31.66
CA ALA R 139 -21.88 27.76 -30.44
C ALA R 139 -20.57 27.01 -30.71
N LEU R 140 -20.60 26.04 -31.63
CA LEU R 140 -19.41 25.28 -31.98
C LEU R 140 -18.36 26.12 -32.72
N VAL R 141 -18.81 26.87 -33.73
CA VAL R 141 -17.93 27.78 -34.46
C VAL R 141 -17.33 28.84 -33.53
N GLU R 142 -18.16 29.40 -32.65
CA GLU R 142 -17.70 30.43 -31.73
C GLU R 142 -16.72 29.89 -30.68
N ALA R 143 -16.96 28.67 -30.21
CA ALA R 143 -16.10 28.04 -29.22
C ALA R 143 -14.74 27.79 -29.85
N ALA R 144 -14.76 27.37 -31.11
CA ALA R 144 -13.55 27.12 -31.87
C ALA R 144 -12.71 28.37 -32.04
N LYS R 145 -13.37 29.50 -32.38
CA LYS R 145 -12.74 30.82 -32.54
C LYS R 145 -12.10 31.26 -31.23
N SER R 146 -12.77 30.89 -30.15
CA SER R 146 -12.41 31.30 -28.81
C SER R 146 -11.12 30.67 -28.28
N ILE R 147 -10.85 29.46 -28.72
CA ILE R 147 -9.63 28.80 -28.31
C ILE R 147 -8.61 28.81 -29.44
N GLY R 148 -8.96 29.46 -30.55
CA GLY R 148 -8.02 29.71 -31.62
C GLY R 148 -7.62 28.56 -32.53
N ALA R 149 -8.44 27.54 -32.62
CA ALA R 149 -8.16 26.41 -33.52
C ALA R 149 -8.43 26.80 -34.97
N THR R 150 -7.66 26.26 -35.90
CA THR R 150 -7.97 26.48 -37.30
C THR R 150 -9.15 25.58 -37.71
N THR R 151 -10.22 26.21 -38.19
CA THR R 151 -11.52 25.57 -38.26
C THR R 151 -12.09 25.61 -39.67
N HIS R 152 -12.72 24.52 -40.08
CA HIS R 152 -13.47 24.50 -41.34
C HIS R 152 -14.94 24.18 -41.08
N VAL R 153 -15.81 24.92 -41.74
CA VAL R 153 -17.24 24.80 -41.51
C VAL R 153 -17.86 24.39 -42.83
N GLY R 154 -18.61 23.28 -42.83
CA GLY R 154 -19.20 22.78 -44.07
C GLY R 154 -19.81 21.40 -44.00
N VAL R 155 -19.82 20.72 -45.15
CA VAL R 155 -20.54 19.47 -45.36
C VAL R 155 -19.67 18.24 -45.10
N THR R 156 -20.26 17.26 -44.41
CA THR R 156 -19.59 16.03 -44.08
C THR R 156 -20.29 14.87 -44.74
N ALA R 157 -19.53 13.93 -45.28
CA ALA R 157 -20.16 12.72 -45.82
C ALA R 157 -20.22 11.69 -44.70
N SER R 158 -21.41 11.20 -44.40
CA SER R 158 -21.61 10.32 -43.26
C SER R 158 -21.97 8.93 -43.75
N SER R 159 -21.05 8.00 -43.57
CA SER R 159 -21.16 6.67 -44.18
C SER R 159 -21.48 5.54 -43.18
N ASP R 160 -22.29 4.58 -43.61
CA ASP R 160 -22.56 3.39 -42.80
C ASP R 160 -21.38 2.41 -42.74
N THR R 161 -20.34 2.62 -43.54
CA THR R 161 -19.17 1.76 -43.43
C THR R 161 -17.92 2.61 -43.36
N PHE R 162 -16.89 2.04 -42.78
CA PHE R 162 -15.60 2.70 -42.66
C PHE R 162 -14.80 2.42 -43.94
N TYR R 163 -15.06 1.29 -44.58
CA TYR R 163 -14.27 0.83 -45.70
C TYR R 163 -14.89 1.17 -47.08
N PRO R 164 -15.77 0.36 -47.65
CA PRO R 164 -16.21 0.62 -49.02
C PRO R 164 -16.93 1.96 -49.13
N GLY R 165 -17.75 2.33 -48.15
CA GLY R 165 -18.52 3.58 -48.20
C GLY R 165 -17.66 4.85 -48.21
N GLN R 166 -16.42 4.69 -47.76
CA GLN R 166 -15.45 5.76 -47.77
C GLN R 166 -14.41 5.41 -48.81
N GLU R 167 -14.79 4.58 -49.78
CA GLU R 167 -13.91 4.18 -50.89
C GLU R 167 -12.51 3.77 -50.48
N ARG R 168 -12.40 2.91 -49.49
CA ARG R 168 -11.13 2.30 -49.16
C ARG R 168 -10.94 0.99 -49.93
N TYR R 169 -9.81 0.86 -50.60
CA TYR R 169 -9.52 -0.32 -51.39
C TYR R 169 -8.58 -1.27 -50.67
N ASP R 170 -7.97 -0.83 -49.58
CA ASP R 170 -7.01 -1.70 -48.94
C ASP R 170 -7.72 -2.57 -47.90
N THR R 171 -8.39 -3.61 -48.40
CA THR R 171 -9.33 -4.42 -47.62
C THR R 171 -9.18 -5.90 -48.01
N TYR R 172 -9.99 -6.74 -47.38
CA TYR R 172 -9.97 -8.17 -47.67
C TYR R 172 -10.24 -8.44 -49.17
N SER R 173 -11.26 -7.79 -49.72
CA SER R 173 -11.70 -8.03 -51.11
C SER R 173 -10.94 -7.17 -52.11
N GLY R 174 -10.57 -5.97 -51.66
CA GLY R 174 -9.80 -5.06 -52.48
C GLY R 174 -10.68 -4.37 -53.51
N ARG R 175 -12.00 -4.36 -53.23
CA ARG R 175 -12.93 -3.85 -54.20
C ARG R 175 -14.05 -3.03 -53.57
N VAL R 176 -14.65 -2.17 -54.38
CA VAL R 176 -15.71 -1.32 -53.91
C VAL R 176 -16.94 -1.49 -54.79
N VAL R 177 -18.09 -1.71 -54.17
CA VAL R 177 -19.36 -1.81 -54.90
C VAL R 177 -19.54 -0.67 -55.93
N ARG R 178 -20.08 -1.02 -57.10
CA ARG R 178 -20.28 -0.08 -58.20
C ARG R 178 -20.77 1.29 -57.72
N HIS R 179 -21.80 1.29 -56.87
CA HIS R 179 -22.34 2.54 -56.37
C HIS R 179 -21.31 3.50 -55.74
N PHE R 180 -20.29 2.98 -55.08
CA PHE R 180 -19.33 3.86 -54.38
C PHE R 180 -17.99 4.03 -55.12
N LYS R 181 -17.83 3.34 -56.23
CA LYS R 181 -16.65 3.49 -57.04
C LYS R 181 -16.58 4.91 -57.60
N GLY R 182 -15.50 5.62 -57.31
CA GLY R 182 -15.33 6.99 -57.75
C GLY R 182 -16.13 7.99 -56.92
N SER R 183 -16.74 7.54 -55.81
CA SER R 183 -17.54 8.44 -54.99
C SER R 183 -16.73 9.47 -54.23
N MET R 184 -15.50 9.16 -53.83
CA MET R 184 -14.72 10.09 -53.00
C MET R 184 -14.33 11.32 -53.79
N GLU R 185 -13.96 11.09 -55.03
CA GLU R 185 -13.62 12.16 -55.93
C GLU R 185 -14.85 13.06 -56.17
N GLU R 186 -16.04 12.48 -56.27
CA GLU R 186 -17.26 13.29 -56.41
C GLU R 186 -17.51 14.17 -55.16
N TRP R 187 -17.43 13.59 -53.97
CA TRP R 187 -17.64 14.39 -52.77
C TRP R 187 -16.59 15.49 -52.67
N GLN R 188 -15.36 15.13 -53.02
CA GLN R 188 -14.23 16.05 -53.02
C GLN R 188 -14.58 17.29 -53.88
N ALA R 189 -15.05 17.05 -55.10
CA ALA R 189 -15.35 18.13 -56.02
C ALA R 189 -16.50 18.98 -55.51
N MET R 190 -17.39 18.36 -54.73
CA MET R 190 -18.57 19.04 -54.22
C MET R 190 -18.29 19.79 -52.92
N GLY R 191 -17.03 19.80 -52.48
CA GLY R 191 -16.63 20.61 -51.35
C GLY R 191 -16.73 19.90 -50.02
N VAL R 192 -17.12 18.61 -50.03
CA VAL R 192 -17.31 17.87 -48.81
C VAL R 192 -15.99 17.81 -48.05
N MET R 193 -16.03 17.97 -46.71
CA MET R 193 -14.80 18.10 -45.94
C MET R 193 -14.17 16.78 -45.56
N ASN R 194 -15.01 15.83 -45.19
CA ASN R 194 -14.56 14.65 -44.50
C ASN R 194 -15.60 13.55 -44.47
N TYR R 195 -15.16 12.37 -44.04
CA TYR R 195 -16.03 11.24 -43.82
C TYR R 195 -16.06 11.00 -42.34
N GLU R 196 -17.23 10.70 -41.82
CA GLU R 196 -17.38 10.03 -40.54
C GLU R 196 -18.62 9.11 -40.62
N MET R 197 -19.05 8.57 -39.47
CA MET R 197 -20.06 7.51 -39.53
C MET R 197 -21.33 7.72 -38.73
N GLU R 198 -21.57 8.91 -38.18
CA GLU R 198 -22.73 9.04 -37.27
C GLU R 198 -23.63 10.24 -37.53
N SER R 199 -23.07 11.28 -38.16
CA SER R 199 -23.74 12.56 -38.21
C SER R 199 -25.04 12.53 -39.02
N ALA R 200 -25.10 11.77 -40.12
CA ALA R 200 -26.31 11.74 -40.92
C ALA R 200 -27.45 11.28 -40.05
N THR R 201 -27.23 10.24 -39.25
CA THR R 201 -28.30 9.69 -38.39
C THR R 201 -28.64 10.68 -37.31
N LEU R 202 -27.60 11.19 -36.66
CA LEU R 202 -27.79 12.15 -35.57
C LEU R 202 -28.56 13.38 -36.05
N LEU R 203 -28.04 14.02 -37.09
CA LEU R 203 -28.61 15.30 -37.50
C LEU R 203 -30.01 15.14 -38.04
N THR R 204 -30.25 14.04 -38.76
CA THR R 204 -31.59 13.81 -39.31
C THR R 204 -32.60 13.53 -38.23
N MET R 205 -32.25 12.66 -37.28
CA MET R 205 -33.25 12.31 -36.27
C MET R 205 -33.52 13.49 -35.38
N CYS R 206 -32.52 14.34 -35.14
CA CYS R 206 -32.78 15.49 -34.28
C CYS R 206 -33.57 16.55 -34.99
N ALA R 207 -33.13 16.91 -36.20
CA ALA R 207 -33.80 17.97 -36.99
C ALA R 207 -35.26 17.66 -37.29
N SER R 208 -35.64 16.39 -37.30
CA SER R 208 -36.98 16.03 -37.67
C SER R 208 -37.86 15.75 -36.43
N GLN R 209 -37.31 15.98 -35.23
CA GLN R 209 -38.06 15.70 -34.00
C GLN R 209 -37.91 16.80 -32.98
N GLY R 210 -37.49 17.98 -33.44
CA GLY R 210 -37.45 19.17 -32.59
C GLY R 210 -36.33 19.14 -31.57
N LEU R 211 -35.31 18.31 -31.82
CA LEU R 211 -34.12 18.23 -30.97
C LEU R 211 -32.96 18.99 -31.61
N ARG R 212 -32.17 19.65 -30.77
CA ARG R 212 -31.03 20.42 -31.28
C ARG R 212 -29.78 19.56 -31.32
N ALA R 213 -29.08 19.58 -32.45
CA ALA R 213 -27.84 18.82 -32.60
C ALA R 213 -26.75 19.63 -33.34
N GLY R 214 -25.50 19.41 -32.94
CA GLY R 214 -24.35 20.02 -33.59
C GLY R 214 -23.28 18.97 -33.70
N MET R 215 -22.31 19.19 -34.58
CA MET R 215 -21.26 18.22 -34.79
C MET R 215 -19.93 18.89 -34.87
N VAL R 216 -18.95 18.34 -34.15
CA VAL R 216 -17.57 18.80 -34.26
C VAL R 216 -16.66 17.61 -34.22
N ALA R 217 -15.60 17.64 -35.05
CA ALA R 217 -14.59 16.60 -35.05
C ALA R 217 -13.18 17.15 -35.29
N GLY R 218 -12.19 16.44 -34.76
CA GLY R 218 -10.79 16.75 -34.99
C GLY R 218 -10.26 15.84 -36.08
N VAL R 219 -9.44 16.42 -36.95
CA VAL R 219 -8.87 15.69 -38.08
C VAL R 219 -7.66 14.89 -37.62
N ILE R 220 -7.76 13.56 -37.74
CA ILE R 220 -6.67 12.65 -37.38
C ILE R 220 -5.88 12.12 -38.59
N VAL R 221 -6.52 12.08 -39.76
CA VAL R 221 -5.83 11.66 -41.00
C VAL R 221 -6.36 12.39 -42.22
N ASN R 222 -5.51 12.52 -43.23
CA ASN R 222 -5.92 13.06 -44.51
C ASN R 222 -5.87 12.04 -45.65
N ARG R 223 -7.03 11.77 -46.22
CA ARG R 223 -7.16 10.76 -47.27
C ARG R 223 -6.46 11.07 -48.57
N THR R 224 -6.02 12.31 -48.77
CA THR R 224 -5.32 12.65 -49.99
C THR R 224 -3.88 12.17 -49.93
N GLN R 225 -3.53 11.46 -48.85
CA GLN R 225 -2.21 10.80 -48.72
C GLN R 225 -2.26 9.33 -48.24
N GLN R 226 -3.34 8.96 -47.54
CA GLN R 226 -3.42 7.68 -46.81
C GLN R 226 -4.86 7.20 -46.63
N GLU R 227 -5.04 5.89 -46.54
CA GLU R 227 -6.31 5.30 -46.14
C GLU R 227 -6.38 5.12 -44.61
N ILE R 228 -5.48 4.31 -44.07
CA ILE R 228 -5.39 4.02 -42.64
C ILE R 228 -4.51 5.09 -41.93
N PRO R 229 -5.04 5.72 -40.88
CA PRO R 229 -4.21 6.55 -39.97
C PRO R 229 -3.04 5.74 -39.34
N MET R 234 -1.31 14.92 -32.26
CA MET R 234 -2.41 14.01 -32.57
C MET R 234 -3.34 13.80 -31.38
N LYS R 235 -2.78 13.50 -30.21
CA LYS R 235 -3.55 13.44 -28.95
C LYS R 235 -4.01 14.85 -28.55
N GLN R 236 -3.25 15.84 -28.98
CA GLN R 236 -3.52 17.26 -28.72
C GLN R 236 -4.61 17.84 -29.64
N THR R 237 -4.87 17.14 -30.75
CA THR R 237 -5.90 17.50 -31.71
C THR R 237 -7.32 17.25 -31.18
N GLU R 238 -7.52 16.05 -30.62
CA GLU R 238 -8.79 15.68 -30.00
C GLU R 238 -8.98 16.40 -28.65
N SER R 239 -7.86 16.76 -28.01
CA SER R 239 -7.88 17.67 -26.87
C SER R 239 -8.45 19.04 -27.26
N HIS R 240 -8.18 19.50 -28.49
CA HIS R 240 -8.71 20.76 -29.01
C HIS R 240 -10.21 20.63 -29.22
N ALA R 241 -10.59 19.61 -29.97
CA ALA R 241 -11.99 19.35 -30.28
C ALA R 241 -12.83 19.15 -29.02
N VAL R 242 -12.31 18.38 -28.06
CA VAL R 242 -13.02 18.14 -26.79
C VAL R 242 -13.20 19.46 -26.06
N LYS R 243 -12.13 20.25 -25.96
CA LYS R 243 -12.19 21.57 -25.35
C LYS R 243 -13.28 22.37 -26.03
N ILE R 244 -13.33 22.29 -27.36
CA ILE R 244 -14.31 23.07 -28.13
C ILE R 244 -15.75 22.64 -27.84
N VAL R 245 -16.00 21.34 -27.80
CA VAL R 245 -17.35 20.85 -27.56
C VAL R 245 -17.85 21.19 -26.18
N VAL R 246 -16.96 21.14 -25.21
CA VAL R 246 -17.31 21.49 -23.85
C VAL R 246 -17.65 22.98 -23.77
N GLU R 247 -16.83 23.82 -24.38
CA GLU R 247 -17.05 25.26 -24.38
C GLU R 247 -18.31 25.66 -25.14
N ALA R 248 -18.66 24.90 -26.17
CA ALA R 248 -19.91 25.11 -26.88
C ALA R 248 -21.10 24.75 -26.00
N ALA R 249 -21.00 23.61 -25.32
CA ALA R 249 -22.02 23.19 -24.37
C ALA R 249 -22.31 24.33 -23.40
N ARG R 250 -21.25 24.97 -22.92
CA ARG R 250 -21.33 26.08 -21.99
C ARG R 250 -22.27 27.15 -22.55
N ARG R 251 -22.15 27.43 -23.84
CA ARG R 251 -22.91 28.51 -24.46
C ARG R 251 -24.36 28.13 -24.77
N LEU R 252 -24.66 26.84 -24.75
CA LEU R 252 -25.99 26.36 -25.09
C LEU R 252 -26.82 26.01 -23.86
N LEU R 253 -26.27 26.22 -22.68
CA LEU R 253 -26.96 25.84 -21.44
C LEU R 253 -28.09 26.79 -21.07
N SER S 4 -8.77 -113.65 -71.40
CA SER S 4 -9.67 -112.57 -70.85
C SER S 4 -8.96 -111.26 -70.48
N ASP S 5 -9.49 -110.12 -70.96
CA ASP S 5 -8.85 -108.81 -70.80
C ASP S 5 -9.24 -108.07 -69.51
N VAL S 6 -10.30 -108.53 -68.85
CA VAL S 6 -10.80 -107.92 -67.62
C VAL S 6 -10.88 -108.97 -66.49
N PHE S 7 -10.69 -108.52 -65.26
CA PHE S 7 -10.57 -109.46 -64.16
C PHE S 7 -11.87 -110.21 -63.78
N HIS S 8 -13.02 -109.54 -63.83
CA HIS S 8 -14.27 -110.17 -63.38
C HIS S 8 -15.19 -110.68 -64.48
N LEU S 9 -15.37 -109.92 -65.55
CA LEU S 9 -16.36 -110.25 -66.57
C LEU S 9 -15.97 -111.42 -67.46
N GLY S 10 -14.68 -111.75 -67.50
CA GLY S 10 -14.19 -112.81 -68.37
C GLY S 10 -14.49 -112.57 -69.83
N LEU S 11 -14.18 -111.36 -70.31
CA LEU S 11 -14.38 -110.96 -71.70
C LEU S 11 -13.09 -110.41 -72.30
N THR S 12 -13.01 -110.38 -73.64
CA THR S 12 -11.91 -109.75 -74.37
C THR S 12 -12.44 -108.63 -75.27
N LYS S 13 -11.60 -107.66 -75.61
CA LYS S 13 -12.02 -106.55 -76.45
C LYS S 13 -12.66 -107.07 -77.73
N ASN S 14 -12.12 -108.17 -78.22
CA ASN S 14 -12.59 -108.88 -79.39
C ASN S 14 -14.03 -109.37 -79.34
N ASP S 15 -14.44 -109.90 -78.18
CA ASP S 15 -15.79 -110.44 -77.98
C ASP S 15 -16.86 -109.42 -78.31
N LEU S 16 -16.53 -108.15 -78.11
CA LEU S 16 -17.48 -107.06 -78.23
C LEU S 16 -17.69 -106.62 -79.68
N GLN S 17 -16.73 -106.96 -80.53
CA GLN S 17 -16.77 -106.62 -81.94
C GLN S 17 -17.07 -105.16 -82.18
N GLY S 18 -16.46 -104.30 -81.37
CA GLY S 18 -16.55 -102.86 -81.57
C GLY S 18 -17.81 -102.24 -81.02
N ALA S 19 -18.58 -103.01 -80.25
CA ALA S 19 -19.72 -102.48 -79.50
C ALA S 19 -19.26 -101.32 -78.64
N THR S 20 -20.10 -100.30 -78.52
CA THR S 20 -19.81 -99.18 -77.63
C THR S 20 -20.97 -98.86 -76.70
N LEU S 21 -22.06 -99.61 -76.82
CA LEU S 21 -23.25 -99.40 -75.99
C LEU S 21 -23.61 -100.69 -75.27
N ALA S 22 -23.99 -100.58 -74.01
CA ALA S 22 -24.38 -101.73 -73.23
C ALA S 22 -25.69 -101.46 -72.51
N ILE S 23 -26.58 -102.44 -72.59
CA ILE S 23 -27.78 -102.47 -71.74
C ILE S 23 -27.42 -103.27 -70.47
N VAL S 24 -27.59 -102.65 -69.32
CA VAL S 24 -27.17 -103.29 -68.07
C VAL S 24 -28.35 -103.56 -67.08
N PRO S 25 -28.98 -104.73 -67.19
CA PRO S 25 -30.00 -105.13 -66.22
C PRO S 25 -29.32 -105.61 -64.95
N GLY S 26 -30.09 -105.82 -63.88
CA GLY S 26 -29.51 -106.24 -62.62
C GLY S 26 -29.32 -107.75 -62.52
N ASP S 27 -30.29 -108.48 -63.05
CA ASP S 27 -30.36 -109.92 -62.90
C ASP S 27 -29.74 -110.67 -64.06
N PRO S 28 -28.74 -111.49 -63.79
CA PRO S 28 -28.11 -112.32 -64.85
C PRO S 28 -29.13 -113.12 -65.68
N ASP S 29 -30.21 -113.60 -65.06
CA ASP S 29 -31.20 -114.40 -65.76
C ASP S 29 -32.04 -113.62 -66.76
N ARG S 30 -32.01 -112.30 -66.65
CA ARG S 30 -32.81 -111.43 -67.50
C ARG S 30 -32.00 -111.03 -68.75
N VAL S 31 -30.70 -111.33 -68.74
CA VAL S 31 -29.80 -110.84 -69.79
C VAL S 31 -30.18 -111.46 -71.13
N GLU S 32 -30.26 -112.79 -71.16
CA GLU S 32 -30.63 -113.51 -72.37
C GLU S 32 -31.99 -113.07 -72.91
N LYS S 33 -32.97 -112.87 -72.03
CA LYS S 33 -34.30 -112.43 -72.44
C LYS S 33 -34.18 -111.13 -73.24
N ILE S 34 -33.37 -110.19 -72.76
CA ILE S 34 -33.20 -108.88 -73.40
C ILE S 34 -32.49 -109.03 -74.75
N ALA S 35 -31.36 -109.74 -74.74
CA ALA S 35 -30.57 -109.97 -75.95
C ALA S 35 -31.44 -110.58 -77.05
N ALA S 36 -32.35 -111.46 -76.65
CA ALA S 36 -33.23 -112.20 -77.56
C ALA S 36 -34.19 -111.32 -78.34
N LEU S 37 -34.40 -110.11 -77.85
CA LEU S 37 -35.25 -109.15 -78.54
C LEU S 37 -34.50 -108.50 -79.74
N MET S 38 -33.19 -108.76 -79.84
CA MET S 38 -32.34 -108.15 -80.86
C MET S 38 -31.85 -109.24 -81.81
N ASP S 39 -31.03 -108.88 -82.79
CA ASP S 39 -30.58 -109.86 -83.78
C ASP S 39 -29.29 -110.54 -83.36
N LYS S 40 -29.13 -111.78 -83.82
CA LYS S 40 -27.91 -112.59 -83.63
C LYS S 40 -27.39 -112.60 -82.19
N PRO S 41 -28.25 -112.94 -81.23
CA PRO S 41 -27.83 -113.00 -79.82
C PRO S 41 -26.88 -114.17 -79.56
N VAL S 42 -25.77 -113.87 -78.89
CA VAL S 42 -24.76 -114.87 -78.59
C VAL S 42 -24.31 -114.71 -77.13
N LYS S 43 -24.27 -115.81 -76.37
CA LYS S 43 -23.74 -115.75 -75.02
C LYS S 43 -22.24 -115.58 -75.12
N LEU S 44 -21.71 -114.57 -74.40
CA LEU S 44 -20.28 -114.31 -74.36
C LEU S 44 -19.62 -114.95 -73.15
N ALA S 45 -20.17 -114.69 -71.97
CA ALA S 45 -19.56 -115.14 -70.73
C ALA S 45 -20.52 -115.11 -69.57
N SER S 46 -20.18 -115.87 -68.53
CA SER S 46 -20.97 -115.91 -67.32
C SER S 46 -20.06 -116.21 -66.13
N HIS S 47 -19.84 -115.21 -65.28
CA HIS S 47 -19.03 -115.36 -64.07
C HIS S 47 -19.65 -114.56 -62.95
N ARG S 48 -19.75 -115.19 -61.79
CA ARG S 48 -20.42 -114.57 -60.64
C ARG S 48 -21.77 -114.02 -61.12
N GLU S 49 -22.11 -112.79 -60.72
CA GLU S 49 -23.38 -112.19 -61.15
C GLU S 49 -23.33 -111.58 -62.56
N PHE S 50 -22.21 -111.74 -63.25
CA PHE S 50 -21.99 -111.02 -64.50
C PHE S 50 -22.17 -111.93 -65.69
N THR S 51 -23.34 -111.86 -66.31
CA THR S 51 -23.63 -112.59 -67.52
C THR S 51 -23.64 -111.60 -68.68
N THR S 52 -22.92 -111.94 -69.74
CA THR S 52 -22.78 -111.05 -70.90
C THR S 52 -23.24 -111.73 -72.19
N TRP S 53 -24.17 -111.07 -72.89
CA TRP S 53 -24.50 -111.48 -74.24
C TRP S 53 -24.18 -110.34 -75.17
N ARG S 54 -23.89 -110.71 -76.42
CA ARG S 54 -23.74 -109.75 -77.50
C ARG S 54 -24.89 -109.96 -78.45
N ALA S 55 -25.42 -108.88 -79.02
CA ALA S 55 -26.44 -108.99 -80.04
C ALA S 55 -26.22 -107.89 -81.06
N GLU S 56 -27.19 -107.67 -81.93
CA GLU S 56 -27.05 -106.70 -82.99
C GLU S 56 -28.32 -105.90 -83.13
N LEU S 57 -28.16 -104.60 -83.34
CA LEU S 57 -29.26 -103.66 -83.45
C LEU S 57 -29.00 -102.74 -84.61
N ASP S 58 -29.93 -102.76 -85.58
CA ASP S 58 -29.74 -102.11 -86.88
C ASP S 58 -28.31 -102.36 -87.39
N GLY S 59 -27.92 -103.62 -87.38
CA GLY S 59 -26.61 -104.04 -87.85
C GLY S 59 -25.41 -103.61 -87.03
N LYS S 60 -25.64 -103.09 -85.82
CA LYS S 60 -24.54 -102.67 -84.96
C LYS S 60 -24.47 -103.57 -83.74
N PRO S 61 -23.26 -103.98 -83.35
CA PRO S 61 -23.10 -104.84 -82.17
C PRO S 61 -23.44 -104.07 -80.89
N VAL S 62 -24.11 -104.76 -79.98
CA VAL S 62 -24.59 -104.18 -78.73
C VAL S 62 -24.35 -105.22 -77.65
N ILE S 63 -24.01 -104.77 -76.44
CA ILE S 63 -23.78 -105.67 -75.31
C ILE S 63 -24.94 -105.64 -74.33
N VAL S 64 -25.29 -106.82 -73.80
CA VAL S 64 -26.19 -106.90 -72.64
C VAL S 64 -25.47 -107.58 -71.47
N CYS S 65 -25.37 -106.90 -70.34
CA CYS S 65 -24.50 -107.35 -69.25
C CYS S 65 -25.10 -107.08 -67.89
N SER S 66 -25.19 -108.11 -67.05
CA SER S 66 -25.85 -107.94 -65.76
C SER S 66 -24.90 -107.36 -64.73
N THR S 67 -25.45 -106.55 -63.81
CA THR S 67 -24.63 -105.86 -62.81
C THR S 67 -24.66 -106.58 -61.47
N GLY S 68 -25.61 -107.51 -61.32
CA GLY S 68 -26.00 -107.96 -59.99
C GLY S 68 -26.66 -106.80 -59.21
N ILE S 69 -26.94 -107.03 -57.93
CA ILE S 69 -27.61 -106.04 -57.09
C ILE S 69 -26.58 -105.11 -56.44
N GLY S 70 -26.79 -103.81 -56.62
CA GLY S 70 -26.06 -102.82 -55.87
C GLY S 70 -24.87 -102.18 -56.55
N GLY S 71 -24.51 -101.00 -56.03
CA GLY S 71 -23.38 -100.24 -56.48
C GLY S 71 -22.08 -100.99 -56.71
N PRO S 72 -21.58 -101.70 -55.70
CA PRO S 72 -20.25 -102.29 -55.82
C PRO S 72 -20.15 -103.18 -57.06
N SER S 73 -21.09 -104.09 -57.29
CA SER S 73 -20.92 -105.00 -58.43
C SER S 73 -21.20 -104.23 -59.72
N THR S 74 -22.14 -103.32 -59.66
CA THR S 74 -22.38 -102.43 -60.77
C THR S 74 -21.08 -101.73 -61.19
N SER S 75 -20.34 -101.20 -60.20
CA SER S 75 -19.11 -100.48 -60.49
C SER S 75 -18.08 -101.39 -61.13
N ILE S 76 -18.14 -102.68 -60.84
CA ILE S 76 -17.16 -103.60 -61.45
C ILE S 76 -17.52 -103.80 -62.92
N ALA S 77 -18.81 -104.10 -63.17
CA ALA S 77 -19.28 -104.31 -64.55
C ALA S 77 -19.04 -103.09 -65.42
N VAL S 78 -19.41 -101.90 -64.92
CA VAL S 78 -19.25 -100.66 -65.69
C VAL S 78 -17.78 -100.36 -66.02
N GLU S 79 -16.93 -100.40 -65.01
CA GLU S 79 -15.52 -100.12 -65.20
C GLU S 79 -14.93 -101.07 -66.24
N GLU S 80 -15.22 -102.37 -66.11
CA GLU S 80 -14.60 -103.35 -67.01
C GLU S 80 -15.17 -103.24 -68.41
N LEU S 81 -16.47 -103.00 -68.51
CA LEU S 81 -17.04 -102.77 -69.82
C LEU S 81 -16.40 -101.52 -70.46
N ALA S 82 -16.19 -100.47 -69.68
CA ALA S 82 -15.58 -99.24 -70.18
C ALA S 82 -14.18 -99.54 -70.72
N GLN S 83 -13.44 -100.41 -70.01
CA GLN S 83 -12.12 -100.82 -70.44
C GLN S 83 -12.20 -101.48 -71.80
N LEU S 84 -13.28 -102.22 -72.05
CA LEU S 84 -13.39 -102.94 -73.31
C LEU S 84 -14.02 -102.10 -74.41
N GLY S 85 -14.28 -100.83 -74.13
CA GLY S 85 -14.78 -99.94 -75.15
C GLY S 85 -16.21 -99.43 -75.05
N ILE S 86 -17.00 -99.92 -74.10
CA ILE S 86 -18.36 -99.38 -73.91
C ILE S 86 -18.33 -97.93 -73.44
N ARG S 87 -19.13 -97.08 -74.08
CA ARG S 87 -19.17 -95.65 -73.74
C ARG S 87 -20.59 -95.17 -73.35
N THR S 88 -21.59 -96.03 -73.56
CA THR S 88 -22.97 -95.69 -73.28
C THR S 88 -23.59 -96.82 -72.49
N PHE S 89 -24.20 -96.50 -71.35
CA PHE S 89 -24.76 -97.52 -70.50
C PHE S 89 -26.25 -97.25 -70.29
N LEU S 90 -27.11 -98.17 -70.70
CA LEU S 90 -28.53 -98.02 -70.39
C LEU S 90 -28.95 -99.06 -69.38
N ARG S 91 -29.39 -98.57 -68.22
CA ARG S 91 -29.87 -99.46 -67.20
C ARG S 91 -31.38 -99.72 -67.30
N ILE S 92 -31.75 -100.98 -67.20
CA ILE S 92 -33.13 -101.41 -67.20
C ILE S 92 -33.37 -102.13 -65.89
N GLY S 93 -34.31 -101.63 -65.10
CA GLY S 93 -34.60 -102.24 -63.82
C GLY S 93 -36.06 -102.46 -63.49
N THR S 94 -36.28 -103.06 -62.31
CA THR S 94 -37.58 -103.07 -61.64
C THR S 94 -37.47 -102.19 -60.42
N THR S 95 -38.60 -101.62 -60.02
CA THR S 95 -38.58 -100.65 -58.95
C THR S 95 -39.91 -100.63 -58.20
N GLY S 96 -39.87 -100.08 -57.00
CA GLY S 96 -41.07 -99.80 -56.26
C GLY S 96 -41.28 -98.30 -56.10
N ALA S 97 -42.43 -97.82 -56.59
CA ALA S 97 -42.80 -96.40 -56.48
C ALA S 97 -43.16 -96.01 -55.06
N ILE S 98 -42.87 -94.76 -54.72
CA ILE S 98 -43.27 -94.20 -53.43
C ILE S 98 -44.25 -93.02 -53.56
N GLN S 99 -44.71 -92.73 -54.77
CA GLN S 99 -45.71 -91.71 -54.96
C GLN S 99 -47.02 -92.41 -55.25
N PRO S 100 -48.12 -91.97 -54.63
CA PRO S 100 -49.42 -92.61 -54.81
C PRO S 100 -50.00 -92.48 -56.22
N HIS S 101 -49.53 -91.52 -57.01
CA HIS S 101 -50.07 -91.36 -58.38
C HIS S 101 -49.37 -92.29 -59.41
N ILE S 102 -48.25 -92.90 -59.02
CA ILE S 102 -47.53 -93.82 -59.90
C ILE S 102 -48.05 -95.24 -59.74
N ASN S 103 -48.47 -95.87 -60.83
CA ASN S 103 -49.06 -97.21 -60.74
C ASN S 103 -48.12 -98.34 -61.21
N VAL S 104 -48.39 -99.54 -60.69
CA VAL S 104 -47.77 -100.76 -61.17
C VAL S 104 -48.03 -100.84 -62.67
N GLY S 105 -46.97 -100.92 -63.45
CA GLY S 105 -47.11 -100.89 -64.89
C GLY S 105 -46.54 -99.63 -65.52
N ASP S 106 -46.47 -98.58 -64.72
CA ASP S 106 -45.92 -97.32 -65.19
C ASP S 106 -44.43 -97.49 -65.43
N VAL S 107 -43.86 -96.60 -66.23
CA VAL S 107 -42.44 -96.63 -66.52
C VAL S 107 -41.79 -95.38 -65.94
N LEU S 108 -40.68 -95.57 -65.25
CA LEU S 108 -39.95 -94.45 -64.68
C LEU S 108 -38.62 -94.20 -65.37
N VAL S 109 -38.40 -92.98 -65.81
CA VAL S 109 -37.10 -92.57 -66.31
C VAL S 109 -36.50 -91.62 -65.30
N THR S 110 -35.30 -91.94 -64.86
CA THR S 110 -34.60 -91.19 -63.81
C THR S 110 -33.71 -90.11 -64.40
N THR S 111 -33.94 -88.87 -64.00
CA THR S 111 -33.08 -87.76 -64.43
C THR S 111 -31.81 -87.70 -63.59
N ALA S 112 -31.97 -87.96 -62.28
CA ALA S 112 -30.84 -87.99 -61.35
C ALA S 112 -31.28 -88.72 -60.11
N SER S 113 -30.31 -89.16 -59.31
CA SER S 113 -30.59 -89.95 -58.12
C SER S 113 -30.16 -89.34 -56.81
N VAL S 114 -30.95 -89.57 -55.78
CA VAL S 114 -30.52 -89.35 -54.41
C VAL S 114 -29.47 -90.42 -54.11
N ARG S 115 -28.29 -89.97 -53.68
CA ARG S 115 -27.17 -90.88 -53.49
C ARG S 115 -27.20 -91.51 -52.11
N LEU S 116 -27.93 -92.62 -51.95
CA LEU S 116 -27.95 -93.29 -50.64
C LEU S 116 -27.09 -94.54 -50.69
N ASP S 117 -26.00 -94.49 -51.48
CA ASP S 117 -25.09 -95.60 -51.71
C ASP S 117 -23.70 -95.28 -51.23
N GLY S 118 -22.83 -96.26 -51.25
CA GLY S 118 -21.45 -96.04 -50.86
C GLY S 118 -20.53 -95.82 -52.05
N ALA S 119 -20.83 -96.52 -53.16
CA ALA S 119 -19.86 -96.61 -54.27
C ALA S 119 -19.68 -95.27 -55.03
N SER S 120 -20.76 -94.52 -55.20
CA SER S 120 -20.66 -93.24 -55.87
C SER S 120 -19.61 -92.35 -55.24
N LEU S 121 -19.51 -92.38 -53.90
CA LEU S 121 -18.48 -91.61 -53.21
C LEU S 121 -17.06 -92.00 -53.60
N HIS S 122 -16.91 -93.17 -54.19
CA HIS S 122 -15.60 -93.61 -54.66
C HIS S 122 -15.24 -92.97 -56.02
N PHE S 123 -16.19 -92.24 -56.62
CA PHE S 123 -15.93 -91.60 -57.90
C PHE S 123 -16.03 -90.07 -57.86
N ALA S 124 -16.97 -89.56 -57.08
CA ALA S 124 -17.07 -88.14 -56.84
C ALA S 124 -17.60 -87.87 -55.42
N PRO S 125 -17.28 -86.72 -54.83
CA PRO S 125 -17.77 -86.43 -53.47
C PRO S 125 -19.27 -86.22 -53.52
N LEU S 126 -19.94 -86.25 -52.36
CA LEU S 126 -21.40 -86.26 -52.28
C LEU S 126 -22.11 -85.11 -52.99
N GLU S 127 -21.48 -83.94 -53.01
CA GLU S 127 -22.05 -82.76 -53.63
C GLU S 127 -22.20 -82.88 -55.15
N PHE S 128 -21.52 -83.85 -55.76
CA PHE S 128 -21.60 -84.05 -57.22
C PHE S 128 -22.90 -84.75 -57.54
N PRO S 129 -23.63 -84.26 -58.52
CA PRO S 129 -24.97 -84.79 -58.82
C PRO S 129 -24.93 -86.12 -59.53
N ALA S 130 -25.68 -87.10 -59.05
CA ALA S 130 -25.81 -88.38 -59.71
C ALA S 130 -26.78 -88.21 -60.89
N VAL S 131 -26.32 -87.50 -61.91
CA VAL S 131 -27.19 -87.09 -62.98
C VAL S 131 -27.03 -87.97 -64.21
N ALA S 132 -28.17 -88.26 -64.85
CA ALA S 132 -28.18 -89.05 -66.07
C ALA S 132 -27.76 -88.18 -67.23
N ASP S 133 -27.20 -88.82 -68.26
CA ASP S 133 -26.87 -88.18 -69.52
C ASP S 133 -28.10 -87.64 -70.22
N PHE S 134 -28.05 -86.40 -70.68
CA PHE S 134 -29.18 -85.79 -71.34
C PHE S 134 -29.66 -86.55 -72.60
N GLU S 135 -28.73 -87.00 -73.45
CA GLU S 135 -29.13 -87.75 -74.65
C GLU S 135 -29.80 -89.10 -74.32
N CYS S 136 -29.22 -89.83 -73.37
CA CYS S 136 -29.79 -91.09 -72.92
C CYS S 136 -31.17 -90.92 -72.30
N THR S 137 -31.35 -89.91 -71.47
CA THR S 137 -32.65 -89.60 -70.89
C THR S 137 -33.65 -89.28 -72.00
N THR S 138 -33.22 -88.44 -72.94
CA THR S 138 -34.07 -88.09 -74.07
C THR S 138 -34.48 -89.35 -74.84
N ALA S 139 -33.50 -90.19 -75.16
CA ALA S 139 -33.78 -91.39 -75.93
C ALA S 139 -34.76 -92.25 -75.19
N LEU S 140 -34.58 -92.35 -73.88
CA LEU S 140 -35.49 -93.16 -73.06
C LEU S 140 -36.91 -92.58 -73.06
N VAL S 141 -37.01 -91.27 -72.87
CA VAL S 141 -38.32 -90.63 -72.76
C VAL S 141 -39.03 -90.76 -74.08
N GLU S 142 -38.28 -90.60 -75.16
CA GLU S 142 -38.86 -90.66 -76.50
C GLU S 142 -39.26 -92.08 -76.88
N ALA S 143 -38.48 -93.06 -76.45
CA ALA S 143 -38.80 -94.46 -76.71
C ALA S 143 -40.11 -94.79 -76.01
N ALA S 144 -40.24 -94.34 -74.77
CA ALA S 144 -41.43 -94.55 -73.96
C ALA S 144 -42.67 -93.96 -74.62
N LYS S 145 -42.55 -92.74 -75.12
CA LYS S 145 -43.62 -92.05 -75.85
C LYS S 145 -44.04 -92.84 -77.09
N SER S 146 -43.06 -93.42 -77.78
CA SER S 146 -43.28 -94.10 -79.05
C SER S 146 -44.01 -95.44 -78.93
N ILE S 147 -43.93 -96.08 -77.76
CA ILE S 147 -44.68 -97.31 -77.53
C ILE S 147 -45.89 -97.05 -76.62
N GLY S 148 -46.05 -95.80 -76.19
CA GLY S 148 -47.26 -95.35 -75.51
C GLY S 148 -47.44 -95.72 -74.05
N ALA S 149 -46.35 -96.03 -73.35
CA ALA S 149 -46.43 -96.35 -71.93
C ALA S 149 -46.66 -95.09 -71.12
N THR S 150 -47.41 -95.18 -70.03
CA THR S 150 -47.56 -94.02 -69.14
C THR S 150 -46.26 -93.87 -68.32
N THR S 151 -45.64 -92.70 -68.43
CA THR S 151 -44.27 -92.50 -68.02
C THR S 151 -44.11 -91.37 -67.00
N HIS S 152 -43.22 -91.57 -66.04
CA HIS S 152 -42.86 -90.50 -65.13
C HIS S 152 -41.38 -90.23 -65.23
N VAL S 153 -41.01 -88.96 -65.28
CA VAL S 153 -39.62 -88.56 -65.40
C VAL S 153 -39.26 -87.80 -64.14
N GLY S 154 -38.18 -88.22 -63.47
CA GLY S 154 -37.78 -87.51 -62.28
C GLY S 154 -36.71 -88.18 -61.46
N VAL S 155 -36.75 -87.87 -60.16
CA VAL S 155 -35.68 -88.22 -59.24
C VAL S 155 -35.94 -89.54 -58.56
N THR S 156 -34.90 -90.37 -58.48
CA THR S 156 -34.95 -91.68 -57.86
C THR S 156 -34.06 -91.72 -56.64
N ALA S 157 -34.51 -92.33 -55.56
CA ALA S 157 -33.64 -92.61 -54.40
C ALA S 157 -32.94 -93.96 -54.57
N SER S 158 -31.61 -93.92 -54.56
CA SER S 158 -30.83 -95.10 -54.86
C SER S 158 -30.13 -95.59 -53.60
N SER S 159 -30.59 -96.72 -53.05
CA SER S 159 -30.18 -97.15 -51.72
C SER S 159 -29.26 -98.38 -51.72
N ASP S 160 -28.22 -98.35 -50.88
CA ASP S 160 -27.36 -99.51 -50.70
C ASP S 160 -28.03 -100.69 -50.03
N THR S 161 -29.22 -100.52 -49.46
CA THR S 161 -29.97 -101.67 -48.92
C THR S 161 -31.38 -101.74 -49.47
N PHE S 162 -31.93 -102.93 -49.58
CA PHE S 162 -33.33 -103.14 -49.92
C PHE S 162 -34.24 -102.87 -48.70
N TYR S 163 -33.74 -103.11 -47.49
CA TYR S 163 -34.59 -103.04 -46.31
C TYR S 163 -34.54 -101.70 -45.54
N PRO S 164 -33.56 -101.47 -44.63
CA PRO S 164 -33.57 -100.27 -43.81
C PRO S 164 -33.43 -99.02 -44.64
N GLY S 165 -32.61 -99.03 -45.69
CA GLY S 165 -32.38 -97.83 -46.48
C GLY S 165 -33.58 -97.42 -47.31
N GLN S 166 -34.53 -98.34 -47.44
CA GLN S 166 -35.83 -98.09 -48.05
C GLN S 166 -36.91 -98.07 -46.97
N GLU S 167 -36.50 -97.87 -45.73
CA GLU S 167 -37.38 -97.83 -44.57
C GLU S 167 -38.41 -98.94 -44.55
N ARG S 168 -37.96 -100.17 -44.69
CA ARG S 168 -38.82 -101.33 -44.51
C ARG S 168 -38.71 -101.82 -43.06
N TYR S 169 -39.84 -101.97 -42.37
CA TYR S 169 -39.86 -102.39 -40.97
C TYR S 169 -40.16 -103.87 -40.80
N ASP S 170 -40.59 -104.52 -41.87
CA ASP S 170 -41.01 -105.90 -41.72
C ASP S 170 -39.82 -106.84 -41.92
N THR S 171 -38.95 -106.88 -40.92
CA THR S 171 -37.62 -107.45 -41.05
C THR S 171 -37.31 -108.22 -39.78
N TYR S 172 -36.13 -108.81 -39.73
CA TYR S 172 -35.72 -109.62 -38.58
C TYR S 172 -35.74 -108.79 -37.29
N SER S 173 -35.21 -107.57 -37.37
CA SER S 173 -35.05 -106.70 -36.21
C SER S 173 -36.29 -105.83 -36.00
N GLY S 174 -37.00 -105.54 -37.08
CA GLY S 174 -38.16 -104.68 -37.03
C GLY S 174 -37.85 -103.21 -36.79
N ARG S 175 -36.60 -102.83 -37.05
CA ARG S 175 -36.20 -101.47 -36.73
C ARG S 175 -35.32 -100.83 -37.80
N VAL S 176 -35.31 -99.50 -37.81
CA VAL S 176 -34.55 -98.79 -38.81
C VAL S 176 -33.58 -97.85 -38.10
N VAL S 177 -32.31 -97.86 -38.51
CA VAL S 177 -31.33 -96.93 -37.96
C VAL S 177 -31.82 -95.46 -37.96
N ARG S 178 -31.48 -94.73 -36.90
CA ARG S 178 -31.94 -93.35 -36.68
C ARG S 178 -31.90 -92.50 -37.96
N HIS S 179 -30.75 -92.53 -38.64
CA HIS S 179 -30.57 -91.82 -39.88
C HIS S 179 -31.68 -92.04 -40.93
N PHE S 180 -32.22 -93.25 -41.05
CA PHE S 180 -33.25 -93.52 -42.08
C PHE S 180 -34.70 -93.48 -41.61
N LYS S 181 -34.91 -93.27 -40.31
CA LYS S 181 -36.23 -93.24 -39.73
C LYS S 181 -36.93 -92.00 -40.26
N GLY S 182 -38.10 -92.21 -40.85
CA GLY S 182 -38.83 -91.11 -41.43
C GLY S 182 -38.29 -90.65 -42.75
N SER S 183 -37.35 -91.37 -43.32
CA SER S 183 -36.71 -90.91 -44.56
C SER S 183 -37.60 -91.06 -45.77
N MET S 184 -38.46 -92.09 -45.81
CA MET S 184 -39.34 -92.32 -46.97
C MET S 184 -40.31 -91.17 -47.14
N GLU S 185 -40.94 -90.78 -46.04
CA GLU S 185 -41.79 -89.61 -46.03
C GLU S 185 -41.06 -88.35 -46.55
N GLU S 186 -39.79 -88.16 -46.20
CA GLU S 186 -39.05 -86.99 -46.67
C GLU S 186 -38.84 -87.02 -48.18
N TRP S 187 -38.41 -88.17 -48.71
CA TRP S 187 -38.22 -88.29 -50.15
C TRP S 187 -39.56 -88.11 -50.87
N GLN S 188 -40.63 -88.64 -50.28
CA GLN S 188 -41.97 -88.49 -50.83
C GLN S 188 -42.29 -87.02 -51.02
N ALA S 189 -42.14 -86.24 -49.97
CA ALA S 189 -42.46 -84.81 -49.97
C ALA S 189 -41.62 -84.06 -51.01
N MET S 190 -40.42 -84.58 -51.28
CA MET S 190 -39.48 -83.95 -52.16
C MET S 190 -39.70 -84.38 -53.61
N GLY S 191 -40.71 -85.22 -53.83
CA GLY S 191 -41.11 -85.58 -55.18
C GLY S 191 -40.37 -86.76 -55.76
N VAL S 192 -39.56 -87.44 -54.94
CA VAL S 192 -38.81 -88.62 -55.38
C VAL S 192 -39.81 -89.66 -55.82
N MET S 193 -39.52 -90.33 -56.93
CA MET S 193 -40.48 -91.27 -57.50
C MET S 193 -40.45 -92.64 -56.83
N ASN S 194 -39.26 -93.13 -56.53
CA ASN S 194 -39.09 -94.56 -56.28
C ASN S 194 -37.74 -94.84 -55.63
N TYR S 195 -37.59 -96.05 -55.10
CA TYR S 195 -36.33 -96.57 -54.61
C TYR S 195 -35.84 -97.62 -55.59
N GLU S 196 -34.54 -97.63 -55.86
CA GLU S 196 -33.87 -98.79 -56.41
C GLU S 196 -32.47 -98.81 -55.84
N MET S 197 -31.59 -99.67 -56.34
CA MET S 197 -30.31 -99.89 -55.66
C MET S 197 -29.03 -99.73 -56.48
N GLU S 198 -29.10 -99.18 -57.69
CA GLU S 198 -27.88 -99.13 -58.50
C GLU S 198 -27.61 -97.79 -59.17
N SER S 199 -28.66 -96.99 -59.37
CA SER S 199 -28.51 -95.81 -60.22
C SER S 199 -27.51 -94.78 -59.67
N ALA S 200 -27.48 -94.58 -58.35
CA ALA S 200 -26.59 -93.57 -57.82
C ALA S 200 -25.13 -93.91 -58.19
N THR S 201 -24.75 -95.17 -58.09
CA THR S 201 -23.41 -95.59 -58.48
C THR S 201 -23.24 -95.44 -59.96
N LEU S 202 -24.18 -95.95 -60.74
CA LEU S 202 -24.08 -95.92 -62.20
C LEU S 202 -23.98 -94.51 -62.75
N LEU S 203 -24.91 -93.65 -62.36
CA LEU S 203 -24.95 -92.30 -62.90
C LEU S 203 -23.74 -91.50 -62.45
N THR S 204 -23.31 -91.68 -61.21
CA THR S 204 -22.20 -90.90 -60.70
C THR S 204 -20.90 -91.28 -61.42
N MET S 205 -20.66 -92.57 -61.54
CA MET S 205 -19.41 -93.01 -62.08
C MET S 205 -19.38 -92.70 -63.56
N CYS S 206 -20.52 -92.72 -64.24
CA CYS S 206 -20.52 -92.36 -65.65
C CYS S 206 -20.41 -90.85 -65.87
N ALA S 207 -21.19 -90.09 -65.12
CA ALA S 207 -21.18 -88.64 -65.26
C ALA S 207 -19.81 -88.02 -64.96
N SER S 208 -19.02 -88.69 -64.13
CA SER S 208 -17.75 -88.12 -63.69
C SER S 208 -16.56 -88.66 -64.47
N GLN S 209 -16.83 -89.52 -65.46
CA GLN S 209 -15.80 -90.17 -66.29
C GLN S 209 -16.07 -90.09 -67.79
N GLY S 210 -16.99 -89.22 -68.21
CA GLY S 210 -17.23 -88.96 -69.61
C GLY S 210 -17.99 -90.08 -70.27
N LEU S 211 -18.68 -90.89 -69.48
CA LEU S 211 -19.48 -91.98 -70.01
C LEU S 211 -20.94 -91.59 -69.96
N ARG S 212 -21.69 -91.96 -70.99
CA ARG S 212 -23.12 -91.66 -71.03
C ARG S 212 -23.92 -92.74 -70.33
N ALA S 213 -24.82 -92.34 -69.45
CA ALA S 213 -25.70 -93.32 -68.79
C ALA S 213 -27.14 -92.87 -68.73
N GLY S 214 -28.07 -93.82 -68.85
CA GLY S 214 -29.49 -93.57 -68.69
C GLY S 214 -30.12 -94.62 -67.80
N MET S 215 -31.31 -94.34 -67.27
CA MET S 215 -31.97 -95.28 -66.38
C MET S 215 -33.45 -95.35 -66.65
N VAL S 216 -33.97 -96.56 -66.77
CA VAL S 216 -35.40 -96.77 -66.93
C VAL S 216 -35.81 -98.00 -66.14
N ALA S 217 -36.97 -97.96 -65.49
CA ALA S 217 -37.47 -99.06 -64.71
C ALA S 217 -38.99 -99.17 -64.81
N GLY S 218 -39.49 -100.39 -64.66
CA GLY S 218 -40.91 -100.67 -64.61
C GLY S 218 -41.29 -100.82 -63.15
N VAL S 219 -42.44 -100.25 -62.81
CA VAL S 219 -42.95 -100.29 -61.44
C VAL S 219 -43.65 -101.62 -61.16
N ILE S 220 -43.12 -102.36 -60.20
CA ILE S 220 -43.67 -103.65 -59.84
C ILE S 220 -44.45 -103.64 -58.52
N VAL S 221 -44.20 -102.66 -57.67
CA VAL S 221 -44.99 -102.48 -56.46
C VAL S 221 -45.09 -101.01 -56.04
N ASN S 222 -46.15 -100.67 -55.32
CA ASN S 222 -46.30 -99.34 -54.71
C ASN S 222 -46.24 -99.32 -53.20
N ARG S 223 -45.25 -98.62 -52.67
CA ARG S 223 -44.98 -98.59 -51.23
C ARG S 223 -46.07 -97.90 -50.40
N THR S 224 -46.96 -97.16 -51.05
CA THR S 224 -48.01 -96.50 -50.29
C THR S 224 -49.11 -97.50 -49.96
N GLN S 225 -48.89 -98.78 -50.27
CA GLN S 225 -49.80 -99.87 -49.86
C GLN S 225 -49.12 -101.12 -49.25
N GLN S 226 -47.85 -101.32 -49.58
CA GLN S 226 -47.13 -102.57 -49.31
C GLN S 226 -45.61 -102.38 -49.23
N GLU S 227 -44.96 -103.22 -48.42
CA GLU S 227 -43.49 -103.30 -48.41
C GLU S 227 -42.98 -104.33 -49.43
N ILE S 228 -43.37 -105.59 -49.24
CA ILE S 228 -43.01 -106.69 -50.13
C ILE S 228 -44.01 -106.80 -51.32
N PRO S 229 -43.50 -106.79 -52.57
CA PRO S 229 -44.31 -107.20 -53.74
C PRO S 229 -44.90 -108.62 -53.58
N MET S 234 -48.07 -107.66 -64.85
CA MET S 234 -46.81 -107.59 -64.11
C MET S 234 -45.60 -108.06 -64.94
N LYS S 235 -45.72 -109.22 -65.58
CA LYS S 235 -44.69 -109.69 -66.52
C LYS S 235 -44.71 -108.83 -67.79
N GLN S 236 -45.86 -108.22 -68.05
CA GLN S 236 -46.06 -107.33 -69.19
C GLN S 236 -45.52 -105.92 -68.95
N THR S 237 -45.29 -105.58 -67.68
CA THR S 237 -44.74 -104.28 -67.26
C THR S 237 -43.24 -104.16 -67.55
N GLU S 238 -42.51 -105.22 -67.22
CA GLU S 238 -41.07 -105.28 -67.52
C GLU S 238 -40.82 -105.55 -69.01
N SER S 239 -41.81 -106.16 -69.68
CA SER S 239 -41.85 -106.29 -71.13
C SER S 239 -41.92 -104.92 -71.81
N HIS S 240 -42.62 -103.97 -71.15
CA HIS S 240 -42.73 -102.58 -71.62
C HIS S 240 -41.39 -101.89 -71.47
N ALA S 241 -40.84 -101.95 -70.26
CA ALA S 241 -39.57 -101.32 -69.94
C ALA S 241 -38.44 -101.86 -70.80
N VAL S 242 -38.41 -103.17 -71.02
CA VAL S 242 -37.36 -103.79 -71.83
C VAL S 242 -37.48 -103.33 -73.26
N LYS S 243 -38.70 -103.32 -73.79
CA LYS S 243 -38.99 -102.80 -75.12
C LYS S 243 -38.48 -101.36 -75.21
N ILE S 244 -38.74 -100.57 -74.17
CA ILE S 244 -38.34 -99.18 -74.15
C ILE S 244 -36.82 -99.02 -74.19
N VAL S 245 -36.09 -99.79 -73.37
CA VAL S 245 -34.64 -99.65 -73.29
C VAL S 245 -33.98 -100.05 -74.59
N VAL S 246 -34.50 -101.10 -75.22
CA VAL S 246 -33.98 -101.53 -76.52
C VAL S 246 -34.23 -100.47 -77.60
N GLU S 247 -35.42 -99.89 -77.59
CA GLU S 247 -35.75 -98.85 -78.56
C GLU S 247 -34.93 -97.57 -78.34
N ALA S 248 -34.61 -97.27 -77.07
CA ALA S 248 -33.70 -96.14 -76.73
C ALA S 248 -32.29 -96.41 -77.23
N ALA S 249 -31.79 -97.63 -76.99
CA ALA S 249 -30.52 -98.09 -77.53
C ALA S 249 -30.46 -97.82 -79.02
N ARG S 250 -31.53 -98.20 -79.73
CA ARG S 250 -31.62 -97.95 -81.15
C ARG S 250 -31.29 -96.50 -81.50
N ARG S 251 -31.84 -95.56 -80.74
CA ARG S 251 -31.69 -94.12 -81.02
C ARG S 251 -30.34 -93.53 -80.60
N LEU S 252 -29.58 -94.27 -79.80
CA LEU S 252 -28.30 -93.80 -79.28
C LEU S 252 -27.11 -94.40 -80.02
N LEU S 253 -27.37 -95.23 -81.02
CA LEU S 253 -26.34 -95.96 -81.72
C LEU S 253 -25.55 -95.11 -82.71
N SER T 4 -42.27 -119.61 -51.50
CA SER T 4 -41.07 -119.01 -50.84
C SER T 4 -41.36 -117.95 -49.76
N ASP T 5 -40.60 -117.99 -48.68
CA ASP T 5 -40.84 -117.12 -47.51
C ASP T 5 -40.09 -115.80 -47.57
N VAL T 6 -39.09 -115.70 -48.43
CA VAL T 6 -38.31 -114.48 -48.50
C VAL T 6 -38.33 -113.92 -49.91
N PHE T 7 -38.08 -112.63 -50.03
CA PHE T 7 -38.35 -111.98 -51.31
C PHE T 7 -37.33 -112.29 -52.39
N HIS T 8 -36.09 -112.58 -52.01
CA HIS T 8 -35.02 -112.75 -52.99
C HIS T 8 -34.47 -114.19 -53.07
N LEU T 9 -34.25 -114.82 -51.92
CA LEU T 9 -33.49 -116.08 -51.90
C LEU T 9 -34.25 -117.30 -52.39
N GLY T 10 -35.57 -117.18 -52.44
CA GLY T 10 -36.43 -118.28 -52.84
C GLY T 10 -36.32 -119.50 -51.92
N LEU T 11 -36.33 -119.27 -50.61
CA LEU T 11 -36.24 -120.33 -49.62
C LEU T 11 -37.43 -120.25 -48.69
N THR T 12 -37.73 -121.35 -48.03
CA THR T 12 -38.67 -121.35 -46.90
C THR T 12 -37.97 -121.77 -45.60
N LYS T 13 -38.58 -121.42 -44.46
CA LYS T 13 -38.05 -121.82 -43.15
C LYS T 13 -37.76 -123.30 -43.21
N ASN T 14 -38.66 -124.01 -43.86
CA ASN T 14 -38.62 -125.45 -43.94
C ASN T 14 -37.47 -126.03 -44.71
N ASP T 15 -37.04 -125.34 -45.77
CA ASP T 15 -35.87 -125.73 -46.56
C ASP T 15 -34.62 -125.85 -45.69
N LEU T 16 -34.54 -125.01 -44.66
CA LEU T 16 -33.35 -124.91 -43.81
C LEU T 16 -33.28 -126.04 -42.81
N GLN T 17 -34.44 -126.61 -42.50
CA GLN T 17 -34.54 -127.77 -41.59
C GLN T 17 -33.91 -127.56 -40.21
N GLY T 18 -34.15 -126.37 -39.64
CA GLY T 18 -33.61 -125.99 -38.34
C GLY T 18 -32.18 -125.45 -38.34
N ALA T 19 -31.55 -125.33 -39.51
CA ALA T 19 -30.22 -124.76 -39.62
C ALA T 19 -30.20 -123.40 -38.96
N THR T 20 -29.12 -123.09 -38.24
CA THR T 20 -28.97 -121.74 -37.65
C THR T 20 -27.65 -121.11 -37.97
N LEU T 21 -26.83 -121.80 -38.77
CA LEU T 21 -25.52 -121.29 -39.19
C LEU T 21 -25.38 -121.32 -40.72
N ALA T 22 -24.90 -120.23 -41.31
CA ALA T 22 -24.65 -120.19 -42.74
C ALA T 22 -23.18 -119.80 -43.02
N ILE T 23 -22.52 -120.56 -43.90
CA ILE T 23 -21.28 -120.12 -44.51
C ILE T 23 -21.68 -119.32 -45.75
N VAL T 24 -21.29 -118.05 -45.80
CA VAL T 24 -21.66 -117.16 -46.91
C VAL T 24 -20.49 -116.68 -47.81
N PRO T 25 -20.16 -117.45 -48.86
CA PRO T 25 -19.12 -117.07 -49.82
C PRO T 25 -19.67 -116.01 -50.71
N GLY T 26 -18.85 -115.37 -51.52
CA GLY T 26 -19.35 -114.29 -52.35
C GLY T 26 -19.85 -114.78 -53.68
N ASP T 27 -19.20 -115.81 -54.22
CA ASP T 27 -19.40 -116.28 -55.59
C ASP T 27 -20.36 -117.44 -55.62
N PRO T 28 -21.48 -117.30 -56.34
CA PRO T 28 -22.45 -118.40 -56.46
C PRO T 28 -21.82 -119.74 -56.88
N ASP T 29 -20.85 -119.71 -57.79
CA ASP T 29 -20.21 -120.93 -58.30
C ASP T 29 -19.35 -121.64 -57.27
N ARG T 30 -19.07 -121.01 -56.13
CA ARG T 30 -18.24 -121.66 -55.15
C ARG T 30 -19.09 -122.26 -54.01
N VAL T 31 -20.40 -122.05 -54.07
CA VAL T 31 -21.33 -122.58 -53.07
C VAL T 31 -21.32 -124.12 -53.04
N GLU T 32 -21.56 -124.75 -54.19
CA GLU T 32 -21.58 -126.20 -54.32
C GLU T 32 -20.28 -126.81 -53.79
N LYS T 33 -19.18 -126.21 -54.20
CA LYS T 33 -17.85 -126.65 -53.82
C LYS T 33 -17.67 -126.70 -52.32
N ILE T 34 -18.17 -125.68 -51.61
CA ILE T 34 -18.05 -125.62 -50.16
C ILE T 34 -18.97 -126.65 -49.52
N ALA T 35 -20.22 -126.69 -49.98
CA ALA T 35 -21.19 -127.64 -49.47
C ALA T 35 -20.65 -129.06 -49.61
N ALA T 36 -19.98 -129.36 -50.73
CA ALA T 36 -19.43 -130.69 -51.01
C ALA T 36 -18.38 -131.18 -50.01
N LEU T 37 -17.89 -130.27 -49.18
CA LEU T 37 -16.96 -130.67 -48.13
C LEU T 37 -17.65 -131.17 -46.89
N MET T 38 -18.99 -131.02 -46.85
CA MET T 38 -19.80 -131.51 -45.76
C MET T 38 -20.64 -132.73 -46.17
N ASP T 39 -21.54 -133.18 -45.30
CA ASP T 39 -22.37 -134.36 -45.59
C ASP T 39 -23.71 -134.04 -46.20
N LYS T 40 -24.18 -134.93 -47.07
CA LYS T 40 -25.49 -134.83 -47.69
C LYS T 40 -25.77 -133.42 -48.26
N PRO T 41 -24.89 -132.91 -49.13
CA PRO T 41 -25.09 -131.62 -49.81
C PRO T 41 -26.28 -131.68 -50.75
N VAL T 42 -27.11 -130.64 -50.71
CA VAL T 42 -28.34 -130.58 -51.49
C VAL T 42 -28.52 -129.14 -51.96
N LYS T 43 -28.71 -128.96 -53.26
CA LYS T 43 -29.02 -127.63 -53.79
C LYS T 43 -30.45 -127.26 -53.40
N LEU T 44 -30.65 -126.03 -52.89
CA LEU T 44 -31.95 -125.56 -52.43
C LEU T 44 -32.54 -124.63 -53.44
N ALA T 45 -31.73 -123.70 -53.91
CA ALA T 45 -32.25 -122.62 -54.74
C ALA T 45 -31.16 -121.87 -55.44
N SER T 46 -31.55 -121.22 -56.52
CA SER T 46 -30.65 -120.29 -57.22
C SER T 46 -31.43 -119.15 -57.87
N HIS T 47 -31.24 -117.93 -57.35
CA HIS T 47 -31.87 -116.73 -57.89
C HIS T 47 -30.90 -115.56 -57.85
N ARG T 48 -30.78 -114.86 -58.98
CA ARG T 48 -29.82 -113.75 -59.09
C ARG T 48 -28.45 -114.25 -58.62
N GLU T 49 -27.74 -113.49 -57.81
CA GLU T 49 -26.44 -113.95 -57.33
C GLU T 49 -26.52 -114.83 -56.10
N PHE T 50 -27.74 -115.25 -55.71
CA PHE T 50 -27.96 -116.00 -54.46
C PHE T 50 -28.19 -117.46 -54.71
N THR T 51 -27.15 -118.25 -54.50
CA THR T 51 -27.21 -119.71 -54.63
C THR T 51 -27.10 -120.35 -53.25
N THR T 52 -28.01 -121.27 -52.95
CA THR T 52 -28.12 -121.83 -51.61
C THR T 52 -28.06 -123.35 -51.72
N TRP T 53 -27.14 -123.91 -50.94
CA TRP T 53 -27.11 -125.33 -50.67
C TRP T 53 -27.28 -125.53 -49.17
N ARG T 54 -27.82 -126.70 -48.82
CA ARG T 54 -27.85 -127.18 -47.44
C ARG T 54 -26.97 -128.44 -47.35
N ALA T 55 -26.25 -128.57 -46.26
CA ALA T 55 -25.51 -129.77 -46.00
C ALA T 55 -25.63 -130.05 -44.51
N GLU T 56 -24.95 -131.09 -44.08
CA GLU T 56 -24.97 -131.52 -42.70
C GLU T 56 -23.52 -131.55 -42.17
N LEU T 57 -23.36 -131.06 -40.95
CA LEU T 57 -22.05 -131.02 -40.32
C LEU T 57 -22.18 -131.55 -38.89
N ASP T 58 -21.45 -132.65 -38.61
CA ASP T 58 -21.63 -133.38 -37.36
C ASP T 58 -23.08 -133.59 -37.05
N GLY T 59 -23.85 -134.03 -38.05
CA GLY T 59 -25.28 -134.28 -37.86
C GLY T 59 -26.19 -133.07 -37.74
N LYS T 60 -25.66 -131.87 -37.90
CA LYS T 60 -26.49 -130.67 -37.87
C LYS T 60 -26.61 -130.01 -39.24
N PRO T 61 -27.82 -129.55 -39.61
CA PRO T 61 -28.02 -128.85 -40.88
C PRO T 61 -27.31 -127.49 -40.89
N VAL T 62 -26.69 -127.19 -42.02
CA VAL T 62 -25.89 -125.99 -42.19
C VAL T 62 -26.22 -125.46 -43.59
N ILE T 63 -26.28 -124.14 -43.74
CA ILE T 63 -26.55 -123.52 -45.02
C ILE T 63 -25.28 -122.94 -45.66
N VAL T 64 -25.13 -123.09 -46.97
CA VAL T 64 -24.12 -122.34 -47.70
C VAL T 64 -24.87 -121.45 -48.70
N CYS T 65 -24.67 -120.14 -48.60
CA CYS T 65 -25.41 -119.19 -49.42
C CYS T 65 -24.53 -118.07 -49.92
N SER T 66 -24.51 -117.83 -51.22
CA SER T 66 -23.66 -116.77 -51.79
C SER T 66 -24.27 -115.37 -51.65
N THR T 67 -23.41 -114.37 -51.48
CA THR T 67 -23.85 -113.01 -51.25
C THR T 67 -23.79 -112.18 -52.50
N GLY T 68 -23.10 -112.66 -53.53
CA GLY T 68 -22.68 -111.81 -54.64
C GLY T 68 -21.60 -110.87 -54.14
N ILE T 69 -21.15 -109.96 -54.99
CA ILE T 69 -20.15 -108.96 -54.63
C ILE T 69 -20.82 -107.73 -54.00
N GLY T 70 -20.36 -107.34 -52.81
CA GLY T 70 -20.69 -106.05 -52.25
C GLY T 70 -21.72 -106.04 -51.12
N GLY T 71 -21.67 -104.95 -50.33
CA GLY T 71 -22.56 -104.75 -49.21
C GLY T 71 -24.02 -104.95 -49.53
N PRO T 72 -24.54 -104.30 -50.58
CA PRO T 72 -25.99 -104.36 -50.88
C PRO T 72 -26.50 -105.77 -51.05
N SER T 73 -25.92 -106.58 -51.92
CA SER T 73 -26.46 -107.91 -52.04
C SER T 73 -26.22 -108.75 -50.79
N THR T 74 -25.07 -108.53 -50.14
CA THR T 74 -24.79 -109.18 -48.85
C THR T 74 -25.93 -108.84 -47.88
N SER T 75 -26.32 -107.58 -47.83
CA SER T 75 -27.31 -107.17 -46.85
C SER T 75 -28.63 -107.89 -47.07
N ILE T 76 -28.96 -108.14 -48.33
CA ILE T 76 -30.17 -108.92 -48.66
C ILE T 76 -30.03 -110.39 -48.21
N ALA T 77 -28.92 -111.03 -48.56
CA ALA T 77 -28.75 -112.42 -48.17
C ALA T 77 -28.86 -112.59 -46.66
N VAL T 78 -28.10 -111.78 -45.91
CA VAL T 78 -28.05 -111.92 -44.47
C VAL T 78 -29.42 -111.65 -43.83
N GLU T 79 -30.12 -110.62 -44.29
CA GLU T 79 -31.42 -110.26 -43.73
C GLU T 79 -32.36 -111.44 -43.91
N GLU T 80 -32.34 -112.01 -45.09
CA GLU T 80 -33.40 -112.99 -45.43
C GLU T 80 -33.06 -114.34 -44.79
N LEU T 81 -31.75 -114.65 -44.73
CA LEU T 81 -31.33 -115.82 -43.96
C LEU T 81 -31.69 -115.66 -42.49
N ALA T 82 -31.49 -114.44 -41.94
CA ALA T 82 -31.83 -114.15 -40.55
C ALA T 82 -33.31 -114.40 -40.32
N GLN T 83 -34.14 -113.95 -41.27
CA GLN T 83 -35.60 -114.17 -41.21
C GLN T 83 -35.90 -115.65 -41.17
N LEU T 84 -35.12 -116.44 -41.88
CA LEU T 84 -35.33 -117.89 -41.95
C LEU T 84 -34.76 -118.64 -40.75
N GLY T 85 -33.99 -117.96 -39.90
CA GLY T 85 -33.54 -118.57 -38.66
C GLY T 85 -32.06 -118.65 -38.48
N ILE T 86 -31.29 -118.18 -39.45
CA ILE T 86 -29.83 -118.16 -39.32
C ILE T 86 -29.42 -117.14 -38.28
N ARG T 87 -28.46 -117.50 -37.43
CA ARG T 87 -28.03 -116.63 -36.34
C ARG T 87 -26.53 -116.50 -36.33
N THR T 88 -25.87 -117.31 -37.14
CA THR T 88 -24.41 -117.28 -37.24
C THR T 88 -23.99 -117.26 -38.69
N PHE T 89 -23.19 -116.26 -39.04
CA PHE T 89 -22.71 -116.10 -40.41
C PHE T 89 -21.19 -116.16 -40.49
N LEU T 90 -20.68 -117.09 -41.27
CA LEU T 90 -19.23 -117.12 -41.52
C LEU T 90 -18.95 -116.78 -42.96
N ARG T 91 -18.29 -115.65 -43.17
CA ARG T 91 -17.97 -115.28 -44.53
C ARG T 91 -16.61 -115.79 -44.94
N ILE T 92 -16.55 -116.36 -46.14
CA ILE T 92 -15.32 -116.84 -46.74
C ILE T 92 -15.10 -116.16 -48.09
N GLY T 93 -13.97 -115.49 -48.21
CA GLY T 93 -13.70 -114.68 -49.39
C GLY T 93 -12.31 -114.79 -49.96
N THR T 94 -12.10 -114.05 -51.05
CA THR T 94 -10.77 -113.81 -51.61
C THR T 94 -10.41 -112.35 -51.31
N THR T 95 -9.12 -112.07 -51.22
CA THR T 95 -8.69 -110.77 -50.80
C THR T 95 -7.33 -110.41 -51.38
N GLY T 96 -7.09 -109.12 -51.43
CA GLY T 96 -5.78 -108.61 -51.75
C GLY T 96 -5.11 -108.11 -50.48
N ALA T 97 -3.94 -108.67 -50.18
CA ALA T 97 -3.12 -108.20 -49.06
C ALA T 97 -2.44 -106.90 -49.39
N ILE T 98 -2.30 -106.02 -48.41
CA ILE T 98 -1.61 -104.76 -48.63
C ILE T 98 -0.36 -104.59 -47.78
N GLN T 99 -0.01 -105.62 -47.02
CA GLN T 99 1.21 -105.62 -46.23
C GLN T 99 2.24 -106.46 -46.95
N PRO T 100 3.50 -106.04 -46.98
CA PRO T 100 4.53 -106.74 -47.75
C PRO T 100 4.86 -108.14 -47.24
N HIS T 101 4.58 -108.45 -45.97
CA HIS T 101 4.91 -109.77 -45.41
C HIS T 101 3.80 -110.83 -45.58
N ILE T 102 2.61 -110.42 -46.04
CA ILE T 102 1.53 -111.37 -46.25
C ILE T 102 1.61 -111.93 -47.66
N ASN T 103 1.68 -113.25 -47.78
CA ASN T 103 1.87 -113.93 -49.07
C ASN T 103 0.61 -114.46 -49.71
N VAL T 104 0.66 -114.59 -51.03
CA VAL T 104 -0.42 -115.20 -51.78
C VAL T 104 -0.58 -116.60 -51.21
N GLY T 105 -1.81 -116.98 -50.90
CA GLY T 105 -2.09 -118.25 -50.28
C GLY T 105 -2.31 -118.19 -48.79
N ASP T 106 -1.90 -117.11 -48.14
CA ASP T 106 -2.06 -116.94 -46.70
C ASP T 106 -3.55 -116.83 -46.42
N VAL T 107 -3.93 -117.06 -45.15
CA VAL T 107 -5.30 -116.93 -44.69
C VAL T 107 -5.42 -115.76 -43.71
N LEU T 108 -6.39 -114.90 -43.95
CA LEU T 108 -6.60 -113.72 -43.12
C LEU T 108 -7.91 -113.81 -42.37
N VAL T 109 -7.83 -113.63 -41.06
CA VAL T 109 -9.02 -113.60 -40.22
C VAL T 109 -9.21 -112.14 -39.77
N THR T 110 -10.38 -111.57 -40.06
CA THR T 110 -10.67 -110.18 -39.76
C THR T 110 -11.23 -110.03 -38.35
N THR T 111 -10.61 -109.18 -37.52
CA THR T 111 -11.21 -108.90 -36.23
C THR T 111 -12.27 -107.84 -36.37
N ALA T 112 -12.02 -106.83 -37.22
CA ALA T 112 -12.97 -105.75 -37.50
C ALA T 112 -12.58 -105.08 -38.80
N SER T 113 -13.49 -104.32 -39.41
CA SER T 113 -13.20 -103.72 -40.71
C SER T 113 -13.26 -102.20 -40.74
N VAL T 114 -12.44 -101.62 -41.61
CA VAL T 114 -12.55 -100.21 -41.91
C VAL T 114 -13.73 -100.11 -42.85
N ARG T 115 -14.70 -99.26 -42.48
CA ARG T 115 -15.98 -99.21 -43.19
C ARG T 115 -15.91 -98.27 -44.39
N LEU T 116 -15.47 -98.80 -45.53
CA LEU T 116 -15.40 -98.02 -46.75
C LEU T 116 -16.58 -98.37 -47.63
N ASP T 117 -17.71 -98.73 -46.99
CA ASP T 117 -18.90 -99.18 -47.70
C ASP T 117 -20.07 -98.24 -47.40
N GLY T 118 -21.16 -98.44 -48.12
CA GLY T 118 -22.33 -97.64 -47.85
C GLY T 118 -23.36 -98.34 -47.01
N ALA T 119 -23.48 -99.66 -47.21
CA ALA T 119 -24.59 -100.42 -46.63
C ALA T 119 -24.52 -100.45 -45.11
N SER T 120 -23.31 -100.54 -44.54
CA SER T 120 -23.16 -100.59 -43.09
C SER T 120 -23.84 -99.38 -42.42
N LEU T 121 -23.80 -98.22 -43.08
CA LEU T 121 -24.42 -97.03 -42.52
C LEU T 121 -25.94 -97.16 -42.38
N HIS T 122 -26.51 -98.16 -43.05
CA HIS T 122 -27.95 -98.37 -43.03
C HIS T 122 -28.36 -99.17 -41.83
N PHE T 123 -27.37 -99.64 -41.08
CA PHE T 123 -27.64 -100.39 -39.86
C PHE T 123 -27.15 -99.72 -38.60
N ALA T 124 -26.05 -99.01 -38.71
CA ALA T 124 -25.44 -98.29 -37.59
C ALA T 124 -24.60 -97.11 -38.12
N PRO T 125 -24.54 -96.00 -37.39
CA PRO T 125 -23.79 -94.82 -37.85
C PRO T 125 -22.31 -95.19 -37.88
N LEU T 126 -21.48 -94.37 -38.52
CA LEU T 126 -20.09 -94.75 -38.83
C LEU T 126 -19.22 -95.09 -37.59
N GLU T 127 -19.48 -94.42 -36.47
CA GLU T 127 -18.71 -94.56 -35.25
C GLU T 127 -18.86 -95.94 -34.61
N PHE T 128 -19.83 -96.71 -35.05
CA PHE T 128 -20.04 -98.03 -34.51
C PHE T 128 -19.04 -98.97 -35.20
N PRO T 129 -18.40 -99.85 -34.44
CA PRO T 129 -17.31 -100.67 -34.99
C PRO T 129 -17.77 -101.86 -35.82
N ALA T 130 -17.22 -102.02 -37.03
CA ALA T 130 -17.53 -103.19 -37.83
C ALA T 130 -16.72 -104.37 -37.27
N VAL T 131 -17.10 -104.80 -36.06
CA VAL T 131 -16.35 -105.80 -35.33
C VAL T 131 -16.94 -107.19 -35.49
N ALA T 132 -16.08 -108.19 -35.63
CA ALA T 132 -16.52 -109.59 -35.73
C ALA T 132 -16.89 -110.15 -34.37
N ASP T 133 -17.70 -111.21 -34.36
CA ASP T 133 -18.10 -111.87 -33.14
C ASP T 133 -16.90 -112.62 -32.56
N PHE T 134 -16.73 -112.55 -31.26
CA PHE T 134 -15.57 -113.13 -30.61
C PHE T 134 -15.50 -114.65 -30.71
N GLU T 135 -16.64 -115.31 -30.62
CA GLU T 135 -16.66 -116.76 -30.70
C GLU T 135 -16.32 -117.17 -32.14
N CYS T 136 -16.91 -116.48 -33.13
CA CYS T 136 -16.61 -116.74 -34.52
C CYS T 136 -15.13 -116.52 -34.84
N THR T 137 -14.59 -115.37 -34.42
CA THR T 137 -13.19 -115.10 -34.64
C THR T 137 -12.33 -116.17 -34.02
N THR T 138 -12.60 -116.52 -32.76
CA THR T 138 -11.87 -117.60 -32.07
C THR T 138 -11.95 -118.90 -32.88
N ALA T 139 -13.16 -119.30 -33.27
CA ALA T 139 -13.33 -120.51 -34.06
C ALA T 139 -12.45 -120.48 -35.30
N LEU T 140 -12.43 -119.35 -36.01
CA LEU T 140 -11.65 -119.24 -37.24
C LEU T 140 -10.17 -119.37 -36.94
N VAL T 141 -9.70 -118.72 -35.88
CA VAL T 141 -8.28 -118.66 -35.58
C VAL T 141 -7.88 -120.07 -35.18
N GLU T 142 -8.69 -120.68 -34.33
CA GLU T 142 -8.39 -122.00 -33.81
C GLU T 142 -8.45 -123.08 -34.92
N ALA T 143 -9.43 -122.96 -35.82
CA ALA T 143 -9.48 -123.81 -37.02
C ALA T 143 -8.21 -123.74 -37.86
N ALA T 144 -7.77 -122.50 -38.16
CA ALA T 144 -6.59 -122.29 -38.97
C ALA T 144 -5.35 -122.91 -38.30
N LYS T 145 -5.30 -122.82 -36.97
CA LYS T 145 -4.16 -123.32 -36.19
C LYS T 145 -4.07 -124.82 -36.38
N SER T 146 -5.23 -125.46 -36.32
CA SER T 146 -5.33 -126.92 -36.43
C SER T 146 -5.14 -127.51 -37.84
N ILE T 147 -5.33 -126.75 -38.91
CA ILE T 147 -4.94 -127.28 -40.20
C ILE T 147 -3.59 -126.69 -40.65
N GLY T 148 -2.99 -125.88 -39.78
CA GLY T 148 -1.61 -125.42 -39.95
C GLY T 148 -1.36 -124.44 -41.08
N ALA T 149 -2.41 -123.77 -41.54
CA ALA T 149 -2.25 -122.73 -42.54
C ALA T 149 -1.57 -121.51 -41.92
N THR T 150 -0.73 -120.82 -42.69
CA THR T 150 -0.11 -119.62 -42.16
C THR T 150 -1.18 -118.51 -42.15
N THR T 151 -1.38 -117.92 -40.98
CA THR T 151 -2.54 -117.05 -40.73
C THR T 151 -2.19 -115.70 -40.14
N HIS T 152 -2.84 -114.66 -40.65
CA HIS T 152 -2.75 -113.35 -40.04
C HIS T 152 -4.10 -112.89 -39.50
N VAL T 153 -4.05 -112.24 -38.34
CA VAL T 153 -5.27 -111.83 -37.65
C VAL T 153 -5.23 -110.33 -37.46
N GLY T 154 -6.27 -109.63 -37.89
CA GLY T 154 -6.35 -108.20 -37.68
C GLY T 154 -7.39 -107.52 -38.52
N VAL T 155 -7.12 -106.25 -38.87
CA VAL T 155 -8.10 -105.32 -39.46
C VAL T 155 -8.09 -105.37 -40.99
N THR T 156 -9.26 -105.25 -41.59
CA THR T 156 -9.44 -105.36 -43.02
C THR T 156 -10.14 -104.12 -43.53
N ALA T 157 -9.72 -103.62 -44.68
CA ALA T 157 -10.37 -102.45 -45.27
C ALA T 157 -11.41 -102.99 -46.25
N SER T 158 -12.67 -102.64 -46.01
CA SER T 158 -13.77 -103.22 -46.74
C SER T 158 -14.40 -102.16 -47.62
N SER T 159 -14.24 -102.33 -48.93
CA SER T 159 -14.53 -101.27 -49.88
C SER T 159 -15.74 -101.53 -50.80
N ASP T 160 -16.62 -100.53 -50.96
CA ASP T 160 -17.70 -100.63 -51.94
C ASP T 160 -17.27 -100.74 -53.41
N THR T 161 -15.97 -100.53 -53.73
CA THR T 161 -15.49 -100.73 -55.09
C THR T 161 -14.25 -101.58 -55.11
N PHE T 162 -14.01 -102.24 -56.23
CA PHE T 162 -12.83 -103.06 -56.43
C PHE T 162 -11.74 -102.15 -56.97
N TYR T 163 -12.11 -101.11 -57.72
CA TYR T 163 -11.09 -100.24 -58.33
C TYR T 163 -10.66 -99.00 -57.50
N PRO T 164 -11.33 -97.85 -57.60
CA PRO T 164 -10.84 -96.65 -56.90
C PRO T 164 -10.78 -96.79 -55.35
N GLY T 165 -11.76 -97.43 -54.69
CA GLY T 165 -11.73 -97.54 -53.25
C GLY T 165 -10.58 -98.41 -52.74
N GLN T 166 -9.97 -99.18 -53.63
CA GLN T 166 -8.80 -99.98 -53.27
C GLN T 166 -7.57 -99.40 -53.98
N GLU T 167 -7.70 -98.13 -54.37
CA GLU T 167 -6.65 -97.36 -55.05
C GLU T 167 -5.97 -98.03 -56.22
N ARG T 168 -6.74 -98.67 -57.08
CA ARG T 168 -6.19 -99.22 -58.33
C ARG T 168 -6.16 -98.14 -59.39
N TYR T 169 -5.04 -98.05 -60.09
CA TYR T 169 -4.88 -97.06 -61.15
C TYR T 169 -5.00 -97.61 -62.58
N ASP T 170 -4.83 -98.91 -62.80
CA ASP T 170 -5.05 -99.51 -64.15
C ASP T 170 -6.52 -99.61 -64.47
N THR T 171 -7.11 -98.49 -64.82
CA THR T 171 -8.54 -98.42 -64.98
C THR T 171 -8.80 -97.61 -66.22
N TYR T 172 -10.05 -97.59 -66.64
CA TYR T 172 -10.46 -96.84 -67.82
C TYR T 172 -9.94 -95.42 -67.73
N SER T 173 -10.09 -94.80 -66.56
CA SER T 173 -9.80 -93.37 -66.39
C SER T 173 -8.39 -93.12 -65.85
N GLY T 174 -7.83 -94.12 -65.17
CA GLY T 174 -6.55 -93.94 -64.52
C GLY T 174 -6.51 -92.91 -63.37
N ARG T 175 -7.66 -92.39 -62.93
CA ARG T 175 -7.66 -91.52 -61.76
C ARG T 175 -8.35 -92.14 -60.56
N VAL T 176 -8.07 -91.59 -59.40
CA VAL T 176 -8.70 -91.99 -58.18
C VAL T 176 -9.14 -90.69 -57.51
N VAL T 177 -10.42 -90.63 -57.16
CA VAL T 177 -11.02 -89.50 -56.46
C VAL T 177 -10.17 -89.00 -55.27
N ARG T 178 -10.13 -87.68 -55.09
CA ARG T 178 -9.33 -87.06 -54.03
C ARG T 178 -9.36 -87.84 -52.73
N HIS T 179 -10.56 -88.18 -52.28
CA HIS T 179 -10.71 -88.88 -51.01
C HIS T 179 -9.88 -90.16 -50.86
N PHE T 180 -9.66 -90.89 -51.94
CA PHE T 180 -8.95 -92.17 -51.84
C PHE T 180 -7.50 -92.11 -52.31
N LYS T 181 -7.08 -90.94 -52.83
CA LYS T 181 -5.71 -90.74 -53.29
C LYS T 181 -4.81 -90.91 -52.09
N GLY T 182 -3.88 -91.85 -52.15
CA GLY T 182 -2.94 -92.01 -51.05
C GLY T 182 -3.53 -92.80 -49.90
N SER T 183 -4.73 -93.37 -50.08
CA SER T 183 -5.40 -94.12 -49.03
C SER T 183 -4.79 -95.49 -48.72
N MET T 184 -4.35 -96.24 -49.73
CA MET T 184 -3.76 -97.54 -49.46
C MET T 184 -2.58 -97.39 -48.50
N GLU T 185 -1.75 -96.39 -48.74
CA GLU T 185 -0.59 -96.16 -47.90
C GLU T 185 -0.96 -95.77 -46.46
N GLU T 186 -2.08 -95.07 -46.28
CA GLU T 186 -2.53 -94.75 -44.92
C GLU T 186 -2.96 -96.05 -44.21
N TRP T 187 -3.75 -96.86 -44.91
CA TRP T 187 -4.18 -98.11 -44.32
C TRP T 187 -2.98 -99.00 -43.98
N GLN T 188 -1.96 -99.09 -44.85
CA GLN T 188 -0.82 -99.91 -44.49
C GLN T 188 -0.08 -99.41 -43.27
N ALA T 189 0.11 -98.11 -43.18
CA ALA T 189 0.75 -97.54 -42.01
C ALA T 189 -0.04 -97.90 -40.74
N MET T 190 -1.36 -98.12 -40.88
CA MET T 190 -2.21 -98.36 -39.75
C MET T 190 -2.31 -99.82 -39.43
N GLY T 191 -1.53 -100.64 -40.14
CA GLY T 191 -1.49 -102.06 -39.92
C GLY T 191 -2.59 -102.85 -40.60
N VAL T 192 -3.45 -102.20 -41.38
CA VAL T 192 -4.56 -102.89 -42.07
C VAL T 192 -3.97 -103.96 -43.00
N MET T 193 -4.55 -105.16 -43.02
CA MET T 193 -3.93 -106.30 -43.68
C MET T 193 -4.26 -106.36 -45.15
N ASN T 194 -5.50 -106.02 -45.48
CA ASN T 194 -6.04 -106.38 -46.78
C ASN T 194 -7.25 -105.57 -47.15
N TYR T 195 -7.64 -105.67 -48.43
CA TYR T 195 -8.90 -105.08 -48.94
C TYR T 195 -9.82 -106.21 -49.30
N GLU T 196 -11.12 -106.07 -49.05
CA GLU T 196 -12.13 -106.93 -49.70
C GLU T 196 -13.39 -106.09 -49.79
N MET T 197 -14.54 -106.69 -50.10
CA MET T 197 -15.70 -105.84 -50.34
C MET T 197 -16.96 -106.07 -49.54
N GLU T 198 -16.97 -107.01 -48.61
CA GLU T 198 -18.24 -107.33 -47.94
C GLU T 198 -18.24 -107.32 -46.42
N SER T 199 -17.06 -107.33 -45.82
CA SER T 199 -16.98 -107.55 -44.38
C SER T 199 -17.56 -106.41 -43.62
N ALA T 200 -17.34 -105.19 -44.09
CA ALA T 200 -17.83 -104.03 -43.35
C ALA T 200 -19.35 -104.14 -43.19
N THR T 201 -20.05 -104.47 -44.28
CA THR T 201 -21.49 -104.62 -44.23
C THR T 201 -21.85 -105.76 -43.31
N LEU T 202 -21.26 -106.92 -43.55
CA LEU T 202 -21.64 -108.14 -42.82
C LEU T 202 -21.46 -107.95 -41.34
N LEU T 203 -20.26 -107.60 -40.94
CA LEU T 203 -19.97 -107.42 -39.52
C LEU T 203 -20.85 -106.36 -38.87
N THR T 204 -21.08 -105.24 -39.54
CA THR T 204 -21.83 -104.17 -38.92
C THR T 204 -23.28 -104.54 -38.74
N MET T 205 -23.89 -105.08 -39.82
CA MET T 205 -25.30 -105.48 -39.75
C MET T 205 -25.51 -106.58 -38.73
N CYS T 206 -24.53 -107.50 -38.63
CA CYS T 206 -24.62 -108.54 -37.60
C CYS T 206 -24.37 -108.05 -36.16
N ALA T 207 -23.26 -107.35 -35.94
CA ALA T 207 -22.91 -106.90 -34.60
C ALA T 207 -24.04 -106.04 -34.01
N SER T 208 -24.72 -105.28 -34.86
CA SER T 208 -25.75 -104.38 -34.39
C SER T 208 -27.17 -104.98 -34.31
N GLN T 209 -27.31 -106.27 -34.59
CA GLN T 209 -28.61 -106.95 -34.51
C GLN T 209 -28.55 -108.28 -33.74
N GLY T 210 -27.54 -108.50 -32.91
CA GLY T 210 -27.43 -109.73 -32.15
C GLY T 210 -27.18 -110.99 -32.97
N LEU T 211 -26.66 -110.85 -34.19
CA LEU T 211 -26.23 -112.00 -34.98
C LEU T 211 -24.73 -112.13 -34.89
N ARG T 212 -24.25 -113.37 -34.83
CA ARG T 212 -22.83 -113.64 -34.73
C ARG T 212 -22.26 -113.76 -36.14
N ALA T 213 -21.12 -113.12 -36.39
CA ALA T 213 -20.49 -113.15 -37.72
C ALA T 213 -18.97 -113.23 -37.58
N GLY T 214 -18.35 -113.93 -38.51
CA GLY T 214 -16.90 -114.00 -38.54
C GLY T 214 -16.47 -113.90 -39.98
N MET T 215 -15.20 -113.67 -40.21
CA MET T 215 -14.76 -113.31 -41.55
C MET T 215 -13.37 -113.84 -41.82
N VAL T 216 -13.24 -114.60 -42.91
CA VAL T 216 -11.95 -115.20 -43.29
C VAL T 216 -11.77 -115.16 -44.81
N ALA T 217 -10.54 -114.95 -45.27
CA ALA T 217 -10.30 -114.88 -46.71
C ALA T 217 -8.95 -115.41 -47.07
N GLY T 218 -8.83 -115.98 -48.26
CA GLY T 218 -7.54 -116.42 -48.79
C GLY T 218 -7.00 -115.31 -49.65
N VAL T 219 -5.70 -115.04 -49.50
CA VAL T 219 -5.02 -113.98 -50.22
C VAL T 219 -4.73 -114.40 -51.67
N ILE T 220 -5.23 -113.65 -52.65
CA ILE T 220 -5.00 -114.02 -54.05
C ILE T 220 -4.10 -113.05 -54.79
N VAL T 221 -3.74 -111.94 -54.14
CA VAL T 221 -2.78 -110.97 -54.71
C VAL T 221 -2.16 -110.14 -53.60
N ASN T 222 -0.92 -109.75 -53.78
CA ASN T 222 -0.32 -108.78 -52.90
C ASN T 222 -0.14 -107.43 -53.59
N ARG T 223 -0.78 -106.42 -53.02
CA ARG T 223 -0.92 -105.14 -53.66
C ARG T 223 0.36 -104.32 -53.61
N THR T 224 1.35 -104.76 -52.83
CA THR T 224 2.64 -104.08 -52.87
C THR T 224 3.44 -104.51 -54.10
N GLN T 225 2.88 -105.43 -54.89
CA GLN T 225 3.54 -105.99 -56.07
C GLN T 225 2.77 -105.73 -57.36
N GLN T 226 1.44 -105.72 -57.26
CA GLN T 226 0.57 -105.92 -58.39
C GLN T 226 -0.81 -105.36 -58.07
N GLU T 227 -1.56 -104.96 -59.08
CA GLU T 227 -2.96 -104.62 -58.89
C GLU T 227 -3.87 -105.82 -59.21
N ILE T 228 -3.54 -106.54 -60.30
CA ILE T 228 -4.39 -107.62 -60.79
C ILE T 228 -3.86 -109.02 -60.44
N PRO T 229 -4.69 -109.85 -59.81
CA PRO T 229 -4.29 -111.23 -59.47
C PRO T 229 -3.86 -112.07 -60.68
N ASN T 230 -2.92 -113.00 -60.49
CA ASN T 230 -2.31 -113.78 -61.59
C ASN T 230 -3.21 -114.75 -62.38
N SER T 239 -9.03 -122.03 -50.81
CA SER T 239 -8.99 -123.48 -50.68
C SER T 239 -8.41 -123.93 -49.32
N HIS T 240 -7.35 -123.27 -48.84
CA HIS T 240 -6.96 -123.43 -47.44
C HIS T 240 -8.06 -122.80 -46.59
N ALA T 241 -8.52 -121.63 -47.04
CA ALA T 241 -9.52 -120.85 -46.34
C ALA T 241 -10.89 -121.56 -46.30
N VAL T 242 -11.24 -122.26 -47.37
CA VAL T 242 -12.49 -123.00 -47.41
C VAL T 242 -12.50 -124.11 -46.35
N LYS T 243 -11.41 -124.89 -46.30
CA LYS T 243 -11.20 -125.90 -45.24
C LYS T 243 -11.34 -125.27 -43.85
N ILE T 244 -10.81 -124.06 -43.68
CA ILE T 244 -10.84 -123.39 -42.40
C ILE T 244 -12.25 -122.96 -41.97
N VAL T 245 -12.96 -122.32 -42.90
CA VAL T 245 -14.33 -121.89 -42.61
C VAL T 245 -15.25 -123.06 -42.25
N VAL T 246 -15.10 -124.18 -42.94
CA VAL T 246 -15.90 -125.35 -42.63
C VAL T 246 -15.56 -125.88 -41.24
N GLU T 247 -14.26 -125.94 -40.95
CA GLU T 247 -13.81 -126.43 -39.66
C GLU T 247 -14.29 -125.49 -38.54
N ALA T 248 -14.33 -124.18 -38.84
CA ALA T 248 -14.75 -123.23 -37.83
C ALA T 248 -16.23 -123.37 -37.59
N ALA T 249 -17.02 -123.52 -38.64
CA ALA T 249 -18.44 -123.80 -38.51
C ALA T 249 -18.67 -124.99 -37.56
N ARG T 250 -17.86 -126.05 -37.71
CA ARG T 250 -17.94 -127.22 -36.88
C ARG T 250 -17.87 -126.84 -35.39
N ARG T 251 -16.91 -126.00 -35.05
CA ARG T 251 -16.73 -125.53 -33.66
C ARG T 251 -17.82 -124.57 -33.16
N LEU T 252 -18.61 -124.02 -34.07
CA LEU T 252 -19.64 -123.08 -33.68
C LEU T 252 -21.04 -123.69 -33.57
N LEU T 253 -21.16 -124.99 -33.81
CA LEU T 253 -22.47 -125.59 -33.99
C LEU T 253 -23.08 -125.85 -32.64
N SER U 4 14.21 -87.11 -16.95
CA SER U 4 12.96 -87.69 -17.56
C SER U 4 12.92 -87.71 -19.13
N ASP U 5 12.57 -88.85 -19.70
CA ASP U 5 12.54 -89.03 -21.16
C ASP U 5 11.22 -88.63 -21.87
N VAL U 6 10.15 -88.44 -21.12
CA VAL U 6 8.86 -88.11 -21.73
C VAL U 6 8.30 -86.86 -21.05
N PHE U 7 7.47 -86.10 -21.76
CA PHE U 7 7.10 -84.76 -21.30
C PHE U 7 6.11 -84.73 -20.14
N HIS U 8 5.17 -85.67 -20.08
CA HIS U 8 4.15 -85.64 -19.03
C HIS U 8 4.34 -86.67 -17.90
N LEU U 9 4.72 -87.90 -18.22
CA LEU U 9 4.74 -88.96 -17.22
C LEU U 9 5.86 -88.84 -16.19
N GLY U 10 6.91 -88.07 -16.55
CA GLY U 10 8.11 -87.95 -15.73
C GLY U 10 8.78 -89.28 -15.45
N LEU U 11 9.05 -90.05 -16.50
CA LEU U 11 9.68 -91.37 -16.42
C LEU U 11 10.86 -91.46 -17.37
N THR U 12 11.75 -92.43 -17.13
CA THR U 12 12.87 -92.69 -18.03
C THR U 12 12.78 -94.14 -18.49
N LYS U 13 13.38 -94.45 -19.65
CA LYS U 13 13.34 -95.80 -20.21
C LYS U 13 13.82 -96.76 -19.15
N ASN U 14 14.84 -96.33 -18.41
CA ASN U 14 15.43 -97.08 -17.33
C ASN U 14 14.48 -97.50 -16.22
N ASP U 15 13.56 -96.61 -15.84
CA ASP U 15 12.62 -96.86 -14.74
C ASP U 15 11.80 -98.11 -15.00
N LEU U 16 11.58 -98.40 -16.27
CA LEU U 16 10.69 -99.46 -16.68
C LEU U 16 11.37 -100.81 -16.63
N GLN U 17 12.71 -100.81 -16.64
CA GLN U 17 13.52 -102.04 -16.60
C GLN U 17 13.09 -103.10 -17.63
N GLY U 18 12.83 -102.63 -18.85
CA GLY U 18 12.53 -103.54 -19.93
C GLY U 18 11.10 -104.02 -19.97
N ALA U 19 10.25 -103.43 -19.13
CA ALA U 19 8.82 -103.71 -19.17
C ALA U 19 8.29 -103.41 -20.56
N THR U 20 7.35 -104.23 -21.04
CA THR U 20 6.69 -104.00 -22.31
C THR U 20 5.16 -104.10 -22.22
N LEU U 21 4.66 -104.39 -21.02
CA LEU U 21 3.22 -104.43 -20.83
C LEU U 21 2.81 -103.46 -19.74
N ALA U 22 1.70 -102.75 -19.94
CA ALA U 22 1.20 -101.83 -18.93
C ALA U 22 -0.25 -102.07 -18.65
N ILE U 23 -0.62 -102.12 -17.37
CA ILE U 23 -2.01 -102.06 -16.96
C ILE U 23 -2.36 -100.58 -16.75
N VAL U 24 -3.41 -100.12 -17.41
CA VAL U 24 -3.78 -98.71 -17.37
C VAL U 24 -5.19 -98.46 -16.82
N PRO U 25 -5.29 -98.25 -15.51
CA PRO U 25 -6.56 -97.82 -14.88
C PRO U 25 -6.77 -96.33 -15.13
N GLY U 26 -7.96 -95.83 -14.85
CA GLY U 26 -8.22 -94.42 -15.03
C GLY U 26 -7.80 -93.56 -13.84
N ASP U 27 -7.90 -94.12 -12.63
CA ASP U 27 -7.78 -93.33 -11.42
C ASP U 27 -6.39 -93.49 -10.81
N PRO U 28 -5.65 -92.39 -10.65
CA PRO U 28 -4.31 -92.44 -10.04
C PRO U 28 -4.28 -93.14 -8.69
N ASP U 29 -5.36 -92.99 -7.91
CA ASP U 29 -5.46 -93.62 -6.58
C ASP U 29 -5.62 -95.13 -6.60
N ARG U 30 -6.02 -95.66 -7.74
CA ARG U 30 -6.24 -97.07 -7.90
C ARG U 30 -4.94 -97.76 -8.33
N VAL U 31 -3.93 -96.99 -8.76
CA VAL U 31 -2.70 -97.56 -9.34
C VAL U 31 -1.93 -98.43 -8.36
N GLU U 32 -1.70 -97.86 -7.17
CA GLU U 32 -0.99 -98.55 -6.10
C GLU U 32 -1.69 -99.84 -5.66
N LYS U 33 -3.03 -99.80 -5.58
CA LYS U 33 -3.82 -100.98 -5.24
C LYS U 33 -3.59 -102.15 -6.20
N ILE U 34 -3.53 -101.84 -7.49
CA ILE U 34 -3.28 -102.85 -8.52
C ILE U 34 -1.86 -103.38 -8.44
N ALA U 35 -0.89 -102.48 -8.36
CA ALA U 35 0.51 -102.85 -8.27
C ALA U 35 0.76 -103.78 -7.10
N ALA U 36 0.06 -103.52 -6.00
CA ALA U 36 0.22 -104.28 -4.74
C ALA U 36 -0.20 -105.76 -4.86
N LEU U 37 -0.97 -106.08 -5.91
CA LEU U 37 -1.34 -107.47 -6.20
C LEU U 37 -0.23 -108.25 -6.89
N MET U 38 0.87 -107.58 -7.22
CA MET U 38 2.02 -108.19 -7.89
C MET U 38 3.27 -108.10 -7.01
N ASP U 39 4.40 -108.61 -7.47
CA ASP U 39 5.60 -108.62 -6.66
C ASP U 39 6.43 -107.35 -6.78
N LYS U 40 7.13 -107.00 -5.70
CA LYS U 40 8.08 -105.88 -5.69
C LYS U 40 7.54 -104.56 -6.25
N PRO U 41 6.39 -104.12 -5.77
CA PRO U 41 5.78 -102.86 -6.24
C PRO U 41 6.56 -101.61 -5.78
N VAL U 42 6.78 -100.71 -6.73
CA VAL U 42 7.59 -99.55 -6.47
C VAL U 42 6.94 -98.37 -7.16
N LYS U 43 6.69 -97.29 -6.42
CA LYS U 43 6.24 -96.06 -7.05
C LYS U 43 7.37 -95.47 -7.92
N LEU U 44 7.04 -95.13 -9.17
CA LEU U 44 8.02 -94.55 -10.08
C LEU U 44 7.86 -93.04 -10.13
N ALA U 45 6.62 -92.58 -10.34
CA ALA U 45 6.34 -91.17 -10.56
C ALA U 45 4.87 -90.82 -10.40
N SER U 46 4.63 -89.54 -10.17
CA SER U 46 3.28 -89.03 -10.01
C SER U 46 3.22 -87.56 -10.47
N HIS U 47 2.59 -87.33 -11.62
CA HIS U 47 2.47 -85.98 -12.16
C HIS U 47 1.09 -85.86 -12.77
N ARG U 48 0.40 -84.76 -12.46
CA ARG U 48 -0.98 -84.57 -12.91
C ARG U 48 -1.76 -85.84 -12.61
N GLU U 49 -2.53 -86.33 -13.58
CA GLU U 49 -3.34 -87.51 -13.34
C GLU U 49 -2.57 -88.77 -13.62
N PHE U 50 -1.28 -88.62 -13.93
CA PHE U 50 -0.48 -89.80 -14.27
C PHE U 50 0.35 -90.29 -13.10
N THR U 51 -0.11 -91.39 -12.49
CA THR U 51 0.65 -92.08 -11.45
C THR U 51 1.18 -93.40 -12.00
N THR U 52 2.48 -93.63 -11.82
CA THR U 52 3.09 -94.84 -12.37
C THR U 52 3.77 -95.66 -11.29
N TRP U 53 3.40 -96.94 -11.23
CA TRP U 53 4.14 -97.92 -10.43
C TRP U 53 4.75 -98.96 -11.34
N ARG U 54 5.86 -99.54 -10.91
CA ARG U 54 6.42 -100.75 -11.53
C ARG U 54 6.25 -101.89 -10.55
N ALA U 55 5.97 -103.06 -11.07
CA ALA U 55 5.92 -104.27 -10.27
C ALA U 55 6.45 -105.44 -11.10
N GLU U 56 6.27 -106.64 -10.59
CA GLU U 56 6.83 -107.83 -11.20
C GLU U 56 5.79 -108.92 -11.23
N LEU U 57 5.73 -109.64 -12.35
CA LEU U 57 4.76 -110.71 -12.58
C LEU U 57 5.50 -111.88 -13.21
N ASP U 58 5.51 -113.02 -12.52
CA ASP U 58 6.33 -114.18 -12.89
C ASP U 58 7.72 -113.74 -13.28
N GLY U 59 8.33 -112.93 -12.40
CA GLY U 59 9.68 -112.41 -12.57
C GLY U 59 9.90 -111.40 -13.71
N LYS U 60 8.83 -110.91 -14.33
CA LYS U 60 8.96 -109.95 -15.41
C LYS U 60 8.42 -108.60 -14.95
N PRO U 61 9.12 -107.52 -15.29
CA PRO U 61 8.69 -106.18 -14.91
C PRO U 61 7.43 -105.74 -15.68
N VAL U 62 6.50 -105.13 -14.95
CA VAL U 62 5.21 -104.72 -15.50
C VAL U 62 4.91 -103.31 -14.97
N ILE U 63 4.27 -102.50 -15.80
CA ILE U 63 3.95 -101.11 -15.45
C ILE U 63 2.47 -100.99 -15.09
N VAL U 64 2.14 -100.19 -14.08
CA VAL U 64 0.77 -99.78 -13.82
C VAL U 64 0.72 -98.27 -13.82
N CYS U 65 -0.14 -97.70 -14.66
CA CYS U 65 -0.10 -96.28 -14.97
C CYS U 65 -1.49 -95.74 -15.24
N SER U 66 -1.86 -94.69 -14.53
CA SER U 66 -3.19 -94.12 -14.67
C SER U 66 -3.33 -93.19 -15.88
N THR U 67 -4.49 -93.23 -16.51
CA THR U 67 -4.72 -92.39 -17.69
C THR U 67 -5.42 -91.10 -17.36
N GLY U 68 -6.07 -91.03 -16.19
CA GLY U 68 -7.03 -89.95 -15.93
C GLY U 68 -8.30 -90.27 -16.69
N ILE U 69 -9.30 -89.40 -16.60
CA ILE U 69 -10.55 -89.59 -17.32
C ILE U 69 -10.45 -89.04 -18.75
N GLY U 70 -10.80 -89.86 -19.73
CA GLY U 70 -11.00 -89.36 -21.08
C GLY U 70 -9.88 -89.62 -22.07
N GLY U 71 -10.25 -89.55 -23.35
CA GLY U 71 -9.37 -89.83 -24.45
C GLY U 71 -8.10 -89.02 -24.43
N PRO U 72 -8.21 -87.70 -24.29
CA PRO U 72 -7.05 -86.84 -24.38
C PRO U 72 -5.94 -87.22 -23.42
N SER U 73 -6.25 -87.39 -22.15
CA SER U 73 -5.17 -87.74 -21.21
C SER U 73 -4.72 -89.19 -21.43
N THR U 74 -5.66 -90.05 -21.77
CA THR U 74 -5.33 -91.40 -22.15
C THR U 74 -4.29 -91.43 -23.26
N SER U 75 -4.50 -90.61 -24.28
CA SER U 75 -3.61 -90.58 -25.43
C SER U 75 -2.18 -90.11 -25.06
N ILE U 76 -2.07 -89.24 -24.04
CA ILE U 76 -0.75 -88.82 -23.60
C ILE U 76 -0.05 -90.00 -22.91
N ALA U 77 -0.76 -90.67 -22.01
CA ALA U 77 -0.17 -91.78 -21.25
C ALA U 77 0.26 -92.92 -22.16
N VAL U 78 -0.59 -93.29 -23.11
CA VAL U 78 -0.28 -94.36 -24.05
C VAL U 78 0.90 -94.00 -24.94
N GLU U 79 0.87 -92.81 -25.52
CA GLU U 79 1.94 -92.38 -26.41
C GLU U 79 3.29 -92.42 -25.70
N GLU U 80 3.34 -91.84 -24.50
CA GLU U 80 4.61 -91.70 -23.79
C GLU U 80 5.09 -93.05 -23.23
N LEU U 81 4.15 -93.90 -22.80
CA LEU U 81 4.52 -95.26 -22.44
C LEU U 81 5.10 -96.02 -23.63
N ALA U 82 4.45 -95.87 -24.78
CA ALA U 82 4.91 -96.50 -26.00
C ALA U 82 6.36 -96.07 -26.31
N GLN U 83 6.61 -94.76 -26.17
CA GLN U 83 7.96 -94.20 -26.33
C GLN U 83 8.98 -94.87 -25.42
N LEU U 84 8.54 -95.27 -24.23
CA LEU U 84 9.46 -95.89 -23.30
C LEU U 84 9.52 -97.40 -23.47
N GLY U 85 8.79 -97.93 -24.45
CA GLY U 85 8.91 -99.35 -24.75
C GLY U 85 7.73 -100.24 -24.47
N ILE U 86 6.64 -99.71 -23.92
CA ILE U 86 5.42 -100.49 -23.72
C ILE U 86 4.74 -100.85 -25.06
N ARG U 87 4.38 -102.12 -25.22
CA ARG U 87 3.78 -102.62 -26.45
C ARG U 87 2.38 -103.24 -26.25
N THR U 88 2.01 -103.45 -25.01
CA THR U 88 0.72 -104.05 -24.70
C THR U 88 0.08 -103.23 -23.60
N PHE U 89 -1.17 -102.85 -23.81
CA PHE U 89 -1.90 -102.04 -22.84
C PHE U 89 -3.17 -102.72 -22.45
N LEU U 90 -3.36 -102.93 -21.15
CA LEU U 90 -4.56 -103.56 -20.66
C LEU U 90 -5.27 -102.56 -19.82
N ARG U 91 -6.45 -102.18 -20.26
CA ARG U 91 -7.26 -101.26 -19.49
C ARG U 91 -8.17 -101.94 -18.50
N ILE U 92 -8.18 -101.44 -17.27
CA ILE U 92 -9.07 -101.91 -16.22
C ILE U 92 -9.92 -100.74 -15.74
N GLY U 93 -11.24 -100.92 -15.75
CA GLY U 93 -12.13 -99.81 -15.44
C GLY U 93 -13.37 -100.20 -14.67
N THR U 94 -14.17 -99.17 -14.36
CA THR U 94 -15.53 -99.31 -13.81
C THR U 94 -16.44 -98.78 -14.88
N THR U 95 -17.65 -99.34 -14.91
CA THR U 95 -18.56 -98.99 -15.98
C THR U 95 -20.01 -99.13 -15.57
N GLY U 96 -20.88 -98.49 -16.33
CA GLY U 96 -22.30 -98.63 -16.12
C GLY U 96 -22.90 -99.34 -17.30
N ALA U 97 -23.51 -100.51 -17.04
CA ALA U 97 -24.21 -101.28 -18.07
C ALA U 97 -25.50 -100.60 -18.52
N ILE U 98 -25.86 -100.85 -19.79
CA ILE U 98 -27.12 -100.36 -20.37
C ILE U 98 -28.03 -101.50 -20.86
N GLN U 99 -27.60 -102.73 -20.68
CA GLN U 99 -28.47 -103.88 -20.94
C GLN U 99 -29.05 -104.42 -19.64
N PRO U 100 -30.36 -104.69 -19.62
CA PRO U 100 -31.02 -105.15 -18.40
C PRO U 100 -30.55 -106.51 -17.91
N HIS U 101 -29.92 -107.30 -18.76
CA HIS U 101 -29.46 -108.63 -18.35
C HIS U 101 -28.08 -108.60 -17.69
N ILE U 102 -27.37 -107.48 -17.82
CA ILE U 102 -26.06 -107.32 -17.19
C ILE U 102 -26.22 -106.81 -15.75
N ASN U 103 -25.66 -107.52 -14.77
CA ASN U 103 -25.79 -107.09 -13.37
C ASN U 103 -24.56 -106.44 -12.76
N VAL U 104 -24.80 -105.62 -11.74
CA VAL U 104 -23.73 -105.07 -10.91
C VAL U 104 -22.94 -106.28 -10.39
N GLY U 105 -21.63 -106.31 -10.65
CA GLY U 105 -20.84 -107.46 -10.26
C GLY U 105 -20.31 -108.21 -11.45
N ASP U 106 -20.98 -108.08 -12.59
CA ASP U 106 -20.59 -108.74 -13.83
C ASP U 106 -19.35 -108.09 -14.40
N VAL U 107 -18.65 -108.83 -15.25
CA VAL U 107 -17.40 -108.34 -15.84
C VAL U 107 -17.59 -108.17 -17.34
N LEU U 108 -17.16 -107.05 -17.89
CA LEU U 108 -17.32 -106.82 -19.33
C LEU U 108 -15.99 -106.75 -20.00
N VAL U 109 -15.86 -107.56 -21.06
CA VAL U 109 -14.70 -107.52 -21.97
C VAL U 109 -15.14 -106.91 -23.28
N THR U 110 -14.50 -105.81 -23.66
CA THR U 110 -14.86 -105.09 -24.87
C THR U 110 -14.09 -105.63 -26.07
N THR U 111 -14.82 -106.06 -27.10
CA THR U 111 -14.19 -106.45 -28.36
C THR U 111 -13.86 -105.22 -29.21
N ALA U 112 -14.75 -104.22 -29.19
CA ALA U 112 -14.58 -102.96 -29.94
C ALA U 112 -15.50 -101.89 -29.39
N SER U 113 -15.22 -100.63 -29.72
CA SER U 113 -15.99 -99.53 -29.14
C SER U 113 -16.66 -98.65 -30.16
N VAL U 114 -17.90 -98.24 -29.86
CA VAL U 114 -18.54 -97.11 -30.53
C VAL U 114 -17.73 -95.86 -30.23
N ARG U 115 -17.25 -95.19 -31.27
CA ARG U 115 -16.31 -94.09 -31.09
C ARG U 115 -17.05 -92.76 -30.86
N LEU U 116 -17.46 -92.49 -29.62
CA LEU U 116 -18.15 -91.24 -29.33
C LEU U 116 -17.18 -90.22 -28.74
N ASP U 117 -15.91 -90.31 -29.15
CA ASP U 117 -14.82 -89.49 -28.59
C ASP U 117 -14.22 -88.61 -29.67
N GLY U 118 -13.34 -87.71 -29.27
CA GLY U 118 -12.62 -86.88 -30.23
C GLY U 118 -11.23 -87.36 -30.54
N ALA U 119 -10.54 -87.93 -29.56
CA ALA U 119 -9.13 -88.31 -29.75
C ALA U 119 -8.87 -89.40 -30.78
N SER U 120 -9.74 -90.41 -30.86
CA SER U 120 -9.52 -91.49 -31.81
C SER U 120 -9.37 -90.94 -33.24
N LEU U 121 -10.17 -89.93 -33.58
CA LEU U 121 -10.09 -89.27 -34.89
C LEU U 121 -8.72 -88.70 -35.20
N HIS U 122 -7.93 -88.44 -34.15
CA HIS U 122 -6.57 -87.93 -34.30
C HIS U 122 -5.61 -89.07 -34.67
N PHE U 123 -6.09 -90.31 -34.66
CA PHE U 123 -5.22 -91.43 -35.03
C PHE U 123 -5.68 -92.14 -36.31
N ALA U 124 -7.00 -92.21 -36.50
CA ALA U 124 -7.55 -92.86 -37.66
C ALA U 124 -8.92 -92.22 -37.94
N PRO U 125 -9.35 -92.14 -39.21
CA PRO U 125 -10.66 -91.56 -39.53
C PRO U 125 -11.76 -92.45 -38.99
N LEU U 126 -13.00 -91.95 -38.91
CA LEU U 126 -14.09 -92.59 -38.16
C LEU U 126 -14.40 -94.02 -38.59
N GLU U 127 -14.22 -94.29 -39.86
CA GLU U 127 -14.54 -95.58 -40.43
C GLU U 127 -13.64 -96.68 -39.91
N PHE U 128 -12.51 -96.33 -39.31
CA PHE U 128 -11.59 -97.32 -38.77
C PHE U 128 -12.15 -97.84 -37.45
N PRO U 129 -12.18 -99.16 -37.29
CA PRO U 129 -12.78 -99.77 -36.09
C PRO U 129 -11.96 -99.59 -34.85
N ALA U 130 -12.58 -99.14 -33.76
CA ALA U 130 -11.89 -99.09 -32.45
C ALA U 130 -11.90 -100.49 -31.88
N VAL U 131 -11.08 -101.38 -32.46
CA VAL U 131 -11.12 -102.80 -32.14
C VAL U 131 -9.97 -103.23 -31.24
N ALA U 132 -10.28 -104.04 -30.25
CA ALA U 132 -9.29 -104.57 -29.32
C ALA U 132 -8.47 -105.67 -30.00
N ASP U 133 -7.23 -105.82 -29.51
CA ASP U 133 -6.34 -106.87 -29.91
C ASP U 133 -6.92 -108.26 -29.59
N PHE U 134 -6.88 -109.16 -30.58
CA PHE U 134 -7.40 -110.50 -30.37
C PHE U 134 -6.74 -111.26 -29.21
N GLU U 135 -5.43 -111.14 -29.07
CA GLU U 135 -4.75 -111.86 -28.02
C GLU U 135 -5.11 -111.31 -26.64
N CYS U 136 -5.14 -109.98 -26.53
CA CYS U 136 -5.51 -109.36 -25.29
C CYS U 136 -6.93 -109.74 -24.87
N THR U 137 -7.86 -109.64 -25.81
CA THR U 137 -9.25 -110.02 -25.57
C THR U 137 -9.34 -111.48 -25.15
N THR U 138 -8.63 -112.34 -25.85
CA THR U 138 -8.59 -113.76 -25.47
C THR U 138 -8.10 -113.92 -24.03
N ALA U 139 -6.93 -113.35 -23.72
CA ALA U 139 -6.37 -113.42 -22.38
C ALA U 139 -7.37 -112.93 -21.33
N LEU U 140 -8.06 -111.84 -21.63
CA LEU U 140 -9.04 -111.29 -20.70
C LEU U 140 -10.21 -112.25 -20.47
N VAL U 141 -10.71 -112.83 -21.56
CA VAL U 141 -11.88 -113.69 -21.51
C VAL U 141 -11.53 -114.97 -20.77
N GLU U 142 -10.31 -115.45 -21.01
CA GLU U 142 -9.82 -116.66 -20.38
C GLU U 142 -9.54 -116.45 -18.90
N ALA U 143 -9.01 -115.28 -18.56
CA ALA U 143 -8.72 -114.95 -17.17
C ALA U 143 -10.02 -114.91 -16.39
N ALA U 144 -11.04 -114.30 -17.00
CA ALA U 144 -12.36 -114.19 -16.40
C ALA U 144 -12.97 -115.55 -16.14
N LYS U 145 -12.80 -116.47 -17.09
CA LYS U 145 -13.28 -117.85 -16.99
C LYS U 145 -12.61 -118.58 -15.84
N SER U 146 -11.32 -118.32 -15.69
CA SER U 146 -10.47 -119.02 -14.73
C SER U 146 -10.76 -118.63 -13.28
N ILE U 147 -11.29 -117.43 -13.05
CA ILE U 147 -11.67 -117.03 -11.70
C ILE U 147 -13.19 -117.09 -11.51
N GLY U 148 -13.89 -117.44 -12.58
CA GLY U 148 -15.31 -117.77 -12.53
C GLY U 148 -16.32 -116.62 -12.47
N ALA U 149 -15.91 -115.43 -12.88
CA ALA U 149 -16.82 -114.30 -12.89
C ALA U 149 -17.83 -114.46 -14.04
N THR U 150 -19.06 -113.99 -13.84
CA THR U 150 -20.03 -113.98 -14.93
C THR U 150 -19.66 -112.82 -15.89
N THR U 151 -19.43 -113.18 -17.15
CA THR U 151 -18.75 -112.30 -18.08
C THR U 151 -19.56 -112.02 -19.33
N HIS U 152 -19.51 -110.77 -19.82
CA HIS U 152 -20.12 -110.44 -21.11
C HIS U 152 -19.06 -109.88 -22.03
N VAL U 153 -19.14 -110.28 -23.28
CA VAL U 153 -18.12 -109.96 -24.29
C VAL U 153 -18.82 -109.30 -25.46
N GLY U 154 -18.46 -108.06 -25.76
CA GLY U 154 -19.09 -107.36 -26.85
C GLY U 154 -18.66 -105.90 -26.95
N VAL U 155 -19.60 -105.08 -27.43
CA VAL U 155 -19.33 -103.71 -27.85
C VAL U 155 -19.66 -102.72 -26.75
N THR U 156 -18.77 -101.73 -26.59
CA THR U 156 -18.90 -100.68 -25.59
C THR U 156 -19.02 -99.33 -26.29
N ALA U 157 -19.87 -98.45 -25.77
CA ALA U 157 -19.94 -97.08 -26.29
C ALA U 157 -19.01 -96.23 -25.44
N SER U 158 -18.09 -95.56 -26.12
CA SER U 158 -16.99 -94.81 -25.48
C SER U 158 -17.13 -93.31 -25.71
N SER U 159 -17.52 -92.58 -24.66
CA SER U 159 -18.03 -91.21 -24.78
C SER U 159 -17.05 -90.20 -24.20
N ASP U 160 -16.86 -89.09 -24.92
CA ASP U 160 -16.10 -87.97 -24.37
C ASP U 160 -16.73 -87.27 -23.16
N THR U 161 -17.99 -87.56 -22.85
CA THR U 161 -18.61 -86.97 -21.67
C THR U 161 -19.28 -88.02 -20.79
N PHE U 162 -19.37 -87.71 -19.52
CA PHE U 162 -20.04 -88.57 -18.58
C PHE U 162 -21.53 -88.30 -18.59
N TYR U 163 -21.92 -87.07 -18.95
CA TYR U 163 -23.30 -86.63 -18.83
C TYR U 163 -24.08 -86.70 -20.16
N PRO U 164 -24.03 -85.65 -21.01
CA PRO U 164 -24.88 -85.64 -22.21
C PRO U 164 -24.57 -86.79 -23.16
N GLY U 165 -23.30 -87.15 -23.33
CA GLY U 165 -22.93 -88.22 -24.28
C GLY U 165 -23.42 -89.60 -23.86
N GLN U 166 -23.78 -89.71 -22.58
CA GLN U 166 -24.34 -90.95 -22.01
C GLN U 166 -25.82 -90.68 -21.73
N GLU U 167 -26.35 -89.65 -22.35
CA GLU U 167 -27.76 -89.30 -22.22
C GLU U 167 -28.26 -89.21 -20.79
N ARG U 168 -27.49 -88.54 -19.97
CA ARG U 168 -27.93 -88.23 -18.62
C ARG U 168 -28.68 -86.90 -18.57
N TYR U 169 -29.89 -86.90 -18.02
CA TYR U 169 -30.71 -85.68 -17.99
C TYR U 169 -30.67 -84.99 -16.65
N ASP U 170 -30.15 -85.68 -15.64
CA ASP U 170 -30.19 -85.10 -14.31
C ASP U 170 -28.94 -84.23 -14.11
N THR U 171 -28.95 -83.06 -14.74
CA THR U 171 -27.80 -82.18 -14.83
C THR U 171 -28.20 -80.74 -14.63
N TYR U 172 -27.23 -79.84 -14.64
CA TYR U 172 -27.47 -78.42 -14.48
C TYR U 172 -28.52 -77.89 -15.47
N SER U 173 -28.37 -78.26 -16.75
CA SER U 173 -29.22 -77.76 -17.83
C SER U 173 -30.46 -78.63 -18.02
N GLY U 174 -30.36 -79.91 -17.67
CA GLY U 174 -31.47 -80.83 -17.79
C GLY U 174 -31.78 -81.24 -19.21
N ARG U 175 -30.81 -81.03 -20.11
CA ARG U 175 -31.06 -81.25 -21.52
C ARG U 175 -29.90 -81.90 -22.26
N VAL U 176 -30.21 -82.55 -23.37
CA VAL U 176 -29.20 -83.23 -24.13
C VAL U 176 -29.23 -82.74 -25.57
N VAL U 177 -28.06 -82.35 -26.08
CA VAL U 177 -27.92 -81.92 -27.47
C VAL U 177 -28.63 -82.88 -28.45
N ARG U 178 -29.25 -82.29 -29.48
CA ARG U 178 -30.04 -83.03 -30.47
C ARG U 178 -29.38 -84.35 -30.86
N HIS U 179 -28.10 -84.29 -31.21
CA HIS U 179 -27.39 -85.47 -31.66
C HIS U 179 -27.46 -86.67 -30.70
N PHE U 180 -27.46 -86.43 -29.40
CA PHE U 180 -27.47 -87.52 -28.42
C PHE U 180 -28.86 -87.87 -27.84
N LYS U 181 -29.86 -87.08 -28.16
CA LYS U 181 -31.23 -87.37 -27.74
C LYS U 181 -31.69 -88.70 -28.33
N GLY U 182 -32.15 -89.62 -27.48
CA GLY U 182 -32.56 -90.95 -27.89
C GLY U 182 -31.41 -91.89 -28.25
N SER U 183 -30.15 -91.46 -28.00
CA SER U 183 -29.01 -92.26 -28.39
C SER U 183 -28.82 -93.51 -27.52
N MET U 184 -29.16 -93.44 -26.24
CA MET U 184 -28.97 -94.61 -25.38
C MET U 184 -29.85 -95.77 -25.86
N GLU U 185 -31.09 -95.44 -26.16
CA GLU U 185 -32.01 -96.42 -26.67
C GLU U 185 -31.47 -97.05 -27.95
N GLU U 186 -30.84 -96.25 -28.81
CA GLU U 186 -30.25 -96.81 -30.05
C GLU U 186 -29.10 -97.80 -29.77
N TRP U 187 -28.14 -97.39 -28.94
CA TRP U 187 -27.06 -98.31 -28.55
C TRP U 187 -27.59 -99.56 -27.87
N GLN U 188 -28.62 -99.41 -27.03
CA GLN U 188 -29.28 -100.52 -26.38
C GLN U 188 -29.76 -101.57 -27.40
N ALA U 189 -30.50 -101.11 -28.40
CA ALA U 189 -31.06 -101.96 -29.44
C ALA U 189 -29.95 -102.64 -30.26
N MET U 190 -28.79 -101.99 -30.34
CA MET U 190 -27.68 -102.48 -31.13
C MET U 190 -26.82 -103.46 -30.33
N GLY U 191 -27.24 -103.71 -29.11
CA GLY U 191 -26.58 -104.72 -28.29
C GLY U 191 -25.39 -104.19 -27.51
N VAL U 192 -25.19 -102.88 -27.50
CA VAL U 192 -24.03 -102.27 -26.83
C VAL U 192 -24.18 -102.54 -25.36
N MET U 193 -23.09 -102.90 -24.68
CA MET U 193 -23.17 -103.36 -23.28
C MET U 193 -23.22 -102.21 -22.26
N ASN U 194 -22.49 -101.14 -22.53
CA ASN U 194 -22.15 -100.19 -21.49
C ASN U 194 -21.54 -98.92 -22.07
N TYR U 195 -21.47 -97.90 -21.21
CA TYR U 195 -20.74 -96.67 -21.52
C TYR U 195 -19.49 -96.62 -20.65
N GLU U 196 -18.40 -96.18 -21.23
CA GLU U 196 -17.27 -95.65 -20.47
C GLU U 196 -16.57 -94.57 -21.30
N MET U 197 -15.43 -94.08 -20.86
CA MET U 197 -14.90 -92.87 -21.48
C MET U 197 -13.50 -92.93 -22.13
N GLU U 198 -12.91 -94.10 -22.27
CA GLU U 198 -11.52 -94.12 -22.69
C GLU U 198 -11.21 -95.13 -23.82
N SER U 199 -12.02 -96.18 -23.89
CA SER U 199 -11.70 -97.26 -24.77
C SER U 199 -11.58 -96.87 -26.23
N ALA U 200 -12.46 -95.97 -26.71
CA ALA U 200 -12.43 -95.61 -28.14
C ALA U 200 -11.07 -95.06 -28.48
N THR U 201 -10.55 -94.19 -27.61
CA THR U 201 -9.24 -93.61 -27.85
C THR U 201 -8.15 -94.65 -27.75
N LEU U 202 -8.21 -95.43 -26.67
CA LEU U 202 -7.20 -96.46 -26.42
C LEU U 202 -7.15 -97.46 -27.57
N LEU U 203 -8.28 -98.11 -27.81
CA LEU U 203 -8.29 -99.12 -28.84
C LEU U 203 -7.88 -98.61 -30.22
N THR U 204 -8.31 -97.41 -30.60
CA THR U 204 -8.04 -96.92 -31.96
C THR U 204 -6.58 -96.58 -32.12
N MET U 205 -6.03 -95.88 -31.13
CA MET U 205 -4.63 -95.47 -31.21
C MET U 205 -3.71 -96.68 -31.19
N CYS U 206 -4.07 -97.72 -30.42
CA CYS U 206 -3.24 -98.95 -30.40
C CYS U 206 -3.36 -99.76 -31.69
N ALA U 207 -4.58 -100.05 -32.12
CA ALA U 207 -4.83 -100.85 -33.31
C ALA U 207 -4.26 -100.22 -34.55
N SER U 208 -4.07 -98.91 -34.55
CA SER U 208 -3.60 -98.24 -35.75
C SER U 208 -2.09 -97.96 -35.72
N GLN U 209 -1.42 -98.41 -34.64
CA GLN U 209 0.02 -98.19 -34.47
C GLN U 209 0.75 -99.44 -34.04
N GLY U 210 0.15 -100.60 -34.31
CA GLY U 210 0.77 -101.87 -34.00
C GLY U 210 0.98 -102.14 -32.50
N LEU U 211 0.21 -101.48 -31.65
CA LEU U 211 0.25 -101.77 -30.22
C LEU U 211 -0.94 -102.65 -29.87
N ARG U 212 -0.75 -103.52 -28.88
CA ARG U 212 -1.82 -104.43 -28.50
C ARG U 212 -2.58 -103.83 -27.34
N ALA U 213 -3.91 -103.81 -27.45
CA ALA U 213 -4.73 -103.30 -26.34
C ALA U 213 -5.95 -104.16 -26.04
N GLY U 214 -6.37 -104.16 -24.78
CA GLY U 214 -7.53 -104.91 -24.36
C GLY U 214 -8.23 -104.11 -23.27
N MET U 215 -9.49 -104.44 -23.02
CA MET U 215 -10.34 -103.68 -22.11
C MET U 215 -11.16 -104.62 -21.29
N VAL U 216 -11.14 -104.40 -19.98
CA VAL U 216 -12.04 -105.09 -19.06
C VAL U 216 -12.54 -104.11 -17.98
N ALA U 217 -13.80 -104.26 -17.59
CA ALA U 217 -14.38 -103.37 -16.59
C ALA U 217 -15.38 -104.12 -15.77
N GLY U 218 -15.53 -103.70 -14.53
CA GLY U 218 -16.56 -104.24 -13.66
C GLY U 218 -17.74 -103.30 -13.61
N VAL U 219 -18.92 -103.90 -13.56
CA VAL U 219 -20.17 -103.15 -13.59
C VAL U 219 -20.54 -102.62 -12.18
N ILE U 220 -20.56 -101.30 -12.04
CA ILE U 220 -20.91 -100.67 -10.76
C ILE U 220 -22.36 -100.15 -10.70
N VAL U 221 -22.95 -99.87 -11.86
CA VAL U 221 -24.34 -99.41 -11.92
C VAL U 221 -25.03 -99.88 -13.20
N ASN U 222 -26.35 -100.03 -13.11
CA ASN U 222 -27.19 -100.30 -14.29
C ASN U 222 -28.13 -99.17 -14.68
N ARG U 223 -27.92 -98.60 -15.86
CA ARG U 223 -28.69 -97.45 -16.32
C ARG U 223 -30.18 -97.72 -16.55
N THR U 224 -30.58 -98.99 -16.58
CA THR U 224 -31.98 -99.31 -16.81
C THR U 224 -32.76 -99.14 -15.51
N GLN U 225 -32.10 -98.62 -14.48
CA GLN U 225 -32.75 -98.23 -13.20
C GLN U 225 -32.34 -96.85 -12.62
N GLN U 226 -31.15 -96.37 -12.98
CA GLN U 226 -30.49 -95.21 -12.36
C GLN U 226 -29.52 -94.49 -13.30
N GLU U 227 -29.35 -93.19 -13.08
CA GLU U 227 -28.28 -92.42 -13.75
C GLU U 227 -26.98 -92.42 -12.92
N ILE U 228 -27.09 -91.88 -11.72
CA ILE U 228 -25.98 -91.80 -10.77
C ILE U 228 -25.91 -93.11 -9.93
N PRO U 229 -24.75 -93.76 -9.90
CA PRO U 229 -24.45 -94.81 -8.90
C PRO U 229 -24.63 -94.31 -7.44
N MET U 234 -19.81 -104.52 -4.17
CA MET U 234 -19.42 -103.39 -5.02
C MET U 234 -17.91 -103.17 -5.03
N LYS U 235 -17.28 -103.14 -3.84
CA LYS U 235 -15.82 -103.08 -3.73
C LYS U 235 -15.22 -104.42 -4.17
N GLN U 236 -16.03 -105.49 -4.06
CA GLN U 236 -15.64 -106.83 -4.46
C GLN U 236 -15.75 -107.07 -5.97
N THR U 237 -16.49 -106.19 -6.64
CA THR U 237 -16.69 -106.25 -8.09
C THR U 237 -15.44 -105.80 -8.85
N GLU U 238 -14.86 -104.68 -8.40
CA GLU U 238 -13.63 -104.17 -9.00
C GLU U 238 -12.43 -105.00 -8.56
N SER U 239 -12.55 -105.67 -7.41
CA SER U 239 -11.59 -106.68 -6.98
C SER U 239 -11.54 -107.86 -7.95
N HIS U 240 -12.70 -108.18 -8.54
CA HIS U 240 -12.83 -109.25 -9.52
C HIS U 240 -12.15 -108.83 -10.80
N ALA U 241 -12.57 -107.67 -11.31
CA ALA U 241 -11.99 -107.12 -12.53
C ALA U 241 -10.46 -106.92 -12.42
N VAL U 242 -9.98 -106.39 -11.30
CA VAL U 242 -8.55 -106.18 -11.10
C VAL U 242 -7.80 -107.52 -11.09
N LYS U 243 -8.34 -108.51 -10.39
CA LYS U 243 -7.82 -109.86 -10.40
C LYS U 243 -7.75 -110.40 -11.84
N ILE U 244 -8.83 -110.20 -12.61
CA ILE U 244 -8.87 -110.63 -14.02
C ILE U 244 -7.81 -109.92 -14.88
N VAL U 245 -7.60 -108.61 -14.69
CA VAL U 245 -6.67 -107.91 -15.56
C VAL U 245 -5.22 -108.34 -15.28
N VAL U 246 -4.93 -108.55 -14.00
CA VAL U 246 -3.61 -109.00 -13.60
C VAL U 246 -3.38 -110.40 -14.15
N GLU U 247 -4.37 -111.27 -14.03
CA GLU U 247 -4.25 -112.63 -14.55
C GLU U 247 -4.09 -112.67 -16.08
N ALA U 248 -4.74 -111.73 -16.77
CA ALA U 248 -4.63 -111.62 -18.22
C ALA U 248 -3.23 -111.17 -18.58
N ALA U 249 -2.73 -110.19 -17.82
CA ALA U 249 -1.37 -109.71 -17.98
C ALA U 249 -0.39 -110.89 -17.92
N ARG U 250 -0.58 -111.74 -16.91
CA ARG U 250 0.21 -112.96 -16.76
C ARG U 250 0.32 -113.77 -18.07
N ARG U 251 -0.81 -113.95 -18.74
CA ARG U 251 -0.87 -114.75 -19.96
C ARG U 251 -0.31 -114.05 -21.20
N LEU U 252 -0.15 -112.72 -21.14
CA LEU U 252 0.35 -111.97 -22.28
C LEU U 252 1.84 -111.66 -22.20
N LEU U 253 2.49 -112.14 -21.13
CA LEU U 253 3.89 -111.81 -20.86
C LEU U 253 4.92 -112.54 -21.74
N SER V 4 -21.04 -86.05 0.13
CA SER V 4 -20.77 -85.32 -1.14
C SER V 4 -21.96 -85.19 -2.11
N ASP V 5 -22.11 -84.02 -2.76
CA ASP V 5 -23.28 -83.71 -3.58
C ASP V 5 -23.11 -84.07 -5.04
N VAL V 6 -21.86 -84.20 -5.47
CA VAL V 6 -21.56 -84.46 -6.86
C VAL V 6 -20.80 -85.79 -7.00
N PHE V 7 -20.94 -86.42 -8.16
CA PHE V 7 -20.38 -87.75 -8.31
C PHE V 7 -18.85 -87.84 -8.32
N HIS V 8 -18.14 -86.82 -8.81
CA HIS V 8 -16.68 -86.94 -9.00
C HIS V 8 -15.83 -86.07 -8.07
N LEU V 9 -16.21 -84.82 -7.89
CA LEU V 9 -15.40 -83.82 -7.21
C LEU V 9 -15.33 -83.97 -5.69
N GLY V 10 -16.28 -84.69 -5.11
CA GLY V 10 -16.38 -84.85 -3.67
C GLY V 10 -16.54 -83.52 -2.93
N LEU V 11 -17.45 -82.70 -3.42
CA LEU V 11 -17.77 -81.42 -2.82
C LEU V 11 -19.26 -81.31 -2.51
N THR V 12 -19.62 -80.43 -1.57
CA THR V 12 -21.02 -80.11 -1.30
C THR V 12 -21.26 -78.64 -1.54
N LYS V 13 -22.51 -78.28 -1.84
CA LYS V 13 -22.91 -76.89 -2.02
C LYS V 13 -22.28 -76.06 -0.93
N ASN V 14 -22.29 -76.63 0.26
CA ASN V 14 -21.83 -75.97 1.47
C ASN V 14 -20.35 -75.67 1.49
N ASP V 15 -19.54 -76.59 0.97
CA ASP V 15 -18.09 -76.40 0.88
C ASP V 15 -17.73 -75.12 0.15
N LEU V 16 -18.57 -74.74 -0.81
CA LEU V 16 -18.31 -73.60 -1.71
C LEU V 16 -18.58 -72.27 -1.02
N GLN V 17 -19.43 -72.31 0.00
CA GLN V 17 -19.78 -71.13 0.79
C GLN V 17 -20.29 -69.93 -0.01
N GLY V 18 -21.12 -70.20 -1.01
CA GLY V 18 -21.70 -69.14 -1.81
C GLY V 18 -20.84 -68.69 -2.99
N ALA V 19 -19.68 -69.33 -3.19
CA ALA V 19 -18.83 -69.05 -4.33
C ALA V 19 -19.60 -69.26 -5.61
N THR V 20 -19.41 -68.38 -6.57
CA THR V 20 -20.03 -68.53 -7.89
C THR V 20 -19.00 -68.40 -9.02
N LEU V 21 -17.72 -68.24 -8.67
CA LEU V 21 -16.62 -68.13 -9.64
C LEU V 21 -15.53 -69.17 -9.36
N ALA V 22 -15.09 -69.88 -10.41
CA ALA V 22 -14.01 -70.84 -10.27
C ALA V 22 -12.89 -70.54 -11.24
N ILE V 23 -11.67 -70.51 -10.73
CA ILE V 23 -10.48 -70.57 -11.58
C ILE V 23 -10.20 -72.05 -11.80
N VAL V 24 -10.11 -72.47 -13.06
CA VAL V 24 -9.93 -73.89 -13.36
C VAL V 24 -8.64 -74.20 -14.12
N PRO V 25 -7.55 -74.45 -13.39
CA PRO V 25 -6.29 -74.86 -14.02
C PRO V 25 -6.42 -76.30 -14.45
N GLY V 26 -5.46 -76.78 -15.24
CA GLY V 26 -5.54 -78.14 -15.73
C GLY V 26 -4.86 -79.12 -14.78
N ASP V 27 -3.76 -78.68 -14.15
CA ASP V 27 -2.92 -79.53 -13.33
C ASP V 27 -3.35 -79.46 -11.85
N PRO V 28 -3.69 -80.60 -11.24
CA PRO V 28 -4.00 -80.63 -9.81
C PRO V 28 -2.95 -79.99 -8.92
N ASP V 29 -1.67 -80.17 -9.25
CA ASP V 29 -0.57 -79.66 -8.43
C ASP V 29 -0.42 -78.17 -8.50
N ARG V 30 -1.08 -77.52 -9.46
CA ARG V 30 -1.01 -76.07 -9.54
C ARG V 30 -2.18 -75.36 -8.85
N VAL V 31 -3.15 -76.14 -8.35
CA VAL V 31 -4.30 -75.60 -7.64
C VAL V 31 -3.93 -74.83 -6.35
N GLU V 32 -3.19 -75.51 -5.47
CA GLU V 32 -2.74 -74.91 -4.23
C GLU V 32 -1.96 -73.60 -4.48
N LYS V 33 -1.09 -73.62 -5.49
CA LYS V 33 -0.28 -72.48 -5.85
C LYS V 33 -1.10 -71.25 -6.23
N ILE V 34 -2.15 -71.48 -7.02
CA ILE V 34 -3.08 -70.41 -7.40
C ILE V 34 -3.89 -69.94 -6.20
N ALA V 35 -4.46 -70.87 -5.44
CA ALA V 35 -5.21 -70.51 -4.25
C ALA V 35 -4.37 -69.62 -3.30
N ALA V 36 -3.08 -69.95 -3.16
CA ALA V 36 -2.16 -69.26 -2.26
C ALA V 36 -1.95 -67.78 -2.57
N LEU V 37 -2.34 -67.37 -3.77
CA LEU V 37 -2.29 -65.96 -4.13
C LEU V 37 -3.46 -65.17 -3.62
N MET V 38 -4.48 -65.85 -3.09
CA MET V 38 -5.65 -65.19 -2.51
C MET V 38 -5.66 -65.32 -0.98
N ASP V 39 -6.72 -64.87 -0.33
CA ASP V 39 -6.79 -64.94 1.12
C ASP V 39 -7.41 -66.22 1.64
N LYS V 40 -6.97 -66.65 2.82
CA LYS V 40 -7.57 -67.78 3.53
C LYS V 40 -7.77 -69.03 2.65
N PRO V 41 -6.70 -69.46 1.97
CA PRO V 41 -6.75 -70.66 1.14
C PRO V 41 -6.96 -71.92 1.96
N VAL V 42 -7.86 -72.78 1.48
CA VAL V 42 -8.25 -73.97 2.23
C VAL V 42 -8.46 -75.09 1.21
N LYS V 43 -7.80 -76.23 1.42
CA LYS V 43 -8.04 -77.41 0.59
C LYS V 43 -9.41 -77.99 0.94
N LEU V 44 -10.21 -78.27 -0.08
CA LEU V 44 -11.54 -78.84 0.10
C LEU V 44 -11.60 -80.36 -0.17
N ALA V 45 -11.00 -80.77 -1.27
CA ALA V 45 -11.10 -82.13 -1.73
C ALA V 45 -10.04 -82.44 -2.79
N SER V 46 -9.78 -83.73 -2.96
CA SER V 46 -8.86 -84.23 -3.96
C SER V 46 -9.30 -85.63 -4.36
N HIS V 47 -9.78 -85.77 -5.59
CA HIS V 47 -10.19 -87.07 -6.13
C HIS V 47 -9.84 -87.13 -7.61
N ARG V 48 -9.25 -88.25 -8.03
CA ARG V 48 -8.76 -88.40 -9.40
C ARG V 48 -7.95 -87.15 -9.76
N GLU V 49 -8.19 -86.58 -10.92
CA GLU V 49 -7.46 -85.38 -11.32
C GLU V 49 -8.10 -84.10 -10.79
N PHE V 50 -9.09 -84.22 -9.90
CA PHE V 50 -9.84 -83.05 -9.45
C PHE V 50 -9.46 -82.61 -8.05
N THR V 51 -8.61 -81.60 -7.97
CA THR V 51 -8.23 -81.00 -6.70
C THR V 51 -8.89 -79.62 -6.52
N THR V 52 -9.56 -79.44 -5.40
CA THR V 52 -10.31 -78.22 -5.16
C THR V 52 -9.83 -77.50 -3.92
N TRP V 53 -9.46 -76.24 -4.11
CA TRP V 53 -9.25 -75.32 -2.98
C TRP V 53 -10.29 -74.21 -3.03
N ARG V 54 -10.58 -73.65 -1.87
CA ARG V 54 -11.39 -72.42 -1.74
C ARG V 54 -10.48 -71.35 -1.15
N ALA V 55 -10.65 -70.14 -1.65
CA ALA V 55 -10.00 -68.97 -1.06
C ALA V 55 -10.95 -67.80 -1.09
N GLU V 56 -10.46 -66.65 -0.69
CA GLU V 56 -11.26 -65.45 -0.61
C GLU V 56 -10.57 -64.37 -1.41
N LEU V 57 -11.37 -63.60 -2.14
CA LEU V 57 -10.85 -62.54 -2.99
C LEU V 57 -11.71 -61.32 -2.79
N ASP V 58 -11.12 -60.26 -2.24
CA ASP V 58 -11.85 -59.08 -1.82
C ASP V 58 -13.04 -59.44 -0.93
N GLY V 59 -12.83 -60.37 -0.01
CA GLY V 59 -13.90 -60.79 0.88
C GLY V 59 -14.94 -61.71 0.29
N LYS V 60 -14.76 -62.16 -0.95
CA LYS V 60 -15.69 -63.11 -1.56
C LYS V 60 -15.08 -64.50 -1.77
N PRO V 61 -15.83 -65.57 -1.48
CA PRO V 61 -15.32 -66.93 -1.71
C PRO V 61 -15.14 -67.21 -3.19
N VAL V 62 -14.02 -67.86 -3.50
CA VAL V 62 -13.63 -68.21 -4.86
C VAL V 62 -13.08 -69.64 -4.89
N ILE V 63 -13.40 -70.40 -5.92
CA ILE V 63 -12.98 -71.80 -6.00
C ILE V 63 -11.81 -71.91 -6.96
N VAL V 64 -10.87 -72.77 -6.64
CA VAL V 64 -9.85 -73.18 -7.60
C VAL V 64 -9.94 -74.70 -7.73
N CYS V 65 -10.18 -75.18 -8.95
CA CYS V 65 -10.47 -76.58 -9.18
C CYS V 65 -9.80 -77.06 -10.47
N SER V 66 -9.01 -78.13 -10.40
CA SER V 66 -8.33 -78.62 -11.61
C SER V 66 -9.23 -79.51 -12.49
N THR V 67 -9.02 -79.41 -13.80
CA THR V 67 -9.85 -80.14 -14.78
C THR V 67 -9.20 -81.42 -15.24
N GLY V 68 -7.90 -81.59 -15.00
CA GLY V 68 -7.13 -82.63 -15.63
C GLY V 68 -6.90 -82.18 -17.06
N ILE V 69 -6.24 -83.03 -17.85
CA ILE V 69 -6.00 -82.74 -19.25
C ILE V 69 -7.22 -83.19 -20.08
N GLY V 70 -7.75 -82.28 -20.89
CA GLY V 70 -8.70 -82.68 -21.92
C GLY V 70 -10.17 -82.39 -21.66
N GLY V 71 -10.90 -82.24 -22.77
CA GLY V 71 -12.32 -82.01 -22.74
C GLY V 71 -13.10 -82.88 -21.78
N PRO V 72 -12.95 -84.19 -21.84
CA PRO V 72 -13.75 -85.10 -20.99
C PRO V 72 -13.71 -84.79 -19.49
N SER V 73 -12.53 -84.74 -18.88
CA SER V 73 -12.49 -84.45 -17.44
C SER V 73 -12.90 -83.01 -17.19
N THR V 74 -12.58 -82.12 -18.14
CA THR V 74 -13.03 -80.74 -18.03
C THR V 74 -14.55 -80.73 -17.94
N SER V 75 -15.21 -81.46 -18.83
CA SER V 75 -16.63 -81.42 -18.89
C SER V 75 -17.21 -81.87 -17.55
N ILE V 76 -16.56 -82.83 -16.87
CA ILE V 76 -17.03 -83.29 -15.56
C ILE V 76 -16.84 -82.21 -14.49
N ALA V 77 -15.63 -81.64 -14.38
CA ALA V 77 -15.42 -80.55 -13.42
C ALA V 77 -16.45 -79.44 -13.59
N VAL V 78 -16.59 -78.95 -14.80
CA VAL V 78 -17.46 -77.81 -15.06
C VAL V 78 -18.92 -78.14 -14.72
N GLU V 79 -19.41 -79.29 -15.17
CA GLU V 79 -20.78 -79.68 -14.92
C GLU V 79 -21.05 -79.74 -13.41
N GLU V 80 -20.16 -80.38 -12.68
CA GLU V 80 -20.40 -80.59 -11.26
C GLU V 80 -20.24 -79.31 -10.44
N LEU V 81 -19.28 -78.48 -10.83
CA LEU V 81 -19.14 -77.15 -10.23
C LEU V 81 -20.38 -76.32 -10.53
N ALA V 82 -20.91 -76.39 -11.75
CA ALA V 82 -22.12 -75.67 -12.10
C ALA V 82 -23.29 -76.10 -11.19
N GLN V 83 -23.42 -77.41 -10.96
CA GLN V 83 -24.43 -77.97 -10.06
C GLN V 83 -24.29 -77.41 -8.66
N LEU V 84 -23.05 -77.18 -8.23
CA LEU V 84 -22.77 -76.61 -6.92
C LEU V 84 -22.96 -75.10 -6.88
N GLY V 85 -23.15 -74.46 -8.04
CA GLY V 85 -23.46 -73.03 -8.04
C GLY V 85 -22.46 -72.12 -8.71
N ILE V 86 -21.40 -72.68 -9.29
CA ILE V 86 -20.46 -71.89 -10.09
C ILE V 86 -21.10 -71.41 -11.43
N ARG V 87 -20.94 -70.13 -11.73
CA ARG V 87 -21.52 -69.53 -12.92
C ARG V 87 -20.46 -68.87 -13.81
N THR V 88 -19.25 -68.73 -13.28
CA THR V 88 -18.18 -68.13 -14.02
C THR V 88 -16.95 -69.02 -13.90
N PHE V 89 -16.37 -69.38 -15.06
CA PHE V 89 -15.21 -70.25 -15.12
C PHE V 89 -14.08 -69.59 -15.86
N LEU V 90 -12.93 -69.47 -15.19
CA LEU V 90 -11.74 -68.90 -15.81
C LEU V 90 -10.71 -69.97 -15.88
N ARG V 91 -10.41 -70.37 -17.10
CA ARG V 91 -9.37 -71.33 -17.32
C ARG V 91 -7.99 -70.69 -17.45
N ILE V 92 -7.03 -71.26 -16.73
CA ILE V 92 -5.65 -70.84 -16.84
C ILE V 92 -4.79 -72.05 -17.24
N GLY V 93 -4.12 -71.94 -18.39
CA GLY V 93 -3.32 -73.05 -18.87
C GLY V 93 -1.92 -72.73 -19.33
N THR V 94 -1.21 -73.76 -19.80
CA THR V 94 0.02 -73.61 -20.56
C THR V 94 -0.30 -73.87 -22.04
N THR V 95 0.54 -73.36 -22.93
CA THR V 95 0.21 -73.47 -24.34
C THR V 95 1.43 -73.41 -25.21
N GLY V 96 1.30 -73.95 -26.42
CA GLY V 96 2.31 -73.80 -27.44
C GLY V 96 1.85 -72.76 -28.45
N ALA V 97 2.68 -71.73 -28.66
CA ALA V 97 2.40 -70.72 -29.67
C ALA V 97 2.75 -71.30 -31.05
N ILE V 98 1.97 -70.91 -32.07
CA ILE V 98 2.30 -71.36 -33.42
C ILE V 98 2.61 -70.20 -34.36
N GLN V 99 2.59 -69.00 -33.84
CA GLN V 99 2.94 -67.84 -34.64
C GLN V 99 4.35 -67.41 -34.31
N PRO V 100 5.15 -67.06 -35.31
CA PRO V 100 6.58 -66.80 -35.08
C PRO V 100 6.86 -65.59 -34.19
N HIS V 101 5.91 -64.68 -34.03
CA HIS V 101 6.11 -63.47 -33.21
C HIS V 101 5.66 -63.61 -31.74
N ILE V 102 5.08 -64.75 -31.38
CA ILE V 102 4.65 -64.95 -30.00
C ILE V 102 5.75 -65.67 -29.25
N ASN V 103 6.23 -65.07 -28.15
CA ASN V 103 7.38 -65.61 -27.43
C ASN V 103 7.03 -66.42 -26.20
N VAL V 104 7.94 -67.34 -25.85
CA VAL V 104 7.82 -68.08 -24.60
C VAL V 104 7.72 -67.04 -23.48
N GLY V 105 6.69 -67.17 -22.63
CA GLY V 105 6.49 -66.26 -21.53
C GLY V 105 5.35 -65.28 -21.80
N ASP V 106 4.92 -65.20 -23.07
CA ASP V 106 3.80 -64.34 -23.45
C ASP V 106 2.49 -64.90 -22.88
N VAL V 107 1.49 -64.03 -22.79
CA VAL V 107 0.19 -64.40 -22.24
C VAL V 107 -0.86 -64.34 -23.37
N LEU V 108 -1.60 -65.42 -23.57
CA LEU V 108 -2.58 -65.48 -24.64
C LEU V 108 -3.99 -65.55 -24.08
N VAL V 109 -4.84 -64.65 -24.56
CA VAL V 109 -6.23 -64.66 -24.18
C VAL V 109 -7.02 -65.11 -25.41
N THR V 110 -7.82 -66.15 -25.22
CA THR V 110 -8.59 -66.77 -26.28
C THR V 110 -9.94 -66.08 -26.44
N THR V 111 -10.25 -65.59 -27.64
CA THR V 111 -11.58 -65.05 -27.85
C THR V 111 -12.51 -66.19 -28.20
N ALA V 112 -12.01 -67.15 -28.99
CA ALA V 112 -12.78 -68.35 -29.36
C ALA V 112 -11.83 -69.44 -29.83
N SER V 113 -12.31 -70.67 -29.89
CA SER V 113 -11.42 -71.78 -30.20
C SER V 113 -11.81 -72.58 -31.43
N VAL V 114 -10.82 -73.03 -32.18
CA VAL V 114 -11.05 -74.05 -33.21
C VAL V 114 -11.34 -75.35 -32.50
N ARG V 115 -12.48 -75.94 -32.82
CA ARG V 115 -12.96 -77.11 -32.06
C ARG V 115 -12.37 -78.41 -32.60
N LEU V 116 -11.20 -78.79 -32.12
CA LEU V 116 -10.56 -80.03 -32.55
C LEU V 116 -10.73 -81.11 -31.45
N ASP V 117 -11.84 -81.02 -30.73
CA ASP V 117 -12.10 -81.89 -29.59
C ASP V 117 -13.37 -82.68 -29.86
N GLY V 118 -13.69 -83.61 -28.99
CA GLY V 118 -14.92 -84.36 -29.11
C GLY V 118 -15.99 -83.86 -28.17
N ALA V 119 -15.58 -83.48 -26.96
CA ALA V 119 -16.53 -83.18 -25.91
C ALA V 119 -17.44 -82.03 -26.25
N SER V 120 -16.93 -81.00 -26.93
CA SER V 120 -17.81 -79.88 -27.29
C SER V 120 -19.05 -80.34 -28.09
N LEU V 121 -18.86 -81.28 -29.01
CA LEU V 121 -19.99 -81.82 -29.77
C LEU V 121 -21.11 -82.43 -28.91
N HIS V 122 -20.82 -82.72 -27.65
CA HIS V 122 -21.81 -83.32 -26.77
C HIS V 122 -22.69 -82.23 -26.16
N PHE V 123 -22.33 -80.96 -26.40
CA PHE V 123 -23.14 -79.82 -25.90
C PHE V 123 -23.79 -79.02 -27.00
N ALA V 124 -23.08 -78.88 -28.11
CA ALA V 124 -23.59 -78.12 -29.25
C ALA V 124 -22.94 -78.68 -30.53
N PRO V 125 -23.68 -78.67 -31.66
CA PRO V 125 -23.14 -79.15 -32.94
C PRO V 125 -21.97 -78.27 -33.38
N LEU V 126 -21.23 -78.71 -34.39
CA LEU V 126 -19.92 -78.14 -34.69
C LEU V 126 -20.01 -76.69 -35.12
N GLU V 127 -21.10 -76.33 -35.78
CA GLU V 127 -21.30 -74.98 -36.32
C GLU V 127 -21.41 -73.92 -35.21
N PHE V 128 -21.60 -74.36 -33.98
CA PHE V 128 -21.77 -73.44 -32.87
C PHE V 128 -20.41 -72.97 -32.42
N PRO V 129 -20.22 -71.68 -32.19
CA PRO V 129 -18.87 -71.15 -31.94
C PRO V 129 -18.40 -71.47 -30.54
N ALA V 130 -17.18 -71.94 -30.41
CA ALA V 130 -16.53 -72.11 -29.12
C ALA V 130 -16.03 -70.76 -28.66
N VAL V 131 -16.97 -69.87 -28.35
CA VAL V 131 -16.67 -68.47 -28.03
C VAL V 131 -16.63 -68.19 -26.51
N ALA V 132 -15.60 -67.45 -26.08
CA ALA V 132 -15.50 -66.97 -24.72
C ALA V 132 -16.56 -65.87 -24.40
N ASP V 133 -16.90 -65.76 -23.11
CA ASP V 133 -17.80 -64.74 -22.61
C ASP V 133 -17.10 -63.38 -22.67
N PHE V 134 -17.83 -62.37 -23.15
CA PHE V 134 -17.25 -61.06 -23.42
C PHE V 134 -16.73 -60.38 -22.15
N GLU V 135 -17.45 -60.54 -21.03
CA GLU V 135 -17.00 -59.90 -19.79
C GLU V 135 -15.70 -60.59 -19.31
N CYS V 136 -15.68 -61.90 -19.36
CA CYS V 136 -14.51 -62.64 -18.98
C CYS V 136 -13.32 -62.28 -19.86
N THR V 137 -13.53 -62.26 -21.17
CA THR V 137 -12.45 -61.87 -22.08
C THR V 137 -11.98 -60.44 -21.77
N THR V 138 -12.92 -59.51 -21.55
CA THR V 138 -12.56 -58.16 -21.18
C THR V 138 -11.73 -58.14 -19.89
N ALA V 139 -12.21 -58.86 -18.87
CA ALA V 139 -11.53 -58.88 -17.59
C ALA V 139 -10.07 -59.37 -17.75
N LEU V 140 -9.91 -60.47 -18.48
CA LEU V 140 -8.58 -61.02 -18.76
C LEU V 140 -7.65 -60.07 -19.51
N VAL V 141 -8.16 -59.43 -20.58
CA VAL V 141 -7.37 -58.48 -21.36
C VAL V 141 -6.97 -57.32 -20.47
N GLU V 142 -7.94 -56.77 -19.75
CA GLU V 142 -7.70 -55.61 -18.93
C GLU V 142 -6.72 -55.95 -17.80
N ALA V 143 -6.87 -57.16 -17.24
CA ALA V 143 -5.98 -57.65 -16.17
C ALA V 143 -4.54 -57.68 -16.64
N ALA V 144 -4.32 -58.36 -17.77
CA ALA V 144 -3.02 -58.41 -18.42
C ALA V 144 -2.44 -57.00 -18.70
N LYS V 145 -3.29 -56.06 -19.12
CA LYS V 145 -2.83 -54.71 -19.42
C LYS V 145 -2.21 -54.08 -18.16
N SER V 146 -2.84 -54.36 -17.02
CA SER V 146 -2.54 -53.68 -15.78
C SER V 146 -1.37 -54.26 -15.07
N ILE V 147 -1.02 -55.50 -15.37
CA ILE V 147 0.25 -56.02 -14.84
C ILE V 147 1.35 -55.95 -15.90
N GLY V 148 1.00 -55.45 -17.08
CA GLY V 148 1.96 -55.10 -18.12
C GLY V 148 2.61 -56.28 -18.82
N ALA V 149 1.99 -57.45 -18.75
CA ALA V 149 2.50 -58.63 -19.44
C ALA V 149 2.27 -58.47 -20.92
N THR V 150 3.20 -58.95 -21.75
CA THR V 150 2.96 -58.82 -23.18
C THR V 150 1.94 -59.86 -23.62
N THR V 151 0.88 -59.40 -24.29
CA THR V 151 -0.34 -60.17 -24.43
C THR V 151 -0.82 -60.24 -25.86
N HIS V 152 -1.23 -61.42 -26.32
CA HIS V 152 -1.92 -61.53 -27.59
C HIS V 152 -3.33 -62.04 -27.36
N VAL V 153 -4.25 -61.55 -28.17
CA VAL V 153 -5.68 -61.82 -28.04
C VAL V 153 -6.17 -62.37 -29.38
N GLY V 154 -6.85 -63.50 -29.37
CA GLY V 154 -7.32 -64.09 -30.62
C GLY V 154 -7.73 -65.53 -30.50
N VAL V 155 -7.65 -66.25 -31.62
CA VAL V 155 -8.18 -67.61 -31.75
C VAL V 155 -7.21 -68.73 -31.36
N THR V 156 -7.69 -69.76 -30.69
CA THR V 156 -6.84 -70.85 -30.22
C THR V 156 -7.29 -72.16 -30.83
N ALA V 157 -6.35 -72.99 -31.28
CA ALA V 157 -6.72 -74.33 -31.72
C ALA V 157 -6.73 -75.25 -30.50
N SER V 158 -7.83 -75.94 -30.26
CA SER V 158 -8.01 -76.69 -29.02
C SER V 158 -8.22 -78.14 -29.39
N SER V 159 -7.21 -78.96 -29.05
CA SER V 159 -7.06 -80.33 -29.59
C SER V 159 -7.27 -81.41 -28.54
N ASP V 160 -8.04 -82.44 -28.88
CA ASP V 160 -8.12 -83.63 -28.04
C ASP V 160 -6.80 -84.46 -27.91
N THR V 161 -5.75 -84.14 -28.64
CA THR V 161 -4.50 -84.81 -28.38
C THR V 161 -3.35 -83.81 -28.28
N PHE V 162 -2.26 -84.22 -27.62
CA PHE V 162 -1.10 -83.37 -27.49
C PHE V 162 -0.19 -83.61 -28.68
N TYR V 163 -0.23 -84.84 -29.20
CA TYR V 163 0.66 -85.22 -30.28
C TYR V 163 0.08 -85.00 -31.70
N PRO V 164 -0.59 -86.00 -32.31
CA PRO V 164 -1.03 -85.82 -33.71
C PRO V 164 -1.92 -84.61 -33.95
N GLY V 165 -2.85 -84.31 -33.04
CA GLY V 165 -3.78 -83.19 -33.23
C GLY V 165 -3.11 -81.82 -33.24
N GLN V 166 -1.88 -81.78 -32.74
CA GLN V 166 -1.08 -80.57 -32.75
C GLN V 166 0.06 -80.74 -33.75
N GLU V 167 -0.09 -81.73 -34.64
CA GLU V 167 0.93 -82.09 -35.65
C GLU V 167 2.37 -82.23 -35.13
N ARG V 168 2.55 -82.94 -34.02
CA ARG V 168 3.86 -83.32 -33.58
C ARG V 168 4.30 -84.61 -34.28
N TYR V 169 5.55 -84.63 -34.74
CA TYR V 169 6.10 -85.78 -35.44
C TYR V 169 7.11 -86.60 -34.59
N ASP V 170 7.67 -86.04 -33.52
CA ASP V 170 8.52 -86.85 -32.62
C ASP V 170 7.69 -87.74 -31.76
N THR V 171 7.30 -88.90 -32.29
CA THR V 171 6.35 -89.71 -31.58
C THR V 171 6.77 -91.11 -31.85
N TYR V 172 6.21 -92.06 -31.09
CA TYR V 172 6.45 -93.46 -31.32
C TYR V 172 6.40 -93.80 -32.80
N SER V 173 5.37 -93.34 -33.50
CA SER V 173 5.11 -93.78 -34.87
C SER V 173 5.71 -92.81 -35.90
N GLY V 174 5.84 -91.56 -35.52
CA GLY V 174 6.31 -90.54 -36.43
C GLY V 174 5.33 -90.18 -37.53
N ARG V 175 4.11 -90.69 -37.50
CA ARG V 175 3.16 -90.28 -38.52
C ARG V 175 2.05 -89.42 -37.92
N VAL V 176 1.37 -88.66 -38.78
CA VAL V 176 0.18 -87.96 -38.40
C VAL V 176 -0.89 -88.35 -39.41
N VAL V 177 -2.06 -88.73 -38.90
CA VAL V 177 -3.24 -89.06 -39.73
C VAL V 177 -3.52 -88.01 -40.82
N ARG V 178 -3.90 -88.49 -42.00
CA ARG V 178 -4.21 -87.64 -43.14
C ARG V 178 -4.87 -86.32 -42.74
N HIS V 179 -5.96 -86.42 -41.96
CA HIS V 179 -6.73 -85.26 -41.59
C HIS V 179 -5.91 -84.12 -40.97
N PHE V 180 -4.88 -84.46 -40.19
CA PHE V 180 -4.10 -83.43 -39.52
C PHE V 180 -2.74 -83.11 -40.18
N LYS V 181 -2.42 -83.83 -41.25
CA LYS V 181 -1.23 -83.57 -42.01
C LYS V 181 -1.34 -82.18 -42.63
N GLY V 182 -0.37 -81.33 -42.31
CA GLY V 182 -0.37 -79.98 -42.82
C GLY V 182 -1.33 -79.07 -42.08
N SER V 183 -1.89 -79.53 -40.96
CA SER V 183 -2.88 -78.73 -40.28
C SER V 183 -2.32 -77.51 -39.55
N MET V 184 -1.13 -77.65 -38.96
CA MET V 184 -0.58 -76.54 -38.19
C MET V 184 -0.36 -75.32 -39.07
N GLU V 185 0.19 -75.56 -40.27
CA GLU V 185 0.36 -74.52 -41.26
C GLU V 185 -0.98 -73.83 -41.71
N GLU V 186 -2.07 -74.59 -41.80
CA GLU V 186 -3.38 -74.01 -42.13
C GLU V 186 -3.82 -73.08 -41.00
N TRP V 187 -3.73 -73.57 -39.77
CA TRP V 187 -4.07 -72.75 -38.64
C TRP V 187 -3.20 -71.48 -38.58
N GLN V 188 -1.90 -71.57 -38.85
CA GLN V 188 -1.10 -70.34 -38.78
C GLN V 188 -1.50 -69.34 -39.82
N ALA V 189 -1.73 -69.82 -41.04
CA ALA V 189 -2.19 -68.95 -42.11
C ALA V 189 -3.48 -68.23 -41.68
N MET V 190 -4.29 -68.88 -40.83
CA MET V 190 -5.59 -68.35 -40.45
C MET V 190 -5.50 -67.45 -39.23
N GLY V 191 -4.26 -67.19 -38.81
CA GLY V 191 -4.03 -66.33 -37.67
C GLY V 191 -4.23 -66.95 -36.30
N VAL V 192 -4.41 -68.28 -36.23
CA VAL V 192 -4.57 -68.99 -34.96
C VAL V 192 -3.29 -68.83 -34.14
N MET V 193 -3.43 -68.52 -32.84
CA MET V 193 -2.25 -68.19 -32.04
C MET V 193 -1.50 -69.39 -31.50
N ASN V 194 -2.22 -70.44 -31.15
CA ASN V 194 -1.69 -71.47 -30.27
C ASN V 194 -2.54 -72.72 -30.22
N TYR V 195 -1.94 -73.80 -29.70
CA TYR V 195 -2.62 -75.05 -29.40
C TYR V 195 -2.76 -75.21 -27.89
N GLU V 196 -3.90 -75.69 -27.43
CA GLU V 196 -3.99 -76.23 -26.09
C GLU V 196 -5.07 -77.29 -26.12
N MET V 197 -5.54 -77.77 -24.96
CA MET V 197 -6.39 -78.97 -25.00
C MET V 197 -7.78 -78.91 -24.37
N GLU V 198 -8.19 -77.76 -23.80
CA GLU V 198 -9.43 -77.74 -23.03
C GLU V 198 -10.40 -76.64 -23.40
N SER V 199 -9.90 -75.58 -23.99
CA SER V 199 -10.76 -74.41 -24.26
C SER V 199 -12.00 -74.71 -25.11
N ALA V 200 -11.87 -75.56 -26.13
CA ALA V 200 -12.98 -75.86 -27.01
C ALA V 200 -14.14 -76.45 -26.23
N THR V 201 -13.86 -77.45 -25.39
CA THR V 201 -14.88 -77.99 -24.52
C THR V 201 -15.39 -76.94 -23.52
N LEU V 202 -14.48 -76.27 -22.81
CA LEU V 202 -14.90 -75.34 -21.80
C LEU V 202 -15.84 -74.28 -22.40
N LEU V 203 -15.36 -73.60 -23.42
CA LEU V 203 -16.06 -72.46 -23.97
C LEU V 203 -17.40 -72.88 -24.58
N THR V 204 -17.43 -74.05 -25.23
CA THR V 204 -18.66 -74.50 -25.89
C THR V 204 -19.69 -74.89 -24.86
N MET V 205 -19.29 -75.69 -23.90
CA MET V 205 -20.25 -76.13 -22.89
C MET V 205 -20.78 -74.94 -22.09
N CYS V 206 -19.94 -73.95 -21.82
CA CYS V 206 -20.43 -72.74 -21.11
C CYS V 206 -21.32 -71.84 -21.99
N ALA V 207 -20.82 -71.45 -23.16
CA ALA V 207 -21.56 -70.58 -24.06
C ALA V 207 -22.94 -71.10 -24.33
N SER V 208 -23.09 -72.42 -24.37
CA SER V 208 -24.36 -73.01 -24.75
C SER V 208 -25.24 -73.33 -23.55
N GLN V 209 -24.81 -72.97 -22.34
CA GLN V 209 -25.59 -73.22 -21.11
C GLN V 209 -25.75 -71.99 -20.18
N GLY V 210 -25.43 -70.80 -20.66
CA GLY V 210 -25.59 -69.59 -19.87
C GLY V 210 -24.55 -69.43 -18.78
N LEU V 211 -23.43 -70.13 -18.90
CA LEU V 211 -22.33 -69.93 -17.97
C LEU V 211 -21.29 -69.06 -18.64
N ARG V 212 -20.65 -68.20 -17.85
CA ARG V 212 -19.63 -67.33 -18.37
C ARG V 212 -18.27 -68.04 -18.29
N ALA V 213 -17.51 -68.00 -19.38
CA ALA V 213 -16.19 -68.60 -19.37
C ALA V 213 -15.16 -67.71 -20.04
N GLY V 214 -13.94 -67.71 -19.51
CA GLY V 214 -12.82 -67.05 -20.15
C GLY V 214 -11.61 -67.97 -20.16
N MET V 215 -10.62 -67.61 -20.97
CA MET V 215 -9.50 -68.50 -21.21
C MET V 215 -8.21 -67.74 -21.39
N VAL V 216 -7.23 -68.05 -20.58
CA VAL V 216 -5.91 -67.44 -20.66
C VAL V 216 -4.81 -68.51 -20.48
N ALA V 217 -3.69 -68.37 -21.17
CA ALA V 217 -2.60 -69.32 -21.03
C ALA V 217 -1.24 -68.66 -21.15
N GLY V 218 -0.23 -69.24 -20.48
CA GLY V 218 1.16 -68.81 -20.64
C GLY V 218 1.83 -69.65 -21.72
N VAL V 219 2.62 -69.01 -22.57
CA VAL V 219 3.24 -69.75 -23.66
C VAL V 219 4.49 -70.45 -23.17
N ILE V 220 4.53 -71.78 -23.26
CA ILE V 220 5.71 -72.51 -22.81
C ILE V 220 6.59 -73.05 -23.94
N VAL V 221 6.12 -72.94 -25.17
CA VAL V 221 6.92 -73.34 -26.29
C VAL V 221 6.43 -72.62 -27.54
N ASN V 222 7.36 -72.27 -28.43
CA ASN V 222 6.98 -71.86 -29.77
C ASN V 222 7.23 -72.95 -30.83
N ARG V 223 6.14 -73.37 -31.46
CA ARG V 223 6.15 -74.54 -32.35
C ARG V 223 6.81 -74.26 -33.68
N THR V 224 7.16 -73.01 -33.96
CA THR V 224 7.93 -72.73 -35.17
C THR V 224 9.41 -73.03 -34.94
N GLN V 225 9.75 -73.39 -33.70
CA GLN V 225 11.11 -73.69 -33.30
C GLN V 225 11.34 -75.14 -32.86
N GLN V 226 10.32 -75.73 -32.24
CA GLN V 226 10.47 -76.89 -31.37
C GLN V 226 9.14 -77.58 -31.19
N GLU V 227 9.16 -78.88 -30.91
CA GLU V 227 7.93 -79.57 -30.55
C GLU V 227 7.79 -79.64 -29.04
N ILE V 228 8.89 -79.87 -28.34
CA ILE V 228 8.85 -80.16 -26.91
C ILE V 228 9.38 -78.96 -26.14
N PRO V 229 8.61 -78.47 -25.17
CA PRO V 229 9.05 -77.38 -24.26
C PRO V 229 10.33 -77.67 -23.47
N ASN V 230 11.11 -76.63 -23.17
CA ASN V 230 12.49 -76.75 -22.65
C ASN V 230 12.66 -77.31 -21.23
N SER V 239 2.93 -68.25 -14.84
CA SER V 239 3.20 -67.42 -13.65
C SER V 239 2.84 -65.95 -13.81
N HIS V 240 3.08 -65.39 -15.00
CA HIS V 240 2.50 -64.11 -15.40
C HIS V 240 1.01 -64.35 -15.57
N ALA V 241 0.69 -65.52 -16.13
CA ALA V 241 -0.68 -65.88 -16.47
C ALA V 241 -1.49 -66.13 -15.22
N VAL V 242 -0.85 -66.71 -14.22
CA VAL V 242 -1.55 -66.97 -12.97
C VAL V 242 -1.93 -65.66 -12.26
N LYS V 243 -1.00 -64.71 -12.22
CA LYS V 243 -1.25 -63.40 -11.69
C LYS V 243 -2.43 -62.76 -12.41
N ILE V 244 -2.50 -62.94 -13.74
CA ILE V 244 -3.53 -62.35 -14.58
C ILE V 244 -4.91 -62.97 -14.33
N VAL V 245 -4.97 -64.28 -14.23
CA VAL V 245 -6.27 -64.94 -14.01
C VAL V 245 -6.88 -64.54 -12.67
N VAL V 246 -6.05 -64.45 -11.64
CA VAL V 246 -6.51 -64.03 -10.33
C VAL V 246 -7.02 -62.60 -10.43
N GLU V 247 -6.24 -61.73 -11.05
CA GLU V 247 -6.62 -60.32 -11.17
C GLU V 247 -7.93 -60.18 -11.95
N ALA V 248 -8.11 -61.06 -12.94
CA ALA V 248 -9.33 -61.03 -13.74
C ALA V 248 -10.54 -61.47 -12.91
N ALA V 249 -10.35 -62.54 -12.15
CA ALA V 249 -11.37 -63.02 -11.22
C ALA V 249 -11.85 -61.85 -10.35
N ARG V 250 -10.89 -61.10 -9.82
CA ARG V 250 -11.17 -59.91 -9.02
C ARG V 250 -12.19 -58.98 -9.68
N ARG V 251 -12.00 -58.70 -10.96
CA ARG V 251 -12.89 -57.79 -11.69
C ARG V 251 -14.20 -58.42 -12.06
N LEU V 252 -14.31 -59.74 -11.93
CA LEU V 252 -15.53 -60.44 -12.30
C LEU V 252 -16.44 -60.79 -11.13
N LEU V 253 -16.03 -60.41 -9.93
CA LEU V 253 -16.72 -60.84 -8.71
C LEU V 253 -17.99 -60.06 -8.48
N SER W 4 -11.46 -49.29 -63.07
CA SER W 4 -11.78 -49.98 -61.78
C SER W 4 -10.75 -51.05 -61.37
N ASP W 5 -10.41 -51.11 -60.08
CA ASP W 5 -9.38 -52.04 -59.59
C ASP W 5 -9.92 -53.42 -59.19
N VAL W 6 -11.24 -53.55 -59.08
CA VAL W 6 -11.85 -54.78 -58.58
C VAL W 6 -13.02 -55.21 -59.48
N PHE W 7 -13.25 -56.51 -59.60
CA PHE W 7 -14.22 -56.98 -60.59
C PHE W 7 -15.66 -56.56 -60.34
N HIS W 8 -16.12 -56.60 -59.09
CA HIS W 8 -17.53 -56.33 -58.86
C HIS W 8 -17.90 -54.92 -58.43
N LEU W 9 -17.13 -54.32 -57.52
CA LEU W 9 -17.54 -53.07 -56.86
C LEU W 9 -17.34 -51.80 -57.66
N GLY W 10 -16.55 -51.88 -58.73
CA GLY W 10 -16.30 -50.71 -59.57
C GLY W 10 -15.63 -49.58 -58.83
N LEU W 11 -14.62 -49.91 -58.04
CA LEU W 11 -13.85 -48.92 -57.28
C LEU W 11 -12.36 -49.03 -57.58
N THR W 12 -11.65 -47.91 -57.39
CA THR W 12 -10.19 -47.91 -57.46
C THR W 12 -9.61 -47.57 -56.08
N LYS W 13 -8.38 -48.02 -55.81
CA LYS W 13 -7.70 -47.73 -54.56
C LYS W 13 -7.78 -46.24 -54.23
N ASN W 14 -7.61 -45.43 -55.27
CA ASN W 14 -7.68 -44.00 -55.16
C ASN W 14 -9.02 -43.48 -54.63
N ASP W 15 -10.13 -44.10 -55.03
CA ASP W 15 -11.46 -43.68 -54.62
C ASP W 15 -11.59 -43.69 -53.10
N LEU W 16 -10.84 -44.58 -52.45
CA LEU W 16 -10.93 -44.79 -51.01
C LEU W 16 -10.16 -43.77 -50.17
N GLN W 17 -9.24 -43.03 -50.81
CA GLN W 17 -8.44 -41.98 -50.18
C GLN W 17 -7.74 -42.41 -48.89
N GLY W 18 -7.24 -43.65 -48.90
CA GLY W 18 -6.53 -44.23 -47.77
C GLY W 18 -7.41 -44.81 -46.69
N ALA W 19 -8.72 -44.88 -46.93
CA ALA W 19 -9.65 -45.44 -45.95
C ALA W 19 -9.25 -46.89 -45.60
N THR W 20 -9.36 -47.25 -44.33
CA THR W 20 -9.05 -48.62 -43.92
C THR W 20 -10.18 -49.27 -43.11
N LEU W 21 -11.27 -48.52 -42.88
CA LEU W 21 -12.42 -49.06 -42.17
C LEU W 21 -13.66 -48.90 -43.04
N ALA W 22 -14.53 -49.93 -43.04
CA ALA W 22 -15.81 -49.88 -43.76
C ALA W 22 -17.01 -50.28 -42.93
N ILE W 23 -18.07 -49.49 -43.00
CA ILE W 23 -19.35 -49.92 -42.44
C ILE W 23 -20.07 -50.67 -43.57
N VAL W 24 -20.53 -51.89 -43.29
CA VAL W 24 -21.17 -52.74 -44.31
C VAL W 24 -22.61 -53.16 -43.94
N PRO W 25 -23.59 -52.37 -44.39
CA PRO W 25 -25.00 -52.74 -44.26
C PRO W 25 -25.41 -53.75 -45.33
N GLY W 26 -26.61 -54.31 -45.20
CA GLY W 26 -27.09 -55.28 -46.16
C GLY W 26 -27.63 -54.65 -47.43
N ASP W 27 -28.38 -53.57 -47.26
CA ASP W 27 -29.20 -52.99 -48.32
C ASP W 27 -28.55 -51.77 -49.01
N PRO W 28 -28.32 -51.85 -50.31
CA PRO W 28 -27.78 -50.72 -51.09
C PRO W 28 -28.46 -49.39 -50.81
N ASP W 29 -29.75 -49.42 -50.49
CA ASP W 29 -30.53 -48.19 -50.28
C ASP W 29 -30.29 -47.52 -48.93
N ARG W 30 -29.60 -48.22 -48.02
CA ARG W 30 -29.32 -47.67 -46.71
C ARG W 30 -27.92 -47.13 -46.62
N VAL W 31 -27.11 -47.35 -47.67
CA VAL W 31 -25.72 -46.88 -47.69
C VAL W 31 -25.68 -45.35 -47.57
N GLU W 32 -26.44 -44.66 -48.42
CA GLU W 32 -26.43 -43.21 -48.44
C GLU W 32 -26.85 -42.62 -47.10
N LYS W 33 -27.86 -43.23 -46.49
CA LYS W 33 -28.40 -42.78 -45.21
C LYS W 33 -27.38 -42.86 -44.08
N ILE W 34 -26.59 -43.94 -44.06
CA ILE W 34 -25.49 -44.09 -43.09
C ILE W 34 -24.35 -43.09 -43.31
N ALA W 35 -23.95 -42.91 -44.57
CA ALA W 35 -22.85 -42.02 -44.95
C ALA W 35 -23.20 -40.58 -44.62
N ALA W 36 -24.47 -40.23 -44.76
CA ALA W 36 -24.96 -38.89 -44.49
C ALA W 36 -24.91 -38.50 -43.01
N LEU W 37 -24.59 -39.45 -42.15
CA LEU W 37 -24.38 -39.12 -40.74
C LEU W 37 -22.97 -38.59 -40.49
N MET W 38 -22.07 -38.87 -41.42
CA MET W 38 -20.69 -38.42 -41.32
C MET W 38 -20.46 -37.18 -42.17
N ASP W 39 -19.20 -36.78 -42.34
CA ASP W 39 -18.88 -35.57 -43.06
C ASP W 39 -18.48 -35.85 -44.48
N LYS W 40 -18.69 -34.86 -45.35
CA LYS W 40 -18.26 -34.94 -46.76
C LYS W 40 -18.63 -36.28 -47.44
N PRO W 41 -19.90 -36.70 -47.36
CA PRO W 41 -20.36 -37.91 -48.03
C PRO W 41 -20.35 -37.77 -49.55
N VAL W 42 -19.81 -38.80 -50.21
CA VAL W 42 -19.71 -38.81 -51.66
C VAL W 42 -20.09 -40.20 -52.15
N LYS W 43 -20.88 -40.29 -53.21
CA LYS W 43 -21.15 -41.59 -53.84
C LYS W 43 -19.95 -41.98 -54.68
N LEU W 44 -19.51 -43.22 -54.53
CA LEU W 44 -18.37 -43.71 -55.30
C LEU W 44 -18.85 -44.55 -56.47
N ALA W 45 -19.67 -45.55 -56.18
CA ALA W 45 -20.13 -46.47 -57.20
C ALA W 45 -21.37 -47.26 -56.79
N SER W 46 -21.99 -47.90 -57.78
CA SER W 46 -23.21 -48.66 -57.58
C SER W 46 -23.29 -49.70 -58.69
N HIS W 47 -23.04 -50.96 -58.34
CA HIS W 47 -23.08 -52.05 -59.30
C HIS W 47 -23.73 -53.21 -58.60
N ARG W 48 -24.71 -53.84 -59.27
CA ARG W 48 -25.49 -54.93 -58.66
C ARG W 48 -25.97 -54.51 -57.26
N GLU W 49 -25.80 -55.36 -56.27
CA GLU W 49 -26.19 -55.01 -54.90
C GLU W 49 -25.13 -54.20 -54.14
N PHE W 50 -24.04 -53.82 -54.80
CA PHE W 50 -22.96 -53.11 -54.12
C PHE W 50 -23.00 -51.59 -54.37
N THR W 51 -23.51 -50.84 -53.40
CA THR W 51 -23.49 -49.39 -53.49
C THR W 51 -22.45 -48.89 -52.50
N THR W 52 -21.59 -47.98 -52.96
CA THR W 52 -20.45 -47.53 -52.16
C THR W 52 -20.41 -46.02 -52.03
N TRP W 53 -20.37 -45.56 -50.79
CA TRP W 53 -20.17 -44.13 -50.53
C TRP W 53 -18.94 -44.03 -49.67
N ARG W 54 -18.24 -42.91 -49.79
CA ARG W 54 -17.16 -42.55 -48.89
C ARG W 54 -17.57 -41.33 -48.08
N ALA W 55 -17.17 -41.31 -46.82
CA ALA W 55 -17.42 -40.14 -45.98
C ALA W 55 -16.17 -39.88 -45.15
N GLU W 56 -16.28 -38.95 -44.21
CA GLU W 56 -15.18 -38.61 -43.34
C GLU W 56 -15.68 -38.66 -41.92
N LEU W 57 -14.84 -39.16 -41.03
CA LEU W 57 -15.17 -39.27 -39.62
C LEU W 57 -13.98 -38.77 -38.82
N ASP W 58 -14.16 -37.70 -38.05
CA ASP W 58 -13.04 -37.03 -37.36
C ASP W 58 -11.84 -36.86 -38.29
N GLY W 59 -12.08 -36.33 -39.47
CA GLY W 59 -11.02 -36.04 -40.42
C GLY W 59 -10.48 -37.23 -41.19
N LYS W 60 -10.90 -38.45 -40.84
CA LYS W 60 -10.42 -39.65 -41.54
C LYS W 60 -11.46 -40.17 -42.50
N PRO W 61 -11.01 -40.60 -43.67
CA PRO W 61 -11.88 -41.20 -44.67
C PRO W 61 -12.43 -42.58 -44.26
N VAL W 62 -13.71 -42.79 -44.52
CA VAL W 62 -14.39 -44.00 -44.11
C VAL W 62 -15.25 -44.46 -45.31
N ILE W 63 -15.39 -45.77 -45.50
CA ILE W 63 -16.21 -46.31 -46.58
C ILE W 63 -17.54 -46.84 -46.03
N VAL W 64 -18.63 -46.63 -46.76
CA VAL W 64 -19.86 -47.37 -46.49
C VAL W 64 -20.25 -48.15 -47.74
N CYS W 65 -20.48 -49.46 -47.56
CA CYS W 65 -20.64 -50.36 -48.70
C CYS W 65 -21.62 -51.47 -48.41
N SER W 66 -22.66 -51.57 -49.25
CA SER W 66 -23.66 -52.63 -49.10
C SER W 66 -23.19 -54.02 -49.58
N THR W 67 -23.67 -55.07 -48.91
CA THR W 67 -23.24 -56.43 -49.21
C THR W 67 -24.31 -57.21 -49.97
N GLY W 68 -25.56 -56.72 -49.94
CA GLY W 68 -26.69 -57.51 -50.38
C GLY W 68 -26.99 -58.54 -49.33
N ILE W 69 -27.84 -59.50 -49.66
CA ILE W 69 -28.23 -60.53 -48.69
C ILE W 69 -27.36 -61.77 -48.86
N GLY W 70 -26.78 -62.27 -47.77
CA GLY W 70 -26.20 -63.58 -47.77
C GLY W 70 -24.69 -63.63 -47.87
N GLY W 71 -24.15 -64.80 -47.52
CA GLY W 71 -22.71 -64.98 -47.48
C GLY W 71 -22.02 -64.63 -48.79
N PRO W 72 -22.50 -65.23 -49.89
CA PRO W 72 -21.86 -65.08 -51.20
C PRO W 72 -21.58 -63.64 -51.61
N SER W 73 -22.56 -62.76 -51.63
CA SER W 73 -22.25 -61.37 -52.01
C SER W 73 -21.41 -60.62 -50.94
N THR W 74 -21.71 -60.87 -49.67
CA THR W 74 -20.86 -60.37 -48.59
C THR W 74 -19.40 -60.71 -48.86
N SER W 75 -19.15 -61.97 -49.25
CA SER W 75 -17.81 -62.46 -49.48
C SER W 75 -17.11 -61.71 -50.63
N ILE W 76 -17.86 -61.37 -51.67
CA ILE W 76 -17.33 -60.55 -52.75
C ILE W 76 -16.96 -59.15 -52.25
N ALA W 77 -17.89 -58.51 -51.54
CA ALA W 77 -17.66 -57.14 -51.06
C ALA W 77 -16.48 -57.06 -50.11
N VAL W 78 -16.44 -57.99 -49.15
CA VAL W 78 -15.34 -57.99 -48.18
C VAL W 78 -13.97 -58.19 -48.87
N GLU W 79 -13.91 -59.17 -49.76
CA GLU W 79 -12.68 -59.47 -50.48
C GLU W 79 -12.19 -58.24 -51.26
N GLU W 80 -13.09 -57.65 -52.03
CA GLU W 80 -12.68 -56.55 -52.90
C GLU W 80 -12.38 -55.26 -52.10
N LEU W 81 -13.15 -55.01 -51.05
CA LEU W 81 -12.81 -53.94 -50.14
C LEU W 81 -11.43 -54.21 -49.51
N ALA W 82 -11.14 -55.46 -49.21
CA ALA W 82 -9.85 -55.76 -48.57
C ALA W 82 -8.73 -55.45 -49.56
N GLN W 83 -8.93 -55.80 -50.83
CA GLN W 83 -7.89 -55.61 -51.83
C GLN W 83 -7.59 -54.13 -51.95
N LEU W 84 -8.62 -53.31 -51.71
CA LEU W 84 -8.48 -51.87 -51.83
C LEU W 84 -7.95 -51.19 -50.56
N GLY W 85 -7.65 -51.99 -49.54
CA GLY W 85 -7.05 -51.50 -48.31
C GLY W 85 -7.90 -51.50 -47.02
N ILE W 86 -9.17 -51.87 -47.10
CA ILE W 86 -10.01 -51.97 -45.89
C ILE W 86 -9.50 -53.11 -45.01
N ARG W 87 -9.44 -52.85 -43.70
CA ARG W 87 -8.87 -53.76 -42.72
C ARG W 87 -9.81 -53.93 -41.55
N THR W 88 -10.82 -53.07 -41.48
CA THR W 88 -11.83 -53.19 -40.44
C THR W 88 -13.22 -53.18 -41.05
N PHE W 89 -14.04 -54.17 -40.68
CA PHE W 89 -15.40 -54.20 -41.19
C PHE W 89 -16.44 -54.18 -40.05
N LEU W 90 -17.30 -53.17 -40.06
CA LEU W 90 -18.39 -53.16 -39.11
C LEU W 90 -19.73 -53.41 -39.81
N ARG W 91 -20.32 -54.58 -39.52
CA ARG W 91 -21.63 -54.92 -40.03
C ARG W 91 -22.74 -54.22 -39.23
N ILE W 92 -23.61 -53.53 -39.93
CA ILE W 92 -24.82 -52.93 -39.31
C ILE W 92 -26.06 -53.56 -39.92
N GLY W 93 -26.98 -54.01 -39.07
CA GLY W 93 -28.20 -54.58 -39.59
C GLY W 93 -29.42 -54.40 -38.72
N THR W 94 -30.51 -54.96 -39.22
CA THR W 94 -31.73 -55.15 -38.45
C THR W 94 -31.92 -56.68 -38.34
N THR W 95 -32.58 -57.12 -37.30
CA THR W 95 -32.66 -58.55 -37.08
C THR W 95 -33.90 -58.93 -36.26
N GLY W 96 -34.14 -60.24 -36.20
CA GLY W 96 -35.21 -60.79 -35.40
C GLY W 96 -34.71 -61.67 -34.27
N ALA W 97 -35.03 -61.27 -33.04
CA ALA W 97 -34.64 -62.02 -31.85
C ALA W 97 -35.44 -63.30 -31.70
N ILE W 98 -34.81 -64.32 -31.12
CA ILE W 98 -35.49 -65.57 -30.83
C ILE W 98 -35.56 -65.85 -29.34
N GLN W 99 -35.16 -64.87 -28.52
CA GLN W 99 -35.24 -65.00 -27.07
C GLN W 99 -36.38 -64.13 -26.57
N PRO W 100 -37.17 -64.63 -25.61
CA PRO W 100 -38.30 -63.87 -25.10
C PRO W 100 -37.90 -62.62 -24.33
N HIS W 101 -36.73 -62.55 -23.71
CA HIS W 101 -36.36 -61.35 -22.94
C HIS W 101 -35.87 -60.17 -23.83
N ILE W 102 -35.54 -60.46 -25.10
CA ILE W 102 -35.08 -59.43 -26.05
C ILE W 102 -36.26 -58.74 -26.73
N ASN W 103 -36.31 -57.41 -26.58
CA ASN W 103 -37.43 -56.62 -27.10
C ASN W 103 -37.18 -55.88 -28.40
N VAL W 104 -38.27 -55.60 -29.10
CA VAL W 104 -38.20 -54.76 -30.28
C VAL W 104 -37.60 -53.43 -29.84
N GLY W 105 -36.57 -52.98 -30.53
CA GLY W 105 -35.87 -51.76 -30.15
C GLY W 105 -34.53 -52.02 -29.46
N ASP W 106 -34.32 -53.25 -29.00
CA ASP W 106 -33.09 -53.61 -28.33
C ASP W 106 -31.97 -53.70 -29.38
N VAL W 107 -30.73 -53.74 -28.93
CA VAL W 107 -29.57 -53.70 -29.81
C VAL W 107 -28.73 -54.94 -29.50
N LEU W 108 -28.30 -55.64 -30.54
CA LEU W 108 -27.53 -56.86 -30.35
C LEU W 108 -26.14 -56.72 -30.92
N VAL W 109 -25.15 -57.05 -30.09
CA VAL W 109 -23.74 -57.11 -30.48
C VAL W 109 -23.36 -58.57 -30.48
N THR W 110 -22.85 -59.04 -31.61
CA THR W 110 -22.57 -60.46 -31.78
C THR W 110 -21.10 -60.79 -31.48
N THR W 111 -20.87 -61.71 -30.55
CA THR W 111 -19.51 -62.09 -30.20
C THR W 111 -19.00 -63.10 -31.17
N ALA W 112 -19.91 -63.96 -31.63
CA ALA W 112 -19.64 -64.97 -32.65
C ALA W 112 -20.96 -65.55 -33.20
N SER W 113 -20.87 -66.25 -34.33
CA SER W 113 -22.07 -66.78 -34.96
C SER W 113 -22.09 -68.31 -35.16
N VAL W 114 -23.28 -68.89 -35.07
CA VAL W 114 -23.50 -70.26 -35.48
C VAL W 114 -23.47 -70.23 -37.00
N ARG W 115 -22.64 -71.11 -37.58
CA ARG W 115 -22.33 -71.09 -38.99
C ARG W 115 -23.33 -71.95 -39.75
N LEU W 116 -24.49 -71.37 -40.07
CA LEU W 116 -25.50 -72.07 -40.86
C LEU W 116 -25.46 -71.68 -42.33
N ASP W 117 -24.25 -71.36 -42.80
CA ASP W 117 -24.03 -70.80 -44.14
C ASP W 117 -23.09 -71.70 -44.90
N GLY W 118 -22.88 -71.38 -46.16
CA GLY W 118 -21.96 -72.13 -46.99
C GLY W 118 -20.63 -71.43 -47.16
N ALA W 119 -20.66 -70.10 -47.18
CA ALA W 119 -19.50 -69.33 -47.65
C ALA W 119 -18.35 -69.41 -46.66
N SER W 120 -18.67 -69.52 -45.37
CA SER W 120 -17.62 -69.54 -44.36
C SER W 120 -16.75 -70.75 -44.53
N LEU W 121 -17.34 -71.83 -45.04
CA LEU W 121 -16.56 -73.05 -45.31
C LEU W 121 -15.54 -72.83 -46.38
N HIS W 122 -15.71 -71.79 -47.17
CA HIS W 122 -14.77 -71.54 -48.26
C HIS W 122 -13.53 -70.81 -47.71
N PHE W 123 -13.58 -70.50 -46.41
CA PHE W 123 -12.50 -69.76 -45.76
C PHE W 123 -11.81 -70.54 -44.66
N ALA W 124 -12.60 -71.27 -43.88
CA ALA W 124 -12.09 -72.03 -42.77
C ALA W 124 -13.03 -73.22 -42.57
N PRO W 125 -12.51 -74.38 -42.14
CA PRO W 125 -13.38 -75.54 -41.90
C PRO W 125 -14.33 -75.27 -40.72
N LEU W 126 -15.37 -76.08 -40.61
CA LEU W 126 -16.50 -75.76 -39.76
C LEU W 126 -16.10 -75.53 -38.29
N GLU W 127 -15.07 -76.27 -37.85
CA GLU W 127 -14.60 -76.23 -36.48
C GLU W 127 -14.00 -74.90 -36.08
N PHE W 128 -13.70 -74.04 -37.07
CA PHE W 128 -13.12 -72.71 -36.78
C PHE W 128 -14.26 -71.75 -36.36
N PRO W 129 -14.09 -71.02 -35.25
CA PRO W 129 -15.15 -70.17 -34.71
C PRO W 129 -15.43 -68.95 -35.58
N ALA W 130 -16.72 -68.67 -35.89
CA ALA W 130 -17.08 -67.44 -36.59
C ALA W 130 -17.12 -66.30 -35.60
N VAL W 131 -15.95 -65.85 -35.15
CA VAL W 131 -15.84 -65.00 -33.98
C VAL W 131 -15.48 -63.61 -34.38
N ALA W 132 -16.03 -62.63 -33.68
CA ALA W 132 -15.77 -61.23 -33.97
C ALA W 132 -14.44 -60.80 -33.39
N ASP W 133 -13.92 -59.70 -33.92
CA ASP W 133 -12.69 -59.16 -33.40
C ASP W 133 -12.93 -58.48 -32.05
N PHE W 134 -12.03 -58.65 -31.09
CA PHE W 134 -12.28 -58.15 -29.74
C PHE W 134 -12.39 -56.63 -29.66
N GLU W 135 -11.57 -55.94 -30.45
CA GLU W 135 -11.57 -54.48 -30.40
C GLU W 135 -12.87 -53.93 -31.01
N CYS W 136 -13.39 -54.61 -32.04
CA CYS W 136 -14.62 -54.20 -32.69
C CYS W 136 -15.80 -54.38 -31.74
N THR W 137 -15.88 -55.55 -31.13
CA THR W 137 -16.93 -55.87 -30.19
C THR W 137 -16.90 -54.91 -29.02
N THR W 138 -15.72 -54.65 -28.46
CA THR W 138 -15.57 -53.67 -27.41
C THR W 138 -16.09 -52.29 -27.84
N ALA W 139 -15.67 -51.83 -29.02
CA ALA W 139 -16.08 -50.53 -29.52
C ALA W 139 -17.58 -50.49 -29.65
N LEU W 140 -18.16 -51.58 -30.13
CA LEU W 140 -19.60 -51.65 -30.34
C LEU W 140 -20.38 -51.60 -29.04
N VAL W 141 -19.99 -52.45 -28.09
CA VAL W 141 -20.62 -52.46 -26.77
C VAL W 141 -20.50 -51.10 -26.09
N GLU W 142 -19.34 -50.46 -26.23
CA GLU W 142 -19.09 -49.17 -25.59
C GLU W 142 -19.84 -48.01 -26.24
N ALA W 143 -19.95 -48.04 -27.56
CA ALA W 143 -20.78 -47.10 -28.30
C ALA W 143 -22.21 -47.22 -27.81
N ALA W 144 -22.71 -48.45 -27.77
CA ALA W 144 -24.06 -48.75 -27.32
C ALA W 144 -24.34 -48.19 -25.92
N LYS W 145 -23.42 -48.41 -25.00
CA LYS W 145 -23.52 -47.89 -23.64
C LYS W 145 -23.54 -46.37 -23.62
N SER W 146 -22.86 -45.75 -24.58
CA SER W 146 -22.69 -44.30 -24.56
C SER W 146 -23.88 -43.52 -25.12
N ILE W 147 -24.63 -44.12 -26.05
CA ILE W 147 -25.85 -43.49 -26.56
C ILE W 147 -27.11 -43.91 -25.76
N GLY W 148 -27.01 -45.03 -25.04
CA GLY W 148 -28.02 -45.44 -24.08
C GLY W 148 -28.89 -46.66 -24.39
N ALA W 149 -28.62 -47.36 -25.49
CA ALA W 149 -29.46 -48.47 -25.91
C ALA W 149 -29.45 -49.59 -24.87
N THR W 150 -30.55 -50.33 -24.76
CA THR W 150 -30.51 -51.55 -23.96
C THR W 150 -29.95 -52.67 -24.85
N THR W 151 -28.80 -53.20 -24.45
CA THR W 151 -27.98 -54.03 -25.32
C THR W 151 -27.86 -55.46 -24.83
N HIS W 152 -27.84 -56.41 -25.78
CA HIS W 152 -27.56 -57.79 -25.48
C HIS W 152 -26.34 -58.21 -26.26
N VAL W 153 -25.40 -58.88 -25.58
CA VAL W 153 -24.15 -59.31 -26.18
C VAL W 153 -24.16 -60.83 -26.20
N GLY W 154 -23.90 -61.44 -27.36
CA GLY W 154 -23.85 -62.89 -27.40
C GLY W 154 -23.78 -63.48 -28.79
N VAL W 155 -24.35 -64.68 -28.92
CA VAL W 155 -24.25 -65.47 -30.14
C VAL W 155 -25.43 -65.28 -31.10
N THR W 156 -25.09 -65.24 -32.39
CA THR W 156 -26.08 -65.13 -33.44
C THR W 156 -26.03 -66.35 -34.37
N ALA W 157 -27.20 -66.85 -34.78
CA ALA W 157 -27.30 -67.92 -35.77
C ALA W 157 -27.39 -67.33 -37.17
N SER W 158 -26.39 -67.63 -37.98
CA SER W 158 -26.25 -67.00 -39.27
C SER W 158 -26.62 -68.01 -40.36
N SER W 159 -27.75 -67.79 -41.04
CA SER W 159 -28.34 -68.80 -41.93
C SER W 159 -28.32 -68.42 -43.39
N ASP W 160 -28.04 -69.36 -44.30
CA ASP W 160 -28.01 -69.06 -45.74
C ASP W 160 -29.38 -68.86 -46.33
N THR W 161 -30.44 -69.30 -45.65
CA THR W 161 -31.80 -68.98 -46.07
C THR W 161 -32.54 -68.14 -45.03
N PHE W 162 -33.50 -67.36 -45.50
CA PHE W 162 -34.37 -66.60 -44.62
C PHE W 162 -35.55 -67.45 -44.13
N TYR W 163 -35.92 -68.48 -44.90
CA TYR W 163 -37.05 -69.33 -44.54
C TYR W 163 -36.69 -70.60 -43.79
N PRO W 164 -36.37 -71.71 -44.48
CA PRO W 164 -36.26 -73.01 -43.80
C PRO W 164 -35.09 -73.03 -42.80
N GLY W 165 -34.01 -72.33 -43.11
CA GLY W 165 -32.85 -72.29 -42.25
C GLY W 165 -33.09 -71.50 -40.98
N GLN W 166 -34.14 -70.69 -40.98
CA GLN W 166 -34.56 -69.97 -39.78
C GLN W 166 -35.83 -70.61 -39.23
N GLU W 167 -36.12 -71.81 -39.73
CA GLU W 167 -37.30 -72.60 -39.39
C GLU W 167 -38.66 -71.92 -39.58
N ARG W 168 -38.84 -71.27 -40.73
CA ARG W 168 -40.14 -70.70 -41.05
C ARG W 168 -41.03 -71.69 -41.77
N TYR W 169 -42.27 -71.82 -41.33
CA TYR W 169 -43.14 -72.79 -41.98
C TYR W 169 -44.23 -72.16 -42.87
N ASP W 170 -44.19 -70.84 -42.97
CA ASP W 170 -45.19 -70.06 -43.71
C ASP W 170 -44.72 -69.90 -45.17
N THR W 171 -44.71 -70.99 -45.93
CA THR W 171 -44.00 -70.99 -47.21
C THR W 171 -44.82 -71.70 -48.29
N TYR W 172 -44.31 -71.69 -49.52
CA TYR W 172 -44.96 -72.40 -50.63
C TYR W 172 -45.17 -73.87 -50.29
N SER W 173 -44.13 -74.50 -49.74
CA SER W 173 -44.16 -75.93 -49.43
C SER W 173 -44.68 -76.21 -48.03
N GLY W 174 -44.34 -75.31 -47.09
CA GLY W 174 -44.82 -75.42 -45.73
C GLY W 174 -44.08 -76.48 -44.94
N ARG W 175 -42.87 -76.81 -45.40
CA ARG W 175 -42.06 -77.83 -44.77
C ARG W 175 -40.65 -77.40 -44.60
N VAL W 176 -39.98 -78.03 -43.65
CA VAL W 176 -38.59 -77.73 -43.35
C VAL W 176 -37.79 -79.03 -43.33
N VAL W 177 -36.70 -79.03 -44.08
CA VAL W 177 -35.80 -80.18 -44.20
C VAL W 177 -35.41 -80.80 -42.84
N ARG W 178 -35.36 -82.13 -42.78
CA ARG W 178 -35.01 -82.85 -41.56
C ARG W 178 -33.93 -82.17 -40.70
N HIS W 179 -32.85 -81.72 -41.33
CA HIS W 179 -31.73 -81.16 -40.59
C HIS W 179 -32.10 -79.92 -39.78
N PHE W 180 -33.05 -79.13 -40.28
CA PHE W 180 -33.47 -77.89 -39.61
C PHE W 180 -34.77 -78.00 -38.80
N LYS W 181 -35.46 -79.13 -38.90
CA LYS W 181 -36.65 -79.38 -38.13
C LYS W 181 -36.30 -79.34 -36.63
N GLY W 182 -36.90 -78.41 -35.90
CA GLY W 182 -36.70 -78.33 -34.46
C GLY W 182 -35.40 -77.63 -34.06
N SER W 183 -34.74 -77.03 -35.05
CA SER W 183 -33.47 -76.38 -34.78
C SER W 183 -33.61 -75.07 -34.03
N MET W 184 -34.72 -74.34 -34.19
CA MET W 184 -34.82 -73.02 -33.55
C MET W 184 -34.91 -73.23 -32.05
N GLU W 185 -35.65 -74.25 -31.65
CA GLU W 185 -35.79 -74.55 -30.24
C GLU W 185 -34.42 -74.87 -29.63
N GLU W 186 -33.59 -75.60 -30.37
CA GLU W 186 -32.24 -75.91 -29.94
C GLU W 186 -31.38 -74.63 -29.77
N TRP W 187 -31.33 -73.77 -30.78
CA TRP W 187 -30.56 -72.51 -30.64
C TRP W 187 -31.08 -71.66 -29.46
N GLN W 188 -32.39 -71.65 -29.24
CA GLN W 188 -32.96 -70.90 -28.16
C GLN W 188 -32.40 -71.43 -26.84
N ALA W 189 -32.47 -72.75 -26.68
CA ALA W 189 -32.03 -73.39 -25.45
C ALA W 189 -30.54 -73.10 -25.19
N MET W 190 -29.76 -72.94 -26.26
CA MET W 190 -28.33 -72.64 -26.16
C MET W 190 -28.01 -71.15 -26.04
N GLY W 191 -29.03 -70.33 -25.78
CA GLY W 191 -28.84 -68.89 -25.59
C GLY W 191 -28.64 -68.02 -26.84
N VAL W 192 -28.73 -68.58 -28.04
CA VAL W 192 -28.57 -67.80 -29.26
C VAL W 192 -29.56 -66.61 -29.25
N MET W 193 -29.10 -65.45 -29.70
CA MET W 193 -29.96 -64.28 -29.59
C MET W 193 -30.97 -64.12 -30.73
N ASN W 194 -30.55 -64.45 -31.94
CA ASN W 194 -31.27 -64.07 -33.14
C ASN W 194 -30.75 -64.81 -34.35
N TYR W 195 -31.51 -64.71 -35.44
CA TYR W 195 -31.12 -65.18 -36.75
C TYR W 195 -30.79 -63.95 -37.59
N GLU W 196 -29.71 -64.05 -38.38
CA GLU W 196 -29.55 -63.19 -39.54
C GLU W 196 -28.80 -63.99 -40.63
N MET W 197 -28.24 -63.32 -41.64
CA MET W 197 -27.84 -64.05 -42.83
C MET W 197 -26.45 -63.76 -43.36
N GLU W 198 -25.66 -62.95 -42.67
CA GLU W 198 -24.36 -62.62 -43.27
C GLU W 198 -23.19 -62.77 -42.34
N SER W 199 -23.45 -62.84 -41.03
CA SER W 199 -22.36 -62.71 -40.07
C SER W 199 -21.38 -63.91 -40.10
N ALA W 200 -21.90 -65.11 -40.17
CA ALA W 200 -21.00 -66.25 -40.21
C ALA W 200 -19.97 -66.07 -41.30
N THR W 201 -20.39 -65.63 -42.50
CA THR W 201 -19.45 -65.49 -43.62
C THR W 201 -18.48 -64.37 -43.27
N LEU W 202 -19.04 -63.23 -42.90
CA LEU W 202 -18.23 -62.06 -42.59
C LEU W 202 -17.19 -62.34 -41.50
N LEU W 203 -17.65 -62.89 -40.38
CA LEU W 203 -16.76 -63.06 -39.24
C LEU W 203 -15.72 -64.11 -39.51
N THR W 204 -16.10 -65.20 -40.15
CA THR W 204 -15.15 -66.26 -40.45
C THR W 204 -14.12 -65.78 -41.47
N MET W 205 -14.59 -65.14 -42.53
CA MET W 205 -13.65 -64.71 -43.55
C MET W 205 -12.66 -63.67 -43.02
N CYS W 206 -13.11 -62.84 -42.07
CA CYS W 206 -12.23 -61.84 -41.48
C CYS W 206 -11.30 -62.40 -40.43
N ALA W 207 -11.83 -63.21 -39.52
CA ALA W 207 -11.07 -63.79 -38.40
C ALA W 207 -9.91 -64.68 -38.85
N SER W 208 -9.96 -65.09 -40.11
CA SER W 208 -9.02 -66.05 -40.64
C SER W 208 -8.13 -65.45 -41.71
N GLN W 209 -8.13 -64.12 -41.81
CA GLN W 209 -7.31 -63.39 -42.79
C GLN W 209 -6.76 -62.10 -42.22
N GLY W 210 -6.68 -62.02 -40.90
CA GLY W 210 -6.13 -60.82 -40.27
C GLY W 210 -6.93 -59.54 -40.47
N LEU W 211 -8.22 -59.65 -40.73
CA LEU W 211 -9.08 -58.47 -40.82
C LEU W 211 -9.94 -58.41 -39.55
N ARG W 212 -10.24 -57.20 -39.08
CA ARG W 212 -11.07 -57.03 -37.91
C ARG W 212 -12.52 -56.81 -38.32
N ALA W 213 -13.42 -57.58 -37.71
CA ALA W 213 -14.84 -57.45 -37.99
C ALA W 213 -15.65 -57.41 -36.72
N GLY W 214 -16.78 -56.73 -36.79
CA GLY W 214 -17.75 -56.74 -35.71
C GLY W 214 -19.14 -56.65 -36.26
N MET W 215 -20.13 -56.97 -35.44
CA MET W 215 -21.49 -56.78 -35.85
C MET W 215 -22.47 -56.29 -34.79
N VAL W 216 -23.31 -55.35 -35.22
CA VAL W 216 -24.36 -54.80 -34.40
C VAL W 216 -25.65 -54.79 -35.20
N ALA W 217 -26.78 -55.01 -34.52
CA ALA W 217 -28.07 -54.95 -35.18
C ALA W 217 -29.14 -54.49 -34.20
N GLY W 218 -30.17 -53.81 -34.74
CA GLY W 218 -31.34 -53.45 -33.98
C GLY W 218 -32.40 -54.52 -34.14
N VAL W 219 -33.10 -54.83 -33.05
CA VAL W 219 -34.19 -55.80 -33.11
C VAL W 219 -35.44 -55.15 -33.64
N ILE W 220 -35.95 -55.68 -34.76
CA ILE W 220 -37.17 -55.12 -35.33
C ILE W 220 -38.39 -56.05 -35.21
N VAL W 221 -38.14 -57.31 -34.86
CA VAL W 221 -39.20 -58.30 -34.63
C VAL W 221 -38.76 -59.42 -33.66
N ASN W 222 -39.72 -60.04 -32.99
CA ASN W 222 -39.45 -61.12 -32.08
C ASN W 222 -40.33 -62.33 -32.37
N ARG W 223 -39.65 -63.38 -32.83
CA ARG W 223 -40.27 -64.63 -33.22
C ARG W 223 -41.04 -65.35 -32.11
N THR W 224 -40.68 -65.11 -30.84
CA THR W 224 -41.35 -65.82 -29.75
C THR W 224 -42.70 -65.22 -29.39
N GLN W 225 -42.82 -63.90 -29.52
CA GLN W 225 -44.12 -63.26 -29.36
C GLN W 225 -44.81 -63.28 -30.71
N GLN W 226 -46.06 -62.82 -30.71
CA GLN W 226 -46.80 -62.55 -31.94
C GLN W 226 -46.31 -61.19 -32.47
N GLU W 227 -47.26 -60.27 -32.61
CA GLU W 227 -47.04 -58.81 -32.53
C GLU W 227 -45.97 -58.25 -33.46
N ILE W 228 -46.36 -58.10 -34.73
CA ILE W 228 -45.57 -57.32 -35.68
C ILE W 228 -45.71 -55.86 -35.25
N PRO W 229 -44.60 -55.25 -34.79
CA PRO W 229 -44.64 -53.89 -34.24
C PRO W 229 -45.20 -52.85 -35.22
N ASN W 230 -44.32 -52.15 -35.92
CA ASN W 230 -44.71 -50.99 -36.70
C ASN W 230 -43.64 -50.56 -37.71
N ALA W 231 -44.09 -49.92 -38.78
CA ALA W 231 -43.22 -49.32 -39.78
C ALA W 231 -42.35 -48.23 -39.15
N GLU W 232 -42.93 -47.49 -38.20
CA GLU W 232 -42.27 -46.33 -37.59
C GLU W 232 -41.33 -46.69 -36.45
N THR W 233 -41.68 -47.70 -35.66
CA THR W 233 -40.80 -48.19 -34.59
C THR W 233 -39.59 -48.89 -35.19
N MET W 234 -39.80 -49.53 -36.35
CA MET W 234 -38.72 -50.17 -37.12
C MET W 234 -37.73 -49.16 -37.72
N LYS W 235 -38.24 -47.99 -38.14
CA LYS W 235 -37.43 -46.92 -38.71
C LYS W 235 -36.54 -46.29 -37.63
N GLN W 236 -37.05 -46.23 -36.41
CA GLN W 236 -36.37 -45.54 -35.32
C GLN W 236 -35.33 -46.38 -34.62
N THR W 237 -35.63 -47.68 -34.49
CA THR W 237 -34.69 -48.68 -33.97
C THR W 237 -33.47 -48.80 -34.90
N GLU W 238 -33.73 -48.72 -36.19
CA GLU W 238 -32.73 -48.77 -37.25
C GLU W 238 -31.74 -47.60 -37.14
N SER W 239 -32.26 -46.39 -36.95
CA SER W 239 -31.46 -45.18 -36.71
C SER W 239 -30.60 -45.25 -35.46
N HIS W 240 -31.15 -45.91 -34.42
CA HIS W 240 -30.46 -46.16 -33.17
C HIS W 240 -29.18 -46.96 -33.39
N ALA W 241 -29.31 -48.09 -34.07
CA ALA W 241 -28.21 -48.99 -34.33
C ALA W 241 -27.18 -48.33 -35.26
N VAL W 242 -27.66 -47.56 -36.24
CA VAL W 242 -26.77 -46.86 -37.16
C VAL W 242 -25.92 -45.90 -36.35
N LYS W 243 -26.56 -45.15 -35.46
CA LYS W 243 -25.86 -44.24 -34.56
C LYS W 243 -24.77 -45.01 -33.82
N ILE W 244 -25.09 -46.20 -33.34
CA ILE W 244 -24.09 -46.99 -32.62
C ILE W 244 -22.89 -47.43 -33.50
N VAL W 245 -23.13 -48.01 -34.67
CA VAL W 245 -22.04 -48.42 -35.56
C VAL W 245 -21.12 -47.24 -35.97
N VAL W 246 -21.70 -46.07 -36.19
CA VAL W 246 -20.89 -44.92 -36.58
C VAL W 246 -20.02 -44.52 -35.40
N GLU W 247 -20.63 -44.42 -34.22
CA GLU W 247 -19.88 -44.07 -33.02
C GLU W 247 -18.77 -45.09 -32.77
N ALA W 248 -19.06 -46.37 -33.00
CA ALA W 248 -18.07 -47.42 -32.81
C ALA W 248 -16.93 -47.24 -33.81
N ALA W 249 -17.27 -46.85 -35.04
CA ALA W 249 -16.28 -46.63 -36.08
C ALA W 249 -15.32 -45.57 -35.59
N ARG W 250 -15.84 -44.55 -34.91
CA ARG W 250 -15.04 -43.44 -34.35
C ARG W 250 -13.94 -43.96 -33.48
N ARG W 251 -14.29 -44.90 -32.60
CA ARG W 251 -13.37 -45.49 -31.62
C ARG W 251 -12.37 -46.41 -32.26
N LEU W 252 -12.61 -46.82 -33.50
CA LEU W 252 -11.73 -47.78 -34.13
C LEU W 252 -10.78 -47.15 -35.13
N LEU W 253 -10.83 -45.83 -35.25
CA LEU W 253 -10.11 -45.10 -36.31
C LEU W 253 -8.62 -44.97 -36.09
N SER X 4 -48.35 -54.98 -50.20
CA SER X 4 -47.49 -56.08 -50.72
C SER X 4 -47.71 -57.42 -50.00
N ASP X 5 -47.71 -58.53 -50.76
CA ASP X 5 -48.05 -59.87 -50.26
C ASP X 5 -46.86 -60.68 -49.75
N VAL X 6 -45.66 -60.28 -50.14
CA VAL X 6 -44.46 -61.03 -49.78
C VAL X 6 -43.49 -60.10 -49.07
N PHE X 7 -42.64 -60.67 -48.21
CA PHE X 7 -41.84 -59.84 -47.32
C PHE X 7 -40.72 -59.03 -47.99
N HIS X 8 -40.12 -59.54 -49.07
CA HIS X 8 -38.96 -58.90 -49.68
C HIS X 8 -39.19 -58.27 -51.05
N LEU X 9 -39.92 -58.95 -51.93
CA LEU X 9 -40.05 -58.52 -53.32
C LEU X 9 -40.98 -57.32 -53.57
N GLY X 10 -41.85 -57.05 -52.61
CA GLY X 10 -42.81 -55.96 -52.72
C GLY X 10 -43.76 -56.11 -53.91
N LEU X 11 -44.31 -57.31 -54.04
CA LEU X 11 -45.24 -57.63 -55.13
C LEU X 11 -46.53 -58.17 -54.53
N THR X 12 -47.61 -58.14 -55.31
CA THR X 12 -48.84 -58.86 -54.92
C THR X 12 -49.19 -59.92 -55.96
N LYS X 13 -49.99 -60.90 -55.57
CA LYS X 13 -50.52 -61.91 -56.50
C LYS X 13 -51.02 -61.20 -57.75
N ASN X 14 -51.66 -60.06 -57.52
CA ASN X 14 -52.29 -59.29 -58.58
C ASN X 14 -51.34 -58.67 -59.58
N ASP X 15 -50.19 -58.22 -59.11
CA ASP X 15 -49.16 -57.66 -59.97
C ASP X 15 -48.76 -58.64 -61.06
N LEU X 16 -48.83 -59.93 -60.74
CA LEU X 16 -48.35 -60.99 -61.63
C LEU X 16 -49.33 -61.29 -62.75
N GLN X 17 -50.61 -60.99 -62.49
CA GLN X 17 -51.66 -61.12 -63.48
C GLN X 17 -51.76 -62.53 -64.06
N GLY X 18 -51.61 -63.52 -63.20
CA GLY X 18 -51.75 -64.89 -63.61
C GLY X 18 -50.49 -65.55 -64.15
N ALA X 19 -49.38 -64.79 -64.19
CA ALA X 19 -48.09 -65.31 -64.61
C ALA X 19 -47.72 -66.52 -63.77
N THR X 20 -47.18 -67.56 -64.42
CA THR X 20 -46.68 -68.75 -63.72
C THR X 20 -45.23 -69.11 -64.07
N LEU X 21 -44.62 -68.31 -64.96
CA LEU X 21 -43.21 -68.47 -65.31
C LEU X 21 -42.38 -67.21 -65.04
N ALA X 22 -41.19 -67.39 -64.45
CA ALA X 22 -40.27 -66.28 -64.23
C ALA X 22 -38.90 -66.55 -64.80
N ILE X 23 -38.40 -65.60 -65.58
CA ILE X 23 -36.97 -65.62 -65.95
C ILE X 23 -36.23 -64.93 -64.81
N VAL X 24 -35.23 -65.60 -64.24
CA VAL X 24 -34.56 -65.06 -63.08
C VAL X 24 -33.05 -64.80 -63.32
N PRO X 25 -32.72 -63.59 -63.78
CA PRO X 25 -31.32 -63.18 -63.92
C PRO X 25 -30.75 -62.82 -62.55
N GLY X 26 -29.44 -62.69 -62.45
CA GLY X 26 -28.81 -62.42 -61.17
C GLY X 26 -28.74 -60.93 -60.90
N ASP X 27 -28.47 -60.15 -61.94
CA ASP X 27 -28.21 -58.71 -61.83
C ASP X 27 -29.47 -57.87 -62.02
N PRO X 28 -29.84 -57.06 -61.03
CA PRO X 28 -31.04 -56.19 -61.15
C PRO X 28 -31.03 -55.36 -62.42
N ASP X 29 -29.87 -54.84 -62.83
CA ASP X 29 -29.79 -53.95 -63.99
C ASP X 29 -30.00 -54.66 -65.32
N ARG X 30 -30.01 -55.98 -65.32
CA ARG X 30 -30.26 -56.71 -66.57
C ARG X 30 -31.70 -57.22 -66.69
N VAL X 31 -32.53 -56.97 -65.67
CA VAL X 31 -33.96 -57.30 -65.68
C VAL X 31 -34.73 -56.56 -66.79
N GLU X 32 -34.63 -55.22 -66.79
CA GLU X 32 -35.30 -54.40 -67.78
C GLU X 32 -34.89 -54.81 -69.20
N LYS X 33 -33.60 -55.07 -69.38
CA LYS X 33 -33.05 -55.47 -70.67
C LYS X 33 -33.72 -56.73 -71.20
N ILE X 34 -33.92 -57.72 -70.32
CA ILE X 34 -34.56 -58.97 -70.68
C ILE X 34 -36.04 -58.75 -70.99
N ALA X 35 -36.72 -58.09 -70.06
CA ALA X 35 -38.12 -57.77 -70.24
C ALA X 35 -38.37 -57.08 -71.61
N ALA X 36 -37.45 -56.21 -72.01
CA ALA X 36 -37.62 -55.42 -73.23
C ALA X 36 -37.62 -56.26 -74.51
N LEU X 37 -37.18 -57.52 -74.41
CA LEU X 37 -37.23 -58.41 -75.57
C LEU X 37 -38.60 -59.03 -75.76
N MET X 38 -39.50 -58.78 -74.81
CA MET X 38 -40.87 -59.30 -74.88
C MET X 38 -41.84 -58.15 -75.06
N ASP X 39 -43.14 -58.44 -75.01
CA ASP X 39 -44.17 -57.42 -75.26
C ASP X 39 -44.66 -56.75 -73.98
N LYS X 40 -45.07 -55.50 -74.10
CA LYS X 40 -45.64 -54.71 -73.01
C LYS X 40 -44.84 -54.81 -71.69
N PRO X 41 -43.53 -54.54 -71.73
CA PRO X 41 -42.71 -54.60 -70.51
C PRO X 41 -43.10 -53.50 -69.54
N VAL X 42 -43.19 -53.86 -68.27
CA VAL X 42 -43.65 -52.95 -67.22
C VAL X 42 -42.89 -53.23 -65.94
N LYS X 43 -42.28 -52.20 -65.36
CA LYS X 43 -41.59 -52.33 -64.07
C LYS X 43 -42.63 -52.48 -62.96
N LEU X 44 -42.44 -53.45 -62.09
CA LEU X 44 -43.39 -53.71 -61.01
C LEU X 44 -42.86 -53.21 -59.68
N ALA X 45 -41.60 -53.51 -59.40
CA ALA X 45 -41.02 -53.25 -58.10
C ALA X 45 -39.49 -53.32 -58.11
N SER X 46 -38.89 -52.65 -57.13
CA SER X 46 -37.45 -52.69 -56.96
C SER X 46 -37.14 -52.51 -55.49
N HIS X 47 -36.62 -53.56 -54.85
CA HIS X 47 -36.25 -53.55 -53.44
C HIS X 47 -35.00 -54.38 -53.25
N ARG X 48 -34.03 -53.86 -52.50
CA ARG X 48 -32.73 -54.52 -52.32
C ARG X 48 -32.25 -55.00 -53.69
N GLU X 49 -31.73 -56.21 -53.78
CA GLU X 49 -31.28 -56.72 -55.08
C GLU X 49 -32.41 -57.26 -55.97
N PHE X 50 -33.67 -57.12 -55.54
CA PHE X 50 -34.78 -57.72 -56.26
C PHE X 50 -35.53 -56.69 -57.12
N THR X 51 -35.28 -56.75 -58.42
CA THR X 51 -36.00 -55.93 -59.37
C THR X 51 -36.92 -56.81 -60.24
N THR X 52 -38.19 -56.44 -60.31
CA THR X 52 -39.18 -57.25 -61.01
C THR X 52 -39.85 -56.48 -62.13
N TRP X 53 -39.80 -57.04 -63.32
CA TRP X 53 -40.63 -56.54 -64.41
C TRP X 53 -41.60 -57.63 -64.81
N ARG X 54 -42.72 -57.20 -65.40
CA ARG X 54 -43.68 -58.09 -66.04
C ARG X 54 -43.67 -57.77 -67.51
N ALA X 55 -43.77 -58.80 -68.35
CA ALA X 55 -43.97 -58.63 -69.79
C ALA X 55 -44.95 -59.67 -70.30
N GLU X 56 -45.13 -59.68 -71.61
CA GLU X 56 -46.04 -60.60 -72.24
C GLU X 56 -45.30 -61.38 -73.31
N LEU X 57 -45.57 -62.68 -73.37
CA LEU X 57 -44.91 -63.55 -74.33
C LEU X 57 -45.97 -64.45 -74.96
N ASP X 58 -46.15 -64.31 -76.28
CA ASP X 58 -47.26 -64.95 -77.00
C ASP X 58 -48.59 -64.73 -76.28
N GLY X 59 -48.84 -63.50 -75.84
CA GLY X 59 -50.06 -63.15 -75.15
C GLY X 59 -50.19 -63.65 -73.72
N LYS X 60 -49.13 -64.22 -73.13
CA LYS X 60 -49.15 -64.65 -71.75
C LYS X 60 -48.23 -63.82 -70.87
N PRO X 61 -48.67 -63.48 -69.65
CA PRO X 61 -47.85 -62.73 -68.71
C PRO X 61 -46.68 -63.57 -68.18
N VAL X 62 -45.50 -62.94 -68.14
CA VAL X 62 -44.26 -63.56 -67.75
C VAL X 62 -43.54 -62.59 -66.82
N ILE X 63 -42.87 -63.13 -65.80
CA ILE X 63 -42.12 -62.32 -64.84
C ILE X 63 -40.63 -62.36 -65.12
N VAL X 64 -39.97 -61.21 -64.98
CA VAL X 64 -38.51 -61.20 -64.93
C VAL X 64 -38.13 -60.61 -63.58
N CYS X 65 -37.41 -61.38 -62.77
CA CYS X 65 -37.06 -60.98 -61.41
C CYS X 65 -35.62 -61.35 -61.06
N SER X 66 -34.85 -60.39 -60.55
CA SER X 66 -33.44 -60.65 -60.23
C SER X 66 -33.26 -61.31 -58.87
N THR X 67 -32.23 -62.13 -58.76
CA THR X 67 -31.99 -62.89 -57.55
C THR X 67 -30.93 -62.24 -56.69
N GLY X 68 -30.13 -61.34 -57.27
CA GLY X 68 -28.90 -60.91 -56.64
C GLY X 68 -27.90 -62.03 -56.79
N ILE X 69 -26.72 -61.90 -56.16
CA ILE X 69 -25.70 -62.93 -56.21
C ILE X 69 -25.85 -63.95 -55.06
N GLY X 70 -25.92 -65.25 -55.37
CA GLY X 70 -25.79 -66.25 -54.34
C GLY X 70 -27.08 -66.93 -53.88
N GLY X 71 -26.92 -68.13 -53.33
CA GLY X 71 -28.03 -68.95 -52.93
C GLY X 71 -29.03 -68.24 -52.05
N PRO X 72 -28.53 -67.51 -51.04
CA PRO X 72 -29.43 -66.89 -50.05
C PRO X 72 -30.46 -65.93 -50.64
N SER X 73 -30.03 -64.97 -51.42
CA SER X 73 -31.01 -64.08 -51.99
C SER X 73 -31.84 -64.79 -53.05
N THR X 74 -31.23 -65.71 -53.79
CA THR X 74 -31.97 -66.56 -54.74
C THR X 74 -33.14 -67.27 -54.04
N SER X 75 -32.83 -67.88 -52.89
CA SER X 75 -33.82 -68.64 -52.14
C SER X 75 -35.01 -67.73 -51.77
N ILE X 76 -34.72 -66.47 -51.44
CA ILE X 76 -35.79 -65.53 -51.11
C ILE X 76 -36.65 -65.21 -52.35
N ALA X 77 -36.00 -64.88 -53.47
CA ALA X 77 -36.73 -64.57 -54.70
C ALA X 77 -37.63 -65.73 -55.09
N VAL X 78 -37.06 -66.93 -55.15
CA VAL X 78 -37.78 -68.11 -55.59
C VAL X 78 -38.94 -68.45 -54.66
N GLU X 79 -38.68 -68.48 -53.36
CA GLU X 79 -39.74 -68.75 -52.39
C GLU X 79 -40.91 -67.79 -52.57
N GLU X 80 -40.60 -66.50 -52.67
CA GLU X 80 -41.66 -65.49 -52.67
C GLU X 80 -42.37 -65.45 -54.01
N LEU X 81 -41.65 -65.72 -55.09
CA LEU X 81 -42.29 -65.84 -56.39
C LEU X 81 -43.21 -67.07 -56.43
N ALA X 82 -42.77 -68.16 -55.81
CA ALA X 82 -43.60 -69.36 -55.71
C ALA X 82 -44.88 -69.06 -54.96
N GLN X 83 -44.78 -68.27 -53.88
CA GLN X 83 -45.94 -67.88 -53.09
C GLN X 83 -46.93 -67.13 -53.96
N LEU X 84 -46.40 -66.32 -54.86
CA LEU X 84 -47.20 -65.50 -55.74
C LEU X 84 -47.80 -66.28 -56.91
N GLY X 85 -47.35 -67.52 -57.09
CA GLY X 85 -47.89 -68.39 -58.13
C GLY X 85 -46.95 -68.81 -59.24
N ILE X 86 -45.69 -68.39 -59.20
CA ILE X 86 -44.71 -68.88 -60.17
C ILE X 86 -44.43 -70.37 -59.93
N ARG X 87 -44.41 -71.14 -61.02
CA ARG X 87 -44.17 -72.58 -60.95
C ARG X 87 -43.00 -73.01 -61.85
N THR X 88 -42.52 -72.11 -62.71
CA THR X 88 -41.41 -72.41 -63.59
C THR X 88 -40.39 -71.30 -63.53
N PHE X 89 -39.15 -71.68 -63.19
CA PHE X 89 -38.06 -70.72 -63.06
C PHE X 89 -36.95 -70.99 -64.09
N LEU X 90 -36.62 -69.99 -64.89
CA LEU X 90 -35.51 -70.10 -65.81
C LEU X 90 -34.44 -69.12 -65.41
N ARG X 91 -33.31 -69.64 -64.96
CA ARG X 91 -32.19 -68.79 -64.62
C ARG X 91 -31.29 -68.53 -65.82
N ILE X 92 -30.96 -67.25 -65.98
CA ILE X 92 -29.99 -66.83 -66.97
C ILE X 92 -28.84 -66.09 -66.31
N GLY X 93 -27.64 -66.64 -66.49
CA GLY X 93 -26.46 -66.13 -65.81
C GLY X 93 -25.23 -65.90 -66.66
N THR X 94 -24.17 -65.36 -66.06
CA THR X 94 -22.81 -65.36 -66.62
C THR X 94 -22.01 -66.44 -65.90
N THR X 95 -20.98 -66.95 -66.55
CA THR X 95 -20.25 -68.05 -65.98
C THR X 95 -18.80 -68.08 -66.46
N GLY X 96 -17.97 -68.75 -65.67
CA GLY X 96 -16.62 -69.05 -66.05
C GLY X 96 -16.51 -70.52 -66.43
N ALA X 97 -16.07 -70.78 -67.66
CA ALA X 97 -15.85 -72.13 -68.13
C ALA X 97 -14.55 -72.63 -67.54
N ILE X 98 -14.47 -73.92 -67.27
CA ILE X 98 -13.24 -74.51 -66.74
C ILE X 98 -12.67 -75.58 -67.65
N GLN X 99 -13.34 -75.82 -68.79
CA GLN X 99 -12.86 -76.79 -69.77
C GLN X 99 -12.19 -76.02 -70.90
N PRO X 100 -11.05 -76.51 -71.38
CA PRO X 100 -10.28 -75.76 -72.37
C PRO X 100 -11.00 -75.58 -73.70
N HIS X 101 -11.99 -76.42 -74.00
CA HIS X 101 -12.66 -76.33 -75.29
C HIS X 101 -13.89 -75.42 -75.31
N ILE X 102 -14.31 -74.92 -74.16
CA ILE X 102 -15.46 -74.03 -74.09
C ILE X 102 -14.99 -72.60 -74.22
N ASN X 103 -15.54 -71.85 -75.18
CA ASN X 103 -15.07 -70.50 -75.48
C ASN X 103 -15.90 -69.38 -74.87
N VAL X 104 -15.26 -68.23 -74.69
CA VAL X 104 -15.98 -67.06 -74.25
C VAL X 104 -17.05 -66.81 -75.31
N GLY X 105 -18.29 -66.63 -74.89
CA GLY X 105 -19.40 -66.40 -75.80
C GLY X 105 -20.30 -67.61 -75.96
N ASP X 106 -19.78 -68.80 -75.62
CA ASP X 106 -20.54 -70.04 -75.67
C ASP X 106 -21.70 -70.01 -74.67
N VAL X 107 -22.67 -70.88 -74.90
CA VAL X 107 -23.85 -70.95 -74.05
C VAL X 107 -23.85 -72.30 -73.33
N LEU X 108 -24.03 -72.31 -72.01
CA LEU X 108 -23.97 -73.55 -71.23
C LEU X 108 -25.30 -73.85 -70.57
N VAL X 109 -25.82 -75.04 -70.82
CA VAL X 109 -27.09 -75.46 -70.23
C VAL X 109 -26.76 -76.51 -69.18
N THR X 110 -27.16 -76.25 -67.94
CA THR X 110 -26.85 -77.10 -66.79
C THR X 110 -27.88 -78.19 -66.62
N THR X 111 -27.42 -79.44 -66.59
CA THR X 111 -28.34 -80.54 -66.35
C THR X 111 -28.50 -80.72 -64.87
N ALA X 112 -27.41 -80.57 -64.14
CA ALA X 112 -27.41 -80.62 -62.67
C ALA X 112 -26.15 -79.94 -62.14
N SER X 113 -26.15 -79.60 -60.84
CA SER X 113 -25.02 -78.85 -60.30
C SER X 113 -24.30 -79.52 -59.15
N VAL X 114 -22.98 -79.36 -59.12
CA VAL X 114 -22.19 -79.73 -57.94
C VAL X 114 -22.54 -78.72 -56.86
N ARG X 115 -22.98 -79.22 -55.71
CA ARG X 115 -23.57 -78.34 -54.70
C ARG X 115 -22.48 -77.78 -53.80
N LEU X 116 -21.85 -76.68 -54.18
CA LEU X 116 -20.83 -76.09 -53.34
C LEU X 116 -21.39 -74.87 -52.63
N ASP X 117 -22.68 -74.95 -52.27
CA ASP X 117 -23.39 -73.83 -51.66
C ASP X 117 -23.93 -74.23 -50.29
N GLY X 118 -24.49 -73.27 -49.58
CA GLY X 118 -25.06 -73.59 -48.29
C GLY X 118 -26.56 -73.73 -48.36
N ALA X 119 -27.20 -72.90 -49.16
CA ALA X 119 -28.65 -72.76 -49.13
C ALA X 119 -29.31 -74.05 -49.56
N SER X 120 -28.73 -74.76 -50.52
CA SER X 120 -29.41 -75.98 -51.00
C SER X 120 -29.66 -76.97 -49.84
N LEU X 121 -28.70 -77.06 -48.90
CA LEU X 121 -28.85 -77.89 -47.71
C LEU X 121 -30.07 -77.55 -46.87
N HIS X 122 -30.61 -76.35 -47.04
CA HIS X 122 -31.78 -75.94 -46.27
C HIS X 122 -33.07 -76.44 -46.90
N PHE X 123 -32.95 -77.10 -48.06
CA PHE X 123 -34.11 -77.68 -48.74
C PHE X 123 -34.08 -79.18 -48.85
N ALA X 124 -32.88 -79.70 -49.11
CA ALA X 124 -32.65 -81.15 -49.15
C ALA X 124 -31.21 -81.47 -48.72
N PRO X 125 -31.00 -82.66 -48.13
CA PRO X 125 -29.66 -83.06 -47.70
C PRO X 125 -28.74 -83.25 -48.90
N LEU X 126 -27.44 -83.35 -48.65
CA LEU X 126 -26.46 -83.22 -49.72
C LEU X 126 -26.58 -84.30 -50.82
N GLU X 127 -27.01 -85.47 -50.44
CA GLU X 127 -27.17 -86.59 -51.33
C GLU X 127 -28.24 -86.39 -52.38
N PHE X 128 -29.08 -85.38 -52.21
CA PHE X 128 -30.17 -85.08 -53.15
C PHE X 128 -29.58 -84.33 -54.32
N PRO X 129 -29.91 -84.72 -55.56
CA PRO X 129 -29.24 -84.13 -56.75
C PRO X 129 -29.79 -82.75 -57.06
N ALA X 130 -28.90 -81.81 -57.34
CA ALA X 130 -29.30 -80.47 -57.76
C ALA X 130 -29.60 -80.57 -59.24
N VAL X 131 -30.67 -81.26 -59.56
CA VAL X 131 -30.99 -81.58 -60.96
C VAL X 131 -32.02 -80.61 -61.60
N ALA X 132 -31.78 -80.22 -62.84
CA ALA X 132 -32.71 -79.35 -63.52
C ALA X 132 -33.93 -80.15 -64.00
N ASP X 133 -35.05 -79.45 -64.17
CA ASP X 133 -36.25 -80.02 -64.75
C ASP X 133 -36.02 -80.42 -66.20
N PHE X 134 -36.51 -81.60 -66.57
CA PHE X 134 -36.26 -82.15 -67.90
C PHE X 134 -36.90 -81.32 -69.03
N GLU X 135 -38.12 -80.83 -68.79
CA GLU X 135 -38.80 -80.02 -69.81
C GLU X 135 -38.05 -78.69 -69.99
N CYS X 136 -37.65 -78.09 -68.87
CA CYS X 136 -36.92 -76.84 -68.93
C CYS X 136 -35.59 -77.01 -69.66
N THR X 137 -34.83 -78.05 -69.29
CA THR X 137 -33.56 -78.35 -69.95
C THR X 137 -33.77 -78.57 -71.45
N THR X 138 -34.77 -79.37 -71.80
CA THR X 138 -35.10 -79.58 -73.20
C THR X 138 -35.42 -78.26 -73.93
N ALA X 139 -36.26 -77.43 -73.32
CA ALA X 139 -36.61 -76.14 -73.90
C ALA X 139 -35.36 -75.32 -74.18
N LEU X 140 -34.47 -75.23 -73.19
CA LEU X 140 -33.23 -74.49 -73.33
C LEU X 140 -32.32 -75.05 -74.44
N VAL X 141 -32.11 -76.36 -74.44
CA VAL X 141 -31.28 -77.01 -75.45
C VAL X 141 -31.86 -76.75 -76.83
N GLU X 142 -33.17 -76.96 -76.96
CA GLU X 142 -33.86 -76.82 -78.23
C GLU X 142 -33.83 -75.35 -78.70
N ALA X 143 -34.05 -74.43 -77.76
CA ALA X 143 -33.97 -73.00 -78.06
C ALA X 143 -32.61 -72.64 -78.63
N ALA X 144 -31.55 -73.11 -77.98
CA ALA X 144 -30.18 -72.83 -78.40
C ALA X 144 -29.88 -73.39 -79.78
N LYS X 145 -30.47 -74.55 -80.08
CA LYS X 145 -30.30 -75.20 -81.39
C LYS X 145 -30.89 -74.32 -82.46
N SER X 146 -32.06 -73.75 -82.18
CA SER X 146 -32.80 -72.98 -83.17
C SER X 146 -32.22 -71.58 -83.45
N ILE X 147 -31.49 -70.99 -82.49
CA ILE X 147 -30.82 -69.72 -82.78
C ILE X 147 -29.35 -69.97 -83.19
N GLY X 148 -28.96 -71.24 -83.18
CA GLY X 148 -27.66 -71.66 -83.69
C GLY X 148 -26.43 -71.26 -82.87
N ALA X 149 -26.64 -70.93 -81.59
CA ALA X 149 -25.52 -70.62 -80.70
C ALA X 149 -24.74 -71.90 -80.40
N THR X 150 -23.42 -71.80 -80.27
CA THR X 150 -22.66 -72.99 -79.92
C THR X 150 -22.85 -73.30 -78.42
N THR X 151 -23.30 -74.54 -78.16
CA THR X 151 -23.87 -74.91 -76.86
C THR X 151 -23.23 -76.14 -76.25
N HIS X 152 -22.94 -76.07 -74.95
CA HIS X 152 -22.55 -77.24 -74.19
C HIS X 152 -23.56 -77.58 -73.10
N VAL X 153 -23.79 -78.87 -72.94
CA VAL X 153 -24.80 -79.34 -72.02
C VAL X 153 -24.11 -80.24 -70.99
N GLY X 154 -24.29 -79.96 -69.71
CA GLY X 154 -23.76 -80.84 -68.69
C GLY X 154 -23.75 -80.26 -67.30
N VAL X 155 -22.79 -80.70 -66.50
CA VAL X 155 -22.73 -80.38 -65.07
C VAL X 155 -22.01 -79.07 -64.76
N THR X 156 -22.54 -78.31 -63.79
CA THR X 156 -21.98 -77.02 -63.38
C THR X 156 -21.61 -77.04 -61.90
N ALA X 157 -20.44 -76.50 -61.55
CA ALA X 157 -20.06 -76.36 -60.16
C ALA X 157 -20.62 -75.05 -59.65
N SER X 158 -21.44 -75.14 -58.60
CA SER X 158 -22.16 -73.97 -58.10
C SER X 158 -21.64 -73.54 -56.70
N SER X 159 -20.96 -72.41 -56.65
CA SER X 159 -20.17 -72.05 -55.49
C SER X 159 -20.74 -70.87 -54.69
N ASP X 160 -20.74 -70.99 -53.36
CA ASP X 160 -21.12 -69.89 -52.49
C ASP X 160 -20.15 -68.70 -52.54
N THR X 161 -18.98 -68.86 -53.15
CA THR X 161 -18.08 -67.72 -53.27
C THR X 161 -17.59 -67.57 -54.68
N PHE X 162 -17.19 -66.38 -55.03
CA PHE X 162 -16.60 -66.12 -56.33
C PHE X 162 -15.09 -66.41 -56.31
N TYR X 163 -14.46 -66.24 -55.14
CA TYR X 163 -13.00 -66.33 -55.01
C TYR X 163 -12.50 -67.73 -54.59
N PRO X 164 -12.42 -68.07 -53.30
CA PRO X 164 -11.83 -69.36 -52.93
C PRO X 164 -12.60 -70.55 -53.47
N GLY X 165 -13.93 -70.52 -53.47
CA GLY X 165 -14.73 -71.67 -53.87
C GLY X 165 -14.58 -71.98 -55.36
N GLN X 166 -14.09 -71.01 -56.11
CA GLN X 166 -13.79 -71.24 -57.52
C GLN X 166 -12.27 -71.27 -57.72
N GLU X 167 -11.54 -71.55 -56.64
CA GLU X 167 -10.08 -71.61 -56.62
C GLU X 167 -9.35 -70.44 -57.29
N ARG X 168 -9.79 -69.22 -57.01
CA ARG X 168 -9.07 -68.04 -57.49
C ARG X 168 -7.99 -67.70 -56.47
N TYR X 169 -6.78 -67.40 -56.97
CA TYR X 169 -5.67 -67.05 -56.11
C TYR X 169 -5.34 -65.56 -56.08
N ASP X 170 -5.76 -64.78 -57.11
CA ASP X 170 -5.50 -63.33 -57.11
C ASP X 170 -6.40 -62.66 -56.11
N THR X 171 -6.06 -62.77 -54.84
CA THR X 171 -6.98 -62.30 -53.84
C THR X 171 -6.18 -61.58 -52.78
N TYR X 172 -6.86 -60.93 -51.85
CA TYR X 172 -6.20 -60.24 -50.77
C TYR X 172 -5.18 -61.15 -50.08
N SER X 173 -5.58 -62.38 -49.81
CA SER X 173 -4.76 -63.30 -49.02
C SER X 173 -3.90 -64.22 -49.88
N GLY X 174 -4.36 -64.50 -51.10
CA GLY X 174 -3.65 -65.38 -52.00
C GLY X 174 -3.69 -66.85 -51.60
N ARG X 175 -4.42 -67.19 -50.54
CA ARG X 175 -4.56 -68.61 -50.18
C ARG X 175 -5.96 -69.12 -50.46
N VAL X 176 -6.06 -70.44 -50.55
CA VAL X 176 -7.34 -71.11 -50.67
C VAL X 176 -7.39 -72.22 -49.62
N VAL X 177 -8.51 -72.28 -48.90
CA VAL X 177 -8.66 -73.20 -47.79
C VAL X 177 -8.40 -74.64 -48.27
N ARG X 178 -7.79 -75.44 -47.40
CA ARG X 178 -7.45 -76.82 -47.72
C ARG X 178 -8.49 -77.53 -48.57
N HIS X 179 -9.75 -77.45 -48.12
CA HIS X 179 -10.84 -78.15 -48.79
C HIS X 179 -10.95 -77.88 -50.30
N PHE X 180 -10.61 -76.66 -50.74
CA PHE X 180 -10.78 -76.26 -52.13
C PHE X 180 -9.47 -76.21 -52.92
N LYS X 181 -8.35 -76.43 -52.23
CA LYS X 181 -7.06 -76.49 -52.88
C LYS X 181 -7.07 -77.65 -53.85
N GLY X 182 -6.85 -77.37 -55.12
CA GLY X 182 -6.83 -78.43 -56.11
C GLY X 182 -8.21 -78.86 -56.57
N SER X 183 -9.24 -78.12 -56.16
CA SER X 183 -10.61 -78.47 -56.50
C SER X 183 -11.02 -78.23 -57.96
N MET X 184 -10.52 -77.15 -58.55
CA MET X 184 -10.91 -76.86 -59.93
C MET X 184 -10.48 -78.02 -60.84
N GLU X 185 -9.25 -78.50 -60.64
CA GLU X 185 -8.70 -79.59 -61.46
C GLU X 185 -9.51 -80.89 -61.30
N GLU X 186 -10.02 -81.15 -60.09
CA GLU X 186 -10.82 -82.33 -59.85
C GLU X 186 -12.11 -82.15 -60.65
N TRP X 187 -12.75 -80.98 -60.53
CA TRP X 187 -13.98 -80.78 -61.28
C TRP X 187 -13.76 -80.93 -62.78
N GLN X 188 -12.66 -80.40 -63.33
CA GLN X 188 -12.42 -80.55 -64.76
C GLN X 188 -12.24 -81.98 -65.17
N ALA X 189 -11.54 -82.77 -64.35
CA ALA X 189 -11.34 -84.19 -64.63
C ALA X 189 -12.70 -84.90 -64.69
N MET X 190 -13.66 -84.40 -63.92
CA MET X 190 -14.99 -84.99 -63.82
C MET X 190 -15.94 -84.48 -64.87
N GLY X 191 -15.45 -83.64 -65.78
CA GLY X 191 -16.24 -83.15 -66.90
C GLY X 191 -17.08 -81.94 -66.60
N VAL X 192 -16.92 -81.36 -65.42
CA VAL X 192 -17.72 -80.19 -65.03
C VAL X 192 -17.39 -79.07 -65.99
N MET X 193 -18.39 -78.34 -66.48
CA MET X 193 -18.15 -77.33 -67.52
C MET X 193 -17.70 -75.98 -66.97
N ASN X 194 -18.22 -75.61 -65.81
CA ASN X 194 -18.16 -74.21 -65.39
C ASN X 194 -18.46 -73.97 -63.92
N TYR X 195 -18.14 -72.75 -63.47
CA TYR X 195 -18.48 -72.29 -62.13
C TYR X 195 -19.52 -71.21 -62.29
N GLU X 196 -20.54 -71.22 -61.42
CA GLU X 196 -21.37 -70.04 -61.19
C GLU X 196 -21.81 -70.09 -59.74
N MET X 197 -22.78 -69.25 -59.36
CA MET X 197 -23.06 -69.12 -57.93
C MET X 197 -24.51 -69.35 -57.45
N GLU X 198 -25.43 -69.67 -58.34
CA GLU X 198 -26.85 -69.78 -57.90
C GLU X 198 -27.56 -71.11 -58.22
N SER X 199 -27.04 -71.88 -59.17
CA SER X 199 -27.81 -72.99 -59.72
C SER X 199 -28.03 -74.04 -58.67
N ALA X 200 -27.03 -74.28 -57.82
CA ALA X 200 -27.16 -75.31 -56.82
C ALA X 200 -28.40 -75.07 -55.98
N THR X 201 -28.56 -73.83 -55.51
CA THR X 201 -29.69 -73.47 -54.70
C THR X 201 -30.97 -73.54 -55.51
N LEU X 202 -30.96 -72.87 -56.66
CA LEU X 202 -32.17 -72.82 -57.46
C LEU X 202 -32.66 -74.23 -57.76
N LEU X 203 -31.81 -75.04 -58.36
CA LEU X 203 -32.20 -76.38 -58.78
C LEU X 203 -32.70 -77.27 -57.63
N THR X 204 -31.97 -77.23 -56.50
CA THR X 204 -32.31 -78.08 -55.38
C THR X 204 -33.63 -77.68 -54.76
N MET X 205 -33.80 -76.36 -54.57
CA MET X 205 -35.03 -75.87 -53.94
C MET X 205 -36.24 -76.12 -54.82
N CYS X 206 -36.05 -76.04 -56.14
CA CYS X 206 -37.14 -76.33 -57.07
C CYS X 206 -37.43 -77.82 -57.23
N ALA X 207 -36.37 -78.59 -57.52
CA ALA X 207 -36.53 -80.04 -57.68
C ALA X 207 -37.16 -80.70 -56.45
N SER X 208 -36.91 -80.18 -55.25
CA SER X 208 -37.46 -80.77 -54.04
C SER X 208 -38.80 -80.21 -53.58
N GLN X 209 -39.42 -79.30 -54.36
CA GLN X 209 -40.71 -78.70 -54.04
C GLN X 209 -41.69 -78.69 -55.22
N GLY X 210 -41.43 -79.50 -56.24
CA GLY X 210 -42.34 -79.64 -57.36
C GLY X 210 -42.37 -78.42 -58.25
N LEU X 211 -41.35 -77.57 -58.15
CA LEU X 211 -41.24 -76.45 -59.08
C LEU X 211 -40.28 -76.82 -60.22
N ARG X 212 -40.60 -76.38 -61.44
CA ARG X 212 -39.75 -76.62 -62.60
C ARG X 212 -38.68 -75.55 -62.70
N ALA X 213 -37.42 -75.95 -62.84
CA ALA X 213 -36.34 -75.00 -63.01
C ALA X 213 -35.36 -75.41 -64.11
N GLY X 214 -34.80 -74.42 -64.78
CA GLY X 214 -33.83 -74.65 -65.83
C GLY X 214 -32.75 -73.60 -65.72
N MET X 215 -31.59 -73.89 -66.29
CA MET X 215 -30.42 -73.07 -66.04
C MET X 215 -29.58 -72.90 -67.31
N VAL X 216 -29.34 -71.65 -67.67
CA VAL X 216 -28.49 -71.34 -68.82
C VAL X 216 -27.59 -70.13 -68.52
N ALA X 217 -26.40 -70.12 -69.09
CA ALA X 217 -25.45 -69.03 -68.84
C ALA X 217 -24.54 -68.85 -70.03
N GLY X 218 -24.15 -67.59 -70.27
CA GLY X 218 -23.15 -67.24 -71.28
C GLY X 218 -21.77 -67.20 -70.64
N VAL X 219 -20.78 -67.69 -71.37
CA VAL X 219 -19.43 -67.79 -70.85
C VAL X 219 -18.70 -66.46 -71.04
N ILE X 220 -18.25 -65.87 -69.92
CA ILE X 220 -17.56 -64.58 -69.96
C ILE X 220 -16.07 -64.67 -69.65
N VAL X 221 -15.60 -65.85 -69.26
CA VAL X 221 -14.17 -66.10 -69.02
C VAL X 221 -13.88 -67.60 -69.08
N ASN X 222 -12.71 -67.95 -69.61
CA ASN X 222 -12.22 -69.32 -69.50
C ASN X 222 -11.11 -69.43 -68.48
N ARG X 223 -11.36 -70.25 -67.47
CA ARG X 223 -10.51 -70.29 -66.30
C ARG X 223 -9.18 -71.01 -66.53
N THR X 224 -9.04 -71.69 -67.68
CA THR X 224 -7.76 -72.31 -68.03
C THR X 224 -6.79 -71.25 -68.57
N GLN X 225 -7.30 -70.02 -68.71
CA GLN X 225 -6.53 -68.90 -69.25
C GLN X 225 -6.28 -67.78 -68.25
N GLN X 226 -7.25 -67.57 -67.37
CA GLN X 226 -7.44 -66.30 -66.68
C GLN X 226 -8.36 -66.48 -65.49
N GLU X 227 -8.20 -65.62 -64.48
CA GLU X 227 -9.11 -65.63 -63.34
C GLU X 227 -10.19 -64.57 -63.52
N ILE X 228 -9.79 -63.41 -64.04
CA ILE X 228 -10.69 -62.27 -64.13
C ILE X 228 -11.13 -62.01 -65.59
N PRO X 229 -12.45 -61.94 -65.82
CA PRO X 229 -13.01 -61.64 -67.15
C PRO X 229 -12.54 -60.28 -67.74
N ASN X 230 -12.42 -60.20 -69.06
CA ASN X 230 -11.79 -59.07 -69.77
C ASN X 230 -12.50 -57.71 -69.70
N SER X 239 -25.83 -62.38 -73.87
CA SER X 239 -26.65 -61.80 -74.94
C SER X 239 -27.17 -62.85 -75.94
N HIS X 240 -26.34 -63.85 -76.26
CA HIS X 240 -26.82 -65.05 -76.96
C HIS X 240 -27.71 -65.83 -76.00
N ALA X 241 -27.28 -65.87 -74.75
CA ALA X 241 -27.98 -66.59 -73.70
C ALA X 241 -29.33 -65.97 -73.38
N VAL X 242 -29.38 -64.64 -73.38
CA VAL X 242 -30.63 -63.94 -73.09
C VAL X 242 -31.67 -64.29 -74.15
N LYS X 243 -31.27 -64.23 -75.42
CA LYS X 243 -32.12 -64.63 -76.53
C LYS X 243 -32.64 -66.07 -76.31
N ILE X 244 -31.76 -66.94 -75.82
CA ILE X 244 -32.10 -68.35 -75.65
C ILE X 244 -33.09 -68.55 -74.51
N VAL X 245 -32.87 -67.88 -73.38
CA VAL X 245 -33.75 -68.07 -72.23
C VAL X 245 -35.16 -67.61 -72.56
N VAL X 246 -35.27 -66.51 -73.30
CA VAL X 246 -36.58 -65.96 -73.67
C VAL X 246 -37.28 -66.94 -74.59
N GLU X 247 -36.52 -67.50 -75.54
CA GLU X 247 -37.07 -68.43 -76.51
C GLU X 247 -37.51 -69.71 -75.81
N ALA X 248 -36.74 -70.11 -74.79
CA ALA X 248 -37.08 -71.28 -74.00
C ALA X 248 -38.38 -71.06 -73.23
N ALA X 249 -38.49 -69.88 -72.61
CA ALA X 249 -39.70 -69.53 -71.89
C ALA X 249 -40.91 -69.69 -72.79
N ARG X 250 -40.76 -69.24 -74.03
CA ARG X 250 -41.80 -69.33 -75.04
C ARG X 250 -42.30 -70.76 -75.20
N ARG X 251 -41.38 -71.71 -75.26
CA ARG X 251 -41.75 -73.12 -75.41
C ARG X 251 -42.30 -73.75 -74.13
N LEU X 252 -42.14 -73.07 -72.99
CA LEU X 252 -42.60 -73.63 -71.71
C LEU X 252 -43.93 -73.06 -71.23
N LEU X 253 -44.52 -72.18 -72.04
CA LEU X 253 -45.71 -71.43 -71.61
C LEU X 253 -46.95 -72.26 -71.67
N SER Y 4 0.12 62.90 46.26
CA SER Y 4 0.14 63.76 45.03
C SER Y 4 -1.17 63.70 44.23
N ASP Y 5 -1.61 64.85 43.69
CA ASP Y 5 -2.89 64.97 42.98
C ASP Y 5 -2.81 64.75 41.47
N VAL Y 6 -1.62 64.83 40.92
CA VAL Y 6 -1.44 64.68 39.48
C VAL Y 6 -0.44 63.57 39.17
N PHE Y 7 -0.57 62.95 38.00
CA PHE Y 7 0.18 61.74 37.72
C PHE Y 7 1.68 61.92 37.49
N HIS Y 8 2.11 63.08 37.01
CA HIS Y 8 3.51 63.28 36.67
C HIS Y 8 4.27 64.27 37.53
N LEU Y 9 3.65 65.41 37.85
CA LEU Y 9 4.35 66.53 38.51
C LEU Y 9 4.65 66.35 40.00
N GLY Y 10 3.96 65.40 40.63
CA GLY Y 10 4.07 65.20 42.06
C GLY Y 10 3.73 66.42 42.91
N LEU Y 11 2.63 67.09 42.57
CA LEU Y 11 2.15 68.27 43.28
C LEU Y 11 0.70 68.07 43.73
N THR Y 12 0.30 68.82 44.75
CA THR Y 12 -1.09 68.85 45.20
C THR Y 12 -1.63 70.26 45.06
N LYS Y 13 -2.95 70.39 44.93
CA LYS Y 13 -3.64 71.68 44.88
C LYS Y 13 -3.06 72.58 45.97
N ASN Y 14 -2.84 71.98 47.12
CA ASN Y 14 -2.34 72.65 48.28
C ASN Y 14 -0.93 73.22 48.15
N ASP Y 15 -0.07 72.52 47.42
CA ASP Y 15 1.30 72.96 47.23
C ASP Y 15 1.33 74.33 46.57
N LEU Y 16 0.32 74.56 45.71
CA LEU Y 16 0.25 75.77 44.87
C LEU Y 16 -0.19 77.00 45.66
N GLN Y 17 -0.91 76.75 46.76
CA GLN Y 17 -1.38 77.80 47.68
C GLN Y 17 -2.18 78.91 47.00
N GLY Y 18 -3.07 78.49 46.09
CA GLY Y 18 -3.95 79.41 45.39
C GLY Y 18 -3.34 80.06 44.16
N ALA Y 19 -2.09 79.72 43.83
CA ALA Y 19 -1.43 80.23 42.63
C ALA Y 19 -2.29 79.91 41.41
N THR Y 20 -2.38 80.88 40.48
CA THR Y 20 -3.10 80.66 39.23
C THR Y 20 -2.27 81.03 38.01
N LEU Y 21 -1.02 81.44 38.25
CA LEU Y 21 -0.09 81.73 37.16
C LEU Y 21 1.20 80.92 37.25
N ALA Y 22 1.66 80.40 36.11
CA ALA Y 22 2.91 79.65 36.05
C ALA Y 22 3.85 80.19 34.98
N ILE Y 23 5.08 80.45 35.36
CA ILE Y 23 6.17 80.63 34.39
C ILE Y 23 6.71 79.22 34.04
N VAL Y 24 6.71 78.89 32.76
CA VAL Y 24 7.09 77.56 32.34
C VAL Y 24 8.31 77.56 31.41
N PRO Y 25 9.52 77.47 31.99
CA PRO Y 25 10.74 77.36 31.21
C PRO Y 25 10.85 75.93 30.70
N GLY Y 26 11.77 75.67 29.78
CA GLY Y 26 11.92 74.35 29.24
C GLY Y 26 12.86 73.47 30.06
N ASP Y 27 13.94 74.07 30.57
CA ASP Y 27 15.02 73.37 31.26
C ASP Y 27 14.80 73.32 32.78
N PRO Y 28 14.73 72.11 33.36
CA PRO Y 28 14.58 71.97 34.82
C PRO Y 28 15.61 72.79 35.63
N ASP Y 29 16.84 72.87 35.15
CA ASP Y 29 17.92 73.54 35.88
C ASP Y 29 17.76 75.03 35.90
N ARG Y 30 16.91 75.59 35.04
CA ARG Y 30 16.71 77.03 35.06
C ARG Y 30 15.49 77.46 35.92
N VAL Y 31 14.75 76.49 36.47
CA VAL Y 31 13.57 76.77 37.30
C VAL Y 31 13.93 77.54 38.57
N GLU Y 32 14.88 77.00 39.33
CA GLU Y 32 15.33 77.62 40.57
C GLU Y 32 15.82 79.05 40.31
N LYS Y 33 16.57 79.23 39.21
CA LYS Y 33 17.13 80.53 38.83
C LYS Y 33 16.04 81.59 38.64
N ILE Y 34 14.97 81.21 37.97
CA ILE Y 34 13.83 82.10 37.74
C ILE Y 34 13.12 82.39 39.06
N ALA Y 35 12.79 81.34 39.80
CA ALA Y 35 12.15 81.46 41.10
C ALA Y 35 12.90 82.42 42.02
N ALA Y 36 14.23 82.37 41.97
CA ALA Y 36 15.11 83.18 42.82
C ALA Y 36 14.99 84.68 42.55
N LEU Y 37 14.41 85.06 41.42
CA LEU Y 37 14.16 86.47 41.13
C LEU Y 37 12.91 87.00 41.81
N MET Y 38 12.16 86.12 42.44
CA MET Y 38 10.95 86.51 43.16
C MET Y 38 11.14 86.31 44.67
N ASP Y 39 10.07 86.49 45.44
CA ASP Y 39 10.17 86.39 46.88
C ASP Y 39 9.85 84.99 47.41
N LYS Y 40 10.47 84.63 48.54
CA LYS Y 40 10.22 83.36 49.25
C LYS Y 40 10.19 82.14 48.31
N PRO Y 41 11.23 81.97 47.48
CA PRO Y 41 11.33 80.81 46.58
C PRO Y 41 11.44 79.49 47.35
N VAL Y 42 10.67 78.50 46.91
CA VAL Y 42 10.59 77.21 47.61
C VAL Y 42 10.47 76.10 46.58
N LYS Y 43 11.35 75.11 46.67
CA LYS Y 43 11.27 73.94 45.81
C LYS Y 43 10.08 73.11 46.24
N LEU Y 44 9.26 72.67 45.29
CA LEU Y 44 8.09 71.88 45.59
C LEU Y 44 8.27 70.41 45.24
N ALA Y 45 8.82 70.17 44.06
CA ALA Y 45 8.94 68.82 43.53
C ALA Y 45 9.89 68.74 42.35
N SER Y 46 10.39 67.54 42.12
CA SER Y 46 11.20 67.24 40.95
C SER Y 46 11.00 65.79 40.53
N HIS Y 47 10.42 65.61 39.33
CA HIS Y 47 10.19 64.29 38.78
C HIS Y 47 10.39 64.37 37.28
N ARG Y 48 11.10 63.40 36.72
CA ARG Y 48 11.47 63.39 35.31
C ARG Y 48 11.95 64.80 34.93
N GLU Y 49 11.45 65.36 33.85
CA GLU Y 49 11.89 66.69 33.45
C GLU Y 49 11.09 67.82 34.10
N PHE Y 50 10.27 67.46 35.09
CA PHE Y 50 9.37 68.45 35.69
C PHE Y 50 9.82 68.90 37.06
N THR Y 51 10.42 70.08 37.10
CA THR Y 51 10.87 70.67 38.36
C THR Y 51 10.00 71.87 38.68
N THR Y 52 9.44 71.87 39.89
CA THR Y 52 8.50 72.92 40.30
C THR Y 52 8.98 73.66 41.51
N TRP Y 53 9.08 74.98 41.37
CA TRP Y 53 9.25 75.89 42.51
C TRP Y 53 8.02 76.79 42.66
N ARG Y 54 7.77 77.21 43.88
CA ARG Y 54 6.78 78.24 44.15
C ARG Y 54 7.52 79.46 44.66
N ALA Y 55 7.05 80.64 44.30
CA ALA Y 55 7.54 81.87 44.85
C ALA Y 55 6.39 82.85 45.04
N GLU Y 56 6.73 84.06 45.43
CA GLU Y 56 5.75 85.10 45.68
C GLU Y 56 6.10 86.32 44.85
N LEU Y 57 5.09 86.94 44.29
CA LEU Y 57 5.29 88.10 43.45
C LEU Y 57 4.22 89.13 43.82
N ASP Y 58 4.67 90.28 44.33
CA ASP Y 58 3.80 91.30 44.91
C ASP Y 58 2.81 90.66 45.89
N GLY Y 59 3.31 89.75 46.72
CA GLY Y 59 2.48 89.07 47.70
C GLY Y 59 1.56 87.97 47.19
N LYS Y 60 1.64 87.63 45.90
CA LYS Y 60 0.82 86.54 45.33
C LYS Y 60 1.68 85.32 44.99
N PRO Y 61 1.17 84.11 45.28
CA PRO Y 61 1.90 82.88 44.96
C PRO Y 61 1.97 82.68 43.45
N VAL Y 62 3.15 82.29 42.98
CA VAL Y 62 3.40 82.08 41.56
C VAL Y 62 4.16 80.76 41.42
N ILE Y 63 3.87 79.99 40.36
CA ILE Y 63 4.55 78.72 40.12
C ILE Y 63 5.63 78.89 39.04
N VAL Y 64 6.77 78.25 39.22
CA VAL Y 64 7.71 78.05 38.11
C VAL Y 64 7.88 76.56 37.92
N CYS Y 65 7.64 76.07 36.70
CA CYS Y 65 7.58 74.63 36.40
C CYS Y 65 8.14 74.30 35.03
N SER Y 66 9.13 73.43 34.96
CA SER Y 66 9.76 73.15 33.66
C SER Y 66 8.94 72.17 32.80
N THR Y 67 8.99 72.36 31.48
CA THR Y 67 8.25 71.50 30.58
C THR Y 67 9.06 70.37 30.01
N GLY Y 68 10.39 70.47 30.08
CA GLY Y 68 11.25 69.60 29.31
C GLY Y 68 11.22 70.13 27.88
N ILE Y 69 11.87 69.44 26.95
CA ILE Y 69 11.88 69.83 25.55
C ILE Y 69 10.70 69.17 24.85
N GLY Y 70 9.89 69.97 24.16
CA GLY Y 70 8.92 69.42 23.23
C GLY Y 70 7.48 69.40 23.66
N GLY Y 71 6.60 69.38 22.67
CA GLY Y 71 5.16 69.39 22.88
C GLY Y 71 4.64 68.36 23.86
N PRO Y 72 5.05 67.12 23.69
CA PRO Y 72 4.57 66.05 24.57
C PRO Y 72 4.77 66.32 26.05
N SER Y 73 5.98 66.59 26.49
CA SER Y 73 6.13 66.80 27.92
C SER Y 73 5.48 68.11 28.34
N THR Y 74 5.51 69.10 27.44
CA THR Y 74 4.81 70.38 27.66
C THR Y 74 3.33 70.11 27.92
N SER Y 75 2.76 69.23 27.11
CA SER Y 75 1.35 69.01 27.19
C SER Y 75 0.99 68.39 28.54
N ILE Y 76 1.86 67.53 29.07
CA ILE Y 76 1.68 66.98 30.40
C ILE Y 76 1.74 68.06 31.48
N ALA Y 77 2.77 68.90 31.43
CA ALA Y 77 2.97 69.91 32.45
C ALA Y 77 1.77 70.83 32.51
N VAL Y 78 1.37 71.34 31.36
CA VAL Y 78 0.28 72.29 31.27
C VAL Y 78 -1.05 71.68 31.71
N GLU Y 79 -1.36 70.46 31.26
CA GLU Y 79 -2.59 69.78 31.65
C GLU Y 79 -2.68 69.63 33.18
N GLU Y 80 -1.58 69.17 33.80
CA GLU Y 80 -1.59 68.87 35.21
C GLU Y 80 -1.56 70.15 36.06
N LEU Y 81 -0.88 71.18 35.57
CA LEU Y 81 -0.90 72.48 36.23
C LEU Y 81 -2.31 73.03 36.18
N ALA Y 82 -2.95 72.89 35.03
CA ALA Y 82 -4.32 73.35 34.86
C ALA Y 82 -5.25 72.66 35.85
N GLN Y 83 -5.06 71.35 36.02
CA GLN Y 83 -5.84 70.57 36.98
C GLN Y 83 -5.67 71.12 38.38
N LEU Y 84 -4.47 71.63 38.68
CA LEU Y 84 -4.14 72.15 40.01
C LEU Y 84 -4.61 73.59 40.19
N GLY Y 85 -5.05 74.22 39.09
CA GLY Y 85 -5.67 75.53 39.15
C GLY Y 85 -4.95 76.66 38.44
N ILE Y 86 -3.84 76.38 37.76
CA ILE Y 86 -3.17 77.38 36.93
C ILE Y 86 -4.03 77.72 35.72
N ARG Y 87 -4.17 79.00 35.45
CA ARG Y 87 -4.99 79.51 34.36
C ARG Y 87 -4.18 80.38 33.39
N THR Y 88 -2.97 80.74 33.78
CA THR Y 88 -2.13 81.58 32.95
C THR Y 88 -0.73 80.98 32.87
N PHE Y 89 -0.28 80.78 31.64
CA PHE Y 89 1.03 80.18 31.39
C PHE Y 89 1.91 81.11 30.61
N LEU Y 90 3.08 81.41 31.16
CA LEU Y 90 4.06 82.21 30.44
C LEU Y 90 5.29 81.39 30.16
N ARG Y 91 5.51 81.11 28.88
CA ARG Y 91 6.68 80.35 28.50
C ARG Y 91 7.90 81.23 28.28
N ILE Y 92 9.02 80.79 28.84
CA ILE Y 92 10.27 81.48 28.60
C ILE Y 92 11.29 80.50 28.06
N GLY Y 93 11.84 80.82 26.90
CA GLY Y 93 12.71 79.89 26.20
C GLY Y 93 13.96 80.49 25.59
N THR Y 94 14.75 79.61 24.95
CA THR Y 94 15.87 80.01 24.09
C THR Y 94 15.44 79.68 22.68
N THR Y 95 15.98 80.44 21.73
CA THR Y 95 15.52 80.29 20.36
C THR Y 95 16.60 80.63 19.34
N GLY Y 96 16.40 80.11 18.14
CA GLY Y 96 17.25 80.44 17.01
C GLY Y 96 16.52 81.39 16.09
N ALA Y 97 17.09 82.57 15.85
CA ALA Y 97 16.49 83.54 14.94
C ALA Y 97 16.82 83.14 13.53
N ILE Y 98 15.88 83.37 12.60
CA ILE Y 98 16.10 83.04 11.19
C ILE Y 98 16.05 84.24 10.29
N GLN Y 99 15.90 85.42 10.90
CA GLN Y 99 15.92 86.67 10.14
C GLN Y 99 17.28 87.31 10.34
N PRO Y 100 17.86 87.87 9.28
CA PRO Y 100 19.22 88.42 9.37
C PRO Y 100 19.36 89.64 10.30
N HIS Y 101 18.27 90.34 10.60
CA HIS Y 101 18.33 91.54 11.44
C HIS Y 101 18.12 91.26 12.94
N ILE Y 102 17.78 90.03 13.29
CA ILE Y 102 17.58 89.70 14.70
C ILE Y 102 18.91 89.17 15.28
N ASN Y 103 19.39 89.83 16.32
CA ASN Y 103 20.70 89.49 16.92
C ASN Y 103 20.66 88.57 18.12
N VAL Y 104 21.77 87.87 18.34
CA VAL Y 104 21.93 87.06 19.53
C VAL Y 104 21.78 88.02 20.70
N GLY Y 105 20.94 87.65 21.66
CA GLY Y 105 20.66 88.50 22.80
C GLY Y 105 19.33 89.23 22.73
N ASP Y 106 18.77 89.34 21.52
CA ASP Y 106 17.44 89.93 21.34
C ASP Y 106 16.37 89.07 22.01
N VAL Y 107 15.23 89.72 22.29
CA VAL Y 107 14.10 89.06 22.94
C VAL Y 107 12.99 88.95 21.90
N LEU Y 108 12.42 87.76 21.75
CA LEU Y 108 11.32 87.58 20.80
C LEU Y 108 10.01 87.24 21.50
N VAL Y 109 8.96 88.01 21.20
CA VAL Y 109 7.62 87.72 21.71
C VAL Y 109 6.75 87.15 20.57
N THR Y 110 6.27 85.93 20.78
CA THR Y 110 5.47 85.23 19.78
C THR Y 110 4.00 85.66 19.85
N THR Y 111 3.45 86.10 18.72
CA THR Y 111 2.04 86.38 18.68
C THR Y 111 1.28 85.10 18.37
N ALA Y 112 1.87 84.27 17.51
CA ALA Y 112 1.30 82.97 17.14
C ALA Y 112 2.37 82.11 16.50
N SER Y 113 2.16 80.80 16.43
CA SER Y 113 3.21 79.90 15.94
C SER Y 113 2.84 79.08 14.73
N VAL Y 114 3.82 78.85 13.85
CA VAL Y 114 3.66 77.83 12.81
C VAL Y 114 3.67 76.45 13.48
N ARG Y 115 2.60 75.69 13.33
CA ARG Y 115 2.46 74.43 14.02
C ARG Y 115 3.22 73.28 13.36
N LEU Y 116 4.51 73.15 13.67
CA LEU Y 116 5.30 72.07 13.09
C LEU Y 116 5.46 70.94 14.10
N ASP Y 117 4.42 70.71 14.90
CA ASP Y 117 4.49 69.77 16.02
C ASP Y 117 3.40 68.74 15.90
N GLY Y 118 3.38 67.77 16.81
CA GLY Y 118 2.33 66.77 16.73
C GLY Y 118 1.29 67.00 17.77
N ALA Y 119 1.72 67.46 18.93
CA ALA Y 119 0.85 67.50 20.09
C ALA Y 119 -0.29 68.48 19.88
N SER Y 120 -0.05 69.62 19.23
CA SER Y 120 -1.12 70.58 19.05
C SER Y 120 -2.37 69.96 18.40
N LEU Y 121 -2.13 69.09 17.41
CA LEU Y 121 -3.20 68.35 16.74
C LEU Y 121 -4.07 67.51 17.68
N HIS Y 122 -3.59 67.26 18.88
CA HIS Y 122 -4.33 66.46 19.82
C HIS Y 122 -5.32 67.32 20.59
N PHE Y 123 -5.26 68.64 20.40
CA PHE Y 123 -6.17 69.58 21.06
C PHE Y 123 -7.08 70.29 20.11
N ALA Y 124 -6.58 70.62 18.92
CA ALA Y 124 -7.37 71.25 17.87
C ALA Y 124 -6.81 70.88 16.49
N PRO Y 125 -7.64 70.83 15.46
CA PRO Y 125 -7.17 70.48 14.11
C PRO Y 125 -6.25 71.57 13.57
N LEU Y 126 -5.55 71.32 12.48
CA LEU Y 126 -4.44 72.16 12.06
C LEU Y 126 -4.86 73.60 11.72
N GLU Y 127 -6.08 73.75 11.22
CA GLU Y 127 -6.60 75.04 10.81
C GLU Y 127 -6.79 76.03 11.96
N PHE Y 128 -6.75 75.53 13.19
CA PHE Y 128 -6.94 76.37 14.37
C PHE Y 128 -5.60 77.04 14.66
N PRO Y 129 -5.63 78.35 14.92
CA PRO Y 129 -4.38 79.12 15.09
C PRO Y 129 -3.71 78.87 16.44
N ALA Y 130 -2.40 78.65 16.40
CA ALA Y 130 -1.60 78.58 17.62
C ALA Y 130 -1.31 80.00 18.06
N VAL Y 131 -2.36 80.68 18.52
CA VAL Y 131 -2.29 82.09 18.84
C VAL Y 131 -2.13 82.31 20.33
N ALA Y 132 -1.24 83.22 20.72
CA ALA Y 132 -1.06 83.61 22.12
C ALA Y 132 -2.22 84.46 22.59
N ASP Y 133 -2.45 84.45 23.90
CA ASP Y 133 -3.43 85.31 24.56
C ASP Y 133 -3.01 86.76 24.47
N PHE Y 134 -3.97 87.61 24.13
CA PHE Y 134 -3.71 89.04 23.93
C PHE Y 134 -3.20 89.78 25.16
N GLU Y 135 -3.75 89.49 26.34
CA GLU Y 135 -3.28 90.15 27.55
C GLU Y 135 -1.85 89.70 27.84
N CYS Y 136 -1.55 88.42 27.68
CA CYS Y 136 -0.22 87.88 27.93
C CYS Y 136 0.80 88.50 26.98
N THR Y 137 0.48 88.50 25.70
CA THR Y 137 1.33 89.14 24.68
C THR Y 137 1.56 90.61 25.03
N THR Y 138 0.50 91.32 25.40
CA THR Y 138 0.62 92.71 25.79
C THR Y 138 1.57 92.86 26.99
N ALA Y 139 1.38 92.04 28.01
CA ALA Y 139 2.21 92.12 29.21
C ALA Y 139 3.67 91.92 28.83
N LEU Y 140 3.94 90.95 27.96
CA LEU Y 140 5.30 90.64 27.54
C LEU Y 140 5.90 91.81 26.76
N VAL Y 141 5.13 92.36 25.82
CA VAL Y 141 5.61 93.46 25.01
C VAL Y 141 5.90 94.69 25.88
N GLU Y 142 4.94 95.00 26.74
CA GLU Y 142 5.07 96.12 27.64
C GLU Y 142 6.23 95.92 28.63
N ALA Y 143 6.38 94.71 29.16
CA ALA Y 143 7.49 94.42 30.07
C ALA Y 143 8.81 94.69 29.39
N ALA Y 144 8.94 94.25 28.14
CA ALA Y 144 10.18 94.36 27.38
C ALA Y 144 10.51 95.82 27.12
N LYS Y 145 9.47 96.62 26.93
CA LYS Y 145 9.62 98.06 26.67
C LYS Y 145 10.21 98.75 27.88
N SER Y 146 9.76 98.32 29.07
CA SER Y 146 10.15 98.97 30.32
C SER Y 146 11.54 98.62 30.81
N ILE Y 147 12.08 97.47 30.41
CA ILE Y 147 13.46 97.11 30.74
C ILE Y 147 14.38 97.39 29.54
N GLY Y 148 13.77 97.80 28.45
CA GLY Y 148 14.51 98.37 27.33
C GLY Y 148 15.38 97.41 26.57
N ALA Y 149 15.05 96.14 26.65
CA ALA Y 149 15.67 95.15 25.78
C ALA Y 149 15.20 95.38 24.36
N THR Y 150 16.08 95.12 23.39
CA THR Y 150 15.62 95.15 22.00
C THR Y 150 14.74 93.91 21.60
N THR Y 151 13.54 94.19 21.13
CA THR Y 151 12.49 93.19 21.08
C THR Y 151 11.84 93.14 19.72
N HIS Y 152 11.59 91.92 19.24
CA HIS Y 152 10.80 91.71 18.03
C HIS Y 152 9.56 90.92 18.37
N VAL Y 153 8.46 91.29 17.71
CA VAL Y 153 7.14 90.72 17.98
C VAL Y 153 6.61 90.13 16.70
N GLY Y 154 6.22 88.87 16.74
CA GLY Y 154 5.73 88.23 15.54
C GLY Y 154 5.62 86.72 15.63
N VAL Y 155 5.65 86.09 14.46
CA VAL Y 155 5.37 84.65 14.29
C VAL Y 155 6.62 83.76 14.51
N THR Y 156 6.41 82.60 15.15
CA THR Y 156 7.49 81.67 15.50
C THR Y 156 7.21 80.33 14.89
N ALA Y 157 8.24 79.70 14.33
CA ALA Y 157 8.03 78.35 13.79
C ALA Y 157 8.41 77.39 14.89
N SER Y 158 7.47 76.52 15.27
CA SER Y 158 7.60 75.67 16.45
C SER Y 158 7.66 74.24 15.98
N SER Y 159 8.79 73.60 16.22
CA SER Y 159 9.12 72.34 15.58
C SER Y 159 9.28 71.17 16.56
N ASP Y 160 8.68 70.03 16.22
CA ASP Y 160 8.90 68.81 17.00
C ASP Y 160 10.34 68.31 16.99
N THR Y 161 11.24 68.86 16.16
CA THR Y 161 12.64 68.45 16.22
C THR Y 161 13.56 69.64 16.26
N PHE Y 162 14.75 69.42 16.81
CA PHE Y 162 15.77 70.43 16.82
C PHE Y 162 16.57 70.38 15.48
N TYR Y 163 16.74 69.17 14.92
CA TYR Y 163 17.53 69.02 13.70
C TYR Y 163 16.73 69.18 12.35
N PRO Y 164 16.16 68.13 11.76
CA PRO Y 164 15.55 68.27 10.44
C PRO Y 164 14.41 69.29 10.37
N GLY Y 165 13.50 69.33 11.35
CA GLY Y 165 12.38 70.28 11.37
C GLY Y 165 12.81 71.76 11.41
N GLN Y 166 14.05 72.03 11.77
CA GLN Y 166 14.64 73.36 11.70
C GLN Y 166 15.72 73.40 10.63
N GLU Y 167 15.63 72.45 9.69
CA GLU Y 167 16.53 72.35 8.54
C GLU Y 167 18.00 72.49 8.88
N ARG Y 168 18.43 71.76 9.89
CA ARG Y 168 19.85 71.62 10.18
C ARG Y 168 20.43 70.48 9.35
N TYR Y 169 21.61 70.71 8.77
CA TYR Y 169 22.29 69.71 7.94
C TYR Y 169 23.51 69.07 8.61
N ASP Y 170 24.08 69.69 9.65
CA ASP Y 170 25.21 69.08 10.37
C ASP Y 170 24.74 67.99 11.28
N THR Y 171 24.38 66.87 10.70
CA THR Y 171 23.74 65.82 11.47
C THR Y 171 24.38 64.51 11.09
N TYR Y 172 24.05 63.46 11.80
CA TYR Y 172 24.55 62.12 11.50
C TYR Y 172 24.35 61.80 10.01
N SER Y 173 23.15 62.07 9.52
CA SER Y 173 22.80 61.68 8.16
C SER Y 173 23.07 62.77 7.13
N GLY Y 174 23.06 64.02 7.56
CA GLY Y 174 23.25 65.12 6.65
C GLY Y 174 22.11 65.35 5.67
N ARG Y 175 21.02 64.59 5.76
CA ARG Y 175 19.86 64.86 4.91
C ARG Y 175 18.70 65.42 5.72
N VAL Y 176 17.78 66.05 5.00
CA VAL Y 176 16.51 66.55 5.52
C VAL Y 176 15.39 66.00 4.63
N VAL Y 177 14.40 65.40 5.26
CA VAL Y 177 13.25 64.85 4.57
C VAL Y 177 12.64 65.86 3.59
N ARG Y 178 12.17 65.35 2.45
CA ARG Y 178 11.60 66.18 1.39
C ARG Y 178 10.73 67.33 1.92
N HIS Y 179 9.76 66.99 2.77
CA HIS Y 179 8.86 67.99 3.32
C HIS Y 179 9.53 69.23 3.91
N PHE Y 180 10.74 69.09 4.48
CA PHE Y 180 11.39 70.22 5.14
C PHE Y 180 12.55 70.84 4.34
N LYS Y 181 12.91 70.21 3.24
CA LYS Y 181 13.94 70.75 2.35
C LYS Y 181 13.49 72.08 1.85
N GLY Y 182 14.30 73.10 2.08
CA GLY Y 182 13.96 74.44 1.65
C GLY Y 182 12.91 75.10 2.52
N SER Y 183 12.59 74.52 3.67
CA SER Y 183 11.57 75.08 4.53
C SER Y 183 12.00 76.33 5.28
N MET Y 184 13.27 76.41 5.70
CA MET Y 184 13.71 77.57 6.48
C MET Y 184 13.55 78.85 5.65
N GLU Y 185 13.93 78.76 4.37
CA GLU Y 185 13.84 79.89 3.47
C GLU Y 185 12.39 80.33 3.23
N GLU Y 186 11.45 79.36 3.19
CA GLU Y 186 10.02 79.69 3.05
C GLU Y 186 9.55 80.47 4.28
N TRP Y 187 9.90 79.98 5.47
CA TRP Y 187 9.50 80.68 6.68
C TRP Y 187 10.11 82.08 6.72
N GLN Y 188 11.37 82.25 6.31
CA GLN Y 188 11.93 83.60 6.37
C GLN Y 188 11.23 84.55 5.45
N ALA Y 189 10.88 84.08 4.27
CA ALA Y 189 10.18 84.90 3.31
C ALA Y 189 8.84 85.36 3.88
N MET Y 190 8.27 84.54 4.76
CA MET Y 190 6.95 84.77 5.34
C MET Y 190 7.02 85.63 6.61
N GLY Y 191 8.22 86.06 6.95
CA GLY Y 191 8.41 86.94 8.11
C GLY Y 191 8.55 86.25 9.45
N VAL Y 192 8.61 84.92 9.45
CA VAL Y 192 8.75 84.14 10.67
C VAL Y 192 10.07 84.53 11.29
N MET Y 193 10.07 84.73 12.61
CA MET Y 193 11.26 85.27 13.28
C MET Y 193 12.27 84.21 13.67
N ASN Y 194 11.76 83.04 14.08
CA ASN Y 194 12.60 82.08 14.80
C ASN Y 194 12.02 80.67 14.87
N TYR Y 195 12.89 79.74 15.27
CA TYR Y 195 12.52 78.36 15.57
C TYR Y 195 12.61 78.12 17.06
N GLU Y 196 11.66 77.39 17.61
CA GLU Y 196 11.78 76.78 18.95
C GLU Y 196 10.84 75.56 18.97
N MET Y 197 10.64 74.93 20.11
CA MET Y 197 10.04 73.62 20.06
C MET Y 197 8.77 73.40 20.87
N GLU Y 198 8.27 74.44 21.53
CA GLU Y 198 7.16 74.19 22.45
C GLU Y 198 5.91 75.07 22.28
N SER Y 199 6.07 76.23 21.63
CA SER Y 199 5.02 77.22 21.61
C SER Y 199 3.77 76.75 20.92
N ALA Y 200 3.94 76.04 19.81
CA ALA Y 200 2.81 75.49 19.04
C ALA Y 200 1.89 74.65 19.93
N THR Y 201 2.51 73.76 20.70
CA THR Y 201 1.75 72.95 21.62
C THR Y 201 1.12 73.83 22.69
N LEU Y 202 1.96 74.63 23.34
CA LEU Y 202 1.51 75.45 24.45
C LEU Y 202 0.35 76.35 24.05
N LEU Y 203 0.57 77.11 22.97
CA LEU Y 203 -0.44 78.07 22.53
C LEU Y 203 -1.75 77.44 22.06
N THR Y 204 -1.65 76.33 21.35
CA THR Y 204 -2.85 75.67 20.87
C THR Y 204 -3.66 75.07 22.01
N MET Y 205 -2.98 74.35 22.91
CA MET Y 205 -3.70 73.68 23.97
C MET Y 205 -4.35 74.70 24.89
N CYS Y 206 -3.69 75.84 25.10
CA CYS Y 206 -4.29 76.89 25.93
C CYS Y 206 -5.43 77.65 25.22
N ALA Y 207 -5.15 78.18 24.02
CA ALA Y 207 -6.16 78.93 23.27
C ALA Y 207 -7.45 78.14 23.11
N SER Y 208 -7.33 76.81 22.99
CA SER Y 208 -8.49 75.98 22.75
C SER Y 208 -9.15 75.45 24.01
N GLN Y 209 -8.66 75.85 25.20
CA GLN Y 209 -9.26 75.41 26.47
C GLN Y 209 -9.55 76.55 27.44
N GLY Y 210 -9.49 77.79 26.97
CA GLY Y 210 -9.76 78.93 27.82
C GLY Y 210 -8.66 79.24 28.81
N LEU Y 211 -7.46 78.78 28.52
CA LEU Y 211 -6.32 79.13 29.36
C LEU Y 211 -5.52 80.23 28.67
N ARG Y 212 -5.02 81.18 29.44
CA ARG Y 212 -4.20 82.25 28.89
C ARG Y 212 -2.72 81.82 28.77
N ALA Y 213 -2.12 82.04 27.60
CA ALA Y 213 -0.73 81.72 27.40
C ALA Y 213 -0.01 82.81 26.63
N GLY Y 214 1.27 83.00 26.97
CA GLY Y 214 2.13 83.91 26.26
C GLY Y 214 3.50 83.28 26.13
N MET Y 215 4.29 83.82 25.21
CA MET Y 215 5.54 83.17 24.83
C MET Y 215 6.61 84.19 24.56
N VAL Y 216 7.76 84.01 25.19
CA VAL Y 216 8.90 84.90 25.00
C VAL Y 216 10.17 84.07 25.02
N ALA Y 217 11.19 84.49 24.26
CA ALA Y 217 12.43 83.72 24.21
C ALA Y 217 13.60 84.66 23.93
N GLY Y 218 14.76 84.32 24.50
CA GLY Y 218 16.03 84.96 24.20
C GLY Y 218 16.71 84.24 23.03
N VAL Y 219 17.30 85.02 22.12
CA VAL Y 219 17.92 84.48 20.90
C VAL Y 219 19.32 84.06 21.23
N ILE Y 220 19.61 82.78 20.99
CA ILE Y 220 20.94 82.26 21.29
C ILE Y 220 21.77 81.91 20.06
N VAL Y 221 21.16 81.98 18.89
CA VAL Y 221 21.91 81.79 17.66
C VAL Y 221 21.14 82.44 16.53
N ASN Y 222 21.89 82.94 15.54
CA ASN Y 222 21.27 83.34 14.31
C ASN Y 222 21.54 82.35 13.20
N ARG Y 223 20.47 81.79 12.65
CA ARG Y 223 20.58 80.69 11.68
C ARG Y 223 21.03 81.12 10.29
N THR Y 224 21.05 82.42 10.01
CA THR Y 224 21.62 82.86 8.73
C THR Y 224 23.15 82.87 8.81
N GLN Y 225 23.67 82.52 9.98
CA GLN Y 225 25.12 82.50 10.20
C GLN Y 225 25.66 81.11 10.53
N GLN Y 226 24.85 80.32 11.24
CA GLN Y 226 25.34 79.20 12.03
C GLN Y 226 24.20 78.25 12.30
N GLU Y 227 24.52 76.96 12.49
CA GLU Y 227 23.51 75.99 12.96
C GLU Y 227 23.55 75.80 14.47
N ILE Y 228 24.75 75.77 15.03
CA ILE Y 228 24.95 75.46 16.43
C ILE Y 228 25.34 76.71 17.22
N PRO Y 229 24.63 77.00 18.31
CA PRO Y 229 24.94 78.14 19.19
C PRO Y 229 26.35 78.10 19.81
N ASN Y 230 26.94 79.27 20.06
CA ASN Y 230 28.36 79.40 20.44
C ASN Y 230 28.77 78.85 21.82
N SER Y 239 18.34 85.64 29.79
CA SER Y 239 18.62 86.46 30.96
C SER Y 239 17.93 87.82 30.90
N HIS Y 240 17.95 88.44 29.71
CA HIS Y 240 17.10 89.61 29.45
C HIS Y 240 15.65 89.16 29.40
N ALA Y 241 15.45 88.02 28.75
CA ALA Y 241 14.16 87.37 28.63
C ALA Y 241 13.58 86.93 29.96
N VAL Y 242 14.42 86.38 30.84
CA VAL Y 242 13.94 85.94 32.15
C VAL Y 242 13.39 87.14 32.94
N LYS Y 243 14.14 88.25 32.95
CA LYS Y 243 13.70 89.50 33.57
C LYS Y 243 12.32 89.92 33.02
N ILE Y 244 12.16 89.78 31.71
CA ILE Y 244 10.94 90.18 31.06
C ILE Y 244 9.75 89.32 31.43
N VAL Y 245 9.92 87.99 31.43
CA VAL Y 245 8.82 87.09 31.78
C VAL Y 245 8.34 87.35 33.22
N VAL Y 246 9.27 87.59 34.13
CA VAL Y 246 8.91 87.80 35.53
C VAL Y 246 8.13 89.10 35.64
N GLU Y 247 8.61 90.11 34.93
CA GLU Y 247 7.95 91.40 34.95
C GLU Y 247 6.56 91.33 34.31
N ALA Y 248 6.43 90.53 33.26
CA ALA Y 248 5.13 90.32 32.63
C ALA Y 248 4.18 89.61 33.56
N ALA Y 249 4.68 88.60 34.29
CA ALA Y 249 3.88 87.87 35.25
C ALA Y 249 3.29 88.85 36.27
N ARG Y 250 4.12 89.79 36.68
CA ARG Y 250 3.74 90.84 37.60
C ARG Y 250 2.50 91.59 37.12
N ARG Y 251 2.47 91.91 35.84
CA ARG Y 251 1.36 92.67 35.26
C ARG Y 251 0.11 91.82 35.06
N LEU Y 252 0.27 90.51 35.06
CA LEU Y 252 -0.85 89.61 34.79
C LEU Y 252 -1.52 89.09 36.07
N LEU Y 253 -1.00 89.49 37.22
CA LEU Y 253 -1.45 88.90 38.49
C LEU Y 253 -2.82 89.38 38.91
N SER Z 4 32.64 69.54 24.95
CA SER Z 4 31.48 68.70 24.48
C SER Z 4 31.26 68.70 22.96
N ASP Z 5 31.03 67.51 22.37
CA ASP Z 5 30.92 67.37 20.91
C ASP Z 5 29.49 67.57 20.39
N VAL Z 6 28.52 67.64 21.28
CA VAL Z 6 27.12 67.70 20.89
C VAL Z 6 26.39 68.76 21.70
N PHE Z 7 25.38 69.40 21.09
CA PHE Z 7 24.76 70.56 21.72
C PHE Z 7 24.05 70.26 23.04
N HIS Z 8 23.27 69.19 23.10
CA HIS Z 8 22.43 68.98 24.27
C HIS Z 8 22.99 68.02 25.30
N LEU Z 9 23.56 66.90 24.88
CA LEU Z 9 23.93 65.83 25.82
C LEU Z 9 25.18 66.06 26.66
N GLY Z 10 26.02 67.01 26.23
CA GLY Z 10 27.26 67.28 26.92
C GLY Z 10 28.19 66.09 26.98
N LEU Z 11 28.39 65.43 25.84
CA LEU Z 11 29.28 64.29 25.73
C LEU Z 11 30.28 64.50 24.61
N THR Z 12 31.44 63.86 24.73
CA THR Z 12 32.45 63.82 23.66
C THR Z 12 32.58 62.40 23.13
N LYS Z 13 32.99 62.25 21.87
CA LYS Z 13 33.16 60.93 21.26
C LYS Z 13 34.02 60.04 22.17
N ASN Z 14 34.98 60.67 22.83
CA ASN Z 14 35.90 59.98 23.72
C ASN Z 14 35.25 59.37 24.97
N ASP Z 15 34.21 60.05 25.48
CA ASP Z 15 33.48 59.58 26.65
C ASP Z 15 32.87 58.22 26.40
N LEU Z 16 32.58 57.91 25.13
CA LEU Z 16 31.88 56.70 24.74
C LEU Z 16 32.79 55.48 24.60
N GLN Z 17 34.10 55.73 24.53
CA GLN Z 17 35.11 54.70 24.44
C GLN Z 17 34.82 53.65 23.37
N GLY Z 18 34.31 54.11 22.23
CA GLY Z 18 34.02 53.26 21.09
C GLY Z 18 32.69 52.54 21.14
N ALA Z 19 31.84 52.83 22.13
CA ALA Z 19 30.50 52.24 22.25
C ALA Z 19 29.69 52.47 20.99
N THR Z 20 28.91 51.47 20.60
CA THR Z 20 28.05 51.62 19.41
C THR Z 20 26.60 51.21 19.67
N LEU Z 21 26.31 50.84 20.91
CA LEU Z 21 24.96 50.46 21.31
C LEU Z 21 24.54 51.29 22.53
N ALA Z 22 23.28 51.73 22.56
CA ALA Z 22 22.75 52.43 23.73
C ALA Z 22 21.40 51.89 24.14
N ILE Z 23 21.22 51.74 25.46
CA ILE Z 23 19.92 51.49 26.03
C ILE Z 23 19.32 52.86 26.35
N VAL Z 24 18.11 53.10 25.87
CA VAL Z 24 17.48 54.40 26.06
C VAL Z 24 16.14 54.32 26.80
N PRO Z 25 16.17 54.47 28.12
CA PRO Z 25 14.94 54.63 28.90
C PRO Z 25 14.37 56.04 28.81
N GLY Z 26 13.18 56.27 29.37
CA GLY Z 26 12.60 57.59 29.34
C GLY Z 26 13.14 58.49 30.44
N ASP Z 27 13.26 57.92 31.62
CA ASP Z 27 13.41 58.71 32.82
C ASP Z 27 14.86 58.84 33.23
N PRO Z 28 15.39 60.07 33.30
CA PRO Z 28 16.78 60.28 33.75
C PRO Z 28 17.13 59.50 35.01
N ASP Z 29 16.16 59.34 35.91
CA ASP Z 29 16.43 58.70 37.19
C ASP Z 29 16.60 57.17 37.12
N ARG Z 30 16.25 56.59 35.99
CA ARG Z 30 16.34 55.14 35.81
C ARG Z 30 17.60 54.70 35.04
N VAL Z 31 18.33 55.67 34.51
CA VAL Z 31 19.57 55.41 33.78
C VAL Z 31 20.59 54.73 34.69
N GLU Z 32 20.82 55.28 35.89
CA GLU Z 32 21.82 54.75 36.81
C GLU Z 32 21.48 53.29 37.16
N LYS Z 33 20.19 53.04 37.36
CA LYS Z 33 19.70 51.76 37.82
C LYS Z 33 19.89 50.66 36.77
N ILE Z 34 19.75 51.02 35.51
CA ILE Z 34 20.02 50.08 34.40
C ILE Z 34 21.53 49.85 34.23
N ALA Z 35 22.32 50.92 34.31
CA ALA Z 35 23.74 50.84 34.12
C ALA Z 35 24.40 49.99 35.20
N ALA Z 36 23.82 50.01 36.39
CA ALA Z 36 24.37 49.29 37.54
C ALA Z 36 24.21 47.78 37.42
N LEU Z 37 23.51 47.34 36.38
CA LEU Z 37 23.33 45.91 36.12
C LEU Z 37 24.50 45.39 35.31
N MET Z 38 25.23 46.29 34.67
CA MET Z 38 26.40 45.91 33.92
C MET Z 38 27.67 46.26 34.68
N ASP Z 39 28.81 46.19 34.00
CA ASP Z 39 30.12 46.30 34.66
C ASP Z 39 30.68 47.69 34.51
N LYS Z 40 31.50 48.12 35.48
CA LYS Z 40 32.20 49.40 35.48
C LYS Z 40 31.29 50.59 35.12
N PRO Z 41 30.15 50.74 35.80
CA PRO Z 41 29.23 51.85 35.51
C PRO Z 41 29.79 53.21 35.95
N VAL Z 42 29.67 54.20 35.06
CA VAL Z 42 30.23 55.53 35.29
C VAL Z 42 29.21 56.52 34.74
N LYS Z 43 28.94 57.58 35.48
CA LYS Z 43 28.14 58.68 34.98
C LYS Z 43 28.99 59.55 34.08
N LEU Z 44 28.44 59.87 32.91
CA LEU Z 44 29.16 60.70 31.95
C LEU Z 44 28.70 62.13 32.08
N ALA Z 45 27.38 62.34 32.03
CA ALA Z 45 26.82 63.68 31.98
C ALA Z 45 25.34 63.70 32.34
N SER Z 46 24.87 64.90 32.65
CA SER Z 46 23.49 65.12 32.99
C SER Z 46 23.08 66.52 32.64
N HIS Z 47 22.32 66.67 31.56
CA HIS Z 47 21.83 67.98 31.12
C HIS Z 47 20.36 67.88 30.74
N ARG Z 48 19.55 68.81 31.22
CA ARG Z 48 18.10 68.74 30.98
C ARG Z 48 17.55 67.35 31.32
N GLU Z 49 16.76 66.75 30.44
CA GLU Z 49 16.29 65.37 30.67
C GLU Z 49 17.23 64.29 30.19
N PHE Z 50 18.47 64.65 29.84
CA PHE Z 50 19.42 63.66 29.29
C PHE Z 50 20.49 63.30 30.30
N THR Z 51 20.33 62.16 30.94
CA THR Z 51 21.35 61.66 31.87
C THR Z 51 22.04 60.51 31.17
N THR Z 52 23.36 60.54 31.11
CA THR Z 52 24.11 59.51 30.41
C THR Z 52 25.08 58.75 31.33
N TRP Z 53 24.97 57.44 31.34
CA TRP Z 53 25.96 56.60 32.00
C TRP Z 53 26.58 55.70 30.95
N ARG Z 54 27.83 55.30 31.21
CA ARG Z 54 28.53 54.29 30.43
C ARG Z 54 28.78 53.08 31.31
N ALA Z 55 28.70 51.89 30.72
CA ALA Z 55 29.03 50.69 31.42
C ALA Z 55 29.72 49.75 30.45
N GLU Z 56 29.96 48.53 30.88
CA GLU Z 56 30.62 47.52 30.08
C GLU Z 56 29.79 46.26 30.15
N LEU Z 57 29.65 45.62 28.99
CA LEU Z 57 28.88 44.39 28.88
C LEU Z 57 29.75 43.39 28.14
N ASP Z 58 30.08 42.28 28.80
CA ASP Z 58 30.99 41.28 28.25
C ASP Z 58 32.24 41.93 27.67
N GLY Z 59 32.82 42.87 28.39
CA GLY Z 59 34.03 43.52 27.92
C GLY Z 59 33.86 44.68 26.94
N LYS Z 60 32.65 44.87 26.40
CA LYS Z 60 32.40 45.99 25.46
C LYS Z 60 31.67 47.16 26.15
N PRO Z 61 32.07 48.38 25.79
CA PRO Z 61 31.42 49.58 26.31
C PRO Z 61 30.01 49.78 25.75
N VAL Z 62 29.12 50.19 26.64
CA VAL Z 62 27.70 50.35 26.34
C VAL Z 62 27.24 51.68 26.96
N ILE Z 63 26.33 52.36 26.28
CA ILE Z 63 25.81 53.63 26.77
C ILE Z 63 24.38 53.44 27.27
N VAL Z 64 24.04 54.12 28.37
CA VAL Z 64 22.66 54.21 28.82
C VAL Z 64 22.33 55.69 28.88
N CYS Z 65 21.26 56.07 28.20
CA CYS Z 65 20.94 57.47 28.04
C CYS Z 65 19.43 57.74 28.02
N SER Z 66 18.95 58.62 28.93
CA SER Z 66 17.51 58.95 29.02
C SER Z 66 17.05 59.94 27.94
N THR Z 67 15.81 59.75 27.48
CA THR Z 67 15.28 60.50 26.35
C THR Z 67 14.32 61.59 26.79
N GLY Z 68 13.84 61.48 28.03
CA GLY Z 68 12.71 62.26 28.47
C GLY Z 68 11.45 61.75 27.78
N ILE Z 69 10.34 62.48 27.95
CA ILE Z 69 9.07 62.07 27.42
C ILE Z 69 8.86 62.67 26.04
N GLY Z 70 8.46 61.83 25.09
CA GLY Z 70 8.01 62.32 23.80
C GLY Z 70 9.05 62.34 22.69
N GLY Z 71 8.55 62.42 21.45
CA GLY Z 71 9.37 62.32 20.26
C GLY Z 71 10.48 63.36 20.21
N PRO Z 72 10.12 64.63 20.44
CA PRO Z 72 11.09 65.72 20.35
C PRO Z 72 12.39 65.48 21.10
N SER Z 73 12.32 65.22 22.40
CA SER Z 73 13.58 65.01 23.13
C SER Z 73 14.27 63.70 22.71
N THR Z 74 13.48 62.66 22.48
CA THR Z 74 14.00 61.41 21.92
C THR Z 74 14.83 61.69 20.67
N SER Z 75 14.25 62.47 19.77
CA SER Z 75 14.92 62.87 18.54
C SER Z 75 16.28 63.54 18.79
N ILE Z 76 16.36 64.42 19.78
CA ILE Z 76 17.63 65.05 20.12
C ILE Z 76 18.64 64.00 20.63
N ALA Z 77 18.23 63.18 21.59
CA ALA Z 77 19.14 62.17 22.13
C ALA Z 77 19.62 61.17 21.07
N VAL Z 78 18.70 60.62 20.28
CA VAL Z 78 19.10 59.68 19.25
C VAL Z 78 20.08 60.28 18.26
N GLU Z 79 19.78 61.49 17.79
CA GLU Z 79 20.63 62.18 16.82
C GLU Z 79 22.02 62.40 17.37
N GLU Z 80 22.11 62.93 18.59
CA GLU Z 80 23.42 63.26 19.15
C GLU Z 80 24.19 62.01 19.56
N LEU Z 81 23.49 61.00 20.03
CA LEU Z 81 24.12 59.70 20.25
C LEU Z 81 24.63 59.10 18.94
N ALA Z 82 23.88 59.29 17.85
CA ALA Z 82 24.34 58.80 16.56
C ALA Z 82 25.62 59.51 16.10
N GLN Z 83 25.66 60.81 16.32
CA GLN Z 83 26.82 61.58 15.93
C GLN Z 83 28.07 61.08 16.63
N LEU Z 84 27.89 60.60 17.85
CA LEU Z 84 29.00 60.13 18.65
C LEU Z 84 29.33 58.66 18.40
N GLY Z 85 28.63 58.02 17.46
CA GLY Z 85 28.95 56.67 17.07
C GLY Z 85 27.97 55.56 17.43
N ILE Z 86 26.88 55.87 18.10
CA ILE Z 86 25.90 54.83 18.43
C ILE Z 86 25.17 54.43 17.16
N ARG Z 87 24.93 53.13 16.98
CA ARG Z 87 24.28 52.59 15.80
C ARG Z 87 23.15 51.65 16.16
N THR Z 88 23.03 51.31 17.43
CA THR Z 88 21.95 50.44 17.90
C THR Z 88 21.30 51.08 19.11
N PHE Z 89 19.97 51.18 19.07
CA PHE Z 89 19.21 51.81 20.16
C PHE Z 89 18.17 50.84 20.65
N LEU Z 90 18.26 50.50 21.94
CA LEU Z 90 17.22 49.68 22.60
C LEU Z 90 16.43 50.50 23.60
N ARG Z 91 15.18 50.76 23.25
CA ARG Z 91 14.23 51.43 24.15
C ARG Z 91 13.68 50.45 25.19
N ILE Z 92 13.77 50.85 26.45
CA ILE Z 92 13.18 50.11 27.56
C ILE Z 92 12.17 50.99 28.25
N GLY Z 93 10.97 50.48 28.43
CA GLY Z 93 9.96 51.26 29.12
C GLY Z 93 9.01 50.52 30.02
N THR Z 94 8.11 51.26 30.65
CA THR Z 94 6.92 50.73 31.27
C THR Z 94 5.73 51.27 30.45
N THR Z 95 4.63 50.55 30.44
CA THR Z 95 3.52 50.92 29.55
C THR Z 95 2.18 50.43 30.03
N GLY Z 96 1.11 50.93 29.42
CA GLY Z 96 -0.22 50.46 29.70
C GLY Z 96 -0.88 49.78 28.52
N ALA Z 97 -1.25 48.52 28.72
CA ALA Z 97 -1.89 47.72 27.67
C ALA Z 97 -3.34 48.12 27.43
N ILE Z 98 -3.81 47.96 26.21
CA ILE Z 98 -5.19 48.26 25.89
C ILE Z 98 -5.96 47.00 25.42
N GLN Z 99 -5.29 45.85 25.49
CA GLN Z 99 -5.92 44.56 25.20
C GLN Z 99 -6.26 43.79 26.48
N PRO Z 100 -7.46 43.22 26.56
CA PRO Z 100 -7.87 42.52 27.78
C PRO Z 100 -7.03 41.28 28.14
N HIS Z 101 -6.40 40.62 27.16
CA HIS Z 101 -5.62 39.41 27.43
C HIS Z 101 -4.22 39.71 27.97
N ILE Z 102 -3.78 40.96 27.86
CA ILE Z 102 -2.44 41.33 28.33
C ILE Z 102 -2.51 41.72 29.80
N ASN Z 103 -1.69 41.09 30.64
CA ASN Z 103 -1.75 41.34 32.07
C ASN Z 103 -0.65 42.21 32.63
N VAL Z 104 -0.90 42.81 33.78
CA VAL Z 104 0.11 43.53 34.53
C VAL Z 104 1.25 42.53 34.78
N GLY Z 105 2.48 42.90 34.47
CA GLY Z 105 3.60 42.00 34.60
C GLY Z 105 4.09 41.43 33.29
N ASP Z 106 3.25 41.51 32.25
CA ASP Z 106 3.61 40.96 30.96
C ASP Z 106 4.62 41.89 30.31
N VAL Z 107 5.25 41.40 29.25
CA VAL Z 107 6.32 42.13 28.58
C VAL Z 107 5.93 42.29 27.11
N LEU Z 108 6.15 43.49 26.56
CA LEU Z 108 5.74 43.77 25.21
C LEU Z 108 6.94 44.13 24.36
N VAL Z 109 7.10 43.43 23.24
CA VAL Z 109 8.12 43.75 22.26
C VAL Z 109 7.39 44.31 21.04
N THR Z 110 7.77 45.51 20.62
CA THR Z 110 7.08 46.21 19.55
C THR Z 110 7.70 45.96 18.18
N THR Z 111 6.94 45.40 17.25
CA THR Z 111 7.45 45.18 15.91
C THR Z 111 7.41 46.49 15.11
N ALA Z 112 6.40 47.31 15.40
CA ALA Z 112 6.22 48.59 14.74
C ALA Z 112 5.17 49.39 15.48
N SER Z 113 5.16 50.70 15.23
CA SER Z 113 4.23 51.58 15.91
C SER Z 113 3.28 52.35 15.00
N VAL Z 114 2.07 52.57 15.51
CA VAL Z 114 1.13 53.53 14.93
C VAL Z 114 1.70 54.92 15.23
N ARG Z 115 1.83 55.75 14.19
CA ARG Z 115 2.56 57.00 14.33
C ARG Z 115 1.61 58.14 14.71
N LEU Z 116 1.35 58.30 16.00
CA LEU Z 116 0.46 59.34 16.46
C LEU Z 116 1.26 60.54 16.93
N ASP Z 117 2.44 60.71 16.37
CA ASP Z 117 3.39 61.69 16.84
C ASP Z 117 3.68 62.72 15.76
N GLY Z 118 4.47 63.73 16.09
CA GLY Z 118 4.83 64.71 15.09
C GLY Z 118 6.23 64.55 14.59
N ALA Z 119 7.12 64.06 15.45
CA ALA Z 119 8.55 64.09 15.18
C ALA Z 119 8.94 63.09 14.09
N SER Z 120 8.25 61.97 14.03
CA SER Z 120 8.56 61.00 12.97
C SER Z 120 8.41 61.63 11.58
N LEU Z 121 7.42 62.49 11.40
CA LEU Z 121 7.19 63.16 10.13
C LEU Z 121 8.34 64.03 9.73
N HIS Z 122 9.23 64.34 10.67
CA HIS Z 122 10.40 65.14 10.36
C HIS Z 122 11.54 64.28 9.76
N PHE Z 123 11.30 62.97 9.71
CA PHE Z 123 12.30 62.02 9.22
C PHE Z 123 11.86 61.24 7.98
N ALA Z 124 10.58 60.89 7.96
CA ALA Z 124 9.95 60.17 6.86
C ALA Z 124 8.46 60.56 6.77
N PRO Z 125 7.88 60.56 5.57
CA PRO Z 125 6.45 60.84 5.45
C PRO Z 125 5.62 59.76 6.12
N LEU Z 126 4.36 60.03 6.35
CA LEU Z 126 3.55 59.18 7.21
C LEU Z 126 3.45 57.73 6.69
N GLU Z 127 3.53 57.56 5.38
CA GLU Z 127 3.35 56.26 4.74
C GLU Z 127 4.48 55.30 5.04
N PHE Z 128 5.58 55.81 5.57
CA PHE Z 128 6.75 54.99 5.91
C PHE Z 128 6.53 54.32 7.23
N PRO Z 129 6.75 53.02 7.33
CA PRO Z 129 6.41 52.28 8.56
C PRO Z 129 7.35 52.60 9.71
N ALA Z 130 6.80 52.86 10.89
CA ALA Z 130 7.63 53.00 12.09
C ALA Z 130 7.98 51.61 12.58
N VAL Z 131 8.87 50.95 11.85
CA VAL Z 131 9.18 49.56 12.09
C VAL Z 131 10.50 49.39 12.80
N ALA Z 132 10.54 48.40 13.70
CA ALA Z 132 11.74 48.05 14.47
C ALA Z 132 12.72 47.26 13.60
N ASP Z 133 13.99 47.28 13.97
CA ASP Z 133 14.98 46.51 13.25
C ASP Z 133 14.75 45.04 13.61
N PHE Z 134 14.91 44.15 12.63
CA PHE Z 134 14.65 42.71 12.84
C PHE Z 134 15.60 42.01 13.83
N GLU Z 135 16.88 42.33 13.77
CA GLU Z 135 17.83 41.77 14.72
C GLU Z 135 17.56 42.21 16.16
N CYS Z 136 17.17 43.48 16.34
CA CYS Z 136 16.83 43.98 17.67
C CYS Z 136 15.59 43.28 18.19
N THR Z 137 14.55 43.18 17.38
CA THR Z 137 13.32 42.52 17.81
C THR Z 137 13.60 41.08 18.19
N THR Z 138 14.32 40.38 17.34
CA THR Z 138 14.72 39.00 17.60
C THR Z 138 15.46 38.88 18.92
N ALA Z 139 16.45 39.74 19.15
CA ALA Z 139 17.24 39.72 20.37
C ALA Z 139 16.34 39.94 21.58
N LEU Z 140 15.40 40.87 21.48
CA LEU Z 140 14.47 41.16 22.56
C LEU Z 140 13.52 40.01 22.84
N VAL Z 141 12.89 39.46 21.81
CA VAL Z 141 12.01 38.31 21.97
C VAL Z 141 12.78 37.14 22.58
N GLU Z 142 14.02 36.97 22.18
CA GLU Z 142 14.82 35.82 22.63
C GLU Z 142 15.35 35.99 24.05
N ALA Z 143 15.64 37.25 24.41
CA ALA Z 143 16.00 37.57 25.79
C ALA Z 143 14.82 37.24 26.70
N ALA Z 144 13.66 37.73 26.28
CA ALA Z 144 12.43 37.53 27.03
C ALA Z 144 12.15 36.05 27.26
N LYS Z 145 12.27 35.25 26.21
CA LYS Z 145 12.10 33.80 26.29
C LYS Z 145 13.09 33.15 27.26
N SER Z 146 14.28 33.74 27.37
CA SER Z 146 15.35 33.15 28.16
C SER Z 146 15.26 33.41 29.66
N ILE Z 147 14.71 34.56 30.06
CA ILE Z 147 14.50 34.83 31.49
C ILE Z 147 13.12 34.38 31.96
N GLY Z 148 12.20 34.17 31.01
CA GLY Z 148 10.94 33.51 31.32
C GLY Z 148 9.66 34.32 31.29
N ALA Z 149 9.73 35.59 30.88
CA ALA Z 149 8.57 36.49 30.87
C ALA Z 149 7.47 35.98 29.95
N THR Z 150 6.21 36.25 30.29
CA THR Z 150 5.14 36.01 29.32
C THR Z 150 5.04 37.22 28.39
N THR Z 151 5.32 36.98 27.12
CA THR Z 151 5.61 38.04 26.18
C THR Z 151 4.58 38.18 25.09
N HIS Z 152 4.29 39.42 24.71
CA HIS Z 152 3.46 39.72 23.57
C HIS Z 152 4.23 40.52 22.53
N VAL Z 153 4.11 40.10 21.29
CA VAL Z 153 4.85 40.71 20.20
C VAL Z 153 3.88 41.30 19.20
N GLY Z 154 4.00 42.58 18.90
CA GLY Z 154 3.03 43.22 18.02
C GLY Z 154 3.17 44.72 17.92
N VAL Z 155 2.03 45.39 17.66
CA VAL Z 155 2.00 46.82 17.34
C VAL Z 155 1.67 47.66 18.54
N THR Z 156 2.30 48.84 18.60
CA THR Z 156 2.14 49.81 19.67
C THR Z 156 1.68 51.16 19.11
N ALA Z 157 0.77 51.82 19.81
CA ALA Z 157 0.34 53.16 19.39
C ALA Z 157 1.21 54.20 20.09
N SER Z 158 1.90 55.00 19.31
CA SER Z 158 2.81 55.97 19.86
C SER Z 158 2.21 57.38 19.74
N SER Z 159 1.88 57.99 20.87
CA SER Z 159 1.15 59.24 20.90
C SER Z 159 1.94 60.42 21.47
N ASP Z 160 1.74 61.60 20.87
CA ASP Z 160 2.43 62.81 21.31
C ASP Z 160 1.86 63.40 22.61
N THR Z 161 0.67 62.95 22.97
CA THR Z 161 0.13 63.30 24.27
C THR Z 161 -0.14 62.07 25.12
N PHE Z 162 -0.14 62.29 26.44
CA PHE Z 162 -0.45 61.25 27.40
C PHE Z 162 -1.96 61.25 27.64
N TYR Z 163 -2.61 62.37 27.42
CA TYR Z 163 -4.04 62.46 27.66
C TYR Z 163 -4.95 62.24 26.44
N PRO Z 164 -5.24 63.28 25.65
CA PRO Z 164 -6.30 63.18 24.61
C PRO Z 164 -5.90 62.20 23.49
N GLY Z 165 -4.60 62.10 23.16
CA GLY Z 165 -4.14 61.18 22.13
C GLY Z 165 -4.20 59.72 22.56
N GLN Z 166 -4.29 59.51 23.87
CA GLN Z 166 -4.48 58.17 24.41
C GLN Z 166 -5.94 58.02 24.86
N GLU Z 167 -6.77 58.99 24.47
CA GLU Z 167 -8.21 59.06 24.75
C GLU Z 167 -8.59 59.07 26.23
N ARG Z 168 -7.85 59.83 27.01
CA ARG Z 168 -8.20 60.01 28.42
C ARG Z 168 -9.20 61.14 28.59
N TYR Z 169 -10.29 60.87 29.30
CA TYR Z 169 -11.31 61.89 29.53
C TYR Z 169 -11.25 62.54 30.92
N ASP Z 170 -10.34 62.06 31.77
CA ASP Z 170 -10.20 62.51 33.15
C ASP Z 170 -9.29 63.76 33.26
N THR Z 171 -9.71 64.87 32.67
CA THR Z 171 -8.78 65.98 32.41
C THR Z 171 -9.39 67.30 32.77
N TYR Z 172 -8.63 68.39 32.70
CA TYR Z 172 -9.16 69.72 33.00
C TYR Z 172 -10.41 70.05 32.18
N SER Z 173 -10.39 69.71 30.89
CA SER Z 173 -11.49 70.01 29.96
C SER Z 173 -12.50 68.89 29.85
N GLY Z 174 -12.03 67.66 29.97
CA GLY Z 174 -12.91 66.50 29.95
C GLY Z 174 -13.36 66.14 28.54
N ARG Z 175 -12.64 66.63 27.56
CA ARG Z 175 -13.00 66.36 26.18
C ARG Z 175 -11.81 65.94 25.35
N VAL Z 176 -12.11 65.28 24.25
CA VAL Z 176 -11.11 64.79 23.33
C VAL Z 176 -11.48 65.27 21.93
N VAL Z 177 -10.49 65.83 21.25
CA VAL Z 177 -10.64 66.37 19.92
C VAL Z 177 -11.23 65.34 18.92
N ARG Z 178 -12.14 65.80 18.06
CA ARG Z 178 -12.82 64.97 17.08
C ARG Z 178 -11.97 63.85 16.49
N HIS Z 179 -10.72 64.17 16.11
CA HIS Z 179 -9.87 63.20 15.45
C HIS Z 179 -9.60 61.97 16.32
N PHE Z 180 -9.50 62.16 17.63
CA PHE Z 180 -9.15 61.08 18.54
C PHE Z 180 -10.35 60.51 19.30
N LYS Z 181 -11.53 61.11 19.14
CA LYS Z 181 -12.75 60.55 19.72
C LYS Z 181 -13.05 59.16 19.17
N GLY Z 182 -13.07 58.17 20.05
CA GLY Z 182 -13.32 56.80 19.65
C GLY Z 182 -12.13 56.09 19.06
N SER Z 183 -10.95 56.69 19.15
CA SER Z 183 -9.76 56.11 18.55
C SER Z 183 -9.20 54.88 19.27
N MET Z 184 -9.38 54.81 20.59
CA MET Z 184 -8.84 53.70 21.36
C MET Z 184 -9.53 52.39 20.97
N GLU Z 185 -10.85 52.46 20.85
CA GLU Z 185 -11.63 51.32 20.40
C GLU Z 185 -11.14 50.80 19.05
N GLU Z 186 -10.85 51.73 18.12
CA GLU Z 186 -10.32 51.37 16.81
C GLU Z 186 -8.97 50.66 16.93
N TRP Z 187 -8.02 51.23 17.66
CA TRP Z 187 -6.72 50.55 17.84
C TRP Z 187 -6.88 49.19 18.51
N GLN Z 188 -7.77 49.07 19.49
CA GLN Z 188 -8.04 47.79 20.10
C GLN Z 188 -8.49 46.76 19.07
N ALA Z 189 -9.49 47.13 18.25
CA ALA Z 189 -10.01 46.25 17.21
C ALA Z 189 -8.92 45.78 16.23
N MET Z 190 -7.95 46.66 16.00
CA MET Z 190 -6.81 46.40 15.12
C MET Z 190 -5.63 45.66 15.77
N GLY Z 191 -5.84 45.14 16.98
CA GLY Z 191 -4.83 44.35 17.68
C GLY Z 191 -3.64 45.08 18.28
N VAL Z 192 -3.66 46.43 18.27
CA VAL Z 192 -2.64 47.26 18.93
C VAL Z 192 -2.53 46.92 20.42
N MET Z 193 -1.30 46.79 20.90
CA MET Z 193 -1.09 46.27 22.26
C MET Z 193 -1.26 47.28 23.37
N ASN Z 194 -0.76 48.49 23.14
CA ASN Z 194 -0.62 49.49 24.20
C ASN Z 194 -0.37 50.85 23.58
N TYR Z 195 -0.43 51.88 24.42
CA TYR Z 195 0.00 53.22 24.09
C TYR Z 195 1.32 53.48 24.79
N GLU Z 196 2.24 54.13 24.11
CA GLU Z 196 3.32 54.87 24.77
C GLU Z 196 3.64 56.14 23.95
N MET Z 197 4.79 56.75 24.18
CA MET Z 197 4.97 58.10 23.69
C MET Z 197 6.26 58.41 22.92
N GLU Z 198 7.11 57.40 22.68
CA GLU Z 198 8.40 57.72 22.07
C GLU Z 198 8.75 56.83 20.88
N SER Z 199 8.13 55.65 20.77
CA SER Z 199 8.60 54.65 19.80
C SER Z 199 8.43 55.09 18.33
N ALA Z 200 7.31 55.73 18.00
CA ALA Z 200 7.08 56.15 16.63
C ALA Z 200 8.23 57.01 16.13
N THR Z 201 8.68 57.97 16.96
CA THR Z 201 9.83 58.80 16.60
C THR Z 201 11.09 57.96 16.50
N LEU Z 202 11.39 57.24 17.57
CA LEU Z 202 12.60 56.42 17.62
C LEU Z 202 12.68 55.48 16.43
N LEU Z 203 11.68 54.61 16.26
CA LEU Z 203 11.72 53.60 15.19
C LEU Z 203 11.79 54.25 13.79
N THR Z 204 11.03 55.32 13.57
CA THR Z 204 11.04 55.95 12.26
C THR Z 204 12.36 56.59 11.99
N MET Z 205 12.87 57.33 12.97
CA MET Z 205 14.12 58.02 12.73
C MET Z 205 15.26 57.01 12.52
N CYS Z 206 15.19 55.86 13.15
CA CYS Z 206 16.26 54.89 13.01
C CYS Z 206 16.12 54.09 11.73
N ALA Z 207 14.91 53.60 11.46
CA ALA Z 207 14.62 52.77 10.30
C ALA Z 207 14.94 53.49 8.98
N SER Z 208 15.04 54.83 9.03
CA SER Z 208 15.23 55.63 7.83
C SER Z 208 16.65 56.25 7.70
N GLN Z 209 17.55 55.83 8.59
CA GLN Z 209 18.89 56.38 8.66
C GLN Z 209 19.92 55.29 8.95
N GLY Z 210 19.53 54.03 8.73
CA GLY Z 210 20.43 52.91 8.88
C GLY Z 210 20.91 52.70 10.29
N LEU Z 211 20.08 53.03 11.25
CA LEU Z 211 20.39 52.75 12.65
C LEU Z 211 19.43 51.65 13.04
N ARG Z 212 19.92 50.71 13.87
CA ARG Z 212 19.07 49.62 14.38
C ARG Z 212 18.40 50.02 15.68
N ALA Z 213 17.10 49.76 15.77
CA ALA Z 213 16.32 50.09 16.97
C ALA Z 213 15.37 48.97 17.31
N GLY Z 214 15.10 48.83 18.60
CA GLY Z 214 14.09 47.92 19.10
C GLY Z 214 13.47 48.49 20.35
N MET Z 215 12.30 47.97 20.70
CA MET Z 215 11.67 48.37 21.95
C MET Z 215 10.99 47.25 22.72
N VAL Z 216 11.21 47.28 24.04
CA VAL Z 216 10.61 46.36 24.99
C VAL Z 216 10.08 47.15 26.19
N ALA Z 217 8.95 46.72 26.75
CA ALA Z 217 8.37 47.41 27.87
C ALA Z 217 7.63 46.43 28.74
N GLY Z 218 7.60 46.70 30.04
CA GLY Z 218 6.78 45.95 30.97
C GLY Z 218 5.42 46.59 31.16
N VAL Z 219 4.38 45.77 31.23
CA VAL Z 219 3.04 46.28 31.49
C VAL Z 219 2.85 46.57 32.98
N ILE Z 220 2.54 47.83 33.31
CA ILE Z 220 2.30 48.25 34.68
C ILE Z 220 0.82 48.58 34.95
N VAL Z 221 0.02 48.72 33.89
CA VAL Z 221 -1.40 48.99 34.04
C VAL Z 221 -2.21 48.50 32.82
N ASN Z 222 -3.50 48.23 33.03
CA ASN Z 222 -4.36 47.84 31.93
C ASN Z 222 -5.61 48.70 31.87
N ARG Z 223 -5.73 49.47 30.79
CA ARG Z 223 -6.87 50.38 30.58
C ARG Z 223 -8.23 49.69 30.51
N THR Z 224 -8.26 48.43 30.08
CA THR Z 224 -9.53 47.73 29.87
C THR Z 224 -10.13 47.22 31.15
N GLN Z 225 -9.28 46.87 32.10
CA GLN Z 225 -9.73 46.54 33.44
C GLN Z 225 -9.75 47.82 34.26
N GLN Z 226 -10.29 47.71 35.46
CA GLN Z 226 -10.18 48.77 36.45
C GLN Z 226 -8.78 48.67 37.06
N GLU Z 227 -8.73 48.51 38.39
CA GLU Z 227 -7.64 47.85 39.10
C GLU Z 227 -6.25 48.40 38.85
N ILE Z 228 -5.95 49.54 39.49
CA ILE Z 228 -4.57 50.02 39.57
C ILE Z 228 -3.84 49.07 40.51
N PRO Z 229 -2.85 48.34 39.98
CA PRO Z 229 -2.17 47.29 40.74
C PRO Z 229 -1.49 47.82 41.99
N ASN Z 230 -0.20 48.13 41.91
CA ASN Z 230 0.59 48.40 43.11
C ASN Z 230 1.92 49.07 42.83
N ALA Z 231 2.42 49.81 43.83
CA ALA Z 231 3.74 50.44 43.77
C ALA Z 231 4.84 49.38 43.68
N GLU Z 232 4.61 48.24 44.34
CA GLU Z 232 5.62 47.18 44.43
C GLU Z 232 5.60 46.20 43.27
N THR Z 233 4.43 45.91 42.72
CA THR Z 233 4.32 45.07 41.52
C THR Z 233 4.85 45.80 40.28
N MET Z 234 4.67 47.12 40.27
CA MET Z 234 5.20 48.03 39.26
C MET Z 234 6.75 48.10 39.29
N LYS Z 235 7.33 48.06 40.49
CA LYS Z 235 8.78 48.08 40.66
C LYS Z 235 9.43 46.79 40.15
N GLN Z 236 8.71 45.68 40.29
CA GLN Z 236 9.25 44.37 39.98
C GLN Z 236 9.13 44.01 38.52
N THR Z 237 8.01 44.42 37.91
CA THR Z 237 7.78 44.27 36.48
C THR Z 237 8.82 45.09 35.70
N GLU Z 238 9.17 46.24 36.26
CA GLU Z 238 10.12 47.18 35.68
C GLU Z 238 11.52 46.56 35.65
N SER Z 239 11.89 45.88 36.74
CA SER Z 239 13.17 45.15 36.84
C SER Z 239 13.27 44.00 35.87
N HIS Z 240 12.14 43.31 35.68
CA HIS Z 240 11.98 42.24 34.70
C HIS Z 240 12.37 42.67 33.31
N ALA Z 241 11.73 43.74 32.84
CA ALA Z 241 11.98 44.28 31.52
C ALA Z 241 13.41 44.81 31.36
N VAL Z 242 13.95 45.45 32.39
CA VAL Z 242 15.33 45.93 32.36
C VAL Z 242 16.28 44.76 32.15
N LYS Z 243 16.13 43.71 32.95
CA LYS Z 243 16.86 42.46 32.75
C LYS Z 243 16.80 42.00 31.27
N ILE Z 244 15.62 42.04 30.66
CA ILE Z 244 15.46 41.63 29.26
C ILE Z 244 16.25 42.55 28.31
N VAL Z 245 16.11 43.87 28.44
CA VAL Z 245 16.83 44.77 27.54
C VAL Z 245 18.36 44.59 27.64
N VAL Z 246 18.87 44.39 28.84
CA VAL Z 246 20.30 44.26 28.99
C VAL Z 246 20.73 42.95 28.36
N GLU Z 247 19.96 41.89 28.59
CA GLU Z 247 20.26 40.58 27.98
C GLU Z 247 20.22 40.69 26.46
N ALA Z 248 19.25 41.43 25.94
CA ALA Z 248 19.13 41.62 24.51
C ALA Z 248 20.33 42.37 24.00
N ALA Z 249 20.77 43.39 24.74
CA ALA Z 249 21.97 44.15 24.40
C ALA Z 249 23.18 43.22 24.22
N ARG Z 250 23.27 42.19 25.07
CA ARG Z 250 24.36 41.24 25.04
C ARG Z 250 24.43 40.54 23.72
N ARG Z 251 23.27 40.17 23.19
CA ARG Z 251 23.17 39.39 21.96
C ARG Z 251 23.43 40.26 20.75
N LEU Z 252 23.39 41.58 20.92
CA LEU Z 252 23.52 42.51 19.81
C LEU Z 252 24.92 43.10 19.70
N LEU Z 253 25.80 42.72 20.62
CA LEU Z 253 27.11 43.34 20.73
C LEU Z 253 28.12 42.91 19.68
N SER AA 4 -20.52 27.44 -4.06
CA SER AA 4 -19.39 28.33 -3.63
C SER AA 4 -19.73 29.27 -2.43
N ASP AA 5 -18.82 29.32 -1.44
CA ASP AA 5 -19.02 30.10 -0.21
C ASP AA 5 -18.57 31.57 -0.26
N VAL AA 6 -17.70 31.90 -1.22
CA VAL AA 6 -17.17 33.26 -1.37
C VAL AA 6 -17.47 33.80 -2.76
N PHE AA 7 -17.58 35.11 -2.88
CA PHE AA 7 -18.08 35.70 -4.13
C PHE AA 7 -17.10 35.61 -5.31
N HIS AA 8 -15.80 35.77 -5.07
CA HIS AA 8 -14.84 35.81 -6.18
C HIS AA 8 -14.03 34.55 -6.43
N LEU AA 9 -13.53 33.93 -5.36
CA LEU AA 9 -12.59 32.81 -5.50
C LEU AA 9 -13.23 31.52 -6.02
N GLY AA 10 -14.56 31.42 -5.92
CA GLY AA 10 -15.26 30.21 -6.27
C GLY AA 10 -14.80 28.98 -5.49
N LEU AA 11 -14.75 29.09 -4.16
CA LEU AA 11 -14.30 28.00 -3.28
C LEU AA 11 -15.31 27.79 -2.18
N THR AA 12 -15.27 26.61 -1.56
CA THR AA 12 -16.08 26.30 -0.38
C THR AA 12 -15.17 25.96 0.79
N LYS AA 13 -15.64 26.17 2.02
CA LYS AA 13 -14.85 25.86 3.22
C LYS AA 13 -14.30 24.43 3.10
N ASN AA 14 -15.14 23.54 2.59
CA ASN AA 14 -14.80 22.15 2.34
C ASN AA 14 -13.56 21.91 1.47
N ASP AA 15 -13.43 22.68 0.38
CA ASP AA 15 -12.31 22.53 -0.56
C ASP AA 15 -10.96 22.63 0.12
N LEU AA 16 -10.93 23.38 1.23
CA LEU AA 16 -9.69 23.70 1.93
C LEU AA 16 -9.25 22.58 2.87
N GLN AA 17 -10.18 21.71 3.24
CA GLN AA 17 -9.93 20.57 4.15
C GLN AA 17 -9.22 20.97 5.44
N GLY AA 18 -9.60 22.11 5.99
CA GLY AA 18 -9.08 22.56 7.26
C GLY AA 18 -7.75 23.28 7.16
N ALA AA 19 -7.29 23.59 5.95
CA ALA AA 19 -6.11 24.42 5.73
C ALA AA 19 -6.29 25.75 6.44
N THR AA 20 -5.20 26.25 7.03
CA THR AA 20 -5.21 27.55 7.67
C THR AA 20 -4.06 28.45 7.19
N LEU AA 21 -3.22 27.93 6.29
CA LEU AA 21 -2.12 28.72 5.77
C LEU AA 21 -2.22 28.78 4.26
N ALA AA 22 -1.93 29.95 3.69
CA ALA AA 22 -1.93 30.10 2.23
C ALA AA 22 -0.67 30.78 1.74
N ILE AA 23 -0.10 30.24 0.68
CA ILE AA 23 0.97 30.90 -0.05
C ILE AA 23 0.30 31.69 -1.18
N VAL AA 24 0.57 32.99 -1.23
CA VAL AA 24 -0.14 33.86 -2.18
C VAL AA 24 0.78 34.56 -3.17
N PRO AA 25 1.03 33.93 -4.31
CA PRO AA 25 1.80 34.56 -5.40
C PRO AA 25 0.92 35.54 -6.13
N GLY AA 26 1.51 36.36 -6.98
CA GLY AA 26 0.72 37.32 -7.72
C GLY AA 26 0.11 36.75 -8.98
N ASP AA 27 0.86 35.89 -9.65
CA ASP AA 27 0.52 35.40 -10.98
C ASP AA 27 -0.21 34.04 -10.97
N PRO AA 28 -1.44 33.99 -11.47
CA PRO AA 28 -2.19 32.74 -11.52
C PRO AA 28 -1.39 31.59 -12.13
N ASP AA 29 -0.55 31.87 -13.12
CA ASP AA 29 0.23 30.86 -13.83
C ASP AA 29 1.37 30.27 -13.00
N ARG AA 30 1.72 30.96 -11.92
CA ARG AA 30 2.79 30.53 -11.03
C ARG AA 30 2.24 29.64 -9.89
N VAL AA 31 0.92 29.60 -9.73
CA VAL AA 31 0.28 28.88 -8.62
C VAL AA 31 0.55 27.38 -8.68
N GLU AA 32 0.30 26.78 -9.86
CA GLU AA 32 0.50 25.35 -10.06
C GLU AA 32 1.96 24.93 -9.86
N LYS AA 33 2.89 25.76 -10.35
CA LYS AA 33 4.32 25.52 -10.17
C LYS AA 33 4.68 25.38 -8.70
N ILE AA 34 4.14 26.28 -7.86
CA ILE AA 34 4.39 26.29 -6.43
C ILE AA 34 3.78 25.06 -5.76
N ALA AA 35 2.50 24.81 -6.06
CA ALA AA 35 1.76 23.67 -5.49
C ALA AA 35 2.51 22.36 -5.76
N ALA AA 36 3.08 22.27 -6.95
CA ALA AA 36 3.78 21.06 -7.41
C ALA AA 36 5.03 20.71 -6.60
N LEU AA 37 5.52 21.68 -5.82
CA LEU AA 37 6.66 21.44 -4.94
C LEU AA 37 6.24 20.78 -3.63
N MET AA 38 4.92 20.60 -3.46
CA MET AA 38 4.37 19.97 -2.27
C MET AA 38 3.66 18.64 -2.63
N ASP AA 39 3.07 17.98 -1.65
CA ASP AA 39 2.42 16.70 -1.93
C ASP AA 39 0.96 16.85 -2.31
N LYS AA 40 0.47 15.90 -3.11
CA LYS AA 40 -0.93 15.81 -3.52
C LYS AA 40 -1.54 17.14 -3.99
N PRO AA 41 -0.90 17.80 -4.97
CA PRO AA 41 -1.43 19.05 -5.52
C PRO AA 41 -2.70 18.85 -6.33
N VAL AA 42 -3.71 19.65 -6.05
CA VAL AA 42 -5.00 19.53 -6.72
C VAL AA 42 -5.50 20.92 -7.06
N LYS AA 43 -5.87 21.15 -8.33
CA LYS AA 43 -6.52 22.40 -8.70
C LYS AA 43 -7.90 22.48 -8.05
N LEU AA 44 -8.18 23.59 -7.38
CA LEU AA 44 -9.48 23.79 -6.75
C LEU AA 44 -10.39 24.65 -7.62
N ALA AA 45 -9.87 25.78 -8.08
CA ALA AA 45 -10.69 26.73 -8.82
C ALA AA 45 -9.85 27.75 -9.57
N SER AA 46 -10.48 28.39 -10.54
CA SER AA 46 -9.83 29.40 -11.34
C SER AA 46 -10.88 30.38 -11.85
N HIS AA 47 -10.88 31.58 -11.29
CA HIS AA 47 -11.79 32.65 -11.70
C HIS AA 47 -11.05 33.97 -11.71
N ARG AA 48 -11.21 34.73 -12.77
CA ARG AA 48 -10.48 35.98 -12.98
C ARG AA 48 -8.99 35.72 -12.71
N GLU AA 49 -8.35 36.59 -11.92
CA GLU AA 49 -6.93 36.41 -11.61
C GLU AA 49 -6.69 35.48 -10.43
N PHE AA 50 -7.76 34.88 -9.90
CA PHE AA 50 -7.67 34.01 -8.74
C PHE AA 50 -7.65 32.51 -9.09
N THR AA 51 -6.46 31.92 -9.08
CA THR AA 51 -6.28 30.49 -9.27
C THR AA 51 -5.90 29.88 -7.94
N THR AA 52 -6.59 28.82 -7.54
CA THR AA 52 -6.37 28.20 -6.25
C THR AA 52 -6.05 26.73 -6.37
N TRP AA 53 -4.92 26.32 -5.80
CA TRP AA 53 -4.59 24.90 -5.67
C TRP AA 53 -4.51 24.57 -4.19
N ARG AA 54 -4.79 23.32 -3.85
CA ARG AA 54 -4.56 22.82 -2.52
C ARG AA 54 -3.44 21.81 -2.65
N ALA AA 55 -2.60 21.73 -1.64
CA ALA AA 55 -1.59 20.68 -1.57
C ALA AA 55 -1.38 20.26 -0.12
N GLU AA 56 -0.31 19.52 0.11
CA GLU AA 56 -0.05 19.01 1.43
C GLU AA 56 1.42 19.17 1.80
N LEU AA 57 1.65 19.56 3.04
CA LEU AA 57 2.97 19.80 3.56
C LEU AA 57 3.09 19.17 4.95
N ASP AA 58 4.04 18.26 5.11
CA ASP AA 58 4.13 17.37 6.29
C ASP AA 58 2.73 16.91 6.72
N GLY AA 59 1.99 16.35 5.76
CA GLY AA 59 0.66 15.82 6.00
C GLY AA 59 -0.43 16.82 6.36
N LYS AA 60 -0.14 18.12 6.23
CA LYS AA 60 -1.13 19.15 6.50
C LYS AA 60 -1.55 19.88 5.22
N PRO AA 61 -2.85 20.13 5.06
CA PRO AA 61 -3.35 20.81 3.87
C PRO AA 61 -2.92 22.27 3.85
N VAL AA 62 -2.53 22.73 2.66
CA VAL AA 62 -2.02 24.08 2.46
C VAL AA 62 -2.63 24.62 1.18
N ILE AA 63 -2.98 25.91 1.16
CA ILE AA 63 -3.53 26.56 -0.02
C ILE AA 63 -2.47 27.37 -0.78
N VAL AA 64 -2.52 27.33 -2.10
CA VAL AA 64 -1.76 28.26 -2.92
C VAL AA 64 -2.78 29.01 -3.78
N CYS AA 65 -2.79 30.33 -3.67
CA CYS AA 65 -3.81 31.16 -4.31
C CYS AA 65 -3.22 32.46 -4.83
N SER AA 66 -3.49 32.78 -6.10
CA SER AA 66 -2.95 34.00 -6.71
C SER AA 66 -3.78 35.22 -6.39
N THR AA 67 -3.11 36.36 -6.24
CA THR AA 67 -3.76 37.62 -5.85
C THR AA 67 -4.08 38.51 -7.03
N GLY AA 68 -3.39 38.25 -8.15
CA GLY AA 68 -3.35 39.18 -9.27
C GLY AA 68 -2.43 40.33 -8.89
N ILE AA 69 -2.36 41.37 -9.72
CA ILE AA 69 -1.50 42.52 -9.44
C ILE AA 69 -2.25 43.55 -8.63
N GLY AA 70 -1.66 43.99 -7.53
CA GLY AA 70 -2.16 45.15 -6.82
C GLY AA 70 -3.03 44.91 -5.60
N GLY AA 71 -3.12 45.96 -4.77
CA GLY AA 71 -3.84 45.89 -3.53
C GLY AA 71 -5.28 45.42 -3.65
N PRO AA 72 -6.05 46.03 -4.55
CA PRO AA 72 -7.48 45.75 -4.67
C PRO AA 72 -7.78 44.26 -4.84
N SER AA 73 -7.15 43.60 -5.80
CA SER AA 73 -7.42 42.18 -5.98
C SER AA 73 -6.82 41.34 -4.86
N THR AA 74 -5.65 41.75 -4.36
CA THR AA 74 -5.06 41.13 -3.20
C THR AA 74 -6.04 41.14 -2.05
N SER AA 75 -6.69 42.27 -1.83
CA SER AA 75 -7.62 42.41 -0.71
C SER AA 75 -8.84 41.52 -0.85
N ILE AA 76 -9.26 41.25 -2.09
CA ILE AA 76 -10.34 40.29 -2.33
C ILE AA 76 -9.92 38.86 -1.94
N ALA AA 77 -8.80 38.41 -2.49
CA ALA AA 77 -8.27 37.08 -2.21
C ALA AA 77 -8.07 36.83 -0.72
N VAL AA 78 -7.41 37.76 -0.03
CA VAL AA 78 -7.13 37.62 1.39
C VAL AA 78 -8.41 37.56 2.25
N GLU AA 79 -9.31 38.51 2.04
CA GLU AA 79 -10.58 38.54 2.76
C GLU AA 79 -11.33 37.22 2.61
N GLU AA 80 -11.46 36.75 1.37
CA GLU AA 80 -12.26 35.56 1.08
C GLU AA 80 -11.58 34.29 1.58
N LEU AA 81 -10.26 34.23 1.48
CA LEU AA 81 -9.50 33.14 2.08
C LEU AA 81 -9.66 33.14 3.60
N ALA AA 82 -9.68 34.33 4.20
CA ALA AA 82 -9.87 34.47 5.65
C ALA AA 82 -11.22 33.94 6.06
N GLN AA 83 -12.24 34.25 5.24
CA GLN AA 83 -13.59 33.74 5.43
C GLN AA 83 -13.61 32.22 5.45
N LEU AA 84 -12.78 31.60 4.61
CA LEU AA 84 -12.78 30.13 4.50
C LEU AA 84 -11.88 29.46 5.53
N GLY AA 85 -11.19 30.28 6.33
CA GLY AA 85 -10.44 29.79 7.47
C GLY AA 85 -8.95 29.97 7.44
N ILE AA 86 -8.41 30.60 6.39
CA ILE AA 86 -6.97 30.89 6.35
C ILE AA 86 -6.62 31.95 7.41
N ARG AA 87 -5.54 31.71 8.16
CA ARG AA 87 -5.08 32.64 9.20
C ARG AA 87 -3.62 33.09 9.01
N THR AA 88 -2.92 32.46 8.08
CA THR AA 88 -1.53 32.81 7.80
C THR AA 88 -1.34 32.98 6.30
N PHE AA 89 -0.75 34.10 5.91
CA PHE AA 89 -0.56 34.40 4.50
C PHE AA 89 0.91 34.67 4.18
N LEU AA 90 1.47 33.85 3.31
CA LEU AA 90 2.85 34.07 2.92
C LEU AA 90 2.90 34.50 1.48
N ARG AA 91 3.36 35.72 1.29
CA ARG AA 91 3.48 36.20 -0.05
C ARG AA 91 4.84 35.90 -0.71
N ILE AA 92 4.78 35.41 -1.94
CA ILE AA 92 5.96 35.12 -2.72
C ILE AA 92 5.88 35.96 -3.98
N GLY AA 93 6.91 36.77 -4.21
CA GLY AA 93 6.90 37.67 -5.37
C GLY AA 93 8.21 37.86 -6.12
N THR AA 94 8.13 38.64 -7.20
CA THR AA 94 9.32 39.13 -7.88
C THR AA 94 9.38 40.62 -7.61
N THR AA 95 10.58 41.17 -7.65
CA THR AA 95 10.75 42.55 -7.28
C THR AA 95 11.97 43.16 -7.94
N GLY AA 96 11.99 44.49 -7.94
CA GLY AA 96 13.13 45.24 -8.43
C GLY AA 96 13.77 46.00 -7.28
N ALA AA 97 15.06 45.74 -7.07
CA ALA AA 97 15.78 46.38 -5.98
C ALA AA 97 16.11 47.79 -6.39
N ILE AA 98 16.24 48.66 -5.39
CA ILE AA 98 16.67 50.04 -5.60
C ILE AA 98 17.94 50.37 -4.83
N GLN AA 99 18.54 49.39 -4.18
CA GLN AA 99 19.84 49.57 -3.55
C GLN AA 99 20.92 48.94 -4.43
N PRO AA 100 22.04 49.63 -4.62
CA PRO AA 100 23.13 49.10 -5.48
C PRO AA 100 23.80 47.83 -4.95
N HIS AA 101 23.74 47.58 -3.65
CA HIS AA 101 24.39 46.41 -3.10
C HIS AA 101 23.57 45.13 -3.26
N ILE AA 102 22.28 45.27 -3.59
CA ILE AA 102 21.38 44.13 -3.75
C ILE AA 102 21.44 43.62 -5.18
N ASN AA 103 21.75 42.34 -5.36
CA ASN AA 103 21.90 41.78 -6.71
C ASN AA 103 20.73 40.93 -7.19
N VAL AA 104 20.59 40.85 -8.50
CA VAL AA 104 19.67 39.92 -9.12
C VAL AA 104 20.03 38.53 -8.62
N GLY AA 105 19.06 37.83 -8.05
CA GLY AA 105 19.32 36.53 -7.45
C GLY AA 105 19.19 36.54 -5.95
N ASP AA 106 19.30 37.74 -5.37
CA ASP AA 106 19.23 37.92 -3.93
C ASP AA 106 17.78 37.76 -3.54
N VAL AA 107 17.56 37.48 -2.26
CA VAL AA 107 16.22 37.26 -1.74
C VAL AA 107 15.90 38.37 -0.73
N LEU AA 108 14.71 38.96 -0.83
CA LEU AA 108 14.31 40.01 0.09
C LEU AA 108 13.15 39.61 0.98
N VAL AA 109 13.37 39.73 2.30
CA VAL AA 109 12.32 39.51 3.26
C VAL AA 109 11.92 40.86 3.80
N THR AA 110 10.63 41.19 3.69
CA THR AA 110 10.13 42.51 4.06
C THR AA 110 9.65 42.52 5.51
N THR AA 111 10.20 43.41 6.33
CA THR AA 111 9.74 43.57 7.71
C THR AA 111 8.52 44.45 7.79
N ALA AA 112 8.47 45.48 6.94
CA ALA AA 112 7.30 46.35 6.81
C ALA AA 112 7.36 47.12 5.49
N SER AA 113 6.23 47.66 5.04
CA SER AA 113 6.20 48.41 3.78
C SER AA 113 5.86 49.89 3.87
N VAL AA 114 6.47 50.69 3.01
CA VAL AA 114 6.01 52.05 2.74
C VAL AA 114 4.68 51.90 2.00
N ARG AA 115 3.65 52.54 2.52
CA ARG AA 115 2.28 52.37 2.03
C ARG AA 115 1.94 53.35 0.91
N LEU AA 116 2.40 53.03 -0.29
CA LEU AA 116 2.12 53.83 -1.47
C LEU AA 116 0.89 53.29 -2.23
N ASP AA 117 -0.04 52.68 -1.49
CA ASP AA 117 -1.20 52.06 -2.10
C ASP AA 117 -2.49 52.70 -1.60
N GLY AA 118 -3.62 52.29 -2.14
CA GLY AA 118 -4.90 52.84 -1.75
C GLY AA 118 -5.65 51.94 -0.80
N ALA AA 119 -5.51 50.62 -1.00
CA ALA AA 119 -6.30 49.62 -0.26
C ALA AA 119 -5.98 49.52 1.23
N SER AA 120 -4.72 49.68 1.60
CA SER AA 120 -4.39 49.62 3.01
C SER AA 120 -5.21 50.66 3.82
N LEU AA 121 -5.40 51.85 3.25
CA LEU AA 121 -6.22 52.88 3.88
C LEU AA 121 -7.64 52.41 4.22
N HIS AA 122 -8.08 51.36 3.53
CA HIS AA 122 -9.45 50.84 3.71
C HIS AA 122 -9.50 49.89 4.90
N PHE AA 123 -8.32 49.61 5.49
CA PHE AA 123 -8.26 48.78 6.68
C PHE AA 123 -7.76 49.51 7.92
N ALA AA 124 -6.76 50.37 7.74
CA ALA AA 124 -6.24 51.20 8.83
C ALA AA 124 -5.76 52.53 8.27
N PRO AA 125 -5.83 53.62 9.08
CA PRO AA 125 -5.32 54.93 8.64
C PRO AA 125 -3.83 54.91 8.40
N LEU AA 126 -3.31 55.87 7.65
CA LEU AA 126 -1.94 55.83 7.16
C LEU AA 126 -0.88 55.61 8.25
N GLU AA 127 -1.08 56.26 9.40
CA GLU AA 127 -0.18 56.12 10.55
C GLU AA 127 0.05 54.68 11.04
N PHE AA 128 -0.83 53.75 10.69
CA PHE AA 128 -0.70 52.37 11.12
C PHE AA 128 0.36 51.68 10.26
N PRO AA 129 1.29 50.98 10.90
CA PRO AA 129 2.43 50.39 10.18
C PRO AA 129 2.01 49.17 9.36
N ALA AA 130 2.39 49.15 8.08
CA ALA AA 130 2.23 47.96 7.23
C ALA AA 130 3.30 46.91 7.58
N VAL AA 131 3.21 46.39 8.80
CA VAL AA 131 4.24 45.52 9.37
C VAL AA 131 3.90 44.03 9.26
N ALA AA 132 4.91 43.27 8.89
CA ALA AA 132 4.79 41.82 8.77
C ALA AA 132 4.77 41.17 10.13
N ASP AA 133 4.13 40.01 10.20
CA ASP AA 133 4.08 39.19 11.40
C ASP AA 133 5.47 38.72 11.77
N PHE AA 134 5.80 38.80 13.05
CA PHE AA 134 7.14 38.44 13.53
C PHE AA 134 7.51 36.98 13.28
N GLU AA 135 6.57 36.07 13.55
CA GLU AA 135 6.82 34.64 13.29
C GLU AA 135 7.03 34.33 11.81
N CYS AA 136 6.18 34.89 10.95
CA CYS AA 136 6.29 34.70 9.52
C CYS AA 136 7.63 35.21 9.02
N THR AA 137 8.00 36.42 9.41
CA THR AA 137 9.29 36.99 9.03
C THR AA 137 10.43 36.07 9.49
N THR AA 138 10.36 35.62 10.75
CA THR AA 138 11.35 34.72 11.32
C THR AA 138 11.48 33.44 10.48
N ALA AA 139 10.33 32.79 10.22
CA ALA AA 139 10.31 31.59 9.38
C ALA AA 139 10.91 31.84 8.01
N LEU AA 140 10.61 33.00 7.42
CA LEU AA 140 11.15 33.34 6.12
C LEU AA 140 12.66 33.54 6.17
N VAL AA 141 13.13 34.31 7.15
CA VAL AA 141 14.56 34.58 7.29
C VAL AA 141 15.32 33.26 7.53
N GLU AA 142 14.76 32.41 8.38
CA GLU AA 142 15.39 31.13 8.76
C GLU AA 142 15.38 30.15 7.60
N ALA AA 143 14.32 30.16 6.79
CA ALA AA 143 14.22 29.30 5.63
C ALA AA 143 15.29 29.69 4.63
N ALA AA 144 15.47 31.01 4.46
CA ALA AA 144 16.48 31.55 3.55
C ALA AA 144 17.89 31.17 3.98
N LYS AA 145 18.15 31.23 5.30
CA LYS AA 145 19.43 30.80 5.88
C LYS AA 145 19.70 29.33 5.60
N SER AA 146 18.66 28.51 5.71
CA SER AA 146 18.74 27.07 5.62
C SER AA 146 19.04 26.55 4.20
N ILE AA 147 18.69 27.32 3.18
CA ILE AA 147 19.03 26.95 1.81
C ILE AA 147 20.17 27.81 1.28
N GLY AA 148 20.67 28.72 2.11
CA GLY AA 148 21.89 29.46 1.83
C GLY AA 148 21.84 30.59 0.83
N ALA AA 149 20.65 31.15 0.60
CA ALA AA 149 20.51 32.30 -0.31
C ALA AA 149 21.04 33.57 0.33
N THR AA 150 21.65 34.45 -0.46
CA THR AA 150 22.06 35.74 0.09
C THR AA 150 20.82 36.63 0.26
N THR AA 151 20.58 37.07 1.49
CA THR AA 151 19.29 37.62 1.88
C THR AA 151 19.40 39.05 2.40
N HIS AA 152 18.41 39.87 2.08
CA HIS AA 152 18.27 41.16 2.72
C HIS AA 152 16.92 41.29 3.42
N VAL AA 153 16.96 41.86 4.62
CA VAL AA 153 15.80 41.96 5.47
C VAL AA 153 15.59 43.44 5.69
N GLY AA 154 14.39 43.94 5.42
CA GLY AA 154 14.15 45.35 5.58
C GLY AA 154 12.85 45.85 5.01
N VAL AA 155 12.85 47.15 4.68
CA VAL AA 155 11.65 47.88 4.29
C VAL AA 155 11.45 47.86 2.76
N THR AA 156 10.20 47.62 2.34
CA THR AA 156 9.80 47.61 0.93
C THR AA 156 8.84 48.77 0.61
N ALA AA 157 9.00 49.41 -0.55
CA ALA AA 157 8.06 50.42 -0.97
C ALA AA 157 7.02 49.74 -1.84
N SER AA 158 5.76 49.82 -1.43
CA SER AA 158 4.68 49.07 -2.07
C SER AA 158 3.72 50.01 -2.81
N SER AA 159 3.75 49.96 -4.13
CA SER AA 159 3.17 51.04 -4.94
C SER AA 159 1.93 50.57 -5.70
N ASP AA 160 0.90 51.41 -5.78
CA ASP AA 160 -0.27 51.07 -6.59
C ASP AA 160 -0.02 51.11 -8.11
N THR AA 161 1.14 51.60 -8.55
CA THR AA 161 1.44 51.57 -9.97
C THR AA 161 2.80 50.96 -10.17
N PHE AA 162 2.99 50.40 -11.36
CA PHE AA 162 4.26 49.87 -11.77
C PHE AA 162 5.13 50.98 -12.32
N TYR AA 163 4.50 51.99 -12.93
CA TYR AA 163 5.24 53.04 -13.62
C TYR AA 163 5.51 54.30 -12.76
N PRO AA 164 4.56 55.24 -12.68
CA PRO AA 164 4.86 56.54 -12.04
C PRO AA 164 5.19 56.37 -10.58
N GLY AA 165 4.48 55.51 -9.88
CA GLY AA 165 4.72 55.30 -8.46
C GLY AA 165 6.06 54.67 -8.11
N GLN AA 166 6.70 54.11 -9.11
CA GLN AA 166 8.05 53.59 -8.96
C GLN AA 166 9.00 54.48 -9.74
N GLU AA 167 8.54 55.69 -10.05
CA GLU AA 167 9.30 56.70 -10.76
C GLU AA 167 9.98 56.14 -12.00
N ARG AA 168 9.20 55.47 -12.83
CA ARG AA 168 9.64 55.12 -14.17
C ARG AA 168 9.26 56.21 -15.19
N TYR AA 169 10.25 56.66 -15.98
CA TYR AA 169 10.03 57.75 -16.94
C TYR AA 169 9.87 57.25 -18.36
N ASP AA 170 10.21 55.99 -18.58
CA ASP AA 170 10.14 55.49 -19.93
C ASP AA 170 8.74 54.95 -20.21
N THR AA 171 7.83 55.89 -20.46
CA THR AA 171 6.41 55.60 -20.54
C THR AA 171 5.80 56.38 -21.70
N TYR AA 172 4.49 56.22 -21.88
CA TYR AA 172 3.74 56.98 -22.87
C TYR AA 172 3.93 58.51 -22.71
N SER AA 173 3.77 59.00 -21.47
CA SER AA 173 3.82 60.42 -21.18
C SER AA 173 5.23 60.92 -20.89
N GLY AA 174 6.07 60.04 -20.38
CA GLY AA 174 7.45 60.39 -20.08
C GLY AA 174 7.60 61.25 -18.85
N ARG AA 175 6.54 61.31 -18.04
CA ARG AA 175 6.53 62.22 -16.93
C ARG AA 175 5.95 61.57 -15.69
N VAL AA 176 6.35 62.08 -14.53
CA VAL AA 176 5.85 61.59 -13.26
C VAL AA 176 5.18 62.72 -12.46
N VAL AA 177 4.01 62.44 -11.89
CA VAL AA 177 3.28 63.40 -11.06
C VAL AA 177 4.18 64.02 -9.98
N ARG AA 178 3.99 65.32 -9.74
CA ARG AA 178 4.80 66.07 -8.78
C ARG AA 178 5.10 65.28 -7.51
N HIS AA 179 4.06 64.74 -6.89
CA HIS AA 179 4.21 63.95 -5.67
C HIS AA 179 5.28 62.87 -5.74
N PHE AA 180 5.47 62.22 -6.89
CA PHE AA 180 6.42 61.10 -6.98
C PHE AA 180 7.77 61.47 -7.57
N LYS AA 181 7.90 62.69 -8.09
CA LYS AA 181 9.16 63.17 -8.66
C LYS AA 181 10.24 63.19 -7.58
N GLY AA 182 11.36 62.52 -7.83
CA GLY AA 182 12.41 62.40 -6.84
C GLY AA 182 12.13 61.43 -5.70
N SER AA 183 11.03 60.68 -5.79
CA SER AA 183 10.68 59.79 -4.69
C SER AA 183 11.61 58.58 -4.55
N MET AA 184 12.14 58.05 -5.65
CA MET AA 184 12.96 56.85 -5.57
C MET AA 184 14.24 57.17 -4.83
N GLU AA 185 14.84 58.31 -5.16
CA GLU AA 185 16.03 58.78 -4.45
C GLU AA 185 15.79 58.91 -2.94
N GLU AA 186 14.60 59.38 -2.55
CA GLU AA 186 14.26 59.50 -1.13
C GLU AA 186 14.17 58.13 -0.48
N TRP AA 187 13.44 57.19 -1.09
CA TRP AA 187 13.33 55.83 -0.52
C TRP AA 187 14.72 55.14 -0.44
N GLN AA 188 15.56 55.40 -1.46
CA GLN AA 188 16.93 54.92 -1.52
C GLN AA 188 17.71 55.36 -0.29
N ALA AA 189 17.68 56.66 -0.01
CA ALA AA 189 18.41 57.22 1.12
C ALA AA 189 17.90 56.66 2.44
N MET AA 190 16.62 56.32 2.48
CA MET AA 190 15.96 55.86 3.70
C MET AA 190 16.15 54.37 3.93
N GLY AA 191 16.93 53.72 3.04
CA GLY AA 191 17.28 52.33 3.20
C GLY AA 191 16.27 51.35 2.64
N VAL AA 192 15.26 51.84 1.95
CA VAL AA 192 14.24 50.97 1.36
C VAL AA 192 14.89 50.07 0.31
N MET AA 193 14.56 48.79 0.33
CA MET AA 193 15.25 47.81 -0.53
C MET AA 193 14.75 47.77 -1.97
N ASN AA 194 13.44 47.93 -2.17
CA ASN AA 194 12.83 47.54 -3.42
C ASN AA 194 11.42 48.07 -3.55
N TYR AA 195 10.87 47.96 -4.75
CA TYR AA 195 9.49 48.26 -5.02
C TYR AA 195 8.77 46.95 -5.37
N GLU AA 196 7.55 46.83 -4.86
CA GLU AA 196 6.59 45.88 -5.41
C GLU AA 196 5.19 46.48 -5.22
N MET AA 197 4.15 45.71 -5.49
CA MET AA 197 2.84 46.34 -5.57
C MET AA 197 1.72 45.77 -4.67
N GLU AA 198 2.04 44.86 -3.76
CA GLU AA 198 0.99 44.18 -3.00
C GLU AA 198 1.16 44.20 -1.49
N SER AA 199 2.41 44.34 -1.04
CA SER AA 199 2.70 44.13 0.37
C SER AA 199 2.01 45.11 1.32
N ALA AA 200 1.93 46.37 0.91
CA ALA AA 200 1.31 47.37 1.78
C ALA AA 200 -0.10 46.94 2.11
N THR AA 201 -0.84 46.49 1.10
CA THR AA 201 -2.21 46.06 1.31
C THR AA 201 -2.23 44.80 2.17
N LEU AA 202 -1.43 43.80 1.77
CA LEU AA 202 -1.42 42.53 2.47
C LEU AA 202 -1.07 42.70 3.95
N LEU AA 203 0.06 43.36 4.20
CA LEU AA 203 0.54 43.47 5.56
C LEU AA 203 -0.40 44.29 6.41
N THR AA 204 -0.99 45.35 5.85
CA THR AA 204 -1.85 46.22 6.65
C THR AA 204 -3.13 45.49 7.01
N MET AA 205 -3.71 44.82 6.02
CA MET AA 205 -5.00 44.19 6.24
C MET AA 205 -4.88 43.00 7.16
N CYS AA 206 -3.73 42.33 7.13
CA CYS AA 206 -3.53 41.22 8.07
C CYS AA 206 -3.19 41.71 9.46
N ALA AA 207 -2.26 42.66 9.57
CA ALA AA 207 -1.81 43.16 10.87
C ALA AA 207 -2.94 43.79 11.67
N SER AA 208 -3.94 44.31 10.98
CA SER AA 208 -5.03 45.01 11.64
C SER AA 208 -6.26 44.12 11.85
N GLN AA 209 -6.14 42.83 11.53
CA GLN AA 209 -7.27 41.89 11.65
C GLN AA 209 -6.88 40.58 12.31
N GLY AA 210 -5.72 40.57 12.95
CA GLY AA 210 -5.25 39.38 13.66
C GLY AA 210 -4.89 38.21 12.76
N LEU AA 211 -4.52 38.51 11.53
CA LEU AA 211 -4.01 37.50 10.61
C LEU AA 211 -2.50 37.66 10.51
N ARG AA 212 -1.81 36.55 10.34
CA ARG AA 212 -0.36 36.55 10.23
C ARG AA 212 0.03 36.67 8.77
N ALA AA 213 0.95 37.57 8.44
CA ALA AA 213 1.41 37.70 7.06
C ALA AA 213 2.91 37.87 6.97
N GLY AA 214 3.50 37.31 5.92
CA GLY AA 214 4.92 37.48 5.64
C GLY AA 214 5.16 37.74 4.17
N MET AA 215 6.32 38.30 3.83
CA MET AA 215 6.63 38.64 2.44
C MET AA 215 8.05 38.27 2.08
N VAL AA 216 8.18 37.60 0.94
CA VAL AA 216 9.49 37.28 0.43
C VAL AA 216 9.43 37.45 -1.07
N ALA AA 217 10.51 37.99 -1.64
CA ALA AA 217 10.62 38.15 -3.09
C ALA AA 217 12.03 37.98 -3.61
N GLY AA 218 12.13 37.51 -4.84
CA GLY AA 218 13.39 37.34 -5.51
C GLY AA 218 13.62 38.55 -6.38
N VAL AA 219 14.87 39.00 -6.40
CA VAL AA 219 15.25 40.17 -7.19
C VAL AA 219 15.49 39.78 -8.64
N ILE AA 220 14.66 40.35 -9.53
CA ILE AA 220 14.78 40.12 -10.96
C ILE AA 220 15.46 41.27 -11.75
N VAL AA 221 15.41 42.49 -11.21
CA VAL AA 221 16.10 43.61 -11.81
C VAL AA 221 16.59 44.61 -10.76
N ASN AA 222 17.65 45.34 -11.11
CA ASN AA 222 18.14 46.44 -10.29
C ASN AA 222 17.98 47.82 -10.92
N ARG AA 223 17.20 48.66 -10.25
CA ARG AA 223 16.83 49.98 -10.76
C ARG AA 223 17.97 50.95 -10.85
N THR AA 224 19.09 50.67 -10.20
CA THR AA 224 20.25 51.53 -10.32
C THR AA 224 20.99 51.33 -11.62
N GLN AA 225 20.45 50.48 -12.51
CA GLN AA 225 20.96 50.34 -13.90
C GLN AA 225 19.88 50.36 -15.00
N GLN AA 226 18.65 50.02 -14.63
CA GLN AA 226 17.58 49.78 -15.61
C GLN AA 226 16.18 50.04 -15.05
N GLU AA 227 15.24 50.41 -15.92
CA GLU AA 227 13.82 50.51 -15.56
C GLU AA 227 13.10 49.17 -15.83
N ILE AA 228 13.10 48.76 -17.09
CA ILE AA 228 12.51 47.49 -17.54
C ILE AA 228 13.52 46.34 -17.43
N PRO AA 229 13.15 45.25 -16.74
CA PRO AA 229 13.90 43.98 -16.80
C PRO AA 229 14.03 43.44 -18.24
N MET AA 234 18.20 33.58 -13.55
CA MET AA 234 16.98 34.38 -13.42
C MET AA 234 15.75 33.51 -13.07
N LYS AA 235 15.56 32.41 -13.82
CA LYS AA 235 14.52 31.42 -13.50
C LYS AA 235 14.90 30.66 -12.21
N GLN AA 236 16.20 30.64 -11.92
CA GLN AA 236 16.74 29.97 -10.72
C GLN AA 236 16.62 30.86 -9.48
N THR AA 237 16.40 32.15 -9.69
CA THR AA 237 16.21 33.13 -8.61
C THR AA 237 14.85 32.99 -7.93
N GLU AA 238 13.80 32.90 -8.74
CA GLU AA 238 12.44 32.69 -8.23
C GLU AA 238 12.25 31.23 -7.73
N SER AA 239 13.04 30.30 -8.27
CA SER AA 239 13.18 28.94 -7.74
C SER AA 239 13.72 28.94 -6.31
N HIS AA 240 14.57 29.93 -5.98
CA HIS AA 240 15.14 30.10 -4.64
C HIS AA 240 14.06 30.61 -3.72
N ALA AA 241 13.43 31.70 -4.15
CA ALA AA 241 12.39 32.34 -3.37
C ALA AA 241 11.22 31.39 -3.12
N VAL AA 242 10.81 30.65 -4.14
CA VAL AA 242 9.70 29.71 -3.99
C VAL AA 242 10.08 28.62 -2.99
N LYS AA 243 11.29 28.09 -3.14
CA LYS AA 243 11.82 27.10 -2.21
C LYS AA 243 11.76 27.64 -0.80
N ILE AA 244 12.14 28.91 -0.65
CA ILE AA 244 12.17 29.56 0.67
C ILE AA 244 10.76 29.72 1.26
N VAL AA 245 9.80 30.14 0.45
CA VAL AA 245 8.44 30.34 0.95
C VAL AA 245 7.80 29.05 1.40
N VAL AA 246 8.04 27.97 0.65
CA VAL AA 246 7.51 26.66 0.96
C VAL AA 246 8.15 26.15 2.25
N GLU AA 247 9.46 26.33 2.38
CA GLU AA 247 10.16 25.92 3.60
C GLU AA 247 9.69 26.71 4.82
N ALA AA 248 9.40 28.00 4.61
CA ALA AA 248 8.87 28.84 5.68
C ALA AA 248 7.49 28.35 6.11
N ALA AA 249 6.64 28.06 5.12
CA ALA AA 249 5.32 27.47 5.37
C ALA AA 249 5.45 26.25 6.26
N ARG AA 250 6.41 25.38 5.94
CA ARG AA 250 6.69 24.21 6.73
C ARG AA 250 6.84 24.54 8.22
N ARG AA 251 7.59 25.60 8.52
CA ARG AA 251 7.87 25.98 9.91
C ARG AA 251 6.70 26.67 10.60
N LEU AA 252 5.73 27.14 9.83
CA LEU AA 252 4.58 27.86 10.40
C LEU AA 252 3.32 27.01 10.57
N LEU AA 253 3.43 25.73 10.25
CA LEU AA 253 2.27 24.85 10.25
C LEU AA 253 1.86 24.41 11.64
N SER BA 4 8.18 40.64 -27.87
CA SER BA 4 7.19 41.51 -27.16
C SER BA 4 7.70 42.93 -26.80
N ASP BA 5 6.89 43.96 -27.09
CA ASP BA 5 7.30 45.37 -26.91
C ASP BA 5 6.99 45.94 -25.52
N VAL BA 6 6.07 45.30 -24.79
CA VAL BA 6 5.67 45.79 -23.48
C VAL BA 6 5.89 44.71 -22.43
N PHE BA 7 6.13 45.13 -21.19
CA PHE BA 7 6.59 44.18 -20.20
C PHE BA 7 5.53 43.17 -19.72
N HIS BA 8 4.28 43.59 -19.61
CA HIS BA 8 3.25 42.72 -19.03
C HIS BA 8 2.28 42.09 -20.04
N LEU BA 9 1.79 42.87 -20.99
CA LEU BA 9 0.76 42.41 -21.92
C LEU BA 9 1.23 41.35 -22.90
N GLY BA 10 2.55 41.28 -23.12
CA GLY BA 10 3.10 40.38 -24.11
C GLY BA 10 2.57 40.63 -25.51
N LEU BA 11 2.62 41.90 -25.94
CA LEU BA 11 2.17 42.30 -27.28
C LEU BA 11 3.25 43.10 -28.00
N THR BA 12 3.14 43.18 -29.33
CA THR BA 12 4.00 44.02 -30.17
C THR BA 12 3.15 45.05 -30.92
N LYS BA 13 3.75 46.19 -31.26
CA LYS BA 13 3.03 47.24 -32.00
C LYS BA 13 2.34 46.63 -33.23
N ASN BA 14 3.03 45.67 -33.83
CA ASN BA 14 2.53 44.95 -34.97
C ASN BA 14 1.22 44.19 -34.79
N ASP BA 15 1.07 43.54 -33.62
CA ASP BA 15 -0.11 42.75 -33.31
C ASP BA 15 -1.40 43.57 -33.40
N LEU BA 16 -1.27 44.87 -33.15
CA LEU BA 16 -2.41 45.78 -33.10
C LEU BA 16 -2.87 46.26 -34.48
N GLN BA 17 -2.00 46.12 -35.48
CA GLN BA 17 -2.30 46.51 -36.87
C GLN BA 17 -2.88 47.91 -37.00
N GLY BA 18 -2.35 48.82 -36.18
CA GLY BA 18 -2.71 50.22 -36.26
C GLY BA 18 -3.99 50.55 -35.53
N ALA BA 19 -4.45 49.64 -34.68
CA ALA BA 19 -5.59 49.91 -33.79
C ALA BA 19 -5.22 51.09 -32.91
N THR BA 20 -6.21 51.94 -32.62
CA THR BA 20 -6.01 53.06 -31.71
C THR BA 20 -7.11 53.14 -30.64
N LEU BA 21 -8.05 52.20 -30.68
CA LEU BA 21 -9.15 52.15 -29.72
C LEU BA 21 -9.19 50.78 -29.04
N ALA BA 22 -9.38 50.77 -27.72
CA ALA BA 22 -9.45 49.53 -26.97
C ALA BA 22 -10.67 49.47 -26.06
N ILE BA 23 -11.39 48.35 -26.12
CA ILE BA 23 -12.44 48.08 -25.16
C ILE BA 23 -11.80 47.31 -24.01
N VAL BA 24 -11.97 47.79 -22.79
CA VAL BA 24 -11.24 47.22 -21.66
C VAL BA 24 -12.17 46.76 -20.54
N PRO BA 25 -12.59 45.50 -20.63
CA PRO BA 25 -13.38 44.87 -19.58
C PRO BA 25 -12.46 44.47 -18.44
N GLY BA 26 -13.03 44.06 -17.30
CA GLY BA 26 -12.22 43.69 -16.16
C GLY BA 26 -11.76 42.26 -16.23
N ASP BA 27 -12.65 41.40 -16.67
CA ASP BA 27 -12.47 39.96 -16.57
C ASP BA 27 -11.86 39.37 -17.85
N PRO BA 28 -10.68 38.74 -17.76
CA PRO BA 28 -10.07 38.07 -18.93
C PRO BA 28 -11.00 37.14 -19.69
N ASP BA 29 -11.89 36.44 -18.98
CA ASP BA 29 -12.81 35.48 -19.60
C ASP BA 29 -13.92 36.14 -20.41
N ARG BA 30 -14.14 37.44 -20.18
CA ARG BA 30 -15.17 38.19 -20.88
C ARG BA 30 -14.62 38.83 -22.18
N VAL BA 31 -13.30 38.80 -22.36
CA VAL BA 31 -12.64 39.44 -23.51
C VAL BA 31 -13.06 38.81 -24.83
N GLU BA 32 -12.95 37.49 -24.89
CA GLU BA 32 -13.31 36.76 -26.07
C GLU BA 32 -14.79 36.94 -26.45
N LYS BA 33 -15.66 36.94 -25.45
CA LYS BA 33 -17.09 37.15 -25.68
C LYS BA 33 -17.35 38.48 -26.39
N ILE BA 34 -16.64 39.52 -25.96
CA ILE BA 34 -16.79 40.86 -26.53
C ILE BA 34 -16.24 40.91 -27.97
N ALA BA 35 -15.02 40.42 -28.14
CA ALA BA 35 -14.37 40.37 -29.45
C ALA BA 35 -15.26 39.66 -30.48
N ALA BA 36 -15.92 38.60 -30.03
CA ALA BA 36 -16.77 37.77 -30.90
C ALA BA 36 -17.98 38.51 -31.48
N LEU BA 37 -18.31 39.68 -30.91
CA LEU BA 37 -19.40 40.49 -31.43
C LEU BA 37 -18.94 41.34 -32.62
N MET BA 38 -17.66 41.27 -32.93
CA MET BA 38 -17.08 42.06 -34.01
C MET BA 38 -16.52 41.12 -35.05
N ASP BA 39 -15.94 41.66 -36.13
CA ASP BA 39 -15.43 40.83 -37.22
C ASP BA 39 -13.98 40.36 -37.01
N LYS BA 40 -13.68 39.19 -37.55
CA LYS BA 40 -12.32 38.62 -37.55
C LYS BA 40 -11.62 38.65 -36.20
N PRO BA 41 -12.26 38.11 -35.15
CA PRO BA 41 -11.65 38.08 -33.82
C PRO BA 41 -10.48 37.11 -33.74
N VAL BA 42 -9.37 37.58 -33.20
CA VAL BA 42 -8.15 36.77 -33.10
C VAL BA 42 -7.55 36.97 -31.70
N LYS BA 43 -7.24 35.88 -31.00
CA LYS BA 43 -6.55 35.97 -29.72
C LYS BA 43 -5.12 36.41 -29.97
N LEU BA 44 -4.69 37.46 -29.29
CA LEU BA 44 -3.32 37.95 -29.43
C LEU BA 44 -2.41 37.39 -28.35
N ALA BA 45 -2.84 37.51 -27.10
CA ALA BA 45 -2.00 37.13 -25.97
C ALA BA 45 -2.79 36.96 -24.69
N SER BA 46 -2.19 36.27 -23.73
CA SER BA 46 -2.80 36.02 -22.44
C SER BA 46 -1.70 35.86 -21.42
N HIS BA 47 -1.56 36.84 -20.55
CA HIS BA 47 -0.57 36.79 -19.46
C HIS BA 47 -1.16 37.42 -18.22
N ARG BA 48 -1.02 36.73 -17.10
CA ARG BA 48 -1.63 37.13 -15.83
C ARG BA 48 -3.11 37.44 -16.10
N GLU BA 49 -3.61 38.55 -15.60
CA GLU BA 49 -5.01 38.93 -15.80
C GLU BA 49 -5.24 39.64 -17.14
N PHE BA 50 -4.19 39.76 -17.96
CA PHE BA 50 -4.26 40.50 -19.21
C PHE BA 50 -4.45 39.59 -20.43
N THR BA 51 -5.69 39.52 -20.90
CA THR BA 51 -6.03 38.80 -22.12
C THR BA 51 -6.36 39.81 -23.22
N THR BA 52 -5.76 39.63 -24.39
CA THR BA 52 -5.93 40.59 -25.47
C THR BA 52 -6.39 39.90 -26.72
N TRP BA 53 -7.52 40.37 -27.25
CA TRP BA 53 -7.97 39.95 -28.59
C TRP BA 53 -7.95 41.17 -29.48
N ARG BA 54 -7.75 40.94 -30.77
CA ARG BA 54 -7.93 41.94 -31.81
C ARG BA 54 -9.16 41.55 -32.62
N ALA BA 55 -9.94 42.54 -33.03
CA ALA BA 55 -11.04 42.30 -33.94
C ALA BA 55 -11.15 43.48 -34.91
N GLU BA 56 -12.26 43.52 -35.64
CA GLU BA 56 -12.46 44.53 -36.67
C GLU BA 56 -13.88 45.10 -36.62
N LEU BA 57 -13.97 46.41 -36.77
CA LEU BA 57 -15.23 47.12 -36.64
C LEU BA 57 -15.31 48.13 -37.76
N ASP BA 58 -16.31 47.96 -38.62
CA ASP BA 58 -16.39 48.72 -39.88
C ASP BA 58 -15.04 48.75 -40.60
N GLY BA 59 -14.40 47.58 -40.72
CA GLY BA 59 -13.13 47.44 -41.39
C GLY BA 59 -11.92 48.05 -40.70
N LYS BA 60 -12.08 48.47 -39.44
CA LYS BA 60 -10.97 49.05 -38.68
C LYS BA 60 -10.59 48.14 -37.51
N PRO BA 61 -9.29 47.94 -37.29
CA PRO BA 61 -8.82 47.08 -36.21
C PRO BA 61 -9.12 47.70 -34.84
N VAL BA 62 -9.55 46.86 -33.91
CA VAL BA 62 -9.93 47.28 -32.57
C VAL BA 62 -9.35 46.27 -31.58
N ILE BA 63 -8.92 46.74 -30.42
CA ILE BA 63 -8.39 45.87 -29.36
C ILE BA 63 -9.43 45.63 -28.26
N VAL BA 64 -9.50 44.40 -27.78
CA VAL BA 64 -10.20 44.11 -26.54
C VAL BA 64 -9.19 43.53 -25.58
N CYS BA 65 -9.06 44.18 -24.43
CA CYS BA 65 -8.03 43.84 -23.44
C CYS BA 65 -8.52 43.93 -22.01
N SER BA 66 -8.32 42.88 -21.21
CA SER BA 66 -8.78 42.86 -19.83
C SER BA 66 -7.82 43.58 -18.88
N THR BA 67 -8.37 44.24 -17.87
CA THR BA 67 -7.58 45.02 -16.92
C THR BA 67 -7.27 44.27 -15.65
N GLY BA 68 -8.08 43.24 -15.36
CA GLY BA 68 -8.11 42.60 -14.04
C GLY BA 68 -8.90 43.50 -13.11
N ILE BA 69 -8.95 43.17 -11.83
CA ILE BA 69 -9.67 44.01 -10.86
C ILE BA 69 -8.73 45.09 -10.32
N GLY BA 70 -9.15 46.35 -10.35
CA GLY BA 70 -8.45 47.36 -9.59
C GLY BA 70 -7.55 48.29 -10.38
N GLY BA 71 -7.33 49.47 -9.79
CA GLY BA 71 -6.49 50.50 -10.36
C GLY BA 71 -5.14 50.03 -10.80
N PRO BA 72 -4.39 49.40 -9.91
CA PRO BA 72 -3.01 49.01 -10.23
C PRO BA 72 -2.92 48.21 -11.55
N SER BA 73 -3.67 47.12 -11.69
CA SER BA 73 -3.53 46.33 -12.91
C SER BA 73 -4.10 47.06 -14.11
N THR BA 74 -5.18 47.82 -13.88
CA THR BA 74 -5.73 48.67 -14.92
C THR BA 74 -4.65 49.63 -15.44
N SER BA 75 -3.91 50.24 -14.51
CA SER BA 75 -2.86 51.19 -14.88
C SER BA 75 -1.78 50.52 -15.74
N ILE BA 76 -1.50 49.25 -15.52
CA ILE BA 76 -0.51 48.54 -16.33
C ILE BA 76 -1.03 48.30 -17.77
N ALA BA 77 -2.25 47.78 -17.87
CA ALA BA 77 -2.90 47.59 -19.16
C ALA BA 77 -2.99 48.88 -20.00
N VAL BA 78 -3.48 49.95 -19.39
CA VAL BA 78 -3.67 51.21 -20.10
C VAL BA 78 -2.33 51.80 -20.58
N GLU BA 79 -1.35 51.85 -19.69
CA GLU BA 79 -0.03 52.39 -20.00
C GLU BA 79 0.60 51.63 -21.18
N GLU BA 80 0.57 50.31 -21.11
CA GLU BA 80 1.23 49.51 -22.12
C GLU BA 80 0.48 49.52 -23.45
N LEU BA 81 -0.85 49.54 -23.38
CA LEU BA 81 -1.65 49.72 -24.60
C LEU BA 81 -1.34 51.10 -25.24
N ALA BA 82 -1.18 52.13 -24.40
CA ALA BA 82 -0.90 53.47 -24.87
C ALA BA 82 0.45 53.46 -25.58
N GLN BA 83 1.39 52.72 -25.03
CA GLN BA 83 2.71 52.58 -25.65
C GLN BA 83 2.61 52.00 -27.04
N LEU BA 84 1.66 51.08 -27.22
CA LEU BA 84 1.50 50.38 -28.50
C LEU BA 84 0.62 51.14 -29.49
N GLY BA 85 0.06 52.24 -29.05
CA GLY BA 85 -0.66 53.12 -29.96
C GLY BA 85 -2.12 53.39 -29.65
N ILE BA 86 -2.66 52.75 -28.60
CA ILE BA 86 -4.05 52.99 -28.22
C ILE BA 86 -4.23 54.43 -27.68
N ARG BA 87 -5.23 55.13 -28.18
CA ARG BA 87 -5.53 56.50 -27.75
C ARG BA 87 -6.95 56.67 -27.15
N THR BA 88 -7.80 55.66 -27.29
CA THR BA 88 -9.18 55.72 -26.78
C THR BA 88 -9.45 54.46 -26.01
N PHE BA 89 -9.95 54.60 -24.79
CA PHE BA 89 -10.24 53.47 -23.95
C PHE BA 89 -11.69 53.47 -23.54
N LEU BA 90 -12.40 52.40 -23.86
CA LEU BA 90 -13.77 52.25 -23.44
C LEU BA 90 -13.88 51.12 -22.44
N ARG BA 91 -14.27 51.47 -21.23
CA ARG BA 91 -14.45 50.49 -20.19
C ARG BA 91 -15.88 49.94 -20.15
N ILE BA 92 -15.98 48.62 -20.10
CA ILE BA 92 -17.25 47.93 -19.96
C ILE BA 92 -17.20 47.11 -18.68
N GLY BA 93 -18.16 47.33 -17.80
CA GLY BA 93 -18.14 46.67 -16.51
C GLY BA 93 -19.49 46.17 -16.01
N THR BA 94 -19.43 45.54 -14.83
CA THR BA 94 -20.61 45.24 -14.02
C THR BA 94 -20.49 46.10 -12.76
N THR BA 95 -21.63 46.46 -12.21
CA THR BA 95 -21.65 47.34 -11.07
C THR BA 95 -22.84 47.09 -10.16
N GLY BA 96 -22.73 47.60 -8.93
CA GLY BA 96 -23.83 47.60 -8.00
C GLY BA 96 -24.27 49.02 -7.72
N ALA BA 97 -25.53 49.29 -8.04
CA ALA BA 97 -26.13 50.61 -7.80
C ALA BA 97 -26.37 50.85 -6.31
N ILE BA 98 -26.32 52.12 -5.93
CA ILE BA 98 -26.63 52.55 -4.57
C ILE BA 98 -27.80 53.52 -4.49
N GLN BA 99 -28.42 53.81 -5.64
CA GLN BA 99 -29.64 54.60 -5.66
C GLN BA 99 -30.86 53.69 -5.83
N PRO BA 100 -31.90 53.89 -5.03
CA PRO BA 100 -33.10 53.04 -5.08
C PRO BA 100 -33.89 53.11 -6.41
N HIS BA 101 -33.70 54.17 -7.19
CA HIS BA 101 -34.40 54.29 -8.47
C HIS BA 101 -33.69 53.56 -9.62
N ILE BA 102 -32.45 53.12 -9.40
CA ILE BA 102 -31.71 52.41 -10.44
C ILE BA 102 -31.93 50.92 -10.30
N ASN BA 103 -32.37 50.27 -11.38
CA ASN BA 103 -32.70 48.84 -11.33
C ASN BA 103 -31.67 47.92 -11.96
N VAL BA 104 -31.67 46.67 -11.51
CA VAL BA 104 -30.89 45.60 -12.12
C VAL BA 104 -31.34 45.56 -13.59
N GLY BA 105 -30.38 45.70 -14.52
CA GLY BA 105 -30.75 45.75 -15.93
C GLY BA 105 -30.51 47.13 -16.55
N ASP BA 106 -30.49 48.14 -15.71
CA ASP BA 106 -30.20 49.51 -16.16
C ASP BA 106 -28.73 49.64 -16.56
N VAL BA 107 -28.45 50.66 -17.36
CA VAL BA 107 -27.11 50.90 -17.87
C VAL BA 107 -26.58 52.22 -17.30
N LEU BA 108 -25.37 52.21 -16.77
CA LEU BA 108 -24.81 53.41 -16.19
C LEU BA 108 -23.64 53.92 -17.02
N VAL BA 109 -23.72 55.18 -17.42
CA VAL BA 109 -22.62 55.89 -18.05
C VAL BA 109 -22.06 56.90 -17.06
N THR BA 110 -20.77 56.74 -16.78
CA THR BA 110 -20.04 57.55 -15.78
C THR BA 110 -19.47 58.81 -16.40
N THR BA 111 -19.89 59.98 -15.89
CA THR BA 111 -19.29 61.24 -16.31
C THR BA 111 -17.96 61.50 -15.61
N ALA BA 112 -17.89 61.15 -14.33
CA ALA BA 112 -16.67 61.29 -13.53
C ALA BA 112 -16.78 60.41 -12.28
N SER BA 113 -15.64 60.12 -11.65
CA SER BA 113 -15.63 59.24 -10.49
C SER BA 113 -15.13 59.88 -9.23
N VAL BA 114 -15.77 59.54 -8.12
CA VAL BA 114 -15.19 59.75 -6.82
C VAL BA 114 -13.93 58.88 -6.70
N ARG BA 115 -12.81 59.52 -6.41
CA ARG BA 115 -11.53 58.81 -6.44
C ARG BA 115 -11.23 58.18 -5.11
N LEU BA 116 -11.72 56.96 -4.89
CA LEU BA 116 -11.45 56.21 -3.65
C LEU BA 116 -10.37 55.13 -3.88
N ASP BA 117 -9.46 55.45 -4.80
CA ASP BA 117 -8.39 54.54 -5.20
C ASP BA 117 -7.03 55.14 -4.85
N GLY BA 118 -5.99 54.33 -5.00
CA GLY BA 118 -4.64 54.82 -4.81
C GLY BA 118 -3.92 55.18 -6.09
N ALA BA 119 -4.22 54.50 -7.19
CA ALA BA 119 -3.45 54.64 -8.40
C ALA BA 119 -3.63 56.01 -9.07
N SER BA 120 -4.84 56.56 -9.03
CA SER BA 120 -5.06 57.86 -9.68
C SER BA 120 -4.09 58.90 -9.13
N LEU BA 121 -3.82 58.83 -7.82
CA LEU BA 121 -2.85 59.75 -7.20
C LEU BA 121 -1.46 59.69 -7.83
N HIS BA 122 -1.17 58.60 -8.50
CA HIS BA 122 0.13 58.41 -9.15
C HIS BA 122 0.16 59.11 -10.50
N PHE BA 123 -0.98 59.64 -10.94
CA PHE BA 123 -1.04 60.40 -12.20
C PHE BA 123 -1.39 61.86 -12.03
N ALA BA 124 -2.30 62.15 -11.09
CA ALA BA 124 -2.64 63.53 -10.77
C ALA BA 124 -3.04 63.65 -9.29
N PRO BA 125 -2.76 64.79 -8.66
CA PRO BA 125 -3.11 64.95 -7.24
C PRO BA 125 -4.64 64.88 -7.06
N LEU BA 126 -5.12 64.75 -5.84
CA LEU BA 126 -6.53 64.43 -5.59
C LEU BA 126 -7.53 65.44 -6.15
N GLU BA 127 -7.14 66.71 -6.15
CA GLU BA 127 -8.00 67.78 -6.63
C GLU BA 127 -8.32 67.70 -8.13
N PHE BA 128 -7.54 66.93 -8.90
CA PHE BA 128 -7.78 66.77 -10.33
C PHE BA 128 -8.95 65.84 -10.55
N PRO BA 129 -9.91 66.22 -11.39
CA PRO BA 129 -11.14 65.45 -11.56
C PRO BA 129 -10.96 64.17 -12.36
N ALA BA 130 -11.41 63.05 -11.81
CA ALA BA 130 -11.42 61.79 -12.55
C ALA BA 130 -12.57 61.82 -13.56
N VAL BA 131 -12.40 62.63 -14.61
CA VAL BA 131 -13.48 62.94 -15.55
C VAL BA 131 -13.35 62.17 -16.86
N ALA BA 132 -14.47 61.64 -17.34
CA ALA BA 132 -14.50 60.94 -18.63
C ALA BA 132 -14.41 61.93 -19.78
N ASP BA 133 -13.83 61.46 -20.88
CA ASP BA 133 -13.79 62.22 -22.13
C ASP BA 133 -15.20 62.51 -22.66
N PHE BA 134 -15.42 63.74 -23.12
CA PHE BA 134 -16.74 64.17 -23.56
C PHE BA 134 -17.24 63.41 -24.77
N GLU BA 135 -16.35 63.18 -25.75
CA GLU BA 135 -16.76 62.41 -26.93
C GLU BA 135 -17.13 60.96 -26.61
N CYS BA 136 -16.33 60.30 -25.78
CA CYS BA 136 -16.60 58.93 -25.33
C CYS BA 136 -17.91 58.84 -24.57
N THR BA 137 -18.13 59.75 -23.64
CA THR BA 137 -19.37 59.78 -22.89
C THR BA 137 -20.55 59.95 -23.84
N THR BA 138 -20.44 60.90 -24.78
CA THR BA 138 -21.48 61.14 -25.78
C THR BA 138 -21.77 59.86 -26.57
N ALA BA 139 -20.72 59.25 -27.11
CA ALA BA 139 -20.87 58.02 -27.88
C ALA BA 139 -21.58 56.92 -27.04
N LEU BA 140 -21.21 56.83 -25.78
CA LEU BA 140 -21.81 55.82 -24.91
C LEU BA 140 -23.30 56.12 -24.67
N VAL BA 141 -23.61 57.38 -24.33
CA VAL BA 141 -25.00 57.79 -24.10
C VAL BA 141 -25.85 57.61 -25.37
N GLU BA 142 -25.29 57.97 -26.52
CA GLU BA 142 -25.99 57.82 -27.77
C GLU BA 142 -26.18 56.36 -28.20
N ALA BA 143 -25.19 55.52 -27.89
CA ALA BA 143 -25.28 54.08 -28.20
C ALA BA 143 -26.40 53.47 -27.37
N ALA BA 144 -26.45 53.88 -26.11
CA ALA BA 144 -27.48 53.43 -25.17
C ALA BA 144 -28.88 53.81 -25.63
N LYS BA 145 -29.04 55.06 -26.07
CA LYS BA 145 -30.30 55.55 -26.64
C LYS BA 145 -30.73 54.73 -27.87
N SER BA 146 -29.74 54.36 -28.69
CA SER BA 146 -29.98 53.70 -29.97
C SER BA 146 -30.45 52.25 -29.84
N ILE BA 147 -30.12 51.59 -28.74
CA ILE BA 147 -30.60 50.22 -28.51
C ILE BA 147 -31.74 50.19 -27.46
N GLY BA 148 -32.05 51.36 -26.92
CA GLY BA 148 -33.23 51.56 -26.08
C GLY BA 148 -33.12 51.11 -24.63
N ALA BA 149 -31.91 50.98 -24.09
CA ALA BA 149 -31.75 50.62 -22.68
C ALA BA 149 -32.10 51.79 -21.77
N THR BA 150 -32.66 51.51 -20.59
CA THR BA 150 -32.89 52.57 -19.63
C THR BA 150 -31.55 52.94 -18.96
N THR BA 151 -31.18 54.21 -19.07
CA THR BA 151 -29.81 54.67 -18.82
C THR BA 151 -29.75 55.76 -17.76
N HIS BA 152 -28.72 55.69 -16.93
CA HIS BA 152 -28.43 56.77 -16.00
C HIS BA 152 -27.03 57.29 -16.27
N VAL BA 153 -26.92 58.62 -16.30
CA VAL BA 153 -25.65 59.30 -16.55
C VAL BA 153 -25.26 60.10 -15.32
N GLY BA 154 -24.06 59.89 -14.82
CA GLY BA 154 -23.66 60.57 -13.60
C GLY BA 154 -22.37 60.09 -12.99
N VAL BA 155 -22.24 60.31 -11.68
CA VAL BA 155 -21.02 60.09 -10.91
C VAL BA 155 -20.96 58.69 -10.30
N THR BA 156 -19.79 58.08 -10.38
CA THR BA 156 -19.55 56.75 -9.84
C THR BA 156 -18.50 56.83 -8.75
N ALA BA 157 -18.69 56.08 -7.65
CA ALA BA 157 -17.68 55.96 -6.61
C ALA BA 157 -16.75 54.77 -6.94
N SER BA 158 -15.46 55.06 -7.10
CA SER BA 158 -14.49 54.07 -7.56
C SER BA 158 -13.55 53.71 -6.40
N SER BA 159 -13.68 52.49 -5.90
CA SER BA 159 -13.04 52.08 -4.65
C SER BA 159 -11.93 51.06 -4.84
N ASP BA 160 -10.83 51.24 -4.12
CA ASP BA 160 -9.77 50.24 -4.11
C ASP BA 160 -10.14 48.91 -3.44
N THR BA 161 -11.27 48.84 -2.74
CA THR BA 161 -11.71 47.56 -2.20
C THR BA 161 -13.13 47.26 -2.58
N PHE BA 162 -13.46 45.98 -2.58
CA PHE BA 162 -14.82 45.51 -2.84
C PHE BA 162 -15.60 45.58 -1.54
N TYR BA 163 -14.90 45.35 -0.42
CA TYR BA 163 -15.59 45.23 0.87
C TYR BA 163 -15.68 46.53 1.71
N PRO BA 164 -14.65 46.87 2.50
CA PRO BA 164 -14.76 48.04 3.39
C PRO BA 164 -14.98 49.34 2.63
N GLY BA 165 -14.34 49.49 1.48
CA GLY BA 165 -14.45 50.74 0.73
C GLY BA 165 -15.85 50.97 0.14
N GLN BA 166 -16.59 49.87 0.01
CA GLN BA 166 -17.96 49.94 -0.44
C GLN BA 166 -18.86 49.74 0.76
N GLU BA 167 -18.32 49.97 1.95
CA GLU BA 167 -19.05 49.80 3.21
C GLU BA 167 -19.86 48.51 3.34
N ARG BA 168 -19.22 47.38 3.04
CA ARG BA 168 -19.79 46.07 3.28
C ARG BA 168 -19.38 45.61 4.66
N TYR BA 169 -20.37 45.18 5.46
CA TYR BA 169 -20.14 44.68 6.83
C TYR BA 169 -20.15 43.18 6.92
N ASP BA 170 -20.64 42.50 5.90
CA ASP BA 170 -20.73 41.04 5.98
C ASP BA 170 -19.41 40.39 5.53
N THR BA 171 -18.43 40.47 6.42
CA THR BA 171 -17.04 40.14 6.10
C THR BA 171 -16.43 39.41 7.28
N TYR BA 172 -15.15 39.06 7.14
CA TYR BA 172 -14.44 38.31 8.17
C TYR BA 172 -14.41 39.06 9.50
N SER BA 173 -14.13 40.35 9.45
CA SER BA 173 -14.02 41.18 10.64
C SER BA 173 -15.37 41.76 11.07
N GLY BA 174 -16.26 41.97 10.10
CA GLY BA 174 -17.57 42.58 10.34
C GLY BA 174 -17.50 44.08 10.68
N ARG BA 175 -16.38 44.69 10.35
CA ARG BA 175 -16.18 46.09 10.66
C ARG BA 175 -15.58 46.92 9.52
N VAL BA 176 -15.81 48.22 9.56
CA VAL BA 176 -15.33 49.12 8.52
C VAL BA 176 -14.48 50.20 9.18
N VAL BA 177 -13.33 50.49 8.57
CA VAL BA 177 -12.43 51.53 9.07
C VAL BA 177 -13.16 52.87 9.24
N ARG BA 178 -12.81 53.60 10.31
CA ARG BA 178 -13.47 54.86 10.66
C ARG BA 178 -13.79 55.75 9.43
N HIS BA 179 -12.77 56.00 8.61
CA HIS BA 179 -12.90 56.78 7.40
C HIS BA 179 -14.09 56.39 6.52
N PHE BA 180 -14.44 55.10 6.41
CA PHE BA 180 -15.48 54.67 5.49
C PHE BA 180 -16.84 54.39 6.14
N LYS BA 181 -16.87 54.46 7.47
CA LYS BA 181 -18.10 54.28 8.22
C LYS BA 181 -19.06 55.38 7.88
N GLY BA 182 -20.24 55.01 7.39
CA GLY BA 182 -21.24 55.99 7.01
C GLY BA 182 -21.00 56.61 5.64
N SER BA 183 -20.02 56.09 4.92
CA SER BA 183 -19.66 56.67 3.64
C SER BA 183 -20.68 56.42 2.52
N MET BA 184 -21.29 55.24 2.51
CA MET BA 184 -22.27 54.93 1.45
C MET BA 184 -23.44 55.89 1.47
N GLU BA 185 -23.96 56.13 2.67
CA GLU BA 185 -25.04 57.07 2.85
C GLU BA 185 -24.66 58.48 2.34
N GLU BA 186 -23.40 58.89 2.56
CA GLU BA 186 -22.94 60.17 2.07
C GLU BA 186 -22.93 60.21 0.52
N TRP BA 187 -22.31 59.20 -0.12
CA TRP BA 187 -22.33 59.16 -1.57
C TRP BA 187 -23.75 59.13 -2.12
N GLN BA 188 -24.63 58.41 -1.44
CA GLN BA 188 -26.03 58.29 -1.77
C GLN BA 188 -26.69 59.66 -1.83
N ALA BA 189 -26.51 60.44 -0.77
CA ALA BA 189 -27.09 61.78 -0.67
C ALA BA 189 -26.53 62.72 -1.76
N MET BA 190 -25.29 62.46 -2.17
CA MET BA 190 -24.59 63.30 -3.13
C MET BA 190 -24.93 62.91 -4.56
N GLY BA 191 -25.80 61.93 -4.72
CA GLY BA 191 -26.28 61.55 -6.04
C GLY BA 191 -25.46 60.50 -6.76
N VAL BA 192 -24.44 59.96 -6.11
CA VAL BA 192 -23.55 58.96 -6.70
C VAL BA 192 -24.37 57.72 -7.08
N MET BA 193 -24.15 57.18 -8.27
CA MET BA 193 -25.00 56.11 -8.79
C MET BA 193 -24.63 54.72 -8.26
N ASN BA 194 -23.34 54.48 -8.10
CA ASN BA 194 -22.84 53.12 -7.96
C ASN BA 194 -21.40 53.06 -7.47
N TYR BA 195 -21.00 51.85 -7.09
CA TYR BA 195 -19.61 51.55 -6.80
C TYR BA 195 -19.03 50.66 -7.87
N GLU BA 196 -17.82 50.93 -8.28
CA GLU BA 196 -17.01 49.93 -8.95
C GLU BA 196 -15.55 50.16 -8.54
N MET BA 197 -14.61 49.52 -9.23
CA MET BA 197 -13.25 49.50 -8.73
C MET BA 197 -12.16 49.95 -9.69
N GLU BA 198 -12.48 50.50 -10.85
CA GLU BA 198 -11.39 50.81 -11.79
C GLU BA 198 -11.43 52.21 -12.38
N SER BA 199 -12.61 52.83 -12.35
CA SER BA 199 -12.84 54.04 -13.16
C SER BA 199 -12.02 55.23 -12.73
N ALA BA 200 -11.84 55.37 -11.43
CA ALA BA 200 -11.05 56.46 -10.91
C ALA BA 200 -9.64 56.46 -11.54
N THR BA 201 -9.03 55.27 -11.57
CA THR BA 201 -7.71 55.13 -12.11
C THR BA 201 -7.75 55.37 -13.60
N LEU BA 202 -8.68 54.68 -14.28
CA LEU BA 202 -8.78 54.81 -15.72
C LEU BA 202 -8.96 56.26 -16.14
N LEU BA 203 -10.01 56.88 -15.62
CA LEU BA 203 -10.35 58.24 -16.04
C LEU BA 203 -9.25 59.24 -15.71
N THR BA 204 -8.63 59.09 -14.55
CA THR BA 204 -7.61 60.05 -14.16
C THR BA 204 -6.37 59.91 -15.00
N MET BA 205 -5.94 58.68 -15.23
CA MET BA 205 -4.72 58.48 -15.99
C MET BA 205 -4.89 58.88 -17.46
N CYS BA 206 -6.07 58.64 -18.02
CA CYS BA 206 -6.34 59.12 -19.36
C CYS BA 206 -6.51 60.65 -19.47
N ALA BA 207 -7.33 61.23 -18.60
CA ALA BA 207 -7.61 62.67 -18.65
C ALA BA 207 -6.36 63.55 -18.47
N SER BA 208 -5.36 63.01 -17.78
CA SER BA 208 -4.16 63.76 -17.49
C SER BA 208 -3.04 63.40 -18.44
N GLN BA 209 -3.31 62.53 -19.41
CA GLN BA 209 -2.29 62.17 -20.42
C GLN BA 209 -2.71 62.33 -21.89
N GLY BA 210 -3.82 63.02 -22.12
CA GLY BA 210 -4.31 63.26 -23.46
C GLY BA 210 -4.95 62.05 -24.09
N LEU BA 211 -5.39 61.10 -23.26
CA LEU BA 211 -6.04 59.88 -23.75
C LEU BA 211 -7.54 59.94 -23.47
N ARG BA 212 -8.33 59.45 -24.41
CA ARG BA 212 -9.78 59.53 -24.30
C ARG BA 212 -10.31 58.28 -23.62
N ALA BA 213 -11.14 58.45 -22.59
CA ALA BA 213 -11.69 57.32 -21.89
C ALA BA 213 -13.16 57.51 -21.56
N GLY BA 214 -13.89 56.41 -21.57
CA GLY BA 214 -15.30 56.42 -21.22
C GLY BA 214 -15.64 55.20 -20.41
N MET BA 215 -16.77 55.24 -19.71
CA MET BA 215 -17.14 54.14 -18.83
C MET BA 215 -18.60 53.83 -18.95
N VAL BA 216 -18.90 52.55 -19.12
CA VAL BA 216 -20.27 52.06 -19.11
C VAL BA 216 -20.34 50.74 -18.36
N ALA BA 217 -21.41 50.56 -17.60
CA ALA BA 217 -21.60 49.34 -16.84
C ALA BA 217 -23.07 48.94 -16.75
N GLY BA 218 -23.30 47.64 -16.63
CA GLY BA 218 -24.62 47.10 -16.39
C GLY BA 218 -24.81 46.79 -14.92
N VAL BA 219 -26.01 47.12 -14.42
CA VAL BA 219 -26.32 46.96 -13.00
C VAL BA 219 -26.71 45.51 -12.71
N ILE BA 220 -25.92 44.84 -11.87
CA ILE BA 220 -26.17 43.45 -11.51
C ILE BA 220 -26.78 43.27 -10.11
N VAL BA 221 -26.58 44.26 -9.24
CA VAL BA 221 -27.19 44.25 -7.91
C VAL BA 221 -27.51 45.67 -7.42
N ASN BA 222 -28.49 45.76 -6.52
CA ASN BA 222 -28.80 47.01 -5.82
C ASN BA 222 -28.55 46.94 -4.32
N ARG BA 223 -27.64 47.79 -3.86
CA ARG BA 223 -27.19 47.84 -2.46
C ARG BA 223 -28.27 48.26 -1.46
N THR BA 224 -29.35 48.87 -1.95
CA THR BA 224 -30.42 49.30 -1.06
C THR BA 224 -31.29 48.10 -0.66
N GLN BA 225 -30.87 46.90 -1.06
CA GLN BA 225 -31.52 45.65 -0.60
C GLN BA 225 -30.54 44.53 -0.15
N GLN BA 226 -29.30 44.58 -0.65
CA GLN BA 226 -28.33 43.47 -0.55
C GLN BA 226 -26.87 43.95 -0.65
N GLU BA 227 -25.96 43.23 0.01
CA GLU BA 227 -24.51 43.42 -0.17
C GLU BA 227 -23.94 42.54 -1.32
N ILE BA 228 -24.06 41.22 -1.16
CA ILE BA 228 -23.66 40.21 -2.15
C ILE BA 228 -24.77 39.96 -3.20
N PRO BA 229 -24.44 40.12 -4.50
CA PRO BA 229 -25.32 39.65 -5.59
C PRO BA 229 -25.64 38.15 -5.48
N MET BA 234 -30.36 38.92 -16.20
CA MET BA 234 -29.07 39.20 -15.59
C MET BA 234 -27.92 39.01 -16.58
N LYS BA 235 -27.90 37.88 -17.28
CA LYS BA 235 -26.93 37.64 -18.37
C LYS BA 235 -27.26 38.54 -19.57
N GLN BA 236 -28.53 38.95 -19.65
CA GLN BA 236 -29.04 39.81 -20.71
C GLN BA 236 -28.73 41.29 -20.45
N THR BA 237 -28.40 41.60 -19.19
CA THR BA 237 -28.03 42.95 -18.74
C THR BA 237 -26.66 43.34 -19.23
N GLU BA 238 -25.68 42.46 -19.04
CA GLU BA 238 -24.32 42.68 -19.53
C GLU BA 238 -24.23 42.52 -21.05
N SER BA 239 -25.18 41.76 -21.62
CA SER BA 239 -25.37 41.69 -23.06
C SER BA 239 -25.78 43.05 -23.64
N HIS BA 240 -26.56 43.82 -22.87
CA HIS BA 240 -26.97 45.17 -23.23
C HIS BA 240 -25.77 46.10 -23.19
N ALA BA 241 -25.07 46.09 -22.06
CA ALA BA 241 -23.90 46.93 -21.85
C ALA BA 241 -22.80 46.64 -22.88
N VAL BA 242 -22.56 45.36 -23.17
CA VAL BA 242 -21.55 45.00 -24.15
C VAL BA 242 -21.96 45.49 -25.51
N LYS BA 243 -23.22 45.29 -25.87
CA LYS BA 243 -23.76 45.82 -27.12
C LYS BA 243 -23.53 47.32 -27.20
N ILE BA 244 -23.80 48.03 -26.10
CA ILE BA 244 -23.66 49.47 -26.07
C ILE BA 244 -22.20 49.90 -26.24
N VAL BA 245 -21.27 49.24 -25.56
CA VAL BA 245 -19.86 49.63 -25.66
C VAL BA 245 -19.32 49.43 -27.06
N VAL BA 246 -19.70 48.34 -27.69
CA VAL BA 246 -19.26 48.04 -29.06
C VAL BA 246 -19.83 49.08 -30.04
N GLU BA 247 -21.10 49.43 -29.85
CA GLU BA 247 -21.75 50.44 -30.69
C GLU BA 247 -21.13 51.81 -30.49
N ALA BA 248 -20.71 52.11 -29.25
CA ALA BA 248 -20.04 53.37 -28.96
C ALA BA 248 -18.67 53.39 -29.62
N ALA BA 249 -17.96 52.27 -29.55
CA ALA BA 249 -16.68 52.14 -30.23
C ALA BA 249 -16.84 52.48 -31.72
N ARG BA 250 -17.89 51.93 -32.33
CA ARG BA 250 -18.23 52.21 -33.71
C ARG BA 250 -18.23 53.71 -33.99
N ARG BA 251 -18.84 54.49 -33.11
CA ARG BA 251 -18.97 55.93 -33.30
C ARG BA 251 -17.70 56.72 -33.04
N LEU BA 252 -16.72 56.10 -32.39
CA LEU BA 252 -15.48 56.80 -32.01
C LEU BA 252 -14.32 56.48 -32.94
N LEU BA 253 -14.58 55.68 -33.97
CA LEU BA 253 -13.54 55.17 -34.86
C LEU BA 253 -13.06 56.20 -35.85
N SER CA 4 -38.21 90.25 1.07
CA SER CA 4 -37.15 89.37 0.50
C SER CA 4 -37.01 87.98 1.16
N ASP CA 5 -36.95 86.93 0.33
CA ASP CA 5 -36.97 85.53 0.81
C ASP CA 5 -35.58 84.95 1.11
N VAL CA 6 -34.53 85.60 0.61
CA VAL CA 6 -33.17 85.12 0.81
C VAL CA 6 -32.31 86.21 1.41
N PHE CA 7 -31.32 85.82 2.20
CA PHE CA 7 -30.55 86.77 2.99
C PHE CA 7 -29.64 87.75 2.22
N HIS CA 8 -29.05 87.31 1.12
CA HIS CA 8 -28.12 88.18 0.39
C HIS CA 8 -28.63 88.79 -0.92
N LEU CA 9 -29.32 87.98 -1.74
CA LEU CA 9 -29.73 88.42 -3.08
C LEU CA 9 -30.83 89.47 -3.09
N GLY CA 10 -31.58 89.58 -2.00
CA GLY CA 10 -32.71 90.49 -1.95
C GLY CA 10 -33.77 90.23 -3.01
N LEU CA 11 -34.16 88.96 -3.13
CA LEU CA 11 -35.18 88.51 -4.07
C LEU CA 11 -36.31 87.75 -3.35
N THR CA 12 -37.44 87.61 -4.04
CA THR CA 12 -38.55 86.78 -3.56
C THR CA 12 -38.86 85.72 -4.63
N LYS CA 13 -39.41 84.58 -4.22
CA LYS CA 13 -39.78 83.49 -5.14
C LYS CA 13 -40.58 84.07 -6.31
N ASN CA 14 -41.44 85.02 -5.97
CA ASN CA 14 -42.29 85.74 -6.90
C ASN CA 14 -41.57 86.47 -8.02
N ASP CA 15 -40.48 87.16 -7.68
CA ASP CA 15 -39.69 87.91 -8.65
C ASP CA 15 -39.25 87.04 -9.82
N LEU CA 16 -39.08 85.75 -9.56
CA LEU CA 16 -38.54 84.81 -10.52
C LEU CA 16 -39.58 84.31 -11.51
N GLN CA 17 -40.85 84.48 -11.18
CA GLN CA 17 -41.98 84.04 -12.01
C GLN CA 17 -41.85 82.62 -12.56
N GLY CA 18 -41.35 81.72 -11.72
CA GLY CA 18 -41.28 80.32 -12.06
C GLY CA 18 -40.05 79.96 -12.88
N ALA CA 19 -39.11 80.88 -13.01
CA ALA CA 19 -37.82 80.57 -13.64
C ALA CA 19 -37.16 79.41 -12.89
N THR CA 20 -36.51 78.54 -13.66
CA THR CA 20 -35.74 77.44 -13.07
C THR CA 20 -34.31 77.36 -13.62
N LEU CA 21 -33.94 78.30 -14.50
CA LEU CA 21 -32.59 78.35 -15.06
C LEU CA 21 -31.97 79.73 -14.88
N ALA CA 22 -30.70 79.73 -14.45
CA ALA CA 22 -30.01 81.00 -14.25
C ALA CA 22 -28.69 81.02 -15.02
N ILE CA 23 -28.43 82.13 -15.70
CA ILE CA 23 -27.12 82.37 -16.26
C ILE CA 23 -26.35 83.15 -15.19
N VAL CA 24 -25.17 82.66 -14.81
CA VAL CA 24 -24.41 83.28 -13.73
C VAL CA 24 -23.01 83.79 -14.15
N PRO CA 25 -22.92 85.05 -14.61
CA PRO CA 25 -21.63 85.68 -14.89
C PRO CA 25 -20.99 86.08 -13.56
N GLY CA 26 -19.75 86.50 -13.58
CA GLY CA 26 -19.08 86.90 -12.35
C GLY CA 26 -19.28 88.36 -12.01
N ASP CA 27 -19.35 89.20 -13.05
CA ASP CA 27 -19.34 90.65 -12.92
C ASP CA 27 -20.75 91.23 -12.92
N PRO CA 28 -21.17 91.87 -11.81
CA PRO CA 28 -22.49 92.53 -11.76
C PRO CA 28 -22.76 93.43 -12.96
N ASP CA 29 -21.72 94.09 -13.49
CA ASP CA 29 -21.87 95.03 -14.61
C ASP CA 29 -22.14 94.35 -15.95
N ARG CA 30 -21.87 93.05 -16.00
CA ARG CA 30 -22.07 92.26 -17.20
C ARG CA 30 -23.49 91.64 -17.24
N VAL CA 31 -24.20 91.69 -16.10
CA VAL CA 31 -25.53 91.07 -15.97
C VAL CA 31 -26.55 91.69 -16.93
N GLU CA 32 -26.63 93.02 -16.92
CA GLU CA 32 -27.58 93.72 -17.77
C GLU CA 32 -27.32 93.49 -19.27
N LYS CA 33 -26.04 93.47 -19.64
CA LYS CA 33 -25.65 93.22 -21.02
C LYS CA 33 -26.19 91.86 -21.50
N ILE CA 34 -26.04 90.84 -20.66
CA ILE CA 34 -26.51 89.49 -20.98
C ILE CA 34 -28.04 89.42 -21.07
N ALA CA 35 -28.71 89.95 -20.04
CA ALA CA 35 -30.18 89.99 -20.01
C ALA CA 35 -30.75 90.66 -21.27
N ALA CA 36 -30.08 91.73 -21.72
CA ALA CA 36 -30.48 92.52 -22.88
C ALA CA 36 -30.52 91.74 -24.19
N LEU CA 37 -29.85 90.58 -24.22
CA LEU CA 37 -29.87 89.72 -25.39
C LEU CA 37 -31.11 88.85 -25.44
N MET CA 38 -31.91 88.92 -24.38
CA MET CA 38 -33.17 88.19 -24.31
C MET CA 38 -34.40 89.13 -24.30
N ASP CA 39 -35.60 88.57 -24.19
CA ASP CA 39 -36.81 89.39 -24.20
C ASP CA 39 -37.21 89.91 -22.83
N LYS CA 40 -37.86 91.09 -22.82
CA LYS CA 40 -38.42 91.69 -21.61
C LYS CA 40 -37.48 91.67 -20.37
N PRO CA 41 -36.25 92.20 -20.53
CA PRO CA 41 -35.30 92.28 -19.42
C PRO CA 41 -35.73 93.30 -18.37
N VAL CA 42 -35.69 92.87 -17.11
CA VAL CA 42 -36.13 93.70 -16.01
C VAL CA 42 -35.12 93.53 -14.86
N LYS CA 43 -34.62 94.64 -14.33
CA LYS CA 43 -33.76 94.59 -13.16
C LYS CA 43 -34.60 94.15 -11.96
N LEU CA 44 -34.12 93.14 -11.25
CA LEU CA 44 -34.81 92.65 -10.07
C LEU CA 44 -34.23 93.25 -8.81
N ALA CA 45 -32.91 93.14 -8.65
CA ALA CA 45 -32.25 93.59 -7.43
C ALA CA 45 -30.75 93.78 -7.62
N SER CA 46 -30.15 94.50 -6.69
CA SER CA 46 -28.72 94.74 -6.70
C SER CA 46 -28.23 94.96 -5.27
N HIS CA 47 -27.48 93.99 -4.76
CA HIS CA 47 -26.93 94.08 -3.42
C HIS CA 47 -25.53 93.46 -3.42
N ARG CA 48 -24.59 94.16 -2.82
CA ARG CA 48 -23.20 93.74 -2.83
C ARG CA 48 -22.82 93.37 -4.28
N GLU CA 49 -22.15 92.23 -4.49
CA GLU CA 49 -21.75 91.83 -5.83
C GLU CA 49 -22.87 91.10 -6.57
N PHE CA 50 -24.05 91.02 -5.95
CA PHE CA 50 -25.14 90.27 -6.54
C PHE CA 50 -26.16 91.16 -7.25
N THR CA 51 -26.07 91.19 -8.58
CA THR CA 51 -27.04 91.88 -9.40
C THR CA 51 -27.87 90.85 -10.15
N THR CA 52 -29.20 91.02 -10.12
CA THR CA 52 -30.13 90.05 -10.68
C THR CA 52 -31.06 90.70 -11.66
N TRP CA 53 -31.11 90.17 -12.87
CA TRP CA 53 -32.12 90.56 -13.85
C TRP CA 53 -32.93 89.32 -14.18
N ARG CA 54 -34.18 89.56 -14.57
CA ARG CA 54 -35.04 88.53 -15.12
C ARG CA 54 -35.26 88.89 -16.58
N ALA CA 55 -35.33 87.88 -17.42
CA ALA CA 55 -35.68 88.07 -18.83
C ALA CA 55 -36.47 86.87 -19.30
N GLU CA 56 -36.66 86.79 -20.61
CA GLU CA 56 -37.51 85.76 -21.19
C GLU CA 56 -36.84 85.17 -22.42
N LEU CA 57 -36.93 83.84 -22.53
CA LEU CA 57 -36.31 83.10 -23.61
C LEU CA 57 -37.29 82.06 -24.12
N ASP CA 58 -37.66 82.17 -25.41
CA ASP CA 58 -38.79 81.42 -25.98
C ASP CA 58 -39.98 81.42 -25.04
N GLY CA 59 -40.38 82.60 -24.57
CA GLY CA 59 -41.52 82.76 -23.68
C GLY CA 59 -41.41 82.19 -22.27
N LYS CA 60 -40.21 81.76 -21.88
CA LYS CA 60 -39.98 81.22 -20.53
C LYS CA 60 -39.07 82.16 -19.72
N PRO CA 61 -39.42 82.40 -18.46
CA PRO CA 61 -38.63 83.30 -17.61
C PRO CA 61 -37.26 82.70 -17.29
N VAL CA 62 -36.24 83.55 -17.33
CA VAL CA 62 -34.87 83.14 -17.11
C VAL CA 62 -34.21 84.20 -16.20
N ILE CA 63 -33.33 83.75 -15.31
CA ILE CA 63 -32.62 84.67 -14.42
C ILE CA 63 -31.20 84.88 -14.89
N VAL CA 64 -30.72 86.12 -14.76
CA VAL CA 64 -29.30 86.40 -14.90
C VAL CA 64 -28.85 87.00 -13.58
N CYS CA 65 -27.81 86.42 -13.00
CA CYS CA 65 -27.37 86.77 -11.64
C CYS CA 65 -25.86 86.67 -11.47
N SER CA 66 -25.22 87.76 -11.02
CA SER CA 66 -23.78 87.77 -10.85
C SER CA 66 -23.35 87.06 -9.55
N THR CA 67 -22.19 86.38 -9.60
CA THR CA 67 -21.67 85.67 -8.46
C THR CA 67 -20.62 86.47 -7.70
N GLY CA 68 -20.05 87.48 -8.35
CA GLY CA 68 -18.86 88.14 -7.82
C GLY CA 68 -17.68 87.22 -8.09
N ILE CA 69 -16.48 87.60 -7.67
CA ILE CA 69 -15.29 86.77 -7.87
C ILE CA 69 -15.15 85.71 -6.77
N GLY CA 70 -14.94 84.44 -7.16
CA GLY CA 70 -14.59 83.41 -6.19
C GLY CA 70 -15.69 82.51 -5.63
N GLY CA 71 -15.28 81.35 -5.13
CA GLY CA 71 -16.18 80.34 -4.64
C GLY CA 71 -17.13 80.81 -3.56
N PRO CA 72 -16.63 81.49 -2.53
CA PRO CA 72 -17.50 81.87 -1.42
C PRO CA 72 -18.70 82.69 -1.89
N SER CA 73 -18.50 83.73 -2.69
CA SER CA 73 -19.65 84.51 -3.10
C SER CA 73 -20.51 83.74 -4.09
N THR CA 74 -19.88 82.89 -4.90
CA THR CA 74 -20.61 82.05 -5.84
C THR CA 74 -21.55 81.15 -5.07
N SER CA 75 -21.04 80.57 -3.99
CA SER CA 75 -21.83 79.63 -3.20
C SER CA 75 -23.03 80.30 -2.58
N ILE CA 76 -22.92 81.60 -2.26
CA ILE CA 76 -24.06 82.32 -1.71
C ILE CA 76 -25.16 82.49 -2.78
N ALA CA 77 -24.76 82.99 -3.95
CA ALA CA 77 -25.67 83.18 -5.08
C ALA CA 77 -26.36 81.88 -5.52
N VAL CA 78 -25.59 80.81 -5.67
CA VAL CA 78 -26.14 79.52 -6.09
C VAL CA 78 -27.14 78.97 -5.05
N GLU CA 79 -26.73 78.94 -3.78
CA GLU CA 79 -27.60 78.45 -2.71
C GLU CA 79 -28.92 79.18 -2.66
N GLU CA 80 -28.85 80.50 -2.67
CA GLU CA 80 -30.05 81.30 -2.53
C GLU CA 80 -30.93 81.23 -3.78
N LEU CA 81 -30.32 81.19 -4.96
CA LEU CA 81 -31.09 80.97 -6.18
C LEU CA 81 -31.81 79.61 -6.12
N ALA CA 82 -31.10 78.60 -5.61
CA ALA CA 82 -31.66 77.26 -5.52
C ALA CA 82 -32.88 77.26 -4.59
N GLN CA 83 -32.78 78.01 -3.49
CA GLN CA 83 -33.90 78.18 -2.58
C GLN CA 83 -35.12 78.80 -3.28
N LEU CA 84 -34.87 79.69 -4.25
CA LEU CA 84 -35.95 80.35 -4.96
C LEU CA 84 -36.46 79.57 -6.17
N GLY CA 85 -35.86 78.42 -6.44
CA GLY CA 85 -36.38 77.53 -7.47
C GLY CA 85 -35.48 77.23 -8.64
N ILE CA 86 -34.31 77.87 -8.72
CA ILE CA 86 -33.39 77.62 -9.82
C ILE CA 86 -32.79 76.21 -9.73
N ARG CA 87 -32.80 75.47 -10.84
CA ARG CA 87 -32.31 74.10 -10.86
C ARG CA 87 -31.20 73.88 -11.90
N THR CA 88 -30.98 74.87 -12.76
CA THR CA 88 -29.94 74.79 -13.77
C THR CA 88 -29.12 76.05 -13.72
N PHE CA 89 -27.81 75.91 -13.67
CA PHE CA 89 -26.92 77.06 -13.60
C PHE CA 89 -25.93 77.03 -14.75
N LEU CA 90 -25.89 78.10 -15.54
CA LEU CA 90 -24.93 78.21 -16.63
C LEU CA 90 -24.01 79.36 -16.35
N ARG CA 91 -22.74 79.01 -16.16
CA ARG CA 91 -21.72 80.00 -15.91
C ARG CA 91 -21.06 80.49 -17.20
N ILE CA 92 -20.96 81.81 -17.29
CA ILE CA 92 -20.33 82.48 -18.41
C ILE CA 92 -19.21 83.32 -17.85
N GLY CA 93 -18.01 83.11 -18.37
CA GLY CA 93 -16.86 83.82 -17.86
C GLY CA 93 -15.80 84.27 -18.86
N THR CA 94 -14.77 84.93 -18.32
CA THR CA 94 -13.56 85.21 -19.06
C THR CA 94 -12.46 84.39 -18.42
N THR CA 95 -11.47 84.03 -19.22
CA THR CA 95 -10.43 83.15 -18.75
C THR CA 95 -9.10 83.38 -19.47
N GLY CA 96 -8.03 82.91 -18.85
CA GLY CA 96 -6.72 82.90 -19.46
C GLY CA 96 -6.33 81.46 -19.72
N ALA CA 97 -6.06 81.16 -20.99
CA ALA CA 97 -5.59 79.83 -21.39
C ALA CA 97 -4.12 79.58 -21.02
N ILE CA 98 -3.80 78.32 -20.74
CA ILE CA 98 -2.43 77.91 -20.39
C ILE CA 98 -1.88 76.89 -21.40
N GLN CA 99 -2.66 76.59 -22.43
CA GLN CA 99 -2.18 75.74 -23.53
C GLN CA 99 -1.85 76.64 -24.69
N PRO CA 100 -0.70 76.41 -25.32
CA PRO CA 100 -0.25 77.25 -26.45
C PRO CA 100 -1.11 77.13 -27.71
N HIS CA 101 -1.88 76.05 -27.85
CA HIS CA 101 -2.74 75.91 -29.03
C HIS CA 101 -4.10 76.62 -28.89
N ILE CA 102 -4.43 77.10 -27.70
CA ILE CA 102 -5.68 77.82 -27.48
C ILE CA 102 -5.43 79.30 -27.68
N ASN CA 103 -6.26 79.95 -28.51
CA ASN CA 103 -6.07 81.36 -28.82
C ASN CA 103 -7.07 82.29 -28.17
N VAL CA 104 -6.66 83.54 -28.02
CA VAL CA 104 -7.56 84.60 -27.60
C VAL CA 104 -8.69 84.62 -28.63
N GLY CA 105 -9.92 84.51 -28.16
CA GLY CA 105 -11.08 84.44 -29.04
C GLY CA 105 -11.72 83.07 -29.07
N ASP CA 106 -10.96 82.07 -28.65
CA ASP CA 106 -11.46 80.70 -28.54
C ASP CA 106 -12.43 80.57 -27.38
N VAL CA 107 -13.30 79.56 -27.44
CA VAL CA 107 -14.31 79.36 -26.41
C VAL CA 107 -13.99 78.07 -25.70
N LEU CA 108 -13.99 78.12 -24.38
CA LEU CA 108 -13.75 76.91 -23.62
C LEU CA 108 -15.01 76.41 -22.89
N VAL CA 109 -15.32 75.14 -23.09
CA VAL CA 109 -16.35 74.48 -22.32
C VAL CA 109 -15.66 73.52 -21.34
N THR CA 110 -15.96 73.67 -20.05
CA THR CA 110 -15.33 72.89 -18.99
C THR CA 110 -16.15 71.65 -18.69
N THR CA 111 -15.52 70.47 -18.82
CA THR CA 111 -16.17 69.21 -18.41
C THR CA 111 -16.09 68.99 -16.90
N ALA CA 112 -14.98 69.40 -16.30
CA ALA CA 112 -14.73 69.24 -14.86
C ALA CA 112 -13.53 70.11 -14.46
N SER CA 113 -13.45 70.44 -13.17
CA SER CA 113 -12.41 71.37 -12.70
C SER CA 113 -11.46 70.79 -11.68
N VAL CA 114 -10.20 71.18 -11.78
CA VAL CA 114 -9.23 70.92 -10.73
C VAL CA 114 -9.66 71.79 -9.57
N ARG CA 115 -9.84 71.22 -8.40
CA ARG CA 115 -10.44 71.94 -7.30
C ARG CA 115 -9.38 72.62 -6.46
N LEU CA 116 -8.94 73.82 -6.87
CA LEU CA 116 -7.93 74.59 -6.15
C LEU CA 116 -8.59 75.67 -5.30
N ASP CA 117 -9.80 75.36 -4.80
CA ASP CA 117 -10.62 76.30 -4.05
C ASP CA 117 -10.90 75.77 -2.65
N GLY CA 118 -11.52 76.59 -1.80
CA GLY CA 118 -11.90 76.13 -0.49
C GLY CA 118 -13.36 75.74 -0.39
N ALA CA 119 -14.21 76.44 -1.14
CA ALA CA 119 -15.65 76.31 -0.94
C ALA CA 119 -16.20 74.94 -1.33
N SER CA 120 -15.64 74.32 -2.37
CA SER CA 120 -16.15 73.02 -2.81
C SER CA 120 -16.03 71.99 -1.70
N LEU CA 121 -14.96 72.09 -0.89
CA LEU CA 121 -14.78 71.19 0.25
C LEU CA 121 -15.94 71.26 1.28
N HIS CA 122 -16.69 72.36 1.25
CA HIS CA 122 -17.79 72.56 2.16
C HIS CA 122 -19.03 71.82 1.66
N PHE CA 123 -18.95 71.25 0.46
CA PHE CA 123 -20.07 70.48 -0.09
C PHE CA 123 -19.77 68.98 -0.32
N ALA CA 124 -18.54 68.68 -0.74
CA ALA CA 124 -18.10 67.31 -0.95
C ALA CA 124 -16.60 67.24 -0.67
N PRO CA 125 -16.12 66.11 -0.15
CA PRO CA 125 -14.68 65.99 0.13
C PRO CA 125 -13.89 66.03 -1.19
N LEU CA 126 -12.56 66.16 -1.11
CA LEU CA 126 -11.75 66.45 -2.29
C LEU CA 126 -11.87 65.42 -3.40
N GLU CA 127 -12.11 64.17 -3.01
CA GLU CA 127 -12.13 63.04 -3.95
C GLU CA 127 -13.33 63.06 -4.89
N PHE CA 128 -14.33 63.88 -4.56
CA PHE CA 128 -15.53 64.01 -5.35
C PHE CA 128 -15.19 64.92 -6.54
N PRO CA 129 -15.53 64.50 -7.75
CA PRO CA 129 -15.19 65.26 -8.97
C PRO CA 129 -16.00 66.54 -9.12
N ALA CA 130 -15.33 67.66 -9.35
CA ALA CA 130 -16.01 68.90 -9.71
C ALA CA 130 -16.48 68.83 -11.16
N VAL CA 131 -17.49 67.99 -11.42
CA VAL CA 131 -17.89 67.64 -12.78
C VAL CA 131 -19.13 68.39 -13.22
N ALA CA 132 -19.12 68.86 -14.46
CA ALA CA 132 -20.28 69.54 -15.03
C ALA CA 132 -21.38 68.55 -15.40
N ASP CA 133 -22.61 69.05 -15.42
CA ASP CA 133 -23.75 68.28 -15.85
C ASP CA 133 -23.61 67.95 -17.34
N PHE CA 134 -23.91 66.70 -17.69
CA PHE CA 134 -23.75 66.26 -19.07
C PHE CA 134 -24.67 67.00 -20.08
N GLU CA 135 -25.92 67.23 -19.69
CA GLU CA 135 -26.82 67.95 -20.59
C GLU CA 135 -26.35 69.38 -20.79
N CYS CA 136 -25.92 70.03 -19.70
CA CYS CA 136 -25.45 71.41 -19.79
C CYS CA 136 -24.23 71.48 -20.68
N THR CA 137 -23.28 70.60 -20.45
CA THR CA 137 -22.10 70.55 -21.29
C THR CA 137 -22.48 70.36 -22.77
N THR CA 138 -23.36 69.39 -23.03
CA THR CA 138 -23.84 69.12 -24.39
C THR CA 138 -24.46 70.36 -25.02
N ALA CA 139 -25.41 70.99 -24.32
CA ALA CA 139 -26.01 72.22 -24.81
C ALA CA 139 -24.98 73.32 -25.10
N LEU CA 140 -23.95 73.42 -24.25
CA LEU CA 140 -22.90 74.40 -24.43
C LEU CA 140 -22.04 74.10 -25.65
N VAL CA 141 -21.67 72.83 -25.81
CA VAL CA 141 -20.86 72.40 -26.95
C VAL CA 141 -21.63 72.57 -28.27
N GLU CA 142 -22.91 72.23 -28.23
CA GLU CA 142 -23.75 72.31 -29.39
C GLU CA 142 -24.05 73.76 -29.77
N ALA CA 143 -24.20 74.62 -28.76
CA ALA CA 143 -24.46 76.04 -29.02
C ALA CA 143 -23.25 76.67 -29.71
N ALA CA 144 -22.08 76.32 -29.19
CA ALA CA 144 -20.82 76.76 -29.75
C ALA CA 144 -20.66 76.33 -31.21
N LYS CA 145 -20.97 75.07 -31.51
CA LYS CA 145 -20.93 74.53 -32.87
C LYS CA 145 -21.86 75.30 -33.79
N SER CA 146 -23.02 75.68 -33.24
CA SER CA 146 -24.10 76.31 -34.00
C SER CA 146 -23.81 77.76 -34.40
N ILE CA 147 -22.92 78.43 -33.69
CA ILE CA 147 -22.52 79.79 -34.07
C ILE CA 147 -21.10 79.79 -34.61
N GLY CA 148 -20.50 78.61 -34.69
CA GLY CA 148 -19.23 78.41 -35.38
C GLY CA 148 -17.96 78.91 -34.70
N ALA CA 149 -17.97 79.03 -33.37
CA ALA CA 149 -16.78 79.42 -32.63
C ALA CA 149 -15.78 78.26 -32.55
N THR CA 150 -14.48 78.56 -32.60
CA THR CA 150 -13.51 77.49 -32.39
C THR CA 150 -13.47 77.15 -30.89
N THR CA 151 -13.71 75.88 -30.58
CA THR CA 151 -14.04 75.49 -29.23
C THR CA 151 -13.12 74.42 -28.67
N HIS CA 152 -12.77 74.54 -27.39
CA HIS CA 152 -12.06 73.46 -26.71
C HIS CA 152 -12.88 72.99 -25.53
N VAL CA 153 -12.92 71.67 -25.37
CA VAL CA 153 -13.71 71.01 -24.33
C VAL CA 153 -12.78 70.21 -23.43
N GLY CA 154 -12.83 70.46 -22.13
CA GLY CA 154 -11.89 69.79 -21.24
C GLY CA 154 -11.81 70.34 -19.83
N VAL CA 155 -10.67 70.13 -19.20
CA VAL CA 155 -10.50 70.39 -17.78
C VAL CA 155 -9.98 71.80 -17.51
N THR CA 156 -10.55 72.41 -16.48
CA THR CA 156 -10.17 73.76 -16.05
C THR CA 156 -9.61 73.71 -14.61
N ALA CA 157 -8.58 74.51 -14.34
CA ALA CA 157 -8.06 74.66 -13.00
C ALA CA 157 -8.76 75.85 -12.33
N SER CA 158 -9.44 75.59 -11.22
CA SER CA 158 -10.27 76.59 -10.58
C SER CA 158 -9.66 77.03 -9.24
N SER CA 159 -9.10 78.25 -9.20
CA SER CA 159 -8.22 78.68 -8.12
C SER CA 159 -8.86 79.72 -7.25
N ASP CA 160 -8.67 79.60 -5.93
CA ASP CA 160 -9.14 80.62 -4.99
C ASP CA 160 -8.37 81.97 -5.09
N THR CA 161 -7.28 82.04 -5.84
CA THR CA 161 -6.60 83.30 -6.00
C THR CA 161 -6.32 83.56 -7.45
N PHE CA 162 -6.17 84.83 -7.78
CA PHE CA 162 -5.85 85.21 -9.13
C PHE CA 162 -4.34 85.15 -9.30
N TYR CA 163 -3.63 85.38 -8.20
CA TYR CA 163 -2.18 85.53 -8.28
C TYR CA 163 -1.37 84.27 -7.99
N PRO CA 164 -1.10 83.95 -6.72
CA PRO CA 164 -0.24 82.78 -6.41
C PRO CA 164 -0.83 81.45 -6.91
N GLY CA 165 -2.13 81.27 -6.77
CA GLY CA 165 -2.75 80.02 -7.17
C GLY CA 165 -2.74 79.79 -8.67
N GLN CA 166 -2.50 80.86 -9.42
CA GLN CA 166 -2.33 80.74 -10.86
C GLN CA 166 -0.85 80.99 -11.17
N GLU CA 167 0.01 80.75 -10.17
CA GLU CA 167 1.45 80.94 -10.31
C GLU CA 167 1.85 82.20 -11.06
N ARG CA 168 1.31 83.35 -10.62
CA ARG CA 168 1.78 84.65 -11.10
C ARG CA 168 2.86 85.15 -10.16
N TYR CA 169 4.00 85.56 -10.74
CA TYR CA 169 5.16 86.10 -9.96
C TYR CA 169 5.28 87.60 -10.01
N ASP CA 170 4.51 88.24 -10.88
CA ASP CA 170 4.60 89.68 -10.99
C ASP CA 170 3.62 90.35 -9.99
N THR CA 171 4.04 90.36 -8.72
CA THR CA 171 3.20 90.68 -7.57
C THR CA 171 3.99 91.46 -6.54
N TYR CA 172 3.32 91.87 -5.48
CA TYR CA 172 3.97 92.63 -4.41
C TYR CA 172 5.18 91.91 -3.81
N SER CA 173 5.00 90.61 -3.52
CA SER CA 173 6.04 89.81 -2.90
C SER CA 173 6.98 89.19 -3.94
N GLY CA 174 6.47 88.94 -5.14
CA GLY CA 174 7.22 88.32 -6.22
C GLY CA 174 7.48 86.83 -6.01
N ARG CA 175 6.69 86.23 -5.14
CA ARG CA 175 6.97 84.86 -4.75
C ARG CA 175 5.68 84.00 -4.64
N VAL CA 176 5.81 82.70 -4.83
CA VAL CA 176 4.66 81.81 -4.75
C VAL CA 176 4.90 80.73 -3.67
N VAL CA 177 3.89 80.47 -2.87
CA VAL CA 177 3.99 79.47 -1.81
C VAL CA 177 4.49 78.13 -2.37
N ARG CA 178 5.29 77.40 -1.58
CA ARG CA 178 5.88 76.14 -2.05
C ARG CA 178 4.88 75.21 -2.78
N HIS CA 179 3.71 75.04 -2.20
CA HIS CA 179 2.68 74.22 -2.82
C HIS CA 179 2.37 74.56 -4.30
N PHE CA 180 2.38 75.84 -4.65
CA PHE CA 180 2.02 76.22 -6.02
C PHE CA 180 3.18 76.47 -6.98
N LYS CA 181 4.40 76.39 -6.45
CA LYS CA 181 5.59 76.54 -7.24
C LYS CA 181 5.65 75.43 -8.26
N GLY CA 182 5.73 75.78 -9.54
CA GLY CA 182 5.80 74.80 -10.59
C GLY CA 182 4.47 74.13 -10.90
N SER CA 183 3.39 74.67 -10.33
CA SER CA 183 2.09 74.07 -10.53
C SER CA 183 1.48 74.29 -11.91
N MET CA 184 1.74 75.43 -12.53
CA MET CA 184 1.18 75.71 -13.87
C MET CA 184 1.72 74.73 -14.91
N GLU CA 185 3.02 74.48 -14.84
CA GLU CA 185 3.66 73.53 -15.72
C GLU CA 185 3.05 72.13 -15.53
N GLU CA 186 2.74 71.76 -14.28
CA GLU CA 186 2.06 70.48 -14.04
C GLU CA 186 0.65 70.45 -14.72
N TRP CA 187 -0.17 71.47 -14.46
CA TRP CA 187 -1.50 71.45 -15.05
C TRP CA 187 -1.43 71.41 -16.57
N GLN CA 188 -0.46 72.15 -17.11
CA GLN CA 188 -0.17 72.20 -18.54
C GLN CA 188 0.07 70.81 -19.08
N ALA CA 189 0.94 70.06 -18.42
CA ALA CA 189 1.29 68.70 -18.86
C ALA CA 189 0.11 67.76 -18.81
N MET CA 190 -0.80 68.05 -17.89
CA MET CA 190 -1.96 67.22 -17.66
C MET CA 190 -3.14 67.62 -18.55
N GLY CA 191 -2.89 68.53 -19.49
CA GLY CA 191 -3.86 68.91 -20.48
C GLY CA 191 -4.88 69.92 -20.02
N VAL CA 192 -4.69 70.51 -18.85
CA VAL CA 192 -5.63 71.52 -18.31
C VAL CA 192 -5.65 72.74 -19.24
N MET CA 193 -6.83 73.25 -19.56
CA MET CA 193 -6.96 74.32 -20.56
C MET CA 193 -6.62 75.70 -20.05
N ASN CA 194 -7.04 76.00 -18.83
CA ASN CA 194 -7.13 77.37 -18.36
C ASN CA 194 -7.26 77.47 -16.86
N TYR CA 195 -7.09 78.68 -16.36
CA TYR CA 195 -7.42 79.03 -15.00
C TYR CA 195 -8.65 79.92 -14.97
N GLU CA 196 -9.53 79.66 -14.03
CA GLU CA 196 -10.51 80.66 -13.59
C GLU CA 196 -10.78 80.42 -12.08
N MET CA 197 -11.78 81.09 -11.53
CA MET CA 197 -11.86 81.14 -10.08
C MET CA 197 -13.19 80.71 -9.46
N GLU CA 198 -14.11 80.17 -10.25
CA GLU CA 198 -15.40 79.89 -9.69
C GLU CA 198 -15.94 78.50 -9.97
N SER CA 199 -15.43 77.85 -11.01
CA SER CA 199 -16.06 76.62 -11.47
C SER CA 199 -15.97 75.46 -10.48
N ALA CA 200 -14.84 75.34 -9.77
CA ALA CA 200 -14.73 74.26 -8.81
C ALA CA 200 -15.87 74.31 -7.79
N THR CA 201 -16.13 75.50 -7.25
CA THR CA 201 -17.22 75.65 -6.29
C THR CA 201 -18.57 75.37 -6.94
N LEU CA 202 -18.80 76.02 -8.08
CA LEU CA 202 -20.07 75.88 -8.79
C LEU CA 202 -20.37 74.43 -9.13
N LEU CA 203 -19.43 73.76 -9.81
CA LEU CA 203 -19.67 72.42 -10.29
C LEU CA 203 -19.83 71.46 -9.14
N THR CA 204 -19.03 71.61 -8.09
CA THR CA 204 -19.09 70.66 -6.99
C THR CA 204 -20.39 70.78 -6.23
N MET CA 205 -20.78 72.02 -5.94
CA MET CA 205 -21.97 72.25 -5.14
C MET CA 205 -23.21 71.84 -5.90
N CYS CA 206 -23.20 72.00 -7.21
CA CYS CA 206 -24.34 71.57 -8.01
C CYS CA 206 -24.41 70.04 -8.18
N ALA CA 207 -23.30 69.44 -8.60
CA ALA CA 207 -23.21 67.99 -8.80
C ALA CA 207 -23.52 67.18 -7.57
N SER CA 208 -23.26 67.74 -6.39
CA SER CA 208 -23.53 67.03 -5.15
C SER CA 208 -24.90 67.35 -4.53
N GLN CA 209 -25.73 68.13 -5.20
CA GLN CA 209 -27.04 68.53 -4.66
C GLN CA 209 -28.15 68.38 -5.68
N GLY CA 210 -27.90 67.62 -6.75
CA GLY CA 210 -28.91 67.40 -7.77
C GLY CA 210 -29.21 68.62 -8.62
N LEU CA 211 -28.30 69.58 -8.70
CA LEU CA 211 -28.49 70.74 -9.53
C LEU CA 211 -27.63 70.61 -10.76
N ARG CA 212 -28.11 71.13 -11.88
CA ARG CA 212 -27.41 71.04 -13.16
C ARG CA 212 -26.57 72.27 -13.38
N ALA CA 213 -25.30 72.09 -13.72
CA ALA CA 213 -24.42 73.21 -13.96
C ALA CA 213 -23.52 72.97 -15.16
N GLY CA 214 -23.23 74.05 -15.88
CA GLY CA 214 -22.32 74.05 -17.01
C GLY CA 214 -21.43 75.27 -16.96
N MET CA 215 -20.34 75.23 -17.72
CA MET CA 215 -19.38 76.31 -17.70
C MET CA 215 -18.87 76.60 -19.08
N VAL CA 216 -18.89 77.87 -19.45
CA VAL CA 216 -18.31 78.32 -20.72
C VAL CA 216 -17.59 79.65 -20.48
N ALA CA 217 -16.45 79.82 -21.14
CA ALA CA 217 -15.68 81.06 -21.03
C ALA CA 217 -14.99 81.42 -22.34
N GLY CA 218 -14.80 82.72 -22.55
CA GLY CA 218 -14.05 83.19 -23.68
C GLY CA 218 -12.65 83.49 -23.22
N VAL CA 219 -11.68 83.14 -24.07
CA VAL CA 219 -10.26 83.35 -23.78
C VAL CA 219 -9.84 84.79 -24.08
N ILE CA 220 -9.42 85.51 -23.03
CA ILE CA 220 -8.98 86.89 -23.15
C ILE CA 220 -7.45 87.06 -23.14
N VAL CA 221 -6.74 86.10 -22.57
CA VAL CA 221 -5.28 86.14 -22.56
C VAL CA 221 -4.71 84.72 -22.59
N ASN CA 222 -3.47 84.59 -23.11
CA ASN CA 222 -2.74 83.34 -23.05
C ASN CA 222 -1.47 83.42 -22.20
N ARG CA 223 -1.41 82.59 -21.17
CA ARG CA 223 -0.35 82.61 -20.17
C ARG CA 223 1.00 82.18 -20.70
N THR CA 224 1.01 81.53 -21.87
CA THR CA 224 2.28 81.10 -22.46
C THR CA 224 2.99 82.24 -23.14
N GLN CA 225 2.45 83.47 -23.00
CA GLN CA 225 3.15 84.72 -23.38
C GLN CA 225 3.15 85.87 -22.31
N GLN CA 226 2.16 85.85 -21.41
CA GLN CA 226 1.86 86.98 -20.51
C GLN CA 226 1.17 86.54 -19.21
N GLU CA 227 1.39 87.29 -18.13
CA GLU CA 227 0.61 87.13 -16.89
C GLU CA 227 -0.68 87.99 -16.89
N ILE CA 228 -0.47 89.31 -16.95
CA ILE CA 228 -1.56 90.31 -17.03
C ILE CA 228 -2.05 90.51 -18.48
N PRO CA 229 -3.35 90.35 -18.72
CA PRO CA 229 -3.99 90.82 -19.97
C PRO CA 229 -3.75 92.32 -20.24
N MET CA 234 -11.46 91.27 -29.02
CA MET CA 234 -11.47 91.02 -27.58
C MET CA 234 -12.85 91.22 -26.96
N LYS CA 235 -13.49 92.35 -27.26
CA LYS CA 235 -14.88 92.59 -26.84
C LYS CA 235 -15.82 91.65 -27.61
N GLN CA 236 -15.36 91.22 -28.79
CA GLN CA 236 -16.11 90.33 -29.68
C GLN CA 236 -15.98 88.87 -29.28
N THR CA 237 -14.99 88.59 -28.42
CA THR CA 237 -14.75 87.25 -27.88
C THR CA 237 -15.77 86.87 -26.81
N GLU CA 238 -16.02 87.80 -25.88
CA GLU CA 238 -17.02 87.60 -24.83
C GLU CA 238 -18.45 87.73 -25.38
N SER CA 239 -18.58 88.45 -26.50
CA SER CA 239 -19.81 88.49 -27.29
C SER CA 239 -20.14 87.11 -27.87
N HIS CA 240 -19.10 86.35 -28.24
CA HIS CA 240 -19.25 84.98 -28.74
C HIS CA 240 -19.72 84.09 -27.61
N ALA CA 241 -18.97 84.12 -26.50
CA ALA CA 241 -19.28 83.31 -25.33
C ALA CA 241 -20.67 83.60 -24.79
N VAL CA 242 -21.03 84.88 -24.66
CA VAL CA 242 -22.35 85.26 -24.17
C VAL CA 242 -23.43 84.72 -25.11
N LYS CA 243 -23.24 84.91 -26.42
CA LYS CA 243 -24.14 84.36 -27.42
C LYS CA 243 -24.28 82.85 -27.21
N ILE CA 244 -23.18 82.18 -26.95
CA ILE CA 244 -23.20 80.74 -26.77
C ILE CA 244 -23.98 80.32 -25.51
N VAL CA 245 -23.77 81.02 -24.39
CA VAL CA 245 -24.43 80.66 -23.15
C VAL CA 245 -25.93 80.86 -23.25
N VAL CA 246 -26.34 81.94 -23.92
CA VAL CA 246 -27.75 82.22 -24.10
C VAL CA 246 -28.38 81.16 -25.00
N GLU CA 247 -27.67 80.77 -26.05
CA GLU CA 247 -28.16 79.75 -26.95
C GLU CA 247 -28.23 78.37 -26.28
N ALA CA 248 -27.32 78.12 -25.36
CA ALA CA 248 -27.34 76.88 -24.60
C ALA CA 248 -28.52 76.85 -23.65
N ALA CA 249 -28.78 77.99 -23.01
CA ALA CA 249 -29.92 78.16 -22.13
C ALA CA 249 -31.18 77.81 -22.90
N ARG CA 250 -31.31 78.32 -24.12
CA ARG CA 250 -32.43 78.01 -25.00
C ARG CA 250 -32.69 76.49 -25.06
N ARG CA 251 -31.62 75.72 -25.21
CA ARG CA 251 -31.73 74.27 -25.38
C ARG CA 251 -31.97 73.52 -24.07
N LEU CA 252 -31.81 74.18 -22.93
CA LEU CA 252 -32.00 73.51 -21.66
C LEU CA 252 -33.34 73.84 -20.99
N LEU CA 253 -34.18 74.58 -21.69
CA LEU CA 253 -35.41 75.12 -21.13
C LEU CA 253 -36.51 74.10 -21.07
N SER DA 4 -4.92 102.95 -15.50
CA SER DA 4 -4.92 102.13 -14.25
C SER DA 4 -3.65 101.25 -14.02
N ASP DA 5 -3.13 101.23 -12.79
CA ASP DA 5 -1.90 100.49 -12.47
C ASP DA 5 -2.14 99.03 -12.09
N VAL DA 6 -3.40 98.65 -11.86
CA VAL DA 6 -3.72 97.31 -11.34
C VAL DA 6 -4.87 96.69 -12.13
N PHE DA 7 -4.88 95.36 -12.23
CA PHE DA 7 -5.85 94.70 -13.11
C PHE DA 7 -7.31 94.90 -12.71
N HIS DA 8 -7.63 94.70 -11.43
CA HIS DA 8 -9.03 94.74 -11.03
C HIS DA 8 -9.60 96.07 -10.50
N LEU DA 9 -8.84 96.75 -9.65
CA LEU DA 9 -9.36 97.89 -8.88
C LEU DA 9 -9.52 99.19 -9.66
N GLY DA 10 -8.87 99.30 -10.82
CA GLY DA 10 -8.93 100.51 -11.63
C GLY DA 10 -8.37 101.75 -10.92
N LEU DA 11 -7.23 101.58 -10.25
CA LEU DA 11 -6.58 102.67 -9.50
C LEU DA 11 -5.14 102.85 -9.98
N THR DA 12 -4.62 104.07 -9.80
CA THR DA 12 -3.21 104.36 -10.04
C THR DA 12 -2.56 104.76 -8.73
N LYS DA 13 -1.24 104.53 -8.62
CA LYS DA 13 -0.48 104.88 -7.41
C LYS DA 13 -0.75 106.34 -7.05
N ASN DA 14 -0.84 107.17 -8.07
CA ASN DA 14 -1.18 108.55 -7.88
C ASN DA 14 -2.50 108.82 -7.19
N ASP DA 15 -3.52 108.00 -7.47
CA ASP DA 15 -4.85 108.16 -6.87
C ASP DA 15 -4.80 108.10 -5.36
N LEU DA 16 -3.81 107.35 -4.85
CA LEU DA 16 -3.67 107.09 -3.43
C LEU DA 16 -3.00 108.23 -2.63
N GLN DA 17 -2.34 109.14 -3.34
CA GLN DA 17 -1.67 110.32 -2.76
C GLN DA 17 -0.77 109.98 -1.56
N GLY DA 18 -0.10 108.84 -1.66
CA GLY DA 18 0.86 108.42 -0.66
C GLY DA 18 0.25 107.63 0.48
N ALA DA 19 -1.04 107.32 0.40
CA ALA DA 19 -1.72 106.54 1.44
C ALA DA 19 -1.04 105.21 1.67
N THR DA 20 -0.91 104.80 2.93
CA THR DA 20 -0.33 103.49 3.22
C THR DA 20 -1.25 102.63 4.10
N LEU DA 21 -2.40 103.17 4.50
CA LEU DA 21 -3.38 102.39 5.28
C LEU DA 21 -4.73 102.33 4.57
N ALA DA 22 -5.39 101.16 4.61
CA ALA DA 22 -6.72 100.99 4.04
C ALA DA 22 -7.70 100.34 5.02
N ILE DA 23 -8.90 100.93 5.12
CA ILE DA 23 -10.00 100.27 5.80
C ILE DA 23 -10.69 99.44 4.75
N VAL DA 24 -10.88 98.14 5.02
CA VAL DA 24 -11.47 97.21 4.05
C VAL DA 24 -12.75 96.51 4.51
N PRO DA 25 -13.90 97.11 4.23
CA PRO DA 25 -15.20 96.47 4.49
C PRO DA 25 -15.55 95.43 3.42
N GLY DA 26 -16.65 94.70 3.62
CA GLY DA 26 -17.04 93.67 2.69
C GLY DA 26 -17.79 94.26 1.52
N ASP DA 27 -18.72 95.14 1.85
CA ASP DA 27 -19.76 95.57 0.92
C ASP DA 27 -19.43 96.90 0.23
N PRO DA 28 -19.35 96.90 -1.10
CA PRO DA 28 -19.10 98.13 -1.87
C PRO DA 28 -19.95 99.31 -1.44
N ASP DA 29 -21.20 99.04 -1.04
CA ASP DA 29 -22.15 100.10 -0.66
C ASP DA 29 -21.88 100.77 0.69
N ARG DA 30 -21.01 100.16 1.49
CA ARG DA 30 -20.64 100.72 2.78
C ARG DA 30 -19.33 101.51 2.76
N VAL DA 31 -18.63 101.49 1.62
CA VAL DA 31 -17.36 102.22 1.47
C VAL DA 31 -17.58 103.74 1.63
N GLU DA 32 -18.54 104.28 0.91
CA GLU DA 32 -18.79 105.73 0.93
C GLU DA 32 -19.15 106.19 2.35
N LYS DA 33 -19.96 105.38 3.03
CA LYS DA 33 -20.44 105.71 4.37
C LYS DA 33 -19.28 105.77 5.38
N ILE DA 34 -18.33 104.85 5.27
CA ILE DA 34 -17.12 104.86 6.11
C ILE DA 34 -16.24 106.08 5.82
N ALA DA 35 -16.02 106.35 4.52
CA ALA DA 35 -15.14 107.44 4.09
C ALA DA 35 -15.68 108.77 4.53
N ALA DA 36 -17.01 108.86 4.60
CA ALA DA 36 -17.71 110.08 4.96
C ALA DA 36 -17.54 110.46 6.43
N LEU DA 37 -16.95 109.56 7.22
CA LEU DA 37 -16.66 109.89 8.59
C LEU DA 37 -15.37 110.67 8.71
N MET DA 38 -14.52 110.58 7.68
CA MET DA 38 -13.24 111.28 7.65
C MET DA 38 -13.33 112.58 6.80
N ASP DA 39 -12.20 113.22 6.53
CA ASP DA 39 -12.18 114.48 5.80
C ASP DA 39 -11.91 114.31 4.33
N LYS DA 40 -12.41 115.25 3.54
CA LYS DA 40 -12.16 115.30 2.10
C LYS DA 40 -12.38 113.96 1.36
N PRO DA 41 -13.55 113.32 1.57
CA PRO DA 41 -13.85 112.03 0.92
C PRO DA 41 -14.07 112.21 -0.57
N VAL DA 42 -13.49 111.31 -1.35
CA VAL DA 42 -13.56 111.36 -2.81
C VAL DA 42 -13.67 109.93 -3.28
N LYS DA 43 -14.57 109.69 -4.25
CA LYS DA 43 -14.63 108.38 -4.92
C LYS DA 43 -13.48 108.26 -5.90
N LEU DA 44 -12.76 107.15 -5.85
CA LEU DA 44 -11.68 106.91 -6.80
C LEU DA 44 -12.14 106.03 -7.94
N ALA DA 45 -12.76 104.90 -7.60
CA ALA DA 45 -13.14 103.92 -8.62
C ALA DA 45 -14.18 102.95 -8.15
N SER DA 46 -14.76 102.23 -9.09
CA SER DA 46 -15.75 101.21 -8.79
C SER DA 46 -15.77 100.20 -9.92
N HIS DA 47 -15.24 99.00 -9.65
CA HIS DA 47 -15.23 97.91 -10.62
C HIS DA 47 -15.57 96.62 -9.91
N ARG DA 48 -16.49 95.85 -10.49
CA ARG DA 48 -16.98 94.63 -9.84
C ARG DA 48 -17.36 94.94 -8.38
N GLU DA 49 -16.93 94.10 -7.46
CA GLU DA 49 -17.23 94.34 -6.05
C GLU DA 49 -16.27 95.30 -5.38
N PHE DA 50 -15.40 95.94 -6.15
CA PHE DA 50 -14.34 96.77 -5.59
C PHE DA 50 -14.61 98.24 -5.75
N THR DA 51 -15.16 98.84 -4.69
CA THR DA 51 -15.41 100.29 -4.69
C THR DA 51 -14.33 100.95 -3.84
N THR DA 52 -13.73 102.01 -4.35
CA THR DA 52 -12.62 102.64 -3.64
C THR DA 52 -12.81 104.12 -3.42
N TRP DA 53 -12.79 104.53 -2.16
CA TRP DA 53 -12.81 105.95 -1.84
C TRP DA 53 -11.53 106.32 -1.12
N ARG DA 54 -11.12 107.57 -1.28
CA ARG DA 54 -10.00 108.11 -0.53
C ARG DA 54 -10.49 109.19 0.41
N ALA DA 55 -9.93 109.26 1.61
CA ALA DA 55 -10.27 110.34 2.52
C ALA DA 55 -9.02 110.82 3.23
N GLU DA 56 -9.18 111.70 4.21
CA GLU DA 56 -8.06 112.21 4.98
C GLU DA 56 -8.34 112.05 6.45
N LEU DA 57 -7.35 111.60 7.21
CA LEU DA 57 -7.50 111.40 8.64
C LEU DA 57 -6.31 112.06 9.33
N ASP DA 58 -6.61 113.08 10.14
CA ASP DA 58 -5.58 113.94 10.74
C ASP DA 58 -4.55 114.41 9.72
N GLY DA 59 -5.02 114.88 8.58
CA GLY DA 59 -4.11 115.35 7.53
C GLY DA 59 -3.46 114.29 6.65
N LYS DA 60 -3.61 113.01 7.00
CA LYS DA 60 -3.03 111.95 6.17
C LYS DA 60 -4.07 111.28 5.30
N PRO DA 61 -3.69 110.98 4.05
CA PRO DA 61 -4.55 110.25 3.12
C PRO DA 61 -4.77 108.78 3.54
N VAL DA 62 -6.01 108.34 3.42
CA VAL DA 62 -6.43 107.00 3.85
C VAL DA 62 -7.31 106.43 2.76
N ILE DA 63 -7.22 105.12 2.53
CA ILE DA 63 -8.05 104.45 1.52
C ILE DA 63 -9.17 103.68 2.17
N VAL DA 64 -10.36 103.71 1.58
CA VAL DA 64 -11.44 102.77 1.93
C VAL DA 64 -11.79 101.96 0.69
N CYS DA 65 -11.72 100.63 0.81
CA CYS DA 65 -11.86 99.74 -0.35
C CYS DA 65 -12.57 98.44 0.01
N SER DA 66 -13.67 98.15 -0.70
CA SER DA 66 -14.49 96.93 -0.46
C SER DA 66 -13.85 95.67 -1.06
N THR DA 67 -14.02 94.54 -0.38
CA THR DA 67 -13.38 93.29 -0.77
C THR DA 67 -14.34 92.35 -1.45
N GLY DA 68 -15.64 92.61 -1.28
CA GLY DA 68 -16.68 91.64 -1.64
C GLY DA 68 -16.62 90.52 -0.60
N ILE DA 69 -17.33 89.43 -0.87
CA ILE DA 69 -17.45 88.33 0.08
C ILE DA 69 -16.44 87.27 -0.24
N GLY DA 70 -15.69 86.83 0.76
CA GLY DA 70 -14.86 85.64 0.62
C GLY DA 70 -13.40 85.93 0.35
N GLY DA 71 -12.56 84.94 0.59
CA GLY DA 71 -11.11 85.06 0.43
C GLY DA 71 -10.64 85.47 -0.97
N PRO DA 72 -11.12 84.79 -2.01
CA PRO DA 72 -10.72 85.12 -3.38
C PRO DA 72 -10.77 86.59 -3.71
N SER DA 73 -11.89 87.28 -3.58
CA SER DA 73 -11.87 88.71 -3.93
C SER DA 73 -11.05 89.57 -2.94
N THR DA 74 -11.09 89.20 -1.67
CA THR DA 74 -10.25 89.84 -0.68
C THR DA 74 -8.80 89.79 -1.11
N SER DA 75 -8.39 88.60 -1.58
CA SER DA 75 -7.02 88.37 -2.00
C SER DA 75 -6.64 89.25 -3.17
N ILE DA 76 -7.56 89.49 -4.09
CA ILE DA 76 -7.35 90.46 -5.20
C ILE DA 76 -7.17 91.90 -4.70
N ALA DA 77 -8.10 92.35 -3.85
CA ALA DA 77 -8.03 93.72 -3.34
C ALA DA 77 -6.78 93.98 -2.50
N VAL DA 78 -6.47 93.06 -1.60
CA VAL DA 78 -5.30 93.23 -0.76
C VAL DA 78 -3.99 93.26 -1.59
N GLU DA 79 -3.87 92.33 -2.53
CA GLU DA 79 -2.72 92.29 -3.41
C GLU DA 79 -2.56 93.59 -4.18
N GLU DA 80 -3.64 94.07 -4.79
CA GLU DA 80 -3.50 95.24 -5.67
C GLU DA 80 -3.33 96.52 -4.86
N LEU DA 81 -4.03 96.62 -3.73
CA LEU DA 81 -3.77 97.72 -2.80
C LEU DA 81 -2.29 97.73 -2.34
N ALA DA 82 -1.72 96.54 -2.13
CA ALA DA 82 -0.34 96.44 -1.62
C ALA DA 82 0.62 96.94 -2.69
N GLN DA 83 0.30 96.59 -3.94
CA GLN DA 83 1.07 97.02 -5.10
C GLN DA 83 1.07 98.55 -5.18
N LEU DA 84 -0.03 99.17 -4.77
CA LEU DA 84 -0.15 100.61 -4.84
C LEU DA 84 0.38 101.32 -3.61
N GLY DA 85 0.92 100.55 -2.67
CA GLY DA 85 1.62 101.12 -1.52
C GLY DA 85 0.95 100.99 -0.18
N ILE DA 86 -0.24 100.38 -0.11
CA ILE DA 86 -0.87 100.09 1.19
C ILE DA 86 -0.04 99.05 1.97
N ARG DA 87 0.12 99.29 3.27
CA ARG DA 87 0.91 98.41 4.14
C ARG DA 87 0.15 98.03 5.42
N THR DA 88 -0.98 98.69 5.64
CA THR DA 88 -1.84 98.39 6.78
C THR DA 88 -3.32 98.20 6.37
N PHE DA 89 -3.88 97.05 6.74
CA PHE DA 89 -5.24 96.72 6.35
C PHE DA 89 -6.15 96.52 7.58
N LEU DA 90 -7.17 97.35 7.70
CA LEU DA 90 -8.10 97.17 8.80
C LEU DA 90 -9.46 96.70 8.29
N ARG DA 91 -9.79 95.45 8.62
CA ARG DA 91 -11.04 94.85 8.24
C ARG DA 91 -12.14 95.28 9.18
N ILE DA 92 -13.20 95.84 8.62
CA ILE DA 92 -14.40 96.18 9.37
C ILE DA 92 -15.60 95.37 8.87
N GLY DA 93 -16.24 94.67 9.80
CA GLY DA 93 -17.40 93.86 9.46
C GLY DA 93 -18.57 93.86 10.45
N THR DA 94 -19.62 93.16 10.05
CA THR DA 94 -20.67 92.73 10.95
C THR DA 94 -20.56 91.23 10.95
N THR DA 95 -20.98 90.60 12.04
CA THR DA 95 -20.79 89.16 12.19
C THR DA 95 -21.83 88.52 13.12
N GLY DA 96 -21.80 87.20 13.18
CA GLY DA 96 -22.67 86.46 14.07
C GLY DA 96 -21.90 85.62 15.08
N ALA DA 97 -22.10 85.94 16.36
CA ALA DA 97 -21.45 85.24 17.46
C ALA DA 97 -22.00 83.84 17.63
N ILE DA 98 -21.12 82.93 18.06
CA ILE DA 98 -21.54 81.57 18.36
C ILE DA 98 -21.39 81.24 19.85
N GLN DA 99 -21.05 82.24 20.67
CA GLN DA 99 -20.92 82.05 22.11
C GLN DA 99 -22.11 82.68 22.79
N PRO DA 100 -22.70 82.01 23.78
CA PRO DA 100 -23.87 82.54 24.48
C PRO DA 100 -23.63 83.84 25.25
N HIS DA 101 -22.43 84.10 25.73
CA HIS DA 101 -22.17 85.33 26.49
C HIS DA 101 -21.99 86.57 25.62
N ILE DA 102 -21.82 86.40 24.32
CA ILE DA 102 -21.65 87.54 23.41
C ILE DA 102 -23.02 88.06 22.92
N ASN DA 103 -23.28 89.34 23.13
CA ASN DA 103 -24.58 89.90 22.79
C ASN DA 103 -24.65 90.71 21.51
N VAL DA 104 -25.85 90.80 20.95
CA VAL DA 104 -26.06 91.68 19.81
C VAL DA 104 -25.64 93.07 20.27
N GLY DA 105 -24.81 93.76 19.49
CA GLY DA 105 -24.31 95.07 19.88
C GLY DA 105 -22.86 95.04 20.33
N ASP DA 106 -22.39 93.85 20.71
CA ASP DA 106 -21.02 93.70 21.19
C ASP DA 106 -20.05 93.86 20.01
N VAL DA 107 -18.77 94.05 20.32
CA VAL DA 107 -17.77 94.31 19.32
C VAL DA 107 -16.70 93.23 19.46
N LEU DA 108 -16.26 92.66 18.34
CA LEU DA 108 -15.25 91.60 18.36
C LEU DA 108 -13.95 91.98 17.66
N VAL DA 109 -12.85 91.85 18.39
CA VAL DA 109 -11.53 92.07 17.80
C VAL DA 109 -10.90 90.70 17.69
N THR DA 110 -10.45 90.35 16.49
CA THR DA 110 -9.92 89.03 16.20
C THR DA 110 -8.39 88.93 16.33
N THR DA 111 -7.89 88.05 17.20
CA THR DA 111 -6.45 87.92 17.34
C THR DA 111 -5.89 87.04 16.27
N ALA DA 112 -6.73 86.11 15.81
CA ALA DA 112 -6.36 85.13 14.78
C ALA DA 112 -7.59 84.32 14.37
N SER DA 113 -7.53 83.70 13.20
CA SER DA 113 -8.67 82.95 12.69
C SER DA 113 -8.42 81.46 12.45
N VAL DA 114 -9.46 80.66 12.70
CA VAL DA 114 -9.48 79.28 12.24
C VAL DA 114 -9.65 79.36 10.73
N ARG DA 115 -8.76 78.69 10.01
CA ARG DA 115 -8.64 78.82 8.56
C ARG DA 115 -9.53 77.82 7.84
N LEU DA 116 -10.80 78.18 7.63
CA LEU DA 116 -11.75 77.28 6.96
C LEU DA 116 -11.95 77.71 5.51
N ASP DA 117 -10.87 78.27 4.94
CA ASP DA 117 -10.96 78.87 3.63
C ASP DA 117 -10.00 78.13 2.74
N GLY DA 118 -9.96 78.53 1.46
CA GLY DA 118 -8.99 78.00 0.53
C GLY DA 118 -7.88 78.97 0.17
N ALA DA 119 -8.19 80.26 0.18
CA ALA DA 119 -7.29 81.26 -0.35
C ALA DA 119 -6.01 81.39 0.51
N SER DA 120 -6.14 81.30 1.82
CA SER DA 120 -4.99 81.40 2.71
C SER DA 120 -3.89 80.37 2.38
N LEU DA 121 -4.30 79.17 1.97
CA LEU DA 121 -3.39 78.12 1.54
C LEU DA 121 -2.56 78.51 0.32
N HIS DA 122 -3.02 79.51 -0.39
CA HIS DA 122 -2.31 80.00 -1.56
C HIS DA 122 -1.16 80.93 -1.15
N PHE DA 123 -1.13 81.27 0.15
CA PHE DA 123 -0.10 82.15 0.72
C PHE DA 123 0.86 81.49 1.70
N ALA DA 124 0.31 80.60 2.53
CA ALA DA 124 1.07 79.85 3.52
C ALA DA 124 0.39 78.47 3.76
N PRO DA 125 1.16 77.43 4.07
CA PRO DA 125 0.55 76.15 4.39
C PRO DA 125 -0.30 76.27 5.68
N LEU DA 126 -1.23 75.33 5.86
CA LEU DA 126 -2.24 75.38 6.89
C LEU DA 126 -1.66 75.64 8.29
N GLU DA 127 -0.50 75.02 8.57
CA GLU DA 127 0.16 75.12 9.87
C GLU DA 127 0.53 76.58 10.26
N PHE DA 128 0.56 77.48 9.29
CA PHE DA 128 0.90 78.87 9.57
C PHE DA 128 -0.31 79.60 10.13
N PRO DA 129 -0.13 80.33 11.25
CA PRO DA 129 -1.28 80.91 11.94
C PRO DA 129 -1.88 82.08 11.19
N ALA DA 130 -3.20 82.09 11.02
CA ALA DA 130 -3.88 83.27 10.48
C ALA DA 130 -4.00 84.32 11.60
N VAL DA 131 -2.85 84.94 11.91
CA VAL DA 131 -2.74 85.83 13.06
C VAL DA 131 -2.74 87.30 12.64
N ALA DA 132 -3.41 88.13 13.43
CA ALA DA 132 -3.45 89.59 13.18
C ALA DA 132 -2.15 90.23 13.64
N ASP DA 133 -1.86 91.40 13.08
CA ASP DA 133 -0.72 92.17 13.54
C ASP DA 133 -0.98 92.71 14.97
N PHE DA 134 0.05 92.75 15.79
CA PHE DA 134 -0.13 93.11 17.20
C PHE DA 134 -0.43 94.62 17.39
N GLU DA 135 0.15 95.44 16.54
CA GLU DA 135 -0.12 96.88 16.59
C GLU DA 135 -1.54 97.18 16.19
N CYS DA 136 -2.04 96.48 15.16
CA CYS DA 136 -3.40 96.68 14.70
C CYS DA 136 -4.40 96.25 15.75
N THR DA 137 -4.22 95.04 16.29
CA THR DA 137 -5.08 94.54 17.36
C THR DA 137 -5.07 95.47 18.57
N THR DA 138 -3.89 95.93 18.97
CA THR DA 138 -3.78 96.89 20.06
C THR DA 138 -4.60 98.14 19.76
N ALA DA 139 -4.38 98.72 18.59
CA ALA DA 139 -5.11 99.91 18.16
C ALA DA 139 -6.62 99.70 18.22
N LEU DA 140 -7.07 98.55 17.75
CA LEU DA 140 -8.49 98.23 17.72
C LEU DA 140 -9.07 98.08 19.12
N VAL DA 141 -8.39 97.31 19.96
CA VAL DA 141 -8.82 97.10 21.35
C VAL DA 141 -8.86 98.42 22.10
N GLU DA 142 -7.89 99.28 21.82
CA GLU DA 142 -7.80 100.57 22.49
C GLU DA 142 -8.83 101.59 21.98
N ALA DA 143 -9.13 101.55 20.68
CA ALA DA 143 -10.19 102.36 20.10
C ALA DA 143 -11.51 101.97 20.74
N ALA DA 144 -11.76 100.67 20.80
CA ALA DA 144 -12.97 100.12 21.39
C ALA DA 144 -13.17 100.56 22.83
N LYS DA 145 -12.11 100.50 23.62
CA LYS DA 145 -12.14 100.96 25.01
C LYS DA 145 -12.45 102.45 25.13
N SER DA 146 -11.99 103.23 24.16
CA SER DA 146 -12.10 104.68 24.21
C SER DA 146 -13.48 105.22 23.81
N ILE DA 147 -14.19 104.52 22.92
CA ILE DA 147 -15.56 104.92 22.57
C ILE DA 147 -16.62 104.23 23.45
N GLY DA 148 -16.22 103.11 24.07
CA GLY DA 148 -16.99 102.52 25.15
C GLY DA 148 -17.70 101.21 24.89
N ALA DA 149 -17.47 100.60 23.74
CA ALA DA 149 -18.12 99.33 23.39
C ALA DA 149 -17.82 98.25 24.42
N THR DA 150 -18.73 97.30 24.61
CA THR DA 150 -18.37 96.06 25.29
C THR DA 150 -17.71 95.08 24.28
N THR DA 151 -16.43 94.79 24.52
CA THR DA 151 -15.57 94.16 23.54
C THR DA 151 -15.13 92.77 23.97
N HIS DA 152 -15.06 91.87 22.98
CA HIS DA 152 -14.51 90.53 23.17
C HIS DA 152 -13.33 90.33 22.23
N VAL DA 153 -12.22 89.83 22.78
CA VAL DA 153 -11.00 89.66 22.02
C VAL DA 153 -10.68 88.16 21.97
N GLY DA 154 -10.47 87.63 20.77
CA GLY DA 154 -10.18 86.22 20.63
C GLY DA 154 -10.17 85.71 19.21
N VAL DA 155 -10.48 84.43 19.07
CA VAL DA 155 -10.42 83.72 17.79
C VAL DA 155 -11.72 83.72 17.01
N THR DA 156 -11.59 83.83 15.70
CA THR DA 156 -12.72 83.79 14.75
C THR DA 156 -12.62 82.62 13.78
N ALA DA 157 -13.73 81.98 13.47
CA ALA DA 157 -13.73 80.92 12.45
C ALA DA 157 -14.05 81.50 11.08
N SER DA 158 -13.09 81.38 10.16
CA SER DA 158 -13.25 82.01 8.86
C SER DA 158 -13.54 81.00 7.76
N SER DA 159 -14.76 81.03 7.24
CA SER DA 159 -15.27 79.99 6.36
C SER DA 159 -15.52 80.44 4.93
N ASP DA 160 -15.19 79.57 3.98
CA ASP DA 160 -15.37 79.87 2.56
C ASP DA 160 -16.83 79.84 2.12
N THR DA 161 -17.68 79.21 2.92
CA THR DA 161 -19.12 79.29 2.67
C THR DA 161 -19.83 79.94 3.82
N PHE DA 162 -20.99 80.53 3.51
CA PHE DA 162 -21.90 81.13 4.48
C PHE DA 162 -22.79 80.05 5.08
N TYR DA 163 -23.06 78.99 4.31
CA TYR DA 163 -23.98 77.94 4.75
C TYR DA 163 -23.31 76.71 5.40
N PRO DA 164 -22.89 75.69 4.65
CA PRO DA 164 -22.47 74.42 5.27
C PRO DA 164 -21.21 74.57 6.13
N GLY DA 165 -20.32 75.49 5.76
CA GLY DA 165 -19.08 75.69 6.50
C GLY DA 165 -19.30 76.43 7.80
N GLN DA 166 -20.49 77.03 7.94
CA GLN DA 166 -20.92 77.62 9.20
C GLN DA 166 -21.96 76.72 9.84
N GLU DA 167 -22.09 75.51 9.29
CA GLU DA 167 -23.07 74.51 9.73
C GLU DA 167 -24.54 74.93 9.76
N ARG DA 168 -25.00 75.53 8.66
CA ARG DA 168 -26.40 75.90 8.54
C ARG DA 168 -27.15 74.79 7.85
N TYR DA 169 -28.28 74.39 8.41
CA TYR DA 169 -29.02 73.31 7.81
C TYR DA 169 -30.27 73.78 7.07
N ASP DA 170 -30.49 75.09 7.10
CA ASP DA 170 -31.63 75.74 6.46
C ASP DA 170 -31.39 76.04 4.97
N THR DA 171 -31.28 74.99 4.16
CA THR DA 171 -30.76 75.13 2.80
C THR DA 171 -31.55 74.30 1.79
N TYR DA 172 -31.22 74.44 0.50
CA TYR DA 172 -31.87 73.64 -0.55
C TYR DA 172 -31.79 72.13 -0.28
N SER DA 173 -30.63 71.67 0.17
CA SER DA 173 -30.37 70.25 0.40
C SER DA 173 -30.65 69.84 1.82
N GLY DA 174 -30.46 70.76 2.75
CA GLY DA 174 -30.68 70.50 4.16
C GLY DA 174 -29.65 69.60 4.83
N ARG DA 175 -28.47 69.50 4.22
CA ARG DA 175 -27.44 68.61 4.75
C ARG DA 175 -26.12 69.33 4.78
N VAL DA 176 -25.20 68.80 5.58
CA VAL DA 176 -23.87 69.34 5.73
C VAL DA 176 -22.84 68.21 5.57
N VAL DA 177 -21.85 68.45 4.73
CA VAL DA 177 -20.79 67.49 4.44
C VAL DA 177 -20.12 66.95 5.71
N ARG DA 178 -19.85 65.64 5.71
CA ARG DA 178 -19.24 64.95 6.85
C ARG DA 178 -18.22 65.79 7.62
N HIS DA 179 -17.29 66.40 6.88
CA HIS DA 179 -16.23 67.19 7.49
C HIS DA 179 -16.77 68.28 8.42
N PHE DA 180 -17.92 68.87 8.08
CA PHE DA 180 -18.40 70.01 8.83
C PHE DA 180 -19.54 69.65 9.80
N LYS DA 181 -20.04 68.43 9.68
CA LYS DA 181 -21.05 67.95 10.61
C LYS DA 181 -20.55 68.00 12.05
N GLY DA 182 -21.24 68.74 12.92
CA GLY DA 182 -20.87 68.85 14.31
C GLY DA 182 -19.70 69.80 14.58
N SER DA 183 -19.28 70.56 13.57
CA SER DA 183 -18.11 71.41 13.70
C SER DA 183 -18.36 72.68 14.53
N MET DA 184 -19.59 73.18 14.53
CA MET DA 184 -19.88 74.42 15.26
C MET DA 184 -19.72 74.19 16.76
N GLU DA 185 -20.25 73.08 17.23
CA GLU DA 185 -20.12 72.70 18.63
C GLU DA 185 -18.64 72.60 19.03
N GLU DA 186 -17.80 72.05 18.15
CA GLU DA 186 -16.37 71.95 18.40
C GLU DA 186 -15.75 73.36 18.54
N TRP DA 187 -16.00 74.25 17.58
CA TRP DA 187 -15.45 75.60 17.67
C TRP DA 187 -15.92 76.30 18.95
N GLN DA 188 -17.21 76.17 19.27
CA GLN DA 188 -17.78 76.74 20.50
C GLN DA 188 -17.01 76.27 21.73
N ALA DA 189 -16.78 74.97 21.84
CA ALA DA 189 -16.06 74.40 22.97
C ALA DA 189 -14.64 74.96 23.07
N MET DA 190 -14.06 75.31 21.92
CA MET DA 190 -12.70 75.84 21.84
C MET DA 190 -12.61 77.37 22.01
N GLY DA 191 -13.70 77.98 22.47
CA GLY DA 191 -13.78 79.42 22.68
C GLY DA 191 -13.88 80.31 21.45
N VAL DA 192 -14.09 79.76 20.26
CA VAL DA 192 -14.19 80.58 19.05
C VAL DA 192 -15.38 81.53 19.18
N MET DA 193 -15.20 82.80 18.78
CA MET DA 193 -16.22 83.82 19.06
C MET DA 193 -17.38 83.82 18.07
N ASN DA 194 -17.04 83.66 16.80
CA ASN DA 194 -17.94 83.91 15.69
C ASN DA 194 -17.47 83.26 14.39
N TYR DA 195 -18.35 83.27 13.38
CA TYR DA 195 -18.00 82.91 12.02
C TYR DA 195 -17.99 84.19 11.22
N GLU DA 196 -17.05 84.33 10.30
CA GLU DA 196 -17.17 85.25 9.15
C GLU DA 196 -16.42 84.63 7.97
N MET DA 197 -16.13 85.41 6.94
CA MET DA 197 -15.76 84.80 5.67
C MET DA 197 -14.54 85.40 4.95
N GLU DA 198 -13.81 86.30 5.59
CA GLU DA 198 -12.67 86.88 4.90
C GLU DA 198 -11.37 86.93 5.69
N SER DA 199 -11.44 86.76 7.00
CA SER DA 199 -10.28 87.05 7.84
C SER DA 199 -9.13 86.05 7.66
N ALA DA 200 -9.46 84.77 7.55
CA ALA DA 200 -8.43 83.79 7.36
C ALA DA 200 -7.56 84.21 6.19
N THR DA 201 -8.18 84.61 5.07
CA THR DA 201 -7.42 85.01 3.89
C THR DA 201 -6.61 86.25 4.16
N LEU DA 202 -7.29 87.25 4.68
CA LEU DA 202 -6.66 88.53 4.94
C LEU DA 202 -5.48 88.39 5.88
N LEU DA 203 -5.72 87.81 7.04
CA LEU DA 203 -4.69 87.75 8.07
C LEU DA 203 -3.50 86.92 7.62
N THR DA 204 -3.75 85.80 6.93
CA THR DA 204 -2.68 84.92 6.46
C THR DA 204 -1.87 85.57 5.35
N MET DA 205 -2.56 86.19 4.39
CA MET DA 205 -1.83 86.82 3.31
C MET DA 205 -1.02 88.03 3.80
N CYS DA 206 -1.54 88.75 4.80
CA CYS DA 206 -0.76 89.84 5.35
C CYS DA 206 0.37 89.35 6.26
N ALA DA 207 0.06 88.50 7.22
CA ALA DA 207 1.06 88.05 8.19
C ALA DA 207 2.27 87.39 7.56
N SER DA 208 2.16 87.03 6.28
CA SER DA 208 3.20 86.27 5.61
C SER DA 208 3.89 87.07 4.51
N GLN DA 209 3.59 88.37 4.45
CA GLN DA 209 4.17 89.26 3.44
C GLN DA 209 4.57 90.64 4.01
N GLY DA 210 4.73 90.74 5.32
CA GLY DA 210 5.13 91.97 5.96
C GLY DA 210 4.09 93.07 5.85
N LEU DA 211 2.82 92.71 5.73
CA LEU DA 211 1.75 93.68 5.78
C LEU DA 211 1.08 93.55 7.13
N ARG DA 212 0.68 94.69 7.71
CA ARG DA 212 -0.06 94.70 8.97
C ARG DA 212 -1.58 94.65 8.75
N ALA DA 213 -2.24 93.70 9.41
CA ALA DA 213 -3.68 93.56 9.32
C ALA DA 213 -4.33 93.42 10.67
N GLY DA 214 -5.57 93.91 10.77
CA GLY DA 214 -6.38 93.73 11.96
C GLY DA 214 -7.84 93.59 11.58
N MET DA 215 -8.64 93.05 12.49
CA MET DA 215 -10.06 92.96 12.23
C MET DA 215 -10.97 93.18 13.42
N VAL DA 216 -11.98 94.02 13.20
CA VAL DA 216 -12.99 94.31 14.18
C VAL DA 216 -14.34 94.16 13.50
N ALA DA 217 -15.35 93.72 14.27
CA ALA DA 217 -16.70 93.51 13.77
C ALA DA 217 -17.72 93.73 14.86
N GLY DA 218 -18.91 94.21 14.46
CA GLY DA 218 -20.03 94.31 15.35
C GLY DA 218 -20.92 93.09 15.25
N VAL DA 219 -21.37 92.59 16.39
CA VAL DA 219 -22.28 91.45 16.45
C VAL DA 219 -23.70 91.90 16.10
N ILE DA 220 -24.25 91.32 15.04
CA ILE DA 220 -25.60 91.65 14.61
C ILE DA 220 -26.59 90.50 14.82
N VAL DA 221 -26.07 89.32 15.11
CA VAL DA 221 -26.92 88.15 15.41
C VAL DA 221 -26.18 87.13 16.29
N ASN DA 222 -26.93 86.33 17.02
CA ASN DA 222 -26.34 85.26 17.82
C ASN DA 222 -26.98 83.91 17.53
N ARG DA 223 -26.20 83.01 16.95
CA ARG DA 223 -26.64 81.68 16.57
C ARG DA 223 -27.19 80.83 17.74
N THR DA 224 -26.71 81.06 18.96
CA THR DA 224 -27.08 80.20 20.11
C THR DA 224 -28.43 80.56 20.67
N GLN DA 225 -28.78 81.83 20.58
CA GLN DA 225 -30.13 82.25 20.90
C GLN DA 225 -31.00 82.16 19.66
N GLN DA 226 -32.27 82.43 19.88
CA GLN DA 226 -33.22 82.64 18.80
C GLN DA 226 -33.04 84.01 18.24
N GLU DA 227 -34.16 84.72 18.18
CA GLU DA 227 -34.23 86.16 18.33
C GLU DA 227 -33.38 86.91 17.32
N ILE DA 228 -33.91 86.99 16.10
CA ILE DA 228 -33.38 87.93 15.10
C ILE DA 228 -33.75 89.31 15.61
N PRO DA 229 -32.72 90.11 15.94
CA PRO DA 229 -32.94 91.42 16.57
C PRO DA 229 -33.78 92.37 15.72
N ASN DA 230 -33.12 93.23 14.93
CA ASN DA 230 -33.82 94.31 14.27
C ASN DA 230 -33.02 94.99 13.19
N ALA DA 231 -33.72 95.58 12.23
CA ALA DA 231 -33.10 96.36 11.15
C ALA DA 231 -32.39 97.58 11.72
N GLU DA 232 -32.97 98.16 12.77
CA GLU DA 232 -32.44 99.38 13.35
C GLU DA 232 -31.31 99.18 14.35
N THR DA 233 -31.36 98.10 15.13
CA THR DA 233 -30.29 97.75 16.07
C THR DA 233 -29.04 97.31 15.31
N MET DA 234 -29.26 96.69 14.16
CA MET DA 234 -28.20 96.28 13.24
C MET DA 234 -27.51 97.48 12.60
N LYS DA 235 -28.28 98.52 12.29
CA LYS DA 235 -27.73 99.75 11.69
C LYS DA 235 -26.84 100.49 12.68
N GLN DA 236 -27.18 100.41 13.97
CA GLN DA 236 -26.52 101.21 14.99
C GLN DA 236 -25.27 100.54 15.52
N THR DA 237 -25.32 99.22 15.60
CA THR DA 237 -24.17 98.40 15.99
C THR DA 237 -23.08 98.53 14.94
N GLU DA 238 -23.51 98.62 13.68
CA GLU DA 238 -22.64 98.76 12.53
C GLU DA 238 -21.85 100.08 12.56
N SER DA 239 -22.56 101.17 12.88
CA SER DA 239 -21.94 102.49 13.05
C SER DA 239 -20.93 102.50 14.19
N HIS DA 240 -21.25 101.76 15.25
CA HIS DA 240 -20.41 101.61 16.43
C HIS DA 240 -19.04 101.10 16.02
N ALA DA 241 -19.04 99.98 15.31
CA ALA DA 241 -17.82 99.32 14.87
C ALA DA 241 -17.05 100.16 13.86
N VAL DA 242 -17.76 100.84 12.98
CA VAL DA 242 -17.10 101.71 12.02
C VAL DA 242 -16.35 102.81 12.78
N LYS DA 243 -17.02 103.43 13.75
CA LYS DA 243 -16.40 104.44 14.61
C LYS DA 243 -15.09 103.89 15.19
N ILE DA 244 -15.11 102.63 15.61
CA ILE DA 244 -13.93 102.01 16.21
C ILE DA 244 -12.80 101.85 15.18
N VAL DA 245 -13.11 101.31 14.00
CA VAL DA 245 -12.09 101.09 12.99
C VAL DA 245 -11.44 102.41 12.55
N VAL DA 246 -12.24 103.45 12.43
CA VAL DA 246 -11.68 104.74 12.01
C VAL DA 246 -10.75 105.27 13.10
N GLU DA 247 -11.22 105.22 14.34
CA GLU DA 247 -10.43 105.62 15.50
C GLU DA 247 -9.12 104.83 15.61
N ALA DA 248 -9.19 103.52 15.39
CA ALA DA 248 -8.02 102.66 15.35
C ALA DA 248 -7.08 103.11 14.21
N ALA DA 249 -7.63 103.44 13.05
CA ALA DA 249 -6.84 103.91 11.93
C ALA DA 249 -6.03 105.14 12.32
N ARG DA 250 -6.65 106.03 13.09
CA ARG DA 250 -5.97 107.20 13.63
C ARG DA 250 -4.68 106.85 14.36
N ARG DA 251 -4.76 105.87 15.23
CA ARG DA 251 -3.64 105.45 16.08
C ARG DA 251 -2.54 104.78 15.28
N LEU DA 252 -2.86 104.31 14.07
CA LEU DA 252 -1.91 103.53 13.28
C LEU DA 252 -1.23 104.34 12.20
N LEU DA 253 -1.52 105.64 12.15
CA LEU DA 253 -1.10 106.49 11.04
C LEU DA 253 0.36 106.90 11.10
#